data_7EGI
#
_entry.id   7EGI
#
_cell.length_a   1.00
_cell.length_b   1.00
_cell.length_c   1.00
_cell.angle_alpha   90.00
_cell.angle_beta   90.00
_cell.angle_gamma   90.00
#
_symmetry.space_group_name_H-M   'P 1'
#
loop_
_entity.id
_entity.type
_entity.pdbx_description
1 polymer 'Transcription initiation factor TFIID subunit 1'
2 polymer 'Transcription initiation factor TFIID subunit 2'
3 polymer 'Transcription initiation factor TFIID subunit 4'
4 polymer 'Transcription initiation factor TFIID subunit 5'
5 polymer 'Transcription initiation factor TFIID subunit 6'
6 polymer 'Transcription initiation factor TFIID subunit 7'
7 polymer 'Transcription initiation factor TFIID subunit 8'
8 polymer 'Transcription initiation factor TFIID subunit 9'
9 polymer 'Transcription initiation factor TFIID subunit 10'
10 polymer 'Transcription initiation factor TFIID subunit 12'
11 polymer 'Transcription initiation factor IIA subunit 2'
12 polymer 'TATA-box-binding protein'
13 polymer 'Transcription initiation factor IIA subunit 1'
14 polymer 'Transcription initiation factor TFIID subunit 3'
15 polymer 'Transcription initiation factor TFIID subunit 11'
16 polymer 'Transcription initiation factor TFIID subunit 13'
#
loop_
_entity_poly.entity_id
_entity_poly.type
_entity_poly.pdbx_seq_one_letter_code
_entity_poly.pdbx_strand_id
1 'polypeptide(L)'
;MGPGCDLLLRTAATITAAAIMSDTDSDEDSAGGGPFSLAGFLFGNINGAGQLEGESVLDDECKKHLAGLGALGLGSLITE
LTANEELTGTDGALVNDEGWVRSTEDAVDYSDINEVAEDESRRYQQTMGSLQPLCHSDYDEDDYDADCEDIDCKLMPPPP
PPPGPMKKDKDQDSITGEKVDFSSSSDSESEMGPQEATQAESEDGKLTLPLAGIMQHDATKLLPSVTELFPEFRPGKVLR
FLRLFGPGKNVPSVWRSARRKRKKKHRELIQEEQIQEVECSVESEVSQKSLWNYDYAPPPPPEQCLSDDEITMMAPVESK
FSQSTGDIDKVTDTKPRVAEWRYGPARLWYDMLGVPEDGSGFDYGFKLRKTEHEPVIKSRMIEEFRKLEENNGTDLLADE
NFLMVTQLHWEDDIIWDGEDVKHKGTKPQRASLAGWLPSSMTRNAMAYNVQQGFAATLDDDKPWYSIFPIDNEDLVYGRW
EDNIIWDAQAMPRLLEPPVLTLDPNDENLILEIPDEKEEATSNSPSKESKKESSLKKSRILLGKTGVIKEEPQQNMSQPE
VKDPWNLSNDEYYYPKQQGLRGTFGGNIIQHSIPAVELRQPFFPTHMGPIKLRQFHRPPLKKYSFGALSQPGPHSVQPLL
KHIKKKAKMREQERQASGGGEMFFMRTPQDLTGKDGDLILAEYSEENGPLMMQVGMATKIKNYYKRKPGKDPGAPDCKYG
ETVYCHTSPFLGSLHPGQLLQAFENNLFRAPIYLHKMPETDFLIIRTRQGYYIRELVDIFVVGQQCPLFEVPGPNSKRAN
THIRDFLQVFIYRLFWKSKDRPRRIRMEDIKKAFPSHSESSIRKRLKLCADFKRTGMDSNWWVLKSDFRLPTEEEIRAMV
SPEQCCAYYSMIAAEQRLKDAGYGEKSFFAPEEENEEDFQMKIDDEVRTAPWNTTRAFIAAMKGKCLLEVTGVADPTGCG
EGFSYVKIPNKPTQQKDDKEPQPVKKTVTGTDADLRRLSLKNAKQLLRKFGVPEEEIKKLSRWEVIDVVRTMSTEQARSG
EGPMSKFARGSRFSVAEHQERYKEECQRIFDLQNKVLSSTEVLSTDTDSSSAEDSDFEEMGKNIENMLQNKKTSSQLSRE
REEQERKELQRMLLAAGSAASGNNHRDDDTASVTSLNSSATGRCLKIYRTFRDEEGKEYVRCETVRKPAVIDAYVRIRTT
KDEEFIRKFALFDEQHREEMRKERRRIQEQLRRLKRNQEKEKLKGPPEKKPKKMKERPDLKLKCGACGAIGHMRTNKFCP
LYYQTNAPPSNPVAMTEEQEEELEKTVIHNDNEELIKVEGTKIVLGKQLIESADEVRRKSLVLKFPKQQLPPKKKRRVGT
TVHCDYLNRPHKSIHRRRTDPMVTLSSILESIINDMRDLPNTYPFHTPVNAKVVKDYYKIITRPMDLQTLRENVRKRLYP
SREEFREHLELIVKNSATYNGPKHSLTQISQSMLDLCDEKLKEKEDKLARLEKAINPLLDDDDQVAFSFILDNIVTQKMM
AVPDSWPFHHPVNKKFVPDYYKVIVNPMDLETIRKNISKHKYQSRESFLDDVNLILANSVKYNGPESQYTKTAQEIVNVC
YQTLTEYDEHLTQLEKDICTAKEAALEEAELESLDPMTPGPYTPQPPDLYDTNTSLSMSRDASVFQDESNMSVLDIPSAT
PEKQVTQEGEDGDGDLADEEEGTVQQPQASVLYEDLLMSEGEDDEEDAGSDEEGDNPFSAIQLSESGSDSDVGSGGIRPK
QPRMLQENTRMDMENEESMMSYEGDGGEASHGLEDSNISYGSYEEPDPKSNTQDTSFSSIGGYEVSEEEEDEEEEEQRSG
PSVLSQVHLSEDEEDSEDFHSIAGDSDLDSDE
;
A
2 'polypeptide(L)'
;MPLTGVEPARMNRKKGDKGFESPRPYKLTHQVVCINNINFQRKSVVGFVELTIFPTVANLNRIKLNSKQCRIYRVRINDL
EAAFIYNDPTLEVCHSESKQRNLNYFSNAYAAAVSAVDPDAGNGELCIKVPSELWKHVDELKVLKIHINFSLDQPKGGLH
FVVPSVEGSMAERGAHVFSCGYQNSTRFWFPCVDSYSELCTWKLEFTVDAAMVAVSNGDLVETVYTHDMRKKTFHYMLTI
PTAASNISLAIGPFEILVDPYMHEVTHFCLPQLLPLLKHTTSYLHEVFEFYEEILTCRYPYSCFKTVFIDEAYVEVAAYA
SMSIFSTNLLHSAMIIDETPLTRRCLAQSLAQQFFGCFISRMSWSDEWVLKGISGYIYGLWMKKTFGVNEYRHWIKEELD
KIVAYELKTGGVLLHPIFGGGKEKDNPASHLHFSIKHPHTLSWEYYSMFQCKAHLVMRLIENRISMEFMLQVFNKLLSLA
STASSQKFQSHMWSQMLVSTSGFLKSISNVSGKDIQPLIKQWVDQSGVVKFYGSFAFNRKRNVLELEIKQDYTSPGTQKY
VGPLKVTVQELDGSFNHTLQIEENSLKHDIPCHSKSRRNKKKKIPLMNGEEVDMDLSAMDADSPLLWIRIDPDMSVLRKV
EFEQADFMWQYQLRYERDVVAQQESILALEKFPTPASRLALTDILEQEQCFYRVRMSACFCLAKIANSMVSTWTGPPAMK
SLFTRMFCCKSCPNIVKTNNFMSFQSYFLQKTMPVAMALLRDVHNLCPKEVLTFILDLIKYNDNRKNKFSDNYYRAEMID
ALANSVTPAVSVNNEVRTLDNLNPDVRLILEEITRFLNMEKLLPSYRHTITVSCLRAIRVLQKNGHVPSDPALFKSYAEY
GHFVDIRIAALEAVVDYTKVDRSYEELQWLLNMIQNDPVPYVRHKILNMLTKNPPFTKNMESPLCNEALVDQLWKLMNSG
TSHDWRLRCGAVDLYFTLFGLSRPSCLPLPELGLVLNLKEKKAVLNPTIIPESVAGNQEAANNPSSHPQLVGFQNPFSSS
QDEEEIDMDTVHDSQAFISHHLNMLERPSTPGLSKYRPASSRSALIPQHSAGCDSTPTTKPQWSLELARKGTGKEQAPLE
MSMHPAASAPLSVFTKESTASKHSDHHHHHHHEHKKKKKKHKHKHKHKHKHDSKEKDKEPFTFSSPASGRSIRSPSLSD
;
B
3 'polypeptide(L)'
;MAAGSDLLDEVFFNSEVDEKVVSDLVGSLESQLAASAAHHHHLAPRTPEVRAAAAGALGNHVVSGSPAGAAGAGPAAPAE
GAPGAAPEPPPAGRARPGGGGPQRPGPPSPRRPLVPAGPAPPAAKLRPPPEGSAGSCAPVPAAAAVAAGPEPAPAGPAKP
AGPAALAARAGPGPGPGPGPGPGPGPGKPAGPGAAQTLNGSAALLNSHHAAAPAVSLVNNGPAALLPLPKPAAPGTVIQT
PPFVGAAAPPAPAAPSPPAAPAPAAPAAAPPPPPPAPATLARPPGHPAGPPTAAPAVPPPAAAQNGGSAGAAPAPAPAAG
GPAGVSGQPGPGAAAAAPAPGVKAESPKRVVQAAPPAAQTLAASGPASTAASMVIGPTMQGALPSPAAVPPPAPGTPTGL
PKGAAGAVTQSLSRTPTATTSGIRATLTPTVLAPRLPQPPQNPTNIQNFQLPPGMVLVRSENGQLLMIPQQALAQMQAQA
HAQPQTTMAPRPATPTSAPPVQISTVQAPGTPIIARQVTPTTIIKQVSQAQTTVQPSATLQRSPGVQPQLVLGGAAQTAS
LGTATAVQTGTPQRTVPGATTTSSAATETMENVKKCKNFLSTLIKLASSGKQSTETAANVKELVQNLLDGKIEAEDFTSR
LYRELNSSPQPYLVPFLKRSLPALRQLTPDSAAFIQQSQQQPPPPTSQATTALTAVVLSSSVQRTAGKTAATVTSALQPP
VLSLTQPTQVGVGKQGQPTPLVIQQPPKPGALIRPPQVTLTQTPMVALRQPHNRIMLTTPQQIQLNPLQPVPVVKPAVLP
GTKALSAVSAQAAAAQKNKLKEPGGGSFRDDDDINDVASMAGVNLSEESARILATNSELVGTLTRSCKDETFLLQAPLQR
RILEIGKKHGITELHPDVVSYVSHATQQRLQNLVEKISETAQQKNFSYKDDDRYEQASDVRAQLKFFEQLDQIEKQRKDE
QEREILMRAAKSRSRQEDPEQLRLKQKAKEMQQQELAQMRQRDANLTALAAIGPRKKRKVDCPGPGSGAEGSGPGSVVPG
SSGVGTPRQFTRQRITRVNLRDLIFCLENERETSHSLLLYKAFLK
;
D,d
4 'polypeptide(L)'
;MAALAEEQTEVAVKLEPEGPPTLLPPQAGDGAGEGSGGTTNNGPNGGGGNVAASSSTGGDGGTPKPTVAVSAAAPAGAAP
VPAAAPDAGAPHDRQTLLAVLQFLRQSKLREAEEALRREAGLLEEAVAGSGAPGEVDSAGAEVTSALLSRVTASAPGPAA
PDPPGTGASGATVVSGSASGPAAPGKVGSVAVEDQPDVSAVLSAYNQQGDPTMYEEYYSGLKHFIECSLDCHRAELSQLF
YPLFVHMYLELVYNQHENEAKSFFEKFHGDQECYYQDDLRVLSSLTKKEHMKGNETMLDFRTSKFVLRISRDSYQLLKRH
LQEKQNNQIWNIVQEHLYIDIFDGMPRSKQQIDAMVGSLAGEAKREANKSKVFFGLLKEPEIEVPLDDEDEEGENEEGKP
KKKKPKKDSIGSKSKKQDPNAPPQNRIPLPELKDSDKLDKIMNMKETTKRVRLGPDCLPSICFYTFLNAYQGLTAVDVTD
DSSLIAGGFADSTVRVWSVTPKKLRSVKQASDLSLIDKESDDVLERIMDEKTASELKILYGHSGPVYGASFSPDRNYLLS
SSEDGTVRLWSLQTFTCLVGYKGHNYPVWDTQFSPYGYYFVSGGHDRVARLWATDHYQPLRIFAGHLADVNCTRFHPNSN
YVATGSADRTVRLWDVLNGNCVRIFTGHKGPIHSLTFSPNGRFLATGATDGRVLLWDIGHGLMVGELKGHTDTVCSLRFS
RDGEILASGSMDNTVRLWDAIKAFEDLETDDFTTATGHINLPENSQELLLGTYMTKSTPVVHLHFTRRNLVLAAGAYSPQ
;
E,e
5 'polypeptide(L)'
;MAEEKKLKLSNTVLPSESMKVVAESMGIAQIQEETCQLLTDEVSYRIKEIAQDALKFMHMGKRQKLTTSDIDYALKLKNV
EPLYGFHAQEFIPFRFASGGGRELYFYEEKEVDLSDIINTPLPRVPLDVCLKAHWLSIEGCQPAIPENPPPAPKEQQKAE
ATEPLKSAKPGQEEDGPLKGKGQGATTADGKGKEKKAPPLLEGAPLRLKPRSIHELSVEQQLYYKEITEACVGSCEAKRA
EALQSIATDPGLYQMLPRFSTFISEGVRVNVVQNNLALLIYLMRMVKALMDNPTLYLEKYVHELIPAVMTCIVSRQLCLR
PDVDNHWALRDFAARLVAQICKHFSTTTNNIQSRITKTFTKSWVDEKTPWTTRYGSIAGLAELGHDVIKTLILPRLQQEG
ERIRSVLDGPVLSNIDRIGADHVQSLLLKHCAPVLAKLRPPPDNQDAYRAEFGSLGPLLCSQVVKARAQAALQAQQVNRT
TLTITQPRPTLTLSQAPQPGPRTPGLLKVPGSIALPVQTLVSARAAAPPQPSPPPTKFIVMSSSSSAPSTQQVLSLSTSA
PGSGSTTTSPVTTTVPSVQPIVKLVSTATTAPPSTAPSGPGSVQKYIVVSLPPTGEGKGGPTSHPSPVPPPASSPSPLSG
SALCGGKQEAGDSPPPAPGTPKANGSQPNSGSPQPAP
;
F,f
6 'polypeptide(L)'
;MSKSKDDAPHELESQFILRLPPEYASTVRRAVQSGHVNLKDRLTIELHPDGRHGIVRVDRVPLASKLVDLPCVMESLKTI
DKKTFYKTADICQMLVSTVDGDLYPPVEEPVASTDPKASKKKDKDKEKKFIWNHGITLPLKNVRKRRFRKTAKKKYIESP
DVEKEVKRLLSTDAEAVSTRWEIIAEDETKEAENQGLDISSPGMSGHRQGHDSLEHDELREIFNDLSSSSEDEDETQHQD
EEDINIIDTEEDLERQLQDKLNESDEQHQENEGTNQLVMGIQKQIDNMKGKLQETQDRAKRQEDLIMKVENLALKNRFQA
VLDELKQKEDREKEQLSSLQEELESLLEK
;
G
7 'polypeptide(L)'
;MADAAATAGAGGSGTRSGSKQSTNPADNYHLARRRTLQVVVSSLLTEAGFESAEKASVETLTEMLQSYISEIGRSAKSYC
EHTARTQPTLSDIVVTLVEMGFNVDTLPAYAKRSQRMVITAPPVTNQPVTPKALTAGQNRPHPPHIPSHFPEFPDPHTYI
KTPTYREPVSDYQVLREKAASQRRDVERALTRFMAKTGETQSLFKDDVSTFPLIAARPFTIPYLTALLPSELEMQQMEET
DSSEQDEQTDTENLALHISMEDSGAEKENTSVLQQNPSLSGSRNGEENIIDNPYLRPVKKPKIRRKKSLS
;
H
8 'polypeptide(L)'
;MESGKTASPKSMPKDAQMMAQILKDMGITEYEPRVINQMLEFAFRYVTTILDDAKIYSSHAKKATVDADDVRLAIQCRAD
QSFTSPPPRDFLLDIARQRNQTPLPLIKPYSGPRLPPDRYCLTAPNYRLKSLQKKASTSAGRITVPRLSVGSVTSRPSTP
TLGTPTPQTMSVSTKVGTPMSLTGQRFTVQMPTSQSPAVKASIPATSAVQNVLINPSLIGSKNILITTNMMSSQNTANES
SNALKRKREDDDDDDDDDDDYDNL
;
I,i
9 'polypeptide(L)'
;MSCSGSGADPEAAPASAASAPGPAPPVSAPAALPSSTAAENKASPAGTAGGPGAGAAAGGTGPLAARAGEPAERRGAAPV
SAGGAAPPEGAISNGVYVLPSAANGDVKPVVSSTPLVDFLMQLEDYTPTIPDAVTGYYLNRAGFEASDPRIIRLISLAAQ
KFISDIANDALQHCKMKGTASGSSRSKSKDRKYTLTMEDLTPALSEYGINVKKPHYFT
;
J,j
10 'polypeptide(L)'
;MNQFGPSALINLSNFSSIKPEPASTPPQGSMANSTAVVKIPGTPGAGGRLSPENNQVLTKKKLQDLVREVDPNEQLDEDV
EEMLLQIADDFIESVVTAACQLARHRKSSTLEVKDVQLHLERQWNMWIPGFGSEEIRPYKKACTTEAHKQRMALIRKTTK
K
;
L,l
11 'polypeptide(L)'
;MAYQLYRNTTLGNSLQESLDELIQSQQITPQLALQVLLQFDKAINAALAQRVRNRVNFRGSLNTYRFCDNVWTFVLNDVE
FREVTELIKVDKVKIVACDGKNTGSNTTE
;
O
12 'polypeptide(L)'
;MDQNNSLPPYAQGLASPQGAMTPGIPIFSPMMPYGTGLTPQPIQNTNSLSILEEQQRQQQQQQQQQQQQQQQQQQQQQQQ
QQQQQQQQQQQQQQQAVAAAAVQQSTSQQATQGTSGQAPQLFHSQTLTTAPLPGTTPLYPSPMTPMTPITPATPASESSG
IVPQLQNIVSTVNLGCKLDLKTIALRARNAEYNPKRFAAVIMRIREPRTTALIFSSGKMVCTGAKSEEQSRLAARKYARV
VQKLGFPAKFLDFKIQNMVGSCDVKFPIRLEGLVLTHQQFSSYEPELFPGLIYRMIKPRIVLLIFVSGKVVLTGAKVRAE
IYEAFENIYPILKGFRKTT
;
P
13 'polypeptide(L)'
;MANSANTNTVPKLYRSVIEDVINDVRDIFLDDGVDEQVLMELKTLWENKLMQSRAVDGFHSEEQQLLLQVQQQHQPQQQQ
HHHHHHHQQAQPQQTVPQQAQTQQVLIPASQQATAPQVIVPDSKLIQHMNASNMSAAATAATLALPAGVTPVQQILTNSG
QLLQVVRAANGAQYIFQPQQSVVLQQQVIPQMQPGGVQAPVIQQVLAPLPGGISPQTGVIIQPQQILFTGNKTQVIPTTV
AAPTPAQAQITATGQQQPQAQPAQTQAPLVLQVDGTGDTSSEEDEDEEEDYDDDEEEDKEKDGAEDGQVEEEPLNSEDDV
SDEEGQELFDTENVVVCQYDKIHRSKNKWKFHLKDGIMNLNGRDYIFSKAIGDAEW
;
Q
14 'polypeptide(L)'
;MCESYSRSLLRVSVAQICQALGWDSVQLSACHLLTDVLQRYLQQLGRGCHRYSELYGRTDPILDDVGEAFQLMGVSLHEL
EDYIHNIEPVTFPHQIPSFPVSKNNVLQFPQPGSKDAEERKEYIPDYLPPIVSSQEEEEEEQVPTDGGTSAEAMQVPLEE
DDELEEEEIINDENFLGKRPLDSPEAEELPAMKRPRLLSTKGDTLDVVLLEAREPLSSINTQKIPPMLSPVHVQDSTDLA
PPSPEPPMLAPVAKSQMPTAKPLETKSFTPKTKTKTSSPGQKTKSPKTAQSPAMVGSPIRSPKTVSKEKKSPGRSKSPKS
PKSPKVTTHIPQTPVRPETPNRTPSATLSEKISKETIQVKQIQTPPDAGKLNSENQPKKAVVADKTIEASIDAVIARACA
EREPDPFEFSSGSESEGDIFTSPKRISGPECTTPKASTSANNFTKSGSTPLPLSGGTSSSDNSWTMDASIDEVVRKAKLG
TPSNMPPNFPYISSPSVSPPTPEPLHKVYEEKTKLPSSVEVKKKLKKELKTKMKKKEKQRDREREKDKNKDKSKEKDKVK
EKEKDKETGRETKYPWKEFLKEEEADPYKFKIKEFEDVDPKVKLKDGLVRKEKEKHKDKKKDREKGKKDKDKREKEKVKD
KGREDKMKAPAPPLVLPPKELALPLFSPATASRVPAMLPSLLPVLPEKLFEEKEKVKEKEKKKDKKEKKKKKEKEKEKKE
KEREKEKREREKREKEKEKHKHEKIKVEPVALAPSPVIPRLTLRVGAGQDKIVISKVVPAPEAKPAPSQNRPKTPPPAPA
PAPGPMLVSPAPVPLPLLAQAAAGPALLPSPGPAASGASAKAPVRSVVTETVSTYVIRDEWGNQIWICPGCNKPDDGSPM
IGCDDCDDWYHWPCVGIMTAPPEEMQWFCPKCANKKKDKKHKKRKHRAH
;
c
15 'polypeptide(L)'
;MDDAHESPSDKGGETGESDETAAVPGDPGATDTDGIPEETDGDADVDLKEAAAEEGELESQDVSDLTTVEREDSSLLNPA
AKKLKIDTKEKKEKKQKVDEDEIQKMQILVSSFSEEQLNRYEMYRRSAFPKAAIKRLIQSITGTSVSQNVVIAMSGISKV
FVGEVVEEALDVCEKWGEMPPLQPKHMREAVRRLKSKGQIPNSKHKKIIFF
;
k
16 'polypeptide(L)'
;MADEEEDPTFEEENEEIGGGAEGGQGKRKRLFSKELRCMMYGFGDDQNPYTESVDILEDLVIEFITEMTHKAMSIGRQGR
VQVEDIVFLIRKDPRKFARVKDLLTMNEELKRARKAFDEANYGS
;
m
#
# COMPACT_ATOMS: atom_id res chain seq x y z
N TRP A 341 33.60 -22.82 -22.13
CA TRP A 341 33.09 -24.22 -22.03
C TRP A 341 34.09 -25.20 -22.66
N ARG A 342 34.64 -26.10 -21.84
CA ARG A 342 35.65 -27.07 -22.33
C ARG A 342 35.06 -28.01 -23.38
N TYR A 343 33.81 -28.46 -23.20
CA TYR A 343 33.24 -29.48 -24.13
C TYR A 343 32.55 -28.86 -25.34
N GLY A 344 32.46 -27.52 -25.42
CA GLY A 344 31.70 -26.88 -26.51
C GLY A 344 32.48 -26.80 -27.81
N PRO A 345 32.12 -25.90 -28.75
CA PRO A 345 32.90 -25.72 -29.97
C PRO A 345 34.30 -25.29 -29.52
N ALA A 346 35.35 -25.76 -30.20
CA ALA A 346 36.76 -25.49 -29.82
C ALA A 346 37.23 -26.49 -28.76
N ARG A 347 36.44 -27.54 -28.47
CA ARG A 347 36.88 -28.61 -27.55
C ARG A 347 38.17 -29.20 -28.10
N LEU A 348 38.33 -29.29 -29.43
CA LEU A 348 39.54 -29.94 -29.98
C LEU A 348 40.76 -29.15 -29.51
N TRP A 349 40.69 -27.82 -29.62
CA TRP A 349 41.81 -26.96 -29.17
C TRP A 349 42.01 -27.18 -27.68
N TYR A 350 40.90 -27.21 -26.92
CA TYR A 350 41.08 -27.33 -25.45
C TYR A 350 41.78 -28.66 -25.12
N ASP A 351 41.39 -29.76 -25.76
CA ASP A 351 41.98 -31.10 -25.51
C ASP A 351 43.45 -31.10 -25.91
N MET A 352 43.79 -30.49 -27.05
CA MET A 352 45.21 -30.43 -27.50
C MET A 352 46.01 -29.68 -26.44
N LEU A 353 45.44 -28.61 -25.89
CA LEU A 353 46.14 -27.83 -24.84
C LEU A 353 46.20 -28.67 -23.56
N GLY A 354 45.22 -29.55 -23.35
CA GLY A 354 45.11 -30.25 -22.05
C GLY A 354 44.68 -29.37 -20.89
N VAL A 355 43.55 -28.66 -20.99
CA VAL A 355 43.02 -27.89 -19.82
C VAL A 355 41.69 -28.53 -19.42
N PRO A 356 41.54 -29.16 -18.24
CA PRO A 356 40.30 -29.90 -17.91
C PRO A 356 39.22 -29.40 -16.95
N GLU A 357 39.29 -28.17 -16.45
CA GLU A 357 38.29 -27.72 -15.45
C GLU A 357 36.92 -27.89 -16.06
N ASP A 358 35.99 -28.52 -15.35
CA ASP A 358 34.65 -28.86 -15.90
C ASP A 358 34.83 -29.99 -16.91
N ASP A 395 48.86 13.30 -37.28
CA ASP A 395 48.21 14.05 -38.39
C ASP A 395 47.70 13.06 -39.45
N LEU A 396 48.23 11.83 -39.48
CA LEU A 396 47.71 10.80 -40.41
C LEU A 396 46.62 10.09 -39.63
N LEU A 397 46.46 10.45 -38.37
CA LEU A 397 45.42 9.85 -37.53
C LEU A 397 44.24 10.82 -37.46
N ALA A 398 44.27 11.86 -38.27
CA ALA A 398 43.16 12.84 -38.34
C ALA A 398 41.91 12.12 -38.82
N ASP A 399 40.74 12.53 -38.37
CA ASP A 399 39.51 11.77 -38.71
C ASP A 399 39.29 11.72 -40.22
N GLU A 400 39.63 12.79 -40.94
CA GLU A 400 39.32 12.81 -42.38
C GLU A 400 40.06 11.70 -43.10
N ASN A 401 41.27 11.41 -42.68
CA ASN A 401 42.04 10.41 -43.47
C ASN A 401 41.18 9.16 -43.59
N PHE A 402 40.43 8.83 -42.53
CA PHE A 402 39.65 7.57 -42.49
C PHE A 402 38.24 7.66 -43.08
N LEU A 403 37.78 8.82 -43.54
CA LEU A 403 36.47 8.93 -44.20
C LEU A 403 36.58 8.23 -45.54
N MET A 404 35.62 7.40 -45.91
CA MET A 404 35.79 6.58 -47.10
C MET A 404 35.73 7.33 -48.41
N VAL A 405 35.54 8.64 -48.44
CA VAL A 405 35.70 9.38 -49.73
C VAL A 405 37.18 9.43 -50.07
N THR A 406 38.05 9.49 -49.04
CA THR A 406 39.51 9.65 -49.24
C THR A 406 40.18 8.30 -49.23
N GLN A 407 39.44 7.19 -49.25
CA GLN A 407 40.06 5.86 -49.12
C GLN A 407 39.34 4.90 -50.02
N LEU A 408 38.58 5.39 -50.96
CA LEU A 408 37.83 4.42 -51.78
C LEU A 408 37.87 4.85 -53.24
N HIS A 409 38.09 3.91 -54.13
CA HIS A 409 38.13 4.24 -55.57
C HIS A 409 36.69 4.29 -56.02
N TRP A 410 35.98 5.34 -55.65
CA TRP A 410 34.54 5.45 -55.94
C TRP A 410 34.30 5.82 -57.38
N GLU A 411 35.35 6.11 -58.11
CA GLU A 411 35.24 6.43 -59.54
C GLU A 411 34.74 5.18 -60.24
N ASP A 412 35.16 4.00 -59.78
CA ASP A 412 34.81 2.74 -60.48
C ASP A 412 33.31 2.56 -60.47
N ASP A 413 32.65 3.11 -59.47
CA ASP A 413 31.17 2.98 -59.38
C ASP A 413 30.47 3.74 -60.50
N ILE A 414 30.97 4.90 -60.93
CA ILE A 414 30.21 5.72 -61.93
C ILE A 414 29.82 4.82 -63.07
N ILE A 415 28.54 4.73 -63.42
CA ILE A 415 28.09 3.76 -64.47
C ILE A 415 28.16 4.43 -65.84
N TRP A 416 29.03 3.93 -66.72
CA TRP A 416 29.20 4.52 -68.06
C TRP A 416 28.66 3.51 -69.05
N ASP A 417 27.72 3.88 -69.92
CA ASP A 417 27.27 2.95 -71.00
C ASP A 417 26.89 1.61 -70.37
N GLY A 418 26.15 1.62 -69.28
CA GLY A 418 25.91 0.33 -68.62
C GLY A 418 25.08 -0.56 -69.50
N GLU A 419 25.17 -1.89 -69.30
CA GLU A 419 24.45 -2.88 -70.14
C GLU A 419 25.05 -4.25 -69.81
N PRO A 463 5.32 1.12 -40.65
CA PRO A 463 6.29 0.05 -40.47
C PRO A 463 6.29 -0.59 -39.08
N TRP A 464 5.22 -1.30 -38.72
CA TRP A 464 5.10 -1.89 -37.37
C TRP A 464 6.26 -2.84 -37.13
N TYR A 465 6.63 -3.65 -38.11
CA TYR A 465 7.86 -4.47 -37.98
C TYR A 465 8.91 -3.79 -38.86
N SER A 466 10.20 -4.03 -38.65
CA SER A 466 11.23 -3.25 -39.38
C SER A 466 11.15 -3.39 -40.90
N ILE A 467 11.29 -2.30 -41.63
CA ILE A 467 11.35 -2.28 -43.11
C ILE A 467 12.80 -2.59 -43.43
N PHE A 468 13.74 -2.00 -42.69
CA PHE A 468 15.19 -2.26 -42.90
C PHE A 468 15.67 -3.41 -42.02
N PRO A 469 16.78 -4.08 -42.39
CA PRO A 469 17.38 -5.13 -41.57
C PRO A 469 18.09 -4.60 -40.32
N ILE A 470 18.30 -5.46 -39.33
CA ILE A 470 18.91 -5.03 -38.04
C ILE A 470 20.37 -5.47 -38.04
N ASP A 471 21.30 -4.57 -37.81
CA ASP A 471 22.75 -4.88 -37.97
C ASP A 471 23.35 -5.61 -36.75
N ASN A 472 24.52 -6.21 -36.89
CA ASN A 472 25.13 -6.88 -35.73
C ASN A 472 25.52 -5.81 -34.72
N GLU A 473 24.87 -5.78 -33.56
CA GLU A 473 25.14 -4.75 -32.52
C GLU A 473 26.59 -4.86 -32.07
N ASP A 474 27.11 -6.07 -31.96
CA ASP A 474 28.51 -6.26 -31.55
C ASP A 474 29.48 -5.65 -32.56
N LEU A 475 29.27 -5.84 -33.86
CA LEU A 475 30.15 -5.24 -34.90
C LEU A 475 29.94 -3.74 -34.93
N VAL A 476 28.69 -3.32 -34.94
CA VAL A 476 28.37 -1.87 -35.01
C VAL A 476 28.84 -1.16 -33.76
N TYR A 477 28.67 -1.75 -32.58
CA TYR A 477 28.96 -1.04 -31.31
C TYR A 477 30.17 -1.55 -30.54
N GLY A 478 30.31 -2.86 -30.37
CA GLY A 478 31.40 -3.42 -29.53
C GLY A 478 32.80 -3.07 -29.96
N ARG A 479 33.75 -3.15 -29.03
CA ARG A 479 35.16 -2.86 -29.36
C ARG A 479 35.81 -4.20 -29.59
N TRP A 480 35.59 -4.79 -30.75
CA TRP A 480 36.19 -6.10 -31.08
C TRP A 480 37.68 -5.89 -31.20
N GLU A 481 38.10 -4.66 -31.37
CA GLU A 481 39.53 -4.37 -31.57
C GLU A 481 40.26 -4.82 -30.33
N ASP A 482 39.56 -4.92 -29.20
CA ASP A 482 40.16 -5.40 -27.92
C ASP A 482 40.39 -6.90 -27.93
N ASN A 483 39.96 -7.63 -28.96
CA ASN A 483 40.35 -9.05 -29.03
C ASN A 483 41.53 -9.22 -29.97
N ILE A 484 42.12 -8.15 -30.53
CA ILE A 484 43.35 -8.34 -31.36
C ILE A 484 44.52 -8.58 -30.42
N ILE A 485 45.28 -9.65 -30.61
CA ILE A 485 46.48 -9.92 -29.75
C ILE A 485 47.70 -9.27 -30.40
N TRP A 486 48.03 -8.06 -29.99
CA TRP A 486 49.18 -7.32 -30.59
C TRP A 486 50.52 -7.97 -30.25
N ASP A 487 50.72 -8.34 -28.98
CA ASP A 487 51.97 -9.03 -28.56
C ASP A 487 51.55 -10.26 -27.75
N ALA A 488 52.03 -11.44 -28.15
CA ALA A 488 51.59 -12.66 -27.46
C ALA A 488 52.05 -12.65 -26.00
N GLN A 489 53.34 -12.37 -25.75
CA GLN A 489 53.89 -12.38 -24.37
C GLN A 489 53.37 -11.19 -23.55
N ALA A 490 53.43 -9.98 -24.12
CA ALA A 490 52.98 -8.77 -23.40
C ALA A 490 51.51 -8.47 -23.72
N MET A 491 50.59 -9.28 -23.22
CA MET A 491 49.17 -9.05 -23.59
C MET A 491 48.55 -8.15 -22.51
N PRO A 492 48.00 -6.97 -22.87
CA PRO A 492 47.66 -5.95 -21.89
C PRO A 492 46.64 -6.48 -20.89
N ARG A 493 45.66 -7.26 -21.36
CA ARG A 493 44.64 -7.84 -20.44
C ARG A 493 44.71 -9.37 -20.50
N LEU A 494 43.87 -10.04 -19.70
CA LEU A 494 43.80 -11.53 -19.72
C LEU A 494 42.51 -11.94 -20.42
N LEU A 495 42.64 -12.69 -21.52
CA LEU A 495 41.45 -13.14 -22.29
C LEU A 495 40.82 -14.36 -21.61
N GLU A 496 39.55 -14.64 -21.90
CA GLU A 496 38.82 -15.76 -21.22
C GLU A 496 38.18 -16.65 -22.29
N PRO A 497 37.88 -17.94 -21.99
CA PRO A 497 37.19 -18.79 -22.95
C PRO A 497 35.81 -18.20 -23.29
N PRO A 498 35.39 -18.29 -24.55
CA PRO A 498 34.11 -17.69 -24.99
C PRO A 498 33.03 -18.77 -25.13
N VAL A 499 31.86 -18.55 -24.52
CA VAL A 499 30.74 -19.52 -24.59
C VAL A 499 29.95 -19.26 -25.88
N LEU A 500 29.36 -20.30 -26.48
CA LEU A 500 28.54 -20.12 -27.71
C LEU A 500 27.25 -19.42 -27.32
N THR A 501 26.89 -18.34 -28.03
CA THR A 501 25.71 -17.53 -27.63
C THR A 501 24.52 -17.69 -28.59
N LEU A 502 24.69 -18.34 -29.75
CA LEU A 502 23.53 -18.67 -30.63
C LEU A 502 22.57 -17.49 -30.82
N ASP A 503 23.03 -16.37 -31.38
CA ASP A 503 22.15 -15.19 -31.55
C ASP A 503 20.92 -15.59 -32.36
N PRO A 504 19.69 -15.29 -31.88
CA PRO A 504 18.46 -15.63 -32.61
C PRO A 504 17.99 -14.52 -33.56
N ASN A 505 18.67 -13.36 -33.58
CA ASN A 505 18.35 -12.27 -34.54
C ASN A 505 18.63 -12.76 -35.95
N ASP A 506 19.67 -13.57 -36.13
CA ASP A 506 20.03 -14.10 -37.47
C ASP A 506 18.98 -15.09 -37.95
N GLU A 507 18.49 -14.91 -39.18
CA GLU A 507 17.57 -15.90 -39.78
C GLU A 507 18.46 -17.03 -40.32
N ASN A 508 17.85 -18.14 -40.78
CA ASN A 508 18.62 -19.29 -41.31
C ASN A 508 19.04 -20.18 -40.13
N LEU A 509 18.76 -19.74 -38.90
CA LEU A 509 19.01 -20.60 -37.72
C LEU A 509 17.62 -21.02 -37.25
N ILE A 510 17.38 -22.33 -37.08
CA ILE A 510 16.00 -22.80 -36.76
C ILE A 510 15.56 -22.19 -35.43
N LEU A 511 16.45 -22.13 -34.45
CA LEU A 511 16.13 -21.54 -33.12
C LEU A 511 17.06 -20.35 -32.84
N PRO A 564 4.64 -55.52 -29.96
CA PRO A 564 5.21 -55.60 -28.62
C PRO A 564 4.15 -55.75 -27.56
N TRP A 565 2.90 -55.72 -28.01
CA TRP A 565 1.73 -55.78 -27.15
C TRP A 565 0.68 -56.68 -27.77
N ASN A 566 -0.55 -56.53 -27.27
CA ASN A 566 -1.66 -57.37 -27.70
C ASN A 566 -2.02 -57.10 -29.15
N LEU A 567 -2.46 -55.88 -29.45
CA LEU A 567 -2.76 -55.36 -30.79
C LEU A 567 -3.88 -56.09 -31.53
N SER A 568 -4.53 -57.04 -30.88
CA SER A 568 -5.69 -57.71 -31.41
C SER A 568 -6.89 -57.04 -30.77
N ASN A 569 -7.70 -56.38 -31.57
CA ASN A 569 -8.89 -55.70 -31.06
C ASN A 569 -9.92 -56.77 -30.71
N ASP A 570 -9.74 -57.36 -29.53
CA ASP A 570 -10.54 -58.52 -29.15
C ASP A 570 -11.87 -58.14 -28.54
N GLU A 571 -11.97 -56.97 -27.91
CA GLU A 571 -13.22 -56.56 -27.30
C GLU A 571 -14.28 -56.20 -28.32
N TYR A 572 -13.89 -56.00 -29.58
CA TYR A 572 -14.83 -55.70 -30.65
C TYR A 572 -15.19 -56.92 -31.48
N TYR A 573 -14.37 -57.96 -31.47
CA TYR A 573 -14.64 -59.17 -32.21
C TYR A 573 -15.30 -60.23 -31.31
N TYR A 574 -14.85 -60.33 -30.07
CA TYR A 574 -15.37 -61.31 -29.11
C TYR A 574 -15.67 -60.54 -27.84
N PRO A 575 -16.92 -60.09 -27.66
CA PRO A 575 -17.19 -59.07 -26.64
C PRO A 575 -17.23 -59.58 -25.22
N LYS A 576 -17.29 -60.89 -25.01
CA LYS A 576 -17.28 -61.44 -23.66
C LYS A 576 -16.08 -62.35 -23.43
N ILE A 588 -21.45 -79.11 -19.51
CA ILE A 588 -20.69 -80.04 -18.69
C ILE A 588 -21.59 -80.56 -17.56
N ILE A 589 -22.50 -79.72 -17.10
CA ILE A 589 -23.42 -80.10 -16.02
C ILE A 589 -24.54 -80.92 -16.62
N GLN A 590 -24.70 -82.14 -16.10
CA GLN A 590 -25.77 -83.05 -16.59
C GLN A 590 -26.86 -83.17 -15.53
N HIS A 591 -27.99 -82.49 -15.73
CA HIS A 591 -29.11 -82.55 -14.81
C HIS A 591 -29.81 -83.91 -14.93
N SER A 592 -30.72 -84.16 -14.00
CA SER A 592 -31.51 -85.37 -14.05
C SER A 592 -32.48 -85.33 -15.22
N ILE A 593 -32.87 -86.50 -15.70
CA ILE A 593 -33.83 -86.65 -16.79
C ILE A 593 -35.19 -86.05 -16.45
N PRO A 594 -35.67 -86.03 -15.20
CA PRO A 594 -36.80 -85.14 -14.90
C PRO A 594 -36.51 -83.66 -15.04
N ALA A 595 -35.26 -83.22 -14.90
CA ALA A 595 -35.00 -81.80 -14.96
C ALA A 595 -34.83 -81.31 -16.39
N VAL A 596 -34.12 -82.06 -17.24
CA VAL A 596 -33.95 -81.66 -18.63
C VAL A 596 -35.20 -81.84 -19.46
N GLU A 597 -36.18 -82.60 -18.98
CA GLU A 597 -37.44 -82.76 -19.67
C GLU A 597 -38.53 -81.85 -19.11
N LEU A 598 -38.19 -81.03 -18.11
CA LEU A 598 -39.03 -79.94 -17.59
C LEU A 598 -40.35 -80.47 -17.03
N ARG A 599 -40.28 -81.57 -16.30
CA ARG A 599 -41.48 -82.23 -15.80
C ARG A 599 -42.10 -81.43 -14.67
N GLN A 600 -43.42 -81.36 -14.69
CA GLN A 600 -44.21 -80.34 -14.00
C GLN A 600 -44.24 -80.29 -12.47
N PRO A 601 -43.97 -81.35 -11.70
CA PRO A 601 -43.73 -81.11 -10.26
C PRO A 601 -42.50 -80.26 -10.01
N PHE A 602 -41.40 -80.55 -10.72
CA PHE A 602 -40.12 -79.93 -10.44
C PHE A 602 -40.02 -78.54 -11.06
N PHE A 603 -40.60 -78.36 -12.24
CA PHE A 603 -40.61 -77.08 -12.96
C PHE A 603 -42.05 -76.67 -13.16
N PRO A 604 -42.61 -75.81 -12.32
CA PRO A 604 -44.04 -75.49 -12.43
C PRO A 604 -44.35 -74.60 -13.62
N THR A 605 -45.51 -74.86 -14.22
CA THR A 605 -45.95 -74.07 -15.37
C THR A 605 -46.44 -72.70 -14.95
N HIS A 606 -47.09 -72.61 -13.80
CA HIS A 606 -47.67 -71.36 -13.34
C HIS A 606 -47.49 -71.25 -11.83
N MET A 607 -47.09 -70.08 -11.38
CA MET A 607 -46.94 -69.78 -9.97
C MET A 607 -47.78 -68.57 -9.64
N GLY A 608 -48.74 -68.74 -8.74
CA GLY A 608 -49.59 -67.66 -8.33
C GLY A 608 -48.89 -66.73 -7.37
N PRO A 609 -49.64 -65.74 -6.86
CA PRO A 609 -49.01 -64.76 -5.96
C PRO A 609 -48.59 -65.34 -4.63
N ILE A 610 -49.44 -66.19 -4.02
CA ILE A 610 -49.08 -66.80 -2.74
C ILE A 610 -48.01 -67.86 -2.93
N LYS A 611 -47.88 -68.41 -4.14
CA LYS A 611 -46.80 -69.34 -4.43
C LYS A 611 -45.54 -68.62 -4.89
N LEU A 612 -45.65 -67.35 -5.30
CA LEU A 612 -44.45 -66.58 -5.60
C LEU A 612 -43.88 -65.92 -4.36
N ARG A 613 -44.72 -65.65 -3.35
CA ARG A 613 -44.19 -65.18 -2.08
C ARG A 613 -43.49 -66.31 -1.35
N GLN A 614 -44.00 -67.52 -1.44
CA GLN A 614 -43.32 -68.70 -0.92
C GLN A 614 -42.47 -69.36 -1.97
N PHE A 615 -41.63 -68.58 -2.65
CA PHE A 615 -40.75 -69.12 -3.67
C PHE A 615 -39.49 -69.63 -2.98
N HIS A 616 -39.19 -70.91 -3.19
CA HIS A 616 -38.12 -71.69 -2.56
C HIS A 616 -38.28 -71.80 -1.05
N ARG A 617 -39.44 -71.47 -0.51
CA ARG A 617 -39.77 -71.70 0.89
C ARG A 617 -41.14 -72.38 0.94
N PRO A 618 -41.21 -73.66 0.59
CA PRO A 618 -42.51 -74.32 0.50
C PRO A 618 -43.01 -74.73 1.88
N PRO A 619 -44.23 -74.33 2.24
CA PRO A 619 -44.74 -74.65 3.58
C PRO A 619 -45.08 -76.12 3.70
N LEU A 620 -45.30 -76.53 4.94
CA LEU A 620 -45.58 -77.94 5.22
C LEU A 620 -47.06 -78.17 4.97
N LYS A 621 -47.41 -78.82 3.86
CA LYS A 621 -48.82 -78.93 3.50
C LYS A 621 -49.48 -80.07 4.26
N LYS A 622 -50.76 -79.87 4.57
CA LYS A 622 -51.57 -80.91 5.17
C LYS A 622 -52.12 -81.81 4.08
N TYR A 623 -52.02 -83.12 4.29
CA TYR A 623 -52.54 -84.07 3.32
C TYR A 623 -54.03 -84.28 3.52
N SER A 624 -54.74 -84.51 2.43
CA SER A 624 -56.15 -84.82 2.51
C SER A 624 -56.42 -86.32 2.55
N PHE A 625 -55.71 -87.09 1.73
CA PHE A 625 -55.76 -88.54 1.78
C PHE A 625 -54.36 -89.09 2.02
N GLY A 626 -54.29 -90.23 2.69
CA GLY A 626 -53.04 -90.88 3.02
C GLY A 626 -52.98 -91.29 4.47
N ALA A 627 -51.82 -91.82 4.86
CA ALA A 627 -51.63 -92.26 6.23
C ALA A 627 -51.39 -91.09 7.18
N LEU A 628 -50.70 -90.05 6.70
CA LEU A 628 -50.48 -88.88 7.54
C LEU A 628 -51.68 -87.94 7.56
N SER A 629 -52.66 -88.14 6.67
CA SER A 629 -53.85 -87.29 6.69
C SER A 629 -54.73 -87.59 7.89
N GLN A 630 -54.68 -88.82 8.41
CA GLN A 630 -55.46 -89.16 9.63
C GLN A 630 -54.76 -88.54 10.85
N PRO A 631 -55.45 -87.73 11.68
CA PRO A 631 -54.81 -87.06 12.81
C PRO A 631 -54.36 -88.03 13.91
N GLY A 632 -53.20 -87.77 14.52
CA GLY A 632 -52.71 -88.61 15.63
C GLY A 632 -51.20 -88.67 15.68
N PRO A 633 -50.59 -89.44 16.61
CA PRO A 633 -49.14 -89.62 16.61
C PRO A 633 -48.73 -90.51 15.44
N HIS A 634 -47.55 -90.26 14.86
CA HIS A 634 -47.07 -91.05 13.69
C HIS A 634 -45.61 -91.44 13.89
N SER A 635 -45.29 -92.74 13.80
CA SER A 635 -43.94 -93.19 14.04
C SER A 635 -43.03 -92.80 12.89
N VAL A 636 -41.84 -92.30 13.21
CA VAL A 636 -40.85 -92.08 12.16
C VAL A 636 -40.14 -93.40 11.92
N GLN A 637 -39.61 -93.58 10.72
CA GLN A 637 -39.03 -94.84 10.34
C GLN A 637 -37.57 -94.65 9.98
N PRO A 638 -36.66 -95.40 10.57
CA PRO A 638 -35.25 -95.27 10.19
C PRO A 638 -35.02 -95.83 8.80
N LEU A 639 -34.11 -95.21 8.05
CA LEU A 639 -33.80 -95.69 6.67
C LEU A 639 -32.30 -95.86 6.45
N LEU A 640 -31.66 -96.82 7.11
CA LEU A 640 -30.23 -97.09 6.96
C LEU A 640 -30.01 -98.42 6.26
N LYS A 641 -30.95 -99.35 6.37
CA LYS A 641 -30.92 -100.51 5.49
C LYS A 641 -31.27 -100.08 4.07
N HIS A 642 -32.15 -99.08 3.92
CA HIS A 642 -32.53 -98.61 2.60
C HIS A 642 -31.38 -97.88 1.92
N ILE A 643 -30.63 -97.09 2.70
CA ILE A 643 -29.53 -96.32 2.14
C ILE A 643 -28.41 -97.25 1.68
N LYS A 644 -28.02 -98.19 2.53
CA LYS A 644 -26.93 -99.09 2.14
C LYS A 644 -27.35 -100.12 1.12
N LYS A 645 -28.64 -100.52 1.09
CA LYS A 645 -29.10 -101.39 0.02
C LYS A 645 -29.10 -100.68 -1.32
N LYS A 646 -29.53 -99.42 -1.34
CA LYS A 646 -29.52 -98.68 -2.60
C LYS A 646 -28.10 -98.35 -3.05
N ALA A 647 -27.19 -98.10 -2.11
CA ALA A 647 -25.82 -97.81 -2.48
C ALA A 647 -25.10 -99.05 -3.00
N LYS A 648 -25.36 -100.21 -2.37
CA LYS A 648 -24.81 -101.47 -2.86
C LYS A 648 -25.38 -101.82 -4.23
N MET A 649 -26.67 -101.53 -4.44
CA MET A 649 -27.28 -101.81 -5.73
C MET A 649 -26.72 -100.91 -6.83
N ARG A 650 -26.50 -99.63 -6.53
CA ARG A 650 -25.89 -98.74 -7.50
C ARG A 650 -24.44 -99.09 -7.79
N GLU A 651 -23.71 -99.58 -6.79
CA GLU A 651 -22.34 -100.04 -7.05
C GLU A 651 -22.33 -101.32 -7.89
N GLN A 652 -23.32 -102.20 -7.71
CA GLN A 652 -23.45 -103.36 -8.59
C GLN A 652 -23.77 -102.94 -10.02
N GLU A 653 -24.62 -101.93 -10.19
CA GLU A 653 -24.94 -101.41 -11.52
C GLU A 653 -23.71 -100.79 -12.17
N ARG A 654 -22.89 -100.10 -11.39
CA ARG A 654 -21.72 -99.44 -11.95
C ARG A 654 -20.64 -100.46 -12.30
N GLN A 655 -20.45 -101.48 -11.48
CA GLN A 655 -19.47 -102.52 -11.80
C GLN A 655 -19.96 -103.48 -12.88
N ALA A 656 -21.26 -103.57 -13.11
CA ALA A 656 -21.74 -104.37 -14.23
C ALA A 656 -21.62 -103.63 -15.55
N SER A 657 -21.55 -102.30 -15.51
CA SER A 657 -21.47 -101.50 -16.70
C SER A 657 -20.04 -101.14 -17.07
N GLY A 658 -19.05 -101.85 -16.53
CA GLY A 658 -17.67 -101.62 -16.89
C GLY A 658 -16.84 -100.88 -15.87
N GLY A 659 -17.45 -100.38 -14.81
CA GLY A 659 -16.71 -99.83 -13.71
C GLY A 659 -16.43 -98.35 -13.78
N GLY A 660 -16.79 -97.67 -14.87
CA GLY A 660 -16.54 -96.25 -15.00
C GLY A 660 -17.54 -95.43 -14.21
N GLU A 661 -17.62 -94.15 -14.54
CA GLU A 661 -18.62 -93.33 -13.87
C GLU A 661 -19.91 -93.42 -14.67
N MET A 662 -21.02 -93.51 -13.96
CA MET A 662 -22.32 -93.80 -14.53
C MET A 662 -23.25 -92.62 -14.31
N PHE A 663 -24.37 -92.64 -15.02
CA PHE A 663 -25.44 -91.67 -14.84
C PHE A 663 -26.63 -92.40 -14.24
N PHE A 664 -27.04 -91.99 -13.04
CA PHE A 664 -28.02 -92.72 -12.26
C PHE A 664 -29.38 -92.05 -12.18
N MET A 665 -29.45 -90.73 -12.24
CA MET A 665 -30.69 -90.00 -11.99
C MET A 665 -31.52 -89.97 -13.26
N ARG A 666 -32.26 -91.07 -13.47
CA ARG A 666 -33.04 -91.25 -14.69
C ARG A 666 -34.54 -91.24 -14.45
N THR A 667 -34.98 -91.26 -13.21
CA THR A 667 -36.37 -91.38 -12.82
C THR A 667 -36.61 -90.32 -11.76
N PRO A 668 -37.86 -89.89 -11.55
CA PRO A 668 -38.14 -89.02 -10.39
C PRO A 668 -37.86 -89.69 -9.06
N GLN A 669 -38.03 -91.01 -8.96
CA GLN A 669 -37.76 -91.73 -7.73
C GLN A 669 -36.27 -91.87 -7.42
N ASP A 670 -35.40 -91.46 -8.32
CA ASP A 670 -33.99 -91.34 -7.99
C ASP A 670 -33.69 -90.08 -7.21
N LEU A 671 -34.56 -89.08 -7.25
CA LEU A 671 -34.29 -87.80 -6.63
C LEU A 671 -34.85 -87.71 -5.22
N THR A 672 -35.13 -88.84 -4.58
CA THR A 672 -35.59 -88.81 -3.20
C THR A 672 -34.43 -88.55 -2.26
N GLY A 673 -34.76 -88.07 -1.08
CA GLY A 673 -33.77 -87.94 -0.03
C GLY A 673 -33.51 -89.20 0.75
N LYS A 674 -34.25 -90.26 0.46
CA LYS A 674 -34.14 -91.51 1.20
C LYS A 674 -32.87 -92.30 0.88
N ASP A 675 -32.06 -91.89 -0.08
CA ASP A 675 -30.88 -92.65 -0.44
C ASP A 675 -29.78 -91.69 -0.87
N GLY A 676 -28.56 -92.20 -0.95
CA GLY A 676 -27.43 -91.40 -1.33
C GLY A 676 -26.91 -90.55 -0.17
N ASP A 677 -25.75 -89.95 -0.40
CA ASP A 677 -25.10 -89.14 0.63
C ASP A 677 -25.60 -87.71 0.52
N LEU A 678 -26.47 -87.31 1.44
CA LEU A 678 -27.02 -85.97 1.46
C LEU A 678 -26.09 -85.03 2.21
N ILE A 679 -25.92 -83.83 1.67
CA ILE A 679 -25.35 -82.70 2.38
C ILE A 679 -26.41 -81.61 2.38
N LEU A 680 -26.25 -80.64 3.27
CA LEU A 680 -27.14 -79.49 3.25
C LEU A 680 -26.37 -78.27 2.78
N ALA A 681 -27.08 -77.30 2.20
CA ALA A 681 -26.47 -76.09 1.69
C ALA A 681 -27.33 -74.90 2.07
N GLU A 682 -26.82 -74.05 2.95
CA GLU A 682 -27.54 -72.90 3.46
C GLU A 682 -27.10 -71.69 2.67
N TYR A 683 -27.99 -70.72 2.48
CA TYR A 683 -27.65 -69.55 1.69
C TYR A 683 -27.52 -68.33 2.59
N SER A 684 -26.56 -67.46 2.28
CA SER A 684 -26.36 -66.28 3.09
C SER A 684 -27.37 -65.19 2.75
N GLU A 685 -27.63 -64.97 1.46
CA GLU A 685 -28.61 -63.98 1.05
C GLU A 685 -30.03 -64.50 1.27
N GLU A 686 -30.96 -63.57 1.44
CA GLU A 686 -32.35 -63.96 1.59
C GLU A 686 -32.93 -64.44 0.26
N ASN A 687 -32.86 -63.59 -0.76
CA ASN A 687 -33.35 -63.91 -2.10
C ASN A 687 -32.18 -63.73 -3.06
N GLY A 688 -31.61 -64.83 -3.51
CA GLY A 688 -30.53 -64.79 -4.46
C GLY A 688 -31.03 -64.43 -5.85
N PRO A 689 -30.11 -63.99 -6.71
CA PRO A 689 -30.53 -63.66 -8.08
C PRO A 689 -30.87 -64.88 -8.90
N LEU A 690 -30.26 -66.02 -8.61
CA LEU A 690 -30.55 -67.27 -9.30
C LEU A 690 -30.54 -68.40 -8.28
N MET A 691 -31.35 -69.41 -8.53
CA MET A 691 -31.46 -70.51 -7.57
C MET A 691 -31.93 -71.75 -8.31
N MET A 692 -31.35 -72.88 -7.94
CA MET A 692 -31.60 -74.14 -8.64
C MET A 692 -32.96 -74.71 -8.29
N GLN A 693 -33.60 -75.30 -9.29
CA GLN A 693 -34.83 -76.06 -9.05
C GLN A 693 -34.48 -77.46 -8.59
N VAL A 694 -35.51 -78.20 -8.16
CA VAL A 694 -35.31 -79.57 -7.71
C VAL A 694 -35.05 -80.46 -8.92
N GLY A 695 -33.95 -81.21 -8.85
CA GLY A 695 -33.57 -82.10 -9.92
C GLY A 695 -32.37 -81.66 -10.70
N MET A 696 -31.87 -80.47 -10.45
CA MET A 696 -30.75 -79.93 -11.20
C MET A 696 -29.44 -80.24 -10.49
N ALA A 697 -28.39 -80.34 -11.28
CA ALA A 697 -27.08 -80.74 -10.78
C ALA A 697 -26.18 -79.53 -10.58
N THR A 698 -25.22 -79.69 -9.68
CA THR A 698 -24.17 -78.71 -9.46
C THR A 698 -22.90 -79.45 -9.07
N LYS A 699 -21.77 -78.79 -9.23
CA LYS A 699 -20.49 -79.41 -8.94
C LYS A 699 -19.79 -78.63 -7.83
N ILE A 700 -18.91 -79.30 -7.10
CA ILE A 700 -18.09 -78.65 -6.10
C ILE A 700 -16.65 -78.62 -6.61
N LYS A 701 -16.14 -77.41 -6.82
CA LYS A 701 -14.78 -77.20 -7.29
C LYS A 701 -13.98 -76.57 -6.17
N ASN A 702 -12.83 -77.16 -5.87
CA ASN A 702 -11.93 -76.66 -4.83
C ASN A 702 -10.80 -75.92 -5.52
N TYR A 703 -10.90 -74.59 -5.54
CA TYR A 703 -9.87 -73.76 -6.17
C TYR A 703 -8.71 -73.60 -5.19
N TYR A 704 -7.51 -73.96 -5.63
CA TYR A 704 -6.33 -73.93 -4.77
C TYR A 704 -5.19 -73.21 -5.46
N LYS A 705 -4.83 -72.03 -4.96
CA LYS A 705 -3.67 -71.29 -5.44
C LYS A 705 -2.42 -71.80 -4.74
N ARG A 706 -1.45 -72.23 -5.53
CA ARG A 706 -0.25 -72.85 -4.91
C ARG A 706 0.52 -71.77 -4.16
N LYS A 707 1.41 -72.17 -3.25
CA LYS A 707 2.26 -71.16 -2.57
C LYS A 707 3.34 -70.72 -3.56
N PRO A 708 3.99 -69.56 -3.38
CA PRO A 708 5.08 -69.14 -4.25
C PRO A 708 6.16 -70.22 -4.16
N GLY A 709 6.72 -70.61 -5.30
CA GLY A 709 7.70 -71.70 -5.29
C GLY A 709 7.13 -73.01 -4.77
N LYS A 710 7.80 -73.64 -3.81
CA LYS A 710 7.39 -75.00 -3.35
C LYS A 710 6.06 -74.97 -2.58
N ASP A 711 5.18 -75.95 -2.83
CA ASP A 711 3.92 -76.07 -2.02
C ASP A 711 3.66 -77.56 -1.76
N PRO A 712 3.14 -77.94 -0.57
CA PRO A 712 2.92 -79.34 -0.25
C PRO A 712 1.89 -80.00 -1.18
N GLY A 713 0.81 -79.30 -1.51
CA GLY A 713 -0.30 -79.86 -2.33
C GLY A 713 -1.62 -79.37 -1.76
N ALA A 714 -2.72 -79.48 -2.52
CA ALA A 714 -3.99 -78.90 -2.04
C ALA A 714 -4.39 -79.56 -0.74
N PRO A 715 -4.85 -78.81 0.28
CA PRO A 715 -5.31 -79.45 1.49
C PRO A 715 -6.42 -80.33 0.92
N ASP A 716 -6.43 -81.61 1.27
CA ASP A 716 -7.44 -82.50 0.64
C ASP A 716 -8.84 -82.22 1.23
N CYS A 717 -9.90 -82.37 0.43
CA CYS A 717 -11.28 -82.09 0.90
C CYS A 717 -12.20 -83.27 0.59
N LYS A 718 -13.18 -83.52 1.45
CA LYS A 718 -14.05 -84.71 1.31
C LYS A 718 -14.87 -84.66 0.04
N TYR A 719 -15.32 -83.48 -0.37
CA TYR A 719 -16.27 -83.37 -1.50
C TYR A 719 -15.73 -82.45 -2.58
N GLY A 720 -15.98 -82.78 -3.83
CA GLY A 720 -15.58 -81.98 -4.97
C GLY A 720 -14.26 -82.43 -5.56
N GLU A 721 -13.90 -81.79 -6.67
CA GLU A 721 -12.61 -82.02 -7.30
C GLU A 721 -11.77 -80.76 -7.18
N THR A 722 -10.45 -80.93 -7.11
CA THR A 722 -9.55 -79.80 -6.92
C THR A 722 -9.06 -79.30 -8.26
N VAL A 723 -8.97 -77.97 -8.38
CA VAL A 723 -8.42 -77.32 -9.56
C VAL A 723 -7.52 -76.18 -9.08
N TYR A 724 -6.41 -76.01 -9.79
CA TYR A 724 -5.42 -74.98 -9.40
C TYR A 724 -5.70 -73.69 -10.12
N CYS A 725 -6.17 -72.65 -9.42
CA CYS A 725 -6.62 -71.41 -10.10
C CYS A 725 -5.61 -70.28 -10.00
N HIS A 726 -4.89 -69.99 -11.09
CA HIS A 726 -3.97 -68.83 -11.10
C HIS A 726 -4.81 -67.55 -11.29
N THR A 727 -5.92 -67.66 -12.02
CA THR A 727 -6.84 -66.50 -12.20
C THR A 727 -8.06 -66.76 -11.33
N SER A 728 -8.27 -65.89 -10.35
CA SER A 728 -9.37 -66.15 -9.39
C SER A 728 -10.68 -66.12 -10.14
N PRO A 729 -11.56 -67.10 -9.93
CA PRO A 729 -12.86 -67.06 -10.54
C PRO A 729 -13.65 -65.91 -9.92
N PHE A 730 -13.62 -65.74 -8.61
CA PHE A 730 -14.49 -64.72 -7.96
C PHE A 730 -13.92 -63.31 -8.11
N LEU A 731 -14.55 -62.31 -7.47
CA LEU A 731 -14.14 -60.92 -7.61
C LEU A 731 -12.78 -60.68 -6.96
N GLY A 732 -12.59 -61.18 -5.75
CA GLY A 732 -11.28 -61.12 -5.11
C GLY A 732 -10.33 -62.16 -5.68
N SER A 733 -9.11 -62.13 -5.17
CA SER A 733 -8.08 -63.07 -5.60
C SER A 733 -7.67 -63.94 -4.42
N LEU A 734 -7.39 -65.21 -4.71
CA LEU A 734 -7.03 -66.15 -3.67
C LEU A 734 -5.64 -65.85 -3.12
N HIS A 735 -5.46 -66.06 -1.83
CA HIS A 735 -4.14 -65.95 -1.24
C HIS A 735 -3.29 -67.14 -1.66
N PRO A 736 -1.97 -67.03 -1.58
CA PRO A 736 -1.12 -68.21 -1.83
C PRO A 736 -1.32 -69.27 -0.75
N GLY A 737 -1.61 -70.49 -1.17
CA GLY A 737 -1.87 -71.55 -0.24
C GLY A 737 -3.26 -71.57 0.34
N GLN A 738 -4.21 -70.92 -0.31
CA GLN A 738 -5.59 -70.88 0.18
C GLN A 738 -6.48 -71.69 -0.75
N LEU A 739 -7.13 -72.69 -0.18
CA LEU A 739 -8.14 -73.48 -0.88
C LEU A 739 -9.52 -72.95 -0.54
N LEU A 740 -10.31 -72.69 -1.59
CA LEU A 740 -11.68 -72.22 -1.45
C LEU A 740 -12.59 -73.13 -2.24
N GLN A 741 -13.54 -73.76 -1.57
CA GLN A 741 -14.54 -74.56 -2.26
C GLN A 741 -15.63 -73.67 -2.84
N ALA A 742 -16.27 -74.14 -3.91
CA ALA A 742 -17.33 -73.36 -4.53
C ALA A 742 -18.30 -74.26 -5.27
N PHE A 743 -19.58 -73.92 -5.16
CA PHE A 743 -20.59 -74.45 -6.07
C PHE A 743 -20.39 -73.87 -7.46
N GLU A 744 -20.27 -74.73 -8.46
CA GLU A 744 -20.13 -74.33 -9.84
C GLU A 744 -21.18 -75.07 -10.66
N ASN A 745 -22.00 -74.33 -11.38
CA ASN A 745 -22.94 -74.89 -12.34
C ASN A 745 -23.12 -73.87 -13.46
N ASN A 746 -24.16 -74.04 -14.26
CA ASN A 746 -24.44 -73.09 -15.32
C ASN A 746 -25.11 -71.82 -14.81
N LEU A 747 -25.73 -71.88 -13.64
CA LEU A 747 -26.50 -70.74 -13.15
C LEU A 747 -25.60 -69.72 -12.47
N PHE A 748 -24.81 -70.13 -11.48
CA PHE A 748 -23.97 -69.21 -10.76
C PHE A 748 -22.66 -69.89 -10.42
N ARG A 749 -21.84 -69.19 -9.64
CA ARG A 749 -20.68 -69.78 -9.01
C ARG A 749 -20.54 -69.11 -7.66
N ALA A 750 -20.53 -69.88 -6.58
CA ALA A 750 -20.59 -69.23 -5.30
C ALA A 750 -19.69 -69.92 -4.29
N PRO A 751 -18.98 -69.15 -3.47
CA PRO A 751 -18.07 -69.77 -2.48
C PRO A 751 -18.84 -70.41 -1.34
N ILE A 752 -18.52 -71.67 -1.06
CA ILE A 752 -19.19 -72.44 -0.03
C ILE A 752 -18.18 -72.77 1.06
N TYR A 753 -18.70 -72.97 2.26
CA TYR A 753 -17.85 -73.17 3.44
C TYR A 753 -18.41 -74.30 4.26
N LEU A 754 -17.64 -75.36 4.44
CA LEU A 754 -18.12 -76.55 5.12
C LEU A 754 -18.14 -76.31 6.62
N HIS A 755 -19.31 -76.51 7.24
CA HIS A 755 -19.48 -76.50 8.67
C HIS A 755 -20.05 -77.84 9.10
N LYS A 756 -19.73 -78.23 10.32
CA LYS A 756 -20.35 -79.42 10.89
C LYS A 756 -21.75 -79.08 11.37
N MET A 757 -22.63 -80.08 11.33
CA MET A 757 -24.01 -79.89 11.71
C MET A 757 -24.12 -79.66 13.23
N PRO A 758 -25.22 -79.06 13.69
CA PRO A 758 -25.49 -79.04 15.12
C PRO A 758 -25.72 -80.45 15.65
N GLU A 759 -25.48 -80.63 16.94
CA GLU A 759 -25.61 -81.96 17.51
C GLU A 759 -27.04 -82.36 17.80
N THR A 760 -27.99 -81.44 17.61
CA THR A 760 -29.39 -81.68 17.96
C THR A 760 -30.28 -81.86 16.75
N ASP A 761 -29.83 -81.49 15.56
CA ASP A 761 -30.70 -81.44 14.39
C ASP A 761 -30.61 -82.71 13.56
N PHE A 762 -31.76 -83.26 13.20
CA PHE A 762 -31.91 -84.38 12.30
C PHE A 762 -32.76 -83.92 11.12
N LEU A 763 -32.89 -84.77 10.10
CA LEU A 763 -33.64 -84.40 8.91
C LEU A 763 -34.81 -85.36 8.74
N ILE A 764 -36.03 -84.83 8.81
CA ILE A 764 -37.23 -85.63 8.68
C ILE A 764 -37.79 -85.42 7.28
N ILE A 765 -37.86 -86.49 6.52
CA ILE A 765 -38.46 -86.51 5.19
C ILE A 765 -39.87 -87.05 5.37
N ARG A 766 -40.87 -86.19 5.22
CA ARG A 766 -42.24 -86.65 5.29
C ARG A 766 -42.80 -86.80 3.89
N THR A 767 -43.52 -87.88 3.67
CA THR A 767 -44.30 -88.14 2.48
C THR A 767 -45.71 -88.45 2.93
N ARG A 768 -46.53 -88.93 1.99
CA ARG A 768 -47.91 -89.24 2.31
C ARG A 768 -48.03 -90.45 3.21
N GLN A 769 -47.05 -91.36 3.15
CA GLN A 769 -47.12 -92.62 3.87
C GLN A 769 -46.58 -92.53 5.29
N GLY A 770 -45.51 -91.77 5.52
CA GLY A 770 -45.00 -91.65 6.86
C GLY A 770 -43.80 -90.74 6.92
N TYR A 771 -43.24 -90.65 8.12
CA TYR A 771 -42.04 -89.87 8.39
C TYR A 771 -40.82 -90.77 8.31
N TYR A 772 -39.71 -90.21 7.83
CA TYR A 772 -38.44 -90.91 7.75
C TYR A 772 -37.37 -89.99 8.29
N ILE A 773 -36.34 -90.53 8.94
CA ILE A 773 -35.34 -89.69 9.58
C ILE A 773 -33.95 -90.08 9.11
N ARG A 774 -33.16 -89.08 8.73
CA ARG A 774 -31.74 -89.22 8.50
C ARG A 774 -30.98 -88.34 9.48
N GLU A 775 -29.74 -88.70 9.76
CA GLU A 775 -28.88 -87.69 10.35
C GLU A 775 -28.16 -86.96 9.23
N LEU A 776 -27.73 -85.74 9.54
CA LEU A 776 -26.84 -84.99 8.69
C LEU A 776 -25.56 -84.70 9.45
N VAL A 777 -24.46 -84.68 8.72
CA VAL A 777 -23.16 -84.36 9.30
C VAL A 777 -22.48 -83.19 8.60
N ASP A 778 -22.81 -82.89 7.35
CA ASP A 778 -22.15 -81.84 6.58
C ASP A 778 -23.15 -80.80 6.12
N ILE A 779 -22.87 -79.53 6.44
CA ILE A 779 -23.70 -78.44 5.97
C ILE A 779 -22.80 -77.31 5.49
N PHE A 780 -23.00 -76.89 4.26
CA PHE A 780 -22.21 -75.83 3.66
C PHE A 780 -22.95 -74.52 3.84
N VAL A 781 -22.21 -73.43 3.95
CA VAL A 781 -22.76 -72.10 3.91
C VAL A 781 -22.33 -71.47 2.59
N VAL A 782 -23.29 -71.02 1.81
CA VAL A 782 -23.04 -70.52 0.48
C VAL A 782 -22.95 -69.01 0.55
N GLY A 783 -21.85 -68.47 0.09
CA GLY A 783 -21.66 -67.03 0.12
C GLY A 783 -22.46 -66.29 -0.94
N GLN A 784 -22.03 -65.09 -1.28
CA GLN A 784 -22.71 -64.30 -2.28
C GLN A 784 -22.47 -64.90 -3.66
N GLN A 785 -23.55 -65.12 -4.40
CA GLN A 785 -23.43 -65.77 -5.70
C GLN A 785 -22.82 -64.84 -6.73
N CYS A 786 -22.04 -65.41 -7.64
CA CYS A 786 -21.54 -64.72 -8.81
C CYS A 786 -22.34 -65.23 -9.99
N PRO A 787 -23.29 -64.45 -10.52
CA PRO A 787 -24.22 -65.00 -11.52
C PRO A 787 -23.55 -65.18 -12.88
N LEU A 788 -23.80 -66.34 -13.48
CA LEU A 788 -23.32 -66.65 -14.81
C LEU A 788 -24.41 -66.63 -15.86
N PHE A 789 -25.67 -66.52 -15.46
CA PHE A 789 -26.79 -66.43 -16.37
C PHE A 789 -27.54 -65.13 -16.10
N GLU A 790 -27.96 -64.46 -17.16
CA GLU A 790 -28.63 -63.18 -17.02
C GLU A 790 -30.12 -63.41 -16.87
N VAL A 791 -30.67 -62.99 -15.74
CA VAL A 791 -32.13 -63.00 -15.57
C VAL A 791 -32.75 -61.95 -16.49
N PRO A 792 -33.75 -62.29 -17.29
CA PRO A 792 -34.38 -61.28 -18.14
C PRO A 792 -35.20 -60.30 -17.32
N GLY A 793 -35.51 -59.17 -17.93
CA GLY A 793 -36.39 -58.22 -17.31
C GLY A 793 -37.82 -58.55 -17.59
N PRO A 794 -38.73 -57.87 -16.89
CA PRO A 794 -40.16 -58.04 -17.18
C PRO A 794 -40.52 -57.37 -18.49
N ASN A 795 -41.42 -58.03 -19.23
CA ASN A 795 -41.83 -57.66 -20.60
C ASN A 795 -40.66 -57.58 -21.57
N SER A 796 -39.55 -58.25 -21.29
CA SER A 796 -38.43 -58.23 -22.21
C SER A 796 -38.72 -59.10 -23.42
N LYS A 797 -37.84 -59.05 -24.42
CA LYS A 797 -37.99 -59.93 -25.56
C LYS A 797 -37.61 -61.35 -25.19
N ARG A 798 -36.56 -61.51 -24.38
CA ARG A 798 -36.15 -62.83 -23.89
C ARG A 798 -37.20 -63.41 -22.96
N ALA A 799 -37.89 -62.56 -22.19
CA ALA A 799 -38.95 -63.03 -21.30
C ALA A 799 -40.12 -63.59 -22.07
N ASN A 800 -40.63 -62.84 -23.04
CA ASN A 800 -41.76 -63.30 -23.85
C ASN A 800 -41.38 -64.50 -24.71
N THR A 801 -40.13 -64.55 -25.17
CA THR A 801 -39.66 -65.70 -25.92
C THR A 801 -39.63 -66.95 -25.04
N HIS A 802 -39.23 -66.81 -23.77
CA HIS A 802 -39.23 -67.98 -22.89
C HIS A 802 -40.63 -68.44 -22.57
N ILE A 803 -41.57 -67.50 -22.36
CA ILE A 803 -42.96 -67.88 -22.11
C ILE A 803 -43.56 -68.64 -23.29
N ARG A 804 -43.32 -68.14 -24.51
CA ARG A 804 -43.83 -68.79 -25.71
C ARG A 804 -43.20 -70.16 -25.92
N ASP A 805 -41.88 -70.27 -25.69
CA ASP A 805 -41.20 -71.55 -25.90
C ASP A 805 -41.58 -72.58 -24.84
N PHE A 806 -41.80 -72.13 -23.60
CA PHE A 806 -42.26 -73.04 -22.55
C PHE A 806 -43.64 -73.57 -22.84
N LEU A 807 -44.55 -72.71 -23.31
CA LEU A 807 -45.89 -73.15 -23.68
C LEU A 807 -45.85 -74.12 -24.86
N GLN A 808 -44.94 -73.88 -25.81
CA GLN A 808 -44.82 -74.77 -26.97
C GLN A 808 -44.27 -76.13 -26.57
N VAL A 809 -43.30 -76.15 -25.65
CA VAL A 809 -42.73 -77.41 -25.17
C VAL A 809 -43.77 -78.22 -24.41
N PHE A 810 -44.57 -77.55 -23.58
CA PHE A 810 -45.64 -78.23 -22.87
C PHE A 810 -46.68 -78.80 -23.83
N ILE A 811 -46.98 -78.08 -24.91
CA ILE A 811 -47.96 -78.55 -25.89
C ILE A 811 -47.43 -79.77 -26.64
N TYR A 812 -46.14 -79.75 -27.01
CA TYR A 812 -45.53 -80.89 -27.68
C TYR A 812 -45.48 -82.11 -26.77
N ARG A 813 -45.20 -81.92 -25.49
CA ARG A 813 -45.14 -83.06 -24.59
C ARG A 813 -46.53 -83.59 -24.26
N LEU A 814 -47.57 -82.75 -24.34
CA LEU A 814 -48.92 -83.28 -24.24
C LEU A 814 -49.31 -84.05 -25.48
N PHE A 815 -48.80 -83.65 -26.65
CA PHE A 815 -49.08 -84.42 -27.86
C PHE A 815 -48.36 -85.75 -27.85
N TRP A 816 -47.15 -85.79 -27.27
CA TRP A 816 -46.41 -87.05 -27.19
C TRP A 816 -47.08 -88.02 -26.23
N LYS A 817 -47.69 -87.50 -25.15
CA LYS A 817 -48.36 -88.33 -24.16
C LYS A 817 -49.71 -88.86 -24.64
N SER A 818 -50.22 -88.37 -25.76
CA SER A 818 -51.54 -88.76 -26.22
C SER A 818 -51.51 -90.16 -26.82
N LYS A 819 -52.48 -90.99 -26.46
CA LYS A 819 -52.45 -92.41 -26.90
C LYS A 819 -53.26 -92.57 -28.19
N ASP A 820 -54.09 -91.59 -28.51
CA ASP A 820 -54.96 -91.69 -29.73
C ASP A 820 -54.09 -91.73 -30.98
N ARG A 821 -54.44 -92.58 -31.95
CA ARG A 821 -53.60 -92.76 -33.16
C ARG A 821 -53.49 -91.49 -34.02
N PRO A 822 -54.54 -90.66 -34.22
CA PRO A 822 -54.32 -89.26 -34.56
C PRO A 822 -54.12 -88.58 -33.20
N ARG A 823 -52.90 -88.13 -32.92
CA ARG A 823 -52.61 -87.55 -31.58
C ARG A 823 -53.51 -86.34 -31.35
N ARG A 824 -54.18 -86.30 -30.21
CA ARG A 824 -55.14 -85.24 -29.93
C ARG A 824 -55.04 -84.84 -28.47
N ILE A 825 -55.21 -83.55 -28.22
CA ILE A 825 -55.16 -83.00 -26.86
C ILE A 825 -56.44 -82.19 -26.63
N ARG A 826 -56.63 -81.79 -25.38
CA ARG A 826 -57.74 -80.93 -25.00
C ARG A 826 -57.20 -79.57 -24.61
N MET A 827 -58.02 -78.53 -24.85
CA MET A 827 -57.57 -77.17 -24.59
C MET A 827 -57.53 -76.86 -23.10
N GLU A 828 -58.48 -77.36 -22.33
CA GLU A 828 -58.53 -77.05 -20.92
C GLU A 828 -57.50 -77.79 -20.08
N ASP A 829 -56.77 -78.75 -20.64
CA ASP A 829 -55.53 -79.19 -19.99
C ASP A 829 -54.48 -78.09 -20.00
N ILE A 830 -54.33 -77.42 -21.15
CA ILE A 830 -53.41 -76.30 -21.25
C ILE A 830 -53.92 -75.11 -20.46
N LYS A 831 -55.23 -74.95 -20.35
CA LYS A 831 -55.77 -73.87 -19.55
C LYS A 831 -55.63 -74.15 -18.06
N LYS A 832 -55.56 -75.42 -17.67
CA LYS A 832 -55.26 -75.76 -16.29
C LYS A 832 -53.79 -75.51 -15.99
N ALA A 833 -52.91 -75.77 -16.95
CA ALA A 833 -51.48 -75.58 -16.70
C ALA A 833 -51.10 -74.11 -16.69
N PHE A 834 -51.53 -73.37 -17.70
CA PHE A 834 -51.24 -71.95 -17.86
C PHE A 834 -52.52 -71.15 -17.73
N PRO A 835 -53.02 -70.86 -16.52
CA PRO A 835 -54.30 -70.17 -16.41
C PRO A 835 -54.21 -68.66 -16.54
N SER A 836 -53.02 -68.09 -16.42
CA SER A 836 -52.86 -66.65 -16.63
C SER A 836 -52.80 -66.29 -18.11
N HIS A 837 -52.57 -67.28 -18.98
CA HIS A 837 -52.48 -67.02 -20.40
C HIS A 837 -53.85 -66.72 -20.97
N SER A 838 -53.93 -65.68 -21.80
CA SER A 838 -55.09 -65.49 -22.63
C SER A 838 -55.16 -66.62 -23.63
N GLU A 839 -56.37 -67.06 -23.96
CA GLU A 839 -56.53 -68.21 -24.84
C GLU A 839 -56.19 -67.91 -26.28
N SER A 840 -55.97 -66.62 -26.58
CA SER A 840 -55.54 -66.20 -27.94
C SER A 840 -54.10 -66.66 -28.16
N SER A 841 -53.28 -66.65 -27.09
CA SER A 841 -51.88 -67.07 -27.21
C SER A 841 -51.76 -68.59 -27.31
N ILE A 842 -52.59 -69.31 -26.55
CA ILE A 842 -52.61 -70.76 -26.63
C ILE A 842 -53.10 -71.22 -28.00
N ARG A 843 -54.15 -70.54 -28.52
CA ARG A 843 -54.63 -70.85 -29.89
C ARG A 843 -53.48 -70.60 -30.85
N LYS A 844 -52.75 -69.48 -30.67
CA LYS A 844 -51.66 -69.15 -31.58
C LYS A 844 -50.62 -70.25 -31.59
N ARG A 845 -50.35 -70.85 -30.44
CA ARG A 845 -49.38 -71.95 -30.41
C ARG A 845 -49.95 -73.21 -31.05
N LEU A 846 -51.26 -73.42 -30.93
CA LEU A 846 -51.89 -74.59 -31.52
C LEU A 846 -52.29 -74.39 -32.97
N LYS A 847 -52.17 -73.18 -33.52
CA LYS A 847 -52.64 -72.89 -34.87
C LYS A 847 -51.82 -73.65 -35.90
N LEU A 848 -50.52 -73.36 -35.95
CA LEU A 848 -49.60 -74.33 -36.51
C LEU A 848 -49.52 -75.50 -35.55
N CYS A 849 -49.40 -76.70 -36.11
CA CYS A 849 -49.24 -78.06 -35.55
C CYS A 849 -50.53 -78.72 -35.07
N ALA A 850 -51.70 -78.08 -35.13
CA ALA A 850 -52.93 -78.73 -34.69
C ALA A 850 -54.10 -78.07 -35.37
N ASP A 851 -55.24 -78.78 -35.35
CA ASP A 851 -56.49 -78.19 -35.81
C ASP A 851 -57.64 -78.71 -34.96
N PHE A 852 -58.67 -77.88 -34.85
CA PHE A 852 -59.80 -78.15 -33.97
C PHE A 852 -60.87 -78.91 -34.73
N LYS A 853 -61.31 -80.05 -34.19
CA LYS A 853 -62.41 -80.78 -34.78
C LYS A 853 -63.66 -80.51 -33.97
N ARG A 854 -64.68 -79.95 -34.60
CA ARG A 854 -65.92 -79.62 -33.93
C ARG A 854 -66.92 -80.77 -33.97
N THR A 855 -67.04 -81.46 -35.09
CA THR A 855 -68.08 -82.46 -35.30
C THR A 855 -67.46 -83.79 -35.67
N GLY A 856 -68.29 -84.83 -35.61
CA GLY A 856 -67.85 -86.17 -35.95
C GLY A 856 -66.96 -86.76 -34.87
N MET A 857 -66.05 -87.62 -35.31
CA MET A 857 -65.05 -88.17 -34.41
C MET A 857 -64.05 -87.07 -34.05
N ASP A 858 -63.38 -87.27 -32.90
CA ASP A 858 -62.39 -86.35 -32.33
C ASP A 858 -62.99 -84.98 -32.03
N SER A 859 -64.29 -84.92 -31.75
CA SER A 859 -64.98 -83.66 -31.58
C SER A 859 -64.56 -83.00 -30.27
N ASN A 860 -64.38 -81.67 -30.32
CA ASN A 860 -63.84 -80.83 -29.25
C ASN A 860 -62.42 -81.24 -28.85
N TRP A 861 -61.66 -81.78 -29.80
CA TRP A 861 -60.26 -82.09 -29.60
C TRP A 861 -59.42 -81.32 -30.61
N TRP A 862 -58.16 -81.07 -30.22
CA TRP A 862 -57.18 -80.38 -31.11
C TRP A 862 -56.28 -81.47 -31.69
N VAL A 863 -56.64 -82.08 -32.81
CA VAL A 863 -55.85 -83.18 -33.37
C VAL A 863 -54.58 -82.63 -34.00
N LEU A 864 -53.56 -83.47 -34.06
CA LEU A 864 -52.31 -83.09 -34.69
C LEU A 864 -52.44 -83.17 -36.19
N LYS A 865 -51.87 -82.20 -36.89
CA LYS A 865 -51.91 -82.19 -38.34
C LYS A 865 -51.09 -83.34 -38.90
N SER A 866 -51.60 -83.92 -39.99
CA SER A 866 -51.00 -85.15 -40.53
C SER A 866 -49.66 -84.88 -41.21
N ASP A 867 -49.46 -83.68 -41.73
CA ASP A 867 -48.18 -83.33 -42.33
C ASP A 867 -47.15 -82.89 -41.31
N PHE A 868 -47.58 -82.56 -40.09
CA PHE A 868 -46.68 -82.04 -39.08
C PHE A 868 -45.90 -83.19 -38.46
N ARG A 869 -44.58 -83.13 -38.52
CA ARG A 869 -43.73 -84.05 -37.79
C ARG A 869 -43.53 -83.51 -36.38
N LEU A 870 -44.04 -84.26 -35.40
CA LEU A 870 -43.83 -83.91 -34.02
C LEU A 870 -42.34 -84.02 -33.69
N PRO A 871 -41.75 -83.01 -33.05
CA PRO A 871 -40.30 -83.03 -32.82
C PRO A 871 -39.89 -84.14 -31.86
N THR A 872 -38.67 -84.64 -32.06
CA THR A 872 -38.13 -85.71 -31.24
C THR A 872 -37.77 -85.18 -29.86
N GLU A 873 -37.32 -86.07 -28.98
CA GLU A 873 -37.07 -85.70 -27.59
C GLU A 873 -35.90 -84.74 -27.47
N GLU A 874 -34.85 -84.93 -28.27
CA GLU A 874 -33.70 -84.05 -28.19
C GLU A 874 -33.98 -82.66 -28.76
N GLU A 875 -34.88 -82.55 -29.75
CA GLU A 875 -35.27 -81.23 -30.25
C GLU A 875 -36.08 -80.46 -29.21
N ILE A 876 -36.99 -81.15 -28.52
CA ILE A 876 -37.77 -80.53 -27.45
C ILE A 876 -36.87 -80.13 -26.30
N ARG A 877 -35.83 -80.92 -26.03
CA ARG A 877 -34.85 -80.53 -25.02
C ARG A 877 -34.02 -79.34 -25.49
N ALA A 878 -33.76 -79.23 -26.78
CA ALA A 878 -33.01 -78.09 -27.28
C ALA A 878 -33.84 -76.82 -27.37
N MET A 879 -35.17 -76.94 -27.26
CA MET A 879 -36.02 -75.75 -27.29
C MET A 879 -35.83 -74.89 -26.04
N VAL A 880 -36.13 -75.45 -24.86
CA VAL A 880 -35.96 -74.74 -23.59
C VAL A 880 -35.00 -75.53 -22.71
N SER A 881 -34.09 -74.83 -22.09
CA SER A 881 -33.08 -75.21 -21.10
C SER A 881 -33.63 -75.00 -19.70
N PRO A 882 -33.21 -75.80 -18.72
CA PRO A 882 -33.70 -75.60 -17.34
C PRO A 882 -33.21 -74.31 -16.69
N GLU A 883 -32.03 -73.84 -17.06
CA GLU A 883 -31.50 -72.61 -16.49
C GLU A 883 -32.30 -71.39 -16.95
N GLN A 884 -32.85 -71.44 -18.16
CA GLN A 884 -33.76 -70.38 -18.59
C GLN A 884 -35.04 -70.37 -17.77
N CYS A 885 -35.51 -71.55 -17.37
CA CYS A 885 -36.67 -71.62 -16.48
C CYS A 885 -36.35 -71.07 -15.10
N CYS A 886 -35.14 -71.32 -14.60
CA CYS A 886 -34.76 -70.75 -13.30
C CYS A 886 -34.62 -69.23 -13.38
N ALA A 887 -34.09 -68.71 -14.49
CA ALA A 887 -34.00 -67.27 -14.66
C ALA A 887 -35.39 -66.64 -14.76
N TYR A 888 -36.32 -67.31 -15.44
CA TYR A 888 -37.69 -66.79 -15.51
C TYR A 888 -38.38 -66.82 -14.16
N TYR A 889 -38.14 -67.87 -13.37
CA TYR A 889 -38.75 -67.95 -12.05
C TYR A 889 -38.18 -66.90 -11.12
N SER A 890 -36.88 -66.60 -11.24
CA SER A 890 -36.29 -65.51 -10.47
C SER A 890 -36.88 -64.17 -10.86
N MET A 891 -37.12 -63.96 -12.16
CA MET A 891 -37.72 -62.71 -12.61
C MET A 891 -39.14 -62.53 -12.09
N ILE A 892 -39.96 -63.58 -12.14
CA ILE A 892 -41.35 -63.40 -11.73
C ILE A 892 -41.47 -63.33 -10.21
N ALA A 893 -40.58 -64.01 -9.47
CA ALA A 893 -40.58 -63.87 -8.02
C ALA A 893 -40.15 -62.48 -7.59
N ALA A 894 -39.16 -61.90 -8.28
CA ALA A 894 -38.73 -60.54 -7.96
C ALA A 894 -39.76 -59.52 -8.37
N GLU A 895 -40.46 -59.77 -9.49
CA GLU A 895 -41.60 -58.96 -9.88
C GLU A 895 -42.66 -58.93 -8.79
N GLN A 896 -42.97 -60.08 -8.18
CA GLN A 896 -43.98 -60.12 -7.10
C GLN A 896 -43.48 -59.36 -5.89
N ARG A 897 -42.22 -59.57 -5.47
CA ARG A 897 -41.70 -58.90 -4.25
C ARG A 897 -41.70 -57.40 -4.45
N LEU A 898 -41.23 -56.91 -5.61
CA LEU A 898 -41.23 -55.46 -5.91
C LEU A 898 -42.68 -54.96 -5.94
N LYS A 899 -43.58 -55.71 -6.58
CA LYS A 899 -44.99 -55.27 -6.71
C LYS A 899 -45.61 -55.13 -5.33
N ASP A 900 -45.35 -56.11 -4.45
CA ASP A 900 -45.91 -56.07 -3.07
C ASP A 900 -45.33 -54.88 -2.32
N ALA A 901 -44.03 -54.62 -2.46
CA ALA A 901 -43.40 -53.45 -1.81
C ALA A 901 -43.54 -52.21 -2.70
N GLY A 902 -44.77 -51.72 -2.88
CA GLY A 902 -45.00 -50.53 -3.72
C GLY A 902 -44.35 -50.64 -5.09
N ASP A 924 -36.31 -46.23 -6.40
CA ASP A 924 -35.50 -46.82 -7.51
C ASP A 924 -34.41 -47.72 -6.92
N ASP A 925 -34.14 -47.57 -5.61
CA ASP A 925 -33.07 -48.38 -4.97
C ASP A 925 -33.46 -49.86 -5.04
N GLU A 926 -34.72 -50.17 -4.75
CA GLU A 926 -35.19 -51.57 -4.78
C GLU A 926 -35.10 -52.10 -6.21
N VAL A 927 -35.44 -51.26 -7.19
CA VAL A 927 -35.39 -51.68 -8.63
C VAL A 927 -33.96 -52.03 -9.02
N ARG A 928 -32.97 -51.31 -8.48
CA ARG A 928 -31.54 -51.65 -8.74
C ARG A 928 -31.23 -53.05 -8.19
N THR A 929 -31.82 -53.41 -7.06
CA THR A 929 -31.56 -54.74 -6.43
C THR A 929 -32.33 -55.85 -7.14
N ALA A 930 -33.05 -55.54 -8.23
CA ALA A 930 -33.76 -56.57 -8.96
C ALA A 930 -32.77 -57.40 -9.77
N PRO A 931 -32.97 -58.72 -9.87
CA PRO A 931 -31.95 -59.60 -10.43
C PRO A 931 -31.65 -59.39 -11.90
N TRP A 932 -32.55 -58.79 -12.68
CA TRP A 932 -32.17 -58.51 -14.06
C TRP A 932 -31.10 -57.44 -14.12
N ASN A 933 -31.22 -56.41 -13.29
CA ASN A 933 -30.22 -55.36 -13.20
C ASN A 933 -28.90 -55.88 -12.65
N THR A 934 -28.95 -56.66 -11.55
CA THR A 934 -27.72 -57.12 -10.93
C THR A 934 -27.01 -58.18 -11.78
N THR A 935 -27.77 -59.04 -12.45
CA THR A 935 -27.13 -60.04 -13.32
C THR A 935 -26.52 -59.38 -14.54
N ARG A 936 -27.20 -58.39 -15.13
CA ARG A 936 -26.62 -57.64 -16.23
C ARG A 936 -25.35 -56.91 -15.80
N ALA A 937 -25.37 -56.32 -14.61
CA ALA A 937 -24.21 -55.61 -14.09
C ALA A 937 -23.02 -56.53 -13.87
N PHE A 938 -23.26 -57.71 -13.28
CA PHE A 938 -22.14 -58.60 -13.00
C PHE A 938 -21.58 -59.21 -14.26
N ILE A 939 -22.43 -59.60 -15.21
CA ILE A 939 -21.91 -60.22 -16.42
C ILE A 939 -21.18 -59.17 -17.28
N ALA A 940 -21.67 -57.93 -17.28
CA ALA A 940 -20.95 -56.85 -17.97
C ALA A 940 -19.63 -56.54 -17.29
N ALA A 941 -19.57 -56.62 -15.97
CA ALA A 941 -18.30 -56.43 -15.28
C ALA A 941 -17.32 -57.55 -15.57
N MET A 942 -17.83 -58.76 -15.78
CA MET A 942 -16.92 -59.86 -16.11
C MET A 942 -16.39 -59.77 -17.53
N LYS A 943 -17.15 -59.18 -18.46
CA LYS A 943 -16.50 -58.97 -19.76
C LYS A 943 -15.55 -57.77 -19.75
N GLY A 944 -15.60 -56.93 -18.72
CA GLY A 944 -14.80 -55.72 -18.69
C GLY A 944 -15.46 -54.50 -19.29
N LYS A 945 -16.76 -54.58 -19.64
CA LYS A 945 -17.53 -53.41 -20.08
C LYS A 945 -17.47 -52.29 -19.07
N CYS A 946 -17.80 -52.59 -17.81
CA CYS A 946 -18.00 -51.55 -16.81
C CYS A 946 -17.53 -52.06 -15.47
N LEU A 947 -17.52 -51.17 -14.49
CA LEU A 947 -17.18 -51.53 -13.13
C LEU A 947 -18.41 -51.46 -12.24
N LEU A 948 -18.30 -52.04 -11.06
CA LEU A 948 -19.38 -52.07 -10.10
C LEU A 948 -18.97 -51.36 -8.83
N GLU A 949 -19.86 -50.54 -8.29
CA GLU A 949 -19.66 -50.04 -6.95
C GLU A 949 -19.86 -51.18 -5.96
N VAL A 950 -18.79 -51.57 -5.27
CA VAL A 950 -18.88 -52.74 -4.41
C VAL A 950 -19.54 -52.42 -3.08
N THR A 951 -19.63 -51.14 -2.72
CA THR A 951 -20.46 -50.71 -1.60
C THR A 951 -21.62 -49.90 -2.15
N GLY A 952 -22.84 -50.31 -1.82
CA GLY A 952 -24.00 -49.67 -2.35
C GLY A 952 -25.25 -50.16 -1.67
N VAL A 953 -26.38 -50.07 -2.38
CA VAL A 953 -27.66 -50.53 -1.84
C VAL A 953 -28.09 -51.87 -2.37
N ALA A 954 -27.45 -52.38 -3.43
CA ALA A 954 -27.75 -53.71 -3.95
C ALA A 954 -27.12 -54.82 -3.12
N ASP A 955 -26.33 -54.45 -2.12
CA ASP A 955 -25.70 -55.29 -1.10
C ASP A 955 -26.73 -56.15 -0.40
N PRO A 956 -26.70 -57.48 -0.56
CA PRO A 956 -27.75 -58.32 0.03
C PRO A 956 -27.62 -58.50 1.54
N THR A 957 -26.49 -58.11 2.13
CA THR A 957 -26.33 -58.19 3.57
C THR A 957 -27.02 -57.03 4.27
N GLY A 958 -26.89 -55.82 3.72
CA GLY A 958 -27.34 -54.64 4.41
C GLY A 958 -26.29 -54.02 5.31
N CYS A 959 -25.11 -54.64 5.39
CA CYS A 959 -23.95 -54.10 6.08
C CYS A 959 -22.76 -54.10 5.13
N GLY A 960 -21.56 -53.89 5.66
CA GLY A 960 -20.38 -53.81 4.82
C GLY A 960 -19.96 -55.13 4.19
N GLU A 961 -20.43 -56.25 4.71
CA GLU A 961 -20.12 -57.54 4.12
C GLU A 961 -20.90 -57.73 2.83
N GLY A 962 -20.30 -58.43 1.87
CA GLY A 962 -20.95 -58.69 0.61
C GLY A 962 -20.81 -57.54 -0.37
N PHE A 963 -21.01 -57.86 -1.65
CA PHE A 963 -20.85 -56.94 -2.76
C PHE A 963 -22.20 -56.36 -3.17
N SER A 964 -22.16 -55.35 -4.02
CA SER A 964 -23.36 -54.83 -4.69
C SER A 964 -23.08 -54.81 -6.18
N TYR A 965 -23.93 -55.46 -6.96
CA TYR A 965 -23.72 -55.57 -8.40
C TYR A 965 -24.61 -54.56 -9.11
N VAL A 966 -24.15 -53.32 -9.16
CA VAL A 966 -24.79 -52.29 -9.97
C VAL A 966 -23.70 -51.53 -10.72
N LYS A 967 -24.01 -51.17 -11.96
CA LYS A 967 -23.00 -50.68 -12.90
C LYS A 967 -22.54 -49.28 -12.53
N ILE A 968 -21.23 -49.07 -12.61
CA ILE A 968 -20.66 -47.73 -12.53
C ILE A 968 -19.84 -47.60 -13.82
N PRO A 969 -19.67 -46.40 -14.38
CA PRO A 969 -18.78 -46.28 -15.53
C PRO A 969 -17.34 -46.51 -15.12
N ASN A 970 -16.59 -46.98 -16.12
CA ASN A 970 -15.14 -47.19 -15.91
C ASN A 970 -14.40 -45.83 -15.93
N LYS A 971 -15.13 -44.71 -15.93
CA LYS A 971 -14.49 -43.35 -15.89
C LYS A 971 -15.24 -42.43 -14.92
N ARG A 1052 -5.01 -36.36 -11.61
CA ARG A 1052 -6.43 -36.41 -11.99
C ARG A 1052 -6.69 -37.75 -12.70
N PHE A 1053 -6.24 -38.85 -12.11
CA PHE A 1053 -6.34 -40.14 -12.84
C PHE A 1053 -7.78 -40.51 -13.15
N SER A 1054 -8.05 -40.89 -14.40
CA SER A 1054 -9.40 -41.38 -14.77
C SER A 1054 -9.29 -42.86 -15.19
N VAL A 1055 -8.10 -43.48 -15.04
CA VAL A 1055 -7.90 -44.87 -15.57
C VAL A 1055 -7.35 -45.86 -14.53
N ALA A 1056 -6.04 -45.82 -14.18
CA ALA A 1056 -5.51 -46.85 -13.28
C ALA A 1056 -6.09 -46.57 -11.92
N GLU A 1057 -6.27 -45.32 -11.51
CA GLU A 1057 -6.74 -45.08 -10.12
C GLU A 1057 -8.08 -45.77 -9.91
N HIS A 1058 -9.06 -45.52 -10.79
CA HIS A 1058 -10.41 -46.09 -10.58
C HIS A 1058 -10.27 -47.61 -10.67
N GLN A 1059 -9.55 -48.10 -11.66
CA GLN A 1059 -9.54 -49.58 -11.79
C GLN A 1059 -8.93 -50.22 -10.54
N GLU A 1060 -7.80 -49.72 -10.04
CA GLU A 1060 -7.10 -50.34 -8.89
C GLU A 1060 -7.94 -50.19 -7.64
N ARG A 1061 -8.62 -49.05 -7.50
CA ARG A 1061 -9.44 -48.83 -6.31
C ARG A 1061 -10.55 -49.89 -6.30
N TYR A 1062 -11.19 -50.09 -7.46
CA TYR A 1062 -12.28 -51.08 -7.51
C TYR A 1062 -11.68 -52.45 -7.18
N LYS A 1063 -10.52 -52.76 -7.75
CA LYS A 1063 -9.93 -54.10 -7.54
C LYS A 1063 -9.65 -54.31 -6.05
N GLU A 1064 -9.07 -53.33 -5.38
CA GLU A 1064 -8.70 -53.57 -3.97
C GLU A 1064 -9.97 -53.65 -3.16
N GLU A 1065 -10.98 -52.84 -3.46
CA GLU A 1065 -12.19 -52.98 -2.62
C GLU A 1065 -12.77 -54.38 -2.83
N CYS A 1066 -12.70 -54.89 -4.06
CA CYS A 1066 -13.16 -56.27 -4.33
C CYS A 1066 -12.35 -57.25 -3.50
N GLN A 1067 -11.01 -57.18 -3.47
CA GLN A 1067 -10.30 -58.20 -2.66
C GLN A 1067 -10.64 -58.03 -1.18
N ARG A 1068 -10.76 -56.80 -0.73
CA ARG A 1068 -11.06 -56.66 0.69
C ARG A 1068 -12.41 -57.30 0.99
N ILE A 1069 -13.46 -57.04 0.19
CA ILE A 1069 -14.79 -57.60 0.56
C ILE A 1069 -14.73 -59.12 0.45
N PHE A 1070 -14.03 -59.63 -0.56
CA PHE A 1070 -14.04 -61.10 -0.73
C PHE A 1070 -13.44 -61.67 0.54
N ASP A 1071 -12.30 -61.12 0.99
CA ASP A 1071 -11.59 -61.65 2.20
C ASP A 1071 -12.37 -61.42 3.50
N LEU A 1072 -13.17 -60.35 3.63
CA LEU A 1072 -13.98 -60.20 4.85
C LEU A 1072 -15.07 -61.26 4.83
N GLN A 1073 -15.71 -61.47 3.69
CA GLN A 1073 -16.82 -62.46 3.65
C GLN A 1073 -16.26 -63.83 3.94
N ASN A 1074 -15.11 -64.18 3.36
CA ASN A 1074 -14.62 -65.54 3.63
C ASN A 1074 -14.45 -65.69 5.14
N LYS A 1075 -13.79 -64.72 5.75
CA LYS A 1075 -13.52 -64.94 7.19
C LYS A 1075 -14.81 -65.02 7.98
N VAL A 1076 -15.74 -64.09 7.77
CA VAL A 1076 -16.94 -64.10 8.65
C VAL A 1076 -17.67 -65.42 8.45
N LEU A 1077 -17.82 -65.84 7.20
CA LEU A 1077 -18.63 -67.05 6.96
C LEU A 1077 -17.93 -68.28 7.55
N SER A 1078 -16.63 -68.44 7.38
CA SER A 1078 -16.03 -69.68 7.90
C SER A 1078 -15.81 -69.63 9.42
N SER A 1079 -16.06 -68.49 10.07
CA SER A 1079 -15.97 -68.43 11.56
C SER A 1079 -16.77 -69.52 12.32
N THR A 1080 -16.10 -70.31 13.14
CA THR A 1080 -16.83 -71.28 14.00
C THR A 1080 -17.00 -70.65 15.39
N GLU A 1081 -16.72 -69.35 15.49
CA GLU A 1081 -16.92 -68.63 16.78
C GLU A 1081 -18.41 -68.58 17.09
N VAL A 1082 -18.81 -68.84 18.33
CA VAL A 1082 -20.24 -68.71 18.73
C VAL A 1082 -20.62 -67.23 18.74
N LEU A 1083 -21.81 -66.89 18.23
CA LEU A 1083 -22.29 -65.49 18.24
C LEU A 1083 -23.42 -65.37 19.26
N SER A 1084 -23.34 -64.40 20.17
CA SER A 1084 -24.36 -64.27 21.24
C SER A 1084 -25.72 -63.87 20.66
N THR A 1085 -26.80 -64.45 21.17
CA THR A 1085 -28.16 -64.04 20.71
C THR A 1085 -28.34 -62.58 21.13
N ASP A 1086 -28.94 -61.75 20.27
CA ASP A 1086 -29.05 -60.30 20.58
C ASP A 1086 -30.49 -59.99 20.99
N ALA A 1160 -44.83 -39.83 5.28
CA ALA A 1160 -44.20 -38.53 5.12
C ALA A 1160 -45.07 -37.43 5.72
N THR A 1161 -46.37 -37.56 5.52
CA THR A 1161 -47.36 -36.59 5.99
C THR A 1161 -47.68 -36.76 7.48
N GLY A 1162 -47.28 -37.88 8.09
CA GLY A 1162 -47.67 -38.14 9.49
C GLY A 1162 -49.18 -38.15 9.62
N ARG A 1163 -49.87 -38.75 8.65
CA ARG A 1163 -51.37 -38.72 8.64
C ARG A 1163 -51.95 -40.13 8.67
N CYS A 1164 -52.85 -40.41 9.63
CA CYS A 1164 -53.54 -41.73 9.68
C CYS A 1164 -54.78 -41.72 8.77
N LEU A 1165 -55.41 -42.87 8.56
CA LEU A 1165 -56.60 -42.96 7.66
C LEU A 1165 -57.83 -43.36 8.48
N LYS A 1166 -58.94 -42.62 8.35
CA LYS A 1166 -60.19 -43.00 9.06
C LYS A 1166 -61.34 -43.21 8.06
N ILE A 1167 -62.09 -44.31 8.20
CA ILE A 1167 -63.17 -44.64 7.23
C ILE A 1167 -64.53 -44.70 7.93
N TYR A 1168 -65.55 -44.05 7.38
CA TYR A 1168 -66.92 -44.14 7.95
C TYR A 1168 -67.75 -45.08 7.08
N ARG A 1169 -68.39 -46.08 7.69
CA ARG A 1169 -69.16 -47.08 6.89
C ARG A 1169 -70.64 -47.08 7.32
N THR A 1170 -71.55 -47.01 6.34
CA THR A 1170 -73.01 -47.00 6.63
C THR A 1170 -73.61 -48.35 6.21
N PHE A 1171 -74.28 -49.05 7.12
CA PHE A 1171 -74.88 -50.37 6.79
C PHE A 1171 -76.30 -50.47 7.36
N ARG A 1172 -77.07 -51.45 6.87
CA ARG A 1172 -78.45 -51.66 7.40
C ARG A 1172 -78.49 -52.96 8.21
N ASP A 1173 -78.94 -52.88 9.47
CA ASP A 1173 -79.03 -54.08 10.36
C ASP A 1173 -80.31 -54.87 10.05
N GLU A 1174 -80.44 -56.08 10.60
CA GLU A 1174 -81.67 -56.90 10.41
C GLU A 1174 -82.90 -56.10 10.85
N GLU A 1175 -84.10 -56.47 10.38
CA GLU A 1175 -85.31 -55.63 10.66
C GLU A 1175 -85.04 -54.24 10.04
N GLY A 1176 -85.17 -53.17 10.82
CA GLY A 1176 -84.82 -51.85 10.27
C GLY A 1176 -83.83 -51.09 11.14
N LYS A 1177 -82.64 -50.77 10.62
CA LYS A 1177 -81.67 -49.92 11.37
C LYS A 1177 -80.68 -49.30 10.37
N GLU A 1178 -80.05 -48.18 10.72
CA GLU A 1178 -79.02 -47.57 9.84
C GLU A 1178 -77.81 -47.15 10.68
N TYR A 1179 -77.08 -48.13 11.25
CA TYR A 1179 -75.88 -47.81 12.06
C TYR A 1179 -74.71 -47.37 11.17
N VAL A 1180 -73.85 -46.48 11.69
CA VAL A 1180 -72.66 -46.01 10.91
C VAL A 1180 -71.40 -46.36 11.71
N ARG A 1181 -70.40 -46.96 11.06
CA ARG A 1181 -69.16 -47.40 11.77
C ARG A 1181 -67.99 -46.51 11.36
N CYS A 1182 -67.34 -45.84 12.30
CA CYS A 1182 -66.14 -45.03 11.96
C CYS A 1182 -64.90 -45.84 12.39
N GLU A 1183 -64.06 -46.23 11.43
CA GLU A 1183 -62.89 -47.09 11.75
C GLU A 1183 -61.61 -46.36 11.37
N THR A 1184 -60.64 -46.29 12.29
CA THR A 1184 -59.39 -45.53 12.03
C THR A 1184 -58.24 -46.51 11.80
N VAL A 1185 -57.52 -46.35 10.67
CA VAL A 1185 -56.36 -47.23 10.36
C VAL A 1185 -55.07 -46.46 10.66
N ARG A 1186 -54.31 -46.90 11.67
CA ARG A 1186 -53.07 -46.19 12.06
C ARG A 1186 -51.85 -46.87 11.43
N LYS A 1187 -52.06 -47.99 10.71
CA LYS A 1187 -50.98 -48.70 10.03
C LYS A 1187 -50.73 -48.10 8.64
N PRO A 1188 -49.59 -47.42 8.47
CA PRO A 1188 -49.28 -46.69 7.24
C PRO A 1188 -49.12 -47.61 6.04
N ALA A 1189 -48.92 -48.90 6.32
CA ALA A 1189 -48.83 -49.92 5.28
C ALA A 1189 -50.22 -50.25 4.73
N VAL A 1190 -51.18 -50.44 5.63
CA VAL A 1190 -52.58 -50.66 5.27
C VAL A 1190 -53.13 -49.45 4.53
N ILE A 1191 -52.74 -48.27 5.00
CA ILE A 1191 -53.11 -47.00 4.35
C ILE A 1191 -52.75 -46.99 2.87
N ASP A 1192 -51.48 -47.20 2.57
CA ASP A 1192 -50.96 -47.12 1.20
C ASP A 1192 -51.70 -48.04 0.24
N ALA A 1193 -51.89 -49.29 0.64
CA ALA A 1193 -52.56 -50.27 -0.19
C ALA A 1193 -54.05 -49.99 -0.36
N TYR A 1194 -54.67 -49.48 0.70
CA TYR A 1194 -56.08 -49.09 0.67
C TYR A 1194 -56.32 -47.97 -0.33
N VAL A 1195 -55.69 -46.82 -0.08
CA VAL A 1195 -55.81 -45.64 -0.92
C VAL A 1195 -55.51 -45.90 -2.40
N ARG A 1196 -54.46 -46.69 -2.66
CA ARG A 1196 -54.03 -46.97 -4.06
C ARG A 1196 -55.15 -47.63 -4.87
N ILE A 1197 -56.00 -48.44 -4.23
CA ILE A 1197 -57.11 -49.07 -4.93
C ILE A 1197 -58.20 -48.04 -5.27
N ARG A 1198 -58.54 -47.20 -4.29
CA ARG A 1198 -59.55 -46.13 -4.51
C ARG A 1198 -59.07 -45.24 -5.66
N THR A 1199 -57.86 -44.67 -5.58
CA THR A 1199 -57.30 -43.83 -6.63
C THR A 1199 -57.32 -44.53 -7.99
N THR A 1200 -57.16 -45.84 -7.97
CA THR A 1200 -57.23 -46.65 -9.18
C THR A 1200 -58.69 -46.84 -9.62
N LYS A 1201 -59.55 -47.17 -8.66
CA LYS A 1201 -60.98 -47.34 -8.94
C LYS A 1201 -61.63 -46.00 -9.29
N ASP A 1202 -61.05 -44.91 -8.81
CA ASP A 1202 -61.53 -43.56 -9.15
C ASP A 1202 -61.20 -43.24 -10.62
N GLU A 1203 -60.10 -43.81 -11.10
CA GLU A 1203 -59.69 -43.65 -12.50
C GLU A 1203 -60.22 -44.80 -13.35
N GLU A 1204 -60.72 -45.84 -12.70
CA GLU A 1204 -61.20 -47.03 -13.40
C GLU A 1204 -62.58 -46.80 -14.02
N PHE A 1205 -63.21 -45.69 -13.66
CA PHE A 1205 -64.47 -45.30 -14.27
C PHE A 1205 -64.24 -44.96 -15.75
N GLY B 19 5.15 -99.90 -23.84
CA GLY B 19 6.33 -100.69 -23.59
C GLY B 19 7.49 -100.36 -24.51
N PHE B 20 8.66 -100.13 -23.94
CA PHE B 20 9.86 -99.79 -24.69
C PHE B 20 10.90 -100.88 -24.49
N GLU B 21 11.29 -101.52 -25.59
CA GLU B 21 12.40 -102.46 -25.63
C GLU B 21 13.52 -101.86 -26.46
N SER B 22 14.74 -101.91 -25.92
CA SER B 22 15.85 -101.22 -26.55
C SER B 22 16.29 -101.94 -27.83
N PRO B 23 16.67 -101.21 -28.87
CA PRO B 23 17.35 -101.84 -30.01
C PRO B 23 18.80 -102.16 -29.72
N ARG B 24 19.40 -101.52 -28.74
CA ARG B 24 20.76 -101.80 -28.29
C ARG B 24 20.75 -102.99 -27.34
N PRO B 25 21.79 -103.83 -27.37
CA PRO B 25 21.87 -104.95 -26.42
C PRO B 25 22.41 -104.58 -25.05
N TYR B 26 22.73 -103.31 -24.82
CA TYR B 26 23.21 -102.83 -23.54
C TYR B 26 22.32 -101.67 -23.09
N LYS B 27 22.36 -101.37 -21.80
CA LYS B 27 21.65 -100.22 -21.25
C LYS B 27 22.66 -99.29 -20.60
N LEU B 28 22.66 -98.04 -21.03
CA LEU B 28 23.60 -97.04 -20.54
C LEU B 28 23.03 -96.34 -19.33
N THR B 29 23.81 -96.27 -18.26
CA THR B 29 23.35 -95.77 -16.97
C THR B 29 23.85 -94.35 -16.69
N HIS B 30 25.13 -94.12 -16.90
CA HIS B 30 25.79 -92.88 -16.50
C HIS B 30 26.86 -92.58 -17.54
N GLN B 31 27.06 -91.31 -17.81
CA GLN B 31 28.15 -90.91 -18.70
C GLN B 31 28.87 -89.71 -18.15
N VAL B 32 30.20 -89.78 -18.14
CA VAL B 32 31.06 -88.68 -17.74
C VAL B 32 31.68 -88.10 -19.00
N VAL B 33 31.50 -86.82 -19.22
CA VAL B 33 32.12 -86.11 -20.33
C VAL B 33 33.06 -85.08 -19.73
N CYS B 34 34.36 -85.27 -19.93
CA CYS B 34 35.37 -84.36 -19.44
C CYS B 34 36.07 -83.75 -20.63
N ILE B 35 36.16 -82.42 -20.65
CA ILE B 35 36.79 -81.69 -21.73
C ILE B 35 37.92 -80.87 -21.12
N ASN B 36 39.13 -81.07 -21.62
CA ASN B 36 40.30 -80.30 -21.26
C ASN B 36 40.78 -79.55 -22.49
N ASN B 37 41.67 -78.58 -22.27
CA ASN B 37 42.55 -78.01 -23.30
C ASN B 37 41.79 -77.44 -24.50
N ILE B 38 40.74 -76.66 -24.23
CA ILE B 38 40.03 -76.02 -25.33
C ILE B 38 40.94 -74.93 -25.89
N ASN B 39 41.58 -75.22 -27.00
CA ASN B 39 42.52 -74.31 -27.62
C ASN B 39 41.80 -73.53 -28.70
N PHE B 40 41.74 -72.21 -28.54
CA PHE B 40 41.00 -71.38 -29.48
C PHE B 40 41.82 -70.96 -30.68
N GLN B 41 43.14 -70.86 -30.50
CA GLN B 41 44.02 -70.56 -31.63
C GLN B 41 44.05 -71.70 -32.63
N ARG B 42 44.17 -72.92 -32.13
CA ARG B 42 44.29 -74.10 -32.97
C ARG B 42 42.96 -74.78 -33.25
N LYS B 43 41.88 -74.34 -32.58
CA LYS B 43 40.51 -74.86 -32.72
C LYS B 43 40.47 -76.37 -32.43
N SER B 44 40.81 -76.69 -31.18
CA SER B 44 41.08 -78.07 -30.80
C SER B 44 40.62 -78.32 -29.38
N VAL B 45 39.97 -79.46 -29.16
CA VAL B 45 39.67 -79.89 -27.79
C VAL B 45 40.23 -81.29 -27.59
N VAL B 46 40.58 -81.59 -26.34
CA VAL B 46 41.02 -82.91 -25.91
C VAL B 46 40.08 -83.33 -24.78
N GLY B 47 39.79 -84.61 -24.67
CA GLY B 47 39.00 -85.01 -23.53
C GLY B 47 38.89 -86.50 -23.42
N PHE B 48 38.08 -86.93 -22.47
CA PHE B 48 37.68 -88.32 -22.41
C PHE B 48 36.18 -88.40 -22.15
N VAL B 49 35.70 -89.63 -22.24
CA VAL B 49 34.30 -90.02 -22.09
C VAL B 49 34.32 -91.37 -21.39
N GLU B 50 33.56 -91.48 -20.30
CA GLU B 50 33.47 -92.74 -19.57
C GLU B 50 32.02 -93.14 -19.43
N LEU B 51 31.65 -94.23 -20.09
CA LEU B 51 30.30 -94.77 -20.10
C LEU B 51 30.19 -95.95 -19.17
N THR B 52 29.00 -96.12 -18.59
CA THR B 52 28.72 -97.17 -17.61
C THR B 52 27.55 -97.97 -18.15
N ILE B 53 27.84 -99.07 -18.84
CA ILE B 53 26.80 -99.86 -19.49
C ILE B 53 26.57 -101.15 -18.72
N PHE B 54 25.32 -101.59 -18.72
CA PHE B 54 24.91 -102.89 -18.22
C PHE B 54 24.47 -103.72 -19.40
N PRO B 55 25.14 -104.82 -19.72
CA PRO B 55 24.68 -105.67 -20.83
C PRO B 55 23.38 -106.37 -20.49
N THR B 56 22.45 -106.36 -21.45
CA THR B 56 21.18 -107.03 -21.25
C THR B 56 21.16 -108.42 -21.84
N VAL B 57 22.03 -108.65 -22.82
CA VAL B 57 22.16 -109.99 -23.43
C VAL B 57 23.56 -110.44 -23.11
N ALA B 58 23.73 -111.73 -22.85
CA ALA B 58 25.08 -112.26 -22.61
C ALA B 58 25.81 -112.41 -23.93
N ASN B 59 27.12 -112.66 -23.90
CA ASN B 59 27.92 -112.72 -25.14
C ASN B 59 27.84 -111.38 -25.86
N LEU B 60 27.94 -110.28 -25.12
CA LEU B 60 27.77 -108.97 -25.77
C LEU B 60 28.88 -108.85 -26.81
N ASN B 61 30.12 -109.20 -26.50
CA ASN B 61 31.17 -109.02 -27.53
C ASN B 61 31.12 -107.56 -27.99
N ARG B 62 31.03 -107.25 -29.27
CA ARG B 62 31.13 -105.83 -29.71
C ARG B 62 30.13 -104.87 -29.10
N ILE B 63 30.52 -103.62 -28.78
CA ILE B 63 29.62 -102.54 -28.29
C ILE B 63 29.72 -101.46 -29.36
N LYS B 64 28.63 -100.96 -29.92
CA LYS B 64 28.67 -100.01 -31.05
C LYS B 64 28.23 -98.62 -30.65
N LEU B 65 29.15 -97.63 -30.63
CA LEU B 65 28.89 -96.27 -30.22
C LEU B 65 28.96 -95.34 -31.42
N ASN B 66 28.47 -94.12 -31.24
CA ASN B 66 28.40 -93.14 -32.30
C ASN B 66 29.51 -92.11 -32.13
N SER B 67 30.22 -91.80 -33.21
CA SER B 67 31.29 -90.83 -33.17
C SER B 67 31.52 -90.30 -34.57
N LYS B 68 31.57 -88.99 -34.71
CA LYS B 68 31.98 -88.33 -35.93
C LYS B 68 33.01 -87.27 -35.58
N GLN B 69 34.02 -87.14 -36.44
CA GLN B 69 35.08 -86.14 -36.43
C GLN B 69 36.05 -86.25 -35.26
N CYS B 70 35.84 -87.15 -34.32
CA CYS B 70 36.72 -87.28 -33.17
C CYS B 70 37.80 -88.30 -33.48
N ARG B 71 39.03 -87.95 -33.17
CA ARG B 71 40.14 -88.89 -33.32
C ARG B 71 40.19 -89.70 -32.05
N ILE B 72 39.93 -90.98 -32.09
CA ILE B 72 39.87 -91.83 -30.90
C ILE B 72 41.28 -92.31 -30.58
N TYR B 73 41.81 -91.89 -29.44
CA TYR B 73 43.18 -92.26 -29.08
C TYR B 73 43.25 -93.66 -28.49
N ARG B 74 42.59 -93.87 -27.35
CA ARG B 74 42.59 -95.19 -26.73
C ARG B 74 41.22 -95.44 -26.09
N VAL B 75 40.89 -96.73 -25.97
CA VAL B 75 39.66 -97.20 -25.37
C VAL B 75 40.04 -98.29 -24.38
N ARG B 76 39.61 -98.13 -23.13
CA ARG B 76 39.84 -99.12 -22.09
C ARG B 76 38.51 -99.56 -21.50
N ILE B 77 38.22 -100.85 -21.52
CA ILE B 77 37.00 -101.39 -20.95
C ILE B 77 37.37 -102.08 -19.64
N ASN B 78 36.84 -101.56 -18.53
CA ASN B 78 37.15 -102.00 -17.16
C ASN B 78 38.64 -101.97 -16.88
N ASP B 79 39.28 -100.87 -17.32
CA ASP B 79 40.72 -100.61 -17.26
C ASP B 79 41.56 -101.66 -17.98
N LEU B 80 40.98 -102.37 -18.94
CA LEU B 80 41.69 -103.29 -19.81
C LEU B 80 41.67 -102.75 -21.22
N GLU B 81 42.81 -102.83 -21.90
CA GLU B 81 42.94 -102.23 -23.22
C GLU B 81 42.12 -103.03 -24.23
N ALA B 82 41.28 -102.33 -24.98
CA ALA B 82 40.39 -102.93 -25.95
C ALA B 82 40.68 -102.41 -27.34
N ALA B 83 40.24 -103.17 -28.35
CA ALA B 83 40.48 -102.85 -29.74
C ALA B 83 39.20 -102.33 -30.37
N PHE B 84 39.30 -101.19 -31.06
CA PHE B 84 38.17 -100.58 -31.74
C PHE B 84 38.46 -100.50 -33.22
N ILE B 85 37.40 -100.46 -34.02
CA ILE B 85 37.49 -100.16 -35.44
C ILE B 85 36.46 -99.10 -35.78
N TYR B 86 36.89 -98.10 -36.53
CA TYR B 86 36.06 -96.98 -36.91
C TYR B 86 35.86 -97.00 -38.42
N ASN B 87 34.60 -96.88 -38.84
CA ASN B 87 34.29 -96.59 -40.24
C ASN B 87 32.98 -95.82 -40.31
N ASP B 88 33.00 -94.75 -41.11
CA ASP B 88 31.83 -93.91 -41.32
C ASP B 88 31.38 -94.04 -42.77
N PRO B 89 30.29 -94.74 -43.06
CA PRO B 89 29.82 -94.84 -44.45
C PRO B 89 29.19 -93.58 -44.98
N THR B 90 28.87 -92.60 -44.13
CA THR B 90 28.25 -91.36 -44.58
C THR B 90 29.28 -90.30 -44.93
N LEU B 91 30.56 -90.63 -44.96
CA LEU B 91 31.56 -89.65 -45.38
C LEU B 91 31.54 -89.48 -46.90
N GLU B 92 31.61 -90.59 -47.62
CA GLU B 92 31.43 -90.63 -49.07
C GLU B 92 30.35 -91.65 -49.34
N VAL B 93 29.15 -91.19 -49.70
CA VAL B 93 27.97 -92.05 -49.71
C VAL B 93 28.05 -93.07 -50.84
N CYS B 94 28.27 -92.60 -52.06
CA CYS B 94 28.55 -93.47 -53.19
C CYS B 94 30.02 -93.40 -53.54
N HIS B 95 30.50 -94.42 -54.23
CA HIS B 95 31.90 -94.48 -54.62
C HIS B 95 32.24 -93.40 -55.63
N SER B 96 33.51 -93.02 -55.66
CA SER B 96 33.92 -91.96 -56.60
C SER B 96 33.94 -92.45 -58.03
N GLU B 97 34.17 -93.75 -58.24
CA GLU B 97 34.30 -94.33 -59.57
C GLU B 97 33.03 -94.99 -60.06
N SER B 98 31.89 -94.66 -59.49
CA SER B 98 30.61 -95.08 -60.04
C SER B 98 30.08 -93.96 -60.91
N LYS B 99 29.63 -94.32 -62.11
CA LYS B 99 29.17 -93.35 -63.08
C LYS B 99 27.69 -93.05 -62.98
N GLN B 100 27.04 -93.47 -61.89
CA GLN B 100 25.64 -93.12 -61.67
C GLN B 100 25.51 -91.63 -61.39
N ARG B 101 24.46 -91.02 -61.94
CA ARG B 101 24.23 -89.60 -61.74
C ARG B 101 22.77 -89.29 -61.45
N ASN B 102 21.91 -90.29 -61.28
CA ASN B 102 20.53 -90.05 -60.91
C ASN B 102 20.41 -89.89 -59.39
N LEU B 103 19.33 -89.23 -58.99
CA LEU B 103 19.16 -88.86 -57.58
C LEU B 103 18.51 -89.95 -56.75
N ASN B 104 17.70 -90.82 -57.36
CA ASN B 104 17.09 -91.91 -56.59
C ASN B 104 18.15 -92.89 -56.08
N TYR B 105 19.21 -93.09 -56.86
CA TYR B 105 20.34 -93.90 -56.42
C TYR B 105 21.02 -93.27 -55.20
N PHE B 106 21.24 -91.96 -55.23
CA PHE B 106 21.88 -91.30 -54.10
C PHE B 106 20.98 -91.27 -52.89
N SER B 107 19.66 -91.13 -53.08
CA SER B 107 18.77 -91.09 -51.93
C SER B 107 18.68 -92.45 -51.26
N ASN B 108 18.67 -93.53 -52.03
CA ASN B 108 18.66 -94.86 -51.43
C ASN B 108 20.01 -95.17 -50.77
N ALA B 109 21.12 -94.76 -51.39
CA ALA B 109 22.43 -95.00 -50.79
C ALA B 109 22.64 -94.17 -49.55
N TYR B 110 22.12 -92.94 -49.54
CA TYR B 110 22.24 -92.07 -48.38
C TYR B 110 21.36 -92.54 -47.24
N ALA B 111 20.16 -93.06 -47.55
CA ALA B 111 19.32 -93.64 -46.52
C ALA B 111 19.95 -94.89 -45.94
N ALA B 112 20.59 -95.72 -46.78
CA ALA B 112 21.24 -96.92 -46.28
C ALA B 112 22.48 -96.58 -45.45
N ALA B 113 23.19 -95.52 -45.83
CA ALA B 113 24.37 -95.11 -45.08
C ALA B 113 24.00 -94.53 -43.72
N VAL B 114 22.94 -93.73 -43.67
CA VAL B 114 22.48 -93.18 -42.40
C VAL B 114 21.88 -94.29 -41.54
N SER B 115 21.23 -95.28 -42.14
CA SER B 115 20.72 -96.40 -41.38
C SER B 115 21.83 -97.34 -40.91
N ALA B 116 23.01 -97.29 -41.53
CA ALA B 116 24.12 -98.11 -41.08
C ALA B 116 24.87 -97.51 -39.91
N VAL B 117 24.71 -96.21 -39.64
CA VAL B 117 25.26 -95.59 -38.45
C VAL B 117 24.18 -95.24 -37.44
N ASP B 118 22.97 -95.75 -37.65
CA ASP B 118 21.83 -95.37 -36.82
C ASP B 118 21.94 -96.01 -35.45
N PRO B 119 21.89 -95.24 -34.36
CA PRO B 119 21.76 -95.83 -33.04
C PRO B 119 20.35 -96.27 -32.70
N ASP B 120 19.38 -95.93 -33.56
CA ASP B 120 18.01 -96.40 -33.36
C ASP B 120 17.82 -97.82 -33.87
N ALA B 121 18.72 -98.30 -34.71
CA ALA B 121 18.95 -99.72 -34.88
C ALA B 121 20.06 -100.11 -33.90
N GLY B 122 20.61 -101.30 -34.05
CA GLY B 122 21.69 -101.63 -33.14
C GLY B 122 23.03 -101.04 -33.49
N ASN B 123 23.12 -100.29 -34.59
CA ASN B 123 24.39 -99.98 -35.22
C ASN B 123 25.07 -98.78 -34.58
N GLY B 124 26.14 -98.34 -35.22
CA GLY B 124 26.99 -97.29 -34.71
C GLY B 124 28.26 -97.30 -35.50
N GLU B 125 29.03 -96.21 -35.35
CA GLU B 125 30.19 -95.99 -36.20
C GLU B 125 31.47 -96.53 -35.60
N LEU B 126 31.59 -96.46 -34.28
CA LEU B 126 32.75 -96.96 -33.57
C LEU B 126 32.39 -98.32 -32.97
N CYS B 127 33.09 -99.36 -33.40
CA CYS B 127 32.81 -100.71 -32.95
C CYS B 127 33.95 -101.15 -32.03
N ILE B 128 33.67 -101.27 -30.74
CA ILE B 128 34.66 -101.63 -29.74
C ILE B 128 34.48 -103.11 -29.41
N LYS B 129 35.58 -103.85 -29.36
CA LYS B 129 35.54 -105.27 -29.07
C LYS B 129 35.85 -105.50 -27.59
N VAL B 130 34.98 -106.23 -26.93
CA VAL B 130 35.16 -106.54 -25.51
C VAL B 130 36.34 -107.49 -25.36
N PRO B 131 37.28 -107.24 -24.45
CA PRO B 131 38.39 -108.16 -24.23
C PRO B 131 37.92 -109.52 -23.73
N SER B 132 38.79 -110.51 -23.90
CA SER B 132 38.39 -111.90 -23.70
C SER B 132 38.15 -112.21 -22.22
N GLU B 133 38.99 -111.69 -21.33
CA GLU B 133 38.89 -111.95 -19.90
C GLU B 133 37.64 -111.36 -19.26
N LEU B 134 36.94 -110.46 -19.94
CA LEU B 134 35.69 -109.90 -19.43
C LEU B 134 34.48 -110.67 -19.92
N TRP B 135 34.65 -111.77 -20.66
CA TRP B 135 33.48 -112.49 -21.13
C TRP B 135 32.75 -113.18 -19.97
N LYS B 136 33.49 -113.70 -19.00
CA LYS B 136 32.89 -114.17 -17.77
C LYS B 136 32.32 -113.04 -16.91
N HIS B 137 32.68 -111.79 -17.20
CA HIS B 137 32.03 -110.65 -16.58
C HIS B 137 30.82 -110.18 -17.35
N VAL B 138 30.68 -110.58 -18.62
CA VAL B 138 29.58 -110.05 -19.40
C VAL B 138 28.44 -111.07 -19.54
N ASP B 139 28.73 -112.36 -19.37
CA ASP B 139 27.69 -113.37 -19.55
C ASP B 139 26.71 -113.37 -18.38
N GLU B 140 27.20 -113.40 -17.16
CA GLU B 140 26.41 -113.02 -16.00
C GLU B 140 26.48 -111.51 -15.86
N LEU B 141 25.34 -110.85 -16.11
CA LEU B 141 25.29 -109.49 -16.63
C LEU B 141 25.72 -108.46 -15.61
N LYS B 142 27.00 -108.09 -15.64
CA LYS B 142 27.59 -107.16 -14.69
C LYS B 142 28.16 -105.97 -15.45
N VAL B 143 28.53 -104.95 -14.68
CA VAL B 143 28.73 -103.62 -15.24
C VAL B 143 30.03 -103.55 -16.05
N LEU B 144 30.04 -102.69 -17.07
CA LEU B 144 31.21 -102.44 -17.88
C LEU B 144 31.42 -100.93 -17.95
N LYS B 145 32.65 -100.49 -17.68
CA LYS B 145 32.99 -99.07 -17.69
C LYS B 145 33.97 -98.81 -18.81
N ILE B 146 33.52 -98.12 -19.85
CA ILE B 146 34.29 -97.90 -21.07
C ILE B 146 34.85 -96.48 -21.03
N HIS B 147 36.17 -96.38 -21.09
CA HIS B 147 36.89 -95.12 -21.00
C HIS B 147 37.55 -94.86 -22.35
N ILE B 148 36.91 -94.02 -23.16
CA ILE B 148 37.45 -93.57 -24.43
C ILE B 148 38.08 -92.21 -24.17
N ASN B 149 39.26 -91.96 -24.72
CA ASN B 149 39.74 -90.58 -24.73
C ASN B 149 40.01 -90.16 -26.17
N PHE B 150 39.58 -88.95 -26.49
CA PHE B 150 39.48 -88.49 -27.85
C PHE B 150 40.03 -87.08 -27.99
N SER B 151 39.97 -86.55 -29.21
CA SER B 151 40.46 -85.23 -29.53
C SER B 151 39.83 -84.72 -30.81
N LEU B 152 39.30 -83.51 -30.80
CA LEU B 152 38.83 -82.87 -32.01
C LEU B 152 39.92 -81.91 -32.47
N ASP B 153 40.47 -82.19 -33.66
CA ASP B 153 41.69 -81.52 -34.11
C ASP B 153 41.38 -80.16 -34.71
N GLN B 154 40.34 -80.08 -35.54
CA GLN B 154 39.86 -78.79 -36.09
C GLN B 154 38.46 -79.07 -36.59
N PRO B 155 37.43 -79.09 -35.73
CA PRO B 155 36.10 -79.53 -36.13
C PRO B 155 35.38 -78.78 -37.24
N LYS B 156 34.80 -79.51 -38.20
CA LYS B 156 34.02 -78.88 -39.30
C LYS B 156 32.53 -78.96 -38.95
N GLY B 157 32.19 -79.57 -37.81
CA GLY B 157 30.79 -79.69 -37.38
C GLY B 157 30.70 -79.91 -35.89
N GLY B 158 29.53 -79.73 -35.30
CA GLY B 158 29.39 -80.03 -33.86
C GLY B 158 29.77 -78.81 -33.06
N LEU B 159 31.03 -78.72 -32.66
CA LEU B 159 31.50 -77.50 -31.94
C LEU B 159 31.85 -76.44 -32.98
N HIS B 160 31.28 -75.24 -32.86
CA HIS B 160 31.64 -74.12 -33.77
C HIS B 160 32.49 -73.13 -32.99
N PHE B 161 33.71 -72.87 -33.47
CA PHE B 161 34.60 -71.90 -32.79
C PHE B 161 34.48 -70.54 -33.47
N VAL B 162 33.88 -69.56 -32.78
CA VAL B 162 33.82 -68.20 -33.29
C VAL B 162 35.00 -67.46 -32.65
N VAL B 163 36.06 -67.28 -33.44
CA VAL B 163 37.26 -66.60 -32.97
C VAL B 163 37.45 -65.34 -33.80
N PRO B 164 37.19 -64.15 -33.25
CA PRO B 164 37.40 -62.92 -34.01
C PRO B 164 38.87 -62.64 -34.16
N SER B 165 39.19 -61.75 -35.11
CA SER B 165 40.57 -61.45 -35.42
C SER B 165 41.06 -60.14 -34.81
N VAL B 166 40.42 -59.69 -33.73
CA VAL B 166 41.01 -58.65 -32.90
C VAL B 166 42.09 -59.26 -32.03
N GLU B 167 43.17 -58.52 -31.80
CA GLU B 167 44.22 -59.00 -30.92
C GLU B 167 43.88 -58.73 -29.46
N GLY B 168 44.64 -59.37 -28.60
CA GLY B 168 44.36 -59.46 -27.18
C GLY B 168 44.20 -60.91 -26.76
N SER B 169 43.82 -61.08 -25.49
CA SER B 169 43.47 -62.38 -24.98
C SER B 169 42.16 -62.86 -25.61
N MET B 170 41.91 -64.16 -25.52
CA MET B 170 40.72 -64.76 -26.13
C MET B 170 39.43 -64.26 -25.48
N ALA B 171 39.47 -63.86 -24.21
CA ALA B 171 38.32 -63.20 -23.62
C ALA B 171 38.26 -61.72 -23.99
N GLU B 172 39.38 -61.11 -24.34
CA GLU B 172 39.39 -59.70 -24.70
C GLU B 172 38.95 -59.46 -26.14
N ARG B 173 39.03 -60.48 -26.99
CA ARG B 173 38.59 -60.36 -28.37
C ARG B 173 37.19 -60.94 -28.59
N GLY B 174 36.70 -61.75 -27.67
CA GLY B 174 35.33 -62.23 -27.74
C GLY B 174 35.15 -63.55 -28.45
N ALA B 175 36.04 -64.49 -28.17
CA ALA B 175 36.05 -65.78 -28.83
C ALA B 175 35.26 -66.79 -28.00
N HIS B 176 34.45 -67.60 -28.67
CA HIS B 176 33.60 -68.53 -27.95
C HIS B 176 33.35 -69.78 -28.77
N VAL B 177 32.88 -70.83 -28.10
CA VAL B 177 32.56 -72.11 -28.70
C VAL B 177 31.10 -72.41 -28.34
N PHE B 178 30.38 -73.05 -29.25
CA PHE B 178 29.07 -73.57 -28.90
C PHE B 178 28.79 -74.81 -29.73
N SER B 179 27.98 -75.72 -29.19
CA SER B 179 27.60 -76.93 -29.88
C SER B 179 26.44 -76.65 -30.83
N CYS B 180 26.67 -76.85 -32.12
CA CYS B 180 25.64 -76.57 -33.15
C CYS B 180 25.15 -77.89 -33.75
N GLY B 181 24.10 -77.84 -34.58
CA GLY B 181 23.55 -79.06 -35.19
C GLY B 181 22.09 -79.24 -34.83
N TYR B 182 21.43 -80.21 -35.46
CA TYR B 182 20.00 -80.49 -35.17
C TYR B 182 19.79 -81.98 -34.95
N GLN B 183 18.79 -82.34 -34.15
CA GLN B 183 18.49 -83.76 -33.85
C GLN B 183 19.70 -84.44 -33.20
N ASN B 184 20.09 -85.61 -33.68
CA ASN B 184 21.21 -86.39 -33.08
C ASN B 184 22.54 -85.92 -33.67
N SER B 185 23.12 -84.85 -33.13
CA SER B 185 24.38 -84.29 -33.67
C SER B 185 25.39 -84.09 -32.55
N THR B 186 25.21 -84.79 -31.43
CA THR B 186 26.15 -84.78 -30.32
C THR B 186 27.27 -85.78 -30.54
N ARG B 187 27.12 -86.68 -31.52
CA ARG B 187 28.20 -87.54 -31.97
C ARG B 187 29.33 -86.77 -32.62
N PHE B 188 29.09 -85.53 -33.00
CA PHE B 188 30.05 -84.67 -33.66
C PHE B 188 31.06 -84.07 -32.71
N TRP B 189 30.86 -84.16 -31.40
CA TRP B 189 31.86 -83.63 -30.50
C TRP B 189 32.22 -84.50 -29.30
N PHE B 190 31.48 -85.54 -28.98
CA PHE B 190 32.04 -86.60 -28.15
C PHE B 190 31.38 -87.93 -28.51
N PRO B 191 32.07 -89.06 -28.29
CA PRO B 191 31.45 -90.35 -28.56
C PRO B 191 30.37 -90.70 -27.56
N CYS B 192 29.22 -91.13 -28.07
CA CYS B 192 28.06 -91.36 -27.24
C CYS B 192 27.16 -92.39 -27.91
N VAL B 193 26.02 -92.63 -27.29
CA VAL B 193 24.92 -93.35 -27.92
C VAL B 193 23.92 -92.27 -28.30
N ASP B 194 24.02 -91.78 -29.53
CA ASP B 194 23.35 -90.54 -29.93
C ASP B 194 21.93 -90.81 -30.43
N SER B 195 21.13 -91.37 -29.55
CA SER B 195 19.71 -91.56 -29.80
C SER B 195 18.92 -90.88 -28.70
N TYR B 196 17.67 -90.56 -29.01
CA TYR B 196 16.79 -89.91 -28.04
C TYR B 196 16.20 -90.90 -27.04
N SER B 197 16.46 -92.20 -27.21
CA SER B 197 15.87 -93.23 -26.38
C SER B 197 16.83 -93.78 -25.35
N GLU B 198 18.11 -93.41 -25.43
CA GLU B 198 19.11 -93.89 -24.48
C GLU B 198 19.29 -92.80 -23.43
N LEU B 199 18.49 -92.86 -22.37
CA LEU B 199 18.51 -91.90 -21.30
C LEU B 199 19.49 -92.36 -20.22
N CYS B 200 20.29 -91.42 -19.72
CA CYS B 200 21.26 -91.73 -18.68
C CYS B 200 21.48 -90.48 -17.85
N THR B 201 22.13 -90.65 -16.70
CA THR B 201 22.51 -89.46 -15.93
C THR B 201 23.91 -89.04 -16.33
N TRP B 202 24.22 -87.77 -16.07
CA TRP B 202 25.37 -87.15 -16.69
C TRP B 202 26.26 -86.44 -15.67
N LYS B 203 27.55 -86.42 -15.99
CA LYS B 203 28.53 -85.68 -15.19
C LYS B 203 29.48 -84.98 -16.17
N LEU B 204 29.47 -83.66 -16.17
CA LEU B 204 30.11 -82.88 -17.23
C LEU B 204 31.15 -81.95 -16.65
N GLU B 205 32.41 -82.13 -17.00
CA GLU B 205 33.48 -81.27 -16.52
C GLU B 205 34.13 -80.56 -17.70
N PHE B 206 34.34 -79.25 -17.57
CA PHE B 206 34.95 -78.46 -18.63
C PHE B 206 36.03 -77.58 -18.03
N THR B 207 37.27 -77.77 -18.47
CA THR B 207 38.40 -76.98 -17.96
C THR B 207 38.68 -75.86 -18.94
N VAL B 208 38.22 -74.66 -18.62
CA VAL B 208 38.30 -73.52 -19.53
C VAL B 208 39.25 -72.48 -18.95
N ASP B 209 39.48 -71.41 -19.68
CA ASP B 209 40.29 -70.29 -19.23
C ASP B 209 39.64 -69.62 -18.02
N ALA B 210 40.46 -68.89 -17.26
CA ALA B 210 39.97 -68.30 -16.02
C ALA B 210 39.03 -67.13 -16.28
N ALA B 211 39.12 -66.49 -17.44
CA ALA B 211 38.26 -65.37 -17.77
C ALA B 211 37.02 -65.79 -18.54
N MET B 212 36.83 -67.08 -18.76
CA MET B 212 35.70 -67.60 -19.50
C MET B 212 34.79 -68.41 -18.59
N VAL B 213 33.56 -68.64 -19.06
CA VAL B 213 32.56 -69.42 -18.35
C VAL B 213 32.05 -70.49 -19.31
N ALA B 214 31.84 -71.69 -18.77
CA ALA B 214 31.37 -72.85 -19.50
C ALA B 214 29.95 -73.17 -19.06
N VAL B 215 29.00 -73.03 -19.98
CA VAL B 215 27.59 -73.25 -19.71
C VAL B 215 27.20 -74.58 -20.32
N SER B 216 26.47 -75.40 -19.58
CA SER B 216 26.07 -76.70 -20.10
C SER B 216 24.83 -77.16 -19.35
N ASN B 217 24.47 -78.42 -19.55
CA ASN B 217 23.24 -78.96 -18.99
C ASN B 217 23.46 -79.48 -17.57
N GLY B 218 22.42 -79.38 -16.78
CA GLY B 218 22.48 -79.80 -15.39
C GLY B 218 22.56 -78.58 -14.47
N ASP B 219 22.99 -78.83 -13.24
CA ASP B 219 23.32 -77.72 -12.36
C ASP B 219 24.78 -77.78 -11.99
N LEU B 220 25.39 -76.60 -11.94
CA LEU B 220 26.80 -76.42 -11.65
C LEU B 220 27.04 -76.71 -10.17
N VAL B 221 27.71 -77.83 -9.88
CA VAL B 221 27.90 -78.17 -8.48
C VAL B 221 29.07 -77.39 -7.88
N GLU B 222 30.14 -77.17 -8.63
CA GLU B 222 31.25 -76.37 -8.15
C GLU B 222 32.03 -75.81 -9.32
N THR B 223 33.02 -74.98 -8.99
CA THR B 223 33.95 -74.40 -9.96
C THR B 223 35.29 -74.26 -9.26
N VAL B 224 36.21 -75.19 -9.53
CA VAL B 224 37.51 -75.20 -8.87
C VAL B 224 38.54 -74.60 -9.80
N TYR B 225 39.55 -73.97 -9.21
CA TYR B 225 40.71 -73.47 -9.94
C TYR B 225 41.72 -74.58 -10.20
N THR B 226 42.59 -74.31 -11.17
CA THR B 226 43.75 -75.15 -11.44
C THR B 226 44.91 -74.62 -10.59
N HIS B 227 45.95 -75.45 -10.43
CA HIS B 227 47.04 -75.14 -9.50
C HIS B 227 47.87 -73.92 -9.94
N ASP B 228 47.80 -73.53 -11.20
CA ASP B 228 48.42 -72.29 -11.63
C ASP B 228 47.47 -71.11 -11.59
N MET B 229 46.19 -71.36 -11.29
CA MET B 229 45.11 -70.37 -11.28
C MET B 229 44.94 -69.65 -12.62
N ARG B 230 45.32 -70.31 -13.71
CA ARG B 230 45.10 -69.75 -15.04
C ARG B 230 43.90 -70.37 -15.74
N LYS B 231 43.44 -71.52 -15.27
CA LYS B 231 42.27 -72.20 -15.81
C LYS B 231 41.38 -72.62 -14.66
N LYS B 232 40.11 -72.82 -14.95
CA LYS B 232 39.21 -73.36 -13.94
C LYS B 232 38.30 -74.40 -14.55
N THR B 233 37.89 -75.36 -13.72
CA THR B 233 37.07 -76.48 -14.13
C THR B 233 35.65 -76.27 -13.64
N PHE B 234 34.70 -76.29 -14.57
CA PHE B 234 33.28 -76.23 -14.24
C PHE B 234 32.76 -77.66 -14.17
N HIS B 235 32.18 -78.02 -13.03
CA HIS B 235 31.57 -79.33 -12.82
C HIS B 235 30.05 -79.18 -12.87
N TYR B 236 29.41 -79.86 -13.80
CA TYR B 236 27.96 -79.92 -13.93
C TYR B 236 27.50 -81.33 -13.61
N MET B 237 26.32 -81.42 -13.04
CA MET B 237 25.75 -82.75 -12.79
C MET B 237 24.31 -82.73 -13.26
N LEU B 238 23.89 -83.79 -13.95
CA LEU B 238 22.53 -83.90 -14.48
C LEU B 238 21.94 -85.19 -13.94
N THR B 239 21.07 -85.05 -12.94
CA THR B 239 20.44 -86.20 -12.30
C THR B 239 19.14 -86.60 -12.97
N ILE B 240 18.50 -85.69 -13.69
CA ILE B 240 17.36 -86.05 -14.54
C ILE B 240 17.90 -86.79 -15.74
N PRO B 241 17.48 -88.03 -16.01
CA PRO B 241 18.06 -88.78 -17.12
C PRO B 241 17.65 -88.28 -18.48
N THR B 242 18.59 -87.63 -19.16
CA THR B 242 18.41 -87.12 -20.51
C THR B 242 19.16 -88.00 -21.49
N ALA B 243 18.86 -87.80 -22.76
CA ALA B 243 19.57 -88.45 -23.84
C ALA B 243 20.85 -87.71 -24.15
N ALA B 244 21.72 -88.35 -24.92
CA ALA B 244 22.95 -87.71 -25.34
C ALA B 244 22.69 -86.59 -26.33
N SER B 245 21.60 -86.65 -27.07
CA SER B 245 21.29 -85.65 -28.07
C SER B 245 20.84 -84.33 -27.46
N ASN B 246 20.49 -84.30 -26.19
CA ASN B 246 20.05 -83.09 -25.51
C ASN B 246 21.16 -82.44 -24.70
N ILE B 247 22.40 -82.87 -24.85
CA ILE B 247 23.52 -82.36 -24.09
C ILE B 247 24.22 -81.29 -24.92
N SER B 248 24.44 -80.12 -24.34
CA SER B 248 25.03 -79.02 -25.06
C SER B 248 26.19 -78.38 -24.31
N LEU B 249 26.73 -77.30 -24.88
CA LEU B 249 27.93 -76.66 -24.39
C LEU B 249 28.07 -75.26 -24.99
N ALA B 250 28.39 -74.28 -24.16
CA ALA B 250 28.71 -72.94 -24.63
C ALA B 250 29.81 -72.37 -23.75
N ILE B 251 31.00 -72.21 -24.31
CA ILE B 251 32.16 -71.73 -23.57
C ILE B 251 32.52 -70.37 -24.13
N GLY B 252 32.56 -69.35 -23.27
CA GLY B 252 32.91 -68.04 -23.75
C GLY B 252 33.06 -67.01 -22.65
N PRO B 253 33.40 -65.78 -23.01
CA PRO B 253 33.55 -64.72 -22.01
C PRO B 253 32.22 -64.02 -21.73
N PHE B 254 31.23 -64.79 -21.34
CA PHE B 254 29.86 -64.32 -21.30
C PHE B 254 29.62 -63.41 -20.10
N GLU B 255 28.82 -62.38 -20.32
CA GLU B 255 28.30 -61.55 -19.25
C GLU B 255 27.11 -62.28 -18.64
N ILE B 256 27.21 -62.54 -17.34
CA ILE B 256 26.21 -63.27 -16.58
C ILE B 256 25.17 -62.30 -16.05
N LEU B 257 23.90 -62.68 -16.14
CA LEU B 257 22.82 -61.89 -15.57
C LEU B 257 21.83 -62.85 -14.93
N VAL B 258 21.68 -62.75 -13.63
CA VAL B 258 20.66 -63.53 -12.96
C VAL B 258 19.31 -62.85 -13.16
N ASP B 259 18.28 -63.64 -13.45
CA ASP B 259 16.94 -63.09 -13.64
C ASP B 259 16.44 -62.48 -12.33
N PRO B 260 16.03 -61.21 -12.34
CA PRO B 260 15.59 -60.59 -11.08
C PRO B 260 14.24 -61.07 -10.59
N TYR B 261 13.48 -61.79 -11.42
CA TYR B 261 12.17 -62.34 -11.01
C TYR B 261 12.27 -63.81 -10.61
N MET B 262 12.86 -64.65 -11.43
CA MET B 262 13.00 -66.10 -11.15
C MET B 262 14.47 -66.26 -10.89
N HIS B 263 14.88 -66.93 -9.84
CA HIS B 263 16.30 -66.90 -9.47
C HIS B 263 17.06 -68.16 -9.82
N GLU B 264 16.47 -69.11 -10.52
CA GLU B 264 17.27 -70.25 -10.97
C GLU B 264 17.56 -70.02 -12.43
N VAL B 265 17.18 -68.90 -13.00
CA VAL B 265 17.35 -68.66 -14.44
C VAL B 265 18.47 -67.66 -14.63
N THR B 266 19.56 -68.06 -15.30
CA THR B 266 20.71 -67.19 -15.60
C THR B 266 20.76 -66.96 -17.09
N HIS B 267 21.01 -65.75 -17.55
CA HIS B 267 21.10 -65.33 -18.92
C HIS B 267 22.54 -64.93 -19.23
N PHE B 268 23.10 -65.50 -20.29
CA PHE B 268 24.48 -65.25 -20.67
C PHE B 268 24.48 -64.55 -22.01
N CYS B 269 25.23 -63.46 -22.10
CA CYS B 269 25.34 -62.77 -23.38
C CYS B 269 26.81 -62.54 -23.72
N LEU B 270 27.04 -62.11 -24.94
CA LEU B 270 28.39 -61.74 -25.35
C LEU B 270 28.74 -60.40 -24.72
N PRO B 271 30.03 -60.08 -24.56
CA PRO B 271 30.41 -58.81 -23.92
C PRO B 271 29.96 -57.59 -24.71
N GLN B 272 29.66 -56.52 -23.95
CA GLN B 272 29.08 -55.23 -24.32
C GLN B 272 27.60 -55.31 -24.70
N LEU B 273 26.94 -56.44 -24.48
CA LEU B 273 25.52 -56.56 -24.81
C LEU B 273 24.65 -56.82 -23.59
N LEU B 274 25.11 -56.47 -22.41
CA LEU B 274 24.32 -56.62 -21.19
C LEU B 274 23.03 -55.78 -21.10
N PRO B 275 22.97 -54.50 -21.55
CA PRO B 275 21.66 -53.81 -21.47
C PRO B 275 20.62 -54.39 -22.41
N LEU B 276 21.05 -54.84 -23.59
CA LEU B 276 20.13 -55.51 -24.51
C LEU B 276 19.63 -56.81 -23.93
N LEU B 277 20.49 -57.51 -23.19
CA LEU B 277 20.09 -58.76 -22.55
C LEU B 277 19.10 -58.51 -21.43
N LYS B 278 19.34 -57.45 -20.64
CA LYS B 278 18.43 -57.05 -19.58
C LYS B 278 17.04 -56.72 -20.11
N HIS B 279 16.98 -55.97 -21.21
CA HIS B 279 15.66 -55.63 -21.74
C HIS B 279 15.00 -56.80 -22.44
N THR B 280 15.77 -57.61 -23.16
CA THR B 280 15.21 -58.67 -23.98
C THR B 280 14.66 -59.80 -23.12
N THR B 281 15.44 -60.28 -22.16
CA THR B 281 15.04 -61.41 -21.34
C THR B 281 14.25 -61.01 -20.11
N SER B 282 13.58 -59.87 -20.14
CA SER B 282 12.78 -59.42 -19.02
C SER B 282 11.36 -59.93 -19.07
N TYR B 283 10.94 -60.52 -20.19
CA TYR B 283 9.59 -61.05 -20.34
C TYR B 283 9.47 -62.51 -19.94
N LEU B 284 10.59 -63.24 -19.88
CA LEU B 284 10.61 -64.69 -19.83
C LEU B 284 9.92 -65.29 -18.61
N HIS B 285 9.81 -64.54 -17.51
CA HIS B 285 9.14 -65.07 -16.33
C HIS B 285 7.64 -65.23 -16.56
N GLU B 286 7.06 -64.40 -17.43
CA GLU B 286 5.66 -64.57 -17.78
C GLU B 286 5.45 -65.79 -18.66
N VAL B 287 6.42 -66.14 -19.49
CA VAL B 287 6.35 -67.35 -20.29
C VAL B 287 6.44 -68.58 -19.39
N PHE B 288 7.34 -68.52 -18.39
CA PHE B 288 7.43 -69.58 -17.39
C PHE B 288 6.12 -69.76 -16.63
N GLU B 289 5.51 -68.64 -16.21
CA GLU B 289 4.27 -68.70 -15.45
C GLU B 289 3.12 -69.25 -16.28
N PHE B 290 3.06 -68.90 -17.57
CA PHE B 290 2.04 -69.46 -18.44
C PHE B 290 2.21 -70.96 -18.59
N TYR B 291 3.41 -71.41 -18.96
CA TYR B 291 3.59 -72.83 -19.24
C TYR B 291 3.50 -73.68 -17.99
N GLU B 292 3.68 -73.09 -16.81
CA GLU B 292 3.43 -73.82 -15.58
C GLU B 292 2.03 -73.64 -15.04
N GLU B 293 1.19 -72.82 -15.70
CA GLU B 293 -0.21 -72.60 -15.25
C GLU B 293 -1.21 -73.32 -16.16
N ILE B 294 -0.85 -73.59 -17.42
CA ILE B 294 -1.77 -74.37 -18.27
C ILE B 294 -1.51 -75.87 -18.09
N LEU B 295 -0.26 -76.30 -18.15
CA LEU B 295 0.12 -77.55 -17.54
C LEU B 295 0.19 -77.32 -16.04
N THR B 296 0.08 -78.39 -15.27
CA THR B 296 0.18 -78.23 -13.83
C THR B 296 1.49 -78.72 -13.26
N CYS B 297 2.42 -79.16 -14.10
CA CYS B 297 3.76 -79.49 -13.64
C CYS B 297 4.60 -78.23 -13.59
N ARG B 298 5.45 -78.13 -12.55
CA ARG B 298 6.48 -77.11 -12.55
C ARG B 298 7.55 -77.45 -13.58
N TYR B 299 8.45 -76.50 -13.80
CA TYR B 299 9.55 -76.68 -14.73
C TYR B 299 10.45 -77.80 -14.22
N PRO B 300 10.72 -78.83 -15.03
CA PRO B 300 11.29 -80.06 -14.49
C PRO B 300 12.75 -79.95 -14.08
N TYR B 301 13.52 -79.10 -14.74
CA TYR B 301 14.94 -78.98 -14.43
C TYR B 301 15.15 -77.98 -13.32
N SER B 302 16.29 -78.09 -12.66
CA SER B 302 16.59 -77.27 -11.50
C SER B 302 17.12 -75.89 -11.86
N CYS B 303 17.61 -75.70 -13.07
CA CYS B 303 18.04 -74.39 -13.54
C CYS B 303 17.54 -74.19 -14.96
N PHE B 304 17.66 -72.95 -15.42
CA PHE B 304 17.44 -72.64 -16.83
C PHE B 304 18.49 -71.63 -17.25
N LYS B 305 19.09 -71.84 -18.42
CA LYS B 305 20.18 -71.01 -18.90
C LYS B 305 19.90 -70.63 -20.35
N THR B 306 19.91 -69.33 -20.64
CA THR B 306 19.75 -68.82 -21.99
C THR B 306 21.07 -68.20 -22.42
N VAL B 307 21.65 -68.72 -23.50
CA VAL B 307 22.93 -68.28 -24.02
C VAL B 307 22.70 -67.60 -25.35
N PHE B 308 23.25 -66.41 -25.51
CA PHE B 308 23.13 -65.64 -26.75
C PHE B 308 24.52 -65.55 -27.38
N ILE B 309 24.64 -66.02 -28.62
CA ILE B 309 25.91 -66.27 -29.26
C ILE B 309 25.91 -65.67 -30.66
N ASP B 310 27.07 -65.73 -31.29
CA ASP B 310 27.25 -65.22 -32.65
C ASP B 310 27.45 -66.37 -33.62
N GLU B 311 26.99 -66.15 -34.85
CA GLU B 311 27.04 -67.12 -35.95
C GLU B 311 26.33 -68.42 -35.58
N ALA B 312 25.09 -68.29 -35.13
CA ALA B 312 24.35 -69.44 -34.63
C ALA B 312 23.90 -70.34 -35.78
N TYR B 313 23.68 -71.61 -35.46
CA TYR B 313 23.19 -72.57 -36.43
C TYR B 313 21.74 -72.29 -36.78
N VAL B 314 20.86 -72.41 -35.81
CA VAL B 314 19.47 -72.01 -35.95
C VAL B 314 19.24 -70.79 -35.07
N GLU B 315 18.11 -70.13 -35.28
CA GLU B 315 17.79 -68.93 -34.52
C GLU B 315 17.50 -69.25 -33.06
N VAL B 316 17.00 -70.44 -32.78
CA VAL B 316 16.76 -70.88 -31.43
C VAL B 316 16.90 -72.40 -31.33
N ALA B 317 17.79 -72.86 -30.46
CA ALA B 317 17.98 -74.28 -30.21
C ALA B 317 17.68 -74.55 -28.74
N ALA B 318 17.02 -75.66 -28.47
CA ALA B 318 16.61 -76.00 -27.11
C ALA B 318 17.19 -77.35 -26.73
N TYR B 319 17.97 -77.38 -25.66
CA TYR B 319 18.55 -78.59 -25.11
C TYR B 319 17.98 -78.79 -23.71
N ALA B 320 18.49 -79.80 -23.02
CA ALA B 320 18.05 -80.07 -21.66
C ALA B 320 18.56 -78.98 -20.73
N SER B 321 17.63 -78.24 -20.12
CA SER B 321 17.90 -77.19 -19.13
C SER B 321 18.71 -76.04 -19.70
N MET B 322 18.61 -75.78 -21.00
CA MET B 322 19.49 -74.81 -21.67
C MET B 322 18.88 -74.48 -23.01
N SER B 323 19.06 -73.23 -23.43
CA SER B 323 18.66 -72.81 -24.76
C SER B 323 19.74 -71.91 -25.33
N ILE B 324 19.98 -72.04 -26.62
CA ILE B 324 21.02 -71.29 -27.31
C ILE B 324 20.32 -70.48 -28.39
N PHE B 325 20.28 -69.17 -28.20
CA PHE B 325 19.73 -68.22 -29.16
C PHE B 325 20.86 -67.46 -29.83
N SER B 326 20.56 -66.84 -30.96
CA SER B 326 21.55 -65.97 -31.58
C SER B 326 21.44 -64.58 -30.97
N THR B 327 22.55 -63.83 -31.03
CA THR B 327 22.54 -62.48 -30.49
C THR B 327 21.70 -61.51 -31.32
N ASN B 328 21.34 -61.88 -32.55
CA ASN B 328 20.53 -61.01 -33.40
C ASN B 328 19.10 -60.86 -32.90
N LEU B 329 18.69 -61.61 -31.89
CA LEU B 329 17.41 -61.42 -31.22
C LEU B 329 17.45 -60.32 -30.18
N LEU B 330 18.63 -59.89 -29.76
CA LEU B 330 18.76 -58.91 -28.69
C LEU B 330 18.44 -57.52 -29.22
N HIS B 331 17.44 -56.88 -28.64
CA HIS B 331 17.01 -55.55 -29.01
C HIS B 331 16.98 -54.68 -27.76
N SER B 332 16.85 -53.37 -27.96
CA SER B 332 16.77 -52.47 -26.82
C SER B 332 15.30 -52.07 -26.62
N ALA B 333 15.07 -51.11 -25.73
CA ALA B 333 13.72 -50.71 -25.40
C ALA B 333 13.06 -49.89 -26.49
N MET B 334 13.85 -49.27 -27.36
CA MET B 334 13.32 -48.40 -28.40
C MET B 334 13.15 -49.12 -29.72
N ILE B 335 13.25 -50.43 -29.75
CA ILE B 335 13.12 -51.22 -30.96
C ILE B 335 11.78 -51.93 -30.93
N ILE B 336 10.90 -51.55 -31.85
CA ILE B 336 9.67 -52.27 -32.09
C ILE B 336 9.84 -53.00 -33.41
N ASP B 337 8.85 -53.84 -33.73
CA ASP B 337 8.80 -54.81 -34.85
C ASP B 337 9.79 -55.97 -34.64
N GLU B 338 10.53 -55.99 -33.54
CA GLU B 338 11.41 -57.07 -33.15
C GLU B 338 11.04 -57.67 -31.81
N THR B 339 10.35 -56.91 -30.94
CA THR B 339 9.85 -57.44 -29.68
C THR B 339 8.93 -58.66 -29.79
N PRO B 340 7.93 -58.73 -30.69
CA PRO B 340 7.13 -59.96 -30.74
C PRO B 340 7.88 -61.16 -31.28
N LEU B 341 8.82 -60.96 -32.21
CA LEU B 341 9.54 -62.08 -32.79
C LEU B 341 10.49 -62.72 -31.79
N THR B 342 11.26 -61.90 -31.07
CA THR B 342 12.12 -62.41 -30.02
C THR B 342 11.31 -63.02 -28.89
N ARG B 343 10.15 -62.42 -28.57
CA ARG B 343 9.28 -62.92 -27.53
C ARG B 343 8.76 -64.32 -27.87
N ARG B 344 8.36 -64.54 -29.12
CA ARG B 344 7.88 -65.86 -29.47
C ARG B 344 9.00 -66.86 -29.70
N CYS B 345 10.23 -66.42 -30.02
CA CYS B 345 11.35 -67.36 -30.01
C CYS B 345 11.65 -67.88 -28.61
N LEU B 346 11.64 -66.99 -27.60
CA LEU B 346 11.78 -67.43 -26.22
C LEU B 346 10.66 -68.39 -25.81
N ALA B 347 9.44 -68.10 -26.25
CA ALA B 347 8.30 -68.93 -25.89
C ALA B 347 8.39 -70.33 -26.51
N GLN B 348 8.80 -70.44 -27.77
CA GLN B 348 8.89 -71.78 -28.34
C GLN B 348 10.09 -72.55 -27.85
N SER B 349 11.16 -71.85 -27.43
CA SER B 349 12.25 -72.55 -26.76
C SER B 349 11.80 -73.15 -25.44
N LEU B 350 10.97 -72.42 -24.68
CA LEU B 350 10.47 -72.96 -23.43
C LEU B 350 9.45 -74.09 -23.63
N ALA B 351 8.64 -74.01 -24.68
CA ALA B 351 7.73 -75.10 -25.01
C ALA B 351 8.49 -76.37 -25.38
N GLN B 352 9.61 -76.22 -26.11
CA GLN B 352 10.45 -77.37 -26.39
C GLN B 352 11.23 -77.84 -25.17
N GLN B 353 11.46 -76.96 -24.19
CA GLN B 353 12.03 -77.42 -22.93
C GLN B 353 11.09 -78.37 -22.22
N PHE B 354 9.80 -78.06 -22.27
CA PHE B 354 8.82 -78.95 -21.63
C PHE B 354 8.65 -80.25 -22.40
N PHE B 355 8.45 -80.16 -23.72
CA PHE B 355 7.97 -81.32 -24.46
C PHE B 355 8.89 -81.74 -25.61
N GLY B 356 10.17 -81.43 -25.55
CA GLY B 356 11.09 -82.05 -26.48
C GLY B 356 12.31 -82.62 -25.77
N CYS B 357 12.56 -82.09 -24.58
CA CYS B 357 13.75 -82.40 -23.81
C CYS B 357 13.46 -83.17 -22.54
N PHE B 358 12.33 -82.92 -21.90
CA PHE B 358 11.96 -83.70 -20.73
C PHE B 358 11.25 -84.99 -21.15
N ILE B 359 10.14 -84.86 -21.84
CA ILE B 359 9.52 -86.00 -22.50
C ILE B 359 10.12 -86.11 -23.89
N SER B 360 10.78 -87.22 -24.14
CA SER B 360 11.49 -87.45 -25.39
C SER B 360 10.75 -88.45 -26.25
N ARG B 361 11.41 -88.87 -27.31
CA ARG B 361 10.85 -89.63 -28.40
C ARG B 361 11.17 -91.11 -28.23
N MET B 362 10.21 -91.97 -28.56
CA MET B 362 10.50 -93.39 -28.45
C MET B 362 11.10 -93.97 -29.72
N SER B 363 10.71 -93.47 -30.89
CA SER B 363 11.28 -93.89 -32.16
C SER B 363 11.53 -92.64 -33.00
N TRP B 364 11.82 -92.79 -34.29
CA TRP B 364 11.75 -91.60 -35.13
C TRP B 364 10.31 -91.31 -35.51
N SER B 365 9.51 -92.35 -35.73
CA SER B 365 8.07 -92.19 -35.58
C SER B 365 7.78 -91.84 -34.14
N ASP B 366 6.62 -91.21 -33.91
CA ASP B 366 6.17 -90.55 -32.67
C ASP B 366 6.91 -89.24 -32.46
N GLU B 367 7.53 -88.69 -33.50
CA GLU B 367 8.10 -87.35 -33.41
C GLU B 367 7.02 -86.30 -33.62
N TRP B 368 5.97 -86.66 -34.37
CA TRP B 368 4.84 -85.77 -34.58
C TRP B 368 4.13 -85.45 -33.28
N VAL B 369 4.17 -86.36 -32.31
CA VAL B 369 3.56 -86.13 -31.01
C VAL B 369 4.26 -84.99 -30.30
N LEU B 370 5.58 -85.04 -30.23
CA LEU B 370 6.34 -84.03 -29.50
C LEU B 370 6.32 -82.69 -30.20
N LYS B 371 6.51 -82.69 -31.52
CA LYS B 371 6.44 -81.45 -32.30
C LYS B 371 5.06 -80.83 -32.25
N GLY B 372 4.01 -81.67 -32.22
CA GLY B 372 2.67 -81.14 -32.13
C GLY B 372 2.33 -80.57 -30.78
N ILE B 373 2.81 -81.20 -29.70
CA ILE B 373 2.53 -80.67 -28.37
C ILE B 373 3.29 -79.37 -28.13
N SER B 374 4.54 -79.30 -28.60
CA SER B 374 5.33 -78.07 -28.50
C SER B 374 4.67 -76.93 -29.26
N GLY B 375 4.33 -77.16 -30.54
CA GLY B 375 3.68 -76.13 -31.32
C GLY B 375 2.31 -75.76 -30.83
N TYR B 376 1.57 -76.72 -30.26
CA TYR B 376 0.23 -76.44 -29.79
C TYR B 376 0.25 -75.59 -28.50
N ILE B 377 1.12 -75.93 -27.55
CA ILE B 377 1.16 -75.10 -26.34
C ILE B 377 1.81 -73.76 -26.61
N TYR B 378 2.68 -73.66 -27.63
CA TYR B 378 3.19 -72.36 -28.03
C TYR B 378 2.10 -71.53 -28.69
N GLY B 379 1.18 -72.16 -29.42
CA GLY B 379 0.03 -71.44 -29.93
C GLY B 379 -0.93 -70.99 -28.86
N LEU B 380 -1.08 -71.78 -27.80
CA LEU B 380 -1.88 -71.34 -26.66
C LEU B 380 -1.25 -70.15 -25.96
N TRP B 381 0.09 -70.14 -25.87
CA TRP B 381 0.78 -68.96 -25.34
C TRP B 381 0.56 -67.75 -26.22
N MET B 382 0.63 -67.93 -27.54
CA MET B 382 0.39 -66.82 -28.45
C MET B 382 -1.05 -66.31 -28.35
N LYS B 383 -2.00 -67.22 -28.13
CA LYS B 383 -3.39 -66.81 -27.94
C LYS B 383 -3.55 -65.95 -26.71
N LYS B 384 -3.03 -66.39 -25.56
CA LYS B 384 -3.14 -65.59 -24.34
C LYS B 384 -2.37 -64.27 -24.44
N THR B 385 -1.17 -64.29 -25.01
CA THR B 385 -0.33 -63.10 -25.04
C THR B 385 -0.80 -62.08 -26.07
N PHE B 386 -0.89 -62.48 -27.33
CA PHE B 386 -1.20 -61.54 -28.39
C PHE B 386 -2.66 -61.54 -28.81
N GLY B 387 -3.54 -62.24 -28.10
CA GLY B 387 -4.93 -62.18 -28.48
C GLY B 387 -5.37 -63.31 -29.38
N VAL B 388 -6.67 -63.61 -29.28
CA VAL B 388 -7.32 -64.61 -30.11
C VAL B 388 -7.26 -64.26 -31.59
N ASN B 389 -7.28 -62.98 -31.96
CA ASN B 389 -7.24 -62.60 -33.37
C ASN B 389 -5.88 -62.89 -33.99
N GLU B 390 -4.80 -62.61 -33.25
CA GLU B 390 -3.47 -62.98 -33.71
C GLU B 390 -3.30 -64.49 -33.75
N TYR B 391 -3.95 -65.21 -32.84
CA TYR B 391 -3.96 -66.68 -32.89
C TYR B 391 -4.63 -67.20 -34.17
N ARG B 392 -5.81 -66.64 -34.52
CA ARG B 392 -6.52 -67.08 -35.72
C ARG B 392 -5.73 -66.74 -36.98
N HIS B 393 -5.09 -65.57 -37.00
CA HIS B 393 -4.28 -65.19 -38.16
C HIS B 393 -3.07 -66.10 -38.32
N TRP B 394 -2.45 -66.47 -37.20
CA TRP B 394 -1.31 -67.37 -37.24
C TRP B 394 -1.72 -68.76 -37.70
N ILE B 395 -2.84 -69.28 -37.19
CA ILE B 395 -3.33 -70.59 -37.58
C ILE B 395 -3.69 -70.62 -39.06
N LYS B 396 -4.29 -69.54 -39.56
CA LYS B 396 -4.61 -69.48 -40.98
C LYS B 396 -3.36 -69.39 -41.85
N GLU B 397 -2.32 -68.68 -41.41
CA GLU B 397 -1.12 -68.61 -42.24
C GLU B 397 -0.36 -69.93 -42.22
N GLU B 398 -0.42 -70.69 -41.12
CA GLU B 398 0.20 -72.01 -41.10
C GLU B 398 -0.56 -73.00 -41.97
N LEU B 399 -1.90 -72.90 -41.97
CA LEU B 399 -2.71 -73.79 -42.79
C LEU B 399 -2.52 -73.49 -44.27
N ASP B 400 -2.41 -72.21 -44.65
CA ASP B 400 -2.13 -71.86 -46.04
C ASP B 400 -0.75 -72.33 -46.46
N LYS B 401 0.23 -72.25 -45.54
CA LYS B 401 1.57 -72.76 -45.79
C LYS B 401 1.56 -74.25 -46.10
N ILE B 402 0.83 -75.04 -45.31
CA ILE B 402 0.85 -76.49 -45.53
C ILE B 402 0.05 -76.88 -46.75
N VAL B 403 -1.06 -76.19 -47.05
CA VAL B 403 -1.79 -76.60 -48.24
C VAL B 403 -1.01 -76.20 -49.49
N ALA B 404 -0.25 -75.10 -49.44
CA ALA B 404 0.64 -74.76 -50.55
C ALA B 404 1.75 -75.78 -50.72
N TYR B 405 2.35 -76.24 -49.62
CA TYR B 405 3.44 -77.20 -49.73
C TYR B 405 2.95 -78.58 -50.15
N GLU B 406 1.81 -79.03 -49.62
CA GLU B 406 1.31 -80.35 -49.94
C GLU B 406 0.73 -80.43 -51.33
N LEU B 407 0.13 -79.34 -51.84
CA LEU B 407 -0.26 -79.36 -53.24
C LEU B 407 0.92 -79.14 -54.16
N LYS B 408 2.01 -78.55 -53.68
CA LYS B 408 3.20 -78.37 -54.51
C LYS B 408 3.92 -79.69 -54.73
N THR B 409 4.23 -80.41 -53.66
CA THR B 409 4.99 -81.65 -53.77
C THR B 409 4.45 -82.70 -52.79
N GLY B 410 3.59 -83.59 -53.29
CA GLY B 410 3.24 -84.79 -52.56
C GLY B 410 2.44 -84.57 -51.29
N GLY B 411 3.11 -84.72 -50.15
CA GLY B 411 2.48 -84.45 -48.88
C GLY B 411 3.38 -84.78 -47.71
N VAL B 412 3.07 -84.21 -46.55
CA VAL B 412 3.79 -84.50 -45.32
C VAL B 412 3.08 -85.64 -44.62
N LEU B 413 3.83 -86.68 -44.27
CA LEU B 413 3.29 -87.87 -43.62
C LEU B 413 3.78 -87.89 -42.17
N LEU B 414 2.93 -87.45 -41.25
CA LEU B 414 3.20 -87.68 -39.84
C LEU B 414 2.98 -89.15 -39.53
N HIS B 415 3.83 -89.70 -38.68
CA HIS B 415 3.82 -91.12 -38.28
C HIS B 415 3.83 -92.08 -39.46
N PRO B 416 4.96 -92.24 -40.14
CA PRO B 416 5.04 -93.31 -41.14
C PRO B 416 5.36 -94.63 -40.48
N ILE B 417 5.17 -95.70 -41.25
CA ILE B 417 5.34 -97.06 -40.75
C ILE B 417 6.38 -97.75 -41.62
N PHE B 418 7.46 -98.19 -40.99
CA PHE B 418 8.51 -98.91 -41.70
C PHE B 418 8.51 -100.38 -41.33
N ASN B 426 9.20 -97.96 -49.24
CA ASN B 426 9.05 -96.76 -48.40
C ASN B 426 7.59 -96.32 -48.30
N PRO B 427 7.21 -95.75 -47.14
CA PRO B 427 5.83 -95.31 -46.98
C PRO B 427 5.46 -94.10 -47.80
N ALA B 428 6.41 -93.20 -48.06
CA ALA B 428 6.17 -92.03 -48.89
C ALA B 428 7.18 -92.07 -50.03
N SER B 429 6.71 -92.45 -51.22
CA SER B 429 7.56 -92.59 -52.39
C SER B 429 7.30 -91.52 -53.44
N HIS B 430 6.50 -90.53 -53.10
CA HIS B 430 6.20 -89.43 -54.00
C HIS B 430 7.21 -88.30 -53.92
N LEU B 431 8.26 -88.46 -53.12
CA LEU B 431 9.16 -87.36 -52.83
C LEU B 431 10.59 -87.90 -52.76
N HIS B 432 11.54 -87.04 -53.10
CA HIS B 432 12.86 -87.47 -53.55
C HIS B 432 13.84 -87.84 -52.43
N PHE B 433 13.38 -87.92 -51.19
CA PHE B 433 14.25 -88.29 -50.09
C PHE B 433 13.54 -89.33 -49.24
N SER B 434 14.27 -89.94 -48.31
CA SER B 434 13.67 -90.96 -47.46
C SER B 434 13.32 -90.34 -46.13
N ILE B 435 12.15 -90.70 -45.62
CA ILE B 435 11.62 -90.14 -44.40
C ILE B 435 11.86 -91.07 -43.21
N LYS B 436 12.81 -91.99 -43.32
CA LYS B 436 13.09 -92.92 -42.24
C LYS B 436 13.95 -92.31 -41.15
N HIS B 437 14.68 -91.24 -41.44
CA HIS B 437 15.63 -90.64 -40.52
C HIS B 437 15.51 -89.13 -40.62
N PRO B 438 15.73 -88.40 -39.52
CA PRO B 438 15.64 -86.94 -39.59
C PRO B 438 16.73 -86.29 -40.40
N HIS B 439 17.85 -86.94 -40.60
CA HIS B 439 19.00 -86.36 -41.27
C HIS B 439 18.98 -86.57 -42.77
N THR B 440 17.95 -87.24 -43.29
CA THR B 440 17.74 -87.32 -44.72
C THR B 440 16.60 -86.44 -45.19
N LEU B 441 15.87 -85.82 -44.28
CA LEU B 441 14.76 -84.97 -44.64
C LEU B 441 15.25 -83.67 -45.23
N SER B 442 14.52 -83.15 -46.19
CA SER B 442 14.73 -81.79 -46.65
C SER B 442 14.33 -80.82 -45.54
N TRP B 443 14.93 -79.64 -45.56
CA TRP B 443 14.68 -78.68 -44.47
C TRP B 443 13.28 -78.09 -44.57
N GLU B 444 12.78 -77.89 -45.79
CA GLU B 444 11.41 -77.45 -45.97
C GLU B 444 10.42 -78.51 -45.53
N TYR B 445 10.76 -79.79 -45.72
CA TYR B 445 9.91 -80.86 -45.21
C TYR B 445 9.92 -80.91 -43.70
N TYR B 446 11.05 -80.61 -43.07
CA TYR B 446 11.12 -80.59 -41.61
C TYR B 446 10.28 -79.46 -41.05
N SER B 447 10.33 -78.29 -41.69
CA SER B 447 9.53 -77.15 -41.27
C SER B 447 8.03 -77.42 -41.42
N MET B 448 7.65 -77.99 -42.57
CA MET B 448 6.25 -78.33 -42.77
C MET B 448 5.80 -79.50 -41.91
N PHE B 449 6.72 -80.37 -41.51
CA PHE B 449 6.40 -81.43 -40.57
C PHE B 449 5.98 -80.87 -39.23
N GLN B 450 6.78 -79.94 -38.69
CA GLN B 450 6.42 -79.34 -37.40
C GLN B 450 5.12 -78.54 -37.50
N CYS B 451 4.93 -77.88 -38.65
CA CYS B 451 3.73 -77.07 -38.87
C CYS B 451 2.47 -77.94 -38.89
N LYS B 452 2.51 -79.04 -39.65
CA LYS B 452 1.38 -79.95 -39.73
C LYS B 452 1.12 -80.66 -38.42
N ALA B 453 2.19 -80.94 -37.65
CA ALA B 453 2.00 -81.60 -36.37
C ALA B 453 1.22 -80.72 -35.40
N HIS B 454 1.55 -79.43 -35.34
CA HIS B 454 0.78 -78.61 -34.41
C HIS B 454 -0.63 -78.30 -34.91
N LEU B 455 -0.85 -78.32 -36.24
CA LEU B 455 -2.24 -78.15 -36.68
C LEU B 455 -3.09 -79.40 -36.44
N VAL B 456 -2.50 -80.58 -36.57
CA VAL B 456 -3.23 -81.81 -36.23
C VAL B 456 -3.50 -81.88 -34.73
N MET B 457 -2.61 -81.35 -33.89
CA MET B 457 -2.93 -81.28 -32.47
C MET B 457 -4.05 -80.30 -32.17
N ARG B 458 -4.14 -79.21 -32.92
CA ARG B 458 -5.32 -78.35 -32.80
C ARG B 458 -6.60 -79.06 -33.21
N LEU B 459 -6.51 -79.96 -34.21
CA LEU B 459 -7.67 -80.75 -34.60
C LEU B 459 -8.09 -81.74 -33.51
N ILE B 460 -7.12 -82.36 -32.84
CA ILE B 460 -7.42 -83.24 -31.72
C ILE B 460 -8.04 -82.46 -30.56
N GLU B 461 -7.61 -81.22 -30.36
CA GLU B 461 -8.29 -80.36 -29.38
C GLU B 461 -9.72 -80.03 -29.83
N ASN B 462 -9.94 -79.90 -31.13
CA ASN B 462 -11.30 -79.63 -31.61
C ASN B 462 -12.22 -80.82 -31.36
N ARG B 463 -11.72 -82.04 -31.52
CA ARG B 463 -12.58 -83.19 -31.24
C ARG B 463 -12.73 -83.44 -29.75
N ILE B 464 -11.64 -83.37 -28.99
CA ILE B 464 -11.64 -83.61 -27.56
C ILE B 464 -11.17 -82.33 -26.89
N SER B 465 -12.03 -81.77 -26.03
CA SER B 465 -11.96 -80.36 -25.62
C SER B 465 -10.64 -80.01 -24.92
N MET B 466 -10.38 -78.70 -24.83
CA MET B 466 -9.05 -78.21 -24.47
C MET B 466 -8.64 -78.56 -23.06
N GLU B 467 -9.60 -78.62 -22.13
CA GLU B 467 -9.28 -79.02 -20.76
C GLU B 467 -8.88 -80.49 -20.66
N PHE B 468 -9.51 -81.36 -21.45
CA PHE B 468 -9.07 -82.75 -21.52
C PHE B 468 -7.71 -82.87 -22.19
N MET B 469 -7.41 -81.98 -23.13
CA MET B 469 -6.11 -81.99 -23.79
C MET B 469 -5.00 -81.60 -22.83
N LEU B 470 -5.23 -80.56 -22.03
CA LEU B 470 -4.27 -80.17 -21.01
C LEU B 470 -4.15 -81.24 -19.93
N GLN B 471 -5.22 -82.00 -19.68
CA GLN B 471 -5.11 -83.12 -18.74
C GLN B 471 -4.27 -84.25 -19.32
N VAL B 472 -4.33 -84.48 -20.64
CA VAL B 472 -3.46 -85.45 -21.30
C VAL B 472 -2.00 -85.06 -21.10
N PHE B 473 -1.70 -83.78 -21.35
CA PHE B 473 -0.32 -83.30 -21.27
C PHE B 473 0.19 -83.36 -19.84
N ASN B 474 -0.67 -83.04 -18.88
CA ASN B 474 -0.31 -83.14 -17.47
C ASN B 474 -0.09 -84.58 -17.04
N LYS B 475 -0.84 -85.52 -17.61
CA LYS B 475 -0.63 -86.93 -17.28
C LYS B 475 0.70 -87.43 -17.82
N LEU B 476 1.07 -87.00 -19.03
CA LEU B 476 2.36 -87.36 -19.61
C LEU B 476 3.51 -86.79 -18.79
N LEU B 477 3.42 -85.50 -18.43
CA LEU B 477 4.43 -84.86 -17.60
C LEU B 477 4.52 -85.47 -16.21
N SER B 478 3.39 -85.90 -15.65
CA SER B 478 3.42 -86.47 -14.30
C SER B 478 4.01 -87.88 -14.29
N LEU B 479 3.73 -88.68 -15.33
CA LEU B 479 4.41 -89.97 -15.47
C LEU B 479 5.90 -89.78 -15.64
N ALA B 480 6.30 -88.78 -16.44
CA ALA B 480 7.71 -88.51 -16.65
C ALA B 480 8.40 -88.03 -15.39
N SER B 481 7.73 -87.23 -14.56
CA SER B 481 8.38 -86.72 -13.36
C SER B 481 8.36 -87.72 -12.21
N THR B 482 7.43 -88.66 -12.18
CA THR B 482 7.61 -89.78 -11.26
C THR B 482 8.71 -90.71 -11.75
N ALA B 483 8.88 -90.81 -13.07
CA ALA B 483 9.96 -91.60 -13.64
C ALA B 483 11.32 -90.96 -13.44
N SER B 484 11.38 -89.62 -13.43
CA SER B 484 12.63 -88.89 -13.44
C SER B 484 13.38 -88.94 -12.12
N SER B 485 12.75 -89.37 -11.04
CA SER B 485 13.37 -89.41 -9.73
C SER B 485 13.80 -90.80 -9.31
N GLN B 486 13.40 -91.85 -10.00
CA GLN B 486 13.85 -93.20 -9.66
C GLN B 486 15.34 -93.33 -9.98
N LYS B 487 16.00 -94.36 -9.49
CA LYS B 487 17.42 -94.61 -9.78
C LYS B 487 17.55 -95.88 -10.62
N PHE B 488 16.47 -96.63 -10.75
CA PHE B 488 16.52 -97.93 -11.48
C PHE B 488 16.93 -97.61 -12.89
N GLN B 489 17.84 -98.37 -13.45
CA GLN B 489 18.40 -97.98 -14.75
C GLN B 489 17.41 -98.31 -15.84
N SER B 490 16.38 -97.47 -16.00
CA SER B 490 15.40 -97.64 -17.10
C SER B 490 14.33 -98.68 -16.81
N HIS B 491 14.26 -99.25 -15.59
CA HIS B 491 13.09 -100.09 -15.35
C HIS B 491 11.96 -99.07 -15.48
N MET B 492 12.18 -97.87 -14.97
CA MET B 492 11.11 -96.86 -14.99
C MET B 492 11.51 -95.61 -15.75
N TRP B 493 12.67 -95.54 -16.39
CA TRP B 493 13.11 -94.27 -17.02
C TRP B 493 12.55 -94.21 -18.42
N SER B 494 11.81 -95.20 -18.85
CA SER B 494 11.23 -95.23 -20.21
C SER B 494 9.81 -94.74 -20.14
N GLN B 495 9.41 -94.23 -19.00
CA GLN B 495 8.08 -93.65 -18.90
C GLN B 495 8.27 -92.19 -19.26
N MET B 496 9.52 -91.77 -19.43
CA MET B 496 9.81 -90.43 -19.92
C MET B 496 9.82 -90.36 -21.43
N LEU B 497 9.63 -91.49 -22.11
CA LEU B 497 9.57 -91.55 -23.56
C LEU B 497 8.13 -91.77 -23.98
N VAL B 498 7.60 -90.90 -24.83
CA VAL B 498 6.23 -91.01 -25.32
C VAL B 498 6.24 -91.70 -26.67
N SER B 499 5.15 -92.39 -26.97
CA SER B 499 4.93 -93.00 -28.27
C SER B 499 3.58 -92.55 -28.79
N THR B 500 3.23 -93.01 -29.99
CA THR B 500 1.89 -92.69 -30.51
C THR B 500 0.84 -93.51 -29.79
N SER B 501 1.10 -94.81 -29.58
CA SER B 501 0.12 -95.66 -28.93
C SER B 501 -0.10 -95.27 -27.47
N GLY B 502 0.97 -94.85 -26.79
CA GLY B 502 0.83 -94.36 -25.44
C GLY B 502 0.08 -93.04 -25.35
N PHE B 503 0.28 -92.17 -26.35
CA PHE B 503 -0.42 -90.89 -26.38
C PHE B 503 -1.92 -91.09 -26.65
N LEU B 504 -2.25 -91.96 -27.60
CA LEU B 504 -3.65 -92.26 -27.87
C LEU B 504 -4.30 -93.01 -26.71
N LYS B 505 -3.54 -93.83 -25.99
CA LYS B 505 -4.09 -94.52 -24.83
C LYS B 505 -4.34 -93.56 -23.68
N SER B 506 -3.47 -92.56 -23.50
CA SER B 506 -3.71 -91.57 -22.45
C SER B 506 -4.89 -90.68 -22.79
N ILE B 507 -5.07 -90.38 -24.09
CA ILE B 507 -6.24 -89.62 -24.54
C ILE B 507 -7.52 -90.41 -24.27
N SER B 508 -7.51 -91.71 -24.59
CA SER B 508 -8.66 -92.57 -24.33
C SER B 508 -8.89 -92.78 -22.84
N ASN B 509 -7.84 -92.68 -22.02
CA ASN B 509 -8.02 -92.76 -20.58
C ASN B 509 -8.70 -91.52 -20.04
N VAL B 510 -8.32 -90.34 -20.50
CA VAL B 510 -8.88 -89.15 -19.87
C VAL B 510 -10.25 -88.81 -20.44
N SER B 511 -10.58 -89.22 -21.66
CA SER B 511 -11.80 -88.73 -22.30
C SER B 511 -12.85 -89.80 -22.53
N GLY B 512 -12.45 -91.04 -22.76
CA GLY B 512 -13.39 -92.07 -23.10
C GLY B 512 -13.74 -92.15 -24.58
N LYS B 513 -13.35 -91.14 -25.35
CA LYS B 513 -13.45 -91.17 -26.80
C LYS B 513 -12.07 -91.50 -27.38
N ASP B 514 -12.04 -92.30 -28.43
CA ASP B 514 -10.80 -92.48 -29.16
C ASP B 514 -10.87 -91.74 -30.48
N ILE B 515 -9.71 -91.28 -30.95
CA ILE B 515 -9.62 -90.38 -32.07
C ILE B 515 -9.10 -91.09 -33.32
N GLN B 516 -9.15 -92.42 -33.33
CA GLN B 516 -8.63 -93.28 -34.38
C GLN B 516 -9.13 -92.98 -35.80
N PRO B 517 -10.37 -92.52 -36.04
CA PRO B 517 -10.65 -92.00 -37.38
C PRO B 517 -9.92 -90.72 -37.72
N LEU B 518 -9.77 -89.80 -36.76
CA LEU B 518 -9.06 -88.56 -37.01
C LEU B 518 -7.57 -88.81 -37.17
N ILE B 519 -7.02 -89.74 -36.39
CA ILE B 519 -5.63 -90.15 -36.52
C ILE B 519 -5.42 -90.85 -37.85
N LYS B 520 -6.36 -91.70 -38.26
CA LYS B 520 -6.24 -92.39 -39.53
C LYS B 520 -6.35 -91.45 -40.72
N GLN B 521 -7.12 -90.36 -40.59
CA GLN B 521 -7.27 -89.46 -41.71
C GLN B 521 -6.12 -88.47 -41.82
N TRP B 522 -5.79 -87.79 -40.72
CA TRP B 522 -4.87 -86.67 -40.83
C TRP B 522 -3.44 -87.00 -40.46
N VAL B 523 -3.18 -88.17 -39.88
CA VAL B 523 -1.81 -88.51 -39.53
C VAL B 523 -1.31 -89.55 -40.51
N ASP B 524 -1.94 -90.73 -40.54
CA ASP B 524 -1.45 -91.85 -41.32
C ASP B 524 -1.62 -91.72 -42.83
N GLN B 525 -2.23 -90.65 -43.36
CA GLN B 525 -2.67 -90.70 -44.75
C GLN B 525 -2.04 -89.68 -45.68
N SER B 526 -1.49 -88.57 -45.16
CA SER B 526 -0.66 -87.61 -45.92
C SER B 526 -1.40 -86.96 -47.08
N GLY B 527 -2.39 -86.14 -46.75
CA GLY B 527 -3.03 -85.30 -47.75
C GLY B 527 -3.91 -84.24 -47.13
N VAL B 528 -4.18 -83.20 -47.90
CA VAL B 528 -5.13 -82.15 -47.53
C VAL B 528 -6.31 -82.23 -48.50
N VAL B 529 -7.40 -81.55 -48.16
CA VAL B 529 -8.60 -81.63 -48.97
C VAL B 529 -8.86 -80.29 -49.65
N LYS B 530 -9.55 -80.34 -50.78
CA LYS B 530 -9.87 -79.17 -51.59
C LYS B 530 -11.38 -79.12 -51.76
N PHE B 531 -11.99 -78.01 -51.40
CA PHE B 531 -13.44 -77.87 -51.46
C PHE B 531 -13.80 -76.80 -52.48
N TYR B 532 -14.71 -77.12 -53.41
CA TYR B 532 -15.27 -76.17 -54.35
C TYR B 532 -16.75 -76.08 -54.05
N GLY B 533 -17.19 -74.91 -53.60
CA GLY B 533 -18.56 -74.72 -53.20
C GLY B 533 -19.25 -73.67 -54.04
N SER B 534 -20.53 -73.90 -54.29
CA SER B 534 -21.39 -72.92 -54.93
C SER B 534 -22.81 -73.13 -54.44
N PHE B 535 -23.54 -72.04 -54.25
CA PHE B 535 -24.87 -72.14 -53.68
C PHE B 535 -25.91 -71.66 -54.68
N ALA B 536 -27.16 -72.00 -54.37
CA ALA B 536 -28.31 -71.44 -55.07
C ALA B 536 -29.47 -71.38 -54.09
N PHE B 537 -30.16 -70.25 -54.05
CA PHE B 537 -31.26 -70.07 -53.12
C PHE B 537 -32.59 -70.41 -53.81
N ASN B 538 -33.29 -71.40 -53.28
CA ASN B 538 -34.62 -71.75 -53.76
C ASN B 538 -35.63 -70.89 -53.03
N ARG B 539 -36.23 -69.96 -53.77
CA ARG B 539 -37.19 -69.00 -53.23
C ARG B 539 -38.53 -69.66 -52.92
N LYS B 540 -38.88 -70.72 -53.65
CA LYS B 540 -40.20 -71.33 -53.50
C LYS B 540 -40.32 -72.08 -52.18
N ARG B 541 -39.34 -72.96 -51.91
CA ARG B 541 -39.28 -73.79 -50.67
C ARG B 541 -38.41 -73.15 -49.60
N ASN B 542 -37.88 -71.96 -49.84
CA ASN B 542 -37.09 -71.19 -48.87
C ASN B 542 -35.87 -71.97 -48.37
N VAL B 543 -35.18 -72.65 -49.29
CA VAL B 543 -34.02 -73.44 -48.87
C VAL B 543 -32.78 -72.90 -49.57
N LEU B 544 -31.63 -73.29 -49.04
CA LEU B 544 -30.33 -72.94 -49.58
C LEU B 544 -29.68 -74.24 -50.05
N GLU B 545 -29.50 -74.38 -51.36
CA GLU B 545 -28.96 -75.58 -51.96
C GLU B 545 -27.47 -75.35 -52.18
N LEU B 546 -26.64 -75.90 -51.30
CA LEU B 546 -25.21 -75.86 -51.46
C LEU B 546 -24.77 -76.99 -52.38
N GLU B 547 -23.63 -76.78 -53.02
CA GLU B 547 -23.06 -77.73 -53.97
C GLU B 547 -21.56 -77.74 -53.68
N ILE B 548 -21.10 -78.76 -52.97
CA ILE B 548 -19.72 -78.87 -52.53
C ILE B 548 -19.12 -80.10 -53.20
N LYS B 549 -18.13 -79.89 -54.03
CA LYS B 549 -17.43 -80.97 -54.71
C LYS B 549 -15.95 -80.89 -54.39
N GLN B 550 -15.31 -82.05 -54.28
CA GLN B 550 -13.91 -82.12 -53.91
C GLN B 550 -13.05 -82.49 -55.11
N ASP B 551 -11.87 -81.90 -55.19
CA ASP B 551 -10.86 -82.32 -56.15
C ASP B 551 -9.94 -83.29 -55.43
N TYR B 552 -10.13 -84.58 -55.70
CA TYR B 552 -9.41 -85.64 -55.03
C TYR B 552 -8.46 -86.37 -55.96
N THR B 553 -8.28 -85.87 -57.18
CA THR B 553 -7.41 -86.49 -58.16
C THR B 553 -6.13 -85.69 -58.39
N SER B 554 -5.95 -84.57 -57.71
CA SER B 554 -4.69 -83.86 -57.69
C SER B 554 -3.66 -84.68 -56.93
N PRO B 555 -2.35 -84.43 -57.15
CA PRO B 555 -1.34 -85.27 -56.50
C PRO B 555 -1.27 -85.12 -54.99
N GLY B 556 -1.62 -83.97 -54.43
CA GLY B 556 -1.50 -83.78 -53.00
C GLY B 556 -2.74 -84.04 -52.19
N THR B 557 -3.86 -84.37 -52.82
CA THR B 557 -5.16 -84.33 -52.19
C THR B 557 -5.62 -85.70 -51.70
N GLN B 558 -6.64 -85.68 -50.86
CA GLN B 558 -7.31 -86.88 -50.40
C GLN B 558 -8.79 -86.61 -50.26
N LYS B 559 -9.57 -87.66 -50.03
CA LYS B 559 -11.03 -87.49 -50.03
C LYS B 559 -11.57 -87.45 -48.62
N TYR B 560 -12.38 -86.45 -48.32
CA TYR B 560 -12.96 -86.23 -47.02
C TYR B 560 -14.37 -86.79 -47.01
N VAL B 561 -14.71 -87.56 -45.97
CA VAL B 561 -16.04 -88.16 -45.89
C VAL B 561 -16.71 -87.86 -44.55
N GLY B 562 -16.10 -87.02 -43.72
CA GLY B 562 -16.66 -86.75 -42.41
C GLY B 562 -17.77 -85.73 -42.44
N PRO B 563 -18.06 -85.12 -41.28
CA PRO B 563 -18.97 -83.99 -41.24
C PRO B 563 -18.25 -82.68 -41.50
N LEU B 564 -19.03 -81.66 -41.86
CA LEU B 564 -18.50 -80.37 -42.28
C LEU B 564 -19.40 -79.27 -41.78
N LYS B 565 -18.84 -78.31 -41.06
CA LYS B 565 -19.62 -77.21 -40.53
C LYS B 565 -19.69 -76.11 -41.58
N VAL B 566 -20.86 -75.48 -41.70
CA VAL B 566 -21.05 -74.32 -42.56
C VAL B 566 -21.84 -73.28 -41.78
N THR B 567 -21.44 -72.02 -41.89
CA THR B 567 -22.07 -70.94 -41.15
C THR B 567 -22.72 -69.99 -42.13
N VAL B 568 -24.05 -69.83 -42.03
CA VAL B 568 -24.80 -68.95 -42.92
C VAL B 568 -25.30 -67.77 -42.12
N GLN B 569 -24.95 -66.58 -42.57
CA GLN B 569 -25.47 -65.34 -42.01
C GLN B 569 -26.63 -64.89 -42.88
N GLU B 570 -27.83 -64.99 -42.32
CA GLU B 570 -29.06 -64.48 -42.90
C GLU B 570 -29.49 -63.26 -42.12
N LEU B 571 -30.59 -62.64 -42.56
CA LEU B 571 -31.11 -61.45 -41.89
C LEU B 571 -31.57 -61.73 -40.47
N ASP B 572 -31.97 -62.95 -40.16
CA ASP B 572 -32.37 -63.28 -38.80
C ASP B 572 -31.19 -63.62 -37.90
N GLY B 573 -29.97 -63.74 -38.44
CA GLY B 573 -28.83 -63.99 -37.60
C GLY B 573 -27.87 -64.97 -38.23
N SER B 574 -26.96 -65.48 -37.42
CA SER B 574 -25.93 -66.42 -37.87
C SER B 574 -26.29 -67.81 -37.37
N PHE B 575 -26.41 -68.76 -38.30
CA PHE B 575 -26.78 -70.13 -37.98
C PHE B 575 -25.74 -71.09 -38.50
N ASN B 576 -25.39 -72.07 -37.68
CA ASN B 576 -24.44 -73.11 -38.04
C ASN B 576 -25.19 -74.37 -38.45
N HIS B 577 -24.66 -75.06 -39.45
CA HIS B 577 -25.24 -76.30 -39.96
C HIS B 577 -24.13 -77.32 -40.15
N THR B 578 -24.41 -78.56 -39.83
CA THR B 578 -23.47 -79.66 -40.05
C THR B 578 -23.94 -80.47 -41.25
N LEU B 579 -23.05 -80.64 -42.22
CA LEU B 579 -23.33 -81.33 -43.46
C LEU B 579 -22.55 -82.65 -43.47
N GLN B 580 -23.18 -83.71 -43.94
CA GLN B 580 -22.52 -85.00 -44.07
C GLN B 580 -22.17 -85.20 -45.53
N ILE B 581 -20.85 -85.12 -45.74
CA ILE B 581 -20.28 -85.12 -47.10
C ILE B 581 -19.72 -86.47 -47.47
N GLU B 582 -20.59 -87.42 -47.78
CA GLU B 582 -20.17 -88.77 -48.20
C GLU B 582 -19.65 -88.71 -49.63
N GLU B 583 -19.08 -89.79 -50.16
CA GLU B 583 -18.43 -89.81 -51.47
C GLU B 583 -19.38 -89.43 -52.61
N ASN B 584 -20.61 -89.92 -52.58
CA ASN B 584 -21.56 -89.68 -53.69
C ASN B 584 -22.37 -88.40 -53.48
N SER B 585 -22.05 -87.60 -52.46
CA SER B 585 -22.85 -86.40 -52.14
C SER B 585 -22.50 -85.22 -53.01
N LEU B 586 -23.50 -84.47 -53.47
CA LEU B 586 -23.17 -83.21 -54.14
C LEU B 586 -24.06 -82.06 -53.71
N LYS B 587 -25.36 -82.29 -53.55
CA LYS B 587 -26.27 -81.17 -53.22
C LYS B 587 -26.76 -81.30 -51.80
N HIS B 588 -26.59 -80.28 -51.00
CA HIS B 588 -26.97 -80.24 -49.59
C HIS B 588 -27.99 -79.12 -49.41
N ASP B 589 -29.22 -79.49 -49.08
CA ASP B 589 -30.29 -78.52 -48.90
C ASP B 589 -30.40 -78.18 -47.41
N ILE B 590 -30.12 -76.93 -47.07
CA ILE B 590 -30.26 -76.50 -45.68
C ILE B 590 -31.41 -75.50 -45.63
N PRO B 591 -32.12 -75.37 -44.52
CA PRO B 591 -33.26 -74.45 -44.49
C PRO B 591 -32.85 -73.02 -44.15
N CYS B 592 -33.64 -72.08 -44.67
CA CYS B 592 -33.41 -70.66 -44.45
C CYS B 592 -34.55 -70.06 -43.65
N HIS B 593 -34.25 -68.98 -42.95
CA HIS B 593 -35.16 -68.31 -42.06
C HIS B 593 -35.89 -67.17 -42.77
N SER B 594 -36.54 -66.30 -42.00
CA SER B 594 -37.38 -65.24 -42.53
C SER B 594 -36.55 -64.11 -43.12
N LYS B 595 -37.25 -63.09 -43.62
CA LYS B 595 -36.67 -61.84 -44.05
C LYS B 595 -37.45 -60.67 -43.49
N SER B 596 -37.87 -60.78 -42.23
CA SER B 596 -38.69 -59.76 -41.58
C SER B 596 -37.86 -58.66 -40.96
N ARG B 597 -36.53 -58.76 -40.99
CA ARG B 597 -35.67 -57.63 -40.63
C ARG B 597 -35.37 -56.74 -41.81
N ARG B 598 -35.98 -57.01 -42.97
CA ARG B 598 -35.99 -56.06 -44.06
C ARG B 598 -37.35 -55.35 -44.16
N ASN B 599 -38.40 -55.96 -43.61
CA ASN B 599 -39.69 -55.28 -43.49
C ASN B 599 -39.61 -54.09 -42.55
N LYS B 600 -39.29 -54.33 -41.27
CA LYS B 600 -38.87 -53.24 -40.42
C LYS B 600 -37.36 -53.10 -40.49
N LYS B 601 -36.87 -51.88 -40.40
CA LYS B 601 -35.47 -51.67 -40.04
C LYS B 601 -35.24 -52.07 -38.60
N LYS B 602 -34.70 -53.27 -38.42
CA LYS B 602 -34.12 -53.73 -37.17
C LYS B 602 -32.65 -54.04 -37.43
N LYS B 603 -31.92 -54.16 -36.32
CA LYS B 603 -30.48 -54.50 -36.44
C LYS B 603 -30.38 -55.99 -36.71
N ILE B 604 -29.40 -56.41 -37.50
CA ILE B 604 -29.18 -57.81 -37.85
C ILE B 604 -28.18 -58.40 -36.86
N PRO B 605 -28.52 -59.47 -36.15
CA PRO B 605 -27.62 -60.01 -35.14
C PRO B 605 -26.49 -60.82 -35.75
N LEU B 606 -25.31 -60.68 -35.18
CA LEU B 606 -24.07 -61.18 -35.75
C LEU B 606 -23.71 -62.54 -35.16
N MET B 607 -22.48 -62.98 -35.45
CA MET B 607 -21.98 -64.26 -34.93
C MET B 607 -21.79 -64.19 -33.42
N ASN B 608 -21.30 -63.07 -32.91
CA ASN B 608 -21.27 -62.85 -31.47
C ASN B 608 -22.63 -62.29 -31.04
N GLY B 609 -22.75 -61.85 -29.80
CA GLY B 609 -24.04 -61.41 -29.31
C GLY B 609 -24.51 -60.07 -29.81
N GLU B 610 -23.65 -59.30 -30.49
CA GLU B 610 -23.98 -57.95 -30.87
C GLU B 610 -24.84 -57.94 -32.14
N GLU B 611 -25.29 -56.75 -32.50
CA GLU B 611 -26.06 -56.54 -33.72
C GLU B 611 -25.73 -55.17 -34.29
N VAL B 612 -25.81 -55.05 -35.61
CA VAL B 612 -25.36 -53.84 -36.29
C VAL B 612 -26.41 -53.40 -37.31
N ASP B 613 -26.28 -52.15 -37.75
CA ASP B 613 -27.05 -51.63 -38.86
C ASP B 613 -26.31 -51.93 -40.16
N MET B 614 -26.98 -52.61 -41.09
CA MET B 614 -26.41 -52.91 -42.38
C MET B 614 -27.16 -52.16 -43.47
N ASP B 615 -26.44 -51.78 -44.51
CA ASP B 615 -27.08 -51.14 -45.65
C ASP B 615 -27.51 -52.26 -46.59
N LEU B 616 -28.80 -52.54 -46.63
CA LEU B 616 -29.31 -53.69 -47.36
C LEU B 616 -29.69 -53.36 -48.80
N SER B 617 -29.16 -52.27 -49.35
CA SER B 617 -29.52 -51.88 -50.71
C SER B 617 -28.85 -52.77 -51.75
N ALA B 618 -27.71 -53.36 -51.42
CA ALA B 618 -27.00 -54.21 -52.36
C ALA B 618 -27.51 -55.65 -52.33
N MET B 619 -28.22 -56.03 -51.29
CA MET B 619 -28.70 -57.40 -51.14
C MET B 619 -29.81 -57.68 -52.14
N ASP B 620 -29.95 -58.96 -52.49
CA ASP B 620 -31.07 -59.39 -53.31
C ASP B 620 -32.38 -59.25 -52.55
N ALA B 621 -33.46 -59.01 -53.27
CA ALA B 621 -34.75 -58.84 -52.62
C ALA B 621 -35.34 -60.17 -52.18
N ASP B 622 -35.03 -61.25 -52.88
CA ASP B 622 -35.68 -62.53 -52.63
C ASP B 622 -34.92 -63.42 -51.65
N SER B 623 -33.64 -63.20 -51.43
CA SER B 623 -32.86 -64.07 -50.57
C SER B 623 -32.58 -63.38 -49.25
N PRO B 624 -32.73 -64.07 -48.11
CA PRO B 624 -32.38 -63.46 -46.83
C PRO B 624 -30.91 -63.58 -46.49
N LEU B 625 -30.17 -64.47 -47.14
CA LEU B 625 -28.86 -64.82 -46.67
C LEU B 625 -27.82 -63.80 -47.14
N LEU B 626 -27.00 -63.35 -46.21
CA LEU B 626 -26.02 -62.30 -46.41
C LEU B 626 -24.65 -62.84 -46.75
N TRP B 627 -24.18 -63.90 -46.08
CA TRP B 627 -22.97 -64.56 -46.53
C TRP B 627 -22.95 -66.00 -46.03
N ILE B 628 -22.12 -66.82 -46.66
CA ILE B 628 -21.94 -68.23 -46.31
C ILE B 628 -20.46 -68.49 -46.14
N ARG B 629 -20.10 -69.24 -45.11
CA ARG B 629 -18.72 -69.65 -44.89
C ARG B 629 -18.65 -71.15 -44.71
N ILE B 630 -17.95 -71.84 -45.60
CA ILE B 630 -17.74 -73.27 -45.51
C ILE B 630 -16.52 -73.53 -44.66
N ASP B 631 -16.70 -74.35 -43.61
CA ASP B 631 -15.72 -74.68 -42.57
C ASP B 631 -15.12 -73.43 -41.94
N PRO B 632 -15.87 -72.72 -41.09
CA PRO B 632 -15.34 -71.47 -40.55
C PRO B 632 -14.26 -71.66 -39.51
N ASP B 633 -14.32 -72.73 -38.71
CA ASP B 633 -13.42 -72.92 -37.59
C ASP B 633 -12.11 -73.59 -37.97
N MET B 634 -11.88 -73.81 -39.27
CA MET B 634 -10.71 -74.50 -39.82
C MET B 634 -10.52 -75.88 -39.21
N SER B 635 -11.62 -76.62 -39.11
CA SER B 635 -11.62 -77.91 -38.42
C SER B 635 -11.11 -79.05 -39.28
N VAL B 636 -10.74 -78.79 -40.53
CA VAL B 636 -10.06 -79.75 -41.37
C VAL B 636 -8.89 -79.04 -42.03
N LEU B 637 -7.99 -79.82 -42.61
CA LEU B 637 -6.84 -79.27 -43.33
C LEU B 637 -7.26 -79.07 -44.78
N ARG B 638 -7.74 -77.87 -45.09
CA ARG B 638 -8.55 -77.68 -46.28
C ARG B 638 -8.17 -76.41 -47.02
N LYS B 639 -8.60 -76.34 -48.29
CA LYS B 639 -8.49 -75.16 -49.12
C LYS B 639 -9.86 -74.95 -49.76
N VAL B 640 -10.54 -73.87 -49.40
CA VAL B 640 -11.92 -73.66 -49.80
C VAL B 640 -11.94 -72.69 -50.98
N GLU B 641 -12.79 -72.97 -51.96
CA GLU B 641 -12.99 -72.09 -53.11
C GLU B 641 -14.49 -71.88 -53.25
N PHE B 642 -15.03 -70.92 -52.52
CA PHE B 642 -16.46 -70.67 -52.51
C PHE B 642 -16.82 -69.55 -53.49
N GLU B 643 -17.96 -69.72 -54.15
CA GLU B 643 -18.44 -68.78 -55.16
C GLU B 643 -19.63 -68.03 -54.60
N GLN B 644 -19.36 -66.93 -53.91
CA GLN B 644 -20.40 -66.04 -53.45
C GLN B 644 -20.64 -64.95 -54.49
N ALA B 645 -21.54 -64.04 -54.19
CA ALA B 645 -21.73 -62.86 -55.01
C ALA B 645 -20.88 -61.76 -54.36
N ASP B 646 -20.54 -60.72 -55.14
CA ASP B 646 -19.60 -59.71 -54.67
C ASP B 646 -20.14 -58.91 -53.49
N PHE B 647 -21.46 -58.71 -53.42
CA PHE B 647 -22.01 -58.01 -52.28
C PHE B 647 -21.94 -58.86 -51.02
N MET B 648 -21.98 -60.18 -51.16
CA MET B 648 -21.82 -61.06 -50.01
C MET B 648 -20.40 -61.01 -49.48
N TRP B 649 -19.42 -60.91 -50.38
CA TRP B 649 -18.03 -60.71 -49.96
C TRP B 649 -17.83 -59.36 -49.31
N GLN B 650 -18.54 -58.33 -49.77
CA GLN B 650 -18.39 -57.02 -49.15
C GLN B 650 -19.06 -56.96 -47.77
N TYR B 651 -20.20 -57.62 -47.60
CA TYR B 651 -20.83 -57.73 -46.30
C TYR B 651 -19.99 -58.55 -45.34
N GLN B 652 -19.36 -59.62 -45.84
CA GLN B 652 -18.47 -60.42 -45.02
C GLN B 652 -17.20 -59.66 -44.68
N LEU B 653 -16.75 -58.74 -45.53
CA LEU B 653 -15.60 -57.94 -45.14
C LEU B 653 -15.97 -56.92 -44.09
N ARG B 654 -17.15 -56.30 -44.22
CA ARG B 654 -17.49 -55.22 -43.30
C ARG B 654 -17.91 -55.74 -41.93
N TYR B 655 -18.93 -56.60 -41.87
CA TYR B 655 -19.65 -56.83 -40.62
C TYR B 655 -19.32 -58.16 -39.96
N GLU B 656 -18.31 -58.88 -40.41
CA GLU B 656 -17.98 -60.14 -39.78
C GLU B 656 -17.16 -59.91 -38.52
N ARG B 657 -17.31 -60.82 -37.57
CA ARG B 657 -16.54 -60.79 -36.34
C ARG B 657 -15.59 -61.97 -36.29
N ASP B 658 -14.91 -62.20 -37.41
CA ASP B 658 -13.89 -63.24 -37.54
C ASP B 658 -12.81 -62.72 -38.48
N VAL B 659 -11.55 -62.78 -38.08
CA VAL B 659 -10.51 -62.17 -38.88
C VAL B 659 -10.15 -63.00 -40.08
N VAL B 660 -10.34 -64.33 -40.02
CA VAL B 660 -9.99 -65.16 -41.15
C VAL B 660 -11.03 -65.00 -42.26
N ALA B 661 -12.27 -64.67 -41.90
CA ALA B 661 -13.29 -64.40 -42.91
C ALA B 661 -13.11 -63.03 -43.53
N GLN B 662 -12.66 -62.04 -42.76
CA GLN B 662 -12.31 -60.76 -43.34
C GLN B 662 -11.11 -60.87 -44.26
N GLN B 663 -10.14 -61.71 -43.91
CA GLN B 663 -8.99 -61.91 -44.78
C GLN B 663 -9.35 -62.64 -46.06
N GLU B 664 -10.21 -63.65 -45.97
CA GLU B 664 -10.62 -64.35 -47.19
C GLU B 664 -11.55 -63.53 -48.05
N SER B 665 -12.29 -62.58 -47.46
CA SER B 665 -13.10 -61.68 -48.27
C SER B 665 -12.24 -60.64 -48.96
N ILE B 666 -11.18 -60.17 -48.30
CA ILE B 666 -10.19 -59.32 -48.96
C ILE B 666 -9.55 -60.05 -50.13
N LEU B 667 -9.21 -61.31 -49.91
CA LEU B 667 -8.57 -62.13 -50.95
C LEU B 667 -9.52 -62.41 -52.11
N ALA B 668 -10.82 -62.50 -51.85
CA ALA B 668 -11.79 -62.74 -52.91
C ALA B 668 -12.34 -61.48 -53.55
N LEU B 669 -12.11 -60.31 -52.95
CA LEU B 669 -12.56 -59.07 -53.57
C LEU B 669 -11.64 -58.57 -54.67
N GLU B 670 -10.48 -59.19 -54.86
CA GLU B 670 -9.59 -58.79 -55.95
C GLU B 670 -10.15 -59.17 -57.32
N LYS B 671 -11.07 -60.13 -57.36
CA LYS B 671 -11.69 -60.52 -58.62
C LYS B 671 -12.89 -59.64 -58.97
N PHE B 672 -13.40 -58.85 -58.03
CA PHE B 672 -14.52 -57.94 -58.28
C PHE B 672 -14.05 -56.51 -58.10
N PRO B 673 -13.64 -55.84 -59.17
CA PRO B 673 -13.13 -54.46 -59.06
C PRO B 673 -14.19 -53.37 -59.06
N THR B 674 -15.44 -53.70 -58.74
CA THR B 674 -16.52 -52.72 -58.71
C THR B 674 -16.26 -51.64 -57.65
N PRO B 675 -16.83 -50.44 -57.81
CA PRO B 675 -16.61 -49.38 -56.81
C PRO B 675 -17.22 -49.65 -55.45
N ALA B 676 -18.18 -50.56 -55.34
CA ALA B 676 -18.68 -50.96 -54.02
C ALA B 676 -17.61 -51.72 -53.24
N SER B 677 -16.78 -52.49 -53.92
CA SER B 677 -15.67 -53.16 -53.24
C SER B 677 -14.59 -52.17 -52.83
N ARG B 678 -14.41 -51.10 -53.60
CA ARG B 678 -13.45 -50.04 -53.23
C ARG B 678 -13.98 -49.33 -52.01
N LEU B 679 -15.28 -49.09 -51.94
CA LEU B 679 -15.88 -48.49 -50.76
C LEU B 679 -15.77 -49.40 -49.55
N ALA B 680 -15.90 -50.72 -49.75
CA ALA B 680 -15.78 -51.68 -48.65
C ALA B 680 -14.36 -51.70 -48.08
N LEU B 681 -13.35 -51.78 -48.95
CA LEU B 681 -11.97 -51.78 -48.47
C LEU B 681 -11.56 -50.45 -47.88
N THR B 682 -12.09 -49.33 -48.40
CA THR B 682 -11.77 -48.04 -47.83
C THR B 682 -12.43 -47.86 -46.46
N ASP B 683 -13.62 -48.42 -46.28
CA ASP B 683 -14.26 -48.38 -44.97
C ASP B 683 -13.55 -49.30 -43.99
N ILE B 684 -12.94 -50.37 -44.47
CA ILE B 684 -12.11 -51.22 -43.60
C ILE B 684 -10.83 -50.49 -43.21
N LEU B 685 -10.24 -49.74 -44.14
CA LEU B 685 -8.98 -49.05 -43.88
C LEU B 685 -9.15 -47.91 -42.88
N GLU B 686 -10.20 -47.10 -43.03
CA GLU B 686 -10.54 -46.05 -42.07
C GLU B 686 -10.94 -46.54 -40.69
N GLN B 687 -11.19 -47.82 -40.50
CA GLN B 687 -11.85 -48.29 -39.29
C GLN B 687 -10.81 -48.80 -38.31
N GLU B 688 -10.52 -48.00 -37.28
CA GLU B 688 -10.01 -48.60 -36.06
C GLU B 688 -11.11 -49.44 -35.44
N GLN B 689 -10.69 -50.38 -34.60
CA GLN B 689 -11.42 -51.52 -33.97
C GLN B 689 -11.60 -52.64 -34.99
N CYS B 690 -10.98 -52.52 -36.17
CA CYS B 690 -10.66 -53.65 -37.00
C CYS B 690 -9.25 -54.12 -36.64
N PHE B 691 -9.01 -55.42 -36.76
CA PHE B 691 -7.69 -55.99 -36.52
C PHE B 691 -6.72 -55.46 -37.56
N TYR B 692 -5.51 -55.11 -37.10
CA TYR B 692 -4.62 -54.28 -37.92
C TYR B 692 -4.08 -55.04 -39.12
N ARG B 693 -3.93 -56.35 -39.01
CA ARG B 693 -3.44 -57.15 -40.13
C ARG B 693 -4.49 -57.34 -41.20
N VAL B 694 -5.74 -56.98 -40.95
CA VAL B 694 -6.75 -56.97 -41.99
C VAL B 694 -6.65 -55.68 -42.80
N ARG B 695 -6.38 -54.57 -42.12
CA ARG B 695 -6.20 -53.30 -42.81
C ARG B 695 -4.92 -53.27 -43.62
N MET B 696 -3.88 -53.92 -43.12
CA MET B 696 -2.63 -54.03 -43.89
C MET B 696 -2.81 -54.87 -45.15
N SER B 697 -3.76 -55.80 -45.16
CA SER B 697 -4.08 -56.54 -46.37
C SER B 697 -4.99 -55.74 -47.28
N ALA B 698 -5.86 -54.92 -46.69
CA ALA B 698 -6.77 -54.11 -47.48
C ALA B 698 -6.04 -53.02 -48.25
N CYS B 699 -4.87 -52.59 -47.76
CA CYS B 699 -4.02 -51.68 -48.53
C CYS B 699 -3.63 -52.28 -49.87
N PHE B 700 -3.09 -53.51 -49.86
CA PHE B 700 -2.64 -54.14 -51.09
C PHE B 700 -3.81 -54.55 -51.98
N CYS B 701 -4.92 -54.95 -51.38
CA CYS B 701 -6.11 -55.26 -52.17
C CYS B 701 -6.66 -54.01 -52.85
N LEU B 702 -6.63 -52.86 -52.15
CA LEU B 702 -7.08 -51.61 -52.73
C LEU B 702 -6.14 -51.14 -53.84
N ALA B 703 -4.84 -51.40 -53.71
CA ALA B 703 -3.90 -51.09 -54.77
C ALA B 703 -4.17 -51.92 -56.03
N LYS B 704 -4.44 -53.22 -55.86
CA LYS B 704 -4.72 -54.07 -57.01
C LYS B 704 -6.03 -53.67 -57.70
N ILE B 705 -7.07 -53.40 -56.92
CA ILE B 705 -8.35 -52.97 -57.48
C ILE B 705 -8.21 -51.63 -58.19
N ALA B 706 -7.42 -50.71 -57.63
CA ALA B 706 -7.19 -49.42 -58.26
C ALA B 706 -6.43 -49.56 -59.57
N ASN B 707 -5.49 -50.49 -59.63
CA ASN B 707 -4.80 -50.75 -60.89
C ASN B 707 -5.72 -51.35 -61.94
N SER B 708 -6.72 -52.12 -61.51
CA SER B 708 -7.61 -52.73 -62.49
C SER B 708 -8.73 -51.82 -62.99
N MET B 709 -9.11 -50.78 -62.25
CA MET B 709 -10.14 -49.85 -62.72
C MET B 709 -9.54 -48.48 -63.07
N VAL B 710 -8.38 -48.48 -63.73
CA VAL B 710 -7.93 -47.26 -64.39
C VAL B 710 -8.85 -46.95 -65.58
N SER B 711 -8.85 -45.68 -65.98
CA SER B 711 -9.83 -45.05 -66.89
C SER B 711 -11.26 -45.12 -66.37
N THR B 712 -11.42 -45.33 -65.07
CA THR B 712 -12.68 -45.21 -64.35
C THR B 712 -12.50 -44.46 -63.03
N TRP B 713 -11.30 -44.45 -62.47
CA TRP B 713 -11.00 -43.82 -61.19
C TRP B 713 -11.17 -42.30 -61.27
N THR B 714 -11.94 -41.78 -60.32
CA THR B 714 -12.39 -40.37 -60.38
C THR B 714 -11.36 -39.40 -59.84
N GLY B 715 -11.05 -39.50 -58.55
CA GLY B 715 -10.31 -38.46 -57.87
C GLY B 715 -8.83 -38.70 -57.80
N PRO B 716 -8.26 -38.54 -56.61
CA PRO B 716 -6.81 -38.75 -56.42
C PRO B 716 -6.46 -40.22 -56.47
N PRO B 717 -5.17 -40.58 -56.46
CA PRO B 717 -4.79 -41.98 -56.30
C PRO B 717 -5.26 -42.55 -54.97
N ALA B 718 -5.35 -43.88 -54.94
CA ALA B 718 -5.88 -44.60 -53.79
C ALA B 718 -4.98 -44.42 -52.57
N MET B 719 -5.61 -44.33 -51.40
CA MET B 719 -5.03 -44.21 -50.07
C MET B 719 -4.27 -42.92 -49.82
N LYS B 720 -4.21 -42.00 -50.79
CA LYS B 720 -3.38 -40.79 -50.56
C LYS B 720 -4.15 -39.87 -49.67
N SER B 721 -5.38 -39.53 -50.06
CA SER B 721 -6.23 -38.70 -49.21
C SER B 721 -6.45 -39.34 -47.85
N LEU B 722 -6.50 -40.67 -47.81
CA LEU B 722 -6.66 -41.36 -46.54
C LEU B 722 -5.39 -41.27 -45.69
N PHE B 723 -4.22 -41.32 -46.34
CA PHE B 723 -2.97 -41.10 -45.61
C PHE B 723 -2.88 -39.68 -45.07
N THR B 724 -3.28 -38.69 -45.85
CA THR B 724 -3.22 -37.32 -45.36
C THR B 724 -4.28 -37.05 -44.30
N ARG B 725 -5.38 -37.80 -44.33
CA ARG B 725 -6.39 -37.67 -43.30
C ARG B 725 -5.96 -38.33 -41.99
N MET B 726 -5.23 -39.44 -42.07
CA MET B 726 -4.89 -40.18 -40.87
C MET B 726 -3.55 -39.79 -40.26
N PHE B 727 -2.52 -39.54 -41.08
CA PHE B 727 -1.15 -39.44 -40.58
C PHE B 727 -0.46 -38.12 -40.87
N CYS B 728 -1.11 -37.16 -41.51
CA CYS B 728 -0.48 -35.88 -41.80
C CYS B 728 -1.14 -34.77 -40.97
N CYS B 729 -0.57 -33.57 -41.08
CA CYS B 729 -1.04 -32.42 -40.32
C CYS B 729 -2.37 -31.92 -40.86
N LYS B 730 -3.16 -31.28 -39.99
CA LYS B 730 -4.44 -30.73 -40.45
C LYS B 730 -4.23 -29.47 -41.27
N SER B 731 -3.18 -28.71 -40.98
CA SER B 731 -2.97 -27.45 -41.68
C SER B 731 -2.13 -27.63 -42.94
N CYS B 732 -1.26 -28.63 -42.96
CA CYS B 732 -0.42 -28.91 -44.13
C CYS B 732 -0.69 -30.33 -44.60
N PRO B 733 -1.29 -30.54 -45.77
CA PRO B 733 -1.62 -31.91 -46.18
C PRO B 733 -0.40 -32.69 -46.68
N ASN B 734 0.56 -32.03 -47.29
CA ASN B 734 1.70 -32.73 -47.86
C ASN B 734 2.88 -32.86 -46.89
N ILE B 735 2.81 -32.23 -45.73
CA ILE B 735 3.79 -32.44 -44.68
C ILE B 735 3.27 -33.50 -43.73
N VAL B 736 4.04 -34.55 -43.52
CA VAL B 736 3.66 -35.62 -42.61
C VAL B 736 3.86 -35.17 -41.18
N LYS B 737 3.07 -35.71 -40.27
CA LYS B 737 3.26 -35.44 -38.85
C LYS B 737 4.58 -36.02 -38.38
N THR B 738 5.15 -35.40 -37.35
CA THR B 738 6.37 -35.91 -36.74
C THR B 738 6.08 -37.25 -36.07
N ASN B 739 7.08 -38.13 -36.11
CA ASN B 739 6.87 -39.54 -35.81
C ASN B 739 6.59 -39.74 -34.33
N ASN B 740 5.44 -40.30 -34.03
CA ASN B 740 5.09 -40.76 -32.69
C ASN B 740 4.53 -42.17 -32.87
N PHE B 741 5.35 -43.17 -32.57
CA PHE B 741 5.04 -44.56 -32.86
C PHE B 741 4.51 -45.30 -31.64
N MET B 742 3.78 -44.62 -30.78
CA MET B 742 3.37 -45.22 -29.51
C MET B 742 2.04 -45.96 -29.59
N SER B 743 1.41 -46.01 -30.75
CA SER B 743 0.12 -46.69 -30.88
C SER B 743 0.23 -48.13 -31.33
N PHE B 744 1.27 -48.46 -32.10
CA PHE B 744 1.66 -49.79 -32.59
C PHE B 744 0.65 -50.41 -33.56
N GLN B 745 -0.44 -49.76 -33.87
CA GLN B 745 -1.32 -50.22 -34.93
C GLN B 745 -1.41 -49.23 -36.06
N SER B 746 -1.41 -47.94 -35.75
CA SER B 746 -1.26 -46.95 -36.80
C SER B 746 0.21 -46.79 -37.21
N TYR B 747 1.14 -47.29 -36.40
CA TYR B 747 2.54 -47.37 -36.84
C TYR B 747 2.68 -48.40 -37.95
N PHE B 748 2.11 -49.58 -37.77
CA PHE B 748 2.19 -50.64 -38.77
C PHE B 748 1.42 -50.25 -40.03
N LEU B 749 0.26 -49.62 -39.86
CA LEU B 749 -0.53 -49.19 -41.01
C LEU B 749 0.14 -48.04 -41.74
N GLN B 750 0.78 -47.13 -40.99
CA GLN B 750 1.49 -46.03 -41.61
C GLN B 750 2.71 -46.52 -42.39
N LYS B 751 3.41 -47.51 -41.86
CA LYS B 751 4.57 -47.99 -42.59
C LYS B 751 4.21 -48.98 -43.69
N THR B 752 2.99 -49.51 -43.72
CA THR B 752 2.59 -50.35 -44.83
C THR B 752 1.77 -49.64 -45.90
N MET B 753 1.27 -48.43 -45.65
CA MET B 753 0.41 -47.84 -46.68
C MET B 753 1.13 -47.25 -47.89
N PRO B 754 2.31 -46.58 -47.79
CA PRO B 754 3.00 -46.19 -49.03
C PRO B 754 3.58 -47.37 -49.81
N VAL B 755 3.86 -48.49 -49.15
CA VAL B 755 4.40 -49.65 -49.84
C VAL B 755 3.36 -50.22 -50.79
N ALA B 756 2.09 -50.21 -50.37
CA ALA B 756 1.00 -50.60 -51.25
C ALA B 756 0.63 -49.48 -52.22
N MET B 757 0.78 -48.22 -51.79
CA MET B 757 0.45 -47.09 -52.64
C MET B 757 1.40 -46.94 -53.82
N ALA B 758 2.61 -47.48 -53.71
CA ALA B 758 3.57 -47.42 -54.79
C ALA B 758 3.30 -48.44 -55.89
N LEU B 759 2.38 -49.38 -55.68
CA LEU B 759 1.99 -50.32 -56.71
C LEU B 759 0.91 -49.75 -57.63
N LEU B 760 0.54 -48.50 -57.43
CA LEU B 760 -0.36 -47.82 -58.34
C LEU B 760 0.31 -47.62 -59.69
N ARG B 761 -0.44 -47.79 -60.77
CA ARG B 761 0.07 -47.61 -62.11
C ARG B 761 -0.93 -46.77 -62.92
N ASP B 762 -0.39 -45.99 -63.84
CA ASP B 762 -1.26 -45.15 -64.71
C ASP B 762 -1.67 -45.94 -65.94
N VAL B 763 -2.32 -45.26 -66.90
CA VAL B 763 -2.76 -45.89 -68.16
C VAL B 763 -1.54 -46.27 -68.99
N HIS B 764 -0.40 -45.64 -68.72
CA HIS B 764 0.85 -45.90 -69.49
C HIS B 764 1.69 -46.96 -68.78
N ASN B 765 1.19 -47.55 -67.69
CA ASN B 765 1.88 -48.64 -66.97
C ASN B 765 3.05 -48.09 -66.18
N LEU B 766 3.13 -46.79 -66.01
CA LEU B 766 4.19 -46.18 -65.18
C LEU B 766 3.56 -45.68 -63.89
N CYS B 767 4.27 -45.80 -62.79
CA CYS B 767 3.81 -45.29 -61.51
C CYS B 767 3.60 -43.78 -61.62
N PRO B 768 2.51 -43.26 -61.08
CA PRO B 768 2.22 -41.83 -61.24
C PRO B 768 3.20 -40.95 -60.49
N LYS B 769 3.38 -39.73 -60.97
CA LYS B 769 4.38 -38.86 -60.33
C LYS B 769 3.71 -38.15 -59.16
N GLU B 770 2.49 -38.53 -58.83
CA GLU B 770 1.82 -37.93 -57.68
C GLU B 770 2.07 -38.78 -56.46
N VAL B 771 2.28 -40.09 -56.66
CA VAL B 771 2.53 -41.03 -55.58
C VAL B 771 4.02 -41.10 -55.28
N LEU B 772 4.85 -41.04 -56.32
CA LEU B 772 6.29 -41.00 -56.13
C LEU B 772 6.73 -39.72 -55.43
N THR B 773 6.15 -38.58 -55.80
CA THR B 773 6.42 -37.33 -55.11
C THR B 773 5.93 -37.37 -53.67
N PHE B 774 4.81 -38.04 -53.42
CA PHE B 774 4.29 -38.20 -52.07
C PHE B 774 5.22 -39.05 -51.20
N ILE B 775 5.78 -40.12 -51.78
CA ILE B 775 6.71 -40.97 -51.04
C ILE B 775 8.01 -40.22 -50.76
N LEU B 776 8.48 -39.43 -51.72
CA LEU B 776 9.70 -38.64 -51.51
C LEU B 776 9.49 -37.53 -50.48
N ASP B 777 8.28 -36.96 -50.41
CA ASP B 777 8.00 -36.00 -49.36
C ASP B 777 7.81 -36.67 -48.02
N LEU B 778 7.38 -37.93 -48.00
CA LEU B 778 7.37 -38.69 -46.75
C LEU B 778 8.78 -38.95 -46.26
N ILE B 779 9.71 -39.14 -47.19
CA ILE B 779 11.10 -39.36 -46.83
C ILE B 779 11.75 -38.08 -46.34
N LYS B 780 11.54 -36.94 -47.02
CA LYS B 780 12.19 -35.65 -46.66
C LYS B 780 11.69 -35.12 -45.34
N TYR B 781 10.39 -35.12 -45.11
CA TYR B 781 9.84 -34.47 -43.92
C TYR B 781 9.76 -35.41 -42.73
N ASN B 782 10.61 -36.43 -42.67
CA ASN B 782 10.59 -37.42 -41.59
C ASN B 782 11.40 -36.89 -40.42
N ASP B 783 10.75 -36.73 -39.27
CA ASP B 783 11.38 -36.22 -38.06
C ASP B 783 11.11 -37.20 -36.92
N ASN B 784 12.19 -37.77 -36.37
CA ASN B 784 12.08 -38.82 -35.36
C ASN B 784 12.80 -38.44 -34.07
N ARG B 785 12.87 -37.16 -33.75
CA ARG B 785 13.59 -36.72 -32.57
C ARG B 785 12.71 -36.65 -31.33
N LYS B 786 11.50 -37.23 -31.38
CA LYS B 786 10.47 -36.93 -30.41
C LYS B 786 9.77 -38.19 -29.90
N ASN B 787 9.83 -39.28 -30.66
CA ASN B 787 9.27 -40.53 -30.17
C ASN B 787 10.32 -41.32 -29.38
N LYS B 788 9.82 -42.23 -28.55
CA LYS B 788 10.67 -43.10 -27.76
C LYS B 788 11.08 -44.37 -28.49
N PHE B 789 10.78 -44.46 -29.78
CA PHE B 789 11.05 -45.66 -30.56
C PHE B 789 11.90 -45.32 -31.77
N SER B 790 12.55 -46.33 -32.31
CA SER B 790 13.45 -46.12 -33.43
C SER B 790 12.67 -46.08 -34.75
N ASP B 791 13.37 -45.62 -35.79
CA ASP B 791 12.75 -45.31 -37.06
C ASP B 791 13.24 -46.22 -38.17
N ASN B 792 13.98 -47.28 -37.85
CA ASN B 792 14.72 -48.03 -38.86
C ASN B 792 13.80 -48.84 -39.74
N TYR B 793 12.73 -49.40 -39.16
CA TYR B 793 11.80 -50.20 -39.94
C TYR B 793 10.91 -49.33 -40.81
N TYR B 794 10.51 -48.16 -40.32
CA TYR B 794 9.70 -47.24 -41.13
C TYR B 794 10.49 -46.68 -42.30
N ARG B 795 11.75 -46.33 -42.08
CA ARG B 795 12.59 -45.84 -43.16
C ARG B 795 12.94 -46.96 -44.14
N ALA B 796 13.13 -48.18 -43.64
CA ALA B 796 13.37 -49.32 -44.50
C ALA B 796 12.15 -49.63 -45.37
N GLU B 797 10.95 -49.51 -44.81
CA GLU B 797 9.74 -49.64 -45.60
C GLU B 797 9.57 -48.50 -46.59
N MET B 798 10.10 -47.32 -46.28
CA MET B 798 10.07 -46.23 -47.27
C MET B 798 10.97 -46.55 -48.46
N ILE B 799 12.12 -47.16 -48.21
CA ILE B 799 12.97 -47.61 -49.31
C ILE B 799 12.29 -48.72 -50.11
N ASP B 800 11.54 -49.60 -49.42
CA ASP B 800 10.78 -50.64 -50.11
C ASP B 800 9.67 -50.03 -50.98
N ALA B 801 9.04 -48.96 -50.51
CA ALA B 801 8.05 -48.27 -51.31
C ALA B 801 8.67 -47.58 -52.51
N LEU B 802 9.87 -47.01 -52.33
CA LEU B 802 10.59 -46.45 -53.48
C LEU B 802 10.97 -47.52 -54.49
N ALA B 803 11.27 -48.72 -54.03
CA ALA B 803 11.61 -49.81 -54.94
C ALA B 803 10.39 -50.36 -55.64
N ASN B 804 9.21 -50.26 -55.03
CA ASN B 804 8.00 -50.77 -55.68
C ASN B 804 7.56 -49.92 -56.86
N SER B 805 7.96 -48.65 -56.91
CA SER B 805 7.50 -47.76 -57.97
C SER B 805 8.26 -47.91 -59.27
N VAL B 806 9.32 -48.73 -59.28
CA VAL B 806 10.20 -48.81 -60.44
C VAL B 806 9.56 -49.71 -61.50
N THR B 807 9.23 -49.12 -62.63
CA THR B 807 8.74 -49.77 -63.83
C THR B 807 9.90 -50.00 -64.79
N PRO B 808 9.80 -51.00 -65.68
CA PRO B 808 10.92 -51.28 -66.59
C PRO B 808 11.16 -50.15 -67.59
N ALA B 809 12.44 -49.83 -67.77
CA ALA B 809 12.87 -48.69 -68.57
C ALA B 809 12.76 -49.00 -70.05
N VAL B 810 12.65 -47.93 -70.86
CA VAL B 810 12.45 -48.10 -72.33
C VAL B 810 13.80 -48.04 -73.04
N SER B 811 14.62 -49.08 -72.91
CA SER B 811 15.93 -49.12 -73.61
C SER B 811 15.69 -49.15 -75.12
N VAL B 812 16.47 -48.37 -75.88
CA VAL B 812 16.34 -48.36 -77.36
C VAL B 812 17.59 -49.00 -77.97
N ASN B 813 17.42 -50.02 -78.81
CA ASN B 813 18.56 -50.70 -79.48
C ASN B 813 19.58 -51.18 -78.44
N ASN B 814 19.11 -51.69 -77.30
CA ASN B 814 20.02 -52.20 -76.24
C ASN B 814 21.04 -51.12 -75.87
N GLU B 815 20.58 -49.86 -75.74
CA GLU B 815 21.51 -48.75 -75.42
C GLU B 815 22.16 -49.03 -74.07
N VAL B 816 23.47 -48.79 -73.95
CA VAL B 816 24.17 -49.01 -72.66
C VAL B 816 23.55 -48.05 -71.65
N ARG B 817 23.26 -48.55 -70.44
CA ARG B 817 22.64 -47.70 -69.38
C ARG B 817 23.74 -46.84 -68.76
N THR B 818 23.77 -45.56 -69.11
CA THR B 818 24.82 -44.67 -68.56
C THR B 818 24.11 -43.63 -67.70
N LEU B 819 24.86 -42.69 -67.19
CA LEU B 819 24.29 -41.70 -66.28
C LEU B 819 23.45 -40.65 -66.98
N ASP B 820 23.78 -40.30 -68.22
CA ASP B 820 23.02 -39.25 -68.91
C ASP B 820 21.65 -39.75 -69.38
N ASN B 821 21.56 -40.97 -69.89
CA ASN B 821 20.26 -41.48 -70.32
C ASN B 821 19.56 -42.24 -69.20
N LEU B 822 19.51 -41.63 -68.03
CA LEU B 822 18.77 -42.16 -66.90
C LEU B 822 17.37 -41.57 -66.92
N ASN B 823 16.43 -42.30 -66.34
CA ASN B 823 15.07 -41.80 -66.21
C ASN B 823 15.05 -40.62 -65.24
N PRO B 824 14.25 -39.58 -65.51
CA PRO B 824 14.17 -38.46 -64.56
C PRO B 824 13.50 -38.83 -63.25
N ASP B 825 12.71 -39.90 -63.25
CA ASP B 825 12.08 -40.44 -62.05
C ASP B 825 13.09 -41.20 -61.21
N VAL B 826 13.90 -42.03 -61.88
CA VAL B 826 14.82 -42.94 -61.22
C VAL B 826 16.03 -42.22 -60.68
N ARG B 827 16.35 -41.02 -61.19
CA ARG B 827 17.46 -40.27 -60.65
C ARG B 827 17.18 -39.79 -59.23
N LEU B 828 15.92 -39.44 -58.95
CA LEU B 828 15.54 -39.06 -57.58
C LEU B 828 15.58 -40.25 -56.64
N ILE B 829 15.10 -41.41 -57.10
CA ILE B 829 15.12 -42.64 -56.32
C ILE B 829 16.55 -43.07 -56.03
N LEU B 830 17.42 -42.93 -57.03
CA LEU B 830 18.81 -43.34 -56.90
C LEU B 830 19.57 -42.41 -55.98
N GLU B 831 19.25 -41.11 -56.03
CA GLU B 831 19.82 -40.16 -55.09
C GLU B 831 19.39 -40.46 -53.67
N GLU B 832 18.13 -40.84 -53.47
CA GLU B 832 17.65 -41.14 -52.12
C GLU B 832 18.26 -42.42 -51.56
N ILE B 833 18.39 -43.47 -52.38
CA ILE B 833 18.96 -44.69 -51.84
C ILE B 833 20.47 -44.55 -51.67
N THR B 834 21.13 -43.69 -52.46
CA THR B 834 22.54 -43.40 -52.23
C THR B 834 22.74 -42.64 -50.92
N ARG B 835 21.88 -41.66 -50.65
CA ARG B 835 21.94 -40.92 -49.39
C ARG B 835 21.67 -41.82 -48.20
N PHE B 836 20.70 -42.73 -48.33
CA PHE B 836 20.34 -43.62 -47.24
C PHE B 836 21.44 -44.64 -46.96
N LEU B 837 22.03 -45.22 -47.99
CA LEU B 837 23.09 -46.22 -47.80
C LEU B 837 24.35 -45.57 -47.25
N ASN B 838 24.70 -44.37 -47.73
CA ASN B 838 25.87 -43.69 -47.22
C ASN B 838 25.66 -43.22 -45.79
N MET B 839 24.45 -42.81 -45.43
CA MET B 839 24.21 -42.41 -44.05
C MET B 839 24.15 -43.62 -43.13
N GLU B 840 23.80 -44.79 -43.67
CA GLU B 840 23.90 -46.01 -42.89
C GLU B 840 25.35 -46.39 -42.63
N LYS B 841 26.25 -46.05 -43.57
CA LYS B 841 27.67 -46.29 -43.34
C LYS B 841 28.25 -45.47 -42.19
N LEU B 842 27.62 -44.36 -41.79
CA LEU B 842 28.08 -43.51 -40.70
C LEU B 842 27.23 -43.61 -39.45
N LEU B 843 25.91 -43.67 -39.60
CA LEU B 843 24.97 -43.87 -38.49
C LEU B 843 24.15 -45.11 -38.78
N PRO B 844 24.58 -46.28 -38.27
CA PRO B 844 23.92 -47.53 -38.64
C PRO B 844 22.60 -47.72 -37.91
N SER B 845 21.76 -48.58 -38.51
CA SER B 845 20.44 -48.87 -37.99
C SER B 845 20.53 -50.04 -37.01
N TYR B 846 19.37 -50.63 -36.67
CA TYR B 846 19.36 -51.65 -35.64
C TYR B 846 19.94 -52.97 -36.15
N ARG B 847 19.52 -53.41 -37.32
CA ARG B 847 20.11 -54.63 -37.84
C ARG B 847 20.48 -54.44 -39.28
N HIS B 848 20.92 -53.22 -39.58
CA HIS B 848 21.20 -52.73 -40.93
C HIS B 848 20.01 -52.95 -41.84
N THR B 849 18.83 -52.56 -41.34
CA THR B 849 17.60 -52.74 -42.09
C THR B 849 17.59 -51.85 -43.33
N ILE B 850 18.21 -50.69 -43.24
CA ILE B 850 18.27 -49.82 -44.39
C ILE B 850 19.33 -50.28 -45.38
N THR B 851 20.37 -50.99 -44.92
CA THR B 851 21.31 -51.61 -45.87
C THR B 851 20.62 -52.69 -46.65
N VAL B 852 19.81 -53.51 -45.98
CA VAL B 852 19.09 -54.60 -46.64
C VAL B 852 18.07 -54.04 -47.62
N SER B 853 17.36 -52.99 -47.22
CA SER B 853 16.37 -52.38 -48.10
C SER B 853 17.02 -51.66 -49.28
N CYS B 854 18.17 -51.03 -49.09
CA CYS B 854 18.84 -50.35 -50.19
C CYS B 854 19.51 -51.33 -51.15
N LEU B 855 20.05 -52.45 -50.65
CA LEU B 855 20.58 -53.47 -51.55
C LEU B 855 19.46 -54.11 -52.35
N ARG B 856 18.31 -54.34 -51.71
CA ARG B 856 17.14 -54.86 -52.40
C ARG B 856 16.64 -53.89 -53.46
N ALA B 857 16.69 -52.59 -53.18
CA ALA B 857 16.26 -51.59 -54.15
C ALA B 857 17.24 -51.43 -55.31
N ILE B 858 18.54 -51.55 -55.04
CA ILE B 858 19.52 -51.52 -56.13
C ILE B 858 19.35 -52.74 -57.03
N ARG B 859 19.01 -53.89 -56.44
CA ARG B 859 18.71 -55.06 -57.27
C ARG B 859 17.41 -54.88 -58.06
N VAL B 860 16.45 -54.15 -57.51
CA VAL B 860 15.23 -53.82 -58.25
C VAL B 860 15.54 -52.92 -59.43
N LEU B 861 16.39 -51.91 -59.22
CA LEU B 861 16.78 -51.01 -60.31
C LEU B 861 17.64 -51.73 -61.34
N GLN B 862 18.42 -52.73 -60.94
CA GLN B 862 19.20 -53.50 -61.89
C GLN B 862 18.36 -54.50 -62.66
N LYS B 863 17.27 -54.99 -62.05
CA LYS B 863 16.42 -55.96 -62.71
C LYS B 863 15.67 -55.33 -63.88
N ASN B 864 15.28 -54.06 -63.76
CA ASN B 864 14.85 -53.27 -64.88
C ASN B 864 16.09 -52.63 -65.51
N GLY B 865 15.91 -51.95 -66.63
CA GLY B 865 17.07 -51.45 -67.34
C GLY B 865 17.54 -50.08 -66.89
N HIS B 866 17.81 -49.90 -65.60
CA HIS B 866 18.18 -48.59 -65.09
C HIS B 866 19.65 -48.49 -64.68
N VAL B 867 20.10 -49.37 -63.80
CA VAL B 867 21.47 -49.41 -63.33
C VAL B 867 22.15 -50.52 -64.13
N PRO B 868 23.45 -50.42 -64.46
CA PRO B 868 24.12 -51.54 -65.14
C PRO B 868 24.12 -52.81 -64.32
N SER B 869 23.93 -53.93 -65.00
CA SER B 869 23.79 -55.23 -64.35
C SER B 869 25.19 -55.71 -63.98
N ASP B 870 25.63 -55.30 -62.79
CA ASP B 870 26.99 -55.57 -62.32
C ASP B 870 26.86 -56.13 -60.90
N PRO B 871 27.37 -57.32 -60.62
CA PRO B 871 27.24 -57.90 -59.28
C PRO B 871 28.35 -57.54 -58.31
N ALA B 872 29.22 -56.58 -58.64
CA ALA B 872 30.41 -56.34 -57.82
C ALA B 872 30.08 -55.68 -56.49
N LEU B 873 29.03 -54.86 -56.45
CA LEU B 873 28.60 -54.25 -55.20
C LEU B 873 28.08 -55.29 -54.23
N PHE B 874 27.18 -56.15 -54.72
CA PHE B 874 26.65 -57.23 -53.89
C PHE B 874 27.72 -58.25 -53.54
N LYS B 875 28.70 -58.45 -54.41
CA LYS B 875 29.81 -59.33 -54.08
C LYS B 875 30.72 -58.72 -53.03
N SER B 876 30.77 -57.40 -52.93
CA SER B 876 31.53 -56.80 -51.83
C SER B 876 30.75 -56.79 -50.53
N TYR B 877 29.42 -56.76 -50.60
CA TYR B 877 28.62 -56.82 -49.37
C TYR B 877 28.42 -58.24 -48.86
N ALA B 878 28.78 -59.24 -49.64
CA ALA B 878 28.64 -60.64 -49.24
C ALA B 878 29.93 -61.22 -48.69
N GLU B 879 30.86 -60.38 -48.27
CA GLU B 879 32.09 -60.87 -47.66
C GLU B 879 31.82 -61.32 -46.24
N TYR B 880 32.85 -61.86 -45.59
CA TYR B 880 32.64 -62.52 -44.30
C TYR B 880 32.41 -61.52 -43.17
N GLY B 881 33.11 -60.40 -43.19
CA GLY B 881 33.05 -59.51 -42.03
C GLY B 881 31.78 -58.70 -41.87
N HIS B 882 30.81 -58.81 -42.75
CA HIS B 882 29.60 -58.03 -42.65
C HIS B 882 28.59 -58.72 -41.75
N PHE B 883 27.55 -57.97 -41.37
CA PHE B 883 26.43 -58.53 -40.64
C PHE B 883 25.70 -59.53 -41.50
N VAL B 884 25.05 -60.51 -40.86
CA VAL B 884 24.52 -61.65 -41.59
C VAL B 884 23.29 -61.29 -42.42
N ASP B 885 22.56 -60.24 -42.03
CA ASP B 885 21.41 -59.82 -42.82
C ASP B 885 21.85 -59.16 -44.11
N ILE B 886 22.90 -58.33 -44.05
CA ILE B 886 23.51 -57.75 -45.24
C ILE B 886 24.06 -58.85 -46.14
N ARG B 887 24.66 -59.88 -45.54
CA ARG B 887 25.23 -60.98 -46.31
C ARG B 887 24.16 -61.75 -47.05
N ILE B 888 23.03 -62.05 -46.41
CA ILE B 888 22.02 -62.84 -47.10
C ILE B 888 21.25 -61.98 -48.10
N ALA B 889 21.12 -60.68 -47.88
CA ALA B 889 20.51 -59.82 -48.90
C ALA B 889 21.41 -59.68 -50.13
N ALA B 890 22.71 -59.55 -49.91
CA ALA B 890 23.64 -59.46 -51.03
C ALA B 890 23.73 -60.78 -51.78
N LEU B 891 23.68 -61.90 -51.06
CA LEU B 891 23.73 -63.19 -51.74
C LEU B 891 22.42 -63.49 -52.47
N GLU B 892 21.30 -62.97 -51.98
CA GLU B 892 20.05 -63.07 -52.72
C GLU B 892 20.12 -62.28 -54.01
N ALA B 893 20.76 -61.11 -53.97
CA ALA B 893 20.95 -60.33 -55.19
C ALA B 893 21.88 -61.03 -56.18
N VAL B 894 22.92 -61.70 -55.68
CA VAL B 894 23.83 -62.43 -56.57
C VAL B 894 23.16 -63.66 -57.18
N VAL B 895 22.29 -64.34 -56.41
CA VAL B 895 21.55 -65.48 -56.94
C VAL B 895 20.56 -65.02 -58.01
N ASP B 896 19.90 -63.88 -57.79
CA ASP B 896 19.00 -63.34 -58.81
C ASP B 896 19.77 -62.91 -60.07
N TYR B 897 20.96 -62.34 -59.89
CA TYR B 897 21.79 -61.95 -61.03
C TYR B 897 22.21 -63.17 -61.85
N THR B 898 22.70 -64.22 -61.18
CA THR B 898 23.14 -65.40 -61.92
C THR B 898 21.99 -66.21 -62.46
N LYS B 899 20.76 -65.99 -62.00
CA LYS B 899 19.62 -66.54 -62.73
C LYS B 899 19.33 -65.74 -63.99
N VAL B 900 19.32 -64.42 -63.92
CA VAL B 900 18.91 -63.57 -65.08
C VAL B 900 20.02 -63.47 -66.11
N ASP B 901 21.25 -63.31 -65.70
CA ASP B 901 22.37 -63.09 -66.65
C ASP B 901 23.07 -64.39 -67.03
N ARG B 902 22.61 -65.52 -66.52
CA ARG B 902 23.19 -66.84 -66.89
C ARG B 902 24.69 -66.79 -66.68
N SER B 903 25.17 -66.25 -65.55
CA SER B 903 26.60 -66.09 -65.31
C SER B 903 27.20 -67.38 -64.86
N TYR B 904 28.25 -67.86 -65.51
CA TYR B 904 28.94 -69.06 -65.07
C TYR B 904 29.84 -68.79 -63.89
N GLU B 905 30.59 -67.68 -63.93
CA GLU B 905 31.55 -67.39 -62.87
C GLU B 905 30.87 -66.99 -61.58
N GLU B 906 29.67 -66.40 -61.66
CA GLU B 906 28.94 -66.12 -60.42
C GLU B 906 28.36 -67.38 -59.80
N LEU B 907 27.97 -68.36 -60.62
CA LEU B 907 27.53 -69.64 -60.07
C LEU B 907 28.70 -70.39 -59.44
N GLN B 908 29.89 -70.30 -60.06
CA GLN B 908 31.06 -70.91 -59.43
C GLN B 908 31.47 -70.19 -58.16
N TRP B 909 31.26 -68.87 -58.12
CA TRP B 909 31.47 -68.10 -56.89
C TRP B 909 30.53 -68.56 -55.78
N LEU B 910 29.26 -68.78 -56.11
CA LEU B 910 28.28 -69.21 -55.11
C LEU B 910 28.56 -70.63 -54.64
N LEU B 911 28.96 -71.52 -55.54
CA LEU B 911 29.25 -72.89 -55.15
C LEU B 911 30.52 -72.97 -54.31
N ASN B 912 31.51 -72.13 -54.63
CA ASN B 912 32.71 -72.03 -53.79
C ASN B 912 32.35 -71.47 -52.42
N MET B 913 31.44 -70.52 -52.35
CA MET B 913 31.03 -69.98 -51.05
C MET B 913 30.22 -70.99 -50.25
N ILE B 914 29.52 -71.89 -50.93
CA ILE B 914 28.85 -72.99 -50.25
C ILE B 914 29.89 -73.93 -49.65
N GLN B 915 30.98 -74.18 -50.39
CA GLN B 915 31.97 -75.15 -49.93
C GLN B 915 32.78 -74.63 -48.75
N ASN B 916 33.34 -73.41 -48.85
CA ASN B 916 34.17 -72.89 -47.76
C ASN B 916 33.75 -71.47 -47.34
N ASP B 917 32.75 -71.41 -46.47
CA ASP B 917 32.39 -70.22 -45.73
C ASP B 917 32.46 -70.53 -44.24
N PRO B 918 32.87 -69.57 -43.40
CA PRO B 918 32.95 -69.87 -41.97
C PRO B 918 31.60 -70.09 -41.30
N VAL B 919 30.58 -69.32 -41.67
CA VAL B 919 29.26 -69.43 -41.06
C VAL B 919 28.47 -70.51 -41.79
N PRO B 920 28.04 -71.58 -41.12
CA PRO B 920 27.26 -72.62 -41.81
C PRO B 920 25.83 -72.24 -42.09
N TYR B 921 25.28 -71.29 -41.33
CA TYR B 921 23.94 -70.78 -41.62
C TYR B 921 23.92 -70.06 -42.96
N VAL B 922 25.01 -69.38 -43.32
CA VAL B 922 25.09 -68.70 -44.60
C VAL B 922 25.18 -69.71 -45.74
N ARG B 923 25.91 -70.81 -45.53
CA ARG B 923 25.98 -71.87 -46.54
C ARG B 923 24.62 -72.50 -46.78
N HIS B 924 23.89 -72.78 -45.69
CA HIS B 924 22.54 -73.32 -45.80
C HIS B 924 21.61 -72.33 -46.49
N LYS B 925 21.79 -71.04 -46.22
CA LYS B 925 20.94 -70.04 -46.84
C LYS B 925 21.25 -69.86 -48.33
N ILE B 926 22.51 -70.02 -48.72
CA ILE B 926 22.85 -69.93 -50.15
C ILE B 926 22.27 -71.11 -50.90
N LEU B 927 22.36 -72.31 -50.34
CA LEU B 927 21.72 -73.48 -50.97
C LEU B 927 20.21 -73.32 -51.02
N ASN B 928 19.61 -72.74 -49.98
CA ASN B 928 18.18 -72.49 -49.93
C ASN B 928 17.74 -71.49 -51.00
N MET B 929 18.47 -70.39 -51.15
CA MET B 929 18.11 -69.39 -52.14
C MET B 929 18.38 -69.87 -53.55
N LEU B 930 19.36 -70.73 -53.73
CA LEU B 930 19.65 -71.26 -55.05
C LEU B 930 18.68 -72.39 -55.40
N THR B 931 17.99 -72.95 -54.41
CA THR B 931 16.88 -73.85 -54.66
C THR B 931 15.59 -73.09 -54.98
N LYS B 932 15.32 -72.00 -54.25
CA LYS B 932 14.09 -71.26 -54.47
C LYS B 932 14.10 -70.51 -55.79
N ASN B 933 15.24 -69.91 -56.15
CA ASN B 933 15.41 -69.14 -57.37
C ASN B 933 16.51 -69.81 -58.19
N PRO B 934 16.22 -70.93 -58.84
CA PRO B 934 17.30 -71.74 -59.42
C PRO B 934 17.84 -71.09 -60.69
N PRO B 935 19.11 -71.31 -61.03
CA PRO B 935 19.66 -70.71 -62.25
C PRO B 935 19.08 -71.29 -63.52
N PHE B 936 18.55 -72.49 -63.44
CA PHE B 936 17.86 -73.18 -64.52
C PHE B 936 17.08 -74.30 -63.89
N THR B 937 16.01 -74.71 -64.55
CA THR B 937 15.27 -75.87 -64.10
C THR B 937 15.58 -77.03 -65.04
N LYS B 938 14.90 -78.16 -64.83
CA LYS B 938 15.14 -79.32 -65.67
C LYS B 938 14.57 -79.13 -67.08
N ASN B 939 13.57 -78.25 -67.23
CA ASN B 939 12.96 -78.07 -68.54
C ASN B 939 13.82 -77.18 -69.42
N MET B 940 14.57 -76.26 -68.81
CA MET B 940 15.30 -75.26 -69.56
C MET B 940 16.54 -75.85 -70.22
N GLU B 941 16.77 -75.48 -71.47
CA GLU B 941 18.10 -75.52 -72.05
C GLU B 941 18.85 -74.27 -71.65
N SER B 942 19.98 -74.46 -70.96
CA SER B 942 20.82 -73.36 -70.53
C SER B 942 22.26 -73.63 -70.96
N PRO B 943 23.08 -72.59 -71.08
CA PRO B 943 24.52 -72.80 -71.23
C PRO B 943 25.17 -73.42 -70.00
N LEU B 944 24.56 -73.31 -68.84
CA LEU B 944 25.08 -73.89 -67.59
C LEU B 944 24.51 -75.27 -67.32
N CYS B 945 24.58 -76.13 -68.33
CA CYS B 945 24.10 -77.53 -68.16
C CYS B 945 25.24 -78.44 -68.63
N ASN B 946 26.46 -78.25 -68.08
CA ASN B 946 27.56 -79.06 -68.54
C ASN B 946 27.55 -80.41 -67.82
N GLU B 947 28.48 -81.27 -68.24
CA GLU B 947 28.84 -82.41 -67.40
C GLU B 947 29.68 -81.95 -66.22
N ALA B 948 30.36 -80.81 -66.35
CA ALA B 948 31.17 -80.27 -65.26
C ALA B 948 30.30 -79.84 -64.09
N LEU B 949 29.14 -79.21 -64.35
CA LEU B 949 28.26 -78.81 -63.26
C LEU B 949 27.58 -80.02 -62.62
N VAL B 950 27.23 -81.03 -63.42
CA VAL B 950 26.65 -82.26 -62.87
C VAL B 950 27.66 -82.96 -61.97
N ASP B 951 28.93 -82.98 -62.40
CA ASP B 951 29.98 -83.60 -61.58
C ASP B 951 30.26 -82.79 -60.33
N GLN B 952 30.21 -81.46 -60.40
CA GLN B 952 30.40 -80.64 -59.21
C GLN B 952 29.27 -80.84 -58.20
N LEU B 953 28.03 -80.86 -58.66
CA LEU B 953 26.94 -81.03 -57.71
C LEU B 953 26.83 -82.45 -57.19
N TRP B 954 27.23 -83.44 -57.97
CA TRP B 954 27.28 -84.80 -57.44
C TRP B 954 28.41 -84.96 -56.44
N LYS B 955 29.53 -84.28 -56.66
CA LYS B 955 30.60 -84.28 -55.66
C LYS B 955 30.21 -83.51 -54.42
N LEU B 956 29.34 -82.51 -54.56
CA LEU B 956 28.87 -81.77 -53.40
C LEU B 956 27.85 -82.56 -52.60
N MET B 957 27.04 -83.38 -53.25
CA MET B 957 26.16 -84.28 -52.50
C MET B 957 26.96 -85.39 -51.85
N ASN B 958 27.89 -86.00 -52.59
CA ASN B 958 28.60 -87.18 -52.13
C ASN B 958 29.60 -86.84 -51.03
N SER B 959 30.62 -86.07 -51.37
CA SER B 959 31.59 -85.54 -50.44
C SER B 959 31.27 -84.08 -50.17
N GLY B 960 32.16 -83.38 -49.49
CA GLY B 960 32.05 -81.93 -49.45
C GLY B 960 31.05 -81.37 -48.47
N THR B 961 29.83 -81.91 -48.45
CA THR B 961 28.81 -81.54 -47.49
C THR B 961 28.61 -82.63 -46.45
N SER B 962 29.65 -83.42 -46.20
CA SER B 962 29.55 -84.59 -45.34
C SER B 962 29.55 -84.28 -43.86
N HIS B 963 29.65 -83.02 -43.48
CA HIS B 963 29.88 -82.63 -42.10
C HIS B 963 28.71 -81.87 -41.48
N ASP B 964 27.57 -81.74 -42.16
CA ASP B 964 26.57 -80.84 -41.63
C ASP B 964 25.17 -81.42 -41.48
N TRP B 965 24.80 -82.39 -42.34
CA TRP B 965 23.48 -83.03 -42.46
C TRP B 965 22.39 -82.11 -42.95
N ARG B 966 22.65 -80.81 -43.08
CA ARG B 966 21.71 -79.84 -43.57
C ARG B 966 22.18 -79.24 -44.88
N LEU B 967 23.50 -79.18 -45.06
CA LEU B 967 24.06 -78.87 -46.37
C LEU B 967 23.89 -80.03 -47.32
N ARG B 968 23.88 -81.27 -46.82
CA ARG B 968 23.75 -82.39 -47.73
C ARG B 968 22.32 -82.54 -48.23
N CYS B 969 21.35 -82.29 -47.36
CA CYS B 969 19.96 -82.29 -47.79
C CYS B 969 19.66 -81.08 -48.68
N GLY B 970 20.34 -79.96 -48.45
CA GLY B 970 20.20 -78.83 -49.34
C GLY B 970 20.82 -79.06 -50.70
N ALA B 971 21.92 -79.81 -50.75
CA ALA B 971 22.51 -80.17 -52.03
C ALA B 971 21.66 -81.18 -52.76
N VAL B 972 21.00 -82.09 -52.04
CA VAL B 972 20.05 -83.01 -52.66
C VAL B 972 18.85 -82.24 -53.23
N ASP B 973 18.37 -81.25 -52.50
CA ASP B 973 17.28 -80.41 -53.00
C ASP B 973 17.70 -79.61 -54.22
N LEU B 974 18.94 -79.13 -54.25
CA LEU B 974 19.42 -78.36 -55.39
C LEU B 974 19.60 -79.24 -56.62
N TYR B 975 20.10 -80.46 -56.43
CA TYR B 975 20.23 -81.40 -57.53
C TYR B 975 18.87 -81.84 -58.04
N PHE B 976 17.88 -81.96 -57.16
CA PHE B 976 16.53 -82.30 -57.59
C PHE B 976 15.89 -81.16 -58.37
N THR B 977 16.09 -79.92 -57.92
CA THR B 977 15.52 -78.78 -58.61
C THR B 977 16.16 -78.56 -59.97
N LEU B 978 17.46 -78.80 -60.06
CA LEU B 978 18.16 -78.54 -61.31
C LEU B 978 18.08 -79.68 -62.31
N PHE B 979 18.19 -80.93 -61.86
CA PHE B 979 18.30 -82.05 -62.79
C PHE B 979 17.21 -83.10 -62.65
N GLY B 980 16.40 -83.05 -61.62
CA GLY B 980 15.29 -83.98 -61.49
C GLY B 980 15.70 -85.33 -60.92
N LEU B 981 14.71 -86.22 -60.87
CA LEU B 981 14.88 -87.51 -60.21
C LEU B 981 15.58 -88.53 -61.08
N SER B 982 15.64 -88.32 -62.39
CA SER B 982 16.24 -89.26 -63.30
C SER B 982 17.67 -88.87 -63.59
N ARG B 983 18.23 -89.42 -64.66
CA ARG B 983 19.65 -89.15 -65.00
C ARG B 983 19.74 -87.75 -65.56
N PRO B 984 20.77 -86.96 -65.23
CA PRO B 984 20.83 -85.63 -65.71
C PRO B 984 20.80 -85.81 -67.22
N SER B 985 19.91 -85.09 -67.91
CA SER B 985 19.78 -85.19 -69.39
C SER B 985 20.98 -84.62 -70.10
N CYS B 986 21.43 -83.43 -69.70
CA CYS B 986 22.59 -82.76 -70.37
C CYS B 986 23.87 -83.56 -70.09
N LEU B 987 23.93 -84.83 -70.51
CA LEU B 987 25.13 -85.64 -70.18
C LEU B 987 25.31 -86.70 -71.27
N PRO B 988 26.55 -87.19 -71.55
CA PRO B 988 26.74 -88.30 -72.47
C PRO B 988 25.93 -89.53 -72.03
N VAL C 837 24.81 88.21 -25.11
CA VAL C 837 25.38 89.48 -25.52
C VAL C 837 26.70 89.23 -26.25
N ALA C 838 27.40 88.17 -25.85
CA ALA C 838 28.63 87.79 -26.54
C ALA C 838 28.34 87.22 -27.92
N SER C 839 27.18 86.58 -28.08
CA SER C 839 26.73 86.04 -29.34
C SER C 839 25.71 86.98 -29.97
N MET C 840 25.98 87.43 -31.20
CA MET C 840 25.11 88.42 -31.83
C MET C 840 23.82 87.78 -32.34
N ALA C 841 23.89 86.54 -32.82
CA ALA C 841 22.72 85.78 -33.23
C ALA C 841 22.33 84.73 -32.21
N GLY C 842 22.42 85.08 -30.92
CA GLY C 842 22.26 84.08 -29.86
C GLY C 842 20.86 83.54 -29.80
N VAL C 843 20.75 82.28 -29.35
CA VAL C 843 19.51 81.55 -29.51
C VAL C 843 18.57 81.78 -28.33
N ASN C 844 19.12 82.14 -27.16
CA ASN C 844 18.26 82.55 -26.05
C ASN C 844 17.84 84.01 -26.16
N LEU C 845 18.42 84.77 -27.09
CA LEU C 845 17.92 86.09 -27.39
C LEU C 845 16.56 86.02 -28.08
N SER C 846 16.42 85.09 -29.04
CA SER C 846 15.17 84.97 -29.77
C SER C 846 14.12 84.23 -28.94
N GLU C 847 14.54 83.51 -27.90
CA GLU C 847 13.58 82.81 -27.05
C GLU C 847 12.76 83.80 -26.22
N GLU C 848 13.43 84.60 -25.39
CA GLU C 848 12.72 85.50 -24.48
C GLU C 848 12.19 86.75 -25.15
N SER C 849 12.48 86.95 -26.43
CA SER C 849 11.82 87.99 -27.21
C SER C 849 10.54 87.49 -27.86
N ALA C 850 10.47 86.20 -28.15
CA ALA C 850 9.24 85.61 -28.68
C ALA C 850 8.37 85.05 -27.57
N ARG C 851 8.95 84.81 -26.39
CA ARG C 851 8.18 84.38 -25.24
C ARG C 851 7.33 85.53 -24.71
N ILE C 852 7.89 86.73 -24.71
CA ILE C 852 7.18 87.91 -24.21
C ILE C 852 6.00 88.24 -25.10
N LEU C 853 6.17 88.10 -26.42
CA LEU C 853 5.06 88.32 -27.34
C LEU C 853 4.05 87.18 -27.29
N ALA C 854 4.45 86.02 -26.76
CA ALA C 854 3.49 84.95 -26.52
C ALA C 854 2.67 85.21 -25.26
N THR C 855 3.28 85.85 -24.25
CA THR C 855 2.54 86.21 -23.06
C THR C 855 1.74 87.49 -23.28
N ASN C 856 2.17 88.33 -24.22
CA ASN C 856 1.36 89.47 -24.62
C ASN C 856 0.17 89.04 -25.48
N SER C 857 0.30 87.91 -26.17
CA SER C 857 -0.81 87.32 -26.91
C SER C 857 -1.63 86.36 -26.06
N GLU C 858 -1.33 86.27 -24.75
CA GLU C 858 -2.07 85.48 -23.76
C GLU C 858 -2.18 84.00 -24.09
N THR C 871 13.55 91.76 -8.49
CA THR C 871 13.36 91.45 -7.08
C THR C 871 13.87 92.59 -6.22
N PHE C 872 15.09 93.06 -6.52
CA PHE C 872 15.76 94.16 -5.82
C PHE C 872 15.90 93.83 -4.32
N LEU C 873 16.76 92.83 -4.07
CA LEU C 873 16.99 92.30 -2.73
C LEU C 873 17.41 93.38 -1.74
N LEU C 874 17.03 93.18 -0.48
CA LEU C 874 17.28 94.17 0.56
C LEU C 874 18.76 94.22 0.88
N GLN C 875 19.33 95.43 0.86
CA GLN C 875 20.79 95.59 0.88
C GLN C 875 21.38 95.30 2.25
N ALA C 876 20.63 95.49 3.32
CA ALA C 876 21.17 95.26 4.66
C ALA C 876 21.25 93.79 5.06
N PRO C 877 20.21 92.93 4.89
CA PRO C 877 20.43 91.51 5.22
C PRO C 877 21.23 90.75 4.18
N LEU C 878 21.35 91.27 2.96
CA LEU C 878 22.16 90.59 1.95
C LEU C 878 23.64 90.78 2.23
N GLN C 879 24.04 91.95 2.71
CA GLN C 879 25.45 92.23 2.97
C GLN C 879 25.98 91.39 4.13
N ARG C 880 25.12 91.05 5.09
CA ARG C 880 25.51 90.09 6.12
C ARG C 880 25.53 88.67 5.56
N ARG C 881 24.74 88.41 4.52
CA ARG C 881 24.66 87.06 3.96
C ARG C 881 25.89 86.72 3.13
N ILE C 882 26.41 87.68 2.37
CA ILE C 882 27.62 87.45 1.59
C ILE C 882 28.83 87.26 2.51
N LEU C 883 28.88 88.03 3.61
CA LEU C 883 30.06 88.03 4.46
C LEU C 883 30.20 86.75 5.27
N GLU C 884 29.08 86.09 5.60
CA GLU C 884 29.17 84.86 6.38
C GLU C 884 29.67 83.69 5.55
N ILE C 885 29.27 83.63 4.27
CA ILE C 885 29.85 82.65 3.36
C ILE C 885 31.30 83.00 3.02
N GLY C 886 31.68 84.27 3.17
CA GLY C 886 33.05 84.67 2.93
C GLY C 886 34.02 84.27 4.03
N LYS C 887 33.50 83.90 5.20
CA LYS C 887 34.37 83.42 6.26
C LYS C 887 34.95 82.06 5.94
N LYS C 888 34.25 81.25 5.14
CA LYS C 888 34.71 79.92 4.76
C LYS C 888 35.77 79.94 3.67
N HIS C 889 36.04 81.11 3.08
CA HIS C 889 37.06 81.21 2.04
C HIS C 889 38.11 82.27 2.32
N GLY C 890 37.88 83.19 3.25
CA GLY C 890 38.85 84.23 3.54
C GLY C 890 38.64 85.46 2.68
N ILE C 891 37.39 85.92 2.60
CA ILE C 891 36.96 86.98 1.70
C ILE C 891 36.39 88.10 2.58
N THR C 892 37.10 88.39 3.68
CA THR C 892 36.67 89.16 4.86
C THR C 892 35.87 90.43 4.61
N GLU C 893 36.09 91.13 3.50
CA GLU C 893 35.27 92.27 3.16
C GLU C 893 34.92 92.24 1.68
N LEU C 894 33.84 92.93 1.32
CA LEU C 894 33.32 92.90 -0.03
C LEU C 894 33.28 94.31 -0.62
N HIS C 895 33.32 94.36 -1.95
CA HIS C 895 33.29 95.64 -2.66
C HIS C 895 31.89 96.25 -2.59
N PRO C 896 31.78 97.57 -2.46
CA PRO C 896 30.45 98.19 -2.26
C PRO C 896 29.52 98.13 -3.46
N ASP C 897 30.01 97.76 -4.65
CA ASP C 897 29.17 97.61 -5.83
C ASP C 897 28.76 96.17 -6.08
N VAL C 898 29.03 95.27 -5.14
CA VAL C 898 28.74 93.85 -5.33
C VAL C 898 27.40 93.46 -4.75
N VAL C 899 27.04 94.02 -3.58
CA VAL C 899 25.80 93.67 -2.92
C VAL C 899 24.59 94.19 -3.70
N SER C 900 24.76 95.21 -4.54
CA SER C 900 23.73 95.61 -5.48
C SER C 900 23.88 94.94 -6.83
N TYR C 901 25.03 94.31 -7.10
CA TYR C 901 25.18 93.54 -8.33
C TYR C 901 24.59 92.15 -8.19
N VAL C 902 24.71 91.55 -7.00
CA VAL C 902 24.09 90.26 -6.74
C VAL C 902 22.57 90.40 -6.69
N SER C 903 22.10 91.56 -6.22
CA SER C 903 20.66 91.84 -6.22
C SER C 903 20.12 92.02 -7.64
N HIS C 904 20.92 92.61 -8.54
CA HIS C 904 20.54 92.65 -9.94
C HIS C 904 20.70 91.31 -10.63
N ALA C 905 21.57 90.45 -10.10
CA ALA C 905 21.75 89.11 -10.65
C ALA C 905 20.67 88.15 -10.17
N THR C 906 20.17 88.36 -8.95
CA THR C 906 19.07 87.54 -8.45
C THR C 906 17.76 87.93 -9.12
N GLN C 907 17.63 89.20 -9.51
CA GLN C 907 16.42 89.65 -10.20
C GLN C 907 16.32 89.03 -11.58
N GLN C 908 17.41 89.07 -12.35
CA GLN C 908 17.39 88.47 -13.69
C GLN C 908 17.40 86.96 -13.67
N ARG C 909 17.63 86.34 -12.51
CA ARG C 909 17.44 84.89 -12.38
C ARG C 909 15.97 84.57 -12.20
N LEU C 910 15.27 85.34 -11.37
CA LEU C 910 13.86 85.04 -11.10
C LEU C 910 12.94 85.63 -12.16
N GLN C 911 13.32 86.75 -12.77
CA GLN C 911 12.52 87.29 -13.86
C GLN C 911 12.61 86.41 -15.11
N ASN C 912 13.74 85.73 -15.29
CA ASN C 912 13.84 84.72 -16.34
C ASN C 912 13.06 83.47 -15.98
N LEU C 913 12.70 83.29 -14.71
CA LEU C 913 11.89 82.16 -14.29
C LEU C 913 10.43 82.52 -14.07
N VAL C 914 10.12 83.77 -13.75
CA VAL C 914 8.72 84.19 -13.66
C VAL C 914 8.10 84.30 -15.05
N GLU C 915 8.86 84.83 -16.01
CA GLU C 915 8.41 84.86 -17.41
C GLU C 915 8.29 83.45 -17.99
N LYS C 916 9.13 82.53 -17.54
CA LYS C 916 9.08 81.17 -18.07
C LYS C 916 7.89 80.40 -17.53
N ILE C 917 7.53 80.62 -16.25
CA ILE C 917 6.36 79.93 -15.73
C ILE C 917 5.06 80.63 -16.09
N SER C 918 5.11 81.87 -16.54
CA SER C 918 3.90 82.56 -16.98
C SER C 918 3.46 82.11 -18.37
N GLU C 919 4.40 81.71 -19.24
CA GLU C 919 4.04 81.24 -20.57
C GLU C 919 3.61 79.79 -20.57
N THR C 920 3.75 79.08 -19.44
CA THR C 920 3.18 77.76 -19.31
C THR C 920 1.97 77.75 -18.36
N ALA C 921 1.76 78.81 -17.59
CA ALA C 921 0.52 78.96 -16.85
C ALA C 921 -0.59 79.53 -17.71
N GLN C 922 -0.25 80.15 -18.83
CA GLN C 922 -1.23 80.57 -19.82
C GLN C 922 -1.38 79.54 -20.93
N GLN C 923 -0.59 78.47 -20.91
CA GLN C 923 -0.76 77.39 -21.86
C GLN C 923 -2.02 76.58 -21.54
N LYS C 924 -2.43 76.55 -20.28
CA LYS C 924 -3.63 75.83 -19.86
C LYS C 924 -4.89 76.66 -19.99
N ASN C 925 -4.77 77.97 -20.17
CA ASN C 925 -5.93 78.85 -20.30
C ASN C 925 -6.27 79.13 -21.76
N PHE C 926 -5.94 78.23 -22.67
CA PHE C 926 -6.32 78.34 -24.07
C PHE C 926 -7.45 77.34 -24.31
N SER C 927 -8.69 77.84 -24.31
CA SER C 927 -9.84 76.99 -24.55
C SER C 927 -10.03 76.80 -26.05
N TYR C 928 -9.92 75.56 -26.51
CA TYR C 928 -10.10 75.27 -27.93
C TYR C 928 -11.56 75.26 -28.33
N LYS C 929 -12.46 74.95 -27.39
CA LYS C 929 -13.85 74.69 -27.75
C LYS C 929 -14.62 75.95 -28.09
N ASP C 930 -14.12 77.13 -27.71
CA ASP C 930 -14.76 78.37 -28.16
C ASP C 930 -14.46 78.63 -29.63
N ASP C 931 -13.24 78.31 -30.07
CA ASP C 931 -12.88 78.38 -31.47
C ASP C 931 -13.51 77.23 -32.24
N ASP C 932 -13.85 77.49 -33.50
CA ASP C 932 -14.37 76.46 -34.40
C ASP C 932 -13.46 76.25 -35.59
N ARG C 933 -12.19 76.62 -35.45
CA ARG C 933 -11.15 76.11 -36.35
C ARG C 933 -10.61 74.78 -35.89
N TYR C 934 -10.86 74.41 -34.65
CA TYR C 934 -10.41 73.15 -34.08
C TYR C 934 -11.56 72.17 -33.97
N GLU C 935 -11.23 70.88 -34.04
CA GLU C 935 -12.19 69.80 -33.95
C GLU C 935 -11.76 68.85 -32.85
N GLN C 936 -12.73 68.34 -32.09
CA GLN C 936 -12.43 67.39 -31.04
C GLN C 936 -12.08 66.03 -31.63
N ALA C 937 -11.07 65.38 -31.07
CA ALA C 937 -10.58 64.11 -31.60
C ALA C 937 -10.77 62.93 -30.66
N SER C 938 -10.54 63.09 -29.35
CA SER C 938 -10.66 61.97 -28.44
C SER C 938 -10.93 62.51 -27.03
N ASP C 939 -12.14 62.32 -26.54
CA ASP C 939 -12.51 62.68 -25.18
C ASP C 939 -12.49 61.42 -24.33
N VAL C 940 -11.35 61.18 -23.66
CA VAL C 940 -11.21 59.94 -22.82
C VAL C 940 -11.82 60.20 -21.44
N ARG C 941 -11.84 61.47 -21.02
CA ARG C 941 -12.42 61.83 -19.69
C ARG C 941 -13.91 61.46 -19.68
N ALA C 942 -14.62 61.73 -20.77
CA ALA C 942 -16.06 61.39 -20.88
C ALA C 942 -16.24 59.86 -20.82
N GLN C 943 -15.36 59.10 -21.48
CA GLN C 943 -15.43 57.62 -21.43
C GLN C 943 -15.21 57.13 -20.00
N LEU C 944 -14.26 57.75 -19.27
CA LEU C 944 -14.02 57.39 -17.84
C LEU C 944 -15.27 57.71 -17.02
N LYS C 945 -15.93 58.84 -17.31
CA LYS C 945 -17.17 59.22 -16.59
C LYS C 945 -18.24 58.17 -16.88
N PHE C 946 -18.33 57.69 -18.12
CA PHE C 946 -19.30 56.62 -18.48
C PHE C 946 -18.99 55.33 -17.72
N PHE C 947 -17.70 54.98 -17.58
CA PHE C 947 -17.31 53.79 -16.79
C PHE C 947 -17.73 53.97 -15.34
N GLU C 948 -17.56 55.19 -14.81
CA GLU C 948 -17.98 55.49 -13.41
C GLU C 948 -19.50 55.30 -13.31
N GLN C 949 -20.25 55.75 -14.32
CA GLN C 949 -21.72 55.60 -14.34
C GLN C 949 -22.07 54.12 -14.35
N LEU C 950 -21.35 53.30 -15.12
CA LEU C 950 -21.59 51.83 -15.17
C LEU C 950 -21.34 51.23 -13.77
N ASP C 951 -20.27 51.66 -13.10
CA ASP C 951 -19.97 51.16 -11.73
C ASP C 951 -21.11 51.56 -10.79
N GLN C 952 -21.61 52.79 -10.93
CA GLN C 952 -22.73 53.28 -10.07
C GLN C 952 -23.97 52.41 -10.34
N ILE C 953 -24.24 52.08 -11.61
CA ILE C 953 -25.41 51.23 -11.97
C ILE C 953 -25.24 49.84 -11.35
N GLU C 954 -24.03 49.28 -11.38
CA GLU C 954 -23.77 47.96 -10.74
C GLU C 954 -24.07 48.08 -9.25
N LYS C 955 -23.62 49.16 -8.62
CA LYS C 955 -23.85 49.37 -7.17
C LYS C 955 -25.36 49.44 -6.92
N GLN C 956 -26.11 50.14 -7.78
CA GLN C 956 -27.58 50.29 -7.63
C GLN C 956 -28.25 48.92 -7.76
N ARG C 957 -27.79 48.09 -8.71
CA ARG C 957 -28.36 46.73 -8.88
C ARG C 957 -28.08 45.90 -7.62
N LYS C 958 -26.88 46.03 -7.05
CA LYS C 958 -26.58 45.30 -5.78
C LYS C 958 -27.52 45.79 -4.68
N ASP C 959 -27.76 47.11 -4.62
CA ASP C 959 -28.67 47.68 -3.58
C ASP C 959 -30.08 47.12 -3.79
N GLU C 960 -30.54 47.02 -5.03
CA GLU C 960 -31.89 46.48 -5.35
C GLU C 960 -31.97 45.01 -4.92
N GLN C 961 -30.92 44.22 -5.17
CA GLN C 961 -30.90 42.80 -4.73
C GLN C 961 -30.99 42.75 -3.20
N GLU C 962 -30.26 43.64 -2.52
CA GLU C 962 -30.29 43.67 -1.04
C GLU C 962 -31.71 44.00 -0.59
N ARG C 963 -32.36 44.95 -1.26
CA ARG C 963 -33.75 45.37 -0.91
C ARG C 963 -34.71 44.19 -1.11
N GLU C 964 -34.53 43.43 -2.20
CA GLU C 964 -35.39 42.24 -2.45
C GLU C 964 -35.18 41.22 -1.32
N ILE C 965 -33.93 41.00 -0.91
CA ILE C 965 -33.65 40.05 0.20
C ILE C 965 -34.32 40.56 1.48
N LEU C 966 -34.28 41.88 1.73
CA LEU C 966 -34.91 42.48 2.93
C LEU C 966 -36.43 42.28 2.87
N MET C 967 -37.04 42.44 1.69
CA MET C 967 -38.50 42.24 1.52
C MET C 967 -38.81 40.77 1.83
N ARG C 968 -37.95 39.86 1.37
CA ARG C 968 -38.16 38.40 1.66
C ARG C 968 -38.08 38.16 3.17
N ALA C 969 -37.13 38.79 3.88
CA ALA C 969 -36.94 38.49 5.32
C ALA C 969 -37.98 39.19 6.20
N ALA C 970 -38.84 40.05 5.63
CA ALA C 970 -39.83 40.82 6.41
C ALA C 970 -40.71 39.79 7.12
N LYS C 971 -41.22 38.78 6.39
CA LYS C 971 -42.08 37.73 6.98
C LYS C 971 -41.22 36.82 7.86
N SER C 972 -40.76 37.33 9.00
CA SER C 972 -39.98 36.48 9.94
C SER C 972 -40.88 36.06 11.11
N ARG C 973 -41.24 34.78 11.15
CA ARG C 973 -42.05 34.25 12.29
C ARG C 973 -41.43 32.91 12.70
N SER C 974 -40.13 32.92 13.03
CA SER C 974 -39.40 31.68 13.44
C SER C 974 -39.21 30.75 12.23
N ARG C 975 -39.49 31.23 11.01
CA ARG C 975 -39.34 30.42 9.77
C ARG C 975 -37.85 30.23 9.48
N GLN C 976 -37.15 31.31 9.14
CA GLN C 976 -35.68 31.25 8.88
C GLN C 976 -34.91 31.60 10.16
N GLU C 977 -35.59 31.78 11.29
CA GLU C 977 -34.92 31.99 12.61
C GLU C 977 -33.98 33.20 12.63
N ASP C 978 -32.76 33.04 13.18
CA ASP C 978 -31.83 34.18 13.36
C ASP C 978 -31.66 35.01 12.09
N PRO C 979 -31.35 34.41 10.91
CA PRO C 979 -31.06 35.21 9.71
C PRO C 979 -32.22 36.11 9.25
N GLU C 980 -33.45 35.58 9.22
CA GLU C 980 -34.62 36.41 8.84
C GLU C 980 -34.80 37.53 9.88
N GLN C 981 -34.70 37.19 11.17
CA GLN C 981 -34.92 38.19 12.24
C GLN C 981 -33.85 39.28 12.15
N LEU C 982 -32.59 38.91 11.94
CA LEU C 982 -31.48 39.90 11.93
C LEU C 982 -31.70 40.88 10.77
N ARG C 983 -32.03 40.36 9.59
CA ARG C 983 -32.23 41.23 8.40
C ARG C 983 -33.42 42.16 8.66
N LEU C 984 -34.50 41.61 9.21
CA LEU C 984 -35.73 42.42 9.45
C LEU C 984 -35.41 43.54 10.45
N LYS C 985 -34.70 43.23 11.53
CA LYS C 985 -34.44 44.25 12.58
C LYS C 985 -33.63 45.41 12.00
N GLN C 986 -32.57 45.12 11.24
CA GLN C 986 -31.71 46.19 10.69
C GLN C 986 -32.53 47.04 9.72
N LYS C 987 -33.29 46.38 8.84
CA LYS C 987 -34.10 47.10 7.83
C LYS C 987 -35.17 47.95 8.53
N ALA C 988 -35.81 47.41 9.57
CA ALA C 988 -36.91 48.14 10.24
C ALA C 988 -36.37 49.45 10.83
N LYS C 989 -35.20 49.41 11.46
CA LYS C 989 -34.66 50.64 12.11
C LYS C 989 -34.42 51.70 11.02
N GLU C 990 -33.83 51.28 9.90
CA GLU C 990 -33.55 52.23 8.78
C GLU C 990 -34.89 52.74 8.22
N MET C 991 -35.86 51.84 8.03
CA MET C 991 -37.16 52.23 7.42
C MET C 991 -37.89 53.23 8.34
N GLN C 992 -37.88 52.97 9.66
CA GLN C 992 -38.60 53.85 10.61
C GLN C 992 -37.99 55.25 10.57
N GLN C 993 -36.65 55.34 10.54
CA GLN C 993 -35.96 56.65 10.51
C GLN C 993 -36.34 57.38 9.22
N GLN C 994 -36.35 56.67 8.09
CA GLN C 994 -36.71 57.29 6.79
C GLN C 994 -38.16 57.78 6.84
N GLU C 995 -39.06 56.96 7.41
CA GLU C 995 -40.50 57.33 7.47
C GLU C 995 -40.64 58.58 8.35
N LEU C 996 -39.92 58.63 9.46
CA LEU C 996 -40.00 59.80 10.38
C LEU C 996 -39.52 61.06 9.65
N ALA C 997 -38.44 60.93 8.86
CA ALA C 997 -37.89 62.10 8.14
C ALA C 997 -38.92 62.62 7.14
N GLN C 998 -39.59 61.72 6.40
CA GLN C 998 -40.64 62.14 5.44
C GLN C 998 -41.78 62.82 6.21
N MET C 999 -42.18 62.21 7.33
CA MET C 999 -43.29 62.79 8.16
C MET C 999 -42.87 64.14 8.74
N ARG C 1000 -41.62 64.28 9.22
CA ARG C 1000 -41.14 65.57 9.78
C ARG C 1000 -41.02 66.62 8.67
N GLN C 1001 -40.79 66.19 7.42
CA GLN C 1001 -40.74 67.14 6.27
C GLN C 1001 -42.16 67.66 6.03
N ARG C 1002 -43.18 66.80 6.13
CA ARG C 1002 -44.60 67.24 5.99
C ARG C 1002 -44.92 68.21 7.14
N ASP C 1003 -44.46 67.89 8.35
CA ASP C 1003 -44.68 68.77 9.52
C ASP C 1003 -43.99 70.11 9.27
N ALA C 1004 -42.80 70.08 8.67
CA ALA C 1004 -42.06 71.33 8.38
C ALA C 1004 -42.90 72.21 7.44
N ASN C 1005 -43.55 71.61 6.45
CA ASN C 1005 -44.30 72.41 5.45
C ASN C 1005 -45.44 73.22 6.12
N LEU C 1006 -46.23 72.58 6.99
CA LEU C 1006 -47.32 73.31 7.70
C LEU C 1006 -46.74 74.36 8.67
N THR C 1007 -45.70 73.99 9.43
CA THR C 1007 -45.03 74.98 10.33
C THR C 1007 -44.41 76.08 9.46
N ALA C 1008 -43.89 75.70 8.29
CA ALA C 1008 -43.23 76.67 7.39
C ALA C 1008 -44.24 77.75 6.97
N LEU C 1009 -45.47 77.35 6.65
CA LEU C 1009 -46.51 78.32 6.24
C LEU C 1009 -46.80 79.27 7.41
N ALA C 1010 -46.90 78.73 8.64
CA ALA C 1010 -47.12 79.57 9.83
C ALA C 1010 -45.94 80.53 10.03
N ALA C 1011 -44.72 80.03 9.84
CA ALA C 1011 -43.51 80.86 10.04
C ALA C 1011 -43.50 82.03 9.04
N ILE C 1012 -43.88 81.76 7.79
CA ILE C 1012 -43.88 82.83 6.74
C ILE C 1012 -45.27 83.45 6.68
N GLN C 1053 -13.26 88.69 -14.92
CA GLN C 1053 -11.83 88.78 -15.16
C GLN C 1053 -11.14 87.46 -14.80
N ARG C 1054 -10.63 86.78 -15.83
CA ARG C 1054 -9.95 85.50 -15.63
C ARG C 1054 -8.57 85.74 -15.02
N ILE C 1055 -8.39 85.30 -13.78
CA ILE C 1055 -7.12 85.44 -13.09
C ILE C 1055 -6.30 84.18 -13.34
N THR C 1056 -5.17 84.34 -14.05
CA THR C 1056 -4.30 83.22 -14.31
C THR C 1056 -3.53 82.86 -13.06
N ARG C 1057 -3.62 81.60 -12.64
CA ARG C 1057 -3.01 81.16 -11.40
C ARG C 1057 -1.92 80.13 -11.70
N VAL C 1058 -0.74 80.36 -11.13
CA VAL C 1058 0.42 79.52 -11.37
C VAL C 1058 0.48 78.45 -10.29
N ASN C 1059 0.40 77.19 -10.70
CA ASN C 1059 0.47 76.07 -9.78
C ASN C 1059 1.93 75.69 -9.55
N LEU C 1060 2.15 74.71 -8.68
CA LEU C 1060 3.48 74.14 -8.50
C LEU C 1060 3.89 73.28 -9.69
N ARG C 1061 2.93 72.80 -10.48
CA ARG C 1061 3.26 72.07 -11.69
C ARG C 1061 3.94 72.96 -12.71
N ASP C 1062 3.50 74.22 -12.82
CA ASP C 1062 4.09 75.15 -13.77
C ASP C 1062 5.51 75.55 -13.37
N LEU C 1063 5.81 75.52 -12.08
CA LEU C 1063 7.18 75.77 -11.63
C LEU C 1063 8.06 74.54 -11.82
N ILE C 1064 7.50 73.35 -11.56
CA ILE C 1064 8.24 72.11 -11.75
C ILE C 1064 8.53 71.87 -13.22
N PHE C 1065 7.59 72.24 -14.10
CA PHE C 1065 7.76 72.09 -15.53
C PHE C 1065 8.88 72.97 -16.07
N CYS C 1066 9.12 74.11 -15.43
CA CYS C 1066 10.19 75.00 -15.82
C CYS C 1066 11.49 74.74 -15.09
N LEU C 1067 11.58 73.65 -14.35
CA LEU C 1067 12.81 73.26 -13.67
C LEU C 1067 13.48 72.05 -14.28
N GLU C 1068 12.71 71.05 -14.70
CA GLU C 1068 13.30 69.86 -15.31
C GLU C 1068 13.70 70.09 -16.76
N ASN C 1069 13.34 71.23 -17.35
CA ASN C 1069 13.73 71.54 -18.72
C ASN C 1069 15.07 72.25 -18.79
N GLU C 1070 15.31 73.22 -17.90
CA GLU C 1070 16.58 73.93 -17.89
C GLU C 1070 17.68 73.03 -17.30
N ARG C 1071 18.93 73.34 -17.66
CA ARG C 1071 20.04 72.45 -17.33
C ARG C 1071 20.37 72.51 -15.85
N GLU C 1072 20.49 73.72 -15.31
CA GLU C 1072 20.49 73.88 -13.87
C GLU C 1072 19.13 73.49 -13.32
N THR C 1073 19.11 72.98 -12.08
CA THR C 1073 17.92 72.52 -11.36
C THR C 1073 17.15 71.43 -12.10
N SER C 1074 17.78 70.67 -12.98
CA SER C 1074 17.14 69.49 -13.56
C SER C 1074 17.39 68.25 -12.73
N HIS C 1075 18.64 68.04 -12.32
CA HIS C 1075 18.97 67.02 -11.33
C HIS C 1075 19.46 67.77 -10.09
N SER C 1076 18.50 68.20 -9.28
CA SER C 1076 18.79 68.98 -8.09
C SER C 1076 17.88 68.53 -6.96
N LEU C 1077 18.32 68.77 -5.73
CA LEU C 1077 17.54 68.41 -4.56
C LEU C 1077 16.35 69.34 -4.34
N LEU C 1078 16.28 70.47 -5.04
CA LEU C 1078 15.15 71.37 -4.88
C LEU C 1078 13.99 70.98 -5.79
N LEU C 1079 14.28 70.38 -6.94
CA LEU C 1079 13.23 69.82 -7.79
C LEU C 1079 12.80 68.44 -7.30
N TYR C 1080 13.73 67.67 -6.76
CA TYR C 1080 13.42 66.35 -6.22
C TYR C 1080 12.51 66.44 -5.01
N LYS C 1081 12.72 67.44 -4.16
CA LYS C 1081 11.82 67.63 -3.02
C LYS C 1081 10.49 68.24 -3.46
N ALA C 1082 10.50 69.00 -4.56
CA ALA C 1082 9.28 69.63 -5.06
C ALA C 1082 8.29 68.63 -5.63
N PHE C 1083 8.75 67.41 -5.95
CA PHE C 1083 7.85 66.34 -6.37
C PHE C 1083 7.00 65.80 -5.24
N LEU C 1084 7.31 66.17 -3.99
CA LEU C 1084 6.58 65.69 -2.83
C LEU C 1084 5.86 66.81 -2.08
N LYS C 1085 5.92 68.05 -2.57
CA LYS C 1085 5.27 69.18 -1.91
C LYS C 1085 3.86 69.41 -2.41
N ASP D 210 49.88 58.08 11.16
CA ASP D 210 48.84 57.13 10.77
C ASP D 210 48.82 56.68 9.28
N PRO D 211 48.71 57.59 8.28
CA PRO D 211 48.35 57.13 6.93
C PRO D 211 49.45 56.38 6.21
N THR D 212 50.72 56.62 6.55
CA THR D 212 51.81 55.94 5.85
C THR D 212 52.04 54.53 6.34
N MET D 213 51.37 54.11 7.41
CA MET D 213 51.55 52.78 7.98
C MET D 213 50.28 51.95 7.90
N TYR D 214 49.39 52.25 6.95
CA TYR D 214 48.21 51.42 6.77
C TYR D 214 48.55 50.09 6.12
N GLU D 215 49.64 50.03 5.37
CA GLU D 215 50.11 48.75 4.84
C GLU D 215 50.87 47.93 5.88
N GLU D 216 51.11 48.51 7.06
CA GLU D 216 51.65 47.77 8.20
C GLU D 216 50.57 47.30 9.15
N TYR D 217 49.47 48.06 9.27
CA TYR D 217 48.35 47.63 10.10
C TYR D 217 47.58 46.49 9.45
N TYR D 218 47.28 46.63 8.15
CA TYR D 218 46.46 45.63 7.46
C TYR D 218 47.24 44.34 7.24
N SER D 219 48.54 44.44 6.95
CA SER D 219 49.34 43.24 6.73
C SER D 219 49.65 42.52 8.04
N GLY D 220 49.57 43.22 9.17
CA GLY D 220 49.72 42.54 10.45
C GLY D 220 48.50 41.70 10.79
N LEU D 221 47.30 42.24 10.55
CA LEU D 221 46.09 41.47 10.78
C LEU D 221 45.91 40.40 9.71
N LYS D 222 46.42 40.62 8.51
CA LYS D 222 46.44 39.57 7.49
C LYS D 222 47.39 38.45 7.89
N HIS D 223 48.45 38.76 8.62
CA HIS D 223 49.36 37.72 9.09
C HIS D 223 48.79 36.96 10.28
N PHE D 224 47.95 37.59 11.10
CA PHE D 224 47.35 36.92 12.24
C PHE D 224 46.28 35.92 11.80
N ILE D 225 45.48 36.29 10.79
CA ILE D 225 44.34 35.48 10.41
C ILE D 225 44.78 34.24 9.64
N GLU D 226 45.73 34.41 8.71
CA GLU D 226 46.22 33.27 7.95
C GLU D 226 47.11 32.34 8.76
N CYS D 227 47.60 32.77 9.92
CA CYS D 227 48.33 31.90 10.83
C CYS D 227 47.44 31.28 11.88
N SER D 228 46.13 31.49 11.82
CA SER D 228 45.22 30.88 12.77
C SER D 228 44.90 29.45 12.36
N LEU D 229 44.24 28.74 13.27
CA LEU D 229 43.73 27.41 12.96
C LEU D 229 42.58 27.50 11.95
N ASP D 230 42.39 26.42 11.20
CA ASP D 230 41.54 26.46 10.01
C ASP D 230 40.06 26.60 10.31
N CYS D 231 39.63 26.28 11.54
CA CYS D 231 38.22 26.45 11.88
C CYS D 231 37.87 27.91 12.03
N HIS D 232 38.76 28.70 12.64
CA HIS D 232 38.55 30.12 12.83
C HIS D 232 39.12 30.96 11.70
N ARG D 233 39.94 30.37 10.82
CA ARG D 233 40.55 31.14 9.74
C ARG D 233 39.53 31.50 8.68
N ALA D 234 38.61 30.59 8.37
CA ALA D 234 37.61 30.84 7.34
C ALA D 234 36.58 31.86 7.80
N GLU D 235 36.36 31.97 9.11
CA GLU D 235 35.42 32.97 9.61
C GLU D 235 36.09 34.31 9.83
N LEU D 236 37.37 34.32 10.18
CA LEU D 236 38.10 35.56 10.36
C LEU D 236 38.59 36.15 9.04
N SER D 237 38.40 35.46 7.92
CA SER D 237 38.68 36.06 6.63
C SER D 237 37.58 36.98 6.14
N GLN D 238 36.50 37.15 6.92
CA GLN D 238 35.41 38.00 6.51
C GLN D 238 35.76 39.48 6.60
N LEU D 239 36.63 39.86 7.54
CA LEU D 239 37.00 41.24 7.73
C LEU D 239 38.23 41.64 6.94
N PHE D 240 38.58 40.88 5.90
CA PHE D 240 39.59 41.35 4.96
C PHE D 240 39.02 42.43 4.06
N TYR D 241 37.84 42.18 3.47
CA TYR D 241 37.26 43.13 2.52
C TYR D 241 36.80 44.44 3.16
N PRO D 242 36.05 44.48 4.27
CA PRO D 242 35.66 45.80 4.80
C PRO D 242 36.80 46.60 5.41
N LEU D 243 37.82 45.94 5.94
CA LEU D 243 38.98 46.67 6.42
C LEU D 243 39.86 47.13 5.28
N PHE D 244 39.80 46.48 4.12
CA PHE D 244 40.55 46.97 2.97
C PHE D 244 39.89 48.22 2.38
N VAL D 245 38.56 48.24 2.32
CA VAL D 245 37.89 49.39 1.71
C VAL D 245 37.85 50.58 2.67
N HIS D 246 37.58 50.33 3.96
CA HIS D 246 37.49 51.45 4.91
C HIS D 246 38.85 52.09 5.16
N MET D 247 39.94 51.35 5.00
CA MET D 247 41.25 51.98 5.07
C MET D 247 41.61 52.68 3.78
N TYR D 248 41.16 52.14 2.64
CA TYR D 248 41.44 52.78 1.35
C TYR D 248 40.61 54.04 1.16
N LEU D 249 39.34 54.01 1.56
CA LEU D 249 38.49 55.18 1.37
C LEU D 249 38.83 56.28 2.37
N GLU D 250 39.37 55.93 3.53
CA GLU D 250 39.81 56.95 4.47
C GLU D 250 41.12 57.58 4.04
N LEU D 251 41.96 56.86 3.29
CA LEU D 251 43.15 57.46 2.71
C LEU D 251 42.80 58.47 1.63
N VAL D 252 41.85 58.14 0.75
CA VAL D 252 41.50 59.04 -0.34
C VAL D 252 40.59 60.18 0.11
N TYR D 253 39.97 60.07 1.29
CA TYR D 253 39.16 61.18 1.79
C TYR D 253 40.01 62.20 2.52
N ASN D 254 41.14 61.78 3.07
CA ASN D 254 42.09 62.67 3.72
C ASN D 254 43.19 63.14 2.78
N GLN D 255 43.00 62.93 1.47
CA GLN D 255 43.88 63.40 0.40
C GLN D 255 45.29 62.83 0.55
N HIS D 256 45.38 61.49 0.59
CA HIS D 256 46.68 60.77 0.70
C HIS D 256 46.74 59.84 -0.50
N GLU D 257 46.67 60.39 -1.71
CA GLU D 257 46.53 59.58 -2.94
C GLU D 257 47.67 58.59 -3.16
N ASN D 258 48.92 58.96 -2.99
CA ASN D 258 50.00 57.99 -3.33
C ASN D 258 49.90 56.79 -2.39
N GLU D 259 49.68 57.06 -1.10
CA GLU D 259 49.61 55.95 -0.13
C GLU D 259 48.39 55.11 -0.43
N ALA D 260 47.29 55.74 -0.82
CA ALA D 260 46.09 54.99 -1.19
C ALA D 260 46.39 54.07 -2.36
N LYS D 261 47.06 54.58 -3.38
CA LYS D 261 47.34 53.78 -4.59
C LYS D 261 48.23 52.59 -4.21
N SER D 262 49.22 52.83 -3.36
CA SER D 262 50.13 51.73 -2.94
C SER D 262 49.38 50.67 -2.14
N PHE D 263 48.48 51.07 -1.24
CA PHE D 263 47.67 50.11 -0.45
C PHE D 263 46.82 49.31 -1.42
N PHE D 264 46.23 49.99 -2.38
CA PHE D 264 45.33 49.27 -3.30
C PHE D 264 46.16 48.22 -4.04
N GLU D 265 47.33 48.60 -4.50
CA GLU D 265 48.13 47.64 -5.30
C GLU D 265 48.57 46.46 -4.44
N LYS D 266 48.96 46.71 -3.20
CA LYS D 266 49.50 45.60 -2.36
C LYS D 266 48.43 44.59 -1.96
N PHE D 267 47.22 45.03 -1.64
CA PHE D 267 46.20 44.16 -1.03
C PHE D 267 44.99 43.87 -1.90
N HIS D 268 44.85 44.45 -3.08
CA HIS D 268 43.60 44.21 -3.85
C HIS D 268 43.47 42.77 -4.30
N GLY D 269 44.57 42.05 -4.45
CA GLY D 269 44.50 40.71 -5.07
C GLY D 269 44.32 39.60 -4.08
N ASP D 270 44.25 39.94 -2.79
CA ASP D 270 43.99 38.91 -1.77
C ASP D 270 42.52 39.01 -1.39
N GLN D 271 41.79 39.86 -2.07
CA GLN D 271 40.34 40.01 -1.81
C GLN D 271 39.59 38.88 -2.52
N GLU D 272 38.43 38.51 -2.02
CA GLU D 272 37.65 37.37 -2.54
C GLU D 272 37.25 37.68 -3.98
N CYS D 273 37.19 36.65 -4.82
CA CYS D 273 36.92 36.84 -6.26
C CYS D 273 35.57 37.51 -6.52
N TYR D 274 34.61 37.35 -5.63
CA TYR D 274 33.25 37.89 -5.85
C TYR D 274 33.25 39.40 -5.75
N TYR D 275 34.36 40.01 -5.36
CA TYR D 275 34.34 41.48 -5.08
C TYR D 275 34.99 42.28 -6.20
N GLN D 276 35.26 41.67 -7.35
CA GLN D 276 36.01 42.34 -8.44
C GLN D 276 35.31 43.60 -8.89
N ASP D 277 33.99 43.62 -9.01
CA ASP D 277 33.34 44.85 -9.53
C ASP D 277 33.56 46.04 -8.59
N ASP D 278 33.37 45.80 -7.30
CA ASP D 278 33.54 46.90 -6.32
C ASP D 278 35.02 47.30 -6.34
N LEU D 279 35.89 46.30 -6.47
CA LEU D 279 37.34 46.61 -6.48
C LEU D 279 37.66 47.50 -7.68
N ARG D 280 37.09 47.26 -8.86
CA ARG D 280 37.30 48.15 -10.03
C ARG D 280 36.73 49.55 -9.83
N VAL D 281 35.54 49.64 -9.26
CA VAL D 281 35.07 51.02 -8.99
C VAL D 281 36.07 51.72 -8.06
N LEU D 282 36.60 51.03 -7.05
CA LEU D 282 37.54 51.64 -6.08
C LEU D 282 38.86 52.01 -6.75
N SER D 283 39.37 51.19 -7.65
CA SER D 283 40.63 51.48 -8.37
C SER D 283 40.42 52.77 -9.13
N SER D 284 39.24 52.97 -9.73
CA SER D 284 39.05 54.30 -10.35
C SER D 284 39.15 55.42 -9.31
N LEU D 285 38.56 55.31 -8.12
CA LEU D 285 38.50 56.34 -7.06
C LEU D 285 39.88 56.52 -6.48
N THR D 286 40.54 57.65 -6.77
CA THR D 286 41.85 57.95 -6.23
C THR D 286 41.86 59.33 -5.59
N LYS D 287 41.00 60.21 -6.06
CA LYS D 287 40.88 61.55 -5.50
C LYS D 287 39.78 61.61 -4.46
N LYS D 288 39.71 62.72 -3.75
CA LYS D 288 38.64 62.93 -2.78
C LYS D 288 37.35 63.37 -3.47
N GLU D 289 37.46 64.31 -4.41
CA GLU D 289 36.29 64.82 -5.11
C GLU D 289 35.70 63.80 -6.07
N HIS D 290 36.47 62.79 -6.47
CA HIS D 290 35.90 61.67 -7.22
C HIS D 290 34.95 60.87 -6.35
N MET D 291 35.27 60.73 -5.06
CA MET D 291 34.44 59.99 -4.13
C MET D 291 33.33 60.84 -3.52
N LYS D 292 33.47 62.17 -3.55
CA LYS D 292 32.44 63.05 -3.01
C LYS D 292 31.20 63.13 -3.87
N GLY D 293 31.22 62.56 -5.08
CA GLY D 293 30.04 62.53 -5.92
C GLY D 293 29.69 61.13 -6.39
N ASN D 294 30.12 60.11 -5.65
CA ASN D 294 29.80 58.73 -6.00
C ASN D 294 28.49 58.27 -5.36
N GLU D 295 28.24 58.65 -4.12
CA GLU D 295 27.03 58.43 -3.31
C GLU D 295 26.76 56.98 -2.96
N THR D 296 27.58 56.04 -3.41
CA THR D 296 27.54 54.65 -2.95
C THR D 296 28.70 54.34 -2.02
N MET D 297 29.90 54.79 -2.37
CA MET D 297 31.02 54.77 -1.44
C MET D 297 30.94 55.89 -0.42
N LEU D 298 30.11 56.90 -0.65
CA LEU D 298 29.86 57.91 0.38
C LEU D 298 28.96 57.36 1.48
N ASP D 299 28.04 56.46 1.11
CA ASP D 299 27.20 55.81 2.10
C ASP D 299 27.86 54.57 2.68
N PHE D 300 28.87 54.03 1.99
CA PHE D 300 29.65 52.93 2.55
C PHE D 300 30.60 53.44 3.63
N ARG D 301 31.08 54.67 3.50
CA ARG D 301 32.05 55.19 4.46
C ARG D 301 31.37 55.58 5.77
N THR D 302 30.08 55.91 5.72
CA THR D 302 29.37 56.35 6.92
C THR D 302 28.61 55.23 7.61
N SER D 303 28.30 54.15 6.90
CA SER D 303 27.62 53.01 7.50
C SER D 303 28.63 52.11 8.19
N LYS D 304 28.13 51.01 8.76
CA LYS D 304 28.94 50.03 9.47
C LYS D 304 28.78 48.67 8.82
N PHE D 305 29.88 48.02 8.49
CA PHE D 305 29.86 46.64 8.03
C PHE D 305 29.44 45.75 9.19
N VAL D 306 28.54 44.82 8.94
CA VAL D 306 27.88 44.14 10.05
C VAL D 306 28.71 42.96 10.55
N LEU D 307 29.20 42.11 9.64
CA LEU D 307 30.27 41.14 9.88
C LEU D 307 29.90 40.13 10.97
N ARG D 308 28.93 39.28 10.65
CA ARG D 308 28.48 38.25 11.58
C ARG D 308 29.57 37.22 11.82
N ILE D 309 30.06 37.16 13.06
CA ILE D 309 31.11 36.23 13.46
C ILE D 309 30.63 35.45 14.69
N SER D 310 31.25 34.30 14.91
CA SER D 310 30.91 33.48 16.06
C SER D 310 31.71 33.91 17.28
N ARG D 311 31.24 33.49 18.46
CA ARG D 311 31.94 33.83 19.69
C ARG D 311 33.20 33.01 19.89
N ASP D 312 33.30 31.85 19.24
CA ASP D 312 34.52 31.06 19.34
C ASP D 312 35.66 31.71 18.56
N SER D 313 35.35 32.41 17.46
CA SER D 313 36.36 33.12 16.69
C SER D 313 36.55 34.55 17.14
N TYR D 314 35.55 35.15 17.79
CA TYR D 314 35.70 36.52 18.26
C TYR D 314 36.62 36.62 19.46
N GLN D 315 36.75 35.54 20.23
CA GLN D 315 37.66 35.54 21.36
C GLN D 315 39.12 35.56 20.91
N LEU D 316 39.43 34.91 19.79
CA LEU D 316 40.76 35.01 19.23
C LEU D 316 41.01 36.37 18.59
N LEU D 317 39.97 36.99 18.05
CA LEU D 317 40.12 38.30 17.44
C LEU D 317 40.32 39.37 18.51
N LYS D 318 39.54 39.31 19.59
CA LYS D 318 39.65 40.32 20.63
C LYS D 318 40.88 40.13 21.51
N ARG D 319 41.46 38.93 21.52
CA ARG D 319 42.74 38.73 22.19
C ARG D 319 43.92 39.16 21.33
N HIS D 320 43.67 39.57 20.09
CA HIS D 320 44.69 40.13 19.23
C HIS D 320 44.49 41.62 18.97
N LEU D 321 43.40 42.20 19.48
CA LEU D 321 43.10 43.61 19.26
C LEU D 321 43.04 44.44 20.53
N GLN D 322 42.69 43.84 21.67
CA GLN D 322 42.63 44.59 22.92
C GLN D 322 44.01 44.93 23.45
N GLU D 323 45.05 44.27 22.90
CA GLU D 323 46.46 44.58 23.28
C GLU D 323 46.91 45.85 22.54
N LYS D 324 47.87 46.58 23.12
CA LYS D 324 48.32 47.87 22.52
C LYS D 324 49.15 47.64 21.26
N GLN D 325 49.62 46.41 21.04
CA GLN D 325 50.48 46.10 19.86
C GLN D 325 49.68 46.42 18.60
N ASN D 326 48.37 46.12 18.60
CA ASN D 326 47.50 46.44 17.43
C ASN D 326 46.31 47.26 17.93
N ASN D 327 46.56 48.49 18.40
CA ASN D 327 45.47 49.36 18.92
C ASN D 327 45.00 50.31 17.82
N GLN D 328 45.64 50.26 16.65
CA GLN D 328 45.26 51.17 15.53
C GLN D 328 44.26 50.44 14.64
N ILE D 329 44.53 49.19 14.27
CA ILE D 329 43.59 48.40 13.49
C ILE D 329 42.40 48.02 14.35
N TRP D 330 42.59 47.93 15.68
CA TRP D 330 41.45 47.79 16.59
C TRP D 330 40.64 49.07 16.64
N ASN D 331 41.27 50.23 16.44
CA ASN D 331 40.53 51.48 16.41
C ASN D 331 39.74 51.63 15.13
N ILE D 332 40.22 51.06 14.02
CA ILE D 332 39.47 51.11 12.77
C ILE D 332 38.30 50.13 12.81
N VAL D 333 38.49 48.98 13.47
CA VAL D 333 37.44 47.97 13.57
C VAL D 333 36.27 48.49 14.40
N GLN D 334 36.55 49.07 15.56
CA GLN D 334 35.47 49.54 16.42
C GLN D 334 34.91 50.90 16.00
N GLU D 335 35.42 51.49 14.92
CA GLU D 335 34.87 52.71 14.35
C GLU D 335 34.05 52.45 13.10
N HIS D 336 34.49 51.54 12.24
CA HIS D 336 33.86 51.32 10.94
C HIS D 336 33.11 50.01 10.83
N LEU D 337 33.35 49.05 11.73
CA LEU D 337 32.74 47.73 11.63
C LEU D 337 31.87 47.48 12.85
N TYR D 338 30.61 47.14 12.59
CA TYR D 338 29.84 46.40 13.57
C TYR D 338 30.35 44.96 13.61
N ILE D 339 30.13 44.29 14.72
CA ILE D 339 30.35 42.85 14.85
C ILE D 339 29.15 42.25 15.54
N ASP D 340 28.43 41.38 14.84
CA ASP D 340 27.24 40.73 15.36
C ASP D 340 27.61 39.30 15.73
N ILE D 341 27.56 39.00 17.02
CA ILE D 341 28.08 37.73 17.54
C ILE D 341 26.93 36.75 17.73
N PHE D 342 27.13 35.53 17.23
CA PHE D 342 26.21 34.44 17.48
C PHE D 342 26.95 33.34 18.23
N ASP D 343 26.24 32.63 19.08
CA ASP D 343 26.80 31.54 19.87
C ASP D 343 26.55 30.24 19.12
N GLY D 344 27.59 29.70 18.50
CA GLY D 344 27.45 28.47 17.77
C GLY D 344 28.75 28.04 17.15
N MET D 345 28.64 27.12 16.20
CA MET D 345 29.77 26.63 15.44
C MET D 345 30.28 27.72 14.49
N PRO D 346 31.60 27.81 14.28
CA PRO D 346 32.11 28.67 13.21
C PRO D 346 31.75 28.08 11.86
N ARG D 347 31.27 28.95 10.96
CA ARG D 347 30.76 28.50 9.67
C ARG D 347 31.90 28.05 8.76
N SER D 348 31.57 27.17 7.82
CA SER D 348 32.55 26.72 6.85
C SER D 348 32.79 27.80 5.81
N LYS D 349 33.83 27.58 4.98
CA LYS D 349 34.16 28.57 3.96
C LYS D 349 33.15 28.59 2.82
N GLN D 350 32.58 27.44 2.47
CA GLN D 350 31.55 27.41 1.43
C GLN D 350 30.16 27.75 1.96
N GLN D 351 30.02 27.95 3.26
CA GLN D 351 28.81 28.53 3.84
C GLN D 351 28.92 30.02 4.06
N ILE D 352 30.13 30.50 4.38
CA ILE D 352 30.37 31.94 4.43
C ILE D 352 30.31 32.54 3.04
N ASP D 353 30.77 31.78 2.04
CA ASP D 353 30.72 32.23 0.65
C ASP D 353 29.29 32.34 0.14
N ALA D 354 28.37 31.60 0.75
CA ALA D 354 26.98 31.61 0.28
C ALA D 354 26.23 32.84 0.75
N MET D 355 26.63 33.43 1.88
CA MET D 355 25.82 34.52 2.50
C MET D 355 26.50 35.89 2.54
N VAL D 356 27.72 36.02 1.99
CA VAL D 356 28.35 37.34 1.92
C VAL D 356 28.33 37.78 0.47
N GLY D 357 28.78 39.02 0.24
CA GLY D 357 28.93 39.50 -1.12
C GLY D 357 28.47 40.93 -1.32
N SER D 358 27.75 41.46 -0.35
CA SER D 358 27.21 42.80 -0.47
C SER D 358 28.13 43.84 0.17
N LEU D 359 27.88 45.10 -0.15
CA LEU D 359 28.51 46.22 0.52
C LEU D 359 27.64 46.64 1.70
N ALA D 360 28.27 46.83 2.85
CA ALA D 360 27.63 46.89 4.17
C ALA D 360 26.71 45.68 4.36
N GLY D 361 27.29 44.49 4.16
CA GLY D 361 26.55 43.27 3.99
C GLY D 361 26.48 42.40 5.23
N GLU D 362 25.72 41.31 5.08
CA GLU D 362 25.49 40.28 6.09
C GLU D 362 24.88 40.88 7.37
N ALA D 363 23.69 41.46 7.21
CA ALA D 363 23.06 42.32 8.20
C ALA D 363 22.73 41.60 9.50
N LYS D 364 22.42 42.39 10.52
CA LYS D 364 22.23 41.90 11.88
C LYS D 364 21.01 40.99 11.97
N ARG D 365 21.02 40.10 12.96
CA ARG D 365 19.84 39.28 13.22
C ARG D 365 18.73 40.08 13.88
N GLU D 366 19.04 41.23 14.50
CA GLU D 366 18.00 42.06 15.08
C GLU D 366 17.13 42.74 14.04
N ALA D 367 17.58 42.79 12.79
CA ALA D 367 16.72 43.26 11.70
C ALA D 367 15.79 42.17 11.21
N ASN D 368 16.24 40.91 11.24
CA ASN D 368 15.47 39.79 10.72
C ASN D 368 14.65 39.08 11.81
N LYS D 369 14.30 39.80 12.88
CA LYS D 369 13.48 39.21 13.95
C LYS D 369 12.14 39.90 14.12
N SER D 370 11.80 40.85 13.27
CA SER D 370 10.49 41.48 13.34
C SER D 370 9.41 40.51 12.87
N LYS D 371 8.19 40.73 13.36
CA LYS D 371 7.07 39.86 13.01
C LYS D 371 6.56 40.23 11.63
N VAL D 372 6.59 39.28 10.71
CA VAL D 372 6.16 39.49 9.33
C VAL D 372 4.92 38.66 9.09
N PHE D 373 3.85 39.30 8.61
CA PHE D 373 2.61 38.62 8.28
C PHE D 373 2.72 38.08 6.86
N PHE D 374 3.39 36.93 6.74
CA PHE D 374 3.67 36.34 5.45
C PHE D 374 2.59 35.39 4.96
N GLY D 375 1.41 35.40 5.57
CA GLY D 375 0.34 34.52 5.15
C GLY D 375 -0.59 35.17 4.15
N LEU D 376 -1.41 34.34 3.53
CA LEU D 376 -2.33 34.83 2.51
C LEU D 376 -3.64 35.31 3.14
N LEU D 377 -4.30 36.22 2.44
CA LEU D 377 -5.61 36.68 2.86
C LEU D 377 -6.70 35.70 2.46
N LYS D 378 -7.91 35.97 2.92
CA LYS D 378 -9.04 35.09 2.65
C LYS D 378 -9.85 35.59 1.46
N PRO D 419 -1.65 31.43 11.84
CA PRO D 419 -1.55 32.68 12.60
C PRO D 419 -0.56 33.65 11.94
N ASN D 420 -0.35 33.53 10.64
CA ASN D 420 0.58 34.40 9.94
C ASN D 420 -0.09 35.31 8.93
N ALA D 421 -1.41 35.32 8.88
CA ALA D 421 -2.06 36.19 7.90
C ALA D 421 -2.39 37.54 8.52
N PRO D 422 -2.22 38.62 7.78
CA PRO D 422 -2.63 39.92 8.28
C PRO D 422 -4.14 40.07 8.22
N PRO D 423 -4.71 40.98 9.00
CA PRO D 423 -6.14 41.27 8.86
C PRO D 423 -6.43 41.97 7.53
N GLN D 424 -7.70 41.88 7.12
CA GLN D 424 -8.11 42.48 5.86
C GLN D 424 -8.09 44.00 5.93
N ASN D 425 -8.28 44.57 7.11
CA ASN D 425 -8.28 46.02 7.30
C ASN D 425 -6.94 46.56 7.75
N ARG D 426 -5.87 45.77 7.66
CA ARG D 426 -4.54 46.27 7.97
C ARG D 426 -4.08 47.26 6.90
N ILE D 427 -4.00 46.80 5.67
CA ILE D 427 -3.80 47.65 4.50
C ILE D 427 -5.17 47.90 3.87
N PRO D 428 -5.55 49.14 3.63
CA PRO D 428 -6.88 49.40 3.04
C PRO D 428 -6.93 49.00 1.58
N LEU D 429 -7.22 47.73 1.34
CA LEU D 429 -7.33 47.14 0.01
C LEU D 429 -8.68 47.47 -0.62
N PRO D 430 -8.76 47.53 -1.95
CA PRO D 430 -10.03 47.89 -2.60
C PRO D 430 -11.06 46.78 -2.53
N GLU D 431 -12.31 47.18 -2.82
CA GLU D 431 -13.43 46.27 -2.82
C GLU D 431 -13.33 45.28 -3.98
N LEU D 432 -14.07 44.19 -3.85
CA LEU D 432 -14.15 43.18 -4.90
C LEU D 432 -15.48 43.37 -5.64
N LYS D 433 -15.40 43.90 -6.86
CA LYS D 433 -16.59 44.21 -7.63
C LYS D 433 -17.20 42.94 -8.24
N ASP D 434 -18.39 43.09 -8.80
CA ASP D 434 -19.07 41.95 -9.40
C ASP D 434 -18.42 41.52 -10.71
N SER D 435 -17.75 42.44 -11.40
CA SER D 435 -16.94 42.04 -12.54
C SER D 435 -15.63 41.40 -12.11
N ASP D 436 -15.11 41.80 -10.95
CA ASP D 436 -13.93 41.14 -10.41
C ASP D 436 -14.29 39.81 -9.76
N LYS D 437 -15.50 39.69 -9.20
CA LYS D 437 -15.98 38.40 -8.74
C LYS D 437 -16.35 37.49 -9.89
N LEU D 438 -16.71 38.05 -11.06
CA LEU D 438 -16.93 37.24 -12.25
C LEU D 438 -15.63 36.70 -12.83
N ASP D 439 -14.50 37.37 -12.56
CA ASP D 439 -13.22 36.89 -13.03
C ASP D 439 -12.81 35.62 -12.28
N LYS D 440 -12.98 35.60 -10.97
CA LYS D 440 -12.59 34.43 -10.18
C LYS D 440 -13.49 33.23 -10.41
N ILE D 441 -14.67 33.42 -10.99
CA ILE D 441 -15.52 32.29 -11.35
C ILE D 441 -14.94 31.54 -12.54
N MET D 442 -14.48 32.27 -13.56
CA MET D 442 -13.82 31.60 -14.67
C MET D 442 -12.36 31.29 -14.39
N ASN D 443 -11.79 31.82 -13.31
CA ASN D 443 -10.43 31.44 -12.91
C ASN D 443 -10.40 30.04 -12.31
N MET D 444 -11.42 29.67 -11.54
CA MET D 444 -11.46 28.34 -10.95
C MET D 444 -11.93 27.28 -11.95
N LYS D 445 -12.46 27.67 -13.11
CA LYS D 445 -12.64 26.72 -14.19
C LYS D 445 -11.31 26.36 -14.83
N GLU D 446 -10.35 27.29 -14.83
CA GLU D 446 -9.00 26.98 -15.30
C GLU D 446 -8.26 26.13 -14.29
N THR D 447 -8.51 26.36 -13.00
CA THR D 447 -7.90 25.57 -11.93
C THR D 447 -8.38 24.12 -11.95
N THR D 448 -9.55 23.86 -12.54
CA THR D 448 -10.04 22.50 -12.68
C THR D 448 -9.15 21.69 -13.61
N LYS D 449 -8.67 22.30 -14.69
CA LYS D 449 -7.78 21.63 -15.63
C LYS D 449 -6.31 21.76 -15.25
N ARG D 450 -6.02 22.33 -14.08
CA ARG D 450 -4.63 22.55 -13.68
C ARG D 450 -3.96 21.23 -13.31
N VAL D 451 -2.82 20.97 -13.90
CA VAL D 451 -2.08 19.73 -13.67
C VAL D 451 -1.16 19.91 -12.48
N ARG D 452 -0.98 18.83 -11.72
CA ARG D 452 0.02 18.79 -10.66
C ARG D 452 1.37 18.52 -11.30
N LEU D 453 2.31 19.44 -11.16
CA LEU D 453 3.55 19.33 -11.95
C LEU D 453 4.53 18.35 -11.33
N GLY D 454 5.06 18.67 -10.15
CA GLY D 454 6.01 17.82 -9.46
C GLY D 454 7.30 17.54 -10.22
N PRO D 455 8.08 16.57 -9.74
CA PRO D 455 9.28 16.17 -10.46
C PRO D 455 9.05 15.15 -11.57
N ASP D 456 7.81 14.67 -11.74
CA ASP D 456 7.50 13.66 -12.74
C ASP D 456 6.78 14.24 -13.95
N CYS D 457 5.68 14.97 -13.73
CA CYS D 457 4.92 15.58 -14.81
C CYS D 457 5.50 16.95 -15.09
N LEU D 458 6.59 16.96 -15.85
CA LEU D 458 7.27 18.22 -16.14
C LEU D 458 6.42 19.06 -17.10
N PRO D 459 6.32 20.37 -16.88
CA PRO D 459 5.41 21.19 -17.67
C PRO D 459 5.92 21.42 -19.08
N SER D 460 4.99 21.74 -19.95
CA SER D 460 5.31 22.14 -21.32
C SER D 460 5.53 23.64 -21.37
N ILE D 461 6.58 24.05 -22.06
CA ILE D 461 6.97 25.45 -22.17
C ILE D 461 6.61 25.95 -23.56
N CYS D 462 5.83 27.01 -23.63
CA CYS D 462 5.45 27.64 -24.89
C CYS D 462 6.18 28.98 -24.96
N PHE D 463 7.23 29.03 -25.79
CA PHE D 463 8.03 30.24 -25.90
C PHE D 463 7.39 31.19 -26.89
N TYR D 464 7.11 32.41 -26.44
CA TYR D 464 6.52 33.46 -27.29
C TYR D 464 7.63 34.42 -27.70
N THR D 465 8.36 34.04 -28.74
CA THR D 465 9.52 34.81 -29.15
C THR D 465 9.11 36.03 -29.96
N PHE D 466 9.82 37.13 -29.74
CA PHE D 466 9.68 38.34 -30.55
C PHE D 466 10.68 38.22 -31.69
N LEU D 467 10.20 38.14 -32.93
CA LEU D 467 11.06 37.70 -34.01
C LEU D 467 11.97 38.82 -34.51
N ASN D 468 11.39 39.94 -34.93
CA ASN D 468 12.24 40.96 -35.55
C ASN D 468 12.96 41.78 -34.48
N ALA D 469 12.19 42.56 -33.71
CA ALA D 469 12.61 43.20 -32.45
C ALA D 469 13.91 43.98 -32.57
N TYR D 470 14.03 44.76 -33.65
CA TYR D 470 15.28 45.48 -33.88
C TYR D 470 15.35 46.75 -33.05
N GLN D 471 14.21 47.23 -32.57
CA GLN D 471 14.19 48.01 -31.34
C GLN D 471 14.27 47.03 -30.17
N GLY D 472 15.15 47.30 -29.23
CA GLY D 472 15.48 46.29 -28.23
C GLY D 472 14.36 46.13 -27.23
N LEU D 473 13.91 44.88 -27.05
CA LEU D 473 12.85 44.60 -26.09
C LEU D 473 13.40 44.65 -24.67
N THR D 474 12.82 45.49 -23.83
CA THR D 474 13.39 45.68 -22.46
C THR D 474 12.40 45.28 -21.37
N ALA D 475 11.12 45.01 -21.71
CA ALA D 475 10.14 44.69 -20.68
C ALA D 475 9.04 43.83 -21.28
N VAL D 476 8.69 42.75 -20.59
CA VAL D 476 7.56 41.89 -20.95
C VAL D 476 6.67 41.75 -19.73
N ASP D 477 5.35 41.73 -19.95
CA ASP D 477 4.44 41.23 -18.93
C ASP D 477 3.29 40.49 -19.61
N VAL D 478 2.79 39.49 -18.92
CA VAL D 478 1.63 38.72 -19.33
C VAL D 478 0.57 38.92 -18.25
N THR D 479 -0.70 38.96 -18.66
CA THR D 479 -1.79 38.99 -17.71
C THR D 479 -1.88 37.67 -16.95
N ASP D 480 -2.69 37.67 -15.88
CA ASP D 480 -2.78 36.50 -15.00
C ASP D 480 -3.45 35.34 -15.72
N ASP D 481 -4.54 35.59 -16.43
CA ASP D 481 -4.94 34.68 -17.49
C ASP D 481 -4.16 35.01 -18.75
N SER D 482 -3.68 33.97 -19.44
CA SER D 482 -2.78 34.15 -20.57
C SER D 482 -3.58 34.70 -21.76
N SER D 483 -3.83 36.00 -21.74
CA SER D 483 -4.65 36.63 -22.76
C SER D 483 -3.95 37.81 -23.42
N LEU D 484 -3.17 38.59 -22.69
CA LEU D 484 -2.41 39.68 -23.25
C LEU D 484 -0.92 39.48 -22.97
N ILE D 485 -0.09 40.01 -23.86
CA ILE D 485 1.36 40.06 -23.65
C ILE D 485 1.80 41.47 -24.00
N ALA D 486 2.42 42.15 -23.05
CA ALA D 486 2.94 43.48 -23.28
C ALA D 486 4.41 43.41 -23.61
N GLY D 487 4.88 44.37 -24.39
CA GLY D 487 6.28 44.47 -24.71
C GLY D 487 6.78 45.89 -24.55
N GLY D 488 7.76 46.08 -23.67
CA GLY D 488 8.42 47.37 -23.56
C GLY D 488 9.68 47.33 -24.40
N PHE D 489 9.84 48.36 -25.22
CA PHE D 489 10.90 48.37 -26.23
C PHE D 489 11.77 49.61 -26.06
N ALA D 490 12.95 49.55 -26.68
CA ALA D 490 13.93 50.62 -26.60
C ALA D 490 13.58 51.81 -27.48
N ASP D 491 12.64 51.67 -28.42
CA ASP D 491 12.17 52.79 -29.21
C ASP D 491 11.01 53.53 -28.54
N SER D 492 10.91 53.42 -27.21
CA SER D 492 10.03 54.21 -26.35
C SER D 492 8.56 53.87 -26.58
N THR D 493 8.28 52.61 -26.88
CA THR D 493 6.93 52.15 -27.15
C THR D 493 6.56 50.99 -26.25
N VAL D 494 5.27 50.89 -25.95
CA VAL D 494 4.67 49.71 -25.34
C VAL D 494 3.71 49.12 -26.36
N ARG D 495 3.80 47.82 -26.57
CA ARG D 495 3.01 47.14 -27.59
C ARG D 495 2.27 45.98 -26.95
N VAL D 496 0.95 46.04 -26.95
CA VAL D 496 0.10 44.99 -26.39
C VAL D 496 -0.28 44.04 -27.50
N TRP D 497 -0.09 42.75 -27.26
CA TRP D 497 -0.49 41.70 -28.19
C TRP D 497 -1.56 40.83 -27.54
N SER D 498 -2.62 40.54 -28.29
CA SER D 498 -3.57 39.53 -27.87
C SER D 498 -3.08 38.16 -28.34
N VAL D 499 -3.07 37.20 -27.41
CA VAL D 499 -2.61 35.86 -27.76
C VAL D 499 -3.77 34.88 -27.91
N THR D 500 -4.91 35.15 -27.31
CA THR D 500 -6.14 34.42 -27.56
C THR D 500 -6.74 34.86 -28.90
N PRO D 501 -7.61 34.04 -29.53
CA PRO D 501 -8.19 34.53 -30.81
C PRO D 501 -9.32 35.52 -30.58
N LYS D 502 -8.93 36.71 -30.14
CA LYS D 502 -9.87 37.76 -29.75
C LYS D 502 -9.11 39.07 -29.87
N LYS D 503 -9.45 39.86 -30.87
CA LYS D 503 -8.67 41.05 -31.20
C LYS D 503 -8.85 42.13 -30.13
N LEU D 504 -7.84 42.99 -30.03
CA LEU D 504 -7.85 44.06 -29.06
C LEU D 504 -8.76 45.17 -29.54
N ARG D 505 -9.83 45.44 -28.79
CA ARG D 505 -10.76 46.48 -29.15
C ARG D 505 -10.73 47.59 -28.11
N SER D 506 -10.87 48.82 -28.59
CA SER D 506 -11.11 49.96 -27.74
C SER D 506 -12.61 50.12 -27.50
N VAL D 507 -12.96 50.79 -26.42
CA VAL D 507 -14.36 51.10 -26.19
C VAL D 507 -14.77 52.26 -27.10
N LYS D 508 -16.08 52.39 -27.31
CA LYS D 508 -16.62 53.40 -28.21
C LYS D 508 -16.40 54.80 -27.65
N GLN D 509 -16.50 55.79 -28.54
CA GLN D 509 -16.35 57.18 -28.14
C GLN D 509 -17.57 57.64 -27.35
N ALA D 510 -17.45 58.80 -26.72
CA ALA D 510 -18.47 59.29 -25.81
C ALA D 510 -19.78 59.64 -26.51
N SER D 511 -19.74 59.94 -27.81
CA SER D 511 -20.97 60.15 -28.55
C SER D 511 -21.72 58.86 -28.78
N ASP D 512 -20.99 57.76 -29.01
CA ASP D 512 -21.62 56.47 -29.23
C ASP D 512 -22.14 55.85 -27.92
N LEU D 513 -21.50 56.15 -26.80
CA LEU D 513 -21.97 55.64 -25.52
C LEU D 513 -23.17 56.43 -24.99
N SER D 514 -23.35 57.67 -25.42
CA SER D 514 -24.47 58.47 -24.94
C SER D 514 -25.78 58.04 -25.57
N LEU D 515 -25.75 57.42 -26.75
CA LEU D 515 -26.98 57.00 -27.40
C LEU D 515 -27.41 55.60 -26.94
N ILE D 516 -26.48 54.76 -26.51
CA ILE D 516 -26.86 53.45 -25.99
C ILE D 516 -27.30 53.64 -24.54
N ASP D 517 -27.93 52.61 -23.98
CA ASP D 517 -28.39 52.65 -22.60
C ASP D 517 -27.51 51.76 -21.73
N LYS D 518 -27.43 52.12 -20.45
CA LYS D 518 -26.80 51.28 -19.45
C LYS D 518 -27.84 50.26 -18.95
N GLU D 519 -27.55 49.65 -17.79
CA GLU D 519 -28.49 48.68 -17.15
C GLU D 519 -28.76 47.46 -18.04
N SER D 520 -28.29 47.46 -19.29
CA SER D 520 -28.43 46.26 -20.16
C SER D 520 -27.50 45.15 -19.69
N ASP D 521 -27.87 43.89 -19.95
CA ASP D 521 -26.96 42.75 -19.58
C ASP D 521 -25.68 42.82 -20.42
N ASP D 522 -25.80 43.09 -21.72
CA ASP D 522 -24.62 43.12 -22.63
C ASP D 522 -23.66 44.25 -22.24
N VAL D 523 -24.19 45.46 -22.00
CA VAL D 523 -23.38 46.65 -21.61
C VAL D 523 -21.92 46.60 -22.11
N LEU D 524 -21.04 45.76 -21.53
CA LEU D 524 -19.61 45.79 -21.94
C LEU D 524 -19.51 45.42 -23.43
N GLU D 525 -20.28 44.39 -23.80
CA GLU D 525 -20.27 43.97 -25.21
C GLU D 525 -20.78 45.14 -26.04
N ARG D 526 -21.91 45.77 -25.65
CA ARG D 526 -22.46 46.93 -26.40
C ARG D 526 -21.38 48.01 -26.58
N ILE D 527 -20.65 48.34 -25.53
CA ILE D 527 -19.61 49.43 -25.58
C ILE D 527 -18.43 49.10 -26.52
N MET D 528 -17.99 47.84 -26.60
CA MET D 528 -16.78 47.63 -27.49
C MET D 528 -16.85 48.25 -28.91
N ASP D 529 -15.78 48.90 -29.40
CA ASP D 529 -15.82 49.33 -30.79
C ASP D 529 -15.21 48.26 -31.68
N GLU D 530 -15.93 47.88 -32.73
CA GLU D 530 -15.40 46.91 -33.69
C GLU D 530 -14.65 47.57 -34.82
N LYS D 531 -14.82 48.88 -35.01
CA LYS D 531 -14.02 49.62 -35.99
C LYS D 531 -12.54 49.63 -35.62
N THR D 532 -12.23 49.60 -34.33
CA THR D 532 -10.87 49.51 -33.83
C THR D 532 -10.71 48.10 -33.27
N ALA D 533 -10.07 47.21 -34.04
CA ALA D 533 -9.88 45.83 -33.63
C ALA D 533 -8.61 45.31 -34.31
N SER D 534 -7.54 45.22 -33.54
CA SER D 534 -6.25 44.75 -34.05
C SER D 534 -5.75 43.62 -33.17
N GLU D 535 -4.74 42.91 -33.67
CA GLU D 535 -3.98 41.95 -32.88
C GLU D 535 -2.78 42.59 -32.21
N LEU D 536 -2.66 43.91 -32.29
CA LEU D 536 -1.50 44.64 -31.80
C LEU D 536 -1.88 46.10 -31.63
N LYS D 537 -1.63 46.66 -30.44
CA LYS D 537 -1.84 48.07 -30.17
C LYS D 537 -0.53 48.66 -29.68
N ILE D 538 -0.06 49.72 -30.34
CA ILE D 538 1.18 50.38 -29.97
C ILE D 538 0.83 51.61 -29.13
N LEU D 539 1.56 51.78 -28.03
CA LEU D 539 1.32 52.88 -27.09
C LEU D 539 2.53 53.81 -27.09
N TYR D 540 2.30 55.07 -27.42
CA TYR D 540 3.35 56.08 -27.48
C TYR D 540 3.21 57.05 -26.33
N GLY D 541 4.33 57.62 -25.90
CA GLY D 541 4.30 58.65 -24.88
C GLY D 541 5.48 58.69 -23.93
N HIS D 542 6.21 57.59 -23.81
CA HIS D 542 7.47 57.62 -23.07
C HIS D 542 8.55 58.25 -23.95
N SER D 543 9.37 59.10 -23.36
CA SER D 543 10.54 59.63 -24.04
C SER D 543 11.82 58.91 -23.61
N GLY D 544 11.82 57.60 -23.77
CA GLY D 544 12.93 56.78 -23.35
C GLY D 544 12.57 55.31 -23.33
N PRO D 545 13.57 54.44 -23.22
CA PRO D 545 13.31 52.99 -23.26
C PRO D 545 12.51 52.51 -22.06
N VAL D 546 11.38 51.86 -22.37
CA VAL D 546 10.44 51.37 -21.33
C VAL D 546 11.06 50.17 -20.62
N TYR D 547 11.33 50.28 -19.33
CA TYR D 547 12.02 49.23 -18.60
C TYR D 547 11.10 48.35 -17.78
N GLY D 548 9.99 48.87 -17.28
CA GLY D 548 9.03 48.08 -16.54
C GLY D 548 7.73 47.94 -17.31
N ALA D 549 7.05 46.82 -17.10
CA ALA D 549 5.75 46.60 -17.69
C ALA D 549 4.94 45.73 -16.73
N SER D 550 3.73 46.17 -16.41
CA SER D 550 2.94 45.48 -15.41
C SER D 550 1.46 45.62 -15.74
N PHE D 551 0.77 44.49 -15.84
CA PHE D 551 -0.67 44.50 -16.02
C PHE D 551 -1.38 44.59 -14.68
N SER D 552 -2.58 45.05 -14.73
CA SER D 552 -3.43 45.00 -13.55
C SER D 552 -4.21 43.68 -13.54
N PRO D 553 -4.58 43.17 -12.36
CA PRO D 553 -5.28 41.87 -12.32
C PRO D 553 -6.69 41.88 -12.92
N ASP D 554 -7.30 43.04 -13.14
CA ASP D 554 -8.58 43.10 -13.83
C ASP D 554 -8.42 43.27 -15.34
N ARG D 555 -7.20 43.14 -15.86
CA ARG D 555 -6.81 43.18 -17.27
C ARG D 555 -7.05 44.53 -17.94
N ASN D 556 -7.33 45.58 -17.17
CA ASN D 556 -7.17 46.94 -17.64
C ASN D 556 -5.81 47.41 -17.17
N TYR D 557 -5.53 48.72 -17.32
CA TYR D 557 -4.52 49.45 -16.55
C TYR D 557 -3.11 48.85 -16.70
N LEU D 558 -2.58 48.96 -17.91
CA LEU D 558 -1.17 48.63 -18.10
C LEU D 558 -0.30 49.69 -17.43
N LEU D 559 0.79 49.25 -16.84
CA LEU D 559 1.77 50.14 -16.23
C LEU D 559 3.09 50.05 -16.99
N SER D 560 3.76 51.18 -17.13
CA SER D 560 5.06 51.17 -17.78
C SER D 560 5.93 52.27 -17.18
N SER D 561 7.20 51.96 -17.00
CA SER D 561 8.19 52.89 -16.50
C SER D 561 9.36 52.90 -17.46
N SER D 562 10.09 54.01 -17.50
CA SER D 562 11.11 54.16 -18.52
C SER D 562 12.27 55.00 -18.01
N GLU D 563 13.20 55.28 -18.92
CA GLU D 563 14.41 56.04 -18.63
C GLU D 563 14.11 57.51 -18.31
N ASP D 564 12.99 58.04 -18.79
CA ASP D 564 12.70 59.46 -18.61
C ASP D 564 12.22 59.81 -17.21
N GLY D 565 12.08 58.84 -16.32
CA GLY D 565 11.75 59.13 -14.95
C GLY D 565 10.27 59.15 -14.63
N THR D 566 9.42 58.70 -15.53
CA THR D 566 7.98 58.69 -15.30
C THR D 566 7.48 57.26 -15.30
N VAL D 567 6.43 57.03 -14.52
CA VAL D 567 5.64 55.81 -14.57
C VAL D 567 4.31 56.18 -15.22
N ARG D 568 3.89 55.39 -16.19
CA ARG D 568 2.70 55.71 -16.97
C ARG D 568 1.65 54.63 -16.82
N LEU D 569 0.40 55.06 -16.68
CA LEU D 569 -0.75 54.18 -16.52
C LEU D 569 -1.55 54.23 -17.81
N TRP D 570 -1.42 53.20 -18.63
CA TRP D 570 -2.15 53.10 -19.89
C TRP D 570 -3.46 52.37 -19.65
N SER D 571 -4.55 52.93 -20.16
CA SER D 571 -5.80 52.20 -20.16
C SER D 571 -5.76 51.10 -21.20
N LEU D 572 -6.50 50.03 -20.95
CA LEU D 572 -6.66 48.96 -21.92
C LEU D 572 -8.09 48.88 -22.42
N GLN D 573 -8.93 49.85 -22.04
CA GLN D 573 -10.26 50.01 -22.61
C GLN D 573 -10.31 51.13 -23.63
N THR D 574 -9.52 52.19 -23.43
CA THR D 574 -9.40 53.26 -24.40
C THR D 574 -8.07 53.24 -25.16
N PHE D 575 -7.09 52.49 -24.65
CA PHE D 575 -5.75 52.33 -25.23
C PHE D 575 -5.03 53.68 -25.38
N THR D 576 -5.24 54.57 -24.42
CA THR D 576 -4.52 55.82 -24.31
C THR D 576 -3.79 55.84 -22.96
N CYS D 577 -2.97 56.86 -22.78
CA CYS D 577 -2.35 57.10 -21.48
C CYS D 577 -3.30 57.86 -20.58
N LEU D 578 -3.30 57.51 -19.30
CA LEU D 578 -4.14 58.19 -18.32
C LEU D 578 -3.33 59.12 -17.43
N VAL D 579 -2.33 58.59 -16.72
CA VAL D 579 -1.58 59.36 -15.74
C VAL D 579 -0.10 59.19 -16.05
N GLY D 580 0.68 60.24 -15.79
CA GLY D 580 2.12 60.13 -15.73
C GLY D 580 2.65 60.46 -14.35
N TYR D 581 3.19 59.46 -13.66
CA TYR D 581 3.62 59.62 -12.27
C TYR D 581 5.07 60.05 -12.24
N LYS D 582 5.30 61.33 -11.97
CA LYS D 582 6.65 61.90 -11.98
C LYS D 582 7.10 62.09 -10.53
N GLY D 583 7.78 61.09 -9.99
CA GLY D 583 8.41 61.26 -8.71
C GLY D 583 9.92 61.10 -8.77
N HIS D 584 10.40 60.21 -9.64
CA HIS D 584 11.81 60.09 -9.90
C HIS D 584 12.23 61.09 -10.96
N ASN D 585 13.43 61.64 -10.82
CA ASN D 585 14.08 62.34 -11.93
C ASN D 585 14.99 61.43 -12.72
N TYR D 586 14.97 60.14 -12.43
CA TYR D 586 16.00 59.19 -12.83
C TYR D 586 15.30 57.96 -13.40
N PRO D 587 16.02 57.13 -14.21
CA PRO D 587 15.42 55.91 -14.78
C PRO D 587 14.76 54.96 -13.80
N VAL D 588 13.45 54.77 -13.96
CA VAL D 588 12.68 53.84 -13.15
C VAL D 588 12.88 52.45 -13.74
N TRP D 589 13.58 51.59 -13.02
CA TRP D 589 14.00 50.31 -13.58
C TRP D 589 12.91 49.25 -13.54
N ASP D 590 11.92 49.40 -12.67
CA ASP D 590 10.86 48.41 -12.56
C ASP D 590 9.62 49.05 -11.98
N THR D 591 8.49 48.44 -12.28
CA THR D 591 7.21 48.77 -11.66
C THR D 591 6.39 47.49 -11.60
N GLN D 592 5.46 47.43 -10.65
CA GLN D 592 4.53 46.31 -10.59
C GLN D 592 3.27 46.77 -9.87
N PHE D 593 2.10 46.39 -10.41
CA PHE D 593 0.85 46.55 -9.70
C PHE D 593 0.77 45.60 -8.51
N SER D 594 -0.06 45.97 -7.55
CA SER D 594 -0.40 45.07 -6.48
C SER D 594 -1.23 43.92 -7.04
N PRO D 595 -1.19 42.73 -6.41
CA PRO D 595 -2.06 41.63 -6.86
C PRO D 595 -3.54 41.86 -6.59
N TYR D 596 -3.91 42.94 -5.90
CA TYR D 596 -5.29 43.38 -5.78
C TYR D 596 -5.58 44.62 -6.63
N GLY D 597 -4.55 45.27 -7.16
CA GLY D 597 -4.69 46.15 -8.30
C GLY D 597 -4.84 47.63 -8.01
N TYR D 598 -4.72 48.06 -6.76
CA TYR D 598 -4.86 49.48 -6.46
C TYR D 598 -3.51 50.18 -6.30
N TYR D 599 -2.67 49.67 -5.41
CA TYR D 599 -1.35 50.24 -5.22
C TYR D 599 -0.39 49.72 -6.27
N PHE D 600 0.68 50.47 -6.50
CA PHE D 600 1.79 49.93 -7.28
C PHE D 600 3.09 50.53 -6.77
N VAL D 601 4.16 49.75 -6.92
CA VAL D 601 5.48 50.13 -6.44
C VAL D 601 6.39 50.30 -7.65
N SER D 602 7.22 51.33 -7.63
CA SER D 602 8.17 51.61 -8.70
C SER D 602 9.53 51.91 -8.08
N GLY D 603 10.55 51.22 -8.54
CA GLY D 603 11.92 51.41 -8.07
C GLY D 603 12.77 52.01 -9.16
N GLY D 604 13.60 52.98 -8.81
CA GLY D 604 14.37 53.70 -9.81
C GLY D 604 15.84 53.85 -9.51
N HIS D 605 16.52 54.68 -10.32
CA HIS D 605 17.95 54.91 -10.18
C HIS D 605 18.27 55.76 -8.95
N ASP D 606 17.30 56.49 -8.42
CA ASP D 606 17.52 57.36 -7.27
C ASP D 606 17.53 56.63 -5.93
N ARG D 607 17.71 55.30 -5.95
CA ARG D 607 17.95 54.43 -4.80
C ARG D 607 16.79 54.37 -3.82
N VAL D 608 15.58 54.72 -4.26
CA VAL D 608 14.37 54.51 -3.48
C VAL D 608 13.40 53.67 -4.29
N ALA D 609 12.37 53.18 -3.60
CA ALA D 609 11.20 52.61 -4.25
C ALA D 609 9.98 53.33 -3.68
N ARG D 610 9.13 53.83 -4.55
CA ARG D 610 7.96 54.57 -4.13
C ARG D 610 6.73 53.68 -4.18
N LEU D 611 5.79 53.93 -3.27
CA LEU D 611 4.50 53.26 -3.27
C LEU D 611 3.45 54.27 -3.71
N TRP D 612 2.76 53.97 -4.79
CA TRP D 612 1.75 54.84 -5.37
C TRP D 612 0.39 54.18 -5.19
N ALA D 613 -0.68 54.88 -5.55
CA ALA D 613 -2.01 54.33 -5.33
C ALA D 613 -2.98 54.52 -6.49
N THR D 614 -2.52 55.01 -7.65
CA THR D 614 -3.31 55.37 -8.82
C THR D 614 -4.38 56.43 -8.55
N ASP D 615 -4.36 57.09 -7.40
CA ASP D 615 -5.28 58.15 -7.05
C ASP D 615 -4.60 59.45 -6.66
N HIS D 616 -3.30 59.40 -6.38
CA HIS D 616 -2.56 60.56 -5.94
C HIS D 616 -1.40 60.77 -6.90
N TYR D 617 -1.11 62.04 -7.20
CA TYR D 617 0.03 62.37 -8.02
C TYR D 617 1.34 62.19 -7.29
N GLN D 618 1.32 62.11 -5.96
CA GLN D 618 2.44 61.91 -5.07
C GLN D 618 2.38 60.50 -4.45
N PRO D 619 3.53 59.91 -4.12
CA PRO D 619 3.52 58.56 -3.52
C PRO D 619 2.99 58.57 -2.10
N LEU D 620 2.76 57.36 -1.59
CA LEU D 620 2.34 57.18 -0.21
C LEU D 620 3.49 56.71 0.69
N ARG D 621 4.30 55.77 0.23
CA ARG D 621 5.44 55.28 0.97
C ARG D 621 6.69 55.41 0.13
N ILE D 622 7.77 55.86 0.75
CA ILE D 622 9.09 55.93 0.12
C ILE D 622 9.99 54.95 0.86
N PHE D 623 10.47 53.94 0.15
CA PHE D 623 11.32 52.90 0.72
C PHE D 623 12.76 53.25 0.38
N ALA D 624 13.45 53.91 1.32
CA ALA D 624 14.67 54.63 1.02
C ALA D 624 15.89 54.13 1.79
N GLY D 625 16.10 52.82 1.84
CA GLY D 625 17.22 52.29 2.60
C GLY D 625 18.32 51.65 1.79
N HIS D 626 18.10 51.46 0.49
CA HIS D 626 19.13 50.87 -0.36
C HIS D 626 20.26 51.86 -0.62
N LEU D 627 21.44 51.33 -0.92
CA LEU D 627 22.60 52.14 -1.21
C LEU D 627 22.92 52.23 -2.69
N ALA D 628 22.18 51.52 -3.53
CA ALA D 628 22.33 51.58 -4.98
C ALA D 628 20.94 51.55 -5.60
N ASP D 629 20.89 51.35 -6.91
CA ASP D 629 19.64 51.40 -7.66
C ASP D 629 18.70 50.28 -7.24
N VAL D 630 17.43 50.62 -7.06
CA VAL D 630 16.40 49.62 -6.79
C VAL D 630 16.05 48.99 -8.13
N ASN D 631 16.62 47.82 -8.41
CA ASN D 631 16.43 47.18 -9.70
C ASN D 631 15.06 46.55 -9.81
N CYS D 632 14.65 45.80 -8.80
CA CYS D 632 13.38 45.09 -8.79
C CYS D 632 12.49 45.59 -7.67
N THR D 633 11.18 45.48 -7.88
CA THR D 633 10.18 45.80 -6.87
C THR D 633 9.05 44.79 -7.01
N ARG D 634 8.86 43.94 -6.01
CA ARG D 634 7.80 42.93 -6.06
C ARG D 634 6.91 43.02 -4.83
N PHE D 635 5.61 42.89 -5.05
CA PHE D 635 4.63 42.83 -3.97
C PHE D 635 4.51 41.42 -3.42
N HIS D 636 4.18 41.34 -2.14
CA HIS D 636 3.81 40.06 -1.55
C HIS D 636 2.43 39.64 -2.06
N PRO D 637 2.14 38.34 -2.07
CA PRO D 637 0.78 37.88 -2.42
C PRO D 637 -0.35 38.42 -1.54
N ASN D 638 -0.08 38.89 -0.32
CA ASN D 638 -1.10 39.60 0.44
C ASN D 638 -1.00 41.12 0.29
N SER D 639 0.01 41.62 -0.43
CA SER D 639 0.26 43.02 -0.74
C SER D 639 0.43 43.89 0.50
N ASN D 640 0.84 43.31 1.62
CA ASN D 640 1.22 44.08 2.79
C ASN D 640 2.73 44.31 2.85
N TYR D 641 3.49 43.64 2.00
CA TYR D 641 4.94 43.70 2.01
C TYR D 641 5.46 43.86 0.59
N VAL D 642 6.51 44.66 0.44
CA VAL D 642 7.14 44.90 -0.86
C VAL D 642 8.59 44.47 -0.76
N ALA D 643 8.99 43.54 -1.63
CA ALA D 643 10.38 43.14 -1.74
C ALA D 643 11.06 43.96 -2.82
N THR D 644 12.18 44.60 -2.49
CA THR D 644 12.95 45.40 -3.43
C THR D 644 14.37 44.86 -3.50
N GLY D 645 14.68 44.11 -4.55
CA GLY D 645 16.06 43.81 -4.84
C GLY D 645 16.77 45.02 -5.42
N SER D 646 18.10 45.00 -5.36
CA SER D 646 18.86 46.19 -5.70
C SER D 646 20.24 45.83 -6.22
N ALA D 647 20.99 46.87 -6.58
CA ALA D 647 22.31 46.73 -7.17
C ALA D 647 23.44 46.69 -6.14
N ASP D 648 23.14 46.95 -4.86
CA ASP D 648 24.10 46.77 -3.79
C ASP D 648 24.02 45.38 -3.18
N ARG D 649 23.51 44.40 -3.94
CA ARG D 649 23.52 42.97 -3.64
C ARG D 649 22.71 42.62 -2.40
N THR D 650 21.68 43.43 -2.08
CA THR D 650 20.76 43.13 -1.00
C THR D 650 19.34 43.07 -1.51
N VAL D 651 18.54 42.21 -0.88
CA VAL D 651 17.10 42.16 -1.07
C VAL D 651 16.46 42.57 0.25
N ARG D 652 15.50 43.48 0.19
CA ARG D 652 14.88 44.02 1.40
C ARG D 652 13.37 43.95 1.29
N LEU D 653 12.74 43.40 2.31
CA LEU D 653 11.29 43.44 2.46
C LEU D 653 10.90 44.72 3.19
N TRP D 654 9.84 45.36 2.72
CA TRP D 654 9.38 46.61 3.29
C TRP D 654 7.91 46.47 3.65
N ASP D 655 7.58 46.82 4.88
CA ASP D 655 6.18 46.83 5.29
C ASP D 655 5.50 48.05 4.70
N VAL D 656 4.30 47.85 4.16
CA VAL D 656 3.55 48.96 3.54
C VAL D 656 3.07 49.92 4.61
N LEU D 657 2.62 49.41 5.75
CA LEU D 657 2.50 50.24 6.93
C LEU D 657 3.89 50.64 7.43
N ASN D 658 4.04 51.92 7.78
CA ASN D 658 5.19 52.54 8.43
C ASN D 658 6.44 52.64 7.56
N GLY D 659 6.41 52.03 6.37
CA GLY D 659 7.54 52.03 5.46
C GLY D 659 8.82 51.42 5.99
N ASN D 660 8.73 50.54 6.98
CA ASN D 660 9.91 50.00 7.65
C ASN D 660 10.44 48.79 6.91
N CYS D 661 11.77 48.68 6.85
CA CYS D 661 12.41 47.49 6.35
C CYS D 661 12.34 46.40 7.41
N VAL D 662 11.67 45.30 7.10
CA VAL D 662 11.48 44.24 8.08
C VAL D 662 12.40 43.04 7.85
N ARG D 663 12.98 42.91 6.66
CA ARG D 663 13.92 41.85 6.35
C ARG D 663 15.01 42.40 5.45
N ILE D 664 16.24 41.90 5.63
CA ILE D 664 17.36 42.24 4.75
C ILE D 664 18.03 40.93 4.34
N PHE D 665 17.98 40.62 3.06
CA PHE D 665 18.50 39.36 2.53
C PHE D 665 19.77 39.65 1.74
N THR D 666 20.92 39.25 2.28
CA THR D 666 22.20 39.42 1.63
C THR D 666 22.82 38.07 1.32
N GLY D 667 23.63 38.03 0.27
CA GLY D 667 24.25 36.78 -0.14
C GLY D 667 24.40 36.64 -1.63
N HIS D 668 23.93 37.64 -2.37
CA HIS D 668 24.14 37.68 -3.81
C HIS D 668 25.46 38.39 -4.11
N LYS D 669 26.08 38.00 -5.22
CA LYS D 669 27.35 38.56 -5.63
C LYS D 669 27.21 39.61 -6.72
N GLY D 670 26.06 39.70 -7.36
CA GLY D 670 25.82 40.71 -8.36
C GLY D 670 24.50 41.40 -8.11
N PRO D 671 24.20 42.42 -8.92
CA PRO D 671 22.92 43.12 -8.79
C PRO D 671 21.73 42.20 -9.05
N ILE D 672 20.74 42.27 -8.18
CA ILE D 672 19.58 41.38 -8.26
C ILE D 672 18.69 41.84 -9.41
N HIS D 673 18.43 40.93 -10.36
CA HIS D 673 17.66 41.26 -11.54
C HIS D 673 16.33 40.52 -11.63
N SER D 674 15.96 39.74 -10.62
CA SER D 674 14.69 39.05 -10.61
C SER D 674 14.32 38.68 -9.18
N LEU D 675 13.06 38.89 -8.82
CA LEU D 675 12.48 38.40 -7.57
C LEU D 675 11.15 37.75 -7.88
N THR D 676 10.81 36.73 -7.09
CA THR D 676 9.46 36.18 -7.12
C THR D 676 9.14 35.64 -5.74
N PHE D 677 7.85 35.59 -5.44
CA PHE D 677 7.36 35.03 -4.19
C PHE D 677 6.75 33.66 -4.42
N SER D 678 6.83 32.83 -3.39
CA SER D 678 6.09 31.59 -3.40
C SER D 678 4.59 31.88 -3.29
N PRO D 679 3.73 31.04 -3.87
CA PRO D 679 2.28 31.25 -3.71
C PRO D 679 1.80 31.00 -2.30
N ASN D 680 2.56 30.27 -1.47
CA ASN D 680 2.26 30.20 -0.04
C ASN D 680 2.45 31.55 0.63
N GLY D 681 3.40 32.35 0.14
CA GLY D 681 3.83 33.53 0.83
C GLY D 681 4.95 33.29 1.81
N ARG D 682 5.39 32.05 1.97
CA ARG D 682 6.43 31.73 2.94
C ARG D 682 7.83 31.96 2.41
N PHE D 683 8.02 31.90 1.09
CA PHE D 683 9.36 31.89 0.52
C PHE D 683 9.50 32.95 -0.54
N LEU D 684 10.76 33.21 -0.90
CA LEU D 684 11.11 34.26 -1.85
C LEU D 684 12.34 33.80 -2.63
N ALA D 685 12.22 33.75 -3.94
CA ALA D 685 13.34 33.39 -4.81
C ALA D 685 13.88 34.65 -5.46
N THR D 686 15.20 34.83 -5.39
CA THR D 686 15.88 35.98 -5.98
C THR D 686 16.97 35.51 -6.91
N GLY D 687 17.14 36.21 -8.03
CA GLY D 687 18.21 35.91 -8.95
C GLY D 687 19.00 37.16 -9.27
N ALA D 688 20.28 36.96 -9.60
CA ALA D 688 21.18 38.07 -9.84
C ALA D 688 22.15 37.69 -10.94
N THR D 689 23.15 38.55 -11.18
CA THR D 689 24.09 38.37 -12.27
C THR D 689 25.09 37.25 -12.04
N ASP D 690 25.19 36.73 -10.82
CA ASP D 690 26.10 35.62 -10.55
C ASP D 690 25.51 34.26 -10.94
N GLY D 691 24.31 34.23 -11.52
CA GLY D 691 23.69 32.98 -11.89
C GLY D 691 23.15 32.17 -10.74
N ARG D 692 23.03 32.76 -9.56
CA ARG D 692 22.57 32.05 -8.38
C ARG D 692 21.13 32.42 -8.09
N VAL D 693 20.30 31.40 -7.84
CA VAL D 693 18.93 31.59 -7.38
C VAL D 693 18.91 31.21 -5.91
N LEU D 694 18.73 32.20 -5.04
CA LEU D 694 18.77 31.98 -3.60
C LEU D 694 17.34 31.99 -3.07
N LEU D 695 16.96 30.92 -2.37
CA LEU D 695 15.63 30.76 -1.84
C LEU D 695 15.63 31.17 -0.38
N TRP D 696 14.84 32.19 -0.04
CA TRP D 696 14.84 32.77 1.29
C TRP D 696 13.55 32.42 2.02
N ASP D 697 13.66 32.17 3.32
CA ASP D 697 12.48 32.15 4.16
C ASP D 697 12.12 33.58 4.53
N ILE D 698 10.84 33.82 4.83
CA ILE D 698 10.41 35.22 5.11
C ILE D 698 10.07 35.34 6.58
N GLY D 699 9.43 34.32 7.17
CA GLY D 699 9.17 34.33 8.63
C GLY D 699 10.45 34.27 9.43
N HIS D 700 11.39 33.41 9.03
CA HIS D 700 12.66 33.23 9.79
C HIS D 700 13.72 34.21 9.29
N GLY D 701 13.50 34.83 8.12
CA GLY D 701 14.54 35.71 7.54
C GLY D 701 15.83 34.96 7.28
N LEU D 702 15.74 33.72 6.81
CA LEU D 702 16.96 32.89 6.59
C LEU D 702 16.92 32.34 5.16
N MET D 703 18.06 32.31 4.47
CA MET D 703 18.06 31.65 3.13
C MET D 703 17.90 30.16 3.35
N VAL D 704 17.04 29.51 2.54
CA VAL D 704 16.76 28.06 2.77
C VAL D 704 17.39 27.20 1.67
N GLY D 705 17.82 27.79 0.56
CA GLY D 705 18.54 27.03 -0.48
C GLY D 705 19.26 27.89 -1.49
N GLU D 706 20.20 27.31 -2.24
CA GLU D 706 20.94 28.04 -3.29
C GLU D 706 20.94 27.20 -4.57
N LEU D 707 20.39 27.75 -5.66
CA LEU D 707 20.34 27.06 -6.95
C LEU D 707 21.37 27.71 -7.86
N LYS D 708 22.39 26.93 -8.25
CA LYS D 708 23.56 27.47 -8.93
C LYS D 708 23.79 26.74 -10.25
N GLY D 709 22.74 26.59 -11.04
CA GLY D 709 22.87 25.97 -12.34
C GLY D 709 23.13 26.95 -13.47
N HIS D 710 22.57 28.15 -13.36
CA HIS D 710 22.67 29.12 -14.44
C HIS D 710 24.06 29.73 -14.52
N THR D 711 24.42 30.18 -15.71
CA THR D 711 25.73 30.77 -15.96
C THR D 711 25.71 32.29 -15.95
N ASP D 712 24.82 32.91 -16.70
CA ASP D 712 24.77 34.35 -16.80
C ASP D 712 23.62 34.87 -15.93
N THR D 713 23.29 36.16 -16.10
CA THR D 713 22.30 36.86 -15.28
C THR D 713 20.93 36.22 -15.35
N VAL D 714 20.42 35.82 -14.19
CA VAL D 714 19.08 35.23 -14.08
C VAL D 714 18.07 36.38 -14.05
N CYS D 715 17.36 36.57 -15.15
CA CYS D 715 16.51 37.74 -15.33
C CYS D 715 15.03 37.46 -15.18
N SER D 716 14.63 36.22 -14.92
CA SER D 716 13.22 35.90 -14.73
C SER D 716 13.07 34.68 -13.86
N LEU D 717 12.23 34.79 -12.83
CA LEU D 717 11.86 33.68 -11.97
C LEU D 717 10.34 33.67 -11.80
N ARG D 718 9.79 32.47 -11.68
CA ARG D 718 8.40 32.31 -11.25
C ARG D 718 8.22 30.93 -10.65
N PHE D 719 7.39 30.84 -9.62
CA PHE D 719 6.94 29.57 -9.08
C PHE D 719 5.72 29.11 -9.86
N SER D 720 5.36 27.85 -9.67
CA SER D 720 4.16 27.31 -10.28
C SER D 720 2.91 27.87 -9.61
N ARG D 721 1.75 27.55 -10.18
CA ARG D 721 0.50 27.96 -9.55
C ARG D 721 0.23 27.18 -8.27
N ASP D 722 0.65 25.92 -8.23
CA ASP D 722 0.59 25.15 -6.99
C ASP D 722 1.77 25.45 -6.08
N GLY D 723 2.90 25.87 -6.64
CA GLY D 723 4.14 25.99 -5.90
C GLY D 723 5.08 24.82 -6.09
N GLU D 724 4.79 23.93 -7.03
CA GLU D 724 5.54 22.68 -7.17
C GLU D 724 6.88 22.87 -7.85
N ILE D 725 7.01 23.87 -8.73
CA ILE D 725 8.20 24.07 -9.54
C ILE D 725 8.50 25.56 -9.61
N LEU D 726 9.77 25.91 -9.39
CA LEU D 726 10.28 27.25 -9.69
C LEU D 726 10.97 27.21 -11.04
N ALA D 727 10.55 28.10 -11.94
CA ALA D 727 11.12 28.20 -13.27
C ALA D 727 12.08 29.39 -13.31
N SER D 728 13.26 29.18 -13.88
CA SER D 728 14.31 30.19 -13.92
C SER D 728 14.74 30.41 -15.36
N GLY D 729 14.79 31.66 -15.77
CA GLY D 729 15.25 32.00 -17.11
C GLY D 729 16.35 33.05 -17.04
N SER D 730 17.40 32.78 -17.80
CA SER D 730 18.57 33.68 -17.72
C SER D 730 19.09 34.03 -19.11
N MET D 731 20.19 34.77 -19.14
CA MET D 731 20.84 35.17 -20.39
C MET D 731 21.71 34.06 -20.98
N ASP D 732 21.73 32.85 -20.41
CA ASP D 732 22.46 31.75 -21.08
C ASP D 732 21.48 31.03 -22.01
N ASN D 733 20.31 31.64 -22.26
CA ASN D 733 19.26 31.11 -23.16
C ASN D 733 18.79 29.73 -22.70
N THR D 734 18.52 29.61 -21.40
CA THR D 734 18.03 28.37 -20.82
C THR D 734 16.87 28.67 -19.90
N VAL D 735 15.90 27.76 -19.86
CA VAL D 735 14.79 27.80 -18.92
C VAL D 735 14.95 26.60 -18.00
N ARG D 736 15.55 26.80 -16.83
CA ARG D 736 15.75 25.73 -15.89
C ARG D 736 14.55 25.60 -14.97
N LEU D 737 14.18 24.36 -14.67
CA LEU D 737 13.09 24.06 -13.75
C LEU D 737 13.66 23.45 -12.48
N TRP D 738 13.26 24.01 -11.34
CA TRP D 738 13.74 23.56 -10.04
C TRP D 738 12.60 22.97 -9.23
N ASP D 739 12.90 21.95 -8.45
CA ASP D 739 11.91 21.31 -7.60
C ASP D 739 11.67 22.19 -6.39
N ALA D 740 10.55 22.93 -6.40
CA ALA D 740 10.23 23.86 -5.34
C ALA D 740 9.42 23.23 -4.21
N ILE D 741 9.41 21.91 -4.12
CA ILE D 741 8.86 21.20 -2.98
C ILE D 741 9.96 20.51 -2.18
N LYS D 742 10.88 19.85 -2.86
CA LYS D 742 12.06 19.26 -2.22
C LYS D 742 13.05 20.31 -1.75
N ALA D 743 12.93 21.56 -2.19
CA ALA D 743 13.79 22.64 -1.73
C ALA D 743 13.31 23.26 -0.42
N PHE D 744 12.07 22.99 -0.02
CA PHE D 744 11.47 23.56 1.19
C PHE D 744 10.89 22.46 2.07
N GLU D 745 11.65 21.39 2.27
CA GLU D 745 11.17 20.29 3.09
C GLU D 745 11.33 20.52 4.58
N ASP D 746 12.24 21.39 5.00
CA ASP D 746 12.46 21.66 6.42
C ASP D 746 12.06 23.10 6.74
N LEU D 747 11.22 23.25 7.75
CA LEU D 747 10.78 24.57 8.19
C LEU D 747 10.97 24.72 9.70
N THR D 754 16.04 29.57 15.89
CA THR D 754 17.42 29.35 15.37
C THR D 754 18.40 30.03 16.32
N ALA D 755 18.55 31.35 16.22
CA ALA D 755 19.44 32.08 17.16
C ALA D 755 20.88 32.06 16.66
N THR D 756 21.18 31.21 15.67
CA THR D 756 22.50 31.24 15.03
C THR D 756 22.26 32.07 13.78
N GLY D 757 21.00 32.21 13.39
CA GLY D 757 20.64 33.09 12.27
C GLY D 757 21.00 32.54 10.93
N HIS D 758 21.26 31.26 10.86
CA HIS D 758 21.66 30.63 9.59
C HIS D 758 21.36 29.14 9.69
N ILE D 759 21.24 28.48 8.56
CA ILE D 759 20.97 27.02 8.53
C ILE D 759 22.04 26.44 7.63
N ASN D 760 22.32 25.15 7.75
CA ASN D 760 23.44 24.63 6.92
C ASN D 760 22.83 24.33 5.56
N LEU D 761 23.15 25.14 4.56
CA LEU D 761 22.54 24.99 3.22
C LEU D 761 23.03 23.67 2.67
N PRO D 762 22.22 22.90 1.92
CA PRO D 762 22.60 21.57 1.48
C PRO D 762 23.50 21.27 0.29
N GLU D 763 23.83 22.25 -0.56
CA GLU D 763 24.60 21.96 -1.82
C GLU D 763 23.83 20.92 -2.63
N ASN D 764 22.51 21.08 -2.79
CA ASN D 764 21.68 20.04 -3.43
C ASN D 764 21.18 20.46 -4.81
N SER D 765 21.80 21.44 -5.45
CA SER D 765 21.25 21.96 -6.72
C SER D 765 21.06 20.83 -7.73
N GLN D 766 21.98 19.87 -7.80
CA GLN D 766 21.89 18.81 -8.83
C GLN D 766 20.61 18.00 -8.67
N GLU D 767 20.15 17.79 -7.44
CA GLU D 767 18.94 16.98 -7.19
C GLU D 767 17.69 17.83 -7.38
N LEU D 768 17.83 19.15 -7.41
CA LEU D 768 16.64 20.02 -7.50
C LEU D 768 16.43 20.48 -8.95
N LEU D 769 17.30 20.09 -9.87
CA LEU D 769 17.12 20.43 -11.31
C LEU D 769 16.30 19.36 -12.00
N LEU D 770 15.11 19.74 -12.44
CA LEU D 770 14.23 18.75 -13.06
C LEU D 770 14.57 18.78 -14.53
N GLY D 771 14.88 19.95 -15.07
CA GLY D 771 15.35 20.01 -16.45
C GLY D 771 15.92 21.33 -16.86
N THR D 772 16.74 21.35 -17.90
CA THR D 772 17.25 22.61 -18.50
C THR D 772 16.92 22.59 -19.99
N TYR D 773 16.25 23.63 -20.50
CA TYR D 773 15.83 23.71 -21.91
C TYR D 773 16.47 24.94 -22.53
N MET D 774 17.22 24.77 -23.61
CA MET D 774 17.99 25.89 -24.22
C MET D 774 17.20 26.60 -25.31
N THR D 775 17.13 27.92 -25.27
CA THR D 775 16.48 28.71 -26.32
C THR D 775 17.43 28.94 -27.48
N LYS D 776 16.91 29.14 -28.69
CA LYS D 776 17.74 29.41 -29.87
C LYS D 776 18.19 30.85 -29.81
N SER D 777 19.34 31.09 -29.20
CA SER D 777 19.92 32.44 -29.25
C SER D 777 18.99 33.51 -28.68
N THR D 778 18.22 33.16 -27.66
CA THR D 778 17.12 34.00 -27.20
C THR D 778 17.13 34.11 -25.69
N PRO D 779 17.46 35.27 -25.12
CA PRO D 779 17.47 35.41 -23.67
C PRO D 779 16.05 35.45 -23.11
N VAL D 780 15.82 34.66 -22.06
CA VAL D 780 14.47 34.46 -21.53
C VAL D 780 14.11 35.63 -20.62
N VAL D 781 13.43 36.63 -21.17
CA VAL D 781 13.17 37.87 -20.44
C VAL D 781 12.04 37.67 -19.43
N HIS D 782 11.00 36.93 -19.80
CA HIS D 782 9.86 36.71 -18.93
C HIS D 782 9.58 35.23 -18.77
N LEU D 783 9.04 34.87 -17.61
CA LEU D 783 8.51 33.55 -17.35
C LEU D 783 7.14 33.70 -16.72
N HIS D 784 6.17 32.96 -17.23
CA HIS D 784 4.80 33.05 -16.79
C HIS D 784 4.25 31.64 -16.65
N PHE D 785 3.35 31.45 -15.69
CA PHE D 785 2.69 30.18 -15.48
C PHE D 785 1.21 30.35 -15.75
N THR D 786 0.70 29.63 -16.74
CA THR D 786 -0.73 29.58 -17.00
C THR D 786 -1.45 28.95 -15.80
N ARG D 787 -2.72 29.29 -15.63
CA ARG D 787 -3.49 28.75 -14.52
C ARG D 787 -3.78 27.26 -14.64
N ARG D 788 -3.55 26.67 -15.82
CA ARG D 788 -3.52 25.24 -15.98
C ARG D 788 -2.10 24.68 -15.92
N ASN D 789 -1.18 25.45 -15.34
CA ASN D 789 0.23 25.07 -15.12
C ASN D 789 0.96 24.76 -16.44
N LEU D 790 0.96 25.76 -17.31
CA LEU D 790 1.72 25.73 -18.56
C LEU D 790 2.68 26.91 -18.55
N VAL D 791 3.95 26.65 -18.82
CA VAL D 791 4.96 27.70 -18.77
C VAL D 791 4.91 28.52 -20.04
N LEU D 792 4.81 29.84 -19.90
CA LEU D 792 4.97 30.78 -21.00
C LEU D 792 6.27 31.54 -20.81
N ALA D 793 6.96 31.80 -21.91
CA ALA D 793 8.19 32.57 -21.87
C ALA D 793 8.27 33.45 -23.11
N ALA D 794 8.81 34.64 -22.86
CA ALA D 794 8.89 35.64 -23.94
C ALA D 794 10.32 36.17 -23.97
N GLY D 795 10.88 36.29 -25.17
CA GLY D 795 12.22 36.85 -25.31
C GLY D 795 12.44 37.24 -26.75
N ALA D 796 13.07 38.39 -26.98
CA ALA D 796 13.39 38.80 -28.36
C ALA D 796 14.45 37.84 -28.89
N TYR D 797 14.28 37.36 -30.12
CA TYR D 797 15.34 36.51 -30.72
C TYR D 797 16.46 37.44 -31.17
N SER D 798 17.63 37.29 -30.57
CA SER D 798 18.80 38.10 -31.00
C SER D 798 19.83 37.15 -31.59
N PRO D 799 20.11 37.19 -32.91
CA PRO D 799 21.02 36.23 -33.52
C PRO D 799 22.42 36.38 -32.90
N GLN D 800 22.86 37.63 -32.67
CA GLN D 800 24.19 37.89 -32.06
C GLN D 800 25.22 36.89 -32.59
N LYS E 6 44.01 35.32 -7.66
CA LYS E 6 44.92 36.18 -8.41
C LYS E 6 44.15 37.23 -9.22
N LEU E 7 44.46 38.50 -8.97
CA LEU E 7 43.86 39.59 -9.73
C LEU E 7 44.89 40.72 -9.79
N LYS E 8 45.49 40.91 -10.97
CA LYS E 8 46.37 42.05 -11.19
C LYS E 8 45.63 43.17 -11.93
N LEU E 9 44.60 43.69 -11.25
CA LEU E 9 43.83 44.79 -11.82
C LEU E 9 44.59 46.11 -11.66
N SER E 10 44.62 46.89 -12.73
CA SER E 10 45.35 48.15 -12.76
C SER E 10 44.38 49.32 -12.95
N ASN E 11 44.95 50.52 -13.01
CA ASN E 11 44.19 51.74 -13.26
C ASN E 11 44.80 52.39 -14.50
N THR E 12 44.18 52.17 -15.66
CA THR E 12 44.67 52.69 -16.92
C THR E 12 44.02 54.04 -17.20
N VAL E 13 44.85 55.05 -17.48
CA VAL E 13 44.39 56.39 -17.79
C VAL E 13 44.81 56.72 -19.22
N LEU E 14 44.21 57.78 -19.75
CA LEU E 14 44.58 58.28 -21.07
C LEU E 14 46.00 58.86 -21.03
N PRO E 15 46.74 58.80 -22.13
CA PRO E 15 48.12 59.30 -22.12
C PRO E 15 48.17 60.82 -22.04
N SER E 16 49.16 61.32 -21.30
CA SER E 16 49.35 62.75 -21.15
C SER E 16 49.90 63.40 -22.41
N GLU E 17 50.64 62.66 -23.24
CA GLU E 17 51.16 63.24 -24.48
C GLU E 17 50.07 63.45 -25.52
N SER E 18 48.85 62.97 -25.28
CA SER E 18 47.72 63.38 -26.10
C SER E 18 47.05 64.63 -25.55
N MET E 19 47.22 64.90 -24.25
CA MET E 19 46.59 66.07 -23.64
C MET E 19 47.35 67.35 -23.91
N LYS E 20 48.66 67.26 -24.16
CA LYS E 20 49.43 68.46 -24.52
C LYS E 20 49.20 68.85 -25.97
N VAL E 21 48.93 67.86 -26.84
CA VAL E 21 48.60 68.15 -28.23
C VAL E 21 47.29 68.91 -28.31
N VAL E 22 46.31 68.52 -27.49
CA VAL E 22 45.01 69.20 -27.46
C VAL E 22 45.15 70.61 -26.89
N ALA E 23 46.03 70.79 -25.90
CA ALA E 23 46.16 72.08 -25.25
C ALA E 23 46.86 73.11 -26.15
N GLU E 24 47.93 72.71 -26.82
CA GLU E 24 48.65 73.61 -27.71
C GLU E 24 47.95 73.83 -29.04
N SER E 25 47.00 72.98 -29.41
CA SER E 25 46.16 73.22 -30.57
C SER E 25 44.93 74.06 -30.24
N MET E 26 44.89 74.64 -29.04
CA MET E 26 43.77 75.45 -28.60
C MET E 26 44.18 76.88 -28.26
N GLY E 27 45.46 77.16 -28.09
CA GLY E 27 45.94 78.46 -27.66
C GLY E 27 46.55 78.46 -26.27
N ILE E 28 46.55 77.33 -25.57
CA ILE E 28 47.13 77.23 -24.23
C ILE E 28 48.48 76.54 -24.42
N ALA E 29 49.53 77.35 -24.52
CA ALA E 29 50.89 76.85 -24.66
C ALA E 29 51.62 76.89 -23.33
N GLN E 30 52.74 76.18 -23.29
CA GLN E 30 53.66 76.09 -22.14
C GLN E 30 52.93 75.59 -20.89
N ILE E 31 52.42 74.35 -20.98
CA ILE E 31 51.78 73.71 -19.85
C ILE E 31 52.76 72.73 -19.22
N GLN E 32 52.77 72.68 -17.90
CA GLN E 32 53.69 71.82 -17.16
C GLN E 32 53.21 70.37 -17.22
N GLU E 33 54.07 69.45 -16.79
CA GLU E 33 53.69 68.03 -16.80
C GLU E 33 52.71 67.71 -15.69
N GLU E 34 52.86 68.35 -14.53
CA GLU E 34 51.90 68.17 -13.45
C GLU E 34 50.57 68.84 -13.77
N THR E 35 50.59 69.90 -14.57
CA THR E 35 49.36 70.47 -15.09
C THR E 35 48.71 69.53 -16.09
N CYS E 36 49.52 68.85 -16.89
CA CYS E 36 49.02 67.97 -17.93
C CYS E 36 48.58 66.62 -17.39
N GLN E 37 49.27 66.13 -16.35
CA GLN E 37 48.84 64.90 -15.67
C GLN E 37 47.54 65.13 -14.90
N LEU E 38 47.30 66.37 -14.49
CA LEU E 38 46.06 66.72 -13.80
C LEU E 38 44.85 66.65 -14.72
N LEU E 39 45.06 66.77 -16.03
CA LEU E 39 43.94 66.69 -16.96
C LEU E 39 43.57 65.24 -17.27
N THR E 40 44.56 64.35 -17.33
CA THR E 40 44.34 63.01 -17.81
C THR E 40 43.92 62.03 -16.72
N ASP E 41 43.90 62.45 -15.46
CA ASP E 41 43.28 61.59 -14.45
C ASP E 41 41.86 62.03 -14.15
N GLU E 42 41.54 63.30 -14.46
CA GLU E 42 40.17 63.76 -14.33
C GLU E 42 39.28 63.21 -15.43
N VAL E 43 39.75 63.25 -16.68
CA VAL E 43 38.91 62.81 -17.79
C VAL E 43 38.89 61.29 -17.88
N SER E 44 39.93 60.61 -17.42
CA SER E 44 39.91 59.16 -17.41
C SER E 44 39.01 58.62 -16.30
N TYR E 45 38.74 59.41 -15.27
CA TYR E 45 37.73 59.02 -14.31
C TYR E 45 36.32 59.18 -14.87
N ARG E 46 36.09 60.25 -15.63
CA ARG E 46 34.77 60.49 -16.20
C ARG E 46 34.43 59.47 -17.29
N ILE E 47 35.43 58.95 -17.98
CA ILE E 47 35.19 57.85 -18.91
C ILE E 47 34.88 56.58 -18.13
N LYS E 48 35.60 56.35 -17.03
CA LYS E 48 35.33 55.19 -16.19
C LYS E 48 34.02 55.33 -15.44
N GLU E 49 33.63 56.56 -15.09
CA GLU E 49 32.37 56.76 -14.39
C GLU E 49 31.19 56.54 -15.32
N ILE E 50 31.34 56.86 -16.60
CA ILE E 50 30.24 56.72 -17.55
C ILE E 50 30.14 55.29 -18.06
N ALA E 51 31.26 54.65 -18.36
CA ALA E 51 31.25 53.27 -18.83
C ALA E 51 30.78 52.30 -17.76
N GLN E 52 30.98 52.62 -16.48
CA GLN E 52 30.36 51.85 -15.42
C GLN E 52 28.87 52.16 -15.32
N ASP E 53 28.48 53.37 -15.68
CA ASP E 53 27.09 53.78 -15.65
C ASP E 53 26.36 53.42 -16.93
N ALA E 54 27.07 53.26 -18.04
CA ALA E 54 26.46 52.75 -19.26
C ALA E 54 26.29 51.25 -19.24
N LEU E 55 26.99 50.56 -18.35
CA LEU E 55 26.79 49.13 -18.17
C LEU E 55 25.52 48.82 -17.39
N LYS E 56 24.96 49.83 -16.70
CA LYS E 56 23.66 49.65 -16.07
C LYS E 56 22.55 49.58 -17.10
N PHE E 57 22.64 50.40 -18.14
CA PHE E 57 21.64 50.37 -19.20
C PHE E 57 21.79 49.13 -20.07
N MET E 58 23.01 48.60 -20.20
CA MET E 58 23.17 47.35 -20.98
C MET E 58 22.43 46.22 -20.26
N HIS E 59 22.67 46.07 -18.96
CA HIS E 59 22.03 44.97 -18.18
C HIS E 59 20.51 45.14 -18.11
N MET E 60 20.03 46.37 -17.91
CA MET E 60 18.57 46.64 -17.83
C MET E 60 17.86 46.37 -19.15
N GLY E 61 18.53 46.64 -20.28
CA GLY E 61 17.96 46.37 -21.61
C GLY E 61 18.11 44.91 -21.98
N LYS E 62 18.73 44.11 -21.10
CA LYS E 62 18.94 42.66 -21.34
C LYS E 62 19.79 42.40 -22.58
N ARG E 63 20.86 43.19 -22.76
CA ARG E 63 21.80 42.97 -23.89
C ARG E 63 23.17 42.61 -23.30
N GLN E 64 24.04 41.99 -24.09
CA GLN E 64 25.43 41.69 -23.63
C GLN E 64 26.40 42.59 -24.40
N LYS E 65 25.88 43.44 -25.29
CA LYS E 65 26.73 44.34 -26.09
C LYS E 65 26.38 45.79 -25.72
N LEU E 66 27.38 46.57 -25.31
CA LEU E 66 27.13 48.00 -24.99
C LEU E 66 26.84 48.71 -26.32
N THR E 67 25.60 49.10 -26.58
CA THR E 67 25.39 49.83 -27.82
C THR E 67 25.78 51.29 -27.66
N THR E 68 25.70 52.01 -28.79
CA THR E 68 26.06 53.41 -28.84
C THR E 68 25.06 54.30 -28.10
N SER E 69 23.83 53.80 -27.91
CA SER E 69 22.81 54.56 -27.22
C SER E 69 22.92 54.47 -25.70
N ASP E 70 23.65 53.47 -25.18
CA ASP E 70 23.84 53.33 -23.74
C ASP E 70 24.63 54.50 -23.17
N ILE E 71 25.62 54.98 -23.91
CA ILE E 71 26.40 56.13 -23.46
C ILE E 71 25.60 57.41 -23.58
N ASP E 72 24.59 57.44 -24.47
CA ASP E 72 23.73 58.60 -24.57
C ASP E 72 22.82 58.74 -23.35
N TYR E 73 22.39 57.62 -22.78
CA TYR E 73 21.58 57.66 -21.57
C TYR E 73 22.44 57.76 -20.31
N ALA E 74 23.66 57.21 -20.36
CA ALA E 74 24.57 57.35 -19.23
C ALA E 74 25.07 58.79 -19.08
N LEU E 75 25.20 59.50 -20.19
CA LEU E 75 25.58 60.91 -20.12
C LEU E 75 24.44 61.76 -19.59
N LYS E 76 23.22 61.51 -20.10
CA LYS E 76 22.03 62.22 -19.65
C LYS E 76 21.74 61.96 -18.17
N LEU E 77 22.12 60.78 -17.67
CA LEU E 77 21.95 60.46 -16.26
C LEU E 77 22.89 61.28 -15.39
N LYS E 78 24.10 61.58 -15.88
CA LYS E 78 25.05 62.41 -15.16
C LYS E 78 24.89 63.89 -15.45
N ASN E 79 23.74 64.31 -15.98
CA ASN E 79 23.40 65.71 -16.27
C ASN E 79 24.35 66.36 -17.26
N VAL E 80 24.96 65.56 -18.13
CA VAL E 80 25.80 66.05 -19.21
C VAL E 80 25.06 65.76 -20.51
N GLU E 81 25.07 66.73 -21.43
CA GLU E 81 24.32 66.58 -22.70
C GLU E 81 24.91 65.42 -23.51
N PRO E 82 24.07 64.54 -24.10
CA PRO E 82 24.56 63.42 -24.92
C PRO E 82 25.21 63.88 -26.23
N LEU E 83 25.08 65.17 -26.60
CA LEU E 83 25.69 65.72 -27.82
C LEU E 83 27.21 65.54 -27.75
N TYR E 84 27.84 65.04 -28.82
CA TYR E 84 29.32 64.77 -28.80
C TYR E 84 30.04 65.74 -29.74
N GLY E 85 29.48 65.94 -30.94
CA GLY E 85 30.09 66.82 -31.95
C GLY E 85 30.13 68.28 -31.53
N PHE E 86 29.08 68.75 -30.85
CA PHE E 86 29.02 70.20 -30.52
C PHE E 86 28.60 70.40 -29.07
N HIS E 87 28.84 71.60 -28.53
CA HIS E 87 28.36 71.90 -27.18
C HIS E 87 27.68 73.26 -27.19
N ALA E 88 26.41 73.29 -26.82
CA ALA E 88 25.62 74.52 -26.81
C ALA E 88 25.61 75.10 -25.40
N GLN E 89 26.25 76.26 -25.25
CA GLN E 89 26.33 76.93 -23.93
C GLN E 89 24.92 77.22 -23.42
N GLU E 90 24.07 77.83 -24.25
CA GLU E 90 22.68 78.16 -23.84
C GLU E 90 21.92 76.86 -23.55
N PHE E 91 22.08 75.82 -24.38
CA PHE E 91 21.48 74.48 -24.15
C PHE E 91 19.99 74.45 -24.54
N ILE E 92 19.44 75.57 -25.03
CA ILE E 92 17.98 75.64 -25.35
C ILE E 92 17.64 75.02 -26.71
N PRO E 93 18.44 75.10 -27.80
CA PRO E 93 18.07 74.45 -29.06
C PRO E 93 17.94 72.94 -28.89
N PHE E 94 18.89 72.30 -28.19
CA PHE E 94 18.81 70.85 -27.92
C PHE E 94 19.04 70.64 -26.42
N ARG E 95 18.02 70.18 -25.70
CA ARG E 95 18.16 70.05 -24.23
C ARG E 95 18.26 68.56 -23.89
N PHE E 96 19.48 68.06 -23.64
CA PHE E 96 19.67 66.62 -23.32
C PHE E 96 19.02 65.76 -24.40
N ALA E 97 19.17 66.15 -25.66
CA ALA E 97 18.61 65.34 -26.77
C ALA E 97 19.78 64.69 -27.54
N SER E 98 19.76 63.36 -27.64
CA SER E 98 20.87 62.64 -28.30
C SER E 98 20.72 62.76 -29.81
N GLY E 99 21.81 63.13 -30.49
CA GLY E 99 21.77 63.16 -31.94
C GLY E 99 22.32 61.91 -32.58
N GLY E 100 22.52 60.87 -31.77
CA GLY E 100 22.97 59.59 -32.29
C GLY E 100 24.45 59.50 -32.61
N GLY E 101 25.26 60.43 -32.14
CA GLY E 101 26.69 60.38 -32.39
C GLY E 101 27.06 60.80 -33.80
N ARG E 102 28.34 60.63 -34.12
CA ARG E 102 28.88 60.97 -35.42
C ARG E 102 29.44 59.71 -36.06
N GLU E 103 28.96 59.39 -37.26
CA GLU E 103 29.43 58.22 -38.02
C GLU E 103 30.77 58.59 -38.64
N LEU E 104 31.83 58.42 -37.87
CA LEU E 104 33.18 58.75 -38.30
C LEU E 104 34.09 57.55 -38.08
N TYR E 105 35.17 57.47 -38.88
CA TYR E 105 36.07 56.34 -38.87
C TYR E 105 37.51 56.82 -38.73
N PHE E 106 38.40 55.86 -38.45
CA PHE E 106 39.83 56.13 -38.48
C PHE E 106 40.37 56.10 -39.90
N TYR E 107 39.90 55.14 -40.70
CA TYR E 107 40.34 54.97 -42.08
C TYR E 107 39.44 55.69 -43.08
N GLU E 108 38.80 56.79 -42.67
CA GLU E 108 37.88 57.49 -43.54
C GLU E 108 38.62 58.38 -44.53
N GLU E 109 37.87 58.91 -45.49
CA GLU E 109 38.43 59.72 -46.56
C GLU E 109 38.56 61.19 -46.17
N LYS E 110 37.75 61.65 -45.22
CA LYS E 110 37.69 63.01 -44.66
C LYS E 110 37.26 64.07 -45.67
N GLU E 111 36.77 63.66 -46.84
CA GLU E 111 36.21 64.56 -47.85
C GLU E 111 35.40 63.72 -48.82
N VAL E 112 34.13 64.07 -48.99
CA VAL E 112 33.24 63.39 -49.92
C VAL E 112 32.61 64.43 -50.85
N ASP E 113 32.09 63.96 -51.96
CA ASP E 113 31.32 64.81 -52.87
C ASP E 113 29.87 64.82 -52.42
N LEU E 114 29.24 65.99 -52.50
CA LEU E 114 27.93 66.20 -51.93
C LEU E 114 26.80 65.58 -52.73
N SER E 115 27.06 65.13 -53.96
CA SER E 115 26.09 64.40 -54.74
C SER E 115 26.32 62.90 -54.71
N ASP E 116 27.41 62.45 -54.09
CA ASP E 116 27.61 61.03 -53.88
C ASP E 116 26.67 60.51 -52.79
N ILE E 117 26.41 61.33 -51.76
CA ILE E 117 25.52 60.94 -50.68
C ILE E 117 24.06 60.94 -51.13
N ILE E 118 23.71 61.77 -52.12
CA ILE E 118 22.33 61.81 -52.57
C ILE E 118 22.02 60.63 -53.48
N ASN E 119 22.94 60.27 -54.37
CA ASN E 119 22.64 59.27 -55.40
C ASN E 119 22.74 57.84 -54.90
N THR E 120 23.22 57.61 -53.68
CA THR E 120 23.28 56.23 -53.20
C THR E 120 21.90 55.77 -52.72
N PRO E 121 21.56 54.49 -52.91
CA PRO E 121 20.25 54.01 -52.45
C PRO E 121 20.19 53.86 -50.94
N LEU E 122 19.05 54.24 -50.37
CA LEU E 122 18.86 54.18 -48.93
C LEU E 122 18.67 52.72 -48.49
N PRO E 123 19.14 52.37 -47.30
CA PRO E 123 19.00 50.99 -46.82
C PRO E 123 17.55 50.66 -46.50
N ARG E 124 17.25 49.36 -46.54
CA ARG E 124 15.89 48.90 -46.35
C ARG E 124 15.52 48.92 -44.88
N VAL E 125 14.38 49.54 -44.57
CA VAL E 125 13.81 49.52 -43.22
C VAL E 125 13.38 48.09 -42.93
N PRO E 126 13.86 47.47 -41.86
CA PRO E 126 13.58 46.05 -41.62
C PRO E 126 12.15 45.84 -41.14
N LEU E 127 11.81 44.58 -40.92
CA LEU E 127 10.45 44.21 -40.55
C LEU E 127 10.13 44.64 -39.12
N ASP E 128 8.86 44.94 -38.88
CA ASP E 128 8.42 45.34 -37.55
C ASP E 128 8.33 44.13 -36.64
N VAL E 129 8.24 44.40 -35.34
CA VAL E 129 8.30 43.34 -34.34
C VAL E 129 6.97 42.58 -34.31
N CYS E 130 7.05 41.26 -34.38
CA CYS E 130 5.89 40.38 -34.35
C CYS E 130 6.11 39.32 -33.28
N LEU E 131 5.01 38.67 -32.89
CA LEU E 131 5.01 37.71 -31.80
C LEU E 131 4.65 36.34 -32.35
N LYS E 132 5.64 35.45 -32.42
CA LYS E 132 5.43 34.06 -32.81
C LYS E 132 5.64 33.15 -31.62
N ALA E 133 4.82 32.13 -31.51
CA ALA E 133 4.93 31.16 -30.42
C ALA E 133 5.35 29.81 -30.96
N HIS E 134 6.11 29.08 -30.14
CA HIS E 134 6.54 27.73 -30.49
C HIS E 134 6.64 26.95 -29.18
N TRP E 135 7.31 25.79 -29.23
CA TRP E 135 7.38 24.89 -28.09
C TRP E 135 8.84 24.63 -27.72
N LEU E 136 9.23 25.03 -26.51
CA LEU E 136 10.54 24.60 -26.00
C LEU E 136 10.49 23.17 -25.49
N SER E 137 9.39 22.78 -24.84
CA SER E 137 9.34 21.47 -24.22
C SER E 137 7.95 20.90 -24.38
N ILE E 138 7.88 19.64 -24.78
CA ILE E 138 6.64 18.88 -24.82
C ILE E 138 6.78 17.80 -23.75
N GLU E 139 6.06 17.98 -22.64
CA GLU E 139 6.04 17.18 -21.40
C GLU E 139 7.42 16.75 -20.92
N GLY E 140 8.43 17.59 -21.10
CA GLY E 140 9.78 17.32 -20.66
C GLY E 140 10.80 17.19 -21.77
N CYS E 141 10.38 16.90 -22.99
CA CYS E 141 11.27 16.67 -24.11
C CYS E 141 11.28 17.87 -25.03
N GLN E 142 12.47 18.26 -25.48
CA GLN E 142 12.62 19.40 -26.37
C GLN E 142 12.46 18.94 -27.82
N PRO E 143 11.53 19.52 -28.58
CA PRO E 143 11.35 19.08 -29.96
C PRO E 143 12.43 19.64 -30.88
N ALA E 144 12.65 18.91 -31.98
CA ALA E 144 13.65 19.30 -32.98
C ALA E 144 12.99 20.10 -34.11
N ILE E 145 12.37 21.21 -33.72
CA ILE E 145 11.77 22.14 -34.67
C ILE E 145 12.83 23.18 -35.01
N PRO E 146 12.73 23.93 -36.12
CA PRO E 146 13.78 24.91 -36.44
C PRO E 146 13.86 26.11 -35.50
N GLU E 147 12.89 26.30 -34.59
CA GLU E 147 13.00 27.33 -33.57
C GLU E 147 13.81 26.87 -32.36
N ASN E 148 14.29 25.63 -32.35
CA ASN E 148 15.11 25.03 -31.32
C ASN E 148 16.53 24.79 -31.85
N PRO E 149 17.54 24.89 -30.99
CA PRO E 149 18.95 24.89 -31.48
C PRO E 149 19.41 23.60 -32.13
N PRO E 150 19.22 22.38 -31.53
CA PRO E 150 20.00 21.32 -32.19
C PRO E 150 19.32 20.70 -33.40
N ARG E 207 22.20 -20.45 -24.17
CA ARG E 207 22.28 -18.97 -24.08
C ARG E 207 21.86 -18.38 -25.41
N LEU E 208 20.85 -17.50 -25.45
CA LEU E 208 20.47 -16.81 -26.70
C LEU E 208 20.65 -15.31 -26.49
N LYS E 209 21.34 -14.63 -27.39
CA LYS E 209 21.58 -13.17 -27.27
C LYS E 209 20.24 -12.45 -27.44
N PRO E 210 19.97 -11.30 -26.78
CA PRO E 210 18.64 -10.69 -26.81
C PRO E 210 18.27 -10.21 -28.21
N ARG E 211 16.97 -10.25 -28.49
CA ARG E 211 16.46 -9.83 -29.79
C ARG E 211 16.64 -8.33 -29.95
N SER E 212 17.45 -7.92 -30.93
CA SER E 212 17.79 -6.51 -30.99
C SER E 212 16.70 -5.73 -31.68
N ILE E 213 16.75 -4.42 -31.50
CA ILE E 213 15.79 -3.50 -32.07
C ILE E 213 16.50 -2.63 -33.08
N HIS E 214 15.77 -2.20 -34.11
CA HIS E 214 16.36 -1.30 -35.08
C HIS E 214 16.59 0.06 -34.44
N GLU E 215 17.63 0.75 -34.92
CA GLU E 215 18.02 2.02 -34.32
C GLU E 215 17.10 3.17 -34.71
N LEU E 216 16.11 2.94 -35.57
CA LEU E 216 15.08 3.91 -35.87
C LEU E 216 13.80 3.56 -35.11
N SER E 217 13.06 4.60 -34.72
CA SER E 217 11.74 4.39 -34.15
C SER E 217 10.73 4.09 -35.26
N VAL E 218 9.54 3.64 -34.86
CA VAL E 218 8.53 3.35 -35.87
C VAL E 218 7.89 4.62 -36.39
N GLU E 219 7.99 5.72 -35.64
CA GLU E 219 7.53 7.03 -36.15
C GLU E 219 8.60 7.54 -37.12
N GLN E 220 9.88 7.26 -36.83
CA GLN E 220 10.96 7.63 -37.73
C GLN E 220 10.98 6.75 -38.97
N GLN E 221 10.67 5.46 -38.82
CA GLN E 221 10.64 4.56 -39.96
C GLN E 221 9.44 4.87 -40.86
N LEU E 222 8.30 5.20 -40.26
CA LEU E 222 7.14 5.64 -41.02
C LEU E 222 7.40 6.97 -41.71
N TYR E 223 8.14 7.86 -41.04
CA TYR E 223 8.53 9.14 -41.66
C TYR E 223 9.43 8.91 -42.86
N TYR E 224 10.39 7.99 -42.73
CA TYR E 224 11.27 7.66 -43.85
C TYR E 224 10.47 7.08 -45.02
N LYS E 225 9.50 6.22 -44.73
CA LYS E 225 8.68 5.64 -45.78
C LYS E 225 7.82 6.68 -46.48
N GLU E 226 7.23 7.61 -45.71
CA GLU E 226 6.41 8.66 -46.31
C GLU E 226 7.25 9.63 -47.13
N ILE E 227 8.44 9.99 -46.63
CA ILE E 227 9.29 10.95 -47.33
C ILE E 227 9.84 10.33 -48.62
N THR E 228 10.22 9.05 -48.58
CA THR E 228 10.70 8.41 -49.80
C THR E 228 9.59 8.15 -50.80
N GLU E 229 8.39 7.82 -50.34
CA GLU E 229 7.29 7.63 -51.28
C GLU E 229 6.72 8.96 -51.79
N ALA E 230 7.00 10.07 -51.10
CA ALA E 230 6.66 11.38 -51.63
C ALA E 230 7.73 11.92 -52.56
N CYS E 231 8.98 11.54 -52.35
CA CYS E 231 10.10 12.06 -53.13
C CYS E 231 10.28 11.35 -54.46
N VAL E 232 9.45 10.35 -54.77
CA VAL E 232 9.47 9.71 -56.08
C VAL E 232 8.45 10.42 -56.98
N GLY E 233 7.91 11.52 -56.49
CA GLY E 233 7.23 12.50 -57.30
C GLY E 233 5.95 12.08 -58.00
N SER E 234 5.04 11.42 -57.28
CA SER E 234 3.74 11.15 -57.84
C SER E 234 2.89 12.42 -57.87
N CYS E 235 3.00 13.24 -56.84
CA CYS E 235 2.33 14.53 -56.76
C CYS E 235 3.37 15.59 -56.45
N GLU E 236 3.22 16.77 -57.05
CA GLU E 236 4.27 17.77 -56.98
C GLU E 236 4.30 18.50 -55.64
N ALA E 237 3.13 18.76 -55.03
CA ALA E 237 3.11 19.43 -53.73
C ALA E 237 3.67 18.52 -52.64
N LYS E 238 3.38 17.22 -52.74
CA LYS E 238 3.98 16.22 -51.87
C LYS E 238 5.49 16.20 -52.00
N ARG E 239 5.97 16.20 -53.22
CA ARG E 239 7.43 16.27 -53.41
C ARG E 239 7.92 17.52 -52.72
N ALA E 240 7.43 18.69 -53.10
CA ALA E 240 8.02 19.93 -52.61
C ALA E 240 8.03 19.98 -51.08
N GLU E 241 7.00 19.47 -50.42
CA GLU E 241 7.09 19.52 -48.93
C GLU E 241 8.15 18.52 -48.53
N ALA E 242 8.11 17.31 -49.08
CA ALA E 242 9.11 16.34 -48.64
C ALA E 242 10.53 16.87 -48.86
N LEU E 243 10.74 17.64 -49.93
CA LEU E 243 12.05 18.22 -50.17
C LEU E 243 12.39 19.30 -49.15
N GLN E 244 11.42 20.12 -48.76
CA GLN E 244 11.67 21.08 -47.69
C GLN E 244 11.85 20.39 -46.35
N SER E 245 11.15 19.27 -46.13
CA SER E 245 11.32 18.50 -44.91
C SER E 245 12.73 17.91 -44.83
N ILE E 246 13.24 17.41 -45.95
CA ILE E 246 14.63 16.97 -45.99
C ILE E 246 15.58 18.15 -45.80
N ALA E 247 15.23 19.31 -46.36
CA ALA E 247 16.10 20.47 -46.28
C ALA E 247 16.17 21.10 -44.89
N THR E 248 15.20 20.84 -44.00
CA THR E 248 15.33 21.48 -42.69
C THR E 248 14.94 20.61 -41.49
N ASP E 249 14.88 19.29 -41.61
CA ASP E 249 14.67 18.46 -40.42
C ASP E 249 15.95 18.39 -39.61
N PRO E 250 15.94 18.82 -38.34
CA PRO E 250 17.17 18.71 -37.54
C PRO E 250 17.50 17.28 -37.15
N GLY E 251 16.50 16.42 -36.98
CA GLY E 251 16.75 15.05 -36.56
C GLY E 251 16.93 14.09 -37.72
N LEU E 252 17.35 14.58 -38.87
CA LEU E 252 17.47 13.72 -40.04
C LEU E 252 18.81 13.01 -40.07
N TYR E 253 19.73 13.34 -39.17
CA TYR E 253 20.85 12.44 -38.91
C TYR E 253 20.32 11.18 -38.25
N GLN E 254 21.12 10.10 -38.32
CA GLN E 254 20.87 8.75 -37.82
C GLN E 254 19.80 8.03 -38.66
N MET E 255 19.25 8.73 -39.64
CA MET E 255 18.48 8.17 -40.75
C MET E 255 19.22 8.35 -42.08
N LEU E 256 20.30 9.11 -42.07
CA LEU E 256 21.02 9.45 -43.30
C LEU E 256 21.71 8.27 -44.02
N PRO E 257 22.21 7.20 -43.36
CA PRO E 257 22.65 6.03 -44.15
C PRO E 257 21.59 5.44 -45.04
N ARG E 258 20.36 5.40 -44.55
CA ARG E 258 19.25 4.76 -45.29
C ARG E 258 18.81 5.66 -46.44
N PHE E 259 18.97 6.98 -46.32
CA PHE E 259 18.68 7.90 -47.42
C PHE E 259 19.76 7.86 -48.48
N SER E 260 21.04 7.83 -48.06
CA SER E 260 22.14 7.73 -49.00
C SER E 260 22.11 6.42 -49.76
N THR E 261 21.77 5.33 -49.07
CA THR E 261 21.70 4.03 -49.73
C THR E 261 20.52 3.99 -50.70
N PHE E 262 19.41 4.65 -50.35
CA PHE E 262 18.24 4.69 -51.22
C PHE E 262 18.51 5.51 -52.48
N ILE E 263 19.25 6.61 -52.34
CA ILE E 263 19.65 7.40 -53.50
C ILE E 263 20.58 6.58 -54.40
N SER E 264 21.73 6.17 -53.84
CA SER E 264 22.77 5.44 -54.60
C SER E 264 22.17 4.23 -55.28
N GLU E 265 21.50 3.39 -54.51
CA GLU E 265 20.98 2.15 -55.12
C GLU E 265 19.98 2.54 -56.20
N GLY E 266 19.19 3.58 -55.93
CA GLY E 266 18.16 3.94 -56.92
C GLY E 266 18.76 4.35 -58.26
N VAL E 267 19.74 5.24 -58.25
CA VAL E 267 20.22 5.72 -59.56
C VAL E 267 20.78 4.53 -60.33
N ARG E 268 21.51 3.63 -59.69
CA ARG E 268 22.16 2.52 -60.43
C ARG E 268 21.16 1.55 -61.04
N VAL E 269 20.03 1.27 -60.38
CA VAL E 269 18.98 0.41 -61.01
C VAL E 269 17.99 1.30 -61.73
N ASN E 270 18.20 2.62 -61.69
CA ASN E 270 17.32 3.51 -62.49
C ASN E 270 18.03 4.01 -63.73
N VAL E 271 19.24 3.55 -64.00
CA VAL E 271 19.87 3.92 -65.30
C VAL E 271 19.88 2.66 -66.14
N VAL E 272 19.44 1.53 -65.55
CA VAL E 272 19.30 0.28 -66.34
C VAL E 272 18.22 0.58 -67.38
N GLN E 273 17.14 1.26 -67.00
CA GLN E 273 16.17 1.79 -67.98
C GLN E 273 16.26 3.28 -67.71
N ASN E 274 16.52 4.14 -68.70
CA ASN E 274 16.84 5.55 -68.40
C ASN E 274 15.60 6.32 -67.99
N ASN E 275 15.15 6.15 -66.74
CA ASN E 275 13.87 6.78 -66.30
C ASN E 275 14.15 8.19 -65.82
N LEU E 276 13.96 9.17 -66.69
CA LEU E 276 14.38 10.55 -66.36
C LEU E 276 13.72 11.14 -65.10
N ALA E 277 12.42 10.96 -64.89
CA ALA E 277 11.85 11.59 -63.68
C ALA E 277 12.49 10.94 -62.46
N LEU E 278 12.58 9.62 -62.48
CA LEU E 278 13.09 8.94 -61.27
C LEU E 278 14.41 9.60 -60.93
N LEU E 279 15.17 10.01 -61.95
CA LEU E 279 16.50 10.57 -61.75
C LEU E 279 16.43 12.04 -61.36
N ILE E 280 15.47 12.78 -61.93
CA ILE E 280 15.38 14.21 -61.64
C ILE E 280 14.91 14.40 -60.20
N TYR E 281 14.06 13.48 -59.73
CA TYR E 281 13.58 13.50 -58.34
C TYR E 281 14.70 13.13 -57.37
N LEU E 282 15.54 12.16 -57.75
CA LEU E 282 16.66 11.77 -56.89
C LEU E 282 17.71 12.87 -56.80
N MET E 283 17.96 13.57 -57.92
CA MET E 283 18.90 14.69 -57.89
C MET E 283 18.38 15.84 -57.05
N ARG E 284 17.06 16.10 -57.10
CA ARG E 284 16.48 17.09 -56.21
C ARG E 284 16.53 16.65 -54.75
N MET E 285 16.46 15.34 -54.50
CA MET E 285 16.63 14.82 -53.15
C MET E 285 18.06 15.01 -52.66
N VAL E 286 19.05 14.86 -53.55
CA VAL E 286 20.45 15.12 -53.21
C VAL E 286 20.66 16.59 -52.87
N LYS E 287 20.08 17.48 -53.69
CA LYS E 287 20.18 18.92 -53.45
C LYS E 287 19.48 19.31 -52.14
N ALA E 288 18.38 18.65 -51.81
CA ALA E 288 17.71 18.90 -50.54
C ALA E 288 18.47 18.30 -49.37
N LEU E 289 19.26 17.26 -49.61
CA LEU E 289 20.10 16.72 -48.55
C LEU E 289 21.29 17.63 -48.26
N MET E 290 21.76 18.35 -49.27
CA MET E 290 23.02 19.07 -49.12
C MET E 290 22.84 20.36 -48.33
N ASP E 291 21.79 21.12 -48.59
CA ASP E 291 21.61 22.42 -47.95
C ASP E 291 21.05 22.34 -46.54
N ASN E 292 20.77 21.14 -46.02
CA ASN E 292 20.43 20.97 -44.62
C ASN E 292 21.66 21.27 -43.77
N PRO E 293 21.59 22.23 -42.84
CA PRO E 293 22.79 22.61 -42.10
C PRO E 293 23.13 21.69 -40.93
N THR E 294 22.19 20.88 -40.44
CA THR E 294 22.43 20.13 -39.22
C THR E 294 23.24 18.87 -39.47
N LEU E 295 22.95 18.15 -40.54
CA LEU E 295 23.53 16.84 -40.76
C LEU E 295 24.95 16.91 -41.30
N TYR E 296 25.73 15.88 -40.99
CA TYR E 296 27.13 15.75 -41.35
C TYR E 296 27.21 14.85 -42.59
N LEU E 297 27.57 15.44 -43.73
CA LEU E 297 27.42 14.74 -45.00
C LEU E 297 28.67 14.06 -45.53
N GLU E 298 29.87 14.52 -45.19
CA GLU E 298 31.05 13.98 -45.87
C GLU E 298 31.45 12.58 -45.41
N LYS E 299 30.70 11.96 -44.51
CA LYS E 299 30.81 10.52 -44.33
C LYS E 299 30.08 9.74 -45.41
N TYR E 300 29.14 10.38 -46.10
CA TYR E 300 28.29 9.71 -47.07
C TYR E 300 28.51 10.19 -48.49
N VAL E 301 29.51 11.06 -48.70
CA VAL E 301 29.67 11.68 -50.01
C VAL E 301 30.32 10.69 -50.98
N HIS E 302 30.95 9.63 -50.46
CA HIS E 302 31.51 8.58 -51.28
C HIS E 302 30.45 7.75 -51.98
N GLU E 303 29.22 7.78 -51.50
CA GLU E 303 28.08 7.24 -52.23
C GLU E 303 27.36 8.29 -53.06
N LEU E 304 27.43 9.55 -52.64
CA LEU E 304 26.68 10.60 -53.32
C LEU E 304 27.33 10.99 -54.64
N ILE E 305 28.65 11.12 -54.68
CA ILE E 305 29.35 11.61 -55.86
C ILE E 305 29.29 10.67 -57.07
N PRO E 306 29.53 9.35 -56.98
CA PRO E 306 29.37 8.52 -58.19
C PRO E 306 27.94 8.45 -58.71
N ALA E 307 26.93 8.74 -57.88
CA ALA E 307 25.56 8.84 -58.36
C ALA E 307 25.38 10.05 -59.28
N VAL E 308 25.90 11.21 -58.87
CA VAL E 308 25.74 12.40 -59.71
C VAL E 308 26.64 12.28 -60.94
N MET E 309 27.83 11.71 -60.81
CA MET E 309 28.65 11.61 -62.03
C MET E 309 27.87 10.77 -63.05
N THR E 310 27.20 9.72 -62.58
CA THR E 310 26.43 8.85 -63.52
C THR E 310 25.29 9.62 -64.17
N CYS E 311 24.61 10.51 -63.46
CA CYS E 311 23.55 11.33 -64.11
C CYS E 311 24.17 12.17 -65.23
N ILE E 312 25.37 12.71 -65.02
CA ILE E 312 25.99 13.64 -66.02
C ILE E 312 26.66 12.88 -67.14
N VAL E 313 27.43 11.83 -66.86
CA VAL E 313 28.25 11.19 -67.92
C VAL E 313 27.58 9.96 -68.51
N SER E 314 26.28 9.78 -68.33
CA SER E 314 25.72 8.52 -68.87
C SER E 314 24.89 8.66 -70.14
N ARG E 315 24.72 7.57 -70.89
CA ARG E 315 23.87 7.54 -72.11
C ARG E 315 22.41 7.43 -71.68
N GLN E 316 21.51 7.85 -72.55
CA GLN E 316 20.08 7.83 -72.18
C GLN E 316 19.38 6.66 -72.90
N LEU E 317 18.97 5.63 -72.15
CA LEU E 317 18.32 4.42 -72.72
C LEU E 317 16.92 4.72 -73.28
N CYS E 318 16.25 5.77 -72.80
CA CYS E 318 14.90 6.16 -73.27
C CYS E 318 14.99 7.00 -74.55
N LEU E 319 13.86 7.57 -75.01
CA LEU E 319 13.86 8.28 -76.33
C LEU E 319 14.98 9.30 -76.33
N ARG E 320 15.82 9.28 -77.38
CA ARG E 320 16.99 10.19 -77.44
C ARG E 320 16.57 11.67 -77.51
N PRO E 321 15.66 12.14 -78.39
CA PRO E 321 15.35 13.57 -78.48
C PRO E 321 14.21 13.94 -77.54
N ASP E 322 13.65 15.14 -77.69
CA ASP E 322 12.48 15.58 -76.89
C ASP E 322 12.86 15.82 -75.43
N VAL E 323 13.17 14.77 -74.66
CA VAL E 323 13.45 15.00 -73.20
C VAL E 323 14.93 15.30 -73.05
N ASP E 324 15.64 15.36 -74.18
CA ASP E 324 17.08 15.76 -74.12
C ASP E 324 17.08 17.15 -73.53
N ASN E 325 15.99 17.90 -73.72
CA ASN E 325 15.90 19.24 -73.10
C ASN E 325 15.97 19.03 -71.60
N HIS E 326 15.20 18.08 -71.09
CA HIS E 326 15.33 17.77 -69.65
C HIS E 326 16.69 17.11 -69.41
N TRP E 327 17.17 16.33 -70.37
CA TRP E 327 18.44 15.61 -70.16
C TRP E 327 19.51 16.66 -69.91
N ALA E 328 19.45 17.77 -70.63
CA ALA E 328 20.43 18.85 -70.41
C ALA E 328 20.24 19.34 -68.99
N LEU E 329 19.01 19.50 -68.56
CA LEU E 329 18.79 19.89 -67.13
C LEU E 329 19.20 18.76 -66.17
N ARG E 330 18.99 17.49 -66.55
CA ARG E 330 19.46 16.40 -65.66
C ARG E 330 20.97 16.62 -65.55
N ASP E 331 21.64 16.95 -66.65
CA ASP E 331 23.09 17.27 -66.60
C ASP E 331 23.32 18.66 -66.03
N PHE E 332 22.31 19.55 -66.05
CA PHE E 332 22.44 20.90 -65.44
C PHE E 332 22.32 20.76 -63.91
N ALA E 333 21.32 20.00 -63.43
CA ALA E 333 21.17 19.79 -61.99
C ALA E 333 22.33 18.99 -61.42
N ALA E 334 22.83 18.02 -62.20
CA ALA E 334 23.94 17.20 -61.75
C ALA E 334 25.25 17.99 -61.72
N ARG E 335 25.48 18.88 -62.71
CA ARG E 335 26.70 19.67 -62.69
C ARG E 335 26.65 20.75 -61.61
N LEU E 336 25.44 21.27 -61.30
CA LEU E 336 25.28 22.19 -60.18
C LEU E 336 25.65 21.52 -58.86
N VAL E 337 25.05 20.36 -58.60
CA VAL E 337 25.35 19.70 -57.33
C VAL E 337 26.79 19.16 -57.31
N ALA E 338 27.37 18.88 -58.48
CA ALA E 338 28.76 18.42 -58.53
C ALA E 338 29.73 19.52 -58.15
N GLN E 339 29.53 20.73 -58.68
CA GLN E 339 30.44 21.80 -58.28
C GLN E 339 30.12 22.31 -56.89
N ILE E 340 28.90 22.07 -56.39
CA ILE E 340 28.61 22.43 -54.96
C ILE E 340 29.33 21.41 -54.06
N CYS E 341 29.40 20.14 -54.48
CA CYS E 341 30.16 19.14 -53.71
C CYS E 341 31.66 19.36 -53.78
N LYS E 342 32.16 19.91 -54.89
CA LYS E 342 33.58 20.24 -54.85
C LYS E 342 33.84 21.53 -54.09
N HIS E 343 32.81 22.38 -53.90
CA HIS E 343 32.99 23.57 -53.09
C HIS E 343 33.09 23.23 -51.61
N PHE E 344 32.18 22.38 -51.12
CA PHE E 344 32.27 21.86 -49.77
C PHE E 344 33.20 20.65 -49.75
N SER E 345 33.36 20.07 -48.55
CA SER E 345 33.99 18.76 -48.32
C SER E 345 35.43 18.69 -48.81
N THR E 346 36.12 19.82 -48.91
CA THR E 346 37.37 19.92 -49.65
C THR E 346 38.56 19.71 -48.72
N THR E 347 39.42 18.76 -49.07
CA THR E 347 40.68 18.53 -48.38
C THR E 347 41.74 18.51 -49.49
N THR E 348 42.99 18.11 -49.21
CA THR E 348 44.04 18.25 -50.22
C THR E 348 43.92 17.12 -51.23
N ASN E 349 43.69 17.49 -52.50
CA ASN E 349 43.93 16.63 -53.67
C ASN E 349 43.13 15.33 -53.66
N ASN E 350 41.92 15.35 -53.10
CA ASN E 350 41.11 14.14 -53.07
C ASN E 350 39.87 14.23 -53.94
N ILE E 351 39.05 15.26 -53.77
CA ILE E 351 37.71 15.25 -54.36
C ILE E 351 37.65 16.03 -55.66
N GLN E 352 38.04 17.31 -55.61
CA GLN E 352 37.91 18.18 -56.78
C GLN E 352 38.86 17.76 -57.90
N SER E 353 40.09 17.39 -57.56
CA SER E 353 41.05 16.99 -58.57
C SER E 353 40.70 15.64 -59.19
N ARG E 354 40.02 14.79 -58.41
CA ARG E 354 39.63 13.44 -58.86
C ARG E 354 38.51 13.53 -59.89
N ILE E 355 37.52 14.38 -59.65
CA ILE E 355 36.43 14.57 -60.59
C ILE E 355 36.89 15.42 -61.77
N THR E 356 37.89 16.29 -61.57
CA THR E 356 38.45 17.04 -62.67
C THR E 356 39.22 16.12 -63.62
N LYS E 357 39.95 15.15 -63.07
CA LYS E 357 40.71 14.21 -63.88
C LYS E 357 39.78 13.27 -64.66
N THR E 358 38.69 12.84 -64.02
CA THR E 358 37.71 12.00 -64.74
C THR E 358 36.99 12.78 -65.83
N PHE E 359 36.69 14.06 -65.59
CA PHE E 359 36.07 14.89 -66.62
C PHE E 359 37.01 15.12 -67.80
N THR E 360 38.30 15.37 -67.52
CA THR E 360 39.24 15.59 -68.61
C THR E 360 39.52 14.31 -69.39
N LYS E 361 39.58 13.14 -68.74
CA LYS E 361 39.80 11.95 -69.56
C LYS E 361 38.50 11.50 -70.22
N SER E 362 37.34 11.99 -69.75
CA SER E 362 36.12 11.86 -70.53
C SER E 362 36.18 12.73 -71.78
N TRP E 363 36.80 13.90 -71.69
CA TRP E 363 36.87 14.81 -72.83
C TRP E 363 37.87 14.33 -73.88
N VAL E 364 39.09 13.99 -73.46
CA VAL E 364 40.17 13.68 -74.42
C VAL E 364 40.03 12.28 -75.02
N ASP E 365 39.03 11.53 -74.53
CA ASP E 365 38.74 10.17 -75.05
C ASP E 365 38.22 10.32 -76.47
N GLU E 366 38.78 9.54 -77.40
CA GLU E 366 38.40 9.57 -78.80
C GLU E 366 37.10 8.84 -79.01
N LYS E 367 36.20 9.49 -79.76
CA LYS E 367 35.03 8.86 -80.37
C LYS E 367 34.06 8.39 -79.28
N THR E 368 33.63 9.38 -78.50
CA THR E 368 32.83 9.22 -77.29
C THR E 368 31.37 9.03 -77.70
N PRO E 369 30.53 8.54 -76.78
CA PRO E 369 29.10 8.81 -76.93
C PRO E 369 28.85 10.30 -76.76
N TRP E 370 28.00 10.85 -77.62
CA TRP E 370 27.81 12.30 -77.62
C TRP E 370 26.94 12.77 -76.45
N THR E 371 26.14 11.88 -75.87
CA THR E 371 25.45 12.20 -74.63
C THR E 371 26.44 12.35 -73.48
N THR E 372 27.34 11.36 -73.35
CA THR E 372 28.44 11.41 -72.40
C THR E 372 29.34 12.61 -72.65
N ARG E 373 29.57 12.93 -73.92
CA ARG E 373 30.37 14.09 -74.30
C ARG E 373 29.73 15.38 -73.83
N TYR E 374 28.43 15.54 -74.09
CA TYR E 374 27.71 16.76 -73.70
C TYR E 374 27.66 16.90 -72.17
N GLY E 375 27.40 15.80 -71.47
CA GLY E 375 27.37 15.85 -70.02
C GLY E 375 28.71 16.19 -69.40
N SER E 376 29.79 15.58 -69.90
CA SER E 376 31.11 15.89 -69.38
C SER E 376 31.52 17.32 -69.70
N ILE E 377 31.13 17.82 -70.88
CA ILE E 377 31.39 19.21 -71.26
C ILE E 377 30.72 20.17 -70.28
N ALA E 378 29.46 19.91 -69.95
CA ALA E 378 28.74 20.72 -68.96
C ALA E 378 29.40 20.65 -67.59
N GLY E 379 29.83 19.44 -67.20
CA GLY E 379 30.43 19.24 -65.91
C GLY E 379 31.73 20.00 -65.74
N LEU E 380 32.58 19.99 -66.77
CA LEU E 380 33.86 20.76 -66.75
C LEU E 380 33.56 22.25 -66.91
N ALA E 381 32.41 22.61 -67.48
CA ALA E 381 32.09 24.00 -67.73
C ALA E 381 31.70 24.74 -66.46
N GLU E 382 30.97 24.08 -65.55
CA GLU E 382 30.45 24.76 -64.36
C GLU E 382 31.45 24.73 -63.20
N LEU E 383 32.75 24.66 -63.45
CA LEU E 383 33.66 24.49 -62.33
C LEU E 383 34.21 25.81 -61.79
N GLY E 384 33.90 26.95 -62.42
CA GLY E 384 34.25 28.21 -61.83
C GLY E 384 34.97 29.10 -62.81
N HIS E 385 35.69 30.08 -62.24
CA HIS E 385 36.31 31.14 -63.04
C HIS E 385 37.56 30.62 -63.74
N ASP E 386 38.58 30.22 -62.95
CA ASP E 386 39.88 29.76 -63.47
C ASP E 386 39.87 28.44 -64.22
N VAL E 387 38.90 27.57 -63.98
CA VAL E 387 38.97 26.23 -64.55
C VAL E 387 38.77 26.28 -66.05
N ILE E 388 37.82 27.10 -66.50
CA ILE E 388 37.64 27.32 -67.93
C ILE E 388 38.74 28.24 -68.47
N LYS E 389 39.36 29.03 -67.60
CA LYS E 389 40.49 29.88 -68.01
C LYS E 389 41.72 29.05 -68.32
N THR E 390 41.88 27.89 -67.67
CA THR E 390 43.08 27.08 -67.87
C THR E 390 42.85 25.80 -68.65
N LEU E 391 41.60 25.35 -68.80
CA LEU E 391 41.37 24.00 -69.40
C LEU E 391 40.73 24.08 -70.79
N ILE E 392 39.72 24.93 -70.98
CA ILE E 392 39.03 24.93 -72.28
C ILE E 392 39.88 25.59 -73.36
N LEU E 393 41.00 26.21 -73.00
CA LEU E 393 41.82 26.96 -73.96
C LEU E 393 42.44 26.13 -75.08
N PRO E 394 43.26 25.09 -74.83
CA PRO E 394 43.95 24.46 -75.97
C PRO E 394 43.10 23.47 -76.77
N ARG E 395 41.74 23.49 -76.69
CA ARG E 395 40.88 22.39 -77.28
C ARG E 395 39.83 22.84 -78.34
N LEU E 396 39.84 24.12 -78.71
CA LEU E 396 38.78 24.65 -79.63
C LEU E 396 38.82 23.92 -80.98
N GLN E 397 40.01 23.59 -81.48
CA GLN E 397 40.12 22.93 -82.81
C GLN E 397 39.43 21.56 -82.80
N GLN E 398 39.63 20.78 -81.74
CA GLN E 398 38.95 19.46 -81.63
C GLN E 398 37.44 19.70 -81.59
N GLU E 399 37.00 20.70 -80.82
CA GLU E 399 35.52 20.88 -80.75
C GLU E 399 35.01 21.18 -82.17
N GLY E 400 35.69 22.05 -82.90
CA GLY E 400 35.24 22.43 -84.26
C GLY E 400 35.22 21.24 -85.19
N GLU E 401 36.24 20.39 -85.12
CA GLU E 401 36.33 19.18 -85.99
C GLU E 401 35.15 18.25 -85.71
N ARG E 402 34.82 18.06 -84.43
CA ARG E 402 33.67 17.18 -84.08
C ARG E 402 32.40 17.77 -84.70
N ILE E 403 32.23 19.10 -84.58
CA ILE E 403 31.00 19.74 -85.12
C ILE E 403 30.97 19.50 -86.64
N ARG E 404 32.11 19.65 -87.30
CA ARG E 404 32.18 19.50 -88.78
C ARG E 404 31.80 18.07 -89.19
N SER E 405 32.28 17.06 -88.45
CA SER E 405 31.92 15.65 -88.77
C SER E 405 30.40 15.45 -88.60
N VAL E 406 29.82 15.97 -87.51
CA VAL E 406 28.36 15.70 -87.38
C VAL E 406 27.70 16.35 -88.59
N LEU E 407 28.13 17.57 -88.97
CA LEU E 407 27.49 18.32 -90.08
C LEU E 407 27.61 17.52 -91.39
N ASP E 408 28.80 17.02 -91.72
CA ASP E 408 29.01 16.36 -93.04
C ASP E 408 28.20 15.07 -93.14
N GLY E 409 28.34 14.15 -92.19
CA GLY E 409 27.63 12.86 -92.33
C GLY E 409 26.13 13.09 -92.35
N PRO E 410 25.39 12.54 -93.33
CA PRO E 410 23.97 12.82 -93.49
C PRO E 410 23.17 12.33 -92.28
N VAL E 411 23.57 11.18 -91.71
CA VAL E 411 22.83 10.56 -90.56
C VAL E 411 22.17 11.61 -89.67
N LEU E 412 20.83 11.69 -89.73
CA LEU E 412 20.07 12.68 -88.93
C LEU E 412 19.20 11.98 -87.88
N SER E 413 18.86 10.71 -88.08
CA SER E 413 17.98 10.02 -87.15
C SER E 413 18.68 9.56 -85.88
N ASN E 414 20.01 9.72 -85.79
CA ASN E 414 20.68 9.44 -84.54
C ASN E 414 20.68 10.67 -83.64
N ILE E 415 21.35 10.62 -82.49
CA ILE E 415 21.26 11.80 -81.56
C ILE E 415 22.54 12.62 -81.70
N ASP E 416 23.42 12.22 -82.62
CA ASP E 416 24.74 12.88 -82.73
C ASP E 416 24.55 14.37 -83.03
N ARG E 417 23.66 14.72 -83.96
CA ARG E 417 23.51 16.15 -84.36
C ARG E 417 23.03 16.98 -83.18
N ILE E 418 22.05 16.48 -82.41
CA ILE E 418 21.50 17.22 -81.25
C ILE E 418 22.61 17.41 -80.22
N GLY E 419 23.38 16.34 -79.99
CA GLY E 419 24.46 16.44 -79.00
C GLY E 419 25.44 17.50 -79.44
N ALA E 420 25.78 17.51 -80.73
CA ALA E 420 26.76 18.47 -81.25
C ALA E 420 26.23 19.89 -81.06
N ASP E 421 24.97 20.14 -81.40
CA ASP E 421 24.48 21.53 -81.30
C ASP E 421 24.55 21.95 -79.83
N HIS E 422 24.11 21.07 -78.91
CA HIS E 422 24.11 21.53 -77.49
C HIS E 422 25.54 21.81 -77.04
N VAL E 423 26.48 20.92 -77.40
CA VAL E 423 27.89 21.09 -76.94
C VAL E 423 28.42 22.41 -77.49
N GLN E 424 28.19 22.68 -78.78
CA GLN E 424 28.77 23.90 -79.38
C GLN E 424 28.16 25.11 -78.68
N SER E 425 26.85 25.12 -78.44
CA SER E 425 26.27 26.34 -77.84
C SER E 425 26.90 26.55 -76.45
N LEU E 426 27.00 25.49 -75.66
CA LEU E 426 27.53 25.67 -74.28
C LEU E 426 28.97 26.17 -74.34
N LEU E 427 29.78 25.55 -75.21
CA LEU E 427 31.22 25.93 -75.28
C LEU E 427 31.32 27.38 -75.70
N LEU E 428 30.52 27.81 -76.67
CA LEU E 428 30.57 29.21 -77.18
C LEU E 428 30.18 30.18 -76.05
N LYS E 429 29.13 29.87 -75.28
CA LYS E 429 28.83 30.82 -74.17
C LYS E 429 30.01 30.86 -73.20
N HIS E 430 30.58 29.71 -72.84
CA HIS E 430 31.68 29.82 -71.86
C HIS E 430 32.82 30.66 -72.44
N CYS E 431 33.16 30.43 -73.71
CA CYS E 431 34.30 31.14 -74.34
C CYS E 431 34.02 32.65 -74.34
N ALA E 432 32.77 33.07 -74.58
CA ALA E 432 32.39 34.51 -74.57
C ALA E 432 32.88 35.27 -73.33
N PRO E 433 32.39 35.06 -72.08
CA PRO E 433 32.96 35.71 -70.89
C PRO E 433 34.44 35.36 -70.63
N VAL E 434 34.85 34.11 -70.82
CA VAL E 434 36.31 33.79 -70.69
C VAL E 434 37.07 34.87 -71.46
N LEU E 435 36.47 35.40 -72.53
CA LEU E 435 37.08 36.49 -73.34
C LEU E 435 36.69 37.84 -72.74
N ALA E 436 35.42 38.00 -72.38
CA ALA E 436 34.96 39.29 -71.83
C ALA E 436 35.78 39.54 -70.57
N LYS E 437 36.01 38.49 -69.78
CA LYS E 437 36.82 38.59 -68.53
C LYS E 437 38.28 38.99 -68.74
N LEU E 438 39.03 38.44 -69.73
CA LEU E 438 40.49 38.79 -69.74
C LEU E 438 41.05 39.60 -70.93
N ARG E 439 40.30 40.55 -71.46
CA ARG E 439 40.81 41.36 -72.58
C ARG E 439 39.81 42.48 -72.83
N PRO E 440 40.21 43.53 -73.56
CA PRO E 440 39.24 44.57 -73.92
C PRO E 440 38.33 44.09 -75.05
N PRO E 441 37.19 44.75 -75.25
CA PRO E 441 36.28 44.35 -76.33
C PRO E 441 36.65 45.04 -77.64
N PRO E 442 37.92 45.06 -78.01
CA PRO E 442 38.31 45.61 -79.31
C PRO E 442 38.45 44.50 -80.36
N ASP E 443 38.10 44.88 -81.59
CA ASP E 443 38.11 44.01 -82.77
C ASP E 443 37.25 42.76 -82.56
N ASN E 444 35.96 43.01 -82.35
CA ASN E 444 35.00 41.93 -82.09
C ASN E 444 34.33 41.43 -83.37
N GLN E 445 34.88 41.73 -84.55
CA GLN E 445 34.26 41.37 -85.81
C GLN E 445 34.88 40.12 -86.43
N ASP E 446 36.19 40.12 -86.63
CA ASP E 446 36.84 39.03 -87.36
C ASP E 446 38.13 38.55 -86.69
N ALA E 447 38.46 39.04 -85.49
CA ALA E 447 39.62 38.51 -84.78
C ALA E 447 39.39 37.11 -84.26
N TYR E 448 38.13 36.76 -83.93
CA TYR E 448 37.77 35.43 -83.49
C TYR E 448 37.90 34.38 -84.59
N ARG E 449 38.10 34.78 -85.84
CA ARG E 449 38.47 33.86 -86.91
C ARG E 449 39.86 33.28 -86.73
N ALA E 450 40.70 33.86 -85.85
CA ALA E 450 41.92 33.19 -85.45
C ALA E 450 41.67 32.03 -84.50
N GLU E 451 40.46 31.89 -83.97
CA GLU E 451 40.05 30.78 -83.14
C GLU E 451 38.99 29.94 -83.84
N PHE E 452 39.22 29.68 -85.13
CA PHE E 452 38.42 28.86 -86.06
C PHE E 452 37.06 29.48 -86.40
N GLY E 453 36.74 30.66 -85.90
CA GLY E 453 35.51 31.36 -86.28
C GLY E 453 34.23 30.68 -85.83
N SER E 454 34.21 30.15 -84.61
CA SER E 454 33.05 29.41 -84.14
C SER E 454 31.91 30.34 -83.78
N LEU E 455 32.16 31.23 -82.80
CA LEU E 455 31.07 32.12 -82.32
C LEU E 455 31.23 33.50 -82.92
N GLY E 456 32.45 33.98 -83.15
CA GLY E 456 32.67 35.25 -83.90
C GLY E 456 31.84 36.45 -83.44
N PRO E 457 31.10 37.10 -84.36
CA PRO E 457 30.30 38.27 -84.03
C PRO E 457 29.17 37.99 -83.02
N LEU E 458 28.52 36.83 -83.09
CA LEU E 458 27.51 36.42 -82.08
C LEU E 458 28.20 36.30 -80.71
N LEU E 459 29.41 35.75 -80.66
CA LEU E 459 30.15 35.72 -79.37
C LEU E 459 30.39 37.16 -78.91
N CYS E 460 30.74 38.02 -79.86
CA CYS E 460 31.00 39.45 -79.52
C CYS E 460 29.72 40.07 -78.96
N SER E 461 28.56 39.75 -79.54
CA SER E 461 27.25 40.27 -79.06
C SER E 461 26.97 39.75 -77.66
N GLN E 462 27.29 38.48 -77.38
CA GLN E 462 27.12 37.93 -76.01
C GLN E 462 28.02 38.71 -75.04
N VAL E 463 29.25 39.00 -75.46
CA VAL E 463 30.20 39.78 -74.61
C VAL E 463 29.60 41.17 -74.37
N VAL E 464 29.01 41.78 -75.39
CA VAL E 464 28.39 43.14 -75.28
C VAL E 464 27.22 43.08 -74.29
N LYS E 465 26.41 42.01 -74.34
CA LYS E 465 25.28 41.85 -73.41
C LYS E 465 25.83 41.72 -71.97
N ALA E 466 26.93 40.99 -71.82
CA ALA E 466 27.56 40.85 -70.48
C ALA E 466 28.03 42.23 -70.01
N ARG E 467 28.62 43.03 -70.91
CA ARG E 467 29.10 44.39 -70.57
C ARG E 467 27.92 45.26 -70.15
N ALA E 468 26.77 45.13 -70.84
CA ALA E 468 25.56 45.90 -70.50
C ALA E 468 25.08 45.49 -69.11
N GLN E 469 25.12 44.19 -68.80
CA GLN E 469 24.72 43.70 -67.45
C GLN E 469 25.67 44.31 -66.41
N ALA E 470 26.97 44.36 -66.72
CA ALA E 470 27.96 44.95 -65.79
C ALA E 470 27.65 46.43 -65.57
N ALA E 471 27.27 47.15 -66.64
CA ALA E 471 26.92 48.58 -66.53
C ALA E 471 25.70 48.73 -65.65
N LEU E 472 24.71 47.84 -65.81
CA LEU E 472 23.47 47.88 -64.98
C LEU E 472 23.85 47.67 -63.51
N GLN E 473 24.77 46.73 -63.25
CA GLN E 473 25.22 46.45 -61.86
C GLN E 473 25.80 47.73 -61.23
N PRO F 9 -48.93 -89.47 -10.63
CA PRO F 9 -48.11 -88.27 -10.64
C PRO F 9 -47.00 -88.33 -9.59
N HIS F 10 -46.14 -87.31 -9.54
CA HIS F 10 -45.07 -87.26 -8.51
C HIS F 10 -45.29 -86.03 -7.63
N GLU F 11 -45.20 -86.21 -6.30
CA GLU F 11 -45.33 -85.04 -5.39
C GLU F 11 -43.97 -84.76 -4.75
N LEU F 12 -43.53 -83.51 -4.81
CA LEU F 12 -42.18 -83.16 -4.29
C LEU F 12 -42.16 -83.51 -2.80
N GLU F 13 -41.09 -84.16 -2.34
CA GLU F 13 -41.02 -84.59 -0.92
C GLU F 13 -40.85 -83.36 -0.04
N SER F 14 -41.36 -83.42 1.19
CA SER F 14 -41.28 -82.25 2.05
C SER F 14 -40.38 -82.58 3.22
N GLN F 15 -39.16 -82.08 3.19
CA GLN F 15 -38.18 -82.30 4.24
C GLN F 15 -38.14 -81.10 5.18
N PHE F 16 -38.05 -81.36 6.47
CA PHE F 16 -37.83 -80.31 7.45
C PHE F 16 -36.79 -80.79 8.44
N ILE F 17 -36.36 -79.90 9.33
CA ILE F 17 -35.33 -80.22 10.31
C ILE F 17 -35.99 -80.38 11.66
N LEU F 18 -35.61 -81.40 12.42
CA LEU F 18 -36.12 -81.61 13.77
C LEU F 18 -35.01 -81.33 14.77
N ARG F 19 -35.23 -80.36 15.65
CA ARG F 19 -34.30 -80.03 16.70
C ARG F 19 -34.84 -80.52 18.04
N LEU F 20 -34.03 -81.28 18.76
CA LEU F 20 -34.41 -81.91 20.00
C LEU F 20 -33.57 -81.38 21.14
N PRO F 21 -34.02 -81.55 22.39
CA PRO F 21 -33.14 -81.26 23.52
C PRO F 21 -31.94 -82.17 23.50
N PRO F 22 -30.79 -81.73 24.07
CA PRO F 22 -29.50 -82.40 23.78
C PRO F 22 -29.39 -83.82 24.27
N GLU F 23 -29.95 -84.14 25.45
CA GLU F 23 -29.96 -85.52 25.92
C GLU F 23 -30.88 -86.39 25.05
N TYR F 24 -32.07 -85.87 24.73
CA TYR F 24 -32.97 -86.58 23.84
C TYR F 24 -32.43 -86.66 22.43
N ALA F 25 -31.65 -85.65 22.01
CA ALA F 25 -30.99 -85.73 20.72
C ALA F 25 -29.93 -86.80 20.71
N SER F 26 -29.25 -87.02 21.83
CA SER F 26 -28.24 -88.07 21.88
C SER F 26 -28.87 -89.45 21.85
N THR F 27 -30.01 -89.63 22.54
CA THR F 27 -30.69 -90.92 22.47
C THR F 27 -31.26 -91.20 21.08
N VAL F 28 -31.85 -90.18 20.44
CA VAL F 28 -32.37 -90.35 19.09
C VAL F 28 -31.23 -90.60 18.09
N ARG F 29 -30.08 -89.97 18.29
CA ARG F 29 -28.95 -90.17 17.39
C ARG F 29 -28.39 -91.58 17.51
N ARG F 30 -28.27 -92.08 18.74
CA ARG F 30 -27.81 -93.45 18.98
C ARG F 30 -28.78 -94.45 18.39
N ALA F 31 -30.08 -94.20 18.51
CA ALA F 31 -31.07 -95.13 17.95
C ALA F 31 -31.14 -95.06 16.43
N VAL F 32 -30.83 -93.90 15.83
CA VAL F 32 -30.81 -93.80 14.38
C VAL F 32 -29.59 -94.51 13.81
N GLN F 33 -28.42 -94.27 14.40
CA GLN F 33 -27.20 -94.91 13.93
C GLN F 33 -27.16 -96.39 14.24
N SER F 34 -27.97 -96.86 15.20
CA SER F 34 -28.10 -98.31 15.39
C SER F 34 -28.81 -98.95 14.20
N GLY F 35 -30.00 -98.47 13.87
CA GLY F 35 -30.65 -98.83 12.63
C GLY F 35 -31.79 -99.83 12.73
N HIS F 36 -32.10 -100.31 13.94
CA HIS F 36 -33.23 -101.26 14.13
C HIS F 36 -34.58 -100.53 13.98
N VAL F 37 -35.67 -101.29 13.90
CA VAL F 37 -37.03 -100.67 13.81
C VAL F 37 -37.50 -100.37 15.24
N ASN F 38 -36.66 -100.67 16.23
CA ASN F 38 -36.99 -100.33 17.64
C ASN F 38 -37.16 -98.81 17.72
N LEU F 39 -36.36 -98.07 16.97
CA LEU F 39 -36.45 -96.58 16.96
C LEU F 39 -37.85 -96.18 16.49
N LYS F 40 -38.44 -96.93 15.55
CA LYS F 40 -39.75 -96.51 14.99
C LYS F 40 -40.78 -96.41 16.11
N ASP F 41 -40.83 -97.40 17.00
CA ASP F 41 -41.76 -97.35 18.16
C ASP F 41 -41.36 -96.21 19.10
N ARG F 42 -40.06 -96.02 19.32
CA ARG F 42 -39.57 -95.01 20.31
C ARG F 42 -39.87 -93.58 19.87
N LEU F 43 -39.73 -93.25 18.58
CA LEU F 43 -39.84 -91.87 18.16
C LEU F 43 -41.13 -91.66 17.36
N THR F 44 -42.04 -90.82 17.88
CA THR F 44 -43.26 -90.47 17.16
C THR F 44 -43.38 -88.96 17.07
N ILE F 45 -44.21 -88.50 16.13
CA ILE F 45 -44.42 -87.07 15.88
C ILE F 45 -45.91 -86.84 15.67
N GLU F 46 -46.49 -86.01 16.53
CA GLU F 46 -47.94 -85.65 16.41
C GLU F 46 -48.02 -84.14 16.12
N LEU F 47 -48.55 -83.77 14.96
CA LEU F 47 -48.68 -82.38 14.55
C LEU F 47 -50.12 -81.93 14.76
N HIS F 48 -50.30 -80.86 15.52
CA HIS F 48 -51.61 -80.40 15.92
C HIS F 48 -52.29 -79.63 14.79
N PRO F 49 -53.62 -79.53 14.79
CA PRO F 49 -54.32 -78.82 13.70
C PRO F 49 -54.12 -77.31 13.70
N ASP F 50 -53.41 -76.75 14.67
CA ASP F 50 -52.89 -75.39 14.53
C ASP F 50 -51.97 -75.29 13.33
N GLY F 51 -51.14 -76.31 13.12
CA GLY F 51 -50.15 -76.31 12.07
C GLY F 51 -48.78 -75.85 12.53
N ARG F 52 -48.70 -75.16 13.66
CA ARG F 52 -47.44 -74.68 14.20
C ARG F 52 -47.21 -75.18 15.62
N HIS F 53 -47.77 -76.34 15.97
CA HIS F 53 -47.61 -76.87 17.31
C HIS F 53 -47.59 -78.39 17.21
N GLY F 54 -46.83 -79.02 18.10
CA GLY F 54 -46.77 -80.47 18.04
C GLY F 54 -46.26 -81.08 19.32
N ILE F 55 -46.26 -82.40 19.34
CA ILE F 55 -45.53 -83.20 20.32
C ILE F 55 -44.56 -84.07 19.54
N VAL F 56 -43.29 -84.08 19.96
CA VAL F 56 -42.39 -85.17 19.58
C VAL F 56 -42.22 -86.05 20.79
N ARG F 57 -42.49 -87.35 20.63
CA ARG F 57 -42.42 -88.27 21.78
C ARG F 57 -41.16 -89.14 21.64
N VAL F 58 -40.15 -88.88 22.47
CA VAL F 58 -38.89 -89.68 22.43
C VAL F 58 -38.96 -90.71 23.55
N ASP F 59 -38.92 -92.00 23.21
CA ASP F 59 -39.06 -93.07 24.24
C ASP F 59 -40.37 -92.88 25.01
N ARG F 60 -41.43 -92.48 24.32
CA ARG F 60 -42.76 -92.29 24.96
C ARG F 60 -42.72 -91.14 25.97
N VAL F 61 -41.74 -90.23 25.86
CA VAL F 61 -41.73 -89.04 26.75
C VAL F 61 -42.14 -87.82 25.90
N PRO F 62 -43.29 -87.17 26.18
CA PRO F 62 -43.78 -86.05 25.36
C PRO F 62 -42.91 -84.80 25.45
N LEU F 63 -42.64 -84.14 24.32
CA LEU F 63 -41.86 -82.86 24.31
C LEU F 63 -42.69 -81.86 23.51
N ALA F 64 -42.65 -80.57 23.88
CA ALA F 64 -43.54 -79.62 23.21
C ALA F 64 -42.82 -78.99 22.02
N SER F 65 -43.51 -78.91 20.89
CA SER F 65 -42.85 -78.55 19.66
C SER F 65 -43.53 -77.38 18.99
N LYS F 66 -42.73 -76.65 18.23
CA LYS F 66 -43.22 -75.54 17.43
C LYS F 66 -42.56 -75.62 16.06
N LEU F 67 -43.36 -75.53 15.01
CA LEU F 67 -42.84 -75.51 13.66
C LEU F 67 -42.58 -74.07 13.25
N VAL F 68 -41.31 -73.71 13.09
CA VAL F 68 -40.90 -72.34 12.88
C VAL F 68 -40.34 -72.20 11.46
N ASP F 69 -40.32 -70.95 10.98
CA ASP F 69 -39.82 -70.60 9.66
C ASP F 69 -38.38 -70.15 9.78
N LEU F 70 -37.56 -70.65 8.96
CA LEU F 70 -36.14 -70.36 9.00
C LEU F 70 -35.80 -69.17 8.11
N PRO F 71 -34.82 -68.35 8.50
CA PRO F 71 -34.60 -67.09 7.78
C PRO F 71 -33.93 -67.27 6.44
N CYS F 72 -33.02 -68.24 6.32
CA CYS F 72 -32.37 -68.58 5.07
C CYS F 72 -33.13 -69.72 4.42
N VAL F 73 -32.67 -70.11 3.23
CA VAL F 73 -33.24 -71.25 2.52
C VAL F 73 -32.16 -72.32 2.41
N MET F 74 -32.47 -73.52 2.90
CA MET F 74 -31.54 -74.63 2.75
C MET F 74 -32.01 -75.55 1.64
N GLU F 75 -31.07 -76.31 1.09
CA GLU F 75 -31.43 -77.24 0.00
C GLU F 75 -30.68 -78.55 0.23
N SER F 76 -31.40 -79.67 0.23
CA SER F 76 -30.75 -80.97 0.36
C SER F 76 -30.18 -81.39 -0.97
N LEU F 77 -28.93 -81.85 -0.96
CA LEU F 77 -28.21 -82.17 -2.17
C LEU F 77 -27.63 -83.57 -2.04
N LYS F 78 -28.11 -84.49 -2.86
CA LYS F 78 -27.63 -85.87 -2.81
C LYS F 78 -26.55 -86.10 -3.85
N THR F 79 -25.75 -87.13 -3.62
CA THR F 79 -24.67 -87.44 -4.53
C THR F 79 -24.40 -88.92 -4.53
N ILE F 80 -23.79 -89.39 -5.61
CA ILE F 80 -23.38 -90.78 -5.74
C ILE F 80 -21.86 -90.89 -5.81
N ASP F 81 -21.16 -89.88 -6.32
CA ASP F 81 -19.73 -89.90 -6.48
C ASP F 81 -19.00 -88.82 -5.68
N LYS F 82 -19.72 -87.98 -4.94
CA LYS F 82 -19.20 -86.84 -4.18
C LYS F 82 -18.49 -85.81 -5.05
N LYS F 83 -18.83 -85.74 -6.34
CA LYS F 83 -18.34 -84.68 -7.21
C LYS F 83 -19.46 -83.89 -7.86
N THR F 84 -20.58 -84.53 -8.19
CA THR F 84 -21.75 -83.87 -8.73
C THR F 84 -22.91 -84.08 -7.77
N PHE F 85 -23.63 -83.01 -7.46
CA PHE F 85 -24.64 -83.00 -6.41
C PHE F 85 -25.95 -82.58 -7.02
N TYR F 86 -27.01 -83.32 -6.72
CA TYR F 86 -28.33 -83.09 -7.30
C TYR F 86 -29.26 -82.59 -6.20
N LYS F 87 -29.94 -81.48 -6.47
CA LYS F 87 -30.82 -80.89 -5.48
C LYS F 87 -32.08 -81.72 -5.33
N THR F 88 -32.41 -82.10 -4.09
CA THR F 88 -33.55 -82.98 -3.86
C THR F 88 -34.75 -82.25 -3.28
N ALA F 89 -34.54 -81.28 -2.40
CA ALA F 89 -35.65 -80.55 -1.79
C ALA F 89 -35.16 -79.23 -1.24
N ASP F 90 -36.12 -78.37 -0.92
CA ASP F 90 -35.88 -77.10 -0.24
C ASP F 90 -36.40 -77.20 1.20
N ILE F 91 -35.56 -76.84 2.15
CA ILE F 91 -35.90 -76.84 3.56
C ILE F 91 -36.04 -75.40 4.02
N CYS F 92 -37.16 -75.10 4.66
CA CYS F 92 -37.41 -73.79 5.22
C CYS F 92 -38.05 -73.84 6.60
N GLN F 93 -38.24 -75.03 7.17
CA GLN F 93 -38.98 -75.15 8.42
C GLN F 93 -38.28 -76.11 9.37
N MET F 94 -38.46 -75.80 10.65
CA MET F 94 -37.81 -76.56 11.71
C MET F 94 -38.79 -76.82 12.83
N LEU F 95 -38.84 -78.07 13.29
CA LEU F 95 -39.76 -78.46 14.40
C LEU F 95 -38.96 -78.46 15.70
N VAL F 96 -38.63 -77.27 16.22
CA VAL F 96 -37.85 -77.16 17.49
C VAL F 96 -38.70 -77.77 18.61
N SER F 97 -38.06 -78.53 19.50
CA SER F 97 -38.80 -79.20 20.60
C SER F 97 -38.11 -78.89 21.94
N THR F 98 -38.87 -78.86 23.02
CA THR F 98 -38.30 -78.61 24.37
C THR F 98 -39.20 -79.25 25.44
N GLU F 127 -47.00 -66.44 12.64
CA GLU F 127 -46.93 -65.29 13.59
C GLU F 127 -45.47 -64.96 13.90
N LYS F 128 -45.25 -63.94 14.73
CA LYS F 128 -43.87 -63.53 15.09
C LYS F 128 -43.18 -64.68 15.83
N LYS F 129 -43.91 -65.38 16.70
CA LYS F 129 -43.33 -66.50 17.49
C LYS F 129 -42.89 -67.65 16.57
N PHE F 130 -43.56 -67.82 15.42
CA PHE F 130 -43.26 -68.96 14.53
C PHE F 130 -42.17 -68.57 13.52
N ILE F 131 -41.54 -67.42 13.71
CA ILE F 131 -40.41 -67.03 12.83
C ILE F 131 -39.11 -67.17 13.63
N TRP F 132 -38.14 -67.92 13.10
CA TRP F 132 -36.84 -68.11 13.78
C TRP F 132 -35.85 -67.06 13.25
N ASN F 133 -35.15 -66.34 14.12
CA ASN F 133 -34.27 -65.27 13.68
C ASN F 133 -32.90 -65.79 13.26
N HIS F 134 -32.43 -66.85 13.91
CA HIS F 134 -31.10 -67.36 13.67
C HIS F 134 -31.09 -68.42 12.58
N GLY F 135 -29.94 -68.64 11.99
CA GLY F 135 -29.77 -69.70 11.01
C GLY F 135 -29.15 -70.93 11.65
N ILE F 136 -29.10 -72.06 10.93
CA ILE F 136 -28.69 -73.30 11.55
C ILE F 136 -27.18 -73.31 11.81
N THR F 137 -26.39 -72.83 10.86
CA THR F 137 -24.95 -72.83 11.03
C THR F 137 -24.51 -71.79 12.05
N LEU F 138 -23.32 -72.03 12.60
CA LEU F 138 -22.70 -71.07 13.52
C LEU F 138 -22.45 -69.67 12.97
N PRO F 139 -21.97 -69.45 11.73
CA PRO F 139 -21.77 -68.05 11.29
C PRO F 139 -23.05 -67.28 11.12
N LEU F 140 -24.15 -67.97 10.86
CA LEU F 140 -25.45 -67.36 10.67
C LEU F 140 -26.17 -67.37 12.00
N LYS F 141 -26.04 -66.28 12.75
CA LYS F 141 -26.73 -66.09 14.00
C LYS F 141 -27.19 -64.65 14.02
N ASN F 142 -28.47 -64.43 14.33
CA ASN F 142 -29.05 -63.05 14.22
C ASN F 142 -28.96 -62.63 12.76
N VAL F 143 -29.13 -63.57 11.82
CA VAL F 143 -29.05 -63.27 10.36
C VAL F 143 -30.20 -62.35 9.99
N ARG F 144 -31.40 -62.64 10.47
CA ARG F 144 -32.58 -61.84 10.06
C ARG F 144 -32.36 -60.39 10.50
N LYS F 145 -31.91 -60.20 11.74
CA LYS F 145 -31.65 -58.83 12.25
C LYS F 145 -30.42 -58.16 11.61
N ARG F 146 -29.30 -58.86 11.46
CA ARG F 146 -28.06 -58.16 11.00
C ARG F 146 -27.66 -58.44 9.55
N ARG F 147 -27.62 -59.70 9.12
CA ARG F 147 -27.11 -60.01 7.75
C ARG F 147 -28.24 -59.98 6.71
N PHE F 148 -29.43 -59.51 7.07
CA PHE F 148 -30.49 -59.41 6.03
C PHE F 148 -30.83 -57.97 5.70
N ARG F 149 -30.74 -57.60 4.41
CA ARG F 149 -31.10 -56.23 3.96
C ARG F 149 -32.62 -56.09 4.02
N LYS F 150 -33.12 -55.03 4.64
CA LYS F 150 -34.59 -54.90 4.81
C LYS F 150 -35.12 -53.78 3.92
N THR F 151 -36.07 -54.09 3.03
CA THR F 151 -36.70 -53.04 2.18
C THR F 151 -38.20 -53.04 2.45
N ALA F 152 -38.76 -51.87 2.80
CA ALA F 152 -40.20 -51.77 3.13
C ALA F 152 -40.79 -50.49 2.53
N LYS F 153 -42.12 -50.47 2.34
CA LYS F 153 -42.79 -49.26 1.79
C LYS F 153 -42.99 -48.24 2.92
N ASP F 161 -50.62 -60.44 5.00
CA ASP F 161 -51.30 -59.99 6.24
C ASP F 161 -51.91 -58.61 6.01
N VAL F 162 -51.07 -57.60 5.74
CA VAL F 162 -51.57 -56.21 5.49
C VAL F 162 -52.46 -56.22 4.25
N GLU F 163 -52.05 -56.95 3.21
CA GLU F 163 -52.85 -57.02 1.95
C GLU F 163 -54.20 -57.68 2.27
N LYS F 164 -54.19 -58.73 3.08
CA LYS F 164 -55.46 -59.44 3.46
C LYS F 164 -56.35 -58.47 4.24
N GLU F 165 -55.78 -57.68 5.14
CA GLU F 165 -56.57 -56.69 5.93
C GLU F 165 -57.18 -55.66 4.97
N VAL F 166 -56.41 -55.21 3.98
CA VAL F 166 -56.92 -54.22 2.98
C VAL F 166 -58.08 -54.86 2.20
N LYS F 167 -57.95 -56.13 1.82
CA LYS F 167 -59.03 -56.85 1.08
C LYS F 167 -60.28 -56.91 1.97
N ARG F 168 -60.12 -57.21 3.26
CA ARG F 168 -61.28 -57.27 4.19
C ARG F 168 -61.93 -55.89 4.26
N LEU F 169 -61.12 -54.83 4.32
CA LEU F 169 -61.66 -53.45 4.39
C LEU F 169 -62.45 -53.15 3.11
N LEU F 170 -61.93 -53.55 1.96
CA LEU F 170 -62.62 -53.31 0.66
C LEU F 170 -63.95 -54.07 0.66
N SER F 171 -63.95 -55.30 1.18
CA SER F 171 -65.20 -56.11 1.24
C SER F 171 -66.22 -55.41 2.14
N THR F 172 -65.77 -54.87 3.29
CA THR F 172 -66.70 -54.14 4.20
C THR F 172 -67.25 -52.90 3.48
N ASP F 173 -66.40 -52.18 2.73
CA ASP F 173 -66.86 -50.98 1.98
C ASP F 173 -67.93 -51.41 0.96
N ALA F 174 -67.70 -52.53 0.28
CA ALA F 174 -68.68 -53.05 -0.72
C ALA F 174 -70.00 -53.40 -0.03
N GLU F 175 -69.97 -54.05 1.14
CA GLU F 175 -71.22 -54.50 1.81
C GLU F 175 -71.95 -53.29 2.39
N ALA F 176 -71.31 -52.11 2.35
CA ALA F 176 -71.88 -50.91 2.97
C ALA F 176 -72.79 -50.16 1.99
N VAL F 177 -73.14 -48.92 2.36
CA VAL F 177 -73.98 -48.07 1.47
C VAL F 177 -73.21 -46.76 1.21
N SER F 178 -72.84 -46.05 2.28
CA SER F 178 -72.11 -44.75 2.13
C SER F 178 -70.75 -44.84 2.82
N THR F 179 -69.68 -44.42 2.14
CA THR F 179 -68.31 -44.44 2.72
C THR F 179 -67.75 -43.02 2.79
N ARG F 180 -67.27 -42.60 3.97
CA ARG F 180 -66.66 -41.24 4.13
C ARG F 180 -65.20 -41.40 4.56
N TRP F 181 -64.28 -40.73 3.87
CA TRP F 181 -62.83 -40.90 4.16
C TRP F 181 -62.11 -39.56 4.30
N GLU F 182 -61.18 -39.44 5.24
CA GLU F 182 -60.31 -38.23 5.30
C GLU F 182 -58.93 -38.63 5.84
N ILE F 183 -57.84 -38.20 5.19
CA ILE F 183 -56.48 -38.45 5.78
C ILE F 183 -56.49 -37.56 7.02
N ILE F 184 -56.06 -38.06 8.18
CA ILE F 184 -56.28 -37.21 9.35
C ILE F 184 -55.00 -36.59 9.93
N ALA F 185 -55.14 -35.88 11.04
CA ALA F 185 -53.99 -35.41 11.81
C ALA F 185 -54.08 -36.00 13.22
N GLU F 186 -53.32 -35.43 14.15
CA GLU F 186 -53.33 -35.90 15.54
C GLU F 186 -54.69 -35.70 16.21
N ASP F 187 -55.29 -36.80 16.65
CA ASP F 187 -56.61 -36.77 17.29
C ASP F 187 -56.86 -38.02 18.12
N ASN G 24 23.23 43.08 -39.71
CA ASN G 24 22.79 43.84 -40.89
C ASN G 24 21.45 44.48 -40.60
N PRO G 25 20.33 43.78 -40.33
CA PRO G 25 19.04 44.42 -40.13
C PRO G 25 18.91 45.40 -38.96
N ALA G 26 19.54 45.12 -37.80
CA ALA G 26 19.50 46.02 -36.63
C ALA G 26 20.26 47.30 -36.97
N ASP G 27 21.36 47.19 -37.73
CA ASP G 27 22.16 48.34 -38.15
C ASP G 27 21.23 49.08 -39.08
N ASN G 28 20.52 48.38 -39.97
CA ASN G 28 19.65 48.99 -40.99
C ASN G 28 18.49 49.73 -40.36
N TYR G 29 17.92 49.18 -39.27
CA TYR G 29 16.82 49.85 -38.53
C TYR G 29 17.24 51.28 -38.19
N HIS G 30 18.43 51.44 -37.60
CA HIS G 30 18.93 52.80 -37.25
C HIS G 30 19.45 53.54 -38.49
N LEU G 31 20.16 52.84 -39.35
CA LEU G 31 20.84 53.47 -40.49
C LEU G 31 19.88 53.97 -41.55
N ALA G 32 18.78 53.31 -41.79
CA ALA G 32 17.88 53.77 -42.84
C ALA G 32 17.48 55.13 -42.35
N ARG G 33 17.04 55.26 -41.09
CA ARG G 33 16.60 56.60 -40.66
C ARG G 33 17.75 57.60 -40.49
N ARG G 34 19.01 57.17 -40.32
CA ARG G 34 20.11 58.15 -40.29
C ARG G 34 20.57 58.57 -41.68
N ARG G 35 20.57 57.61 -42.61
CA ARG G 35 21.02 57.88 -44.00
C ARG G 35 20.02 58.80 -44.67
N THR G 36 18.71 58.64 -44.40
CA THR G 36 17.78 59.63 -44.97
C THR G 36 18.15 60.97 -44.35
N LEU G 37 18.46 61.02 -43.05
CA LEU G 37 18.77 62.35 -42.49
C LEU G 37 20.01 62.94 -43.16
N GLN G 38 21.01 62.12 -43.46
CA GLN G 38 22.24 62.58 -44.15
C GLN G 38 21.94 63.08 -45.55
N VAL G 39 21.09 62.42 -46.30
CA VAL G 39 20.73 62.86 -47.67
C VAL G 39 19.98 64.17 -47.56
N VAL G 40 19.13 64.33 -46.55
CA VAL G 40 18.43 65.62 -46.35
C VAL G 40 19.47 66.69 -46.11
N VAL G 41 20.46 66.40 -45.29
CA VAL G 41 21.50 67.41 -45.00
C VAL G 41 22.25 67.74 -46.28
N SER G 42 22.62 66.74 -47.07
CA SER G 42 23.42 66.97 -48.29
C SER G 42 22.60 67.85 -49.23
N SER G 43 21.31 67.58 -49.35
CA SER G 43 20.41 68.37 -50.23
C SER G 43 20.28 69.82 -49.77
N LEU G 44 20.10 70.06 -48.48
CA LEU G 44 20.07 71.47 -48.00
C LEU G 44 21.41 72.17 -48.24
N LEU G 45 22.52 71.45 -48.06
CA LEU G 45 23.85 72.03 -48.34
C LEU G 45 23.97 72.39 -49.82
N THR G 46 23.50 71.53 -50.71
CA THR G 46 23.56 71.82 -52.15
C THR G 46 22.70 73.05 -52.44
N GLU G 47 21.54 73.16 -51.81
CA GLU G 47 20.64 74.29 -52.09
C GLU G 47 21.36 75.56 -51.67
N ALA G 48 22.06 75.51 -50.55
CA ALA G 48 22.86 76.68 -50.10
C ALA G 48 23.86 77.11 -51.17
N GLY G 49 24.62 76.19 -51.76
CA GLY G 49 25.69 76.53 -52.71
C GLY G 49 26.89 75.63 -52.55
N PHE G 50 26.89 74.78 -51.55
CA PHE G 50 28.05 73.93 -51.29
C PHE G 50 28.02 72.70 -52.20
N GLU G 51 29.11 72.41 -52.90
CA GLU G 51 29.21 71.18 -53.70
C GLU G 51 30.45 70.52 -53.13
N SER G 52 30.38 69.26 -52.71
CA SER G 52 31.53 68.61 -52.04
C SER G 52 31.84 69.25 -50.70
N ALA G 53 31.34 68.68 -49.62
CA ALA G 53 31.62 69.09 -48.26
C ALA G 53 32.58 68.12 -47.58
N GLU G 54 33.18 68.58 -46.48
CA GLU G 54 34.01 67.73 -45.64
C GLU G 54 33.15 66.65 -44.98
N LYS G 55 33.75 65.50 -44.72
CA LYS G 55 32.99 64.36 -44.23
C LYS G 55 32.55 64.57 -42.79
N ALA G 56 33.44 65.08 -41.93
CA ALA G 56 33.08 65.32 -40.53
C ALA G 56 32.08 66.45 -40.37
N SER G 57 31.97 67.34 -41.37
CA SER G 57 31.00 68.43 -41.32
C SER G 57 29.60 67.98 -41.72
N VAL G 58 29.47 66.83 -42.38
CA VAL G 58 28.16 66.30 -42.72
C VAL G 58 27.60 65.47 -41.57
N GLU G 59 28.41 64.60 -40.96
CA GLU G 59 27.97 63.89 -39.76
C GLU G 59 27.82 64.79 -38.55
N THR G 60 28.41 65.99 -38.55
CA THR G 60 28.09 66.96 -37.52
C THR G 60 26.69 67.51 -37.73
N LEU G 61 26.38 67.95 -38.95
CA LEU G 61 25.12 68.65 -39.20
C LEU G 61 23.93 67.71 -39.19
N THR G 62 24.12 66.44 -39.56
CA THR G 62 23.02 65.49 -39.46
C THR G 62 22.85 64.95 -38.05
N GLU G 63 23.81 65.22 -37.16
CA GLU G 63 23.63 64.93 -35.74
C GLU G 63 22.88 66.05 -35.06
N MET G 64 23.08 67.29 -35.51
CA MET G 64 22.26 68.40 -35.03
C MET G 64 20.85 68.36 -35.61
N LEU G 65 20.64 67.66 -36.73
CA LEU G 65 19.30 67.54 -37.29
C LEU G 65 18.50 66.48 -36.55
N GLN G 66 19.12 65.35 -36.22
CA GLN G 66 18.43 64.32 -35.45
C GLN G 66 18.14 64.79 -34.04
N SER G 67 19.08 65.51 -33.43
CA SER G 67 18.87 66.08 -32.11
C SER G 67 17.85 67.19 -32.09
N TYR G 68 17.54 67.79 -33.24
CA TYR G 68 16.52 68.83 -33.31
C TYR G 68 15.12 68.26 -33.46
N ILE G 69 14.97 67.18 -34.25
CA ILE G 69 13.67 66.53 -34.35
C ILE G 69 13.33 65.83 -33.04
N SER G 70 14.33 65.26 -32.37
CA SER G 70 14.12 64.61 -31.08
C SER G 70 13.86 65.59 -29.95
N GLU G 71 14.13 66.89 -30.15
CA GLU G 71 13.89 67.88 -29.11
C GLU G 71 12.53 68.53 -29.23
N ILE G 72 12.00 68.67 -30.45
CA ILE G 72 10.58 69.03 -30.59
C ILE G 72 9.69 67.83 -30.30
N GLY G 73 10.23 66.62 -30.35
CA GLY G 73 9.46 65.47 -29.93
C GLY G 73 9.26 65.43 -28.43
N ARG G 74 10.32 65.70 -27.68
CA ARG G 74 10.24 65.61 -26.22
C ARG G 74 9.60 66.83 -25.60
N SER G 75 9.72 67.99 -26.24
CA SER G 75 9.24 69.22 -25.60
C SER G 75 7.81 69.56 -25.97
N ALA G 76 7.36 69.23 -27.18
CA ALA G 76 5.96 69.46 -27.52
C ALA G 76 5.06 68.40 -26.92
N LYS G 77 5.61 67.21 -26.66
CA LYS G 77 4.89 66.23 -25.86
C LYS G 77 4.79 66.67 -24.40
N SER G 78 5.83 67.35 -23.91
CA SER G 78 5.82 67.83 -22.53
C SER G 78 4.87 69.02 -22.37
N TYR G 79 4.74 69.86 -23.39
CA TYR G 79 3.87 71.01 -23.27
C TYR G 79 2.40 70.62 -23.38
N CYS G 80 2.09 69.59 -24.16
CA CYS G 80 0.69 69.15 -24.26
C CYS G 80 0.27 68.34 -23.03
N GLU G 81 1.15 67.46 -22.55
CA GLU G 81 0.85 66.67 -21.37
C GLU G 81 0.83 67.50 -20.09
N HIS G 82 1.48 68.67 -20.09
CA HIS G 82 1.30 69.60 -18.99
C HIS G 82 -0.12 70.17 -18.99
N THR G 83 -0.74 70.29 -20.16
CA THR G 83 -2.12 70.71 -20.29
C THR G 83 -3.08 69.54 -20.37
N ALA G 84 -2.71 68.40 -19.78
CA ALA G 84 -3.53 67.20 -19.59
C ALA G 84 -3.96 66.53 -20.89
N ARG G 85 -3.28 66.79 -22.01
CA ARG G 85 -3.60 66.17 -23.28
C ARG G 85 -2.56 65.13 -23.64
N THR G 86 -2.85 64.36 -24.69
CA THR G 86 -1.96 63.30 -25.14
C THR G 86 -1.39 63.50 -26.52
N GLN G 87 -2.10 64.18 -27.43
CA GLN G 87 -1.48 64.45 -28.71
C GLN G 87 -1.39 65.95 -28.94
N PRO G 88 -0.27 66.43 -29.49
CA PRO G 88 -0.03 67.88 -29.53
C PRO G 88 -0.66 68.56 -30.73
N THR G 89 -1.21 69.75 -30.46
CA THR G 89 -1.85 70.57 -31.48
C THR G 89 -0.82 71.52 -32.08
N LEU G 90 -1.30 72.52 -32.83
CA LEU G 90 -0.42 73.53 -33.37
C LEU G 90 0.05 74.49 -32.28
N SER G 91 -0.80 74.78 -31.29
CA SER G 91 -0.46 75.72 -30.24
C SER G 91 0.59 75.19 -29.27
N ASP G 92 0.87 73.88 -29.31
CA ASP G 92 1.91 73.30 -28.48
C ASP G 92 3.27 73.30 -29.15
N ILE G 93 3.33 73.48 -30.47
CA ILE G 93 4.59 73.47 -31.21
C ILE G 93 5.06 74.90 -31.42
N VAL G 94 4.11 75.82 -31.60
CA VAL G 94 4.48 77.24 -31.71
C VAL G 94 4.86 77.83 -30.36
N VAL G 95 4.63 77.13 -29.25
CA VAL G 95 5.26 77.47 -27.99
C VAL G 95 6.53 76.67 -27.78
N THR G 96 6.64 75.47 -28.36
CA THR G 96 7.87 74.68 -28.31
C THR G 96 8.97 75.32 -29.14
N LEU G 97 8.64 75.83 -30.33
CA LEU G 97 9.64 76.44 -31.18
C LEU G 97 10.05 77.82 -30.67
N VAL G 98 9.14 78.51 -29.96
CA VAL G 98 9.50 79.76 -29.28
C VAL G 98 10.52 79.51 -28.19
N GLU G 99 10.35 78.41 -27.43
CA GLU G 99 11.30 78.09 -26.37
C GLU G 99 12.61 77.53 -26.89
N MET G 100 12.74 77.32 -28.20
CA MET G 100 14.02 77.02 -28.82
C MET G 100 14.56 78.18 -29.63
N GLY G 101 13.85 79.32 -29.66
CA GLY G 101 14.31 80.48 -30.39
C GLY G 101 14.29 80.30 -31.90
N PHE G 102 13.11 80.19 -32.49
CA PHE G 102 13.00 79.85 -33.89
C PHE G 102 12.51 80.97 -34.79
N ASN G 103 11.69 81.90 -34.27
CA ASN G 103 11.01 82.94 -35.04
C ASN G 103 10.14 82.33 -36.15
N VAL G 104 9.07 81.68 -35.68
CA VAL G 104 8.18 80.82 -36.45
C VAL G 104 7.59 81.50 -37.69
N ASP G 105 7.44 82.83 -37.68
CA ASP G 105 6.82 83.57 -38.77
C ASP G 105 7.61 83.49 -40.08
N THR G 106 8.91 83.21 -40.02
CA THR G 106 9.70 83.09 -41.24
C THR G 106 9.53 81.76 -41.95
N LEU G 107 8.80 80.81 -41.36
CA LEU G 107 8.59 79.49 -41.93
C LEU G 107 7.63 79.39 -43.13
N PRO G 108 6.54 80.19 -43.23
CA PRO G 108 5.79 80.18 -44.50
C PRO G 108 6.57 80.66 -45.71
N ALA G 109 7.59 81.50 -45.53
CA ALA G 109 8.40 81.91 -46.67
C ALA G 109 9.44 80.86 -47.03
N TYR G 110 9.90 80.08 -46.05
CA TYR G 110 10.88 79.03 -46.33
C TYR G 110 10.24 77.84 -47.05
N ALA G 111 8.96 77.58 -46.79
CA ALA G 111 8.32 76.41 -47.37
C ALA G 111 8.03 76.58 -48.85
N LYS G 112 7.94 77.82 -49.33
CA LYS G 112 7.57 78.10 -50.72
C LYS G 112 8.78 78.46 -51.55
N ARG G 113 9.92 77.80 -51.32
CA ARG G 113 11.09 77.99 -52.14
C ARG G 113 10.88 77.42 -53.54
N SER G 114 11.70 77.88 -54.47
CA SER G 114 11.79 77.29 -55.79
C SER G 114 12.99 76.37 -55.95
N GLN G 115 13.88 76.35 -54.96
CA GLN G 115 15.11 75.57 -55.03
C GLN G 115 15.02 74.24 -54.30
N ARG G 116 13.89 73.95 -53.68
CA ARG G 116 13.79 72.84 -52.74
C ARG G 116 13.75 71.50 -53.45
N MET G 117 14.25 70.48 -52.77
CA MET G 117 14.25 69.10 -53.23
C MET G 117 13.30 68.28 -52.36
N VAL G 118 13.11 67.02 -52.75
CA VAL G 118 12.28 66.07 -52.00
C VAL G 118 13.01 64.74 -51.98
N ILE G 119 13.41 64.32 -50.77
CA ILE G 119 14.12 63.04 -50.58
C ILE G 119 13.04 62.02 -50.26
N THR G 120 12.89 61.01 -51.09
CA THR G 120 11.92 59.92 -50.90
C THR G 120 12.37 59.05 -49.73
N ALA G 121 11.40 58.54 -48.97
CA ALA G 121 11.61 57.92 -47.65
C ALA G 121 12.33 56.60 -47.81
N PRO G 122 13.01 56.07 -46.78
CA PRO G 122 13.80 54.86 -46.93
C PRO G 122 12.97 53.65 -47.35
N PRO G 123 13.46 52.77 -48.25
CA PRO G 123 12.62 51.68 -48.70
C PRO G 123 12.25 50.75 -47.54
N VAL G 124 11.02 50.22 -47.49
CA VAL G 124 10.55 49.39 -46.34
C VAL G 124 10.49 47.90 -46.71
N THR G 125 10.99 47.03 -45.83
CA THR G 125 10.98 45.56 -46.04
C THR G 125 9.65 45.02 -45.58
N ASN G 126 8.86 45.86 -44.93
CA ASN G 126 7.50 45.45 -44.52
C ASN G 126 6.65 45.15 -45.75
N GLN G 127 6.82 45.88 -46.85
CA GLN G 127 5.94 45.59 -48.01
C GLN G 127 6.14 44.11 -48.31
N PRO G 128 7.38 43.56 -48.38
CA PRO G 128 7.55 42.12 -48.44
C PRO G 128 7.52 41.58 -46.99
N VAL G 129 6.40 41.74 -46.28
CA VAL G 129 6.24 41.25 -44.88
C VAL G 129 6.21 39.72 -44.79
N THR G 130 5.46 39.05 -45.65
CA THR G 130 5.31 37.59 -45.45
C THR G 130 5.49 36.79 -46.75
N PRO G 131 6.59 36.03 -46.92
CA PRO G 131 6.74 35.17 -48.10
C PRO G 131 5.84 33.93 -48.16
N LYS G 132 5.71 33.16 -47.06
CA LYS G 132 4.91 31.90 -47.12
C LYS G 132 4.34 31.50 -45.75
N ALA G 133 3.04 31.20 -45.69
CA ALA G 133 2.39 30.75 -44.43
C ALA G 133 1.55 29.48 -44.70
N LEU G 134 1.71 28.43 -43.89
CA LEU G 134 1.02 27.12 -44.15
C LEU G 134 0.74 26.36 -42.85
N THR G 135 -0.06 25.29 -42.92
CA THR G 135 -0.43 24.49 -41.73
C THR G 135 -0.08 23.01 -41.96
N ALA G 136 -0.11 22.18 -40.90
CA ALA G 136 0.25 20.74 -41.01
C ALA G 136 -0.74 19.86 -40.24
N GLY G 137 -0.78 18.55 -40.55
CA GLY G 137 -1.66 17.58 -39.86
C GLY G 137 -0.86 16.41 -39.30
N GLN G 138 -1.45 15.57 -38.43
CA GLN G 138 -0.77 14.41 -37.75
C GLN G 138 -0.15 14.84 -36.41
N ASN G 139 -0.22 16.12 -36.07
CA ASN G 139 0.26 16.60 -34.75
C ASN G 139 -0.59 15.93 -33.68
N ARG G 140 0.03 15.48 -32.59
CA ARG G 140 -0.71 14.78 -31.51
C ARG G 140 -1.64 15.79 -30.84
N PRO G 141 -2.79 15.35 -30.27
CA PRO G 141 -3.77 16.28 -29.71
C PRO G 141 -3.27 17.11 -28.52
N HIS G 142 -3.98 18.21 -28.19
CA HIS G 142 -3.60 18.95 -27.01
C HIS G 142 -4.15 18.28 -25.75
N PRO G 143 -3.33 18.16 -24.70
CA PRO G 143 -3.85 17.78 -23.39
C PRO G 143 -4.72 18.88 -22.82
N PRO G 144 -5.64 18.58 -21.89
CA PRO G 144 -6.63 19.58 -21.47
C PRO G 144 -6.08 20.75 -20.67
N HIS G 145 -4.81 20.76 -20.29
CA HIS G 145 -4.22 21.92 -19.66
C HIS G 145 -3.63 22.89 -20.68
N ILE G 146 -3.72 22.58 -21.97
CA ILE G 146 -3.29 23.46 -23.04
C ILE G 146 -4.52 23.83 -23.87
N PRO G 147 -4.93 25.09 -23.92
CA PRO G 147 -6.06 25.49 -24.76
C PRO G 147 -5.74 25.39 -26.25
N SER G 148 -6.78 25.61 -27.05
CA SER G 148 -6.68 25.42 -28.49
C SER G 148 -5.90 26.52 -29.19
N HIS G 149 -5.75 27.69 -28.56
CA HIS G 149 -5.12 28.82 -29.21
C HIS G 149 -3.59 28.78 -29.15
N PHE G 150 -3.03 27.89 -28.35
CA PHE G 150 -1.59 27.67 -28.38
C PHE G 150 -1.23 26.90 -29.65
N PRO G 151 0.02 26.99 -30.11
CA PRO G 151 0.41 26.28 -31.33
C PRO G 151 0.28 24.77 -31.20
N GLU G 152 0.04 24.12 -32.33
CA GLU G 152 -0.19 22.70 -32.37
C GLU G 152 1.10 21.95 -32.06
N PHE G 153 0.95 20.75 -31.50
CA PHE G 153 2.09 19.89 -31.26
C PHE G 153 2.70 19.47 -32.59
N PRO G 154 4.03 19.46 -32.71
CA PRO G 154 4.65 19.19 -34.01
C PRO G 154 4.56 17.73 -34.44
N ASP G 155 5.26 17.50 -35.56
CA ASP G 155 5.27 16.17 -36.22
C ASP G 155 5.15 15.02 -35.25
N PRO G 156 4.54 13.92 -35.72
CA PRO G 156 4.36 12.78 -34.87
C PRO G 156 5.72 12.14 -34.65
N HIS G 157 6.83 12.66 -35.23
CA HIS G 157 8.22 12.15 -34.97
C HIS G 157 9.18 13.16 -34.33
N THR G 158 8.89 14.47 -34.30
CA THR G 158 9.90 15.40 -33.74
C THR G 158 10.35 14.89 -32.37
N TYR G 159 9.48 14.79 -31.36
CA TYR G 159 9.92 14.56 -29.96
C TYR G 159 9.67 13.19 -29.32
N ILE G 160 9.00 12.24 -29.98
CA ILE G 160 8.64 10.94 -29.32
C ILE G 160 9.17 9.72 -30.10
N LYS G 161 9.67 8.68 -29.40
CA LYS G 161 10.24 7.45 -30.07
C LYS G 161 9.85 6.12 -29.39
N THR G 162 9.45 5.07 -30.16
CA THR G 162 9.10 3.71 -29.62
C THR G 162 9.85 2.65 -30.45
N PRO G 163 10.34 1.50 -29.90
CA PRO G 163 11.19 0.60 -30.67
C PRO G 163 10.40 -0.36 -31.53
N THR G 164 11.06 -0.86 -32.57
CA THR G 164 10.52 -1.86 -33.46
C THR G 164 11.41 -3.10 -33.46
N TYR G 165 10.85 -4.21 -33.93
CA TYR G 165 11.55 -5.48 -33.95
C TYR G 165 11.56 -6.03 -35.38
N ARG G 166 12.30 -7.12 -35.56
CA ARG G 166 12.34 -7.79 -36.85
C ARG G 166 11.13 -8.72 -36.98
N GLU G 167 10.72 -8.93 -38.23
CA GLU G 167 9.59 -9.76 -38.60
C GLU G 167 9.83 -11.21 -38.19
N PRO G 168 9.05 -11.76 -37.25
CA PRO G 168 9.26 -13.15 -36.85
C PRO G 168 8.51 -14.14 -37.73
N VAL G 169 9.18 -15.21 -38.15
CA VAL G 169 8.55 -16.24 -38.96
C VAL G 169 8.13 -17.39 -38.04
N SER G 170 6.93 -17.26 -37.48
CA SER G 170 6.26 -18.36 -36.77
C SER G 170 5.22 -18.99 -37.67
N ASP G 171 5.69 -19.79 -38.63
CA ASP G 171 4.82 -20.57 -39.47
C ASP G 171 5.31 -22.01 -39.46
N TYR G 172 4.41 -22.95 -39.16
CA TYR G 172 4.80 -24.34 -39.02
C TYR G 172 5.22 -24.95 -40.35
N GLN G 173 4.61 -24.50 -41.45
CA GLN G 173 4.94 -25.03 -42.77
C GLN G 173 6.37 -24.66 -43.16
N VAL G 174 6.72 -23.38 -43.04
CA VAL G 174 8.06 -22.97 -43.47
C VAL G 174 9.11 -23.40 -42.46
N LEU G 175 8.75 -23.62 -41.19
CA LEU G 175 9.71 -24.15 -40.23
C LEU G 175 10.00 -25.61 -40.48
N ARG G 176 8.96 -26.39 -40.84
CA ARG G 176 9.17 -27.77 -41.24
C ARG G 176 10.02 -27.86 -42.51
N GLU G 177 9.76 -26.96 -43.46
CA GLU G 177 10.55 -26.92 -44.69
C GLU G 177 12.00 -26.54 -44.45
N LYS G 178 12.24 -25.57 -43.57
CA LYS G 178 13.60 -25.13 -43.26
C LYS G 178 14.38 -26.23 -42.56
N ALA G 179 13.79 -26.85 -41.54
CA ALA G 179 14.49 -27.92 -40.82
C ALA G 179 14.72 -29.14 -41.70
N ALA G 180 13.74 -29.47 -42.56
CA ALA G 180 13.91 -30.60 -43.47
C ALA G 180 15.01 -30.35 -44.48
N SER G 181 15.01 -29.18 -45.12
CA SER G 181 16.01 -28.92 -46.14
C SER G 181 17.41 -28.75 -45.54
N GLN G 182 17.51 -28.21 -44.33
CA GLN G 182 18.83 -28.10 -43.71
C GLN G 182 19.37 -29.46 -43.30
N ARG G 183 18.49 -30.35 -42.81
CA ARG G 183 18.93 -31.70 -42.47
C ARG G 183 19.35 -32.49 -43.71
N ARG G 184 18.58 -32.38 -44.80
CA ARG G 184 18.93 -33.06 -46.05
C ARG G 184 20.23 -32.53 -46.62
N ASP G 185 20.45 -31.21 -46.56
CA ASP G 185 21.67 -30.63 -47.11
C ASP G 185 22.89 -30.99 -46.29
N VAL G 186 22.76 -31.02 -44.96
CA VAL G 186 23.94 -31.35 -44.16
C VAL G 186 24.26 -32.83 -44.26
N GLU G 187 23.25 -33.69 -44.42
CA GLU G 187 23.58 -35.11 -44.57
C GLU G 187 24.10 -35.42 -45.96
N ARG G 188 23.67 -34.67 -46.99
CA ARG G 188 24.25 -34.83 -48.31
C ARG G 188 25.69 -34.36 -48.35
N ALA G 189 25.98 -33.22 -47.72
CA ALA G 189 27.34 -32.71 -47.66
C ALA G 189 28.26 -33.65 -46.89
N LEU G 190 27.76 -34.22 -45.79
CA LEU G 190 28.55 -35.17 -45.00
C LEU G 190 28.84 -36.44 -45.77
N THR G 191 27.85 -36.99 -46.47
CA THR G 191 28.09 -38.25 -47.17
C THR G 191 28.95 -38.05 -48.41
N ARG G 192 28.85 -36.90 -49.10
CA ARG G 192 29.75 -36.65 -50.22
C ARG G 192 31.18 -36.41 -49.76
N PHE G 193 31.35 -35.74 -48.61
CA PHE G 193 32.69 -35.54 -48.08
C PHE G 193 33.32 -36.86 -47.64
N MET G 194 32.52 -37.75 -47.04
CA MET G 194 33.09 -39.01 -46.58
C MET G 194 33.30 -40.00 -47.72
N ALA G 195 32.52 -39.89 -48.80
CA ALA G 195 32.77 -40.76 -49.95
C ALA G 195 33.92 -40.25 -50.79
N LYS G 196 34.22 -38.95 -50.76
CA LYS G 196 35.31 -38.43 -51.56
C LYS G 196 36.67 -38.66 -50.90
N THR G 197 36.73 -38.67 -49.57
CA THR G 197 37.99 -38.83 -48.84
C THR G 197 38.20 -40.25 -48.33
N GLY G 198 37.74 -41.24 -49.07
CA GLY G 198 37.94 -42.62 -48.67
C GLY G 198 37.80 -43.52 -49.86
N GLU G 199 37.75 -44.82 -49.58
CA GLU G 199 37.46 -45.79 -50.63
C GLU G 199 36.01 -45.65 -51.06
N THR G 200 35.79 -45.71 -52.36
CA THR G 200 34.47 -45.45 -52.91
C THR G 200 34.07 -46.55 -53.88
N GLN G 201 32.77 -46.78 -53.97
CA GLN G 201 32.15 -47.64 -54.95
C GLN G 201 31.26 -46.80 -55.85
N SER G 202 30.65 -47.45 -56.83
CA SER G 202 29.85 -46.73 -57.80
C SER G 202 28.89 -47.70 -58.45
N LEU G 203 27.64 -47.25 -58.62
CA LEU G 203 26.68 -48.08 -59.35
C LEU G 203 26.95 -48.06 -60.84
N PHE G 204 27.52 -46.98 -61.35
CA PHE G 204 27.84 -46.82 -62.76
C PHE G 204 29.35 -46.89 -62.94
N LYS G 205 29.77 -47.15 -64.17
CA LYS G 205 31.20 -47.21 -64.48
C LYS G 205 31.88 -45.85 -64.35
N ASP G 206 32.83 -45.78 -63.41
CA ASP G 206 33.65 -44.60 -63.14
C ASP G 206 32.77 -43.39 -62.78
N ASP G 207 32.04 -43.54 -61.68
CA ASP G 207 31.02 -42.57 -61.27
C ASP G 207 31.33 -42.14 -59.84
N VAL G 208 32.16 -41.11 -59.70
CA VAL G 208 32.53 -40.60 -58.41
C VAL G 208 31.89 -39.24 -58.12
N SER G 209 31.72 -38.40 -59.14
CA SER G 209 31.11 -37.09 -58.95
C SER G 209 29.63 -37.22 -58.60
N THR G 210 28.88 -38.01 -59.36
CA THR G 210 27.46 -38.21 -59.14
C THR G 210 27.25 -39.56 -58.48
N PHE G 211 26.45 -39.58 -57.41
CA PHE G 211 26.16 -40.73 -56.55
C PHE G 211 27.42 -41.47 -56.09
N PRO G 212 28.26 -40.89 -55.22
CA PRO G 212 29.37 -41.67 -54.69
C PRO G 212 28.94 -42.50 -53.49
N LEU G 213 29.35 -43.77 -53.45
CA LEU G 213 29.02 -44.64 -52.35
C LEU G 213 30.26 -44.82 -51.49
N ILE G 214 30.10 -44.68 -50.17
CA ILE G 214 31.15 -45.09 -49.26
C ILE G 214 31.32 -46.60 -49.36
N ALA G 215 32.56 -47.05 -49.52
CA ALA G 215 32.81 -48.47 -49.73
C ALA G 215 32.55 -49.26 -48.47
N ALA G 216 32.12 -50.50 -48.67
CA ALA G 216 31.73 -51.37 -47.57
C ALA G 216 32.96 -51.92 -46.88
N ARG G 217 33.13 -51.58 -45.60
CA ARG G 217 34.27 -52.22 -44.97
C ARG G 217 33.79 -53.31 -44.00
N PRO G 218 34.49 -54.44 -43.95
CA PRO G 218 34.12 -55.48 -43.00
C PRO G 218 34.55 -55.13 -41.59
N PHE G 219 33.71 -55.48 -40.63
CA PHE G 219 34.04 -55.35 -39.23
C PHE G 219 34.60 -56.65 -38.70
N THR G 220 35.42 -56.56 -37.66
CA THR G 220 35.91 -57.76 -37.01
C THR G 220 34.84 -58.38 -36.14
N ILE G 221 34.00 -57.56 -35.52
CA ILE G 221 32.86 -58.00 -34.72
C ILE G 221 31.65 -57.20 -35.20
N PRO G 222 30.79 -57.78 -36.03
CA PRO G 222 29.72 -56.98 -36.63
C PRO G 222 28.48 -56.79 -35.77
N TYR G 223 28.25 -57.64 -34.77
CA TYR G 223 27.06 -57.48 -33.95
C TYR G 223 27.16 -56.25 -33.05
N LEU G 224 28.38 -55.80 -32.74
CA LEU G 224 28.54 -54.65 -31.87
C LEU G 224 28.13 -53.37 -32.58
N THR G 225 28.44 -53.24 -33.86
CA THR G 225 27.97 -52.09 -34.60
C THR G 225 26.55 -52.26 -35.11
N ALA G 226 26.03 -53.49 -35.20
CA ALA G 226 24.65 -53.63 -35.60
C ALA G 226 23.69 -53.40 -34.44
N LEU G 227 23.74 -54.29 -33.43
CA LEU G 227 22.70 -54.35 -32.42
C LEU G 227 22.75 -53.24 -31.40
N LEU G 228 23.88 -52.60 -31.20
CA LEU G 228 23.97 -51.67 -30.07
C LEU G 228 23.34 -50.33 -30.43
N PRO G 229 22.60 -49.73 -29.50
CA PRO G 229 22.07 -48.38 -29.75
C PRO G 229 23.14 -47.33 -29.59
N SER G 230 23.04 -46.27 -30.38
CA SER G 230 24.06 -45.23 -30.31
C SER G 230 23.58 -43.98 -29.58
N GLU G 231 22.29 -43.69 -29.60
CA GLU G 231 21.73 -42.58 -28.83
C GLU G 231 20.86 -43.13 -27.71
N LEU G 232 21.33 -42.97 -26.48
CA LEU G 232 20.62 -43.48 -25.30
C LEU G 232 21.00 -42.68 -24.07
N PRO H 13 45.04 53.14 -33.47
CA PRO H 13 45.48 54.49 -33.11
C PRO H 13 46.07 54.57 -31.71
N LYS H 14 46.60 55.73 -31.34
CA LYS H 14 47.23 55.88 -30.02
C LYS H 14 46.18 56.02 -28.92
N ASP H 15 45.34 57.05 -29.01
CA ASP H 15 44.37 57.31 -27.96
C ASP H 15 43.17 56.37 -28.04
N ALA H 16 42.96 55.71 -29.18
CA ALA H 16 41.88 54.76 -29.31
C ALA H 16 42.24 53.37 -28.79
N GLN H 17 43.53 53.05 -28.70
CA GLN H 17 43.93 51.79 -28.10
C GLN H 17 43.94 51.86 -26.58
N MET H 18 44.08 53.06 -26.01
CA MET H 18 43.94 53.21 -24.57
C MET H 18 42.47 53.17 -24.15
N MET H 19 41.57 53.55 -25.06
CA MET H 19 40.14 53.52 -24.77
C MET H 19 39.62 52.09 -24.71
N ALA H 20 40.21 51.18 -25.48
CA ALA H 20 39.85 49.78 -25.39
C ALA H 20 40.42 49.09 -24.17
N GLN H 21 41.37 49.73 -23.47
CA GLN H 21 41.90 49.22 -22.22
C GLN H 21 41.18 49.79 -21.00
N ILE H 22 40.55 50.96 -21.14
CA ILE H 22 39.69 51.47 -20.07
C ILE H 22 38.42 50.64 -19.98
N LEU H 23 37.90 50.20 -21.12
CA LEU H 23 36.72 49.35 -21.13
C LEU H 23 37.04 47.94 -20.65
N LYS H 24 38.20 47.40 -21.04
CA LYS H 24 38.57 46.05 -20.62
C LYS H 24 38.96 46.00 -19.16
N ASP H 25 39.41 47.12 -18.59
CA ASP H 25 39.64 47.16 -17.14
C ASP H 25 38.34 47.26 -16.37
N MET H 26 37.26 47.71 -17.01
CA MET H 26 35.93 47.70 -16.42
C MET H 26 35.15 46.44 -16.78
N GLY H 27 35.81 45.44 -17.36
CA GLY H 27 35.17 44.18 -17.67
C GLY H 27 34.25 44.18 -18.87
N ILE H 28 34.22 45.26 -19.63
CA ILE H 28 33.35 45.33 -20.81
C ILE H 28 34.03 44.55 -21.93
N THR H 29 33.62 43.29 -22.11
CA THR H 29 34.21 42.47 -23.15
C THR H 29 33.65 42.81 -24.53
N GLU H 30 32.32 42.93 -24.63
CA GLU H 30 31.64 43.14 -25.90
C GLU H 30 31.15 44.58 -25.98
N TYR H 31 31.50 45.26 -27.07
CA TYR H 31 31.03 46.62 -27.31
C TYR H 31 31.01 46.88 -28.81
N GLU H 32 30.20 47.85 -29.21
CA GLU H 32 30.13 48.27 -30.59
C GLU H 32 31.41 49.01 -30.98
N PRO H 33 31.78 49.03 -32.27
CA PRO H 33 32.97 49.80 -32.68
C PRO H 33 32.78 51.30 -32.59
N ARG H 34 31.53 51.79 -32.58
CA ARG H 34 31.27 53.22 -32.42
C ARG H 34 31.29 53.67 -30.97
N VAL H 35 31.55 52.77 -30.04
CA VAL H 35 31.60 53.11 -28.62
C VAL H 35 32.91 53.82 -28.30
N ILE H 36 34.02 53.34 -28.86
CA ILE H 36 35.33 53.95 -28.63
C ILE H 36 35.38 55.33 -29.28
N ASN H 37 34.75 55.47 -30.45
CA ASN H 37 34.84 56.72 -31.22
C ASN H 37 34.12 57.87 -30.53
N GLN H 38 33.08 57.59 -29.76
CA GLN H 38 32.33 58.66 -29.12
C GLN H 38 32.68 58.85 -27.65
N MET H 39 33.41 57.92 -27.04
CA MET H 39 34.01 58.23 -25.75
C MET H 39 35.25 59.09 -25.93
N LEU H 40 35.96 58.92 -27.05
CA LEU H 40 37.01 59.87 -27.41
C LEU H 40 36.44 61.22 -27.79
N GLU H 41 35.24 61.24 -28.38
CA GLU H 41 34.59 62.51 -28.71
C GLU H 41 34.10 63.22 -27.47
N PHE H 42 33.75 62.47 -26.42
CA PHE H 42 33.39 63.09 -25.16
C PHE H 42 34.63 63.54 -24.38
N ALA H 43 35.69 62.72 -24.41
CA ALA H 43 36.92 63.08 -23.73
C ALA H 43 37.58 64.30 -24.36
N PHE H 44 37.46 64.45 -25.68
CA PHE H 44 37.95 65.67 -26.32
C PHE H 44 37.06 66.86 -25.98
N ARG H 45 35.74 66.64 -25.91
CA ARG H 45 34.84 67.72 -25.55
C ARG H 45 35.04 68.16 -24.11
N TYR H 46 35.43 67.23 -23.23
CA TYR H 46 35.61 67.57 -21.83
C TYR H 46 36.92 68.31 -21.57
N VAL H 47 37.98 68.00 -22.33
CA VAL H 47 39.24 68.68 -22.06
C VAL H 47 39.32 70.04 -22.75
N THR H 48 38.58 70.24 -23.85
CA THR H 48 38.52 71.56 -24.48
C THR H 48 37.43 72.44 -23.88
N THR H 49 36.80 72.02 -22.79
CA THR H 49 36.00 72.92 -21.99
C THR H 49 36.54 73.12 -20.59
N ILE H 50 37.49 72.29 -20.15
CA ILE H 50 38.27 72.59 -18.97
C ILE H 50 39.33 73.62 -19.29
N LEU H 51 40.08 73.39 -20.38
CA LEU H 51 41.18 74.27 -20.75
C LEU H 51 40.67 75.59 -21.34
N ASP H 52 39.47 75.58 -21.93
CA ASP H 52 38.88 76.83 -22.38
C ASP H 52 38.50 77.69 -21.18
N ASP H 53 37.94 77.08 -20.14
CA ASP H 53 37.66 77.80 -18.91
C ASP H 53 38.91 78.07 -18.09
N ALA H 54 39.99 77.32 -18.31
CA ALA H 54 41.21 77.53 -17.53
C ALA H 54 41.91 78.82 -17.93
N LYS H 55 41.90 79.14 -19.22
CA LYS H 55 42.50 80.40 -19.65
C LYS H 55 41.58 81.58 -19.42
N ILE H 56 40.29 81.35 -19.25
CA ILE H 56 39.40 82.41 -18.77
C ILE H 56 39.71 82.74 -17.31
N TYR H 57 40.01 81.71 -16.51
CA TYR H 57 40.38 81.94 -15.12
C TYR H 57 41.80 82.46 -14.98
N SER H 58 42.67 82.16 -15.95
CA SER H 58 44.01 82.70 -15.93
C SER H 58 44.03 84.18 -16.27
N SER H 59 43.19 84.59 -17.22
CA SER H 59 43.05 86.00 -17.54
C SER H 59 42.35 86.78 -16.43
N HIS H 60 41.55 86.10 -15.61
CA HIS H 60 40.98 86.74 -14.43
C HIS H 60 42.07 87.02 -13.39
N ALA H 61 42.98 86.07 -13.19
CA ALA H 61 44.08 86.24 -12.26
C ALA H 61 45.26 86.99 -12.87
N LYS H 62 45.21 87.28 -14.17
CA LYS H 62 46.21 88.05 -14.93
C LYS H 62 47.59 87.39 -14.85
N LYS H 63 47.66 86.19 -15.42
CA LYS H 63 48.93 85.50 -15.61
C LYS H 63 48.98 84.93 -17.01
N ALA H 64 50.14 85.06 -17.67
CA ALA H 64 50.27 84.66 -19.06
C ALA H 64 50.40 83.16 -19.23
N THR H 65 50.73 82.42 -18.17
CA THR H 65 50.88 80.97 -18.24
C THR H 65 49.73 80.33 -17.47
N VAL H 66 49.01 79.43 -18.14
CA VAL H 66 47.96 78.66 -17.48
C VAL H 66 48.64 77.54 -16.68
N ASP H 67 48.71 77.72 -15.37
CA ASP H 67 49.38 76.77 -14.51
C ASP H 67 48.36 75.83 -13.86
N ALA H 68 48.84 75.03 -12.90
CA ALA H 68 48.04 73.91 -12.41
C ALA H 68 46.89 74.34 -11.50
N ASP H 69 46.96 75.52 -10.89
CA ASP H 69 45.84 75.97 -10.07
C ASP H 69 44.67 76.43 -10.93
N ASP H 70 44.95 76.86 -12.18
CA ASP H 70 43.89 77.22 -13.11
C ASP H 70 43.10 75.99 -13.54
N VAL H 71 43.79 74.87 -13.76
CA VAL H 71 43.11 73.64 -14.11
C VAL H 71 42.45 73.01 -12.88
N ARG H 72 43.01 73.24 -11.69
CA ARG H 72 42.34 72.82 -10.47
C ARG H 72 41.06 73.62 -10.24
N LEU H 73 41.04 74.89 -10.65
CA LEU H 73 39.83 75.69 -10.52
C LEU H 73 38.81 75.32 -11.59
N ALA H 74 39.27 75.10 -12.82
CA ALA H 74 38.35 74.83 -13.91
C ALA H 74 37.76 73.43 -13.85
N ILE H 75 38.42 72.49 -13.16
CA ILE H 75 37.85 71.17 -12.99
C ILE H 75 36.73 71.21 -11.95
N GLN H 76 36.99 71.81 -10.79
CA GLN H 76 36.03 71.79 -9.70
C GLN H 76 34.89 72.79 -9.88
N CYS H 77 35.00 73.72 -10.83
CA CYS H 77 33.87 74.57 -11.18
C CYS H 77 33.08 74.03 -12.37
N ARG H 78 33.62 73.05 -13.08
CA ARG H 78 32.85 72.33 -14.08
C ARG H 78 32.20 71.09 -13.51
N ALA H 79 32.83 70.45 -12.53
CA ALA H 79 32.24 69.31 -11.83
C ALA H 79 31.17 69.73 -10.83
N ASP H 80 31.08 71.01 -10.50
CA ASP H 80 30.02 71.52 -9.64
C ASP H 80 28.73 71.75 -10.42
N GLN H 81 28.80 71.82 -11.74
CA GLN H 81 27.62 72.02 -12.57
C GLN H 81 27.28 70.82 -13.46
N SER H 82 28.29 70.17 -14.04
CA SER H 82 28.00 69.15 -15.05
C SER H 82 27.63 67.81 -14.42
N PHE H 83 28.55 67.20 -13.70
CA PHE H 83 28.39 65.82 -13.24
C PHE H 83 27.67 65.83 -11.90
N THR H 84 26.35 65.62 -11.93
CA THR H 84 25.58 65.51 -10.71
C THR H 84 25.46 64.06 -10.29
N SER H 85 24.67 63.81 -9.25
CA SER H 85 24.56 62.51 -8.63
C SER H 85 23.14 62.35 -8.12
N PRO H 86 22.70 61.13 -7.79
CA PRO H 86 21.43 60.95 -7.08
C PRO H 86 21.46 61.59 -5.70
N PRO H 87 20.29 61.81 -5.09
CA PRO H 87 20.27 62.43 -3.76
C PRO H 87 20.89 61.53 -2.71
N PRO H 88 21.47 62.11 -1.65
CA PRO H 88 22.22 61.32 -0.68
C PRO H 88 21.32 60.58 0.30
N ARG H 89 21.94 59.70 1.08
CA ARG H 89 21.18 58.79 1.94
C ARG H 89 20.55 59.50 3.14
N ASP H 90 21.19 60.56 3.64
CA ASP H 90 20.59 61.32 4.72
C ASP H 90 19.46 62.21 4.25
N PHE H 91 19.41 62.50 2.95
CA PHE H 91 18.29 63.23 2.36
C PHE H 91 17.14 62.30 1.99
N LEU H 92 17.46 61.08 1.56
CA LEU H 92 16.41 60.13 1.19
C LEU H 92 15.71 59.57 2.41
N LEU H 93 16.43 59.42 3.52
CA LEU H 93 15.84 58.88 4.74
C LEU H 93 15.04 59.93 5.50
N ASP H 94 15.25 61.21 5.22
CA ASP H 94 14.48 62.25 5.86
C ASP H 94 13.14 62.47 5.15
N ILE H 95 13.15 62.43 3.82
CA ILE H 95 11.90 62.54 3.08
C ILE H 95 11.10 61.25 3.12
N ALA H 96 11.73 60.13 3.47
CA ALA H 96 10.99 58.89 3.63
C ALA H 96 10.17 58.92 4.92
N ARG H 97 10.81 59.22 6.05
CA ARG H 97 10.13 59.25 7.34
C ARG H 97 9.14 60.41 7.44
N GLN H 98 9.29 61.45 6.62
CA GLN H 98 8.29 62.49 6.55
C GLN H 98 7.07 62.04 5.76
N ARG H 99 7.26 61.10 4.84
CA ARG H 99 6.20 60.58 3.98
C ARG H 99 5.57 59.32 4.55
N ASN H 100 6.37 58.43 5.14
CA ASN H 100 5.88 57.16 5.67
C ASN H 100 5.16 57.30 7.00
N GLN H 101 5.13 58.50 7.59
CA GLN H 101 4.36 58.70 8.81
C GLN H 101 2.88 58.87 8.53
N THR H 102 2.54 59.39 7.36
CA THR H 102 1.14 59.63 7.01
C THR H 102 0.44 58.29 6.77
N PRO H 103 -0.68 58.02 7.44
CA PRO H 103 -1.35 56.73 7.28
C PRO H 103 -2.02 56.60 5.92
N LEU H 104 -2.24 55.36 5.53
CA LEU H 104 -2.83 55.07 4.23
C LEU H 104 -4.31 55.46 4.23
N PRO H 105 -4.79 56.11 3.18
CA PRO H 105 -6.19 56.51 3.12
C PRO H 105 -7.10 55.34 2.77
N LEU H 106 -8.34 55.44 3.22
CA LEU H 106 -9.34 54.45 2.87
C LEU H 106 -9.82 54.68 1.44
N ILE H 107 -10.49 53.68 0.90
CA ILE H 107 -10.92 53.68 -0.50
C ILE H 107 -12.43 53.77 -0.56
N LYS H 108 -12.94 54.67 -1.39
CA LYS H 108 -14.36 54.70 -1.66
C LYS H 108 -14.75 53.47 -2.48
N PRO H 109 -15.88 52.84 -2.16
CA PRO H 109 -16.14 51.49 -2.69
C PRO H 109 -16.54 51.43 -4.16
N TYR H 110 -17.24 52.44 -4.67
CA TYR H 110 -17.71 52.44 -6.04
C TYR H 110 -17.48 53.78 -6.69
N SER H 111 -16.25 54.30 -6.56
CA SER H 111 -15.92 55.59 -7.14
C SER H 111 -15.77 55.51 -8.65
N GLY H 112 -15.45 54.34 -9.19
CA GLY H 112 -15.31 54.18 -10.61
C GLY H 112 -13.88 53.83 -11.00
N PRO H 113 -13.43 54.36 -12.14
CA PRO H 113 -12.00 54.28 -12.47
C PRO H 113 -11.18 55.16 -11.55
N ARG H 114 -10.36 54.56 -10.70
CA ARG H 114 -9.63 55.29 -9.67
C ARG H 114 -8.47 56.04 -10.33
N LEU H 115 -8.57 57.36 -10.37
CA LEU H 115 -7.61 58.23 -11.03
C LEU H 115 -7.33 59.42 -10.15
N PRO H 116 -6.21 60.13 -10.39
CA PRO H 116 -5.97 61.42 -9.73
C PRO H 116 -6.96 62.48 -10.17
N PRO H 117 -6.92 63.68 -9.56
CA PRO H 117 -7.68 64.81 -10.12
C PRO H 117 -7.29 65.10 -11.56
N ASP H 118 -8.26 65.65 -12.30
CA ASP H 118 -8.18 65.70 -13.76
C ASP H 118 -7.10 66.64 -14.28
N ARG H 119 -6.59 67.54 -13.44
CA ARG H 119 -5.44 68.35 -13.82
C ARG H 119 -4.11 67.63 -13.61
N TYR H 120 -4.14 66.40 -13.09
CA TYR H 120 -2.95 65.58 -12.94
C TYR H 120 -2.96 64.38 -13.86
N CYS H 121 -4.05 64.15 -14.59
CA CYS H 121 -4.16 63.06 -15.54
C CYS H 121 -3.93 63.58 -16.96
N LEU H 122 -3.97 62.66 -17.92
CA LEU H 122 -3.82 62.98 -19.33
C LEU H 122 -5.11 62.70 -20.09
N THR H 123 -6.24 63.07 -19.51
CA THR H 123 -7.56 62.80 -20.08
C THR H 123 -8.28 64.12 -20.30
N ALA H 124 -8.09 64.71 -21.47
CA ALA H 124 -8.70 65.95 -21.89
C ALA H 124 -9.35 65.72 -23.24
N PRO H 125 -10.24 66.62 -23.69
CA PRO H 125 -10.91 66.41 -24.99
C PRO H 125 -10.01 66.35 -26.22
N ASN H 126 -8.77 66.86 -26.14
CA ASN H 126 -7.65 66.51 -27.03
C ASN H 126 -7.94 66.85 -28.49
N TYR H 127 -8.03 68.16 -28.75
CA TYR H 127 -8.55 68.69 -30.00
C TYR H 127 -7.54 68.55 -31.15
N ARG H 128 -8.00 68.89 -32.36
CA ARG H 128 -7.18 68.87 -33.57
C ARG H 128 -7.77 69.86 -34.56
N LEU H 129 -6.97 70.26 -35.54
CA LEU H 129 -7.43 71.25 -36.51
C LEU H 129 -8.35 70.65 -37.57
N LYS H 130 -9.33 71.44 -37.98
CA LYS H 130 -10.22 71.04 -39.06
C LYS H 130 -9.48 71.10 -40.39
N SER H 131 -9.55 70.01 -41.15
CA SER H 131 -8.92 69.96 -42.46
C SER H 131 -9.78 70.72 -43.46
N LEU H 132 -9.22 71.79 -44.04
CA LEU H 132 -9.93 72.56 -45.05
C LEU H 132 -8.93 73.20 -46.01
N THR I 114 -4.40 84.53 -38.07
CA THR I 114 -3.84 83.17 -37.81
C THR I 114 -2.89 82.76 -38.93
N PRO I 115 -1.75 83.44 -39.16
CA PRO I 115 -0.92 83.10 -40.31
C PRO I 115 -0.42 81.65 -40.27
N LEU I 116 0.10 81.20 -39.12
CA LEU I 116 0.61 79.82 -38.98
C LEU I 116 -0.53 78.83 -39.03
N VAL I 117 -1.71 79.13 -38.49
CA VAL I 117 -2.82 78.16 -38.65
C VAL I 117 -3.13 78.02 -40.13
N ASP I 118 -3.13 79.12 -40.87
CA ASP I 118 -3.34 79.04 -42.33
C ASP I 118 -2.24 78.19 -42.97
N PHE I 119 -1.00 78.38 -42.58
CA PHE I 119 0.12 77.64 -43.19
C PHE I 119 -0.05 76.16 -42.89
N LEU I 120 -0.43 75.81 -41.67
CA LEU I 120 -0.52 74.37 -41.36
C LEU I 120 -1.67 73.77 -42.15
N MET I 121 -2.74 74.54 -42.31
CA MET I 121 -3.86 74.03 -43.14
C MET I 121 -3.41 73.85 -44.59
N GLN I 122 -2.54 74.71 -45.12
CA GLN I 122 -1.95 74.50 -46.47
C GLN I 122 -0.98 73.31 -46.50
N LEU I 123 -0.34 72.97 -45.39
CA LEU I 123 0.68 71.88 -45.33
C LEU I 123 0.15 70.53 -45.79
N GLU I 124 -1.15 70.29 -45.86
CA GLU I 124 -1.68 69.08 -46.55
C GLU I 124 -1.46 69.35 -48.05
N ASP I 125 -0.99 68.36 -48.81
CA ASP I 125 -0.64 68.56 -50.25
C ASP I 125 0.76 69.14 -50.39
N TYR I 126 1.50 69.30 -49.29
CA TYR I 126 2.90 69.78 -49.37
C TYR I 126 3.82 68.62 -48.99
N THR I 127 4.82 68.34 -49.81
CA THR I 127 5.81 67.29 -49.45
C THR I 127 7.09 67.98 -49.00
N PRO I 128 7.54 67.76 -47.75
CA PRO I 128 8.77 68.36 -47.28
C PRO I 128 10.03 67.58 -47.68
N THR I 129 11.20 68.20 -47.58
CA THR I 129 12.48 67.61 -47.96
C THR I 129 12.78 66.36 -47.15
N ILE I 130 12.42 66.36 -45.87
CA ILE I 130 12.55 65.17 -45.02
C ILE I 130 11.26 64.39 -45.16
N PRO I 131 11.30 63.07 -45.34
CA PRO I 131 10.05 62.29 -45.39
C PRO I 131 9.37 62.24 -44.03
N ASP I 132 8.07 61.97 -44.07
CA ASP I 132 7.32 61.82 -42.83
C ASP I 132 7.49 60.44 -42.21
N ALA I 133 8.02 59.48 -42.95
CA ALA I 133 8.40 58.21 -42.36
C ALA I 133 9.69 58.30 -41.57
N VAL I 134 10.49 59.34 -41.80
CA VAL I 134 11.74 59.55 -41.09
C VAL I 134 11.59 60.61 -40.01
N THR I 135 10.86 61.69 -40.31
CA THR I 135 10.54 62.66 -39.27
C THR I 135 9.63 62.06 -38.22
N GLY I 136 8.66 61.25 -38.65
CA GLY I 136 7.79 60.55 -37.72
C GLY I 136 8.48 59.46 -36.93
N TYR I 137 9.61 58.95 -37.41
CA TYR I 137 10.34 57.94 -36.65
C TYR I 137 11.03 58.56 -35.45
N TYR I 138 11.68 59.71 -35.64
CA TYR I 138 12.34 60.40 -34.55
C TYR I 138 11.38 61.13 -33.64
N LEU I 139 10.13 61.33 -34.07
CA LEU I 139 9.12 61.85 -33.17
C LEU I 139 8.53 60.74 -32.32
N ASN I 140 8.33 59.56 -32.90
CA ASN I 140 7.85 58.40 -32.13
C ASN I 140 8.88 57.95 -31.10
N ARG I 141 10.16 58.21 -31.36
CA ARG I 141 11.22 57.88 -30.43
C ARG I 141 11.14 58.72 -29.17
N ALA I 142 10.53 59.91 -29.25
CA ALA I 142 10.40 60.82 -28.11
C ALA I 142 8.99 60.91 -27.56
N GLY I 143 8.09 60.02 -27.98
CA GLY I 143 6.74 60.00 -27.48
C GLY I 143 5.72 60.74 -28.33
N PHE I 144 6.17 61.59 -29.25
CA PHE I 144 5.29 62.30 -30.17
C PHE I 144 4.71 61.31 -31.18
N GLU I 145 3.41 61.09 -31.15
CA GLU I 145 2.79 60.14 -32.07
C GLU I 145 2.06 60.87 -33.18
N ALA I 146 2.01 60.23 -34.34
CA ALA I 146 1.51 60.85 -35.58
C ALA I 146 -0.02 60.87 -35.56
N SER I 147 -0.56 61.90 -34.90
CA SER I 147 -2.00 62.12 -34.94
C SER I 147 -2.40 62.79 -36.25
N ASP I 148 -1.61 63.82 -36.63
CA ASP I 148 -1.85 64.61 -37.86
C ASP I 148 -0.57 64.78 -38.71
N PRO I 149 -0.58 64.42 -40.01
CA PRO I 149 0.53 64.55 -40.95
C PRO I 149 1.04 65.98 -41.11
N ARG I 150 0.14 66.94 -41.09
CA ARG I 150 0.50 68.36 -41.29
C ARG I 150 1.41 68.80 -40.15
N ILE I 151 1.15 68.38 -38.93
CA ILE I 151 2.02 68.69 -37.77
C ILE I 151 3.37 68.03 -37.98
N ILE I 152 3.36 66.77 -38.42
CA ILE I 152 4.71 66.21 -38.68
C ILE I 152 5.45 67.08 -39.70
N ARG I 153 4.77 67.52 -40.77
CA ARG I 153 5.40 68.32 -41.84
C ARG I 153 5.91 69.66 -41.34
N LEU I 154 5.18 70.34 -40.48
CA LEU I 154 5.69 71.62 -39.90
C LEU I 154 6.95 71.34 -39.07
N ILE I 155 6.96 70.28 -38.27
CA ILE I 155 8.20 69.95 -37.51
C ILE I 155 9.36 69.68 -38.47
N SER I 156 9.10 68.95 -39.54
CA SER I 156 10.16 68.68 -40.53
C SER I 156 10.69 69.97 -41.14
N LEU I 157 9.81 70.89 -41.54
CA LEU I 157 10.21 72.18 -42.12
C LEU I 157 10.99 73.02 -41.11
N ALA I 158 10.62 73.03 -39.85
CA ALA I 158 11.39 73.76 -38.83
C ALA I 158 12.81 73.20 -38.69
N ALA I 159 12.93 71.88 -38.66
CA ALA I 159 14.30 71.34 -38.61
C ALA I 159 15.08 71.72 -39.86
N GLN I 160 14.41 71.69 -41.01
CA GLN I 160 15.10 72.01 -42.27
C GLN I 160 15.58 73.45 -42.17
N LYS I 161 14.76 74.38 -41.67
CA LYS I 161 15.15 75.79 -41.64
C LYS I 161 16.34 75.89 -40.72
N PHE I 162 16.36 75.21 -39.60
CA PHE I 162 17.55 75.37 -38.75
C PHE I 162 18.80 74.93 -39.51
N ILE I 163 18.76 73.74 -40.11
CA ILE I 163 20.02 73.29 -40.76
C ILE I 163 20.38 74.25 -41.89
N SER I 164 19.40 74.71 -42.66
CA SER I 164 19.63 75.58 -43.83
C SER I 164 20.22 76.92 -43.41
N ASP I 165 19.74 77.50 -42.34
CA ASP I 165 20.30 78.77 -41.83
C ASP I 165 21.74 78.56 -41.40
N ILE I 166 22.02 77.48 -40.68
CA ILE I 166 23.45 77.26 -40.34
C ILE I 166 24.26 77.15 -41.62
N ALA I 167 23.77 76.41 -42.61
CA ALA I 167 24.54 76.19 -43.85
C ALA I 167 24.77 77.50 -44.59
N ASN I 168 23.79 78.36 -44.68
CA ASN I 168 23.91 79.64 -45.40
C ASN I 168 24.93 80.53 -44.68
N ASP I 169 24.91 80.57 -43.35
CA ASP I 169 25.93 81.37 -42.61
C ASP I 169 27.32 80.81 -42.90
N ALA I 170 27.43 79.48 -42.93
CA ALA I 170 28.73 78.84 -43.21
C ALA I 170 29.18 79.21 -44.62
N LEU I 171 28.27 79.26 -45.58
CA LEU I 171 28.62 79.66 -46.97
C LEU I 171 29.06 81.10 -47.02
N GLN I 172 28.42 82.00 -46.28
CA GLN I 172 28.94 83.39 -46.27
C GLN I 172 30.38 83.35 -45.74
N HIS I 173 30.64 82.60 -44.67
CA HIS I 173 32.04 82.53 -44.21
C HIS I 173 32.98 81.94 -45.28
N CYS I 174 32.60 80.88 -45.99
CA CYS I 174 33.46 80.27 -47.03
C CYS I 174 33.71 81.27 -48.16
N LYS I 175 32.68 82.01 -48.59
CA LYS I 175 32.82 83.02 -49.67
C LYS I 175 33.77 84.12 -49.21
N MET I 176 33.66 84.53 -47.95
CA MET I 176 34.58 85.55 -47.40
C MET I 176 36.02 85.04 -47.39
N LYS I 177 36.24 83.80 -46.96
CA LYS I 177 37.66 83.36 -46.88
C LYS I 177 38.18 83.12 -48.29
N LYS I 192 32.87 79.87 -52.52
CA LYS I 192 31.80 78.94 -52.13
C LYS I 192 32.35 77.52 -52.05
N TYR I 193 31.74 76.58 -52.76
CA TYR I 193 32.28 75.20 -52.85
C TYR I 193 32.33 74.41 -51.54
N THR I 194 33.49 73.85 -51.14
CA THR I 194 33.60 72.89 -50.01
C THR I 194 33.26 73.42 -48.61
N LEU I 195 32.51 72.64 -47.83
CA LEU I 195 32.13 73.04 -46.45
C LEU I 195 33.10 72.38 -45.53
N THR I 196 33.83 73.17 -44.77
CA THR I 196 34.84 72.58 -43.90
C THR I 196 34.48 72.92 -42.47
N MET I 197 35.00 72.16 -41.53
CA MET I 197 34.79 72.36 -40.10
C MET I 197 35.24 73.74 -39.64
N GLU I 198 36.16 74.36 -40.36
CA GLU I 198 36.55 75.75 -40.07
C GLU I 198 35.59 76.76 -40.69
N ASP I 199 34.57 76.30 -41.39
CA ASP I 199 33.43 77.14 -41.77
C ASP I 199 32.25 76.95 -40.83
N LEU I 200 32.05 75.75 -40.32
CA LEU I 200 31.03 75.50 -39.31
C LEU I 200 31.40 76.09 -37.96
N THR I 201 32.69 76.30 -37.70
CA THR I 201 33.11 76.81 -36.39
C THR I 201 32.72 78.27 -36.17
N PRO I 202 32.97 79.24 -37.09
CA PRO I 202 32.43 80.57 -36.82
C PRO I 202 30.96 80.72 -37.13
N ALA I 203 30.36 79.79 -37.90
CA ALA I 203 28.95 79.89 -38.21
C ALA I 203 28.08 79.55 -37.01
N LEU I 204 28.50 78.56 -36.22
CA LEU I 204 27.79 78.18 -35.01
C LEU I 204 28.22 78.98 -33.79
N SER I 205 29.25 79.81 -33.93
CA SER I 205 29.72 80.58 -32.78
C SER I 205 28.80 81.76 -32.46
N GLU I 206 28.13 82.32 -33.46
CA GLU I 206 27.10 83.30 -33.16
C GLU I 206 25.84 82.66 -32.61
N TYR I 207 25.63 81.37 -32.87
CA TYR I 207 24.55 80.63 -32.27
C TYR I 207 24.83 80.23 -30.84
N GLY I 208 26.07 80.40 -30.37
CA GLY I 208 26.45 79.95 -29.05
C GLY I 208 26.79 78.48 -28.98
N ILE I 209 27.12 77.86 -30.11
CA ILE I 209 27.41 76.43 -30.18
C ILE I 209 28.88 76.28 -30.55
N ASN I 210 29.66 75.70 -29.66
CA ASN I 210 31.07 75.42 -29.93
C ASN I 210 31.19 74.02 -30.52
N VAL I 211 31.45 73.96 -31.83
CA VAL I 211 31.61 72.68 -32.50
C VAL I 211 33.02 72.15 -32.22
N LYS I 212 33.15 70.83 -32.25
CA LYS I 212 34.40 70.18 -31.87
C LYS I 212 35.00 69.49 -33.09
N LYS I 213 36.32 69.65 -33.26
CA LYS I 213 37.05 68.88 -34.23
C LYS I 213 37.15 67.43 -33.77
N PRO I 214 37.29 66.47 -34.70
CA PRO I 214 37.49 65.07 -34.28
C PRO I 214 38.78 64.83 -33.53
N HIS I 215 39.93 65.09 -34.17
CA HIS I 215 41.27 65.20 -33.59
C HIS I 215 41.79 63.89 -32.97
N TYR I 216 41.03 62.81 -33.01
CA TYR I 216 41.40 61.55 -32.37
C TYR I 216 41.34 60.37 -33.32
N PHE I 217 41.22 60.61 -34.62
CA PHE I 217 41.13 59.52 -35.59
C PHE I 217 42.35 59.47 -36.49
N ASN J 55 16.91 88.11 8.33
CA ASN J 55 17.77 87.16 7.61
C ASN J 55 17.26 86.93 6.19
N GLN J 56 15.95 87.06 6.00
CA GLN J 56 15.35 86.89 4.68
C GLN J 56 15.70 88.08 3.79
N VAL J 57 16.24 87.78 2.61
CA VAL J 57 16.69 88.84 1.70
C VAL J 57 15.64 89.24 0.69
N LEU J 58 14.64 88.38 0.43
CA LEU J 58 13.56 88.69 -0.51
C LEU J 58 12.26 88.76 0.27
N THR J 59 11.60 89.91 0.20
CA THR J 59 10.57 90.29 1.16
C THR J 59 9.16 89.83 0.80
N LYS J 60 9.01 88.99 -0.23
CA LYS J 60 7.77 88.33 -0.67
C LYS J 60 6.74 89.29 -1.26
N LYS J 61 6.98 90.60 -1.17
CA LYS J 61 6.14 91.61 -1.80
C LYS J 61 6.77 92.19 -3.05
N LYS J 62 8.10 92.32 -3.05
CA LYS J 62 8.81 92.70 -4.27
C LYS J 62 8.84 91.56 -5.28
N LEU J 63 8.66 90.31 -4.82
CA LEU J 63 8.48 89.20 -5.74
C LEU J 63 7.13 89.29 -6.45
N GLN J 64 6.11 89.79 -5.75
CA GLN J 64 4.81 89.99 -6.38
C GLN J 64 4.81 91.15 -7.35
N ASP J 65 5.75 92.09 -7.21
CA ASP J 65 5.93 93.12 -8.21
C ASP J 65 6.74 92.63 -9.40
N LEU J 66 7.50 91.56 -9.23
CA LEU J 66 8.16 90.92 -10.36
C LEU J 66 7.17 90.16 -11.23
N VAL J 67 6.03 89.77 -10.66
CA VAL J 67 4.98 89.12 -11.45
C VAL J 67 4.04 90.14 -12.07
N ARG J 68 3.76 91.24 -11.36
CA ARG J 68 2.88 92.28 -11.89
C ARG J 68 3.48 92.99 -13.09
N GLU J 69 4.80 93.08 -13.17
CA GLU J 69 5.45 93.68 -14.33
C GLU J 69 5.32 92.79 -15.57
N VAL J 70 5.34 91.48 -15.38
CA VAL J 70 5.18 90.57 -16.51
C VAL J 70 3.71 90.47 -16.91
N ASP J 71 2.85 90.06 -15.99
CA ASP J 71 1.41 90.01 -16.21
C ASP J 71 0.71 90.84 -15.15
N PRO J 72 -0.11 91.83 -15.54
CA PRO J 72 -0.90 92.55 -14.53
C PRO J 72 -2.01 91.72 -13.91
N ASN J 73 -2.39 90.62 -14.56
CA ASN J 73 -3.41 89.71 -14.06
C ASN J 73 -2.77 88.33 -13.91
N GLU J 74 -2.12 88.10 -12.77
CA GLU J 74 -1.56 86.80 -12.44
C GLU J 74 -1.33 86.73 -10.94
N GLN J 75 -1.64 85.58 -10.35
CA GLN J 75 -1.46 85.34 -8.93
C GLN J 75 -0.77 84.01 -8.73
N LEU J 76 0.38 84.02 -8.07
CA LEU J 76 1.07 82.78 -7.74
C LEU J 76 0.38 82.08 -6.58
N ASP J 77 0.77 80.84 -6.36
CA ASP J 77 0.27 80.11 -5.20
C ASP J 77 1.29 80.34 -4.08
N GLU J 78 0.90 80.11 -2.84
CA GLU J 78 1.83 80.27 -1.71
C GLU J 78 2.96 79.25 -1.83
N ASP J 79 2.67 78.01 -2.26
CA ASP J 79 3.77 77.03 -2.46
C ASP J 79 4.73 77.56 -3.51
N VAL J 80 4.19 78.09 -4.61
CA VAL J 80 5.06 78.56 -5.71
C VAL J 80 5.92 79.69 -5.16
N GLU J 81 5.34 80.61 -4.38
CA GLU J 81 6.14 81.75 -3.88
C GLU J 81 7.25 81.23 -2.98
N GLU J 82 6.95 80.29 -2.10
CA GLU J 82 7.99 79.78 -1.17
C GLU J 82 9.08 79.07 -1.95
N MET J 83 8.75 78.27 -2.96
CA MET J 83 9.80 77.61 -3.77
C MET J 83 10.62 78.65 -4.51
N LEU J 84 10.02 79.70 -5.02
CA LEU J 84 10.75 80.76 -5.73
C LEU J 84 11.72 81.42 -4.75
N LEU J 85 11.29 81.65 -3.52
CA LEU J 85 12.20 82.24 -2.50
C LEU J 85 13.35 81.27 -2.22
N GLN J 86 13.08 79.98 -2.13
CA GLN J 86 14.18 79.00 -1.94
C GLN J 86 15.13 79.01 -3.11
N ILE J 87 14.63 79.10 -4.34
CA ILE J 87 15.49 79.13 -5.55
C ILE J 87 16.35 80.38 -5.48
N ALA J 88 15.79 81.51 -5.08
CA ALA J 88 16.59 82.75 -4.95
C ALA J 88 17.67 82.54 -3.92
N ASP J 89 17.34 81.95 -2.78
CA ASP J 89 18.34 81.82 -1.71
C ASP J 89 19.46 80.92 -2.21
N ASP J 90 19.09 79.85 -2.89
CA ASP J 90 20.09 78.90 -3.37
C ASP J 90 20.98 79.58 -4.40
N PHE J 91 20.41 80.41 -5.27
CA PHE J 91 21.18 81.10 -6.31
C PHE J 91 22.17 81.99 -5.58
N ILE J 92 21.70 82.73 -4.61
CA ILE J 92 22.65 83.67 -3.97
C ILE J 92 23.78 82.82 -3.40
N GLU J 93 23.46 81.74 -2.71
CA GLU J 93 24.56 81.00 -2.08
C GLU J 93 25.53 80.44 -3.12
N SER J 94 25.07 79.80 -4.17
CA SER J 94 26.00 79.17 -5.13
C SER J 94 26.85 80.25 -5.78
N VAL J 95 26.22 81.35 -6.17
CA VAL J 95 26.96 82.39 -6.92
C VAL J 95 28.04 82.91 -5.99
N VAL J 96 27.69 83.22 -4.75
CA VAL J 96 28.71 83.82 -3.85
C VAL J 96 29.80 82.79 -3.62
N THR J 97 29.48 81.52 -3.39
CA THR J 97 30.58 80.60 -3.10
C THR J 97 31.53 80.54 -4.29
N ALA J 98 31.00 80.41 -5.50
CA ALA J 98 31.97 80.27 -6.61
C ALA J 98 32.74 81.56 -6.89
N ALA J 99 32.10 82.69 -6.71
CA ALA J 99 32.76 83.99 -6.93
C ALA J 99 33.90 84.11 -5.93
N CYS J 100 33.66 83.69 -4.70
CA CYS J 100 34.69 83.70 -3.63
C CYS J 100 35.81 82.73 -4.00
N GLN J 101 35.52 81.60 -4.65
CA GLN J 101 36.58 80.68 -5.12
C GLN J 101 37.44 81.39 -6.18
N LEU J 102 36.84 82.14 -7.10
CA LEU J 102 37.58 82.94 -8.11
C LEU J 102 38.40 84.03 -7.44
N ALA J 103 37.89 84.66 -6.39
CA ALA J 103 38.60 85.73 -5.66
C ALA J 103 39.78 85.19 -4.90
N ARG J 104 39.66 84.04 -4.26
CA ARG J 104 40.84 83.41 -3.58
C ARG J 104 41.84 83.09 -4.67
N HIS J 105 41.36 82.65 -5.81
CA HIS J 105 42.23 82.32 -6.97
C HIS J 105 42.99 83.56 -7.43
N ARG J 106 42.37 84.72 -7.40
CA ARG J 106 43.00 85.99 -7.83
C ARG J 106 43.79 86.52 -6.61
N LYS J 107 43.93 85.70 -5.58
CA LYS J 107 44.70 86.08 -4.35
C LYS J 107 44.14 87.34 -3.72
N SER J 108 42.82 87.41 -3.52
CA SER J 108 42.20 88.65 -3.00
C SER J 108 41.29 88.39 -1.82
N SER J 109 41.11 89.39 -0.97
CA SER J 109 40.16 89.30 0.15
C SER J 109 39.01 90.28 -0.12
N THR J 110 38.86 90.73 -1.36
CA THR J 110 37.87 91.80 -1.62
C THR J 110 36.57 91.39 -2.32
N LEU J 111 36.45 90.21 -2.96
CA LEU J 111 35.17 89.89 -3.66
C LEU J 111 34.66 91.05 -4.51
N GLU J 112 35.43 91.54 -5.48
CA GLU J 112 34.97 92.58 -6.42
C GLU J 112 34.01 91.96 -7.44
N VAL J 113 33.23 92.76 -8.16
CA VAL J 113 32.18 92.22 -9.09
C VAL J 113 32.82 91.38 -10.19
N LYS J 114 33.94 91.81 -10.75
CA LYS J 114 34.63 91.01 -11.77
C LYS J 114 34.48 89.54 -11.37
N ASP J 115 34.55 89.22 -10.07
CA ASP J 115 34.45 87.83 -9.65
C ASP J 115 33.03 87.33 -9.75
N VAL J 116 32.05 88.16 -9.38
CA VAL J 116 30.65 87.76 -9.49
C VAL J 116 30.21 87.75 -10.94
N GLN J 117 30.73 88.69 -11.75
CA GLN J 117 30.36 88.76 -13.16
C GLN J 117 30.90 87.59 -13.96
N LEU J 118 32.06 87.07 -13.57
CA LEU J 118 32.65 85.95 -14.31
C LEU J 118 31.89 84.66 -14.08
N HIS J 119 31.35 84.46 -12.87
CA HIS J 119 30.62 83.23 -12.58
C HIS J 119 29.25 83.21 -13.27
N LEU J 120 28.64 84.38 -13.46
CA LEU J 120 27.38 84.45 -14.20
C LEU J 120 27.58 84.13 -15.68
N GLU J 121 28.67 84.62 -16.27
CA GLU J 121 28.84 84.46 -17.71
C GLU J 121 29.27 83.05 -18.08
N ARG J 122 30.01 82.37 -17.20
CA ARG J 122 30.57 81.07 -17.54
C ARG J 122 29.69 79.90 -17.13
N GLN J 123 28.93 80.03 -16.05
CA GLN J 123 28.10 78.93 -15.56
C GLN J 123 26.61 79.18 -15.71
N TRP J 124 26.17 80.44 -15.76
CA TRP J 124 24.75 80.75 -15.85
C TRP J 124 24.35 81.48 -17.12
N ASN J 125 25.30 82.09 -17.84
CA ASN J 125 25.08 82.83 -19.09
C ASN J 125 24.05 83.95 -18.89
N MET J 126 24.36 84.85 -17.94
CA MET J 126 23.45 85.95 -17.60
C MET J 126 23.83 87.26 -18.27
N TRP J 127 25.13 87.58 -18.22
CA TRP J 127 25.62 88.78 -18.92
C TRP J 127 24.90 90.01 -18.40
N ILE J 128 24.87 90.17 -17.09
CA ILE J 128 24.27 91.39 -16.49
C ILE J 128 25.23 92.53 -16.80
N PRO J 129 24.74 93.69 -17.26
CA PRO J 129 25.62 94.83 -17.47
C PRO J 129 26.22 95.18 -16.11
N GLY J 130 27.52 95.49 -16.05
CA GLY J 130 28.18 95.78 -14.76
C GLY J 130 28.10 97.25 -14.40
N TYR K 3 -31.10 65.90 8.65
CA TYR K 3 -32.37 66.55 8.89
C TYR K 3 -32.59 67.70 7.91
N GLN K 4 -33.73 67.70 7.22
CA GLN K 4 -34.03 68.74 6.19
C GLN K 4 -34.77 69.90 6.85
N LEU K 5 -34.51 70.15 8.14
CA LEU K 5 -35.23 71.20 8.87
C LEU K 5 -34.67 72.58 8.55
N TYR K 6 -33.37 72.67 8.31
CA TYR K 6 -32.68 73.95 8.26
C TYR K 6 -32.85 74.68 6.93
N ARG K 7 -33.64 74.14 6.01
CA ARG K 7 -33.81 74.79 4.71
C ARG K 7 -34.68 76.04 4.80
N ASN K 8 -35.48 76.18 5.85
CA ASN K 8 -36.25 77.41 6.05
C ASN K 8 -35.51 78.33 7.02
N THR K 9 -34.23 78.53 6.72
CA THR K 9 -33.40 79.52 7.39
C THR K 9 -33.02 80.56 6.34
N THR K 10 -32.10 81.47 6.68
CA THR K 10 -31.71 82.47 5.69
C THR K 10 -30.70 81.89 4.70
N LEU K 11 -29.89 80.93 5.13
CA LEU K 11 -28.98 80.26 4.21
C LEU K 11 -29.75 79.32 3.30
N GLY K 12 -30.74 78.63 3.86
CA GLY K 12 -31.61 77.81 3.04
C GLY K 12 -32.45 78.63 2.07
N ASN K 13 -32.87 79.83 2.50
CA ASN K 13 -33.62 80.73 1.62
C ASN K 13 -32.76 81.20 0.45
N SER K 14 -31.54 81.67 0.74
CA SER K 14 -30.64 82.12 -0.31
C SER K 14 -30.27 80.98 -1.25
N LEU K 15 -30.04 79.78 -0.71
CA LEU K 15 -29.69 78.63 -1.55
C LEU K 15 -30.86 78.21 -2.44
N GLN K 16 -32.07 78.13 -1.88
CA GLN K 16 -33.19 77.63 -2.67
C GLN K 16 -33.58 78.64 -3.75
N GLU K 17 -33.46 79.93 -3.46
CA GLU K 17 -33.85 80.89 -4.48
C GLU K 17 -32.75 81.08 -5.51
N SER K 18 -31.48 80.89 -5.13
CA SER K 18 -30.42 80.93 -6.13
C SER K 18 -30.44 79.68 -7.00
N LEU K 19 -30.86 78.55 -6.43
CA LEU K 19 -31.06 77.34 -7.22
C LEU K 19 -32.22 77.50 -8.19
N ASP K 20 -33.27 78.21 -7.80
CA ASP K 20 -34.34 78.48 -8.76
C ASP K 20 -33.92 79.52 -9.80
N GLU K 21 -33.02 80.43 -9.43
CA GLU K 21 -32.45 81.35 -10.41
C GLU K 21 -31.63 80.63 -11.46
N LEU K 22 -30.92 79.59 -11.05
CA LEU K 22 -30.15 78.85 -12.04
C LEU K 22 -31.00 77.77 -12.72
N ILE K 23 -32.15 77.42 -12.14
CA ILE K 23 -33.06 76.52 -12.85
C ILE K 23 -33.82 77.29 -13.91
N GLN K 24 -33.89 78.61 -13.78
CA GLN K 24 -34.60 79.41 -14.79
C GLN K 24 -33.74 79.60 -16.04
N SER K 25 -32.42 79.62 -15.88
CA SER K 25 -31.51 79.79 -17.00
C SER K 25 -31.05 78.47 -17.60
N GLN K 26 -31.73 77.37 -17.27
CA GLN K 26 -31.52 75.98 -17.70
C GLN K 26 -30.07 75.51 -17.70
N GLN K 27 -29.23 76.08 -16.83
CA GLN K 27 -27.86 75.59 -16.69
C GLN K 27 -27.83 74.36 -15.82
N ILE K 28 -28.68 74.31 -14.81
CA ILE K 28 -28.82 73.15 -13.94
C ILE K 28 -30.15 72.48 -14.26
N THR K 29 -30.36 71.31 -13.70
CA THR K 29 -31.54 70.51 -14.01
C THR K 29 -32.25 70.04 -12.75
N PRO K 30 -33.55 69.73 -12.82
CA PRO K 30 -34.20 68.96 -11.76
C PRO K 30 -33.66 67.53 -11.76
N GLN K 31 -33.83 66.86 -10.60
CA GLN K 31 -33.17 65.62 -10.17
C GLN K 31 -31.66 65.80 -10.07
N LEU K 32 -31.23 67.06 -9.95
CA LEU K 32 -29.85 67.36 -9.59
C LEU K 32 -29.83 68.28 -8.37
N ALA K 33 -30.80 69.20 -8.31
CA ALA K 33 -30.93 70.08 -7.17
C ALA K 33 -31.31 69.31 -5.91
N LEU K 34 -31.92 68.14 -6.08
CA LEU K 34 -32.13 67.23 -4.97
C LEU K 34 -30.80 66.79 -4.36
N GLN K 35 -29.82 66.48 -5.22
CA GLN K 35 -28.49 66.14 -4.72
C GLN K 35 -27.80 67.34 -4.10
N VAL K 36 -28.02 68.54 -4.66
CA VAL K 36 -27.44 69.76 -4.08
C VAL K 36 -27.97 70.00 -2.67
N LEU K 37 -29.28 69.91 -2.48
CA LEU K 37 -29.87 70.10 -1.17
C LEU K 37 -29.49 68.99 -0.20
N LEU K 38 -29.36 67.75 -0.70
CA LEU K 38 -28.97 66.65 0.18
C LEU K 38 -27.56 66.84 0.69
N GLN K 39 -26.64 67.24 -0.19
CA GLN K 39 -25.26 67.45 0.24
C GLN K 39 -25.15 68.67 1.14
N PHE K 40 -25.95 69.71 0.87
CA PHE K 40 -25.95 70.89 1.73
C PHE K 40 -26.49 70.57 3.12
N ASP K 41 -27.53 69.73 3.20
CA ASP K 41 -28.12 69.38 4.48
C ASP K 41 -27.18 68.49 5.30
N LYS K 42 -26.49 67.56 4.63
CA LYS K 42 -25.47 66.76 5.32
C LYS K 42 -24.31 67.64 5.79
N ALA K 43 -23.95 68.64 4.98
CA ALA K 43 -22.86 69.55 5.35
C ALA K 43 -23.22 70.39 6.57
N ILE K 44 -24.45 70.91 6.64
CA ILE K 44 -24.78 71.76 7.79
C ILE K 44 -25.11 70.91 9.02
N ASN K 45 -25.52 69.65 8.81
CA ASN K 45 -25.65 68.72 9.91
C ASN K 45 -24.30 68.45 10.54
N ALA K 46 -23.26 68.32 9.72
CA ALA K 46 -21.92 68.17 10.25
C ALA K 46 -21.42 69.46 10.88
N ALA K 47 -21.79 70.61 10.30
CA ALA K 47 -21.14 71.86 10.67
C ALA K 47 -21.74 72.48 11.92
N LEU K 48 -23.06 72.37 12.10
CA LEU K 48 -23.73 73.13 13.15
C LEU K 48 -23.53 72.52 14.53
N ALA K 49 -23.08 71.27 14.59
CA ALA K 49 -22.81 70.63 15.87
C ALA K 49 -21.31 70.46 16.09
N GLN K 50 -20.54 71.30 15.40
CA GLN K 50 -19.10 71.19 15.45
C GLN K 50 -18.41 72.52 15.77
N ARG K 51 -18.96 73.63 15.29
CA ARG K 51 -18.18 74.86 15.22
C ARG K 51 -18.45 75.85 16.34
N VAL K 52 -19.73 76.11 16.66
CA VAL K 52 -20.12 77.32 17.39
C VAL K 52 -19.69 77.29 18.85
N ARG K 53 -20.21 76.33 19.62
CA ARG K 53 -20.01 76.21 21.08
C ARG K 53 -20.41 77.49 21.82
N ASN K 54 -21.69 77.82 21.78
CA ASN K 54 -22.27 78.95 22.51
C ASN K 54 -23.59 78.50 23.11
N ARG K 55 -24.13 79.29 24.04
CA ARG K 55 -25.39 78.93 24.68
C ARG K 55 -26.15 80.18 25.12
N VAL K 56 -27.45 80.17 24.89
CA VAL K 56 -28.36 81.30 25.16
C VAL K 56 -29.48 80.76 26.05
N ASN K 57 -29.84 81.51 27.08
CA ASN K 57 -30.89 81.10 28.01
C ASN K 57 -32.04 82.08 27.97
N PHE K 58 -33.27 81.60 28.19
CA PHE K 58 -34.44 82.47 28.22
C PHE K 58 -35.47 81.96 29.22
N ARG K 59 -36.38 82.85 29.59
CA ARG K 59 -37.46 82.59 30.52
C ARG K 59 -38.79 82.96 29.88
N GLY K 60 -39.65 81.96 29.70
CA GLY K 60 -40.76 82.15 28.78
C GLY K 60 -42.13 82.08 29.40
N SER K 61 -43.09 82.59 28.62
CA SER K 61 -44.51 82.63 28.96
C SER K 61 -45.27 82.07 27.77
N LEU K 62 -45.53 80.77 27.80
CA LEU K 62 -45.96 80.04 26.61
C LEU K 62 -47.42 80.35 26.29
N ASN K 63 -47.78 80.24 25.02
CA ASN K 63 -49.15 80.51 24.59
C ASN K 63 -49.80 79.24 24.06
N THR K 64 -49.25 78.68 22.99
CA THR K 64 -49.66 77.39 22.44
C THR K 64 -48.43 76.52 22.19
N TYR K 65 -48.69 75.21 22.09
CA TYR K 65 -47.65 74.25 21.75
C TYR K 65 -48.27 73.20 20.85
N ARG K 66 -47.44 72.33 20.29
CA ARG K 66 -47.92 71.24 19.46
C ARG K 66 -46.79 70.24 19.30
N PHE K 67 -47.15 68.96 19.16
CA PHE K 67 -46.16 67.91 19.00
C PHE K 67 -46.71 66.87 18.03
N CYS K 68 -45.99 66.62 16.95
CA CYS K 68 -46.40 65.58 16.00
C CYS K 68 -45.18 65.10 15.24
N ASP K 69 -45.08 63.76 15.11
CA ASP K 69 -44.04 63.09 14.33
C ASP K 69 -42.63 63.45 14.81
N ASN K 70 -42.45 63.45 16.12
CA ASN K 70 -41.24 63.86 16.82
C ASN K 70 -40.81 65.29 16.48
N VAL K 71 -41.76 66.17 16.16
CA VAL K 71 -41.51 67.58 15.95
C VAL K 71 -42.29 68.35 17.00
N TRP K 72 -41.58 69.15 17.78
CA TRP K 72 -42.20 70.08 18.72
C TRP K 72 -42.25 71.45 18.06
N THR K 73 -43.33 72.18 18.30
CA THR K 73 -43.43 73.56 17.87
C THR K 73 -44.21 74.37 18.90
N PHE K 74 -43.58 75.41 19.43
CA PHE K 74 -44.13 76.26 20.47
C PHE K 74 -44.31 77.67 19.93
N VAL K 75 -45.30 78.38 20.48
CA VAL K 75 -45.45 79.81 20.22
C VAL K 75 -45.42 80.53 21.55
N LEU K 76 -44.31 81.22 21.84
CA LEU K 76 -44.19 81.96 23.08
C LEU K 76 -44.56 83.42 22.88
N ASN K 77 -44.95 84.06 23.98
CA ASN K 77 -45.30 85.48 23.93
C ASN K 77 -44.50 86.25 24.99
N ASP K 78 -44.00 87.41 24.55
CA ASP K 78 -43.33 88.43 25.36
C ASP K 78 -42.14 87.88 26.10
N VAL K 79 -41.24 87.20 25.39
CA VAL K 79 -40.12 86.53 26.01
C VAL K 79 -38.90 87.46 25.94
N GLU K 80 -38.05 87.34 26.95
CA GLU K 80 -36.75 87.98 26.94
C GLU K 80 -35.70 86.88 26.79
N PHE K 81 -34.65 87.17 26.04
CA PHE K 81 -33.54 86.24 25.90
C PHE K 81 -32.43 86.65 26.86
N ARG K 82 -31.39 85.82 26.95
CA ARG K 82 -30.24 86.22 27.74
C ARG K 82 -28.97 85.67 27.12
N GLU K 83 -28.07 86.59 26.80
CA GLU K 83 -26.65 86.29 26.75
C GLU K 83 -26.02 87.21 27.78
N VAL K 84 -24.79 86.91 28.24
CA VAL K 84 -24.07 87.73 29.21
C VAL K 84 -23.88 89.13 28.65
N THR K 85 -24.50 90.10 29.31
CA THR K 85 -24.61 91.51 28.93
C THR K 85 -25.24 91.70 27.55
N GLU K 86 -26.04 90.74 27.11
CA GLU K 86 -26.79 90.89 25.88
C GLU K 86 -28.21 90.40 26.05
N LEU K 87 -29.15 91.34 26.14
CA LEU K 87 -30.54 91.05 26.44
C LEU K 87 -31.37 91.32 25.19
N ILE K 88 -32.21 90.36 24.82
CA ILE K 88 -33.07 90.46 23.64
C ILE K 88 -34.51 90.36 24.10
N LYS K 89 -35.21 91.50 24.12
CA LYS K 89 -36.64 91.53 24.35
C LYS K 89 -37.38 91.47 23.01
N VAL K 90 -38.36 90.58 22.95
CA VAL K 90 -39.12 90.37 21.73
C VAL K 90 -40.53 89.94 22.14
N ASP K 91 -41.50 90.02 21.21
CA ASP K 91 -42.90 89.92 21.57
C ASP K 91 -43.54 88.56 21.30
N LYS K 92 -43.18 87.86 20.23
CA LYS K 92 -43.88 86.62 19.88
C LYS K 92 -42.94 85.75 19.07
N VAL K 93 -42.60 84.57 19.60
CA VAL K 93 -41.60 83.69 19.00
C VAL K 93 -42.25 82.38 18.60
N LYS K 94 -41.82 81.81 17.49
CA LYS K 94 -42.16 80.45 17.12
C LYS K 94 -40.91 79.59 17.16
N ILE K 95 -40.93 78.55 17.98
CA ILE K 95 -39.77 77.68 18.17
C ILE K 95 -40.10 76.31 17.60
N VAL K 96 -39.32 75.87 16.62
CA VAL K 96 -39.48 74.56 15.99
C VAL K 96 -38.27 73.71 16.39
N ALA K 97 -38.50 72.45 16.70
CA ALA K 97 -37.42 71.58 17.15
C ALA K 97 -37.71 70.14 16.79
N CYS K 98 -36.76 69.50 16.12
CA CYS K 98 -36.89 68.05 15.86
C CYS K 98 -35.89 67.35 16.78
N ASP K 99 -35.84 66.02 16.73
CA ASP K 99 -34.96 65.23 17.59
C ASP K 99 -33.51 65.32 17.13
N ILE L 161 -67.55 69.36 58.99
CA ILE L 161 -66.56 69.16 57.93
C ILE L 161 -67.28 68.73 56.68
N VAL L 162 -66.86 69.23 55.54
CA VAL L 162 -67.40 68.81 54.24
C VAL L 162 -66.22 68.42 53.35
N PRO L 163 -66.33 67.35 52.57
CA PRO L 163 -65.27 67.02 51.63
C PRO L 163 -65.46 67.75 50.31
N GLN L 164 -64.42 68.44 49.87
CA GLN L 164 -64.44 69.15 48.61
C GLN L 164 -63.86 68.25 47.53
N LEU L 165 -64.47 68.27 46.35
CA LEU L 165 -63.99 67.43 45.27
C LEU L 165 -62.74 68.02 44.65
N GLN L 166 -61.80 67.17 44.32
CA GLN L 166 -60.57 67.59 43.67
C GLN L 166 -60.42 67.09 42.24
N ASN L 167 -61.06 65.99 41.87
CA ASN L 167 -60.83 65.43 40.55
C ASN L 167 -62.05 64.67 40.06
N ILE L 168 -62.46 64.92 38.81
CA ILE L 168 -63.60 64.26 38.19
C ILE L 168 -63.14 63.64 36.88
N VAL L 169 -63.32 62.34 36.74
CA VAL L 169 -62.94 61.62 35.52
C VAL L 169 -64.20 61.18 34.81
N SER L 170 -64.39 61.65 33.57
CA SER L 170 -65.58 61.32 32.80
C SER L 170 -65.18 60.78 31.43
N THR L 171 -66.16 60.22 30.73
CA THR L 171 -65.96 59.58 29.43
C THR L 171 -67.14 59.92 28.52
N VAL L 172 -66.87 60.11 27.24
CA VAL L 172 -67.90 60.52 26.29
C VAL L 172 -67.61 59.91 24.92
N ASN L 173 -68.64 59.36 24.29
CA ASN L 173 -68.56 58.77 22.97
C ASN L 173 -68.91 59.83 21.94
N LEU L 174 -68.01 60.06 20.99
CA LEU L 174 -68.31 60.99 19.90
C LEU L 174 -68.99 60.30 18.74
N GLY L 175 -68.82 58.99 18.60
CA GLY L 175 -69.51 58.20 17.60
C GLY L 175 -68.85 58.15 16.23
N CYS L 176 -67.82 58.93 15.99
CA CYS L 176 -67.18 58.97 14.68
C CYS L 176 -65.71 58.58 14.81
N LYS L 177 -65.25 57.74 13.89
CA LYS L 177 -63.88 57.28 13.94
C LYS L 177 -62.94 58.39 13.47
N LEU L 178 -61.84 58.56 14.17
CA LEU L 178 -60.92 59.66 13.94
C LEU L 178 -59.55 59.14 13.55
N ASP L 179 -58.95 59.77 12.55
CA ASP L 179 -57.53 59.60 12.28
C ASP L 179 -56.77 60.70 13.02
N LEU L 180 -55.77 60.30 13.79
CA LEU L 180 -55.28 61.17 14.84
C LEU L 180 -54.27 62.18 14.33
N LYS L 181 -53.75 61.96 13.12
CA LYS L 181 -52.65 62.80 12.65
C LYS L 181 -53.14 64.18 12.25
N THR L 182 -54.32 64.27 11.65
CA THR L 182 -54.85 65.58 11.29
C THR L 182 -55.31 66.35 12.51
N ILE L 183 -55.78 65.66 13.56
CA ILE L 183 -56.14 66.34 14.79
C ILE L 183 -54.89 66.82 15.52
N ALA L 184 -53.81 66.04 15.42
CA ALA L 184 -52.57 66.45 16.07
C ALA L 184 -51.90 67.58 15.32
N LEU L 185 -52.12 67.67 14.01
CA LEU L 185 -51.44 68.70 13.23
C LEU L 185 -52.26 69.98 13.16
N ARG L 186 -53.57 69.89 13.25
CA ARG L 186 -54.42 71.06 13.14
C ARG L 186 -54.78 71.71 14.46
N ALA L 187 -55.16 70.92 15.46
CA ALA L 187 -55.63 71.48 16.72
C ALA L 187 -54.45 71.92 17.59
N ARG L 188 -54.70 72.91 18.44
CA ARG L 188 -53.66 73.44 19.30
C ARG L 188 -53.50 72.58 20.56
N ASN L 189 -52.38 72.78 21.26
CA ASN L 189 -52.11 72.07 22.54
C ASN L 189 -52.55 70.60 22.45
N ALA L 190 -52.34 69.96 21.29
CA ALA L 190 -52.67 68.53 21.15
C ALA L 190 -51.37 67.72 21.09
N GLU L 191 -51.20 66.74 21.99
CA GLU L 191 -49.94 65.96 22.02
C GLU L 191 -50.24 64.51 21.58
N TYR L 192 -49.55 64.04 20.55
CA TYR L 192 -49.72 62.63 20.11
C TYR L 192 -48.36 61.93 20.16
N ASN L 193 -48.26 60.85 20.93
CA ASN L 193 -47.00 60.09 21.04
C ASN L 193 -47.31 58.60 20.86
N PRO L 194 -47.57 58.09 19.64
CA PRO L 194 -48.00 56.70 19.45
C PRO L 194 -47.02 55.63 19.94
N LYS L 195 -45.72 55.81 19.69
CA LYS L 195 -44.71 54.84 20.16
C LYS L 195 -44.75 54.77 21.69
N ARG L 196 -45.56 55.64 22.31
CA ARG L 196 -45.69 55.65 23.77
C ARG L 196 -47.12 55.32 24.20
N PHE L 197 -48.09 56.05 23.69
CA PHE L 197 -49.49 55.77 23.97
C PHE L 197 -50.33 56.20 22.78
N ALA L 198 -51.46 55.52 22.60
CA ALA L 198 -52.22 55.57 21.36
C ALA L 198 -53.36 56.57 21.37
N ALA L 199 -53.21 57.72 22.01
CA ALA L 199 -54.28 58.70 22.07
C ALA L 199 -53.71 60.10 21.92
N VAL L 200 -54.60 61.06 21.69
CA VAL L 200 -54.20 62.45 21.54
C VAL L 200 -54.51 63.18 22.83
N ILE L 201 -53.51 63.84 23.40
CA ILE L 201 -53.62 64.46 24.72
C ILE L 201 -53.76 65.96 24.55
N MET L 202 -54.99 66.45 24.58
CA MET L 202 -55.24 67.87 24.37
C MET L 202 -55.70 68.52 25.65
N ARG L 203 -55.08 69.65 26.00
CA ARG L 203 -55.38 70.37 27.23
C ARG L 203 -56.06 71.69 26.89
N ILE L 204 -57.01 72.10 27.73
CA ILE L 204 -57.60 73.43 27.60
C ILE L 204 -57.13 74.26 28.79
N ARG L 205 -57.53 75.53 28.83
CA ARG L 205 -56.93 76.40 29.83
C ARG L 205 -57.95 76.99 30.78
N GLU L 206 -59.08 77.49 30.24
CA GLU L 206 -60.10 78.14 31.10
C GLU L 206 -60.44 77.19 32.24
N PRO L 207 -60.99 75.96 32.00
CA PRO L 207 -61.14 74.98 33.07
C PRO L 207 -59.88 74.14 32.84
N ARG L 208 -59.02 74.00 33.86
CA ARG L 208 -57.78 73.27 33.69
C ARG L 208 -58.07 71.78 33.54
N THR L 209 -58.13 71.33 32.29
CA THR L 209 -58.73 70.04 31.94
C THR L 209 -57.95 69.38 30.81
N THR L 210 -57.86 68.04 30.83
CA THR L 210 -57.08 67.28 29.87
C THR L 210 -57.94 66.17 29.26
N ALA L 211 -57.86 65.99 27.95
CA ALA L 211 -58.62 64.95 27.27
C ALA L 211 -57.69 64.02 26.51
N LEU L 212 -57.90 62.72 26.68
CA LEU L 212 -57.33 61.71 25.82
C LEU L 212 -58.39 61.34 24.79
N ILE L 213 -58.14 61.69 23.53
CA ILE L 213 -59.05 61.38 22.43
C ILE L 213 -58.52 60.15 21.75
N PHE L 214 -59.38 59.16 21.55
CA PHE L 214 -58.94 57.91 20.94
C PHE L 214 -59.40 57.84 19.49
N SER L 215 -58.84 56.87 18.77
CA SER L 215 -59.08 56.79 17.33
C SER L 215 -60.45 56.22 17.02
N SER L 216 -61.07 55.56 17.99
CA SER L 216 -62.41 55.02 17.79
C SER L 216 -63.50 55.99 18.18
N GLY L 217 -63.14 57.23 18.53
CA GLY L 217 -64.12 58.25 18.84
C GLY L 217 -64.56 58.33 20.27
N LYS L 218 -63.88 57.66 21.19
CA LYS L 218 -64.18 57.73 22.61
C LYS L 218 -63.17 58.66 23.27
N MET L 219 -63.63 59.46 24.22
CA MET L 219 -62.82 60.51 24.81
C MET L 219 -62.88 60.43 26.32
N VAL L 220 -61.71 60.46 26.97
CA VAL L 220 -61.60 60.50 28.42
C VAL L 220 -61.23 61.92 28.83
N CYS L 221 -62.00 62.49 29.74
CA CYS L 221 -61.84 63.88 30.14
C CYS L 221 -61.59 63.94 31.65
N THR L 222 -60.43 64.46 32.04
CA THR L 222 -59.98 64.44 33.42
C THR L 222 -59.59 65.83 33.87
N GLY L 223 -59.75 66.10 35.16
CA GLY L 223 -59.14 67.27 35.77
C GLY L 223 -60.09 68.28 36.37
N ALA L 224 -61.36 68.28 35.99
CA ALA L 224 -62.28 69.29 36.48
C ALA L 224 -62.69 69.00 37.91
N LYS L 225 -63.43 69.92 38.52
CA LYS L 225 -63.71 69.85 39.95
C LYS L 225 -65.19 69.92 40.29
N SER L 226 -66.07 69.65 39.33
CA SER L 226 -67.50 69.47 39.58
C SER L 226 -68.07 68.68 38.41
N GLU L 227 -69.37 68.38 38.49
CA GLU L 227 -70.00 67.66 37.39
C GLU L 227 -70.29 68.59 36.23
N GLU L 228 -70.77 69.80 36.51
CA GLU L 228 -71.11 70.73 35.45
C GLU L 228 -69.87 71.24 34.74
N GLN L 229 -68.77 71.42 35.47
CA GLN L 229 -67.53 71.85 34.82
C GLN L 229 -66.96 70.76 33.95
N SER L 230 -67.08 69.50 34.37
CA SER L 230 -66.59 68.40 33.56
C SER L 230 -67.43 68.25 32.30
N ARG L 231 -68.75 68.43 32.42
CA ARG L 231 -69.62 68.37 31.25
C ARG L 231 -69.36 69.52 30.30
N LEU L 232 -69.06 70.70 30.83
CA LEU L 232 -68.79 71.85 29.96
C LEU L 232 -67.45 71.72 29.25
N ALA L 233 -66.45 71.16 29.94
CA ALA L 233 -65.17 70.92 29.29
C ALA L 233 -65.28 69.83 28.23
N ALA L 234 -66.12 68.81 28.48
CA ALA L 234 -66.33 67.77 27.49
C ALA L 234 -67.03 68.31 26.25
N ARG L 235 -68.00 69.22 26.44
CA ARG L 235 -68.64 69.87 25.31
C ARG L 235 -67.64 70.73 24.51
N LYS L 236 -66.73 71.41 25.21
CA LYS L 236 -65.71 72.20 24.53
C LYS L 236 -64.78 71.33 23.70
N TYR L 237 -64.39 70.18 24.23
CA TYR L 237 -63.55 69.25 23.48
C TYR L 237 -64.28 68.68 22.27
N ALA L 238 -65.58 68.40 22.42
CA ALA L 238 -66.34 67.89 21.29
C ALA L 238 -66.48 68.95 20.19
N ARG L 239 -66.64 70.21 20.57
CA ARG L 239 -66.79 71.23 19.52
C ARG L 239 -65.44 71.57 18.88
N VAL L 240 -64.33 71.40 19.60
CA VAL L 240 -63.05 71.69 18.94
C VAL L 240 -62.66 70.52 18.03
N VAL L 241 -63.17 69.33 18.31
CA VAL L 241 -63.03 68.25 17.32
C VAL L 241 -63.96 68.51 16.14
N GLN L 242 -65.17 68.99 16.41
CA GLN L 242 -66.17 69.23 15.37
C GLN L 242 -65.73 70.27 14.36
N LYS L 243 -65.19 71.40 14.83
CA LYS L 243 -64.86 72.50 13.93
C LYS L 243 -63.65 72.22 13.06
N LEU L 244 -62.91 71.14 13.33
CA LEU L 244 -61.86 70.73 12.40
C LEU L 244 -62.46 70.06 11.17
N GLY L 245 -63.60 69.41 11.32
CA GLY L 245 -64.28 68.86 10.18
C GLY L 245 -64.95 67.51 10.39
N PHE L 246 -64.71 66.88 11.53
CA PHE L 246 -65.30 65.57 11.77
C PHE L 246 -66.74 65.74 12.24
N PRO L 247 -67.66 64.92 11.76
CA PRO L 247 -69.03 64.98 12.27
C PRO L 247 -69.14 64.27 13.61
N ALA L 248 -69.19 65.06 14.68
CA ALA L 248 -69.06 64.54 16.03
C ALA L 248 -70.35 64.78 16.82
N LYS L 249 -70.99 63.69 17.24
CA LYS L 249 -72.23 63.80 18.05
C LYS L 249 -71.90 63.53 19.53
N PHE L 250 -72.53 64.27 20.45
CA PHE L 250 -72.32 64.02 21.90
C PHE L 250 -73.25 62.87 22.29
N LEU L 251 -72.90 61.63 21.90
CA LEU L 251 -73.77 60.45 22.16
C LEU L 251 -73.99 60.24 23.66
N ASP L 252 -73.02 59.64 24.36
CA ASP L 252 -73.20 59.33 25.79
C ASP L 252 -72.09 59.95 26.64
N PHE L 253 -72.45 60.70 27.68
CA PHE L 253 -71.42 61.26 28.60
C PHE L 253 -71.61 60.61 29.98
N LYS L 254 -70.57 59.93 30.48
CA LYS L 254 -70.65 59.26 31.80
C LYS L 254 -69.42 59.63 32.63
N ILE L 255 -69.62 59.98 33.90
CA ILE L 255 -68.45 60.31 34.79
C ILE L 255 -67.96 59.00 35.41
N GLN L 256 -66.77 58.55 35.00
CA GLN L 256 -66.21 57.29 35.53
C GLN L 256 -65.90 57.41 37.02
N ASN L 257 -65.27 58.52 37.46
CA ASN L 257 -64.86 58.59 38.87
C ASN L 257 -64.94 60.01 39.46
N MET L 258 -65.17 60.12 40.76
CA MET L 258 -65.17 61.44 41.43
C MET L 258 -64.23 61.31 42.65
N VAL L 259 -63.28 62.23 42.81
CA VAL L 259 -62.28 62.11 43.91
C VAL L 259 -62.40 63.32 44.84
N GLY L 260 -62.50 63.07 46.16
CA GLY L 260 -62.58 64.18 47.14
C GLY L 260 -61.61 63.97 48.29
N SER L 261 -61.19 65.06 48.94
CA SER L 261 -60.27 64.97 50.11
C SER L 261 -60.72 65.92 51.21
N CYS L 262 -60.35 65.64 52.47
CA CYS L 262 -60.80 66.48 53.61
C CYS L 262 -59.82 66.37 54.79
N ASP L 263 -59.88 67.31 55.74
CA ASP L 263 -59.03 67.26 56.96
C ASP L 263 -59.94 67.11 58.17
N VAL L 264 -59.70 66.11 59.02
CA VAL L 264 -60.57 65.87 60.16
C VAL L 264 -60.09 66.56 61.42
N LYS L 265 -59.06 67.41 61.30
CA LYS L 265 -58.58 68.38 62.31
C LYS L 265 -57.96 67.78 63.56
N PHE L 266 -57.51 66.53 63.57
CA PHE L 266 -56.73 66.02 64.69
C PHE L 266 -55.80 64.94 64.18
N PRO L 267 -54.69 64.67 64.89
CA PRO L 267 -53.84 63.54 64.52
C PRO L 267 -54.53 62.23 64.81
N ILE L 268 -54.29 61.24 63.95
CA ILE L 268 -54.94 59.94 64.04
C ILE L 268 -53.88 58.88 64.31
N ARG L 269 -54.21 57.91 65.15
CA ARG L 269 -53.29 56.84 65.54
C ARG L 269 -53.71 55.58 64.81
N LEU L 270 -52.89 55.15 63.85
CA LEU L 270 -53.36 54.18 62.85
C LEU L 270 -53.23 52.74 63.34
N GLU L 271 -52.45 52.52 64.40
CA GLU L 271 -52.19 51.15 64.85
C GLU L 271 -53.42 50.55 65.54
N GLY L 272 -54.12 51.35 66.33
CA GLY L 272 -55.39 50.87 66.86
C GLY L 272 -56.44 50.71 65.78
N LEU L 273 -56.33 51.51 64.72
CA LEU L 273 -57.29 51.44 63.63
C LEU L 273 -57.11 50.17 62.82
N VAL L 274 -55.87 49.69 62.68
CA VAL L 274 -55.67 48.42 62.00
C VAL L 274 -55.88 47.27 62.97
N LEU L 275 -55.78 47.55 64.27
CA LEU L 275 -55.98 46.49 65.26
C LEU L 275 -57.46 46.15 65.42
N THR L 276 -58.35 47.13 65.33
CA THR L 276 -59.76 46.85 65.55
C THR L 276 -60.56 46.64 64.27
N HIS L 277 -59.99 46.95 63.10
CA HIS L 277 -60.71 46.80 61.84
C HIS L 277 -59.84 46.13 60.80
N GLN L 278 -59.17 45.03 61.16
CA GLN L 278 -58.21 44.43 60.25
C GLN L 278 -58.87 43.66 59.12
N GLN L 279 -60.20 43.53 59.16
CA GLN L 279 -60.90 42.88 58.06
C GLN L 279 -60.97 43.81 56.84
N PHE L 280 -61.12 45.12 57.06
CA PHE L 280 -61.35 46.04 55.93
C PHE L 280 -60.15 46.96 55.68
N SER L 281 -59.15 46.93 56.56
CA SER L 281 -58.03 47.91 56.40
C SER L 281 -56.71 47.19 56.12
N SER L 282 -56.04 47.56 55.03
CA SER L 282 -54.68 46.99 54.76
C SER L 282 -53.66 48.11 54.98
N TYR L 283 -52.78 47.96 55.96
CA TYR L 283 -51.83 49.06 56.28
C TYR L 283 -50.40 48.54 56.26
N GLU L 284 -49.57 49.07 55.36
CA GLU L 284 -48.12 48.70 55.38
C GLU L 284 -47.35 50.01 55.34
N PRO L 285 -46.65 50.41 56.41
CA PRO L 285 -45.98 51.71 56.44
C PRO L 285 -44.85 51.89 55.42
N GLU L 286 -44.02 50.88 55.23
CA GLU L 286 -42.84 51.04 54.33
C GLU L 286 -43.30 51.30 52.89
N LEU L 287 -44.26 50.52 52.39
CA LEU L 287 -44.67 50.66 50.97
C LEU L 287 -45.33 52.03 50.71
N PHE L 288 -46.24 52.45 51.59
CA PHE L 288 -46.96 53.73 51.42
C PHE L 288 -47.24 54.30 52.81
N PRO L 289 -47.11 55.62 53.07
CA PRO L 289 -47.31 56.13 54.43
C PRO L 289 -48.80 56.41 54.69
N GLY L 290 -49.66 55.42 54.43
CA GLY L 290 -51.11 55.64 54.60
C GLY L 290 -51.84 54.33 54.80
N LEU L 291 -53.07 54.40 55.30
CA LEU L 291 -53.87 53.18 55.57
C LEU L 291 -55.00 53.12 54.54
N ILE L 292 -55.11 52.00 53.82
CA ILE L 292 -56.22 51.84 52.84
C ILE L 292 -57.38 51.16 53.58
N TYR L 293 -58.48 51.88 53.79
CA TYR L 293 -59.67 51.28 54.46
C TYR L 293 -60.76 51.15 53.40
N ARG L 294 -61.26 49.93 53.20
CA ARG L 294 -62.26 49.72 52.14
C ARG L 294 -63.64 49.68 52.79
N MET L 295 -64.51 50.63 52.45
CA MET L 295 -65.89 50.59 52.99
C MET L 295 -66.68 49.61 52.14
N ILE L 296 -67.36 48.65 52.78
CA ILE L 296 -68.05 47.57 52.02
C ILE L 296 -69.37 48.07 51.41
N LYS L 297 -70.07 48.98 52.08
CA LYS L 297 -71.43 49.35 51.56
C LYS L 297 -71.38 50.53 50.59
N PRO L 298 -70.68 51.67 50.87
CA PRO L 298 -70.51 52.73 49.88
C PRO L 298 -69.67 52.27 48.69
N ARG L 299 -68.66 51.41 48.92
CA ARG L 299 -67.74 50.93 47.85
C ARG L 299 -66.73 52.04 47.55
N ILE L 300 -66.12 52.60 48.60
CA ILE L 300 -65.18 53.70 48.46
C ILE L 300 -63.85 53.22 49.02
N VAL L 301 -62.75 53.78 48.54
CA VAL L 301 -61.43 53.53 49.10
C VAL L 301 -60.95 54.81 49.76
N LEU L 302 -60.54 54.70 51.02
CA LEU L 302 -60.12 55.87 51.79
C LEU L 302 -58.66 55.71 52.20
N LEU L 303 -57.83 56.65 51.80
CA LEU L 303 -56.47 56.73 52.31
C LEU L 303 -56.49 57.64 53.53
N ILE L 304 -56.19 57.07 54.69
CA ILE L 304 -56.21 57.79 55.96
C ILE L 304 -54.78 58.03 56.39
N PHE L 305 -54.41 59.29 56.59
CA PHE L 305 -53.04 59.61 56.94
C PHE L 305 -52.95 59.98 58.42
N VAL L 306 -51.72 60.00 58.93
CA VAL L 306 -51.51 60.25 60.35
C VAL L 306 -51.69 61.73 60.66
N SER L 307 -51.51 62.59 59.67
CA SER L 307 -51.58 64.02 59.91
C SER L 307 -53.02 64.50 60.01
N GLY L 308 -53.96 63.69 59.55
CA GLY L 308 -55.36 64.06 59.67
C GLY L 308 -56.04 64.21 58.33
N LYS L 309 -55.29 64.09 57.24
CA LYS L 309 -55.88 64.24 55.93
C LYS L 309 -56.38 62.90 55.42
N VAL L 310 -57.63 62.87 54.96
CA VAL L 310 -58.27 61.68 54.41
C VAL L 310 -58.58 61.95 52.95
N VAL L 311 -58.32 60.96 52.09
CA VAL L 311 -58.60 61.07 50.66
C VAL L 311 -59.59 59.98 50.28
N LEU L 312 -60.74 60.37 49.72
CA LEU L 312 -61.78 59.44 49.33
C LEU L 312 -61.80 59.31 47.82
N THR L 313 -61.65 58.08 47.33
CA THR L 313 -61.59 57.82 45.90
C THR L 313 -62.43 56.61 45.55
N GLY L 314 -62.82 56.56 44.28
CA GLY L 314 -63.51 55.39 43.76
C GLY L 314 -65.01 55.49 43.77
N ALA L 315 -65.53 56.69 43.54
CA ALA L 315 -66.95 56.97 43.66
C ALA L 315 -67.51 57.44 42.34
N LYS L 316 -68.79 57.17 42.10
CA LYS L 316 -69.42 57.67 40.89
C LYS L 316 -70.19 58.96 41.15
N VAL L 317 -70.87 59.04 42.30
CA VAL L 317 -71.69 60.20 42.61
C VAL L 317 -71.11 60.94 43.81
N ARG L 318 -71.69 62.10 44.10
CA ARG L 318 -71.21 62.93 45.20
C ARG L 318 -71.70 62.40 46.54
N ALA L 319 -72.92 61.85 46.54
CA ALA L 319 -73.54 61.43 47.79
C ALA L 319 -72.86 60.21 48.37
N GLU L 320 -72.18 59.43 47.53
CA GLU L 320 -71.41 58.29 48.01
C GLU L 320 -70.19 58.77 48.80
N ILE L 321 -69.54 59.82 48.31
CA ILE L 321 -68.41 60.41 49.04
C ILE L 321 -68.88 60.99 50.37
N TYR L 322 -70.05 61.64 50.35
CA TYR L 322 -70.56 62.26 51.57
C TYR L 322 -70.97 61.21 52.60
N GLU L 323 -71.61 60.14 52.16
CA GLU L 323 -72.03 59.08 53.07
C GLU L 323 -70.85 58.27 53.57
N ALA L 324 -69.80 58.10 52.76
CA ALA L 324 -68.62 57.41 53.23
C ALA L 324 -67.87 58.22 54.27
N PHE L 325 -67.81 59.54 54.10
CA PHE L 325 -67.14 60.36 55.11
C PHE L 325 -67.94 60.41 56.40
N GLU L 326 -69.27 60.48 56.31
CA GLU L 326 -70.09 60.45 57.52
C GLU L 326 -70.06 59.08 58.19
N ASN L 327 -69.77 58.04 57.42
CA ASN L 327 -69.59 56.73 58.01
C ASN L 327 -68.26 56.64 58.77
N ILE L 328 -67.18 57.17 58.17
CA ILE L 328 -65.87 56.92 58.75
C ILE L 328 -65.48 57.98 59.75
N TYR L 329 -66.26 59.05 59.88
CA TYR L 329 -65.92 60.04 60.89
C TYR L 329 -66.00 59.60 62.36
N PRO L 330 -67.02 58.84 62.84
CA PRO L 330 -67.02 58.47 64.26
C PRO L 330 -65.90 57.52 64.64
N ILE L 331 -65.46 56.66 63.73
CA ILE L 331 -64.33 55.77 64.01
C ILE L 331 -63.06 56.58 64.18
N LEU L 332 -62.86 57.58 63.32
CA LEU L 332 -61.66 58.41 63.41
C LEU L 332 -61.67 59.28 64.66
N LYS L 333 -62.85 59.74 65.08
CA LYS L 333 -62.91 60.48 66.33
C LYS L 333 -62.69 59.56 67.52
N GLY L 334 -63.11 58.31 67.41
CA GLY L 334 -62.85 57.35 68.48
C GLY L 334 -61.38 56.97 68.60
N PHE L 335 -60.64 57.09 67.50
CA PHE L 335 -59.21 56.79 67.55
C PHE L 335 -58.32 58.02 67.50
N ARG L 336 -58.71 59.11 68.15
CA ARG L 336 -57.88 60.30 68.23
C ARG L 336 -56.65 60.00 69.08
N LYS L 337 -55.54 60.66 68.77
CA LYS L 337 -54.30 60.46 69.52
C LYS L 337 -54.40 61.04 70.93
N THR M 9 -19.30 85.89 14.33
CA THR M 9 -19.71 84.56 14.78
C THR M 9 -20.66 83.87 13.78
N VAL M 10 -21.55 84.64 13.16
CA VAL M 10 -22.34 84.15 12.03
C VAL M 10 -21.63 84.14 10.67
N PRO M 11 -20.85 85.16 10.24
CA PRO M 11 -20.28 85.05 8.88
C PRO M 11 -19.15 84.07 8.80
N LYS M 12 -18.45 83.79 9.91
CA LYS M 12 -17.42 82.77 9.90
C LYS M 12 -17.99 81.40 9.58
N LEU M 13 -19.10 81.04 10.25
CA LEU M 13 -19.76 79.78 9.97
C LEU M 13 -20.36 79.76 8.57
N TYR M 14 -20.88 80.90 8.11
CA TYR M 14 -21.48 80.95 6.78
C TYR M 14 -20.43 80.77 5.68
N ARG M 15 -19.27 81.43 5.81
CA ARG M 15 -18.18 81.28 4.85
C ARG M 15 -17.64 79.85 4.85
N SER M 16 -17.45 79.27 6.03
CA SER M 16 -16.89 77.92 6.12
C SER M 16 -17.83 76.89 5.51
N VAL M 17 -19.13 77.00 5.79
CA VAL M 17 -20.04 75.98 5.28
C VAL M 17 -20.37 76.21 3.80
N ILE M 18 -20.27 77.45 3.30
CA ILE M 18 -20.55 77.66 1.89
C ILE M 18 -19.37 77.20 1.05
N GLU M 19 -18.15 77.32 1.58
CA GLU M 19 -17.01 76.78 0.84
C GLU M 19 -16.94 75.26 1.01
N ASP M 20 -17.45 74.75 2.12
CA ASP M 20 -17.54 73.31 2.32
C ASP M 20 -18.51 72.69 1.31
N VAL M 21 -19.69 73.29 1.13
CA VAL M 21 -20.66 72.71 0.22
C VAL M 21 -20.24 72.95 -1.22
N ILE M 22 -19.48 74.02 -1.49
CA ILE M 22 -18.96 74.24 -2.85
C ILE M 22 -17.93 73.17 -3.21
N ASN M 23 -16.96 72.95 -2.31
CA ASN M 23 -15.91 71.98 -2.59
C ASN M 23 -16.41 70.54 -2.48
N ASP M 24 -17.60 70.34 -1.91
CA ASP M 24 -18.21 69.02 -2.00
C ASP M 24 -19.06 68.86 -3.25
N VAL M 25 -19.75 69.90 -3.70
CA VAL M 25 -20.67 69.80 -4.83
C VAL M 25 -19.97 69.95 -6.16
N ARG M 26 -18.68 70.30 -6.16
CA ARG M 26 -17.87 70.30 -7.38
C ARG M 26 -17.89 68.94 -8.08
N ASP M 27 -17.60 67.87 -7.33
CA ASP M 27 -17.61 66.53 -7.91
C ASP M 27 -19.03 66.06 -8.20
N ILE M 28 -20.01 66.56 -7.43
CA ILE M 28 -21.40 66.18 -7.66
C ILE M 28 -21.90 66.73 -8.99
N PHE M 29 -21.52 67.98 -9.33
CA PHE M 29 -21.97 68.55 -10.59
C PHE M 29 -21.14 68.03 -11.76
N LEU M 30 -19.84 67.81 -11.55
CA LEU M 30 -19.01 67.35 -12.66
C LEU M 30 -19.17 65.84 -12.86
N ASP M 31 -19.80 65.15 -11.92
CA ASP M 31 -20.27 63.80 -12.19
C ASP M 31 -21.70 63.81 -12.74
N ASP M 32 -22.36 64.96 -12.70
CA ASP M 32 -23.64 65.16 -13.36
C ASP M 32 -23.49 66.05 -14.60
N GLY M 33 -22.25 66.36 -14.96
CA GLY M 33 -21.93 66.92 -16.25
C GLY M 33 -22.34 68.35 -16.53
N VAL M 34 -21.68 69.32 -15.91
CA VAL M 34 -21.94 70.72 -16.21
C VAL M 34 -20.63 71.49 -16.03
N ASP M 35 -20.58 72.71 -16.58
CA ASP M 35 -19.38 73.50 -16.58
C ASP M 35 -19.09 74.06 -15.18
N GLU M 36 -17.81 74.34 -14.91
CA GLU M 36 -17.43 74.96 -13.65
C GLU M 36 -17.95 76.39 -13.51
N GLN M 37 -18.20 77.08 -14.64
CA GLN M 37 -18.81 78.39 -14.59
C GLN M 37 -20.24 78.33 -14.07
N VAL M 38 -20.89 77.17 -14.20
CA VAL M 38 -22.21 76.98 -13.61
C VAL M 38 -22.10 76.88 -12.08
N LEU M 39 -21.06 76.20 -11.59
CA LEU M 39 -20.75 76.19 -10.16
C LEU M 39 -20.45 77.60 -9.65
N MET M 40 -19.67 78.37 -10.43
CA MET M 40 -19.37 79.75 -10.08
C MET M 40 -20.61 80.61 -10.07
N GLU M 41 -21.54 80.37 -11.00
CA GLU M 41 -22.81 81.12 -11.01
C GLU M 41 -23.65 80.77 -9.78
N LEU M 42 -23.59 79.49 -9.35
CA LEU M 42 -24.26 79.07 -8.12
C LEU M 42 -23.75 79.85 -6.91
N LYS M 43 -22.43 79.84 -6.69
CA LYS M 43 -21.87 80.52 -5.53
C LYS M 43 -22.02 82.05 -5.63
N THR M 44 -21.89 82.60 -6.83
CA THR M 44 -21.95 84.04 -7.02
C THR M 44 -23.35 84.56 -6.76
N LEU M 45 -24.38 83.91 -7.31
CA LEU M 45 -25.74 84.38 -7.07
C LEU M 45 -26.20 84.02 -5.67
N TRP M 46 -25.59 82.99 -5.07
CA TRP M 46 -25.91 82.64 -3.68
C TRP M 46 -25.41 83.71 -2.71
N GLU M 47 -24.23 84.27 -2.97
CA GLU M 47 -23.77 85.38 -2.13
C GLU M 47 -24.48 86.68 -2.50
N ASN M 48 -24.96 86.77 -3.76
CA ASN M 48 -25.84 87.89 -4.12
C ASN M 48 -27.13 87.88 -3.32
N LYS M 49 -27.68 86.69 -3.05
CA LYS M 49 -28.90 86.64 -2.24
C LYS M 49 -28.62 86.93 -0.77
N LEU M 50 -27.41 86.62 -0.30
CA LEU M 50 -27.04 87.00 1.06
C LEU M 50 -26.83 88.51 1.17
N MET M 51 -26.42 89.14 0.07
CA MET M 51 -26.49 90.60 0.00
C MET M 51 -27.94 91.08 0.08
N GLN M 52 -28.77 90.51 -0.82
CA GLN M 52 -30.18 90.94 -0.95
C GLN M 52 -30.91 90.90 0.40
N SER M 53 -30.83 89.79 1.13
CA SER M 53 -31.58 89.66 2.41
C SER M 53 -31.23 90.86 3.29
N ARG M 54 -29.96 91.24 3.36
CA ARG M 54 -29.53 92.45 4.13
C ARG M 54 -29.77 92.25 5.63
N ALA M 55 -29.18 91.19 6.21
CA ALA M 55 -29.29 90.98 7.66
C ALA M 55 -27.93 90.81 8.33
N VAL M 56 -27.00 90.12 7.67
CA VAL M 56 -25.66 89.92 8.21
C VAL M 56 -24.68 90.62 7.28
N ASP M 57 -23.70 91.31 7.84
CA ASP M 57 -22.70 92.02 7.05
C ASP M 57 -21.43 91.18 6.86
N GLY M 58 -20.99 91.12 5.61
CA GLY M 58 -19.90 90.23 5.24
C GLY M 58 -19.18 90.71 4.00
N PHE M 59 -18.91 89.74 3.09
CA PHE M 59 -17.89 89.94 2.07
C PHE M 59 -18.46 90.45 0.75
N HIS M 60 -19.45 89.76 0.17
CA HIS M 60 -19.92 90.12 -1.16
C HIS M 60 -20.69 91.43 -1.14
N SER M 61 -21.18 91.84 0.03
CA SER M 61 -21.76 93.16 0.20
C SER M 61 -20.71 94.26 0.08
N GLU M 62 -19.52 94.02 0.64
CA GLU M 62 -18.46 95.03 0.56
C GLU M 62 -17.83 95.05 -0.84
N GLU M 63 -17.90 93.92 -1.55
CA GLU M 63 -17.45 93.87 -2.94
C GLU M 63 -18.54 94.35 -3.89
N THR M 331 -42.68 86.12 8.34
CA THR M 331 -41.58 87.03 8.56
C THR M 331 -41.20 87.08 10.05
N GLU M 332 -41.85 86.28 10.88
CA GLU M 332 -41.78 86.47 12.32
C GLU M 332 -40.46 85.97 12.89
N ASN M 333 -40.34 86.13 14.21
CA ASN M 333 -39.13 85.75 14.95
C ASN M 333 -39.15 84.25 15.19
N VAL M 334 -38.41 83.50 14.38
CA VAL M 334 -38.43 82.04 14.43
C VAL M 334 -37.09 81.55 14.93
N VAL M 335 -37.11 80.59 15.83
CA VAL M 335 -35.91 79.89 16.28
C VAL M 335 -36.06 78.44 15.89
N VAL M 336 -35.18 77.95 15.02
CA VAL M 336 -35.15 76.55 14.63
C VAL M 336 -33.98 75.91 15.35
N CYS M 337 -34.15 74.66 15.80
CA CYS M 337 -33.16 74.02 16.66
C CYS M 337 -33.41 72.51 16.69
N GLN M 338 -32.73 71.85 17.63
CA GLN M 338 -33.01 70.49 18.02
C GLN M 338 -33.19 70.44 19.53
N TYR M 339 -33.79 69.36 20.03
CA TYR M 339 -34.08 69.25 21.45
C TYR M 339 -33.40 68.03 22.06
N ASP M 340 -33.21 68.06 23.38
CA ASP M 340 -32.76 66.89 24.13
C ASP M 340 -33.97 66.30 24.84
N LYS M 341 -34.64 67.10 25.66
CA LYS M 341 -35.87 66.68 26.33
C LYS M 341 -36.74 67.88 26.64
N ILE M 342 -38.05 67.68 26.51
CA ILE M 342 -39.06 68.66 26.92
C ILE M 342 -39.79 68.06 28.10
N HIS M 343 -39.80 68.76 29.22
CA HIS M 343 -40.29 68.23 30.48
C HIS M 343 -41.44 69.09 30.98
N ARG M 344 -42.44 68.43 31.56
CA ARG M 344 -43.64 69.13 32.02
C ARG M 344 -43.99 68.70 33.43
N SER M 345 -44.02 69.66 34.35
CA SER M 345 -44.75 69.56 35.60
C SER M 345 -46.02 70.37 35.40
N LYS M 346 -46.92 70.33 36.41
CA LYS M 346 -48.38 70.67 36.38
C LYS M 346 -48.66 71.91 35.53
N ASN M 347 -47.82 72.94 35.57
CA ASN M 347 -47.98 74.11 34.73
C ASN M 347 -46.64 74.64 34.22
N LYS M 348 -45.55 73.92 34.45
CA LYS M 348 -44.22 74.42 34.15
C LYS M 348 -43.54 73.54 33.11
N TRP M 349 -42.93 74.18 32.10
CA TRP M 349 -42.23 73.50 31.02
C TRP M 349 -40.74 73.78 31.13
N LYS M 350 -39.93 72.76 30.88
CA LYS M 350 -38.48 72.88 30.82
C LYS M 350 -37.98 72.34 29.50
N PHE M 351 -37.38 73.21 28.68
CA PHE M 351 -36.89 72.87 27.36
C PHE M 351 -35.39 72.69 27.41
N HIS M 352 -34.90 71.58 26.87
CA HIS M 352 -33.46 71.35 26.69
C HIS M 352 -33.18 71.40 25.19
N LEU M 353 -32.94 72.60 24.68
CA LEU M 353 -32.76 72.83 23.26
C LEU M 353 -31.28 72.87 22.94
N LYS M 354 -30.92 72.54 21.69
CA LYS M 354 -29.51 72.49 21.32
C LYS M 354 -29.37 72.71 19.81
N ASP M 355 -28.22 73.28 19.43
CA ASP M 355 -27.76 73.48 18.06
C ASP M 355 -28.74 74.27 17.20
N GLY M 356 -29.00 75.52 17.54
CA GLY M 356 -30.07 76.28 16.91
C GLY M 356 -29.61 77.58 16.29
N ILE M 357 -30.41 78.06 15.33
CA ILE M 357 -30.16 79.32 14.64
C ILE M 357 -31.35 80.24 14.85
N MET M 358 -31.16 81.26 15.68
CA MET M 358 -32.19 82.21 16.05
C MET M 358 -32.23 83.36 15.07
N ASN M 359 -33.44 83.83 14.75
CA ASN M 359 -33.63 85.06 13.99
C ASN M 359 -34.48 85.99 14.85
N LEU M 360 -33.84 86.95 15.50
CA LEU M 360 -34.51 87.85 16.42
C LEU M 360 -34.22 89.29 16.05
N ASN M 361 -35.24 90.14 16.11
CA ASN M 361 -35.20 91.58 15.84
C ASN M 361 -34.64 91.89 14.45
N GLY M 362 -34.80 90.99 13.49
CA GLY M 362 -34.18 91.11 12.19
C GLY M 362 -32.86 90.38 12.08
N ARG M 363 -32.00 90.47 13.09
CA ARG M 363 -30.68 89.87 13.00
C ARG M 363 -30.75 88.37 13.30
N ASP M 364 -29.61 87.72 13.19
CA ASP M 364 -29.50 86.29 13.42
C ASP M 364 -28.43 86.02 14.47
N TYR M 365 -28.63 84.98 15.27
CA TYR M 365 -27.67 84.50 16.24
C TYR M 365 -27.65 82.99 16.20
N ILE M 366 -26.61 82.39 16.77
CA ILE M 366 -26.49 80.93 16.84
C ILE M 366 -26.36 80.54 18.31
N PHE M 367 -26.80 79.33 18.64
CA PHE M 367 -26.48 78.76 19.94
C PHE M 367 -26.29 77.25 19.80
N SER M 368 -25.76 76.63 20.85
CA SER M 368 -25.62 75.18 20.89
C SER M 368 -26.31 74.55 22.09
N LYS M 369 -26.78 75.37 23.03
CA LYS M 369 -27.51 74.87 24.19
C LYS M 369 -28.45 75.95 24.69
N ALA M 370 -29.60 75.52 25.21
CA ALA M 370 -30.61 76.45 25.70
C ALA M 370 -31.46 75.75 26.74
N ILE M 371 -31.64 76.40 27.88
CA ILE M 371 -32.57 75.94 28.91
C ILE M 371 -33.74 76.91 28.92
N GLY M 372 -34.95 76.38 28.70
CA GLY M 372 -36.12 77.20 28.61
C GLY M 372 -37.09 76.91 29.74
N ASP M 373 -37.37 77.94 30.52
CA ASP M 373 -38.34 77.87 31.60
C ASP M 373 -39.60 78.53 31.07
N ALA M 374 -40.71 77.80 31.10
CA ALA M 374 -41.90 78.31 30.46
C ALA M 374 -43.10 78.12 31.37
N GLU M 375 -43.76 79.23 31.70
CA GLU M 375 -45.04 79.20 32.38
C GLU M 375 -46.15 79.21 31.36
N TRP M 376 -47.02 78.22 31.42
CA TRP M 376 -48.07 78.10 30.42
C TRP M 376 -49.28 78.97 30.76
N MET N 1 -20.04 -8.35 45.04
CA MET N 1 -21.18 -8.25 44.15
C MET N 1 -22.36 -7.72 44.95
N CYS N 2 -22.37 -8.03 46.26
CA CYS N 2 -23.36 -7.44 47.17
C CYS N 2 -23.25 -5.92 47.21
N GLU N 3 -22.04 -5.39 47.03
CA GLU N 3 -21.87 -3.95 46.88
C GLU N 3 -22.39 -3.48 45.53
N SER N 4 -22.15 -4.26 44.47
CA SER N 4 -22.59 -3.87 43.14
C SER N 4 -24.05 -4.19 42.88
N TYR N 5 -24.63 -5.15 43.62
CA TYR N 5 -26.07 -5.34 43.54
C TYR N 5 -26.80 -4.22 44.26
N SER N 6 -26.22 -3.71 45.35
CA SER N 6 -26.82 -2.60 46.08
C SER N 6 -26.74 -1.30 45.30
N ARG N 7 -25.70 -1.13 44.48
CA ARG N 7 -25.54 0.12 43.75
C ARG N 7 -26.52 0.20 42.59
N SER N 8 -26.81 -0.93 41.95
CA SER N 8 -27.78 -0.93 40.86
C SER N 8 -29.20 -0.73 41.37
N LEU N 9 -29.48 -1.17 42.59
CA LEU N 9 -30.77 -0.89 43.20
C LEU N 9 -30.89 0.55 43.68
N LEU N 10 -29.78 1.24 43.91
CA LEU N 10 -29.80 2.65 44.22
C LEU N 10 -29.74 3.53 42.98
N ARG N 11 -29.62 2.94 41.79
CA ARG N 11 -29.72 3.72 40.58
C ARG N 11 -31.17 3.83 40.12
N VAL N 12 -31.91 2.72 40.19
CA VAL N 12 -33.34 2.75 39.93
C VAL N 12 -34.08 3.52 41.03
N SER N 13 -33.59 3.46 42.27
CA SER N 13 -34.22 4.22 43.35
C SER N 13 -33.97 5.72 43.22
N VAL N 14 -32.81 6.12 42.68
CA VAL N 14 -32.58 7.52 42.35
C VAL N 14 -33.46 7.93 41.17
N ALA N 15 -33.57 7.06 40.17
CA ALA N 15 -34.36 7.33 38.98
C ALA N 15 -35.86 7.35 39.26
N GLN N 16 -36.31 6.85 40.41
CA GLN N 16 -37.69 6.98 40.82
C GLN N 16 -37.96 8.23 41.64
N ILE N 17 -36.91 8.87 42.16
CA ILE N 17 -37.07 10.17 42.79
C ILE N 17 -36.97 11.27 41.75
N CYS N 18 -36.06 11.12 40.79
CA CYS N 18 -35.90 12.12 39.74
C CYS N 18 -37.03 12.08 38.72
N GLN N 19 -37.77 10.97 38.63
CA GLN N 19 -38.92 10.91 37.73
C GLN N 19 -40.18 11.46 38.39
N ALA N 20 -40.35 11.18 39.69
CA ALA N 20 -41.54 11.60 40.42
C ALA N 20 -41.60 13.11 40.65
N LEU N 21 -40.52 13.83 40.34
CA LEU N 21 -40.47 15.30 40.61
C LEU N 21 -40.34 16.10 39.30
N GLY N 22 -40.57 15.48 38.15
CA GLY N 22 -40.60 16.24 36.88
C GLY N 22 -39.38 16.13 35.98
N TRP N 23 -38.26 15.54 36.42
CA TRP N 23 -37.15 15.36 35.45
C TRP N 23 -37.64 14.33 34.43
N ASP N 24 -37.50 14.63 33.13
CA ASP N 24 -38.07 13.69 32.13
C ASP N 24 -36.98 12.80 31.55
N SER N 25 -35.74 13.28 31.50
CA SER N 25 -34.61 12.49 30.97
C SER N 25 -33.38 12.80 31.81
N VAL N 26 -32.39 11.91 31.80
CA VAL N 26 -31.21 12.13 32.69
C VAL N 26 -29.94 11.94 31.88
N GLN N 27 -28.84 12.47 32.39
CA GLN N 27 -27.54 12.26 31.78
C GLN N 27 -26.86 11.08 32.46
N LEU N 28 -26.10 10.30 31.69
CA LEU N 28 -25.47 9.11 32.27
C LEU N 28 -24.32 9.46 33.19
N SER N 29 -23.60 10.54 32.91
CA SER N 29 -22.51 10.96 33.79
C SER N 29 -23.02 11.56 35.09
N ALA N 30 -24.28 11.98 35.15
CA ALA N 30 -24.85 12.58 36.34
C ALA N 30 -25.82 11.66 37.08
N CYS N 31 -26.08 10.46 36.56
CA CYS N 31 -26.83 9.48 37.32
C CYS N 31 -25.93 8.56 38.13
N HIS N 32 -24.71 8.32 37.65
CA HIS N 32 -23.73 7.58 38.44
C HIS N 32 -23.18 8.41 39.58
N LEU N 33 -23.26 9.74 39.50
CA LEU N 33 -22.79 10.58 40.59
C LEU N 33 -23.85 10.71 41.68
N LEU N 34 -25.11 10.86 41.29
CA LEU N 34 -26.18 11.03 42.28
C LEU N 34 -26.44 9.74 43.05
N THR N 35 -26.15 8.58 42.46
CA THR N 35 -26.26 7.33 43.20
C THR N 35 -25.03 7.03 44.03
N ASP N 36 -23.96 7.81 43.87
CA ASP N 36 -22.77 7.69 44.71
C ASP N 36 -22.83 8.62 45.91
N VAL N 37 -23.63 9.68 45.84
CA VAL N 37 -23.88 10.51 47.00
C VAL N 37 -24.89 9.83 47.92
N LEU N 38 -25.85 9.12 47.35
CA LEU N 38 -26.81 8.38 48.16
C LEU N 38 -26.18 7.15 48.81
N GLN N 39 -25.19 6.55 48.15
CA GLN N 39 -24.43 5.48 48.78
C GLN N 39 -23.59 5.99 49.93
N ARG N 40 -23.08 7.23 49.82
CA ARG N 40 -22.28 7.82 50.88
C ARG N 40 -23.12 8.42 51.98
N TYR N 41 -24.34 8.84 51.67
CA TYR N 41 -25.21 9.42 52.69
C TYR N 41 -25.82 8.36 53.59
N LEU N 42 -26.14 7.19 53.04
CA LEU N 42 -26.66 6.10 53.84
C LEU N 42 -25.61 5.54 54.79
N GLN N 43 -24.34 5.61 54.40
CA GLN N 43 -23.27 5.12 55.27
C GLN N 43 -22.95 6.12 56.36
N GLN N 44 -22.89 7.41 56.03
CA GLN N 44 -22.53 8.44 57.00
C GLN N 44 -23.61 8.60 58.07
N LEU N 45 -24.88 8.39 57.71
CA LEU N 45 -25.93 8.35 58.72
C LEU N 45 -25.80 7.11 59.58
N GLY N 46 -25.60 5.94 58.96
CA GLY N 46 -25.44 4.71 59.72
C GLY N 46 -24.16 4.63 60.52
N ARG N 47 -23.12 5.36 60.10
CA ARG N 47 -21.92 5.43 60.91
C ARG N 47 -22.14 6.32 62.12
N GLY N 48 -22.90 7.41 61.95
CA GLY N 48 -23.19 8.28 63.07
C GLY N 48 -24.16 7.66 64.05
N CYS N 49 -25.08 6.82 63.57
CA CYS N 49 -25.98 6.10 64.46
C CYS N 49 -25.26 5.01 65.24
N HIS N 50 -24.11 4.55 64.76
CA HIS N 50 -23.33 3.55 65.47
C HIS N 50 -22.34 4.19 66.43
N ARG N 51 -21.80 5.36 66.10
CA ARG N 51 -20.87 6.02 66.99
C ARG N 51 -21.58 6.62 68.20
N TYR N 52 -22.82 7.06 68.05
CA TYR N 52 -23.59 7.51 69.21
C TYR N 52 -24.08 6.37 70.07
N SER N 53 -24.10 5.14 69.56
CA SER N 53 -24.49 4.03 70.41
C SER N 53 -23.30 3.54 71.22
N GLU N 54 -22.13 3.41 70.59
CA GLU N 54 -20.94 2.92 71.26
C GLU N 54 -20.43 3.90 72.31
N LEU N 55 -20.81 5.17 72.23
CA LEU N 55 -20.37 6.15 73.20
C LEU N 55 -21.05 5.94 74.55
N TYR N 56 -22.33 5.62 74.54
CA TYR N 56 -23.07 5.40 75.78
C TYR N 56 -23.03 3.94 76.22
N GLY N 57 -22.22 3.12 75.56
CA GLY N 57 -22.01 1.76 76.01
C GLY N 57 -22.59 0.69 75.10
N ARG N 58 -23.77 0.94 74.53
CA ARG N 58 -24.45 -0.15 73.84
C ARG N 58 -23.86 -0.37 72.45
N THR N 59 -24.12 -1.57 71.91
CA THR N 59 -23.63 -1.92 70.58
C THR N 59 -24.69 -1.69 69.52
N ASP N 60 -25.94 -2.02 69.81
CA ASP N 60 -27.03 -1.82 68.85
C ASP N 60 -27.73 -0.50 69.12
N PRO N 61 -27.85 0.36 68.11
CA PRO N 61 -28.45 1.69 68.34
C PRO N 61 -29.95 1.61 68.55
N ILE N 62 -30.48 2.70 69.08
CA ILE N 62 -31.91 2.84 69.35
C ILE N 62 -32.39 4.12 68.68
N LEU N 63 -33.65 4.47 68.91
CA LEU N 63 -34.27 5.62 68.25
C LEU N 63 -33.62 6.94 68.67
N ASP N 64 -33.11 7.02 69.90
CA ASP N 64 -32.48 8.26 70.36
C ASP N 64 -31.15 8.51 69.67
N ASP N 65 -30.43 7.44 69.33
CA ASP N 65 -29.18 7.58 68.60
C ASP N 65 -29.42 8.01 67.16
N VAL N 66 -30.54 7.59 66.57
CA VAL N 66 -30.91 8.06 65.24
C VAL N 66 -31.31 9.53 65.31
N GLY N 67 -31.97 9.94 66.40
CA GLY N 67 -32.31 11.34 66.56
C GLY N 67 -31.10 12.22 66.83
N GLU N 68 -30.05 11.65 67.43
CA GLU N 68 -28.82 12.39 67.66
C GLU N 68 -27.95 12.44 66.42
N ALA N 69 -27.92 11.36 65.65
CA ALA N 69 -27.13 11.33 64.43
C ALA N 69 -27.80 12.05 63.28
N PHE N 70 -29.08 12.43 63.42
CA PHE N 70 -29.71 13.28 62.44
C PHE N 70 -29.21 14.72 62.55
N GLN N 71 -28.90 15.16 63.77
CA GLN N 71 -28.42 16.52 63.98
C GLN N 71 -26.95 16.68 63.65
N LEU N 72 -26.17 15.60 63.66
CA LEU N 72 -24.76 15.70 63.23
C LEU N 72 -24.77 15.89 61.72
N MET N 73 -25.55 15.07 61.00
CA MET N 73 -25.66 15.20 59.53
C MET N 73 -26.49 16.42 59.14
N GLY N 74 -27.22 16.99 60.09
CA GLY N 74 -28.01 18.20 59.83
C GLY N 74 -29.43 17.93 59.34
N VAL N 75 -29.86 16.67 59.35
CA VAL N 75 -31.26 16.34 58.96
C VAL N 75 -32.17 17.03 59.99
N SER N 76 -33.26 17.65 59.53
CA SER N 76 -34.19 18.36 60.45
C SER N 76 -35.53 17.62 60.49
N LEU N 77 -35.99 17.23 61.67
CA LEU N 77 -37.24 16.44 61.78
C LEU N 77 -38.44 17.34 61.48
N HIS N 78 -38.26 18.66 61.49
CA HIS N 78 -39.37 19.57 61.10
C HIS N 78 -39.52 19.51 59.58
N GLU N 79 -38.41 19.38 58.86
CA GLU N 79 -38.48 19.33 57.40
C GLU N 79 -38.73 17.94 56.86
N LEU N 80 -38.66 16.91 57.71
CA LEU N 80 -39.08 15.58 57.29
C LEU N 80 -40.59 15.45 57.29
N GLU N 81 -41.27 16.21 58.15
CA GLU N 81 -42.73 16.20 58.16
C GLU N 81 -43.31 16.90 56.94
N ASP N 82 -42.61 17.91 56.42
CA ASP N 82 -43.04 18.57 55.20
C ASP N 82 -42.72 17.74 53.96
N TYR N 83 -41.86 16.73 54.08
CA TYR N 83 -41.64 15.77 53.01
C TYR N 83 -42.60 14.58 53.10
N ILE N 84 -42.97 14.18 54.31
CA ILE N 84 -43.85 13.03 54.49
C ILE N 84 -45.31 13.37 54.31
N HIS N 85 -45.65 14.65 54.21
CA HIS N 85 -47.03 15.08 54.04
C HIS N 85 -47.33 15.71 52.68
N ASN N 86 -46.34 16.34 52.05
CA ASN N 86 -46.56 17.03 50.79
C ASN N 86 -46.06 16.26 49.58
N ILE N 87 -45.39 15.12 49.78
CA ILE N 87 -44.89 14.30 48.68
C ILE N 87 -45.50 12.91 48.80
N GLU N 88 -45.92 12.35 47.66
CA GLU N 88 -46.59 11.03 47.66
C GLU N 88 -45.53 9.93 47.60
N PRO N 89 -45.74 8.78 48.28
CA PRO N 89 -44.78 7.68 48.27
C PRO N 89 -44.61 7.09 46.87
N VAL N 90 -43.38 6.72 46.50
CA VAL N 90 -43.12 6.08 45.17
C VAL N 90 -42.79 4.61 45.44
N THR N 91 -43.48 3.69 44.76
CA THR N 91 -43.28 2.24 45.04
C THR N 91 -42.18 1.67 44.15
N PHE N 92 -41.24 0.93 44.72
CA PHE N 92 -40.13 0.31 43.95
C PHE N 92 -40.74 -0.72 42.98
N PRO N 93 -40.27 -0.81 41.71
CA PRO N 93 -40.88 -1.70 40.72
C PRO N 93 -40.90 -3.20 41.02
N HIS N 94 -39.89 -3.72 41.73
CA HIS N 94 -39.76 -5.14 42.02
C HIS N 94 -39.11 -5.31 43.37
N GLN N 95 -39.81 -6.00 44.28
CA GLN N 95 -39.33 -6.16 45.64
C GLN N 95 -38.15 -7.11 45.70
N ILE N 96 -37.32 -6.94 46.73
CA ILE N 96 -36.10 -7.71 46.92
C ILE N 96 -36.12 -8.33 48.30
N PRO N 97 -35.96 -9.66 48.43
CA PRO N 97 -36.08 -10.29 49.76
C PRO N 97 -34.94 -10.00 50.72
N SER N 98 -33.71 -10.28 50.29
CA SER N 98 -32.47 -10.12 51.06
C SER N 98 -31.31 -10.38 50.11
N PHE N 99 -30.19 -9.72 50.38
CA PHE N 99 -29.06 -9.88 49.45
C PHE N 99 -28.34 -11.22 49.64
N PRO N 100 -27.71 -11.51 50.80
CA PRO N 100 -26.91 -12.72 50.93
C PRO N 100 -27.81 -13.96 51.00
N VAL N 101 -28.04 -14.62 49.87
CA VAL N 101 -28.81 -15.90 49.93
C VAL N 101 -27.97 -16.87 50.76
N SER N 102 -28.60 -17.58 51.70
CA SER N 102 -27.81 -18.46 52.60
C SER N 102 -27.14 -19.56 51.79
N LYS N 103 -25.84 -19.79 52.02
CA LYS N 103 -25.13 -20.89 51.32
C LYS N 103 -24.49 -21.79 52.38
N ASN N 104 -24.77 -23.09 52.32
CA ASN N 104 -24.17 -24.06 53.28
C ASN N 104 -22.70 -24.30 52.93
N ASN N 105 -21.83 -24.32 53.94
CA ASN N 105 -20.39 -24.64 53.71
C ASN N 105 -20.30 -26.06 53.19
N VAL N 106 -19.37 -26.34 52.27
CA VAL N 106 -19.30 -27.70 51.64
C VAL N 106 -18.20 -28.56 52.25
N LEU N 107 -17.73 -28.23 53.45
CA LEU N 107 -16.73 -29.09 54.15
C LEU N 107 -17.20 -30.54 54.10
N GLN N 108 -16.32 -31.49 53.76
CA GLN N 108 -16.66 -32.90 53.61
C GLN N 108 -16.55 -33.60 54.95
N PHE N 109 -17.64 -33.54 55.71
CA PHE N 109 -17.75 -34.23 56.98
C PHE N 109 -17.90 -35.72 56.73
N PRO N 110 -17.51 -36.59 57.68
CA PRO N 110 -17.23 -38.00 57.33
C PRO N 110 -18.47 -38.81 56.99
N GLN N 111 -18.19 -40.05 56.62
CA GLN N 111 -19.07 -40.99 55.93
C GLN N 111 -18.41 -42.37 56.11
N PRO N 112 -19.00 -43.45 55.60
CA PRO N 112 -18.23 -44.70 55.47
C PRO N 112 -16.93 -44.53 54.70
N GLY N 113 -15.86 -45.09 55.25
CA GLY N 113 -14.51 -44.99 54.71
C GLY N 113 -13.50 -45.19 55.83
N SER N 114 -12.32 -44.60 55.65
CA SER N 114 -11.26 -44.64 56.64
C SER N 114 -10.32 -43.46 56.42
N LYS N 115 -9.27 -43.38 57.23
CA LYS N 115 -8.28 -42.31 57.19
C LYS N 115 -6.90 -42.96 57.37
N ASP N 116 -5.83 -42.21 57.13
CA ASP N 116 -4.51 -42.84 56.96
C ASP N 116 -3.69 -42.96 58.25
N ALA N 117 -3.18 -41.83 58.76
CA ALA N 117 -2.35 -41.95 59.95
C ALA N 117 -2.62 -40.89 61.02
N GLU N 118 -2.75 -39.63 60.60
CA GLU N 118 -2.81 -38.53 61.54
C GLU N 118 -3.76 -37.42 61.12
N GLU N 119 -4.50 -37.59 60.03
CA GLU N 119 -5.55 -36.65 59.68
C GLU N 119 -6.76 -36.88 60.56
N ARG N 120 -7.45 -35.80 60.92
CA ARG N 120 -8.64 -35.93 61.76
C ARG N 120 -9.78 -36.55 60.96
N LYS N 121 -10.84 -36.95 61.69
CA LYS N 121 -11.96 -37.61 61.05
C LYS N 121 -12.79 -36.64 60.21
N GLU N 122 -12.81 -35.36 60.58
CA GLU N 122 -13.68 -34.40 59.91
C GLU N 122 -13.15 -33.94 58.56
N TYR N 123 -11.94 -34.32 58.17
CA TYR N 123 -11.35 -33.79 56.95
C TYR N 123 -11.96 -34.45 55.72
N ILE N 124 -11.49 -33.99 54.56
CA ILE N 124 -11.96 -34.53 53.27
C ILE N 124 -11.38 -35.93 53.10
N PRO N 125 -12.11 -36.89 52.52
CA PRO N 125 -11.52 -38.19 52.23
C PRO N 125 -10.49 -38.09 51.12
N ASP N 126 -9.42 -38.87 51.25
CA ASP N 126 -8.41 -38.96 50.21
C ASP N 126 -8.97 -39.85 49.10
N TYR N 127 -9.67 -39.22 48.16
CA TYR N 127 -10.37 -39.96 47.11
C TYR N 127 -9.40 -40.48 46.05
N VAL O 843 -48.54 65.11 45.96
CA VAL O 843 -47.97 66.05 46.92
C VAL O 843 -48.29 65.56 48.33
N ASN O 844 -49.43 64.86 48.49
CA ASN O 844 -49.80 64.32 49.79
C ASN O 844 -48.90 63.15 50.19
N LEU O 845 -48.44 62.37 49.22
CA LEU O 845 -47.55 61.25 49.51
C LEU O 845 -46.14 61.70 49.84
N SER O 846 -45.72 62.89 49.41
CA SER O 846 -44.34 63.32 49.55
C SER O 846 -44.05 63.88 50.93
N GLU O 847 -45.00 64.59 51.54
CA GLU O 847 -44.76 65.20 52.84
C GLU O 847 -45.13 64.28 53.99
N GLU O 848 -46.06 63.34 53.74
CA GLU O 848 -46.53 62.42 54.81
C GLU O 848 -45.56 61.26 55.00
N SER O 849 -44.67 61.02 54.03
CA SER O 849 -43.72 59.92 54.16
C SER O 849 -42.68 60.21 55.23
N ALA O 850 -42.26 61.48 55.34
CA ALA O 850 -41.25 61.86 56.32
C ALA O 850 -41.82 62.07 57.72
N ARG O 851 -43.13 61.97 57.90
CA ARG O 851 -43.73 62.09 59.23
C ARG O 851 -43.81 60.77 59.96
N ILE O 852 -43.65 59.65 59.25
CA ILE O 852 -43.57 58.35 59.91
C ILE O 852 -42.17 58.17 60.51
N LEU O 853 -41.16 58.85 59.94
CA LEU O 853 -39.79 58.75 60.40
C LEU O 853 -39.39 59.87 61.34
N ALA O 854 -40.11 61.01 61.33
CA ALA O 854 -39.75 62.12 62.20
C ALA O 854 -40.09 61.81 63.65
N THR O 855 -41.21 61.10 63.88
CA THR O 855 -41.52 60.62 65.22
C THR O 855 -40.63 59.46 65.64
N ASN O 856 -39.91 58.83 64.69
CA ASN O 856 -38.94 57.80 64.99
C ASN O 856 -37.57 58.36 65.36
N SER O 857 -37.50 59.66 65.68
CA SER O 857 -36.30 60.28 66.21
C SER O 857 -36.57 61.11 67.45
N GLU O 858 -37.82 61.16 67.91
CA GLU O 858 -38.20 61.89 69.12
C GLU O 858 -38.49 60.98 70.31
N LEU O 859 -39.06 59.79 70.06
CA LEU O 859 -39.44 58.89 71.14
C LEU O 859 -38.30 57.94 71.51
N VAL O 860 -37.83 57.16 70.55
CA VAL O 860 -36.85 56.12 70.81
C VAL O 860 -35.44 56.70 70.73
N GLY O 861 -34.58 56.27 71.64
CA GLY O 861 -33.18 56.66 71.63
C GLY O 861 -32.95 58.09 72.07
N THR O 862 -33.44 58.45 73.26
CA THR O 862 -33.24 59.80 73.76
C THR O 862 -31.80 60.00 74.23
N LEU O 863 -31.37 59.21 75.20
CA LEU O 863 -29.99 59.21 75.63
C LEU O 863 -29.21 58.10 74.95
N THR O 864 -27.93 58.36 74.69
CA THR O 864 -27.04 57.37 74.11
C THR O 864 -26.22 56.74 75.23
N ARG O 865 -26.20 55.42 75.29
CA ARG O 865 -25.53 54.69 76.34
C ARG O 865 -24.24 54.07 75.80
N SER O 866 -23.55 53.33 76.66
CA SER O 866 -22.40 52.52 76.27
C SER O 866 -22.28 51.40 77.30
N CYS O 867 -21.25 50.58 77.13
CA CYS O 867 -21.09 49.40 77.97
C CYS O 867 -19.63 48.96 77.98
N LYS O 868 -19.20 48.44 79.13
CA LYS O 868 -17.86 47.89 79.27
C LYS O 868 -17.91 46.43 78.85
N ASP O 869 -17.68 46.17 77.57
CA ASP O 869 -17.68 44.80 77.07
C ASP O 869 -16.41 44.10 77.51
N GLU O 870 -16.54 43.22 78.50
CA GLU O 870 -15.40 42.45 78.96
C GLU O 870 -15.00 41.40 77.92
N THR O 871 -13.79 40.89 78.05
CA THR O 871 -13.28 39.87 77.15
C THR O 871 -13.31 38.50 77.83
N PHE O 872 -13.16 37.47 77.01
CA PHE O 872 -13.10 36.11 77.53
C PHE O 872 -11.70 35.77 78.00
N LEU O 873 -10.70 36.02 77.16
CA LEU O 873 -9.30 35.82 77.51
C LEU O 873 -8.80 37.01 78.32
N LEU O 874 -7.49 37.07 78.55
CA LEU O 874 -6.86 38.20 79.20
C LEU O 874 -6.08 39.00 78.17
N GLN O 875 -6.16 40.33 78.26
CA GLN O 875 -5.70 41.19 77.18
C GLN O 875 -4.18 41.31 77.14
N ALA O 876 -3.55 41.46 78.31
CA ALA O 876 -2.11 41.65 78.39
C ALA O 876 -1.28 40.38 78.18
N PRO O 877 -1.67 39.19 78.65
CA PRO O 877 -0.93 37.98 78.21
C PRO O 877 -1.11 37.67 76.74
N LEU O 878 -2.25 38.03 76.14
CA LEU O 878 -2.49 37.69 74.74
C LEU O 878 -1.67 38.55 73.79
N GLN O 879 -1.53 39.85 74.09
CA GLN O 879 -0.81 40.74 73.20
C GLN O 879 0.68 40.42 73.15
N ARG O 880 1.25 39.93 74.25
CA ARG O 880 2.62 39.45 74.21
C ARG O 880 2.72 38.12 73.47
N ARG O 881 1.63 37.33 73.47
CA ARG O 881 1.63 36.04 72.80
C ARG O 881 1.57 36.19 71.29
N ILE O 882 0.81 37.18 70.80
CA ILE O 882 0.64 37.37 69.36
C ILE O 882 1.96 37.81 68.72
N LEU O 883 2.72 38.66 69.43
CA LEU O 883 3.98 39.16 68.89
C LEU O 883 5.11 38.13 68.94
N GLU O 884 4.94 37.05 69.71
CA GLU O 884 5.91 35.96 69.66
C GLU O 884 5.69 35.07 68.45
N ILE O 885 4.46 34.94 67.98
CA ILE O 885 4.15 34.17 66.78
C ILE O 885 4.27 35.01 65.52
N GLY O 886 4.61 36.29 65.66
CA GLY O 886 4.79 37.14 64.50
C GLY O 886 6.21 37.59 64.26
N LYS O 887 7.12 37.28 65.19
CA LYS O 887 8.52 37.68 65.00
C LYS O 887 9.21 36.87 63.91
N LYS O 888 8.68 35.69 63.59
CA LYS O 888 9.24 34.91 62.48
C LYS O 888 8.89 35.54 61.14
N HIS O 889 7.64 35.99 60.98
CA HIS O 889 7.12 36.48 59.72
C HIS O 889 7.32 37.97 59.53
N GLY O 890 8.07 38.62 60.41
CA GLY O 890 8.37 40.03 60.24
C GLY O 890 7.25 40.94 60.69
N ILE O 891 6.72 40.69 61.89
CA ILE O 891 5.61 41.45 62.44
C ILE O 891 6.07 42.06 63.76
N THR O 892 6.03 43.39 63.84
CA THR O 892 6.49 44.11 65.02
C THR O 892 5.34 44.52 65.94
N GLU O 893 4.36 45.24 65.42
CA GLU O 893 3.24 45.72 66.21
C GLU O 893 1.95 45.06 65.72
N LEU O 894 0.84 45.48 66.32
CA LEU O 894 -0.47 44.98 65.92
C LEU O 894 -1.51 46.08 66.07
N HIS O 895 -2.56 46.00 65.25
CA HIS O 895 -3.69 46.89 65.37
C HIS O 895 -4.42 46.61 66.69
N PRO O 896 -5.01 47.64 67.32
CA PRO O 896 -5.76 47.40 68.57
C PRO O 896 -7.02 46.57 68.39
N ASP O 897 -7.51 46.40 67.16
CA ASP O 897 -8.69 45.57 66.91
C ASP O 897 -8.40 44.08 66.99
N VAL O 898 -7.13 43.66 67.02
CA VAL O 898 -6.80 42.26 66.84
C VAL O 898 -6.97 41.47 68.13
N VAL O 899 -6.60 42.04 69.26
CA VAL O 899 -6.58 41.29 70.52
C VAL O 899 -8.00 40.99 71.00
N SER O 900 -8.94 41.91 70.76
CA SER O 900 -10.32 41.66 71.08
C SER O 900 -11.05 40.91 69.97
N TYR O 901 -10.39 40.65 68.84
CA TYR O 901 -10.92 39.77 67.80
C TYR O 901 -10.56 38.31 68.06
N VAL O 902 -9.33 38.05 68.50
CA VAL O 902 -8.96 36.69 68.85
C VAL O 902 -9.58 36.28 70.18
N SER O 903 -9.81 37.23 71.07
CA SER O 903 -10.48 36.91 72.33
C SER O 903 -11.96 36.61 72.11
N HIS O 904 -12.56 37.16 71.06
CA HIS O 904 -13.89 36.78 70.65
C HIS O 904 -13.91 35.55 69.77
N ALA O 905 -12.78 35.23 69.14
CA ALA O 905 -12.71 34.04 68.31
C ALA O 905 -12.71 32.77 69.16
N THR O 906 -11.80 32.71 70.15
CA THR O 906 -11.72 31.52 71.00
C THR O 906 -12.86 31.45 72.00
N GLN O 907 -13.61 32.53 72.19
CA GLN O 907 -14.82 32.40 73.00
C GLN O 907 -15.91 31.68 72.23
N GLN O 908 -16.12 32.04 70.95
CA GLN O 908 -17.10 31.33 70.15
C GLN O 908 -16.60 29.95 69.73
N ARG O 909 -15.29 29.72 69.73
CA ARG O 909 -14.78 28.39 69.43
C ARG O 909 -15.02 27.43 70.58
N LEU O 910 -14.69 27.85 71.80
CA LEU O 910 -14.91 26.99 72.95
C LEU O 910 -16.37 26.89 73.35
N GLN O 911 -17.22 27.83 72.92
CA GLN O 911 -18.64 27.71 73.22
C GLN O 911 -19.32 26.70 72.31
N ASN O 912 -18.81 26.51 71.09
CA ASN O 912 -19.31 25.43 70.25
C ASN O 912 -18.97 24.07 70.82
N LEU O 913 -17.84 23.97 71.53
CA LEU O 913 -17.40 22.68 72.06
C LEU O 913 -18.17 22.30 73.31
N VAL O 914 -18.51 23.28 74.17
CA VAL O 914 -19.25 22.97 75.38
C VAL O 914 -20.72 22.70 75.05
N GLU O 915 -21.28 23.35 74.03
CA GLU O 915 -22.65 23.07 73.63
C GLU O 915 -22.79 21.68 72.99
N LYS O 916 -21.69 21.11 72.49
CA LYS O 916 -21.70 19.76 71.94
C LYS O 916 -21.34 18.74 73.00
N ILE O 917 -20.54 19.12 73.99
CA ILE O 917 -20.26 18.28 75.14
C ILE O 917 -21.50 18.10 76.01
N SER O 918 -22.23 19.20 76.25
CA SER O 918 -23.32 19.18 77.22
C SER O 918 -24.53 18.42 76.69
N GLU O 919 -24.70 18.38 75.36
CA GLU O 919 -25.78 17.58 74.79
C GLU O 919 -25.45 16.09 74.82
N THR O 920 -24.19 15.74 75.02
CA THR O 920 -23.74 14.35 75.10
C THR O 920 -23.81 13.83 76.53
N ALA O 921 -23.28 14.60 77.49
CA ALA O 921 -23.21 14.16 78.88
C ALA O 921 -24.58 14.05 79.53
N GLN O 922 -25.58 14.80 79.05
CA GLN O 922 -26.92 14.68 79.62
C GLN O 922 -27.64 13.44 79.14
N GLN O 923 -27.22 12.85 78.02
CA GLN O 923 -27.79 11.57 77.60
C GLN O 923 -27.37 10.43 78.52
N LYS O 924 -26.19 10.56 79.16
CA LYS O 924 -25.70 9.53 80.08
C LYS O 924 -26.44 9.53 81.40
N ASN O 925 -27.23 10.56 81.70
CA ASN O 925 -28.09 10.58 82.87
C ASN O 925 -29.50 10.08 82.55
N PHE O 926 -29.74 9.65 81.32
CA PHE O 926 -31.00 9.03 80.95
C PHE O 926 -30.92 7.53 81.20
N SER O 927 -32.01 6.96 81.68
CA SER O 927 -32.08 5.54 81.97
C SER O 927 -33.30 4.94 81.32
N TYR O 928 -33.11 3.82 80.62
CA TYR O 928 -34.22 3.07 80.05
C TYR O 928 -34.60 1.86 80.89
N LYS O 929 -34.02 1.73 82.09
CA LYS O 929 -34.47 0.74 83.05
C LYS O 929 -35.90 1.03 83.49
N ASP O 930 -36.22 2.30 83.67
CA ASP O 930 -37.47 2.75 84.27
C ASP O 930 -38.32 3.53 83.27
N ASP O 931 -38.41 3.03 82.05
CA ASP O 931 -39.13 3.70 80.98
C ASP O 931 -40.06 2.69 80.32
N ASP O 932 -41.29 3.11 80.07
CA ASP O 932 -42.18 2.35 79.21
C ASP O 932 -41.78 2.57 77.76
N ARG O 933 -42.36 1.76 76.87
CA ARG O 933 -42.11 1.65 75.43
C ARG O 933 -40.67 1.27 75.09
N TYR O 934 -39.85 0.90 76.07
CA TYR O 934 -38.48 0.47 75.87
C TYR O 934 -38.26 -0.82 76.66
N GLU O 935 -37.98 -1.91 75.97
CA GLU O 935 -37.71 -3.20 76.60
C GLU O 935 -36.28 -3.63 76.33
N GLN O 936 -35.74 -4.44 77.24
CA GLN O 936 -34.34 -4.82 77.21
C GLN O 936 -34.13 -5.99 76.26
N ALA O 937 -33.11 -5.89 75.41
CA ALA O 937 -32.80 -6.97 74.48
C ALA O 937 -31.79 -7.95 75.04
N SER O 938 -30.59 -7.46 75.39
CA SER O 938 -29.52 -8.36 75.82
C SER O 938 -28.55 -7.62 76.73
N ASP O 939 -28.19 -8.28 77.84
CA ASP O 939 -27.19 -7.71 78.79
C ASP O 939 -25.97 -8.63 78.93
N VAL O 940 -24.91 -8.40 78.16
CA VAL O 940 -23.61 -9.13 78.22
C VAL O 940 -22.99 -8.91 79.61
N ARG O 941 -23.24 -7.76 80.24
CA ARG O 941 -22.59 -7.48 81.54
C ARG O 941 -23.01 -8.52 82.57
N ALA O 942 -24.31 -8.83 82.65
CA ALA O 942 -24.79 -9.89 83.57
C ALA O 942 -24.21 -11.24 83.14
N GLN O 943 -24.14 -11.49 81.82
CA GLN O 943 -23.50 -12.82 81.51
C GLN O 943 -22.06 -12.88 82.05
N LEU O 944 -21.29 -11.81 81.87
CA LEU O 944 -19.88 -11.77 82.33
C LEU O 944 -19.81 -11.87 83.85
N LYS O 945 -20.73 -11.24 84.58
CA LYS O 945 -20.78 -11.35 86.06
C LYS O 945 -21.01 -12.81 86.46
N PHE O 946 -21.91 -13.53 85.79
CA PHE O 946 -22.03 -14.99 86.12
C PHE O 946 -20.72 -15.72 85.82
N PHE O 947 -20.08 -15.43 84.69
CA PHE O 947 -18.80 -16.15 84.47
C PHE O 947 -17.79 -15.83 85.60
N GLU O 948 -17.74 -14.58 86.04
CA GLU O 948 -16.81 -14.15 87.12
C GLU O 948 -17.15 -14.87 88.42
N GLN O 949 -18.43 -15.03 88.74
CA GLN O 949 -18.83 -15.79 89.96
C GLN O 949 -18.38 -17.24 89.83
N LEU O 950 -18.53 -17.85 88.66
CA LEU O 950 -18.00 -19.24 88.50
C LEU O 950 -16.48 -19.25 88.74
N ASP O 951 -15.76 -18.26 88.20
CA ASP O 951 -14.28 -18.20 88.40
C ASP O 951 -13.93 -18.03 89.88
N GLN O 952 -14.67 -17.20 90.62
CA GLN O 952 -14.42 -17.02 92.08
C GLN O 952 -14.71 -18.32 92.83
N ILE O 953 -15.75 -19.06 92.43
CA ILE O 953 -16.02 -20.39 93.07
C ILE O 953 -14.83 -21.32 92.81
N GLU O 954 -14.30 -21.30 91.58
CA GLU O 954 -13.12 -22.13 91.27
C GLU O 954 -11.94 -21.72 92.17
N LYS O 955 -11.73 -20.42 92.34
CA LYS O 955 -10.62 -19.91 93.18
C LYS O 955 -10.82 -20.39 94.62
N GLN O 956 -12.05 -20.34 95.12
CA GLN O 956 -12.35 -20.80 96.51
C GLN O 956 -12.05 -22.29 96.64
N ARG O 957 -12.42 -23.08 95.64
CA ARG O 957 -12.10 -24.53 95.67
C ARG O 957 -10.58 -24.71 95.71
N LYS O 958 -9.85 -23.92 94.91
CA LYS O 958 -8.36 -24.03 94.88
C LYS O 958 -7.81 -23.68 96.25
N ASP O 959 -8.36 -22.64 96.89
CA ASP O 959 -7.89 -22.20 98.23
C ASP O 959 -8.15 -23.31 99.25
N GLU O 960 -9.31 -23.96 99.17
CA GLU O 960 -9.64 -25.08 100.09
C GLU O 960 -8.64 -26.21 99.87
N GLN O 961 -8.30 -26.50 98.61
CA GLN O 961 -7.31 -27.56 98.31
C GLN O 961 -5.96 -27.17 98.92
N GLU O 962 -5.56 -25.91 98.80
CA GLU O 962 -4.27 -25.44 99.38
C GLU O 962 -4.30 -25.60 100.90
N ARG O 963 -5.43 -25.29 101.52
CA ARG O 963 -5.56 -25.41 103.00
C ARG O 963 -5.42 -26.89 103.37
N GLU O 964 -6.03 -27.78 102.59
CA GLU O 964 -5.92 -29.24 102.86
C GLU O 964 -4.46 -29.68 102.72
N ILE O 965 -3.75 -29.17 101.72
CA ILE O 965 -2.32 -29.50 101.52
C ILE O 965 -1.53 -29.03 102.74
N LEU O 966 -1.84 -27.83 103.24
CA LEU O 966 -1.14 -27.28 104.44
C LEU O 966 -1.43 -28.19 105.64
N MET O 967 -2.66 -28.65 105.79
CA MET O 967 -3.04 -29.54 106.92
C MET O 967 -2.23 -30.83 106.81
N ARG O 968 -2.09 -31.36 105.59
CA ARG O 968 -1.31 -32.61 105.39
C ARG O 968 0.16 -32.35 105.70
N ARG O 1054 -28.75 16.60 92.22
CA ARG O 1054 -28.18 15.99 91.03
C ARG O 1054 -27.34 17.00 90.25
N ILE O 1055 -26.14 16.59 89.86
CA ILE O 1055 -25.23 17.45 89.11
C ILE O 1055 -24.55 16.61 88.04
N THR O 1056 -24.60 17.09 86.80
CA THR O 1056 -24.10 16.33 85.66
C THR O 1056 -22.59 16.45 85.58
N ARG O 1057 -21.92 15.33 85.33
CA ARG O 1057 -20.48 15.33 85.14
C ARG O 1057 -20.14 15.14 83.66
N VAL O 1058 -18.91 15.50 83.31
CA VAL O 1058 -18.43 15.42 81.93
C VAL O 1058 -17.12 14.64 81.93
N ASN O 1059 -17.05 13.59 81.14
CA ASN O 1059 -15.85 12.79 81.02
C ASN O 1059 -15.05 13.24 79.80
N LEU O 1060 -13.81 12.76 79.71
CA LEU O 1060 -12.98 13.05 78.54
C LEU O 1060 -13.47 12.30 77.31
N ARG O 1061 -14.19 11.20 77.49
CA ARG O 1061 -14.76 10.46 76.37
C ARG O 1061 -15.85 11.24 75.66
N ASP O 1062 -16.54 12.14 76.38
CA ASP O 1062 -17.50 13.03 75.75
C ASP O 1062 -16.82 14.11 74.91
N LEU O 1063 -15.57 14.43 75.23
CA LEU O 1063 -14.79 15.41 74.48
C LEU O 1063 -14.00 14.76 73.36
N ILE O 1064 -13.58 13.50 73.54
CA ILE O 1064 -12.93 12.75 72.47
C ILE O 1064 -13.89 12.53 71.32
N PHE O 1065 -15.16 12.21 71.65
CA PHE O 1065 -16.17 12.01 70.62
C PHE O 1065 -16.50 13.30 69.87
N CYS O 1066 -16.47 14.43 70.56
CA CYS O 1066 -16.73 15.71 69.90
C CYS O 1066 -15.61 16.08 68.94
N LEU O 1067 -14.37 15.67 69.23
CA LEU O 1067 -13.25 16.01 68.36
C LEU O 1067 -13.15 15.09 67.15
N GLU O 1068 -13.63 13.86 67.26
CA GLU O 1068 -13.45 12.88 66.18
C GLU O 1068 -14.36 13.15 65.00
N ASN O 1069 -15.47 13.86 65.20
CA ASN O 1069 -16.51 14.03 64.21
C ASN O 1069 -16.59 15.45 63.68
N GLU O 1070 -15.44 16.09 63.44
CA GLU O 1070 -15.45 17.50 63.08
C GLU O 1070 -14.87 17.80 61.71
N ARG O 1071 -14.00 16.94 61.18
CA ARG O 1071 -13.28 17.00 59.90
C ARG O 1071 -12.16 18.05 59.93
N GLU O 1072 -12.17 18.93 60.92
CA GLU O 1072 -11.03 19.82 61.17
C GLU O 1072 -10.10 19.27 62.24
N THR O 1073 -10.68 18.68 63.29
CA THR O 1073 -9.91 18.11 64.39
C THR O 1073 -9.87 16.59 64.35
N SER O 1074 -10.37 15.96 63.29
CA SER O 1074 -10.44 14.51 63.26
C SER O 1074 -9.06 13.90 62.99
N HIS O 1075 -8.42 14.31 61.91
CA HIS O 1075 -7.04 13.89 61.64
C HIS O 1075 -6.05 14.92 62.17
N SER O 1076 -6.17 15.23 63.46
CA SER O 1076 -5.37 16.27 64.09
C SER O 1076 -4.47 15.66 65.17
N LEU O 1077 -3.51 16.46 65.63
CA LEU O 1077 -2.65 16.07 66.73
C LEU O 1077 -3.31 16.24 68.09
N LEU O 1078 -4.37 17.03 68.16
CA LEU O 1078 -5.06 17.20 69.44
C LEU O 1078 -5.80 15.95 69.85
N LEU O 1079 -6.28 15.15 68.89
CA LEU O 1079 -6.82 13.84 69.23
C LEU O 1079 -5.73 12.85 69.60
N TYR O 1080 -4.60 12.89 68.89
CA TYR O 1080 -3.57 11.87 69.07
C TYR O 1080 -2.88 12.01 70.42
N LYS O 1081 -2.77 13.24 70.94
CA LYS O 1081 -2.26 13.42 72.30
C LYS O 1081 -3.32 13.08 73.34
N ALA O 1082 -4.60 13.25 73.02
CA ALA O 1082 -5.66 13.09 74.00
C ALA O 1082 -6.21 11.67 74.05
N PHE O 1083 -5.66 10.75 73.30
CA PHE O 1083 -5.99 9.34 73.48
C PHE O 1083 -5.16 8.70 74.58
N LEU O 1084 -4.23 9.46 75.17
CA LEU O 1084 -3.40 8.99 76.27
C LEU O 1084 -3.56 9.79 77.55
N LYS O 1085 -4.10 11.00 77.49
CA LYS O 1085 -4.38 11.78 78.69
C LYS O 1085 -5.58 12.69 78.48
N LEU P 202 43.68 15.54 64.61
CA LEU P 202 42.92 14.72 63.66
C LEU P 202 41.58 15.37 63.33
N SER P 203 41.03 16.09 64.31
CA SER P 203 39.77 16.80 64.13
C SER P 203 40.04 18.07 63.34
N ALA P 204 39.78 18.03 62.04
CA ALA P 204 40.06 19.14 61.15
C ALA P 204 38.83 19.59 60.39
N TYR P 205 37.68 19.65 61.05
CA TYR P 205 36.46 20.18 60.44
C TYR P 205 36.33 21.65 60.82
N ASN P 206 36.97 22.50 60.02
CA ASN P 206 36.85 23.95 60.11
C ASN P 206 35.73 24.40 59.16
N GLN P 207 35.74 25.69 58.80
CA GLN P 207 34.90 26.34 57.77
C GLN P 207 33.40 26.15 58.02
N GLN P 208 32.95 26.75 59.12
CA GLN P 208 31.54 26.85 59.43
C GLN P 208 30.89 27.96 58.60
N GLY P 209 29.58 27.90 58.48
CA GLY P 209 28.83 29.02 57.90
C GLY P 209 27.57 29.36 58.66
N ASP P 210 27.52 30.58 59.22
CA ASP P 210 26.41 31.17 59.98
C ASP P 210 25.84 30.24 61.04
N PRO P 211 26.53 30.06 62.19
CA PRO P 211 26.11 29.04 63.16
C PRO P 211 24.83 29.35 63.91
N THR P 212 24.18 30.48 63.67
CA THR P 212 22.84 30.69 64.24
C THR P 212 21.75 30.07 63.38
N MET P 213 22.11 29.37 62.28
CA MET P 213 21.10 28.75 61.37
C MET P 213 21.24 27.22 61.29
N TYR P 214 22.12 26.62 62.09
CA TYR P 214 22.35 25.16 62.05
C TYR P 214 21.07 24.41 62.43
N GLU P 215 20.38 24.90 63.46
CA GLU P 215 19.12 24.24 63.91
C GLU P 215 18.10 24.29 62.78
N GLU P 216 18.00 25.43 62.09
CA GLU P 216 17.05 25.58 60.97
C GLU P 216 17.42 24.58 59.87
N TYR P 217 18.70 24.47 59.53
CA TYR P 217 19.08 23.55 58.43
C TYR P 217 18.68 22.12 58.83
N TYR P 218 18.96 21.72 60.08
CA TYR P 218 18.64 20.32 60.49
C TYR P 218 17.13 20.09 60.45
N SER P 219 16.35 21.06 60.91
CA SER P 219 14.87 20.92 60.93
C SER P 219 14.37 20.79 59.49
N GLY P 220 14.93 21.57 58.56
CA GLY P 220 14.54 21.48 57.15
C GLY P 220 14.88 20.12 56.58
N LEU P 221 16.04 19.57 56.93
CA LEU P 221 16.39 18.21 56.46
C LEU P 221 15.35 17.21 57.00
N LYS P 222 14.97 17.35 58.27
CA LYS P 222 13.98 16.42 58.86
C LYS P 222 12.66 16.53 58.08
N HIS P 223 12.25 17.76 57.77
CA HIS P 223 10.96 17.97 57.05
C HIS P 223 11.02 17.36 55.65
N PHE P 224 12.15 17.51 54.96
CA PHE P 224 12.30 16.89 53.62
C PHE P 224 12.23 15.37 53.73
N ILE P 225 12.87 14.79 54.76
CA ILE P 225 12.79 13.31 54.94
C ILE P 225 11.33 12.91 55.15
N GLU P 226 10.59 13.70 55.95
CA GLU P 226 9.16 13.39 56.18
C GLU P 226 8.35 13.48 54.89
N CYS P 227 8.58 14.49 54.04
CA CYS P 227 7.73 14.67 52.83
C CYS P 227 8.12 13.71 51.70
N SER P 228 9.30 13.10 51.76
CA SER P 228 9.79 12.13 50.75
C SER P 228 8.98 10.83 50.79
N LEU P 229 9.01 10.04 49.72
CA LEU P 229 8.18 8.80 49.62
C LEU P 229 8.54 7.76 50.68
N ASP P 230 7.90 6.59 50.62
CA ASP P 230 8.05 5.56 51.64
C ASP P 230 9.28 4.69 51.44
N CYS P 231 9.84 4.68 50.23
CA CYS P 231 11.09 3.90 49.96
C CYS P 231 12.31 4.76 50.30
N HIS P 232 12.32 6.02 49.87
CA HIS P 232 13.45 6.94 50.14
C HIS P 232 13.64 7.23 51.63
N ARG P 233 12.56 7.31 52.42
CA ARG P 233 12.67 7.74 53.84
C ARG P 233 13.62 6.82 54.61
N ALA P 234 13.53 5.51 54.42
CA ALA P 234 14.39 4.58 55.19
C ALA P 234 15.85 4.84 54.84
N GLU P 235 16.15 5.03 53.55
CA GLU P 235 17.55 5.28 53.10
C GLU P 235 18.05 6.62 53.63
N LEU P 236 17.23 7.67 53.59
CA LEU P 236 17.68 9.03 54.00
C LEU P 236 17.84 9.14 55.53
N SER P 237 17.29 8.21 56.29
CA SER P 237 17.38 8.24 57.76
C SER P 237 18.83 8.13 58.22
N GLN P 238 19.65 7.32 57.54
CA GLN P 238 21.04 7.10 58.03
C GLN P 238 21.79 8.43 58.11
N LEU P 239 21.48 9.38 57.23
CA LEU P 239 22.16 10.70 57.23
C LEU P 239 21.95 11.42 58.56
N PHE P 240 20.80 11.24 59.21
CA PHE P 240 20.50 12.05 60.42
C PHE P 240 21.57 11.89 61.50
N TYR P 241 21.99 10.66 61.83
CA TYR P 241 22.97 10.57 62.94
C TYR P 241 24.35 11.15 62.62
N PRO P 242 25.03 10.80 61.51
CA PRO P 242 26.30 11.46 61.12
C PRO P 242 26.21 12.99 60.96
N LEU P 243 25.11 13.49 60.40
CA LEU P 243 24.95 14.96 60.29
C LEU P 243 24.90 15.56 61.71
N PHE P 244 24.08 15.03 62.60
CA PHE P 244 23.92 15.68 63.93
C PHE P 244 25.26 15.72 64.66
N VAL P 245 25.98 14.60 64.69
CA VAL P 245 27.24 14.59 65.48
C VAL P 245 28.21 15.60 64.86
N HIS P 246 28.34 15.60 63.53
CA HIS P 246 29.34 16.50 62.93
C HIS P 246 28.94 17.95 63.24
N MET P 247 27.67 18.29 63.08
CA MET P 247 27.28 19.72 63.28
C MET P 247 27.55 20.11 64.74
N TYR P 248 27.17 19.26 65.70
CA TYR P 248 27.36 19.65 67.11
C TYR P 248 28.85 19.83 67.39
N LEU P 249 29.66 18.90 66.89
CA LEU P 249 31.12 18.97 67.17
C LEU P 249 31.71 20.23 66.53
N GLU P 250 31.27 20.57 65.32
CA GLU P 250 31.78 21.76 64.60
C GLU P 250 31.41 22.99 65.45
N LEU P 251 30.18 23.04 65.95
CA LEU P 251 29.76 24.23 66.73
C LEU P 251 30.66 24.32 67.96
N VAL P 252 30.84 23.21 68.68
CA VAL P 252 31.63 23.29 69.94
C VAL P 252 33.06 23.74 69.60
N TYR P 253 33.65 23.20 68.54
CA TYR P 253 35.05 23.51 68.18
C TYR P 253 35.23 24.98 67.80
N ASN P 254 34.26 25.55 67.10
CA ASN P 254 34.41 26.96 66.65
C ASN P 254 34.06 27.94 67.77
N GLN P 255 32.77 28.20 68.03
CA GLN P 255 32.41 29.24 69.04
C GLN P 255 30.98 29.05 69.56
N HIS P 256 30.58 29.81 70.60
CA HIS P 256 29.19 29.75 71.13
C HIS P 256 28.77 28.32 71.49
N GLU P 257 29.32 27.75 72.56
CA GLU P 257 28.92 26.41 73.04
C GLU P 257 27.44 26.44 73.46
N ASN P 258 26.98 27.53 74.08
CA ASN P 258 25.54 27.67 74.45
C ASN P 258 24.65 27.19 73.29
N GLU P 259 24.87 27.69 72.07
CA GLU P 259 24.06 27.33 70.88
C GLU P 259 24.25 25.83 70.61
N ALA P 260 25.48 25.36 70.76
CA ALA P 260 25.77 23.93 70.49
C ALA P 260 24.95 23.09 71.45
N LYS P 261 24.91 23.48 72.74
CA LYS P 261 24.16 22.73 73.77
C LYS P 261 22.66 22.74 73.45
N SER P 262 22.14 23.90 73.03
CA SER P 262 20.69 23.95 72.66
C SER P 262 20.42 22.99 71.50
N PHE P 263 21.29 22.98 70.49
CA PHE P 263 21.09 22.12 69.30
C PHE P 263 21.12 20.67 69.78
N PHE P 264 22.06 20.36 70.67
CA PHE P 264 22.21 18.96 71.13
C PHE P 264 20.93 18.57 71.84
N GLU P 265 20.42 19.39 72.75
CA GLU P 265 19.22 18.95 73.52
C GLU P 265 18.07 18.76 72.53
N LYS P 266 17.92 19.70 71.60
CA LYS P 266 16.78 19.66 70.66
C LYS P 266 16.81 18.37 69.84
N PHE P 267 17.98 17.94 69.37
CA PHE P 267 17.95 16.74 68.49
C PHE P 267 18.25 15.42 69.23
N HIS P 268 18.57 15.49 70.53
CA HIS P 268 18.97 14.27 71.29
C HIS P 268 17.76 13.36 71.45
N GLY P 269 16.65 13.67 70.77
CA GLY P 269 15.53 12.72 70.77
C GLY P 269 15.34 12.02 69.44
N ASP P 270 15.50 12.76 68.33
CA ASP P 270 15.27 12.19 66.97
C ASP P 270 16.27 11.08 66.63
N GLN P 271 17.48 11.12 67.20
CA GLN P 271 18.53 10.12 66.82
C GLN P 271 18.02 8.71 67.11
N GLU P 272 18.65 7.70 66.50
CA GLU P 272 18.14 6.30 66.64
C GLU P 272 18.29 5.80 68.07
N CYS P 273 17.46 4.83 68.47
CA CYS P 273 17.48 4.31 69.86
C CYS P 273 18.83 3.68 70.20
N TYR P 274 19.43 2.93 69.28
CA TYR P 274 20.69 2.22 69.64
C TYR P 274 21.76 3.25 70.03
N TYR P 275 21.87 4.35 69.28
CA TYR P 275 22.83 5.39 69.74
C TYR P 275 22.28 5.94 71.06
N GLN P 276 23.08 5.88 72.12
CA GLN P 276 22.67 6.39 73.45
C GLN P 276 23.97 6.69 74.18
N ASP P 277 24.91 5.74 74.14
CA ASP P 277 26.27 5.97 74.72
C ASP P 277 26.99 7.07 73.93
N ASP P 278 26.86 7.04 72.61
CA ASP P 278 27.51 8.07 71.76
C ASP P 278 26.90 9.42 72.10
N LEU P 279 25.58 9.46 72.29
CA LEU P 279 24.89 10.72 72.64
C LEU P 279 25.40 11.23 73.99
N ARG P 280 25.61 10.35 74.96
CA ARG P 280 26.17 10.77 76.28
C ARG P 280 27.59 11.35 76.12
N VAL P 281 28.44 10.71 75.30
CA VAL P 281 29.79 11.31 75.07
C VAL P 281 29.68 12.69 74.40
N LEU P 282 28.72 12.82 73.47
CA LEU P 282 28.51 14.13 72.79
C LEU P 282 28.06 15.16 73.84
N SER P 283 27.19 14.79 74.76
CA SER P 283 26.76 15.72 75.84
C SER P 283 28.00 16.13 76.63
N SER P 284 28.89 15.17 76.88
CA SER P 284 30.15 15.49 77.60
C SER P 284 31.06 16.49 76.86
N LEU P 285 31.28 16.39 75.54
CA LEU P 285 32.28 17.34 74.90
C LEU P 285 31.83 18.81 74.79
N THR P 286 31.73 19.58 75.90
CA THR P 286 31.11 20.89 75.86
C THR P 286 32.02 21.99 75.33
N LYS P 287 33.30 21.98 75.68
CA LYS P 287 34.22 23.04 75.28
C LYS P 287 35.21 22.54 74.23
N LYS P 288 35.93 23.51 73.65
CA LYS P 288 36.84 23.23 72.53
C LYS P 288 38.06 22.41 72.98
N GLU P 289 38.54 22.65 74.20
CA GLU P 289 39.72 21.94 74.68
C GLU P 289 39.45 20.46 74.97
N HIS P 290 38.18 20.07 75.08
CA HIS P 290 37.86 18.64 75.12
C HIS P 290 38.09 18.00 73.75
N MET P 291 37.95 18.76 72.67
CA MET P 291 38.24 18.24 71.34
C MET P 291 39.73 18.24 71.03
N LYS P 292 40.54 18.98 71.80
CA LYS P 292 41.98 18.98 71.58
C LYS P 292 42.62 17.67 72.03
N GLY P 293 41.95 16.92 72.90
CA GLY P 293 42.40 15.60 73.30
C GLY P 293 41.59 14.53 72.61
N ASN P 294 42.28 13.70 71.83
CA ASN P 294 41.63 12.60 71.13
C ASN P 294 41.26 11.43 72.04
N GLU P 295 41.77 11.42 73.28
CA GLU P 295 41.53 10.32 74.18
C GLU P 295 40.16 10.35 74.84
N THR P 296 39.44 11.47 74.75
CA THR P 296 38.10 11.57 75.34
C THR P 296 37.03 11.12 74.35
N MET P 297 37.21 9.91 73.81
CA MET P 297 36.29 9.26 72.87
C MET P 297 36.07 10.13 71.63
N LEU P 298 37.16 10.56 71.02
CA LEU P 298 37.09 11.30 69.76
C LEU P 298 37.36 10.38 68.57
N ASP P 299 36.56 9.33 68.48
CA ASP P 299 36.44 8.53 67.26
C ASP P 299 35.14 8.83 66.54
N PHE P 300 34.68 10.08 66.63
CA PHE P 300 33.45 10.54 66.00
C PHE P 300 33.66 11.05 64.58
N ARG P 301 34.69 10.55 63.90
CA ARG P 301 35.03 11.02 62.57
C ARG P 301 33.99 10.60 61.55
N THR P 302 34.04 11.22 60.38
CA THR P 302 33.07 10.97 59.33
C THR P 302 33.47 9.82 58.41
N SER P 303 34.63 9.22 58.63
CA SER P 303 34.97 7.97 57.98
C SER P 303 34.55 6.76 58.80
N LYS P 304 33.87 6.98 59.93
CA LYS P 304 33.37 5.89 60.74
C LYS P 304 32.12 5.26 60.14
N PHE P 305 31.30 6.05 59.47
CA PHE P 305 30.03 5.60 58.91
C PHE P 305 30.13 5.53 57.39
N VAL P 306 29.47 4.51 56.81
CA VAL P 306 29.35 4.33 55.38
C VAL P 306 27.86 4.37 55.03
N LEU P 307 27.51 5.13 54.00
CA LEU P 307 26.12 5.47 53.71
C LEU P 307 25.73 4.87 52.36
N ARG P 308 24.93 3.81 52.38
CA ARG P 308 24.49 3.13 51.17
C ARG P 308 23.20 3.78 50.66
N ILE P 309 23.37 4.87 49.92
CA ILE P 309 22.25 5.63 49.37
C ILE P 309 22.22 5.42 47.86
N SER P 310 21.07 5.02 47.33
CA SER P 310 20.97 4.77 45.90
C SER P 310 20.97 6.08 45.11
N ARG P 311 21.11 5.94 43.79
CA ARG P 311 21.19 7.10 42.92
C ARG P 311 19.84 7.81 42.81
N ASP P 312 18.75 7.04 42.81
CA ASP P 312 17.42 7.62 42.65
C ASP P 312 17.01 8.44 43.87
N SER P 313 17.51 8.10 45.05
CA SER P 313 17.21 8.83 46.27
C SER P 313 18.20 9.95 46.55
N TYR P 314 19.44 9.85 46.04
CA TYR P 314 20.47 10.84 46.32
C TYR P 314 20.18 12.18 45.68
N GLN P 315 19.51 12.17 44.52
CA GLN P 315 19.30 13.42 43.78
C GLN P 315 18.16 14.23 44.35
N LEU P 316 17.21 13.61 45.06
CA LEU P 316 16.15 14.37 45.70
C LEU P 316 16.65 15.07 46.95
N LEU P 317 17.55 14.42 47.69
CA LEU P 317 18.20 15.06 48.83
C LEU P 317 19.17 16.14 48.37
N LYS P 318 19.81 15.93 47.21
CA LYS P 318 20.76 16.91 46.68
C LYS P 318 20.07 18.20 46.26
N ARG P 319 18.88 18.09 45.65
CA ARG P 319 18.14 19.28 45.26
C ARG P 319 17.51 20.00 46.45
N HIS P 320 17.34 19.30 47.58
CA HIS P 320 16.83 19.96 48.78
C HIS P 320 17.87 20.88 49.39
N LEU P 321 19.14 20.47 49.35
CA LEU P 321 20.20 21.22 50.00
C LEU P 321 20.71 22.39 49.17
N GLN P 322 20.28 22.52 47.92
CA GLN P 322 20.69 23.63 47.07
C GLN P 322 19.58 24.67 47.03
N GLU P 323 19.47 25.44 48.11
CA GLU P 323 18.61 26.62 48.06
C GLU P 323 19.39 27.88 47.67
N LYS P 324 20.46 28.18 48.39
CA LYS P 324 21.38 29.27 48.08
C LYS P 324 22.71 28.95 48.75
N GLN P 325 23.58 29.95 48.89
CA GLN P 325 24.97 29.75 49.27
C GLN P 325 25.20 29.82 50.77
N ASN P 326 24.21 29.44 51.59
CA ASN P 326 24.38 29.44 53.04
C ASN P 326 24.28 28.07 53.67
N ASN P 327 23.87 27.03 52.93
CA ASN P 327 23.58 25.73 53.52
C ASN P 327 24.89 24.98 53.78
N GLN P 328 25.35 25.05 55.03
CA GLN P 328 26.57 24.34 55.41
C GLN P 328 26.34 22.84 55.52
N ILE P 329 25.09 22.39 55.70
CA ILE P 329 24.77 20.97 55.71
C ILE P 329 24.96 20.34 54.34
N TRP P 330 24.97 21.13 53.27
CA TRP P 330 25.37 20.62 51.98
C TRP P 330 26.87 20.40 51.92
N ASN P 331 27.65 21.22 52.62
CA ASN P 331 29.09 21.14 52.62
C ASN P 331 29.63 20.01 53.49
N ILE P 332 28.79 19.36 54.28
CA ILE P 332 29.23 18.16 54.98
C ILE P 332 29.14 16.94 54.08
N VAL P 333 28.22 16.96 53.13
CA VAL P 333 27.99 15.81 52.26
C VAL P 333 29.12 15.67 51.24
N GLN P 334 29.48 16.77 50.58
CA GLN P 334 30.48 16.72 49.52
C GLN P 334 31.91 16.63 50.04
N GLU P 335 32.15 16.91 51.32
CA GLU P 335 33.49 16.98 51.87
C GLU P 335 33.80 15.89 52.88
N HIS P 336 32.99 15.77 53.93
CA HIS P 336 33.33 14.88 55.03
C HIS P 336 32.72 13.48 54.89
N LEU P 337 31.48 13.39 54.41
CA LEU P 337 30.79 12.11 54.33
C LEU P 337 31.20 11.36 53.07
N TYR P 338 31.52 10.07 53.23
CA TYR P 338 31.76 9.18 52.11
C TYR P 338 30.48 8.39 51.87
N ILE P 339 29.66 8.86 50.95
CA ILE P 339 28.37 8.25 50.64
C ILE P 339 28.61 7.16 49.62
N ASP P 340 28.35 5.91 50.01
CA ASP P 340 28.57 4.74 49.14
C ASP P 340 27.36 4.59 48.22
N ILE P 341 27.42 5.24 47.07
CA ILE P 341 26.32 5.22 46.11
C ILE P 341 26.27 3.83 45.46
N PHE P 342 25.25 3.06 45.80
CA PHE P 342 25.01 1.78 45.13
C PHE P 342 23.96 1.98 44.04
N ASP P 343 24.14 1.26 42.95
CA ASP P 343 23.32 1.45 41.76
C ASP P 343 22.19 0.41 41.68
N ALA P 363 29.84 -4.39 59.96
CA ALA P 363 29.53 -3.71 61.22
C ALA P 363 28.04 -3.75 61.50
N LYS P 364 27.63 -4.66 62.39
CA LYS P 364 26.22 -4.77 62.79
C LYS P 364 26.00 -3.96 64.08
N ARG P 365 26.11 -2.64 63.93
CA ARG P 365 25.93 -1.73 65.04
C ARG P 365 24.49 -1.28 65.25
N GLU P 366 23.59 -1.61 64.32
CA GLU P 366 22.20 -1.15 64.40
C GLU P 366 21.40 -1.91 65.44
N ALA P 367 21.74 -1.68 66.73
CA ALA P 367 21.12 -2.32 67.90
C ALA P 367 21.23 -3.84 67.86
N ASN P 368 22.28 -4.36 67.23
CA ASN P 368 22.49 -5.79 67.15
C ASN P 368 23.46 -6.31 68.21
N LYS P 369 24.15 -5.42 68.91
CA LYS P 369 25.02 -5.80 70.01
C LYS P 369 24.28 -5.53 71.32
N SER P 370 23.33 -6.40 71.62
CA SER P 370 22.56 -6.27 72.85
C SER P 370 22.28 -7.66 73.40
N LYS P 371 21.77 -7.70 74.63
CA LYS P 371 21.36 -8.94 75.25
C LYS P 371 19.90 -9.21 74.89
N VAL P 372 19.65 -10.34 74.22
CA VAL P 372 18.31 -10.74 73.84
C VAL P 372 18.08 -12.14 74.38
N PHE P 373 17.07 -12.29 75.23
CA PHE P 373 16.69 -13.59 75.78
C PHE P 373 15.63 -14.19 74.87
N PHE P 374 16.03 -15.12 74.00
CA PHE P 374 15.12 -15.65 73.01
C PHE P 374 14.64 -17.07 73.28
N GLY P 375 15.27 -17.80 74.19
CA GLY P 375 14.85 -19.15 74.49
C GLY P 375 13.51 -19.19 75.18
N LEU P 376 12.82 -20.32 75.03
CA LEU P 376 11.46 -20.43 75.53
C LEU P 376 11.44 -20.54 77.05
N LEU P 377 10.27 -20.27 77.62
CA LEU P 377 10.10 -20.35 79.06
C LEU P 377 9.99 -21.81 79.49
N LYS P 378 10.08 -22.03 80.80
CA LYS P 378 10.15 -23.36 81.37
C LYS P 378 8.77 -23.78 81.88
N GLU P 379 8.15 -24.73 81.18
CA GLU P 379 6.89 -25.32 81.60
C GLU P 379 6.98 -26.82 81.37
N PRO P 380 6.73 -27.64 82.41
CA PRO P 380 6.80 -29.11 82.32
C PRO P 380 5.75 -29.72 81.38
N LYS P 416 17.61 -29.92 81.67
CA LYS P 416 18.45 -28.95 80.97
C LYS P 416 17.86 -27.54 81.04
N GLN P 417 18.72 -26.57 81.38
CA GLN P 417 18.31 -25.19 81.51
C GLN P 417 18.93 -24.36 80.39
N ASP P 418 18.21 -23.33 79.94
CA ASP P 418 18.65 -22.49 78.85
C ASP P 418 19.20 -21.20 79.40
N PRO P 419 20.42 -20.79 79.03
CA PRO P 419 20.93 -19.48 79.47
C PRO P 419 20.27 -18.31 78.79
N ASN P 420 19.72 -18.51 77.59
CA ASN P 420 19.02 -17.47 76.86
C ASN P 420 17.52 -17.46 77.14
N ALA P 421 17.07 -18.17 78.15
CA ALA P 421 15.66 -18.11 78.50
C ALA P 421 15.45 -17.02 79.55
N PRO P 422 14.50 -16.12 79.34
CA PRO P 422 14.25 -15.08 80.33
C PRO P 422 13.52 -15.65 81.53
N PRO P 423 13.62 -15.02 82.69
CA PRO P 423 12.89 -15.51 83.86
C PRO P 423 11.39 -15.32 83.70
N GLN P 424 10.64 -16.16 84.41
CA GLN P 424 9.18 -16.09 84.37
C GLN P 424 8.68 -14.83 85.07
N ASN P 425 9.43 -14.33 86.05
CA ASN P 425 9.05 -13.14 86.80
C ASN P 425 9.52 -11.85 86.13
N ARG P 426 10.01 -11.92 84.89
CA ARG P 426 10.48 -10.72 84.20
C ARG P 426 9.31 -9.89 83.68
N ILE P 427 8.53 -10.46 82.78
CA ILE P 427 7.30 -9.84 82.28
C ILE P 427 6.14 -10.47 83.05
N PRO P 428 5.23 -9.67 83.61
CA PRO P 428 4.09 -10.26 84.32
C PRO P 428 3.11 -10.93 83.38
N LEU P 429 3.14 -12.25 83.35
CA LEU P 429 2.36 -13.15 82.52
C LEU P 429 1.23 -13.77 83.32
N PRO P 430 0.10 -14.07 82.70
CA PRO P 430 -1.05 -14.61 83.44
C PRO P 430 -0.81 -16.03 83.93
N GLU P 431 -1.62 -16.42 84.90
CA GLU P 431 -1.53 -17.73 85.52
C GLU P 431 -2.37 -18.74 84.75
N LEU P 432 -2.03 -20.02 84.88
CA LEU P 432 -2.82 -21.08 84.27
C LEU P 432 -4.03 -21.38 85.14
N LYS P 433 -5.18 -21.53 84.47
CA LYS P 433 -6.41 -21.97 85.19
C LYS P 433 -6.71 -23.43 84.80
N ASP P 434 -7.76 -24.01 85.37
CA ASP P 434 -8.09 -25.45 85.11
C ASP P 434 -8.42 -25.67 83.63
N SER P 435 -9.16 -24.75 83.03
CA SER P 435 -9.54 -24.88 81.60
C SER P 435 -8.27 -24.88 80.75
N ASP P 436 -7.34 -23.98 81.07
CA ASP P 436 -6.06 -23.90 80.32
C ASP P 436 -5.31 -25.22 80.48
N LYS P 437 -5.30 -25.79 81.70
CA LYS P 437 -4.62 -27.09 81.93
C LYS P 437 -5.24 -28.22 81.09
N LEU P 438 -6.57 -28.27 81.02
CA LEU P 438 -7.24 -29.31 80.18
C LEU P 438 -6.88 -29.10 78.72
N ASP P 439 -6.84 -27.83 78.28
CA ASP P 439 -6.48 -27.53 76.87
C ASP P 439 -5.07 -28.04 76.63
N LYS P 440 -4.16 -27.82 77.57
CA LYS P 440 -2.75 -28.27 77.44
C LYS P 440 -2.70 -29.80 77.36
N ILE P 441 -3.48 -30.53 78.16
CA ILE P 441 -3.51 -32.02 78.06
C ILE P 441 -4.01 -32.47 76.67
N MET P 442 -5.06 -31.81 76.15
CA MET P 442 -5.53 -32.20 74.79
C MET P 442 -4.41 -31.92 73.78
N ASN P 443 -3.72 -30.79 73.94
CA ASN P 443 -2.63 -30.43 73.01
C ASN P 443 -1.52 -31.48 73.10
N MET P 444 -1.22 -31.98 74.29
CA MET P 444 -0.19 -33.04 74.50
C MET P 444 -0.60 -34.33 73.80
N LYS P 445 -1.88 -34.72 73.86
CA LYS P 445 -2.28 -35.92 73.05
C LYS P 445 -2.06 -35.62 71.55
N GLU P 446 -2.43 -34.42 71.12
CA GLU P 446 -2.24 -34.16 69.68
C GLU P 446 -0.74 -34.18 69.36
N THR P 447 0.11 -33.73 70.27
CA THR P 447 1.59 -33.70 70.09
C THR P 447 2.11 -35.13 69.99
N THR P 448 1.57 -36.04 70.79
CA THR P 448 1.96 -37.46 70.67
C THR P 448 1.60 -37.95 69.26
N LYS P 449 0.44 -37.56 68.71
CA LYS P 449 0.19 -38.12 67.32
C LYS P 449 0.94 -37.37 66.18
N ARG P 450 2.10 -36.73 66.40
CA ARG P 450 2.77 -35.83 65.48
C ARG P 450 3.67 -36.61 64.51
N VAL P 451 3.96 -35.99 63.37
CA VAL P 451 4.78 -36.59 62.34
C VAL P 451 6.03 -35.73 62.12
N ARG P 452 7.20 -36.36 62.19
CA ARG P 452 8.46 -35.67 61.96
C ARG P 452 8.66 -35.52 60.46
N LEU P 453 8.69 -34.28 59.97
CA LEU P 453 8.56 -34.08 58.53
C LEU P 453 9.88 -34.29 57.79
N GLY P 454 10.88 -33.45 58.04
CA GLY P 454 12.14 -33.54 57.35
C GLY P 454 12.04 -33.29 55.86
N PRO P 455 13.04 -33.74 55.10
CA PRO P 455 13.03 -33.53 53.64
C PRO P 455 12.46 -34.66 52.82
N ASP P 456 12.14 -35.82 53.42
CA ASP P 456 11.59 -36.94 52.68
C ASP P 456 10.11 -37.18 52.95
N CYS P 457 9.64 -36.88 54.16
CA CYS P 457 8.23 -36.98 54.51
C CYS P 457 7.62 -35.59 54.41
N LEU P 458 7.02 -35.29 53.27
CA LEU P 458 6.40 -33.99 53.07
C LEU P 458 4.99 -33.99 53.67
N PRO P 459 4.52 -32.86 54.17
CA PRO P 459 3.20 -32.82 54.81
C PRO P 459 2.07 -32.76 53.80
N SER P 460 0.89 -33.12 54.28
CA SER P 460 -0.32 -33.06 53.47
C SER P 460 -0.98 -31.70 53.68
N ILE P 461 -1.19 -30.97 52.60
CA ILE P 461 -1.68 -29.60 52.65
C ILE P 461 -3.18 -29.62 52.39
N CYS P 462 -3.96 -29.30 53.42
CA CYS P 462 -5.37 -29.01 53.26
C CYS P 462 -5.55 -27.62 52.67
N PHE P 463 -6.79 -27.28 52.31
CA PHE P 463 -7.04 -25.97 51.73
C PHE P 463 -8.48 -25.58 52.00
N TYR P 464 -8.69 -24.46 52.67
CA TYR P 464 -10.01 -23.94 52.99
C TYR P 464 -10.26 -22.72 52.10
N THR P 465 -10.77 -22.96 50.89
CA THR P 465 -11.01 -21.86 49.97
C THR P 465 -12.31 -21.15 50.29
N PHE P 466 -12.31 -19.84 50.10
CA PHE P 466 -13.47 -18.99 50.37
C PHE P 466 -14.15 -18.71 49.05
N LEU P 467 -15.40 -19.17 48.91
CA LEU P 467 -15.99 -19.30 47.59
C LEU P 467 -16.57 -17.99 47.07
N ASN P 468 -17.57 -17.44 47.74
CA ASN P 468 -18.34 -16.33 47.20
C ASN P 468 -17.88 -14.98 47.76
N ALA P 469 -16.64 -14.87 48.20
CA ALA P 469 -16.07 -13.58 48.56
C ALA P 469 -15.60 -12.90 47.29
N TYR P 470 -16.32 -11.87 46.86
CA TYR P 470 -16.07 -11.22 45.57
C TYR P 470 -14.85 -10.29 45.67
N GLN P 471 -13.69 -10.94 45.77
CA GLN P 471 -12.39 -10.30 46.07
C GLN P 471 -12.48 -9.44 47.31
N GLY P 472 -12.94 -10.04 48.40
CA GLY P 472 -13.17 -9.29 49.61
C GLY P 472 -12.78 -9.97 50.90
N LEU P 473 -11.78 -10.86 50.86
CA LEU P 473 -11.25 -11.47 52.07
C LEU P 473 -9.91 -10.83 52.38
N THR P 474 -9.81 -10.17 53.53
CA THR P 474 -8.61 -9.43 53.89
C THR P 474 -7.86 -9.98 55.08
N ALA P 475 -8.45 -10.87 55.88
CA ALA P 475 -7.82 -11.32 57.11
C ALA P 475 -8.35 -12.69 57.52
N VAL P 476 -7.45 -13.64 57.74
CA VAL P 476 -7.80 -14.97 58.21
C VAL P 476 -7.02 -15.24 59.49
N ASP P 477 -7.60 -16.01 60.40
CA ASP P 477 -6.83 -16.59 61.48
C ASP P 477 -7.46 -17.92 61.88
N VAL P 478 -6.61 -18.91 62.16
CA VAL P 478 -7.04 -20.22 62.61
C VAL P 478 -6.52 -20.40 64.04
N THR P 479 -7.28 -21.13 64.85
CA THR P 479 -6.90 -21.35 66.25
C THR P 479 -5.71 -22.30 66.35
N ASP P 480 -5.30 -22.57 67.59
CA ASP P 480 -4.15 -23.45 67.82
C ASP P 480 -4.50 -24.90 67.53
N ASP P 481 -5.61 -25.38 68.06
CA ASP P 481 -6.25 -26.59 67.55
C ASP P 481 -7.25 -26.19 66.49
N SER P 482 -7.10 -26.76 65.29
CA SER P 482 -7.81 -26.27 64.10
C SER P 482 -9.27 -26.63 64.18
N SER P 483 -10.02 -25.86 64.97
CA SER P 483 -11.45 -26.07 65.13
C SER P 483 -12.26 -24.80 64.90
N LEU P 484 -11.64 -23.70 64.48
CA LEU P 484 -12.32 -22.44 64.24
C LEU P 484 -11.52 -21.65 63.21
N ILE P 485 -12.21 -20.98 62.30
CA ILE P 485 -11.58 -20.13 61.30
C ILE P 485 -12.33 -18.80 61.28
N ALA P 486 -11.61 -17.72 61.53
CA ALA P 486 -12.19 -16.40 61.38
C ALA P 486 -11.86 -15.84 60.00
N GLY P 487 -12.72 -14.96 59.52
CA GLY P 487 -12.49 -14.32 58.24
C GLY P 487 -12.76 -12.84 58.32
N GLY P 488 -11.78 -12.04 57.95
CA GLY P 488 -11.96 -10.60 57.99
C GLY P 488 -12.26 -10.06 56.61
N PHE P 489 -13.46 -9.51 56.42
CA PHE P 489 -13.95 -9.18 55.10
C PHE P 489 -13.99 -7.68 54.88
N ALA P 490 -13.89 -7.28 53.61
CA ALA P 490 -13.81 -5.88 53.23
C ALA P 490 -15.14 -5.15 53.28
N ASP P 491 -16.23 -5.85 53.61
CA ASP P 491 -17.52 -5.22 53.85
C ASP P 491 -17.80 -5.06 55.34
N SER P 492 -16.73 -4.83 56.12
CA SER P 492 -16.77 -4.48 57.54
C SER P 492 -17.40 -5.58 58.39
N THR P 493 -17.26 -6.83 57.99
CA THR P 493 -17.83 -7.95 58.72
C THR P 493 -16.73 -8.94 59.11
N VAL P 494 -16.94 -9.61 60.24
CA VAL P 494 -16.04 -10.64 60.74
C VAL P 494 -16.86 -11.89 60.94
N ARG P 495 -16.51 -12.96 60.24
CA ARG P 495 -17.26 -14.20 60.27
C ARG P 495 -16.42 -15.30 60.87
N VAL P 496 -17.02 -16.10 61.76
CA VAL P 496 -16.34 -17.16 62.47
C VAL P 496 -16.98 -18.49 62.07
N TRP P 497 -16.17 -19.39 61.50
CA TRP P 497 -16.66 -20.68 61.01
C TRP P 497 -16.15 -21.80 61.90
N SER P 498 -16.99 -22.81 62.09
CA SER P 498 -16.56 -24.06 62.70
C SER P 498 -16.13 -25.01 61.59
N VAL P 499 -14.94 -25.59 61.74
CA VAL P 499 -14.43 -26.53 60.74
C VAL P 499 -14.43 -27.92 61.36
N THR P 500 -15.37 -28.16 62.27
CA THR P 500 -15.53 -29.37 63.04
C THR P 500 -17.04 -29.60 63.14
N PRO P 501 -17.49 -30.86 63.18
CA PRO P 501 -18.94 -31.12 63.35
C PRO P 501 -19.53 -30.61 64.65
N LYS P 502 -18.71 -30.29 65.66
CA LYS P 502 -19.19 -29.53 66.81
C LYS P 502 -19.58 -28.13 66.37
N LYS P 503 -20.78 -27.71 66.72
CA LYS P 503 -21.33 -26.45 66.21
C LYS P 503 -20.99 -25.29 67.14
N LEU P 504 -21.26 -24.09 66.66
CA LEU P 504 -20.99 -22.87 67.41
C LEU P 504 -22.22 -22.51 68.24
N ARG P 505 -22.02 -22.34 69.54
CA ARG P 505 -23.13 -22.10 70.46
C ARG P 505 -22.82 -20.89 71.33
N SER P 506 -23.85 -20.09 71.58
CA SER P 506 -23.76 -18.98 72.52
C SER P 506 -24.21 -19.43 73.90
N VAL P 507 -23.89 -18.61 74.90
CA VAL P 507 -24.31 -18.89 76.27
C VAL P 507 -25.70 -18.35 76.49
N LYS P 508 -26.34 -18.76 77.58
CA LYS P 508 -27.70 -18.34 77.88
C LYS P 508 -27.75 -16.86 78.21
N GLN P 509 -28.98 -16.30 78.18
CA GLN P 509 -29.13 -14.91 78.67
C GLN P 509 -29.09 -14.95 80.20
N ALA P 510 -29.18 -13.79 80.86
CA ALA P 510 -28.96 -13.75 82.33
C ALA P 510 -29.91 -14.65 83.12
N SER P 511 -31.21 -14.64 82.84
CA SER P 511 -32.16 -15.43 83.67
C SER P 511 -31.84 -16.92 83.53
N ASP P 512 -31.57 -17.35 82.30
CA ASP P 512 -31.28 -18.77 82.05
C ASP P 512 -29.96 -19.14 82.75
N LEU P 513 -28.97 -18.25 82.71
CA LEU P 513 -27.68 -18.51 83.40
C LEU P 513 -27.94 -18.66 84.91
N SER P 514 -28.79 -17.81 85.47
CA SER P 514 -29.12 -17.91 86.91
C SER P 514 -29.79 -19.26 87.21
N LEU P 515 -30.70 -19.72 86.35
CA LEU P 515 -31.41 -21.00 86.65
C LEU P 515 -30.40 -22.12 86.89
N ILE P 516 -29.36 -22.26 86.05
CA ILE P 516 -28.40 -23.39 86.18
C ILE P 516 -27.60 -23.29 87.47
N ASP P 517 -27.33 -24.43 88.12
CA ASP P 517 -26.58 -24.44 89.41
C ASP P 517 -25.07 -24.52 89.15
N LYS P 518 -24.29 -23.68 89.83
CA LYS P 518 -22.81 -23.65 89.65
C LYS P 518 -22.15 -24.84 90.34
N GLU P 519 -20.90 -25.16 89.98
CA GLU P 519 -20.12 -26.25 90.63
C GLU P 519 -20.88 -27.58 90.65
N SER P 520 -21.44 -27.98 89.50
CA SER P 520 -22.19 -29.27 89.41
C SER P 520 -21.42 -30.31 88.59
N ASP P 521 -20.16 -30.02 88.20
CA ASP P 521 -19.31 -30.99 87.45
C ASP P 521 -19.91 -31.25 86.07
N ASP P 522 -20.35 -30.21 85.36
CA ASP P 522 -20.99 -30.31 84.01
C ASP P 522 -21.51 -28.90 83.66
N VAL P 523 -21.11 -27.89 84.44
CA VAL P 523 -21.63 -26.49 84.27
C VAL P 523 -21.27 -25.90 82.91
N LEU P 524 -20.07 -26.12 82.40
CA LEU P 524 -19.70 -25.48 81.11
C LEU P 524 -20.66 -26.01 80.04
N GLU P 525 -20.92 -27.33 80.07
CA GLU P 525 -21.83 -27.96 79.08
C GLU P 525 -23.24 -27.39 79.26
N ARG P 526 -23.68 -27.21 80.50
CA ARG P 526 -25.01 -26.58 80.73
C ARG P 526 -25.12 -25.14 80.20
N ILE P 527 -24.08 -24.30 80.32
CA ILE P 527 -24.18 -22.85 79.97
C ILE P 527 -24.40 -22.48 78.47
N MET P 528 -24.37 -23.40 77.50
CA MET P 528 -24.51 -23.15 76.07
C MET P 528 -25.98 -23.20 75.65
N ASP P 529 -26.44 -22.12 75.02
CA ASP P 529 -27.81 -22.02 74.52
C ASP P 529 -27.95 -22.84 73.26
N GLU P 530 -28.85 -23.82 73.29
CA GLU P 530 -29.05 -24.75 72.19
C GLU P 530 -29.83 -24.15 71.02
N LYS P 531 -30.48 -23.01 71.21
CA LYS P 531 -31.30 -22.44 70.14
C LYS P 531 -30.44 -21.82 69.05
N THR P 532 -29.34 -21.18 69.43
CA THR P 532 -28.42 -20.54 68.49
C THR P 532 -27.23 -21.48 68.28
N ALA P 533 -27.38 -22.42 67.36
CA ALA P 533 -26.40 -23.46 67.12
C ALA P 533 -25.97 -23.46 65.66
N SER P 534 -25.64 -22.29 65.14
CA SER P 534 -25.22 -22.18 63.75
C SER P 534 -23.78 -22.68 63.59
N GLU P 535 -23.39 -22.83 62.33
CA GLU P 535 -22.00 -23.11 61.97
C GLU P 535 -21.31 -21.89 61.40
N LEU P 536 -21.94 -20.72 61.49
CA LEU P 536 -21.37 -19.46 61.03
C LEU P 536 -21.98 -18.36 61.86
N LYS P 537 -21.15 -17.57 62.52
CA LYS P 537 -21.61 -16.50 63.40
C LYS P 537 -21.03 -15.18 62.91
N ILE P 538 -21.86 -14.38 62.26
CA ILE P 538 -21.41 -13.11 61.70
C ILE P 538 -21.34 -12.08 62.83
N LEU P 539 -20.26 -11.30 62.83
CA LEU P 539 -20.02 -10.29 63.86
C LEU P 539 -19.95 -8.92 63.21
N TYR P 540 -20.80 -8.00 63.65
CA TYR P 540 -20.83 -6.63 63.15
C TYR P 540 -20.31 -5.69 64.23
N GLY P 541 -19.79 -4.55 63.79
CA GLY P 541 -19.17 -3.63 64.73
C GLY P 541 -18.01 -2.84 64.17
N HIS P 542 -17.57 -3.16 62.96
CA HIS P 542 -16.53 -2.38 62.30
C HIS P 542 -17.14 -1.48 61.26
N SER P 543 -16.45 -0.36 60.97
CA SER P 543 -16.90 0.59 59.96
C SER P 543 -16.00 0.61 58.74
N GLY P 544 -15.14 -0.38 58.58
CA GLY P 544 -14.24 -0.44 57.44
C GLY P 544 -13.72 -1.85 57.26
N PRO P 545 -12.97 -2.07 56.17
CA PRO P 545 -12.38 -3.41 55.93
C PRO P 545 -11.44 -3.86 57.03
N VAL P 546 -11.82 -4.94 57.71
CA VAL P 546 -11.03 -5.48 58.80
C VAL P 546 -9.83 -6.24 58.25
N TYR P 547 -8.64 -5.84 58.69
CA TYR P 547 -7.38 -6.19 58.03
C TYR P 547 -6.52 -7.14 58.85
N GLY P 548 -6.93 -7.51 60.06
CA GLY P 548 -6.17 -8.46 60.83
C GLY P 548 -7.01 -9.09 61.91
N ALA P 549 -7.03 -10.41 61.99
CA ALA P 549 -7.75 -11.12 63.02
C ALA P 549 -6.79 -12.05 63.74
N SER P 550 -7.13 -12.38 64.99
CA SER P 550 -6.30 -13.28 65.78
C SER P 550 -7.12 -13.83 66.93
N PHE P 551 -7.13 -15.15 67.07
CA PHE P 551 -7.82 -15.76 68.21
C PHE P 551 -6.95 -15.65 69.45
N SER P 552 -7.49 -16.11 70.56
CA SER P 552 -6.79 -16.22 71.82
C SER P 552 -6.58 -17.69 72.15
N PRO P 553 -5.49 -18.05 72.83
CA PRO P 553 -5.18 -19.48 73.06
C PRO P 553 -6.18 -20.23 73.94
N ASP P 554 -7.05 -19.55 74.68
CA ASP P 554 -8.13 -20.21 75.40
C ASP P 554 -9.40 -20.31 74.56
N ARG P 555 -9.33 -19.94 73.28
CA ARG P 555 -10.37 -20.06 72.26
C ARG P 555 -11.61 -19.23 72.53
N ASN P 556 -11.60 -18.36 73.52
CA ASN P 556 -12.49 -17.23 73.56
C ASN P 556 -11.74 -16.06 72.92
N TYR P 557 -12.30 -14.86 72.99
CA TYR P 557 -11.58 -13.59 72.77
C TYR P 557 -10.97 -13.50 71.37
N LEU P 558 -11.82 -13.40 70.36
CA LEU P 558 -11.33 -13.05 69.04
C LEU P 558 -11.00 -11.57 68.99
N LEU P 559 -9.95 -11.22 68.26
CA LEU P 559 -9.57 -9.83 68.01
C LEU P 559 -9.76 -9.52 66.54
N SER P 560 -9.92 -8.23 66.24
CA SER P 560 -10.00 -7.76 64.87
C SER P 560 -9.59 -6.30 64.83
N SER P 561 -9.19 -5.85 63.66
CA SER P 561 -8.65 -4.50 63.49
C SER P 561 -8.91 -4.03 62.07
N SER P 562 -9.60 -2.90 61.93
CA SER P 562 -10.04 -2.41 60.64
C SER P 562 -9.43 -1.04 60.35
N GLU P 563 -9.86 -0.45 59.25
CA GLU P 563 -9.31 0.82 58.80
C GLU P 563 -10.04 2.02 59.39
N ASP P 564 -10.99 1.81 60.30
CA ASP P 564 -11.59 2.90 61.05
C ASP P 564 -10.79 3.25 62.29
N GLY P 565 -9.61 2.64 62.47
CA GLY P 565 -8.70 2.99 63.53
C GLY P 565 -8.92 2.26 64.84
N THR P 566 -9.94 1.42 64.94
CA THR P 566 -10.24 0.73 66.18
C THR P 566 -9.81 -0.73 66.13
N VAL P 567 -9.75 -1.33 67.30
CA VAL P 567 -9.40 -2.73 67.49
C VAL P 567 -10.42 -3.29 68.47
N ARG P 568 -11.18 -4.29 68.04
CA ARG P 568 -12.30 -4.78 68.83
C ARG P 568 -12.00 -6.15 69.40
N LEU P 569 -12.45 -6.39 70.62
CA LEU P 569 -12.27 -7.66 71.31
C LEU P 569 -13.62 -8.36 71.34
N TRP P 570 -13.84 -9.25 70.39
CA TRP P 570 -15.07 -10.03 70.34
C TRP P 570 -15.00 -11.17 71.33
N SER P 571 -16.11 -11.43 72.00
CA SER P 571 -16.19 -12.64 72.80
C SER P 571 -16.58 -13.81 71.92
N LEU P 572 -16.20 -15.01 72.33
CA LEU P 572 -16.62 -16.23 71.65
C LEU P 572 -17.47 -17.12 72.56
N GLN P 573 -18.04 -16.54 73.60
CA GLN P 573 -19.08 -17.16 74.40
C GLN P 573 -20.42 -16.46 74.24
N THR P 574 -20.41 -15.14 74.14
CA THR P 574 -21.62 -14.38 73.84
C THR P 574 -21.71 -13.98 72.38
N PHE P 575 -20.58 -14.04 71.65
CA PHE P 575 -20.46 -13.66 70.24
C PHE P 575 -20.88 -12.22 69.99
N THR P 576 -20.56 -11.34 70.94
CA THR P 576 -20.75 -9.91 70.80
C THR P 576 -19.46 -9.22 71.16
N CYS P 577 -19.31 -7.98 70.68
CA CYS P 577 -18.12 -7.20 70.96
C CYS P 577 -18.09 -6.78 72.43
N LEU P 578 -16.88 -6.65 72.98
CA LEU P 578 -16.70 -6.28 74.37
C LEU P 578 -16.04 -4.92 74.54
N VAL P 579 -14.86 -4.69 73.96
CA VAL P 579 -14.17 -3.42 74.05
C VAL P 579 -13.81 -2.98 72.63
N GLY P 580 -13.69 -1.66 72.44
CA GLY P 580 -13.11 -1.13 71.22
C GLY P 580 -11.95 -0.21 71.53
N TYR P 581 -10.75 -0.57 71.10
CA TYR P 581 -9.53 0.10 71.55
C TYR P 581 -9.18 1.21 70.56
N LYS P 582 -9.37 2.46 70.98
CA LYS P 582 -9.36 3.61 70.10
C LYS P 582 -8.04 4.37 70.14
N GLY P 583 -6.91 3.69 70.25
CA GLY P 583 -5.62 4.36 70.24
C GLY P 583 -5.25 5.02 68.93
N HIS P 584 -5.17 4.24 67.85
CA HIS P 584 -4.85 4.81 66.55
C HIS P 584 -6.02 5.63 66.01
N ASN P 585 -5.70 6.62 65.19
CA ASN P 585 -6.69 7.29 64.37
C ASN P 585 -6.71 6.77 62.94
N TYR P 586 -5.66 6.08 62.55
CA TYR P 586 -5.40 5.63 61.20
C TYR P 586 -5.62 4.13 61.09
N PRO P 587 -5.71 3.56 59.88
CA PRO P 587 -5.91 2.11 59.73
C PRO P 587 -4.88 1.25 60.47
N VAL P 588 -5.39 0.22 61.15
CA VAL P 588 -4.58 -0.74 61.88
C VAL P 588 -4.41 -1.95 60.98
N TRP P 589 -3.17 -2.22 60.57
CA TRP P 589 -2.94 -3.23 59.54
C TRP P 589 -2.85 -4.64 60.10
N ASP P 590 -2.50 -4.82 61.37
CA ASP P 590 -2.38 -6.16 61.92
C ASP P 590 -2.60 -6.11 63.42
N THR P 591 -3.05 -7.24 63.97
CA THR P 591 -3.18 -7.41 65.41
C THR P 591 -2.97 -8.87 65.74
N GLN P 592 -2.51 -9.13 66.97
CA GLN P 592 -2.21 -10.50 67.39
C GLN P 592 -2.09 -10.53 68.91
N PHE P 593 -2.68 -11.56 69.51
CA PHE P 593 -2.46 -11.82 70.93
C PHE P 593 -1.04 -12.28 71.22
N SER P 594 -0.72 -12.26 72.50
CA SER P 594 0.42 -12.97 73.03
C SER P 594 0.16 -14.46 72.96
N PRO P 595 1.21 -15.29 72.91
CA PRO P 595 1.02 -16.74 73.00
C PRO P 595 0.46 -17.22 74.34
N TYR P 596 0.51 -16.39 75.39
CA TYR P 596 -0.06 -16.71 76.67
C TYR P 596 -1.40 -16.03 76.92
N GLY P 597 -1.80 -15.09 76.06
CA GLY P 597 -3.19 -14.72 75.96
C GLY P 597 -3.67 -13.58 76.83
N TYR P 598 -2.79 -12.67 77.24
CA TYR P 598 -3.21 -11.51 77.99
C TYR P 598 -2.91 -10.20 77.27
N TYR P 599 -1.70 -10.05 76.76
CA TYR P 599 -1.32 -8.87 76.02
C TYR P 599 -1.65 -9.05 74.54
N PHE P 600 -1.71 -7.94 73.82
CA PHE P 600 -1.75 -8.00 72.37
C PHE P 600 -1.12 -6.73 71.81
N VAL P 601 -0.76 -6.81 70.54
CA VAL P 601 0.00 -5.78 69.85
C VAL P 601 -0.76 -5.45 68.57
N SER P 602 -0.71 -4.17 68.16
CA SER P 602 -1.50 -3.75 67.00
C SER P 602 -0.77 -2.61 66.31
N GLY P 603 -0.13 -2.91 65.19
CA GLY P 603 0.55 -1.90 64.41
C GLY P 603 -0.34 -1.32 63.33
N GLY P 604 -0.18 -0.04 63.08
CA GLY P 604 -1.06 0.67 62.17
C GLY P 604 -0.40 1.64 61.21
N HIS P 605 -1.21 2.46 60.55
CA HIS P 605 -0.71 3.40 59.55
C HIS P 605 -0.01 4.60 60.19
N ASP P 606 -0.21 4.84 61.48
CA ASP P 606 0.44 5.95 62.17
C ASP P 606 1.87 5.66 62.58
N ARG P 607 2.47 4.59 62.04
CA ARG P 607 3.90 4.23 62.13
C ARG P 607 4.34 3.92 63.55
N VAL P 608 3.41 3.60 64.44
CA VAL P 608 3.78 3.04 65.74
C VAL P 608 3.14 1.66 65.84
N ALA P 609 3.43 0.94 66.91
CA ALA P 609 2.82 -0.35 67.17
C ALA P 609 2.60 -0.45 68.66
N ARG P 610 1.37 -0.28 69.11
CA ARG P 610 1.11 -0.21 70.53
C ARG P 610 1.03 -1.61 71.13
N LEU P 611 1.12 -1.68 72.45
CA LEU P 611 0.97 -2.94 73.19
C LEU P 611 -0.10 -2.74 74.24
N TRP P 612 -1.15 -3.55 74.19
CA TRP P 612 -2.31 -3.44 75.05
C TRP P 612 -2.36 -4.65 75.97
N ALA P 613 -3.38 -4.70 76.83
CA ALA P 613 -3.40 -5.76 77.85
C ALA P 613 -4.78 -6.34 78.16
N THR P 614 -5.83 -6.01 77.40
CA THR P 614 -7.24 -6.37 77.64
C THR P 614 -7.74 -5.94 79.01
N ASP P 615 -7.09 -4.98 79.66
CA ASP P 615 -7.55 -4.42 80.92
C ASP P 615 -7.48 -2.91 80.95
N HIS P 616 -6.66 -2.30 80.12
CA HIS P 616 -6.47 -0.87 80.08
C HIS P 616 -6.91 -0.38 78.71
N TYR P 617 -7.71 0.69 78.70
CA TYR P 617 -8.21 1.29 77.48
C TYR P 617 -7.13 2.07 76.73
N GLN P 618 -5.94 2.22 77.31
CA GLN P 618 -4.74 2.85 76.79
C GLN P 618 -3.63 1.82 76.68
N PRO P 619 -2.68 1.99 75.76
CA PRO P 619 -1.61 0.99 75.60
C PRO P 619 -0.64 1.00 76.76
N LEU P 620 0.10 -0.10 76.88
CA LEU P 620 1.15 -0.21 77.88
C LEU P 620 2.50 0.24 77.33
N ARG P 621 2.80 -0.13 76.10
CA ARG P 621 4.03 0.25 75.43
C ARG P 621 3.69 0.77 74.05
N ILE P 622 4.43 1.76 73.59
CA ILE P 622 4.31 2.28 72.23
C ILE P 622 5.65 2.11 71.54
N PHE P 623 5.67 1.28 70.50
CA PHE P 623 6.90 0.92 69.80
C PHE P 623 7.03 1.84 68.59
N ALA P 624 7.69 2.98 68.77
CA ALA P 624 7.72 4.05 67.78
C ALA P 624 9.16 4.22 67.28
N GLY P 625 9.53 3.46 66.27
CA GLY P 625 10.81 3.65 65.62
C GLY P 625 10.76 3.65 64.12
N HIS P 626 9.64 3.20 63.56
CA HIS P 626 9.54 3.00 62.13
C HIS P 626 9.32 4.32 61.41
N LEU P 627 9.55 4.31 60.10
CA LEU P 627 9.48 5.52 59.31
C LEU P 627 8.38 5.53 58.26
N ALA P 628 7.82 4.38 57.90
CA ALA P 628 6.82 4.32 56.84
C ALA P 628 5.46 3.85 57.31
N ASP P 629 5.40 2.70 57.98
CA ASP P 629 4.17 2.11 58.49
C ASP P 629 4.56 1.08 59.55
N VAL P 630 3.61 0.27 59.98
CA VAL P 630 3.85 -1.03 60.60
C VAL P 630 2.84 -1.96 59.95
N ASN P 631 3.31 -2.83 59.04
CA ASN P 631 2.39 -3.69 58.32
C ASN P 631 1.98 -4.90 59.16
N CYS P 632 2.95 -5.63 59.70
CA CYS P 632 2.69 -6.87 60.41
C CYS P 632 3.47 -6.90 61.71
N THR P 633 2.80 -7.30 62.79
CA THR P 633 3.40 -7.44 64.11
C THR P 633 3.33 -8.89 64.54
N ARG P 634 4.36 -9.34 65.26
CA ARG P 634 4.40 -10.70 65.78
C ARG P 634 4.92 -10.69 67.20
N PHE P 635 4.48 -11.66 67.98
CA PHE P 635 5.03 -11.91 69.30
C PHE P 635 6.07 -13.01 69.23
N HIS P 636 7.11 -12.87 70.05
CA HIS P 636 8.03 -13.97 70.27
C HIS P 636 7.31 -15.06 71.07
N PRO P 637 7.76 -16.32 70.96
CA PRO P 637 7.24 -17.37 71.85
C PRO P 637 7.50 -17.13 73.33
N ASN P 638 8.47 -16.30 73.70
CA ASN P 638 8.58 -15.82 75.07
C ASN P 638 7.44 -14.89 75.44
N SER P 639 6.88 -14.19 74.44
CA SER P 639 6.08 -12.96 74.59
C SER P 639 6.81 -11.90 75.39
N ASN P 640 8.14 -11.88 75.31
CA ASN P 640 8.95 -10.83 75.88
C ASN P 640 9.50 -9.88 74.82
N TYR P 641 9.43 -10.27 73.55
CA TYR P 641 9.88 -9.44 72.45
C TYR P 641 8.81 -9.43 71.38
N VAL P 642 8.78 -8.34 70.61
CA VAL P 642 7.76 -8.12 69.58
C VAL P 642 8.48 -7.72 68.30
N ALA P 643 8.22 -8.43 67.22
CA ALA P 643 8.78 -8.11 65.91
C ALA P 643 7.73 -7.42 65.06
N THR P 644 8.07 -6.23 64.54
CA THR P 644 7.16 -5.45 63.71
C THR P 644 7.85 -5.14 62.38
N GLY P 645 7.62 -5.98 61.38
CA GLY P 645 8.01 -5.65 60.03
C GLY P 645 7.12 -4.58 59.46
N SER P 646 7.66 -3.81 58.51
CA SER P 646 7.03 -2.57 58.13
C SER P 646 7.33 -2.24 56.67
N ALA P 647 6.82 -1.09 56.23
CA ALA P 647 6.85 -0.69 54.83
C ALA P 647 8.04 0.18 54.47
N ASP P 648 8.97 0.40 55.41
CA ASP P 648 10.23 1.04 55.08
C ASP P 648 11.32 0.02 54.75
N ARG P 649 10.92 -1.18 54.32
CA ARG P 649 11.80 -2.30 53.97
C ARG P 649 12.71 -2.70 55.14
N THR P 650 12.26 -2.48 56.37
CA THR P 650 12.99 -2.86 57.57
C THR P 650 12.09 -3.68 58.48
N VAL P 651 12.70 -4.35 59.43
CA VAL P 651 11.97 -5.11 60.45
C VAL P 651 12.77 -5.06 61.73
N ARG P 652 12.11 -4.69 62.83
CA ARG P 652 12.76 -4.46 64.10
C ARG P 652 12.21 -5.41 65.15
N LEU P 653 13.03 -5.70 66.14
CA LEU P 653 12.59 -6.38 67.35
C LEU P 653 12.45 -5.34 68.46
N TRP P 654 11.39 -5.46 69.24
CA TRP P 654 11.18 -4.57 70.36
C TRP P 654 11.24 -5.37 71.64
N ASP P 655 11.27 -4.66 72.77
CA ASP P 655 11.31 -5.28 74.08
C ASP P 655 10.05 -4.89 74.82
N VAL P 656 9.31 -5.89 75.31
CA VAL P 656 8.06 -5.63 76.00
C VAL P 656 8.31 -4.94 77.34
N LEU P 657 9.31 -5.41 78.08
CA LEU P 657 9.87 -4.60 79.14
C LEU P 657 10.62 -3.43 78.55
N ASN P 658 10.42 -2.25 79.13
CA ASN P 658 11.17 -0.99 78.91
C ASN P 658 11.17 -0.48 77.46
N GLY P 659 10.41 -1.08 76.56
CA GLY P 659 10.06 -0.48 75.27
C GLY P 659 11.19 -0.23 74.28
N ASN P 660 12.41 -0.64 74.57
CA ASN P 660 13.56 -0.29 73.74
C ASN P 660 13.56 -1.06 72.42
N CYS P 661 14.29 -0.59 71.41
CA CYS P 661 14.43 -1.38 70.14
C CYS P 661 15.70 -2.24 70.21
N VAL P 662 15.56 -3.57 70.25
CA VAL P 662 16.75 -4.44 70.48
C VAL P 662 17.35 -5.03 69.20
N ARG P 663 16.78 -4.82 68.02
CA ARG P 663 17.42 -5.27 66.75
C ARG P 663 16.82 -4.56 65.55
N ILE P 664 17.57 -4.45 64.46
CA ILE P 664 17.08 -3.77 63.21
C ILE P 664 17.64 -4.54 62.02
N PHE P 665 16.79 -5.28 61.29
CA PHE P 665 17.18 -6.06 60.13
C PHE P 665 16.83 -5.30 58.87
N THR P 666 17.84 -5.00 58.04
CA THR P 666 17.68 -4.24 56.81
C THR P 666 18.17 -5.11 55.66
N GLY P 667 17.27 -5.88 55.06
CA GLY P 667 17.68 -6.72 53.93
C GLY P 667 16.76 -6.73 52.74
N HIS P 668 15.55 -6.19 52.88
CA HIS P 668 14.55 -6.36 51.84
C HIS P 668 14.63 -5.26 50.80
N LYS P 669 13.90 -5.46 49.71
CA LYS P 669 13.75 -4.47 48.65
C LYS P 669 12.29 -4.13 48.41
N GLY P 670 11.43 -4.41 49.37
CA GLY P 670 10.03 -4.08 49.30
C GLY P 670 9.42 -4.03 50.68
N PRO P 671 8.17 -3.56 50.78
CA PRO P 671 7.49 -3.54 52.09
C PRO P 671 7.21 -4.93 52.60
N ILE P 672 7.60 -5.18 53.85
CA ILE P 672 7.42 -6.49 54.48
C ILE P 672 5.95 -6.71 54.77
N HIS P 673 5.42 -7.84 54.31
CA HIS P 673 4.01 -8.17 54.50
C HIS P 673 3.78 -9.44 55.30
N SER P 674 4.83 -10.15 55.67
CA SER P 674 4.66 -11.40 56.41
C SER P 674 5.83 -11.62 57.34
N LEU P 675 5.54 -12.21 58.50
CA LEU P 675 6.53 -12.49 59.52
C LEU P 675 6.15 -13.80 60.20
N THR P 676 7.16 -14.50 60.69
CA THR P 676 6.95 -15.68 61.51
C THR P 676 8.21 -15.93 62.34
N PHE P 677 8.03 -16.67 63.44
CA PHE P 677 9.12 -17.05 64.32
C PHE P 677 9.32 -18.56 64.25
N SER P 678 10.58 -18.98 64.27
CA SER P 678 10.89 -20.40 64.42
C SER P 678 10.49 -20.84 65.83
N PRO P 679 9.98 -22.07 65.99
CA PRO P 679 9.38 -22.47 67.27
C PRO P 679 10.36 -22.62 68.42
N ASN P 680 11.67 -22.65 68.17
CA ASN P 680 12.64 -22.65 69.26
C ASN P 680 13.03 -21.24 69.69
N GLY P 681 12.78 -20.23 68.86
CA GLY P 681 13.02 -18.85 69.23
C GLY P 681 14.27 -18.23 68.65
N ARG P 682 15.12 -19.03 67.99
CA ARG P 682 16.39 -18.50 67.53
C ARG P 682 16.27 -17.67 66.26
N PHE P 683 15.28 -17.95 65.42
CA PHE P 683 15.25 -17.40 64.07
C PHE P 683 13.95 -16.64 63.81
N LEU P 684 13.87 -16.06 62.62
CA LEU P 684 12.80 -15.17 62.23
C LEU P 684 12.83 -15.03 60.72
N ALA P 685 11.67 -15.18 60.08
CA ALA P 685 11.58 -15.14 58.62
C ALA P 685 10.60 -14.06 58.19
N THR P 686 10.99 -13.28 57.19
CA THR P 686 10.15 -12.22 56.67
C THR P 686 9.83 -12.47 55.20
N GLY P 687 8.97 -11.62 54.64
CA GLY P 687 8.59 -11.71 53.26
C GLY P 687 8.02 -10.39 52.78
N ALA P 688 8.32 -10.01 51.55
CA ALA P 688 7.98 -8.67 51.07
C ALA P 688 7.43 -8.76 49.66
N THR P 689 7.15 -7.59 49.07
CA THR P 689 6.54 -7.51 47.76
C THR P 689 7.49 -7.86 46.62
N ASP P 690 8.78 -7.99 46.88
CA ASP P 690 9.70 -8.43 45.84
C ASP P 690 9.66 -9.94 45.61
N GLY P 691 8.92 -10.68 46.43
CA GLY P 691 8.88 -12.12 46.30
C GLY P 691 10.14 -12.76 46.82
N ARG P 692 10.39 -12.63 48.12
CA ARG P 692 11.63 -13.10 48.69
C ARG P 692 11.44 -13.35 50.17
N VAL P 693 11.98 -14.46 50.67
CA VAL P 693 11.93 -14.82 52.07
C VAL P 693 13.35 -14.76 52.61
N LEU P 694 13.56 -13.91 53.62
CA LEU P 694 14.87 -13.72 54.23
C LEU P 694 14.84 -14.28 55.64
N LEU P 695 15.76 -15.18 55.94
CA LEU P 695 15.87 -15.79 57.26
C LEU P 695 16.89 -15.01 58.08
N TRP P 696 16.51 -14.62 59.30
CA TRP P 696 17.40 -13.91 60.20
C TRP P 696 17.69 -14.75 61.43
N ASP P 697 18.81 -14.45 62.07
CA ASP P 697 19.15 -14.99 63.38
C ASP P 697 18.93 -13.89 64.41
N ILE P 698 18.16 -14.20 65.45
CA ILE P 698 17.84 -13.14 66.45
C ILE P 698 19.06 -12.93 67.33
N GLY P 699 19.78 -13.99 67.72
CA GLY P 699 20.90 -13.82 68.66
C GLY P 699 21.98 -12.92 68.11
N HIS P 700 22.38 -13.11 66.85
CA HIS P 700 23.34 -12.20 66.19
C HIS P 700 22.55 -11.65 65.00
N GLY P 701 22.49 -10.34 64.82
CA GLY P 701 21.58 -9.83 63.77
C GLY P 701 22.18 -9.99 62.40
N LEU P 702 22.24 -11.22 61.90
CA LEU P 702 22.82 -11.50 60.57
C LEU P 702 21.79 -12.26 59.74
N MET P 703 21.66 -11.91 58.47
CA MET P 703 20.77 -12.67 57.56
C MET P 703 21.45 -14.02 57.26
N VAL P 704 20.99 -15.10 57.89
CA VAL P 704 21.59 -16.42 57.67
C VAL P 704 21.04 -17.18 56.47
N GLY P 705 20.07 -16.61 55.76
CA GLY P 705 19.55 -17.27 54.58
C GLY P 705 18.84 -16.31 53.66
N GLU P 706 18.46 -16.83 52.50
CA GLU P 706 17.67 -16.08 51.52
C GLU P 706 16.99 -17.07 50.61
N LEU P 707 15.67 -17.06 50.59
CA LEU P 707 14.87 -18.02 49.84
C LEU P 707 14.18 -17.27 48.70
N LYS P 708 14.62 -17.52 47.48
CA LYS P 708 14.28 -16.66 46.35
C LYS P 708 13.44 -17.37 45.28
N GLY P 709 12.45 -18.15 45.70
CA GLY P 709 11.65 -18.88 44.73
C GLY P 709 10.43 -18.16 44.21
N HIS P 710 9.80 -17.34 45.04
CA HIS P 710 8.48 -16.79 44.75
C HIS P 710 8.55 -15.74 43.65
N THR P 711 7.36 -15.28 43.24
CA THR P 711 7.20 -14.28 42.18
C THR P 711 6.53 -13.02 42.68
N ASP P 712 5.44 -13.14 43.41
CA ASP P 712 4.67 -12.00 43.89
C ASP P 712 4.81 -11.90 45.41
N THR P 713 4.03 -11.01 46.01
CA THR P 713 4.13 -10.66 47.42
C THR P 713 3.85 -11.86 48.32
N VAL P 714 4.84 -12.22 49.15
CA VAL P 714 4.71 -13.34 50.08
C VAL P 714 3.83 -12.85 51.23
N CYS P 715 2.54 -13.13 51.16
CA CYS P 715 1.59 -12.64 52.14
C CYS P 715 1.33 -13.65 53.26
N SER P 716 2.07 -14.75 53.30
CA SER P 716 1.85 -15.76 54.32
C SER P 716 3.13 -16.55 54.56
N LEU P 717 3.50 -16.69 55.81
CA LEU P 717 4.69 -17.41 56.22
C LEU P 717 4.39 -18.19 57.49
N ARG P 718 4.88 -19.43 57.56
CA ARG P 718 4.69 -20.23 58.75
C ARG P 718 5.76 -21.30 58.81
N PHE P 719 6.38 -21.47 59.98
CA PHE P 719 7.28 -22.57 60.23
C PHE P 719 6.48 -23.82 60.58
N SER P 720 7.17 -24.92 60.85
CA SER P 720 6.49 -26.15 61.25
C SER P 720 6.17 -26.08 62.75
N ARG P 721 5.74 -27.19 63.31
CA ARG P 721 5.41 -27.22 64.73
C ARG P 721 6.63 -27.55 65.59
N ASP P 722 7.56 -28.33 65.06
CA ASP P 722 8.84 -28.58 65.72
C ASP P 722 9.99 -27.82 65.07
N GLY P 723 9.75 -27.15 63.95
CA GLY P 723 10.80 -26.46 63.24
C GLY P 723 11.42 -27.25 62.11
N GLU P 724 10.71 -28.22 61.55
CA GLU P 724 11.28 -29.04 60.49
C GLU P 724 11.31 -28.30 59.16
N ILE P 725 10.17 -27.79 58.70
CA ILE P 725 10.07 -27.12 57.42
C ILE P 725 9.48 -25.72 57.60
N LEU P 726 9.67 -24.90 56.57
CA LEU P 726 9.09 -23.57 56.51
C LEU P 726 8.16 -23.50 55.30
N ALA P 727 6.93 -23.03 55.53
CA ALA P 727 5.92 -22.96 54.49
C ALA P 727 5.65 -21.50 54.15
N SER P 728 5.44 -21.22 52.86
CA SER P 728 5.35 -19.85 52.39
C SER P 728 4.34 -19.77 51.25
N GLY P 729 3.23 -19.09 51.48
CA GLY P 729 2.23 -18.85 50.45
C GLY P 729 2.25 -17.40 50.04
N SER P 730 1.92 -17.14 48.77
CA SER P 730 2.07 -15.81 48.20
C SER P 730 0.88 -15.53 47.28
N MET P 731 0.97 -14.42 46.55
CA MET P 731 0.01 -14.07 45.51
C MET P 731 0.37 -14.69 44.17
N ASP P 732 1.42 -15.52 44.13
CA ASP P 732 1.82 -16.31 42.99
C ASP P 732 0.98 -17.59 42.86
N ASN P 733 0.05 -17.78 43.80
CA ASN P 733 -0.81 -18.97 43.93
C ASN P 733 0.03 -20.24 44.10
N THR P 734 0.97 -20.20 45.04
CA THR P 734 1.84 -21.32 45.35
C THR P 734 1.91 -21.50 46.86
N VAL P 735 2.19 -22.74 47.28
CA VAL P 735 2.51 -23.05 48.68
C VAL P 735 3.84 -23.82 48.64
N ARG P 736 4.94 -23.11 48.81
CA ARG P 736 6.26 -23.74 48.79
C ARG P 736 6.66 -24.16 50.19
N LEU P 737 7.30 -25.32 50.29
CA LEU P 737 7.80 -25.83 51.56
C LEU P 737 9.33 -25.84 51.48
N TRP P 738 9.95 -25.01 52.30
CA TRP P 738 11.41 -24.93 52.35
C TRP P 738 11.94 -25.87 53.42
N ASP P 739 13.24 -25.81 53.69
CA ASP P 739 13.88 -26.65 54.69
C ASP P 739 14.35 -25.77 55.83
N ALA P 740 13.79 -25.99 57.02
CA ALA P 740 14.16 -25.23 58.21
C ALA P 740 15.23 -25.94 59.03
N ILE P 741 15.95 -26.88 58.43
CA ILE P 741 17.10 -27.53 59.04
C ILE P 741 18.37 -27.30 58.24
N LYS P 742 18.29 -27.43 56.92
CA LYS P 742 19.45 -27.28 56.05
C LYS P 742 19.95 -25.83 56.02
N ALA P 743 19.06 -24.86 56.21
CA ALA P 743 19.46 -23.46 56.22
C ALA P 743 19.95 -22.98 57.57
N PHE P 744 19.73 -23.75 58.64
CA PHE P 744 19.95 -23.27 60.00
C PHE P 744 20.97 -24.12 60.74
N GLU P 745 22.10 -24.42 60.10
CA GLU P 745 23.14 -25.24 60.70
C GLU P 745 24.24 -24.41 61.38
N ASP P 746 23.89 -23.25 61.92
CA ASP P 746 24.81 -22.40 62.66
C ASP P 746 24.40 -22.30 64.12
N LEU P 747 23.98 -23.45 64.68
CA LEU P 747 23.41 -23.47 66.04
C LEU P 747 24.46 -23.75 67.11
N GLU P 748 24.73 -22.75 67.95
CA GLU P 748 25.64 -22.88 69.09
C GLU P 748 25.35 -21.79 70.11
N THR P 754 32.05 -15.61 65.98
CA THR P 754 32.39 -15.28 64.60
C THR P 754 33.23 -14.01 64.53
N ALA P 755 32.73 -12.95 65.19
CA ALA P 755 33.38 -11.65 65.36
C ALA P 755 33.74 -10.98 64.03
N THR P 756 32.98 -11.25 62.97
CA THR P 756 33.23 -10.64 61.67
C THR P 756 32.05 -9.82 61.16
N GLY P 757 30.83 -10.34 61.28
CA GLY P 757 29.66 -9.68 60.73
C GLY P 757 29.16 -10.23 59.41
N HIS P 758 29.68 -11.37 58.96
CA HIS P 758 29.26 -11.95 57.69
C HIS P 758 29.40 -13.47 57.78
N ILE P 759 28.71 -14.17 56.88
CA ILE P 759 28.55 -15.60 56.99
C ILE P 759 28.86 -16.26 55.64
N ASN P 760 29.04 -15.42 54.61
CA ASN P 760 29.43 -15.80 53.24
C ASN P 760 28.40 -16.76 52.62
N LEU P 761 27.21 -16.20 52.40
CA LEU P 761 26.08 -17.00 51.91
C LEU P 761 26.25 -17.37 50.44
N PRO P 762 26.19 -18.65 50.10
CA PRO P 762 26.04 -19.02 48.67
C PRO P 762 24.59 -18.99 48.25
N GLU P 763 24.30 -19.42 47.02
CA GLU P 763 22.94 -19.53 46.51
C GLU P 763 22.59 -21.01 46.49
N ASN P 764 21.60 -21.40 47.30
CA ASN P 764 21.31 -22.80 47.57
C ASN P 764 19.82 -23.12 47.60
N SER P 765 19.02 -22.45 46.77
CA SER P 765 17.57 -22.62 46.79
C SER P 765 17.08 -23.77 45.91
N GLN P 766 17.95 -24.75 45.63
CA GLN P 766 17.52 -26.01 45.05
C GLN P 766 17.65 -27.17 46.02
N GLU P 767 18.52 -27.06 47.02
CA GLU P 767 18.62 -28.04 48.09
C GLU P 767 17.82 -27.62 49.32
N LEU P 768 17.15 -26.48 49.26
CA LEU P 768 16.24 -26.01 50.31
C LEU P 768 14.78 -26.15 49.93
N LEU P 769 14.44 -25.89 48.66
CA LEU P 769 13.07 -26.03 48.20
C LEU P 769 12.70 -27.50 48.09
N LEU P 770 11.53 -27.86 48.60
CA LEU P 770 11.17 -29.29 48.59
C LEU P 770 10.03 -29.49 47.60
N GLY P 771 8.87 -28.89 47.88
CA GLY P 771 7.72 -28.99 46.97
C GLY P 771 7.06 -27.65 46.69
N THR P 772 6.81 -27.35 45.43
CA THR P 772 6.05 -26.11 45.10
C THR P 772 4.64 -26.55 44.71
N TYR P 773 3.62 -26.11 45.44
CA TYR P 773 2.25 -26.62 45.13
C TYR P 773 1.39 -25.48 44.59
N MET P 774 1.02 -25.58 43.31
CA MET P 774 0.21 -24.53 42.64
C MET P 774 -1.25 -24.61 43.14
N THR P 775 -1.93 -23.46 43.20
CA THR P 775 -3.34 -23.42 43.64
C THR P 775 -4.21 -22.91 42.49
N LYS P 776 -5.50 -23.25 42.49
CA LYS P 776 -6.38 -22.89 41.34
C LYS P 776 -6.78 -21.42 41.39
N SER P 777 -5.97 -20.54 40.78
CA SER P 777 -6.33 -19.12 40.67
C SER P 777 -6.64 -18.47 42.01
N THR P 778 -6.10 -19.01 43.10
CA THR P 778 -6.38 -18.49 44.43
C THR P 778 -5.08 -18.22 45.17
N PRO P 779 -4.89 -17.01 45.69
CA PRO P 779 -3.73 -16.74 46.55
C PRO P 779 -3.84 -17.43 47.89
N VAL P 780 -2.70 -17.53 48.57
CA VAL P 780 -2.63 -18.22 49.85
C VAL P 780 -2.48 -17.20 50.97
N VAL P 781 -3.60 -16.80 51.57
CA VAL P 781 -3.60 -15.71 52.52
C VAL P 781 -3.06 -16.15 53.87
N HIS P 782 -3.40 -17.36 54.31
CA HIS P 782 -3.01 -17.85 55.61
C HIS P 782 -2.37 -19.22 55.47
N LEU P 783 -1.43 -19.51 56.37
CA LEU P 783 -0.82 -20.82 56.46
C LEU P 783 -0.78 -21.24 57.92
N HIS P 784 -1.05 -22.51 58.18
CA HIS P 784 -1.21 -22.98 59.54
C HIS P 784 -0.80 -24.43 59.64
N PHE P 785 -0.07 -24.77 60.70
CA PHE P 785 0.25 -26.14 61.03
C PHE P 785 -0.57 -26.54 62.25
N THR P 786 -1.17 -27.73 62.22
CA THR P 786 -1.95 -28.20 63.34
C THR P 786 -0.98 -28.74 64.41
N ARG P 787 -1.51 -29.29 65.51
CA ARG P 787 -0.66 -29.94 66.51
C ARG P 787 0.04 -31.15 65.91
N ARG P 788 -0.58 -31.81 64.94
CA ARG P 788 0.11 -32.70 64.02
C ARG P 788 0.52 -31.87 62.81
N ASN P 789 1.70 -32.13 62.27
CA ASN P 789 2.27 -31.26 61.24
C ASN P 789 1.50 -31.43 59.93
N LEU P 790 0.36 -30.75 59.86
CA LEU P 790 -0.57 -30.83 58.74
C LEU P 790 -0.87 -29.41 58.31
N VAL P 791 -0.55 -29.07 57.08
CA VAL P 791 -0.69 -27.71 56.60
C VAL P 791 -2.16 -27.42 56.30
N LEU P 792 -2.64 -26.27 56.74
CA LEU P 792 -3.93 -25.72 56.36
C LEU P 792 -3.68 -24.44 55.56
N ALA P 793 -4.74 -23.90 54.97
CA ALA P 793 -4.59 -22.68 54.18
C ALA P 793 -5.91 -21.92 54.19
N ALA P 794 -6.00 -20.89 53.35
CA ALA P 794 -7.18 -20.04 53.25
C ALA P 794 -7.20 -19.40 51.88
N GLY P 795 -8.32 -19.51 51.19
CA GLY P 795 -8.27 -19.29 49.75
C GLY P 795 -8.59 -17.93 49.16
N ALA P 796 -9.80 -17.41 49.39
CA ALA P 796 -10.37 -16.29 48.63
C ALA P 796 -10.24 -16.51 47.12
N TYR P 797 -10.94 -17.52 46.64
CA TYR P 797 -10.91 -17.94 45.24
C TYR P 797 -11.37 -16.82 44.30
N SER P 798 -10.44 -16.28 43.53
CA SER P 798 -10.72 -15.16 42.63
C SER P 798 -10.41 -15.58 41.20
N PRO P 799 -11.43 -15.83 40.36
CA PRO P 799 -11.21 -16.30 38.98
C PRO P 799 -10.64 -15.21 38.08
N LEU Q 9 14.01 6.65 35.79
CA LEU Q 9 15.34 7.24 35.86
C LEU Q 9 15.29 8.62 36.52
N SER Q 10 14.33 9.44 36.09
CA SER Q 10 14.20 10.80 36.57
C SER Q 10 12.84 11.00 37.26
N ASN Q 11 12.74 12.11 37.97
CA ASN Q 11 11.49 12.52 38.60
C ASN Q 11 10.51 12.96 37.51
N THR Q 12 9.45 12.18 37.32
CA THR Q 12 8.47 12.45 36.27
C THR Q 12 7.29 13.19 36.87
N VAL Q 13 6.92 14.31 36.24
CA VAL Q 13 5.84 15.16 36.72
C VAL Q 13 4.87 15.39 35.58
N LEU Q 14 3.72 15.96 35.92
CA LEU Q 14 2.75 16.41 34.92
C LEU Q 14 3.35 17.57 34.13
N PRO Q 15 3.00 17.72 32.85
CA PRO Q 15 3.61 18.76 32.02
C PRO Q 15 3.16 20.15 32.45
N SER Q 16 4.07 21.12 32.26
CA SER Q 16 3.79 22.50 32.64
C SER Q 16 2.76 23.15 31.72
N GLU Q 17 2.61 22.64 30.49
CA GLU Q 17 1.58 23.15 29.60
C GLU Q 17 0.20 22.62 29.93
N SER Q 18 0.09 21.62 30.80
CA SER Q 18 -1.19 21.17 31.29
C SER Q 18 -1.74 22.06 32.39
N MET Q 19 -0.93 22.94 32.95
CA MET Q 19 -1.39 23.89 33.96
C MET Q 19 -1.78 25.24 33.37
N LYS Q 20 -1.31 25.56 32.16
CA LYS Q 20 -1.84 26.73 31.46
C LYS Q 20 -3.26 26.50 31.00
N VAL Q 21 -3.56 25.27 30.59
CA VAL Q 21 -4.91 24.91 30.15
C VAL Q 21 -5.87 24.93 31.34
N VAL Q 22 -5.42 24.46 32.50
CA VAL Q 22 -6.25 24.44 33.69
C VAL Q 22 -6.49 25.86 34.20
N ALA Q 23 -5.48 26.73 34.10
CA ALA Q 23 -5.60 28.09 34.59
C ALA Q 23 -6.52 28.95 33.73
N GLU Q 24 -6.82 28.52 32.51
CA GLU Q 24 -7.77 29.25 31.68
C GLU Q 24 -9.20 28.75 31.86
N SER Q 25 -9.40 27.57 32.44
CA SER Q 25 -10.71 27.20 32.93
C SER Q 25 -11.11 28.06 34.12
N MET Q 26 -10.12 28.55 34.87
CA MET Q 26 -10.33 29.42 36.01
C MET Q 26 -10.63 30.85 35.58
N GLY Q 27 -9.97 31.32 34.53
CA GLY Q 27 -10.15 32.69 34.08
C GLY Q 27 -8.87 33.48 34.11
N ILE Q 28 -7.76 32.83 34.44
CA ILE Q 28 -6.46 33.48 34.53
C ILE Q 28 -5.88 33.55 33.12
N ALA Q 29 -5.71 34.77 32.61
CA ALA Q 29 -5.34 34.95 31.21
C ALA Q 29 -3.89 34.58 30.96
N GLN Q 30 -2.97 35.20 31.69
CA GLN Q 30 -1.54 34.98 31.50
C GLN Q 30 -0.92 34.47 32.79
N ILE Q 31 -0.33 33.28 32.73
CA ILE Q 31 0.36 32.67 33.85
C ILE Q 31 1.79 32.38 33.43
N GLN Q 32 2.75 32.92 34.18
CA GLN Q 32 4.15 32.82 33.81
C GLN Q 32 4.69 31.43 34.09
N GLU Q 33 5.76 31.07 33.37
CA GLU Q 33 6.26 29.71 33.34
C GLU Q 33 6.90 29.27 34.66
N GLU Q 34 7.28 30.20 35.53
CA GLU Q 34 7.79 29.82 36.83
C GLU Q 34 6.66 29.49 37.80
N THR Q 35 5.47 30.03 37.56
CA THR Q 35 4.30 29.66 38.34
C THR Q 35 3.78 28.28 37.92
N CYS Q 36 3.82 27.99 36.61
CA CYS Q 36 3.39 26.69 36.11
C CYS Q 36 4.31 25.58 36.56
N GLN Q 37 5.61 25.86 36.70
CA GLN Q 37 6.52 24.89 37.28
C GLN Q 37 6.26 24.71 38.76
N LEU Q 38 5.83 25.79 39.44
CA LEU Q 38 5.49 25.71 40.86
C LEU Q 38 4.22 24.92 41.11
N LEU Q 39 3.32 24.84 40.12
CA LEU Q 39 2.07 24.12 40.30
C LEU Q 39 2.24 22.63 40.06
N THR Q 40 3.04 22.25 39.06
CA THR Q 40 3.08 20.87 38.60
C THR Q 40 4.02 19.98 39.39
N ASP Q 41 4.94 20.53 40.18
CA ASP Q 41 5.74 19.69 41.05
C ASP Q 41 5.09 19.48 42.39
N GLU Q 42 3.97 20.17 42.66
CA GLU Q 42 3.16 19.93 43.83
C GLU Q 42 2.03 18.95 43.55
N VAL Q 43 1.36 19.10 42.40
CA VAL Q 43 0.25 18.19 42.11
C VAL Q 43 0.76 16.82 41.68
N SER Q 44 1.96 16.74 41.09
CA SER Q 44 2.56 15.43 40.83
C SER Q 44 3.25 14.86 42.06
N TYR Q 45 3.42 15.68 43.10
CA TYR Q 45 3.88 15.15 44.38
C TYR Q 45 2.73 14.57 45.18
N ARG Q 46 1.54 15.16 45.08
CA ARG Q 46 0.37 14.61 45.76
C ARG Q 46 -0.26 13.45 45.02
N ILE Q 47 0.05 13.29 43.73
CA ILE Q 47 -0.41 12.10 43.02
C ILE Q 47 0.39 10.88 43.47
N LYS Q 48 1.70 11.04 43.65
CA LYS Q 48 2.55 9.94 44.08
C LYS Q 48 2.32 9.53 45.53
N GLU Q 49 1.73 10.41 46.35
CA GLU Q 49 1.41 10.04 47.72
C GLU Q 49 0.05 9.36 47.86
N ILE Q 50 -0.81 9.47 46.86
CA ILE Q 50 -2.04 8.69 46.82
C ILE Q 50 -1.91 7.49 45.89
N ALA Q 51 -0.92 7.51 44.97
CA ALA Q 51 -0.60 6.31 44.24
C ALA Q 51 0.00 5.24 45.15
N GLN Q 52 0.82 5.66 46.11
CA GLN Q 52 1.48 4.71 46.98
C GLN Q 52 0.68 4.37 48.24
N ASP Q 53 -0.34 5.15 48.58
CA ASP Q 53 -1.23 4.79 49.67
C ASP Q 53 -2.46 4.02 49.20
N ALA Q 54 -2.82 4.12 47.93
CA ALA Q 54 -3.78 3.19 47.37
C ALA Q 54 -3.19 1.79 47.29
N LEU Q 55 -1.89 1.70 47.02
CA LEU Q 55 -1.17 0.44 46.97
C LEU Q 55 -1.03 -0.23 48.32
N LYS Q 56 -1.31 0.47 49.42
CA LYS Q 56 -1.27 -0.15 50.73
C LYS Q 56 -2.60 -0.81 51.09
N PHE Q 57 -3.68 -0.44 50.40
CA PHE Q 57 -4.94 -1.17 50.52
C PHE Q 57 -5.07 -2.27 49.48
N MET Q 58 -4.31 -2.19 48.39
CA MET Q 58 -4.22 -3.27 47.42
C MET Q 58 -3.40 -4.44 47.93
N HIS Q 59 -2.45 -4.19 48.82
CA HIS Q 59 -1.56 -5.21 49.34
C HIS Q 59 -2.04 -5.80 50.64
N MET Q 60 -2.54 -4.96 51.57
CA MET Q 60 -3.02 -5.48 52.84
C MET Q 60 -4.37 -6.16 52.69
N GLY Q 61 -5.26 -5.56 51.91
CA GLY Q 61 -6.39 -6.29 51.40
C GLY Q 61 -6.00 -6.94 50.09
N LYS Q 62 -5.75 -8.25 50.12
CA LYS Q 62 -4.96 -8.93 49.08
C LYS Q 62 -5.70 -9.01 47.75
N ARG Q 63 -5.38 -8.12 46.81
CA ARG Q 63 -6.18 -7.96 45.62
C ARG Q 63 -5.40 -7.96 44.31
N GLN Q 64 -4.16 -7.45 44.29
CA GLN Q 64 -3.28 -7.23 43.13
C GLN Q 64 -3.97 -6.64 41.89
N LYS Q 65 -4.93 -5.74 42.08
CA LYS Q 65 -5.66 -5.18 40.95
C LYS Q 65 -5.71 -3.65 40.98
N LEU Q 66 -5.71 -3.06 42.18
CA LEU Q 66 -5.88 -1.62 42.42
C LEU Q 66 -7.19 -1.11 41.81
N THR Q 67 -8.28 -1.57 42.43
CA THR Q 67 -9.60 -1.05 42.11
C THR Q 67 -9.72 0.41 42.54
N THR Q 68 -10.80 1.05 42.10
CA THR Q 68 -11.01 2.46 42.42
C THR Q 68 -11.49 2.69 43.84
N SER Q 69 -11.82 1.63 44.58
CA SER Q 69 -12.08 1.77 46.00
C SER Q 69 -10.81 1.80 46.83
N ASP Q 70 -9.65 1.57 46.21
CA ASP Q 70 -8.39 1.73 46.91
C ASP Q 70 -7.97 3.19 46.96
N ILE Q 71 -8.20 3.93 45.88
CA ILE Q 71 -7.89 5.35 45.86
C ILE Q 71 -8.85 6.11 46.76
N ASP Q 72 -10.12 5.69 46.79
CA ASP Q 72 -11.11 6.34 47.65
C ASP Q 72 -10.85 6.06 49.12
N TYR Q 73 -10.21 4.93 49.44
CA TYR Q 73 -9.76 4.70 50.80
C TYR Q 73 -8.52 5.50 51.15
N ALA Q 74 -7.76 5.96 50.16
CA ALA Q 74 -6.57 6.76 50.42
C ALA Q 74 -6.86 8.25 50.43
N LEU Q 75 -7.82 8.72 49.62
CA LEU Q 75 -8.27 10.09 49.74
C LEU Q 75 -8.97 10.33 51.07
N LYS Q 76 -9.66 9.30 51.59
CA LYS Q 76 -10.22 9.36 52.92
C LYS Q 76 -9.14 9.41 53.99
N LEU Q 77 -7.96 8.87 53.68
CA LEU Q 77 -6.84 8.84 54.60
C LEU Q 77 -6.08 10.16 54.63
N LYS Q 78 -6.08 10.91 53.53
CA LYS Q 78 -5.37 12.19 53.45
C LYS Q 78 -6.29 13.37 53.74
N ASN Q 79 -7.51 13.13 54.23
CA ASN Q 79 -8.54 14.07 54.65
C ASN Q 79 -9.21 14.80 53.49
N VAL Q 80 -8.76 14.60 52.27
CA VAL Q 80 -9.27 15.32 51.11
C VAL Q 80 -10.64 14.73 50.72
N GLU Q 81 -11.51 15.60 50.20
CA GLU Q 81 -12.89 15.22 49.89
C GLU Q 81 -12.92 14.15 48.79
N PRO Q 82 -13.84 13.18 48.88
CA PRO Q 82 -13.85 12.09 47.91
C PRO Q 82 -14.26 12.53 46.51
N LEU Q 83 -13.98 11.65 45.55
CA LEU Q 83 -14.32 11.86 44.14
C LEU Q 83 -15.55 11.02 43.83
N TYR Q 84 -16.67 11.69 43.56
CA TYR Q 84 -17.96 11.04 43.45
C TYR Q 84 -18.17 10.52 42.04
N GLY Q 85 -18.63 9.28 41.93
CA GLY Q 85 -19.05 8.72 40.67
C GLY Q 85 -18.03 7.88 39.93
N PHE Q 86 -17.18 7.13 40.65
CA PHE Q 86 -16.15 6.32 40.03
C PHE Q 86 -16.25 4.86 40.43
N HIS Q 87 -17.39 4.44 40.95
CA HIS Q 87 -17.64 3.04 41.27
C HIS Q 87 -18.54 2.36 40.26
N ALA Q 88 -19.12 3.11 39.33
CA ALA Q 88 -19.93 2.52 38.28
C ALA Q 88 -19.05 1.87 37.22
N GLN Q 89 -19.63 0.91 36.51
CA GLN Q 89 -18.90 0.11 35.54
C GLN Q 89 -18.60 0.93 34.29
N GLU Q 90 -17.44 1.55 34.25
CA GLU Q 90 -17.00 2.36 33.13
C GLU Q 90 -15.63 1.92 32.66
N PHE Q 91 -15.02 2.69 31.77
CA PHE Q 91 -13.73 2.39 31.15
C PHE Q 91 -13.05 3.71 30.86
N ILE Q 92 -12.12 3.71 29.91
CA ILE Q 92 -11.39 4.93 29.55
C ILE Q 92 -11.71 5.38 28.12
N PRO Q 93 -12.80 6.15 27.90
CA PRO Q 93 -13.04 6.73 26.58
C PRO Q 93 -12.54 8.16 26.45
N PHE Q 94 -12.03 8.51 25.27
CA PHE Q 94 -11.62 9.88 24.98
C PHE Q 94 -12.01 10.19 23.54
N ARG Q 95 -12.38 11.44 23.29
CA ARG Q 95 -12.89 11.85 21.98
C ARG Q 95 -12.07 13.03 21.48
N PHE Q 96 -11.41 12.84 20.34
CA PHE Q 96 -10.52 13.85 19.79
C PHE Q 96 -11.29 14.95 19.08
N ALA Q 97 -10.89 16.20 19.33
CA ALA Q 97 -11.45 17.36 18.65
C ALA Q 97 -10.32 18.08 17.91
N SER Q 98 -10.41 18.13 16.58
CA SER Q 98 -9.33 18.68 15.78
C SER Q 98 -9.30 20.19 15.86
N GLY Q 99 -10.34 20.85 15.36
CA GLY Q 99 -10.47 22.29 15.50
C GLY Q 99 -9.55 23.07 14.59
N GLY Q 100 -9.71 24.40 14.66
CA GLY Q 100 -8.92 25.31 13.86
C GLY Q 100 -7.67 25.80 14.57
N GLY Q 101 -6.94 24.88 15.20
CA GLY Q 101 -5.71 25.21 15.90
C GLY Q 101 -5.71 24.90 17.37
N ARG Q 102 -6.80 24.40 17.93
CA ARG Q 102 -6.90 24.08 19.35
C ARG Q 102 -7.19 22.60 19.48
N GLU Q 103 -6.17 21.82 19.85
CA GLU Q 103 -6.23 20.37 19.88
C GLU Q 103 -6.51 19.90 21.31
N LEU Q 104 -7.55 19.10 21.49
CA LEU Q 104 -7.98 18.70 22.81
C LEU Q 104 -8.72 17.38 22.75
N TYR Q 105 -9.03 16.85 23.93
CA TYR Q 105 -9.77 15.60 24.12
C TYR Q 105 -10.84 15.84 25.17
N PHE Q 106 -12.01 15.23 25.01
CA PHE Q 106 -13.09 15.41 25.97
C PHE Q 106 -13.81 14.08 26.17
N TYR Q 107 -14.96 14.13 26.84
CA TYR Q 107 -15.66 12.91 27.24
C TYR Q 107 -16.76 12.49 26.27
N GLU Q 108 -17.55 13.45 25.76
CA GLU Q 108 -18.76 13.19 24.98
C GLU Q 108 -19.72 12.30 25.77
N GLU Q 109 -20.24 12.88 26.84
CA GLU Q 109 -21.21 12.21 27.68
C GLU Q 109 -22.53 12.03 26.94
N LYS Q 110 -23.26 10.98 27.30
CA LYS Q 110 -24.51 10.64 26.65
C LYS Q 110 -25.64 10.68 27.67
N GLU Q 111 -26.87 10.65 27.16
CA GLU Q 111 -28.07 10.74 27.98
C GLU Q 111 -28.86 9.45 27.87
N VAL Q 112 -29.85 9.31 28.74
CA VAL Q 112 -30.71 8.14 28.76
C VAL Q 112 -32.03 8.55 29.39
N ASP Q 113 -33.14 8.11 28.82
CA ASP Q 113 -34.45 8.42 29.37
C ASP Q 113 -34.63 7.75 30.72
N LEU Q 114 -35.28 8.47 31.64
CA LEU Q 114 -35.34 8.06 33.03
C LEU Q 114 -36.17 6.79 33.22
N SER Q 115 -37.16 6.56 32.37
CA SER Q 115 -37.96 5.36 32.50
C SER Q 115 -37.25 4.11 31.99
N ASP Q 116 -36.11 4.27 31.31
CA ASP Q 116 -35.31 3.14 30.89
C ASP Q 116 -34.22 2.77 31.89
N ILE Q 117 -34.19 3.45 33.04
CA ILE Q 117 -33.45 2.97 34.19
C ILE Q 117 -34.37 2.42 35.27
N ILE Q 118 -35.63 2.88 35.31
CA ILE Q 118 -36.60 2.28 36.21
C ILE Q 118 -37.00 0.90 35.71
N ASN Q 119 -36.93 0.69 34.40
CA ASN Q 119 -37.33 -0.57 33.78
C ASN Q 119 -36.14 -1.28 33.13
N THR Q 120 -35.01 -1.29 33.82
CA THR Q 120 -33.88 -2.10 33.35
C THR Q 120 -34.03 -3.52 33.87
N PRO Q 121 -33.51 -4.53 33.17
CA PRO Q 121 -33.47 -5.88 33.74
C PRO Q 121 -32.50 -5.94 34.91
N LEU Q 122 -33.02 -6.36 36.06
CA LEU Q 122 -32.20 -6.43 37.27
C LEU Q 122 -31.19 -7.56 37.16
N PRO Q 123 -29.96 -7.35 37.65
CA PRO Q 123 -29.00 -8.46 37.72
C PRO Q 123 -29.40 -9.46 38.79
N ARG Q 124 -28.74 -10.62 38.73
CA ARG Q 124 -29.07 -11.72 39.63
C ARG Q 124 -28.52 -11.46 41.02
N VAL Q 125 -29.23 -12.00 42.01
CA VAL Q 125 -28.93 -11.79 43.43
C VAL Q 125 -27.59 -12.42 43.78
N PRO Q 126 -26.75 -11.76 44.58
CA PRO Q 126 -25.46 -12.35 44.95
C PRO Q 126 -25.60 -13.48 45.96
N LEU Q 127 -24.51 -14.23 46.10
CA LEU Q 127 -24.42 -15.34 47.03
C LEU Q 127 -23.60 -14.95 48.24
N ASP Q 128 -23.85 -15.63 49.35
CA ASP Q 128 -23.14 -15.36 50.58
C ASP Q 128 -21.85 -16.16 50.65
N VAL Q 129 -20.90 -15.66 51.44
CA VAL Q 129 -19.60 -16.30 51.58
C VAL Q 129 -19.76 -17.62 52.32
N CYS Q 130 -19.24 -18.69 51.72
CA CYS Q 130 -19.22 -20.00 52.35
C CYS Q 130 -17.82 -20.59 52.20
N LEU Q 131 -17.57 -21.65 52.94
CA LEU Q 131 -16.26 -22.27 53.01
C LEU Q 131 -16.27 -23.58 52.23
N LYS Q 132 -15.11 -23.95 51.71
CA LYS Q 132 -14.96 -25.21 51.00
C LYS Q 132 -13.59 -25.78 51.28
N ALA Q 133 -13.56 -27.05 51.66
CA ALA Q 133 -12.33 -27.76 52.00
C ALA Q 133 -11.99 -28.75 50.89
N HIS Q 134 -10.72 -28.81 50.50
CA HIS Q 134 -10.26 -29.79 49.53
C HIS Q 134 -8.77 -30.00 49.72
N TRP Q 135 -8.31 -31.21 49.39
CA TRP Q 135 -6.89 -31.52 49.53
C TRP Q 135 -6.09 -30.87 48.42
N LEU Q 136 -5.00 -30.22 48.79
CA LEU Q 136 -4.09 -29.61 47.83
C LEU Q 136 -2.92 -30.52 47.50
N SER Q 137 -2.37 -31.21 48.49
CA SER Q 137 -1.32 -32.20 48.28
C SER Q 137 -1.52 -33.29 49.31
N ILE Q 138 -1.44 -34.54 48.88
CA ILE Q 138 -1.63 -35.66 49.79
C ILE Q 138 -0.32 -36.43 49.93
N GLU Q 139 0.49 -36.04 50.92
CA GLU Q 139 1.80 -36.61 51.25
C GLU Q 139 2.79 -36.57 50.10
N GLY Q 140 2.60 -35.67 49.16
CA GLY Q 140 3.35 -35.71 47.92
C GLY Q 140 2.77 -34.78 46.87
N CYS Q 141 2.53 -35.31 45.68
CA CYS Q 141 2.02 -34.50 44.59
C CYS Q 141 0.53 -34.23 44.77
N GLN Q 142 0.01 -33.31 43.96
CA GLN Q 142 -1.36 -32.88 44.06
C GLN Q 142 -2.31 -33.93 43.49
N PRO Q 143 -3.51 -34.07 44.06
CA PRO Q 143 -4.51 -34.94 43.45
C PRO Q 143 -5.14 -34.30 42.23
N ALA Q 144 -5.71 -35.15 41.38
CA ALA Q 144 -6.36 -34.70 40.15
C ALA Q 144 -7.85 -34.48 40.36
N ILE Q 145 -8.20 -33.70 41.38
CA ILE Q 145 -9.58 -33.29 41.64
C ILE Q 145 -9.80 -31.99 40.89
N PRO Q 146 -11.04 -31.63 40.51
CA PRO Q 146 -11.22 -30.43 39.67
C PRO Q 146 -11.01 -29.10 40.39
N GLU Q 147 -10.69 -29.10 41.68
CA GLU Q 147 -10.32 -27.88 42.39
C GLU Q 147 -8.84 -27.53 42.22
N ASN Q 148 -8.09 -28.33 41.48
CA ASN Q 148 -6.67 -28.14 41.25
C ASN Q 148 -6.42 -27.71 39.80
N PRO Q 149 -5.24 -27.17 39.49
CA PRO Q 149 -4.85 -27.03 38.10
C PRO Q 149 -4.68 -28.39 37.44
N PRO Q 150 -4.96 -28.39 36.12
CA PRO Q 150 -4.90 -29.60 35.33
C PRO Q 150 -3.61 -30.40 35.37
N PRO Q 151 -2.39 -29.89 35.12
CA PRO Q 151 -1.26 -30.81 35.15
C PRO Q 151 -0.55 -30.84 36.52
N HIS Q 214 19.15 -25.88 -30.81
CA HIS Q 214 20.25 -25.19 -30.09
C HIS Q 214 21.44 -26.15 -30.04
N GLU Q 215 21.19 -27.43 -29.80
CA GLU Q 215 22.26 -28.45 -29.81
C GLU Q 215 22.24 -29.13 -31.18
N LEU Q 216 23.38 -29.25 -31.82
CA LEU Q 216 23.44 -29.77 -33.21
C LEU Q 216 22.95 -31.21 -33.23
N SER Q 217 22.21 -31.60 -34.26
CA SER Q 217 21.70 -32.97 -34.42
C SER Q 217 22.89 -33.88 -34.67
N VAL Q 218 22.72 -35.19 -34.59
CA VAL Q 218 23.93 -36.05 -34.71
C VAL Q 218 24.52 -35.93 -36.11
N GLU Q 219 23.72 -35.85 -37.15
CA GLU Q 219 24.21 -35.65 -38.55
C GLU Q 219 25.20 -34.48 -38.58
N GLN Q 220 24.76 -33.27 -38.21
CA GLN Q 220 25.62 -32.11 -38.31
C GLN Q 220 26.67 -32.07 -37.22
N GLN Q 221 26.46 -32.77 -36.11
CA GLN Q 221 27.54 -32.93 -35.12
C GLN Q 221 28.68 -33.76 -35.71
N LEU Q 222 28.33 -34.82 -36.44
CA LEU Q 222 29.34 -35.63 -37.11
C LEU Q 222 30.00 -34.85 -38.23
N TYR Q 223 29.23 -34.05 -38.97
CA TYR Q 223 29.80 -33.23 -40.03
C TYR Q 223 30.75 -32.18 -39.48
N TYR Q 224 30.40 -31.57 -38.35
CA TYR Q 224 31.28 -30.60 -37.70
C TYR Q 224 32.56 -31.25 -37.22
N LYS Q 225 32.45 -32.46 -36.65
CA LYS Q 225 33.64 -33.17 -36.16
C LYS Q 225 34.58 -33.54 -37.31
N GLU Q 226 34.02 -34.09 -38.40
CA GLU Q 226 34.87 -34.51 -39.51
C GLU Q 226 35.50 -33.33 -40.22
N ILE Q 227 34.75 -32.23 -40.37
CA ILE Q 227 35.27 -31.07 -41.09
C ILE Q 227 36.33 -30.36 -40.26
N THR Q 228 36.14 -30.25 -38.94
CA THR Q 228 37.16 -29.59 -38.13
C THR Q 228 38.40 -30.46 -37.97
N GLU Q 229 38.24 -31.77 -37.80
CA GLU Q 229 39.42 -32.62 -37.71
C GLU Q 229 40.09 -32.86 -39.06
N ALA Q 230 39.44 -32.52 -40.17
CA ALA Q 230 40.14 -32.61 -41.44
C ALA Q 230 41.07 -31.43 -41.69
N CYS Q 231 40.89 -30.33 -40.95
CA CYS Q 231 41.71 -29.14 -41.11
C CYS Q 231 42.65 -28.94 -39.93
N VAL Q 232 43.16 -30.04 -39.35
CA VAL Q 232 44.16 -29.94 -38.31
C VAL Q 232 45.53 -30.43 -38.79
N GLY Q 233 45.60 -31.17 -39.89
CA GLY Q 233 46.88 -31.40 -40.50
C GLY Q 233 47.34 -32.84 -40.60
N SER Q 234 46.43 -33.80 -40.70
CA SER Q 234 46.88 -35.17 -40.87
C SER Q 234 47.32 -35.41 -42.31
N CYS Q 235 46.51 -34.99 -43.28
CA CYS Q 235 46.94 -35.01 -44.67
C CYS Q 235 46.32 -33.83 -45.41
N GLU Q 236 46.89 -33.54 -46.58
CA GLU Q 236 46.53 -32.35 -47.34
C GLU Q 236 45.29 -32.57 -48.21
N ALA Q 237 45.08 -33.80 -48.70
CA ALA Q 237 43.97 -34.06 -49.62
C ALA Q 237 42.63 -33.99 -48.91
N LYS Q 238 42.55 -34.55 -47.70
CA LYS Q 238 41.33 -34.43 -46.90
C LYS Q 238 41.06 -32.99 -46.52
N ARG Q 239 42.12 -32.21 -46.30
CA ARG Q 239 41.98 -30.79 -46.03
C ARG Q 239 41.42 -30.04 -47.22
N ALA Q 240 41.90 -30.37 -48.43
CA ALA Q 240 41.41 -29.69 -49.63
C ALA Q 240 39.95 -30.04 -49.90
N GLU Q 241 39.57 -31.30 -49.63
CA GLU Q 241 38.17 -31.67 -49.81
C GLU Q 241 37.29 -31.07 -48.71
N ALA Q 242 37.82 -30.88 -47.51
CA ALA Q 242 37.04 -30.23 -46.46
C ALA Q 242 36.84 -28.75 -46.75
N LEU Q 243 37.87 -28.09 -47.29
CA LEU Q 243 37.72 -26.68 -47.64
C LEU Q 243 36.82 -26.49 -48.85
N GLN Q 244 36.87 -27.42 -49.80
CA GLN Q 244 35.92 -27.42 -50.90
C GLN Q 244 34.51 -27.84 -50.49
N SER Q 245 34.37 -28.49 -49.33
CA SER Q 245 33.04 -28.69 -48.77
C SER Q 245 32.52 -27.40 -48.14
N ILE Q 246 33.34 -26.76 -47.30
CA ILE Q 246 32.94 -25.52 -46.63
C ILE Q 246 32.60 -24.43 -47.64
N ALA Q 247 33.38 -24.35 -48.72
CA ALA Q 247 33.14 -23.29 -49.70
C ALA Q 247 31.92 -23.54 -50.57
N THR Q 248 31.50 -24.79 -50.74
CA THR Q 248 30.48 -25.11 -51.75
C THR Q 248 29.37 -26.00 -51.20
N ASP Q 249 28.90 -25.75 -49.97
CA ASP Q 249 27.69 -26.44 -49.57
C ASP Q 249 26.54 -25.47 -49.27
N PRO Q 250 25.29 -25.87 -49.50
CA PRO Q 250 24.17 -24.93 -49.37
C PRO Q 250 23.61 -24.77 -47.97
N GLY Q 251 23.77 -25.75 -47.09
CA GLY Q 251 23.04 -25.70 -45.84
C GLY Q 251 23.83 -25.61 -44.55
N LEU Q 252 24.96 -24.88 -44.58
CA LEU Q 252 25.94 -24.99 -43.47
C LEU Q 252 25.58 -23.97 -42.39
N TYR Q 253 24.42 -23.30 -42.50
CA TYR Q 253 23.99 -22.39 -41.42
C TYR Q 253 23.60 -23.28 -40.25
N GLN Q 254 23.56 -22.74 -39.03
CA GLN Q 254 23.26 -23.55 -37.82
C GLN Q 254 24.55 -24.25 -37.42
N MET Q 255 25.60 -24.04 -38.21
CA MET Q 255 26.94 -24.59 -37.88
C MET Q 255 27.91 -23.45 -38.15
N LEU Q 256 27.39 -22.31 -38.64
CA LEU Q 256 28.30 -21.17 -38.67
C LEU Q 256 28.79 -20.65 -37.30
N PRO Q 257 27.97 -20.56 -36.23
CA PRO Q 257 28.56 -20.09 -34.95
C PRO Q 257 29.60 -21.02 -34.38
N ARG Q 258 29.45 -22.32 -34.60
CA ARG Q 258 30.45 -23.28 -34.14
C ARG Q 258 31.76 -23.11 -34.88
N PHE Q 259 31.70 -22.84 -36.19
CA PHE Q 259 32.92 -22.63 -36.97
C PHE Q 259 33.59 -21.32 -36.59
N SER Q 260 32.80 -20.28 -36.32
CA SER Q 260 33.39 -19.02 -35.90
C SER Q 260 34.06 -19.14 -34.54
N THR Q 261 33.45 -19.88 -33.62
CA THR Q 261 34.03 -20.08 -32.30
C THR Q 261 35.31 -20.90 -32.40
N PHE Q 262 35.27 -21.97 -33.21
CA PHE Q 262 36.42 -22.82 -33.44
C PHE Q 262 37.59 -22.03 -34.01
N ILE Q 263 37.33 -21.17 -34.99
CA ILE Q 263 38.39 -20.41 -35.64
C ILE Q 263 38.98 -19.38 -34.69
N SER Q 264 38.11 -18.64 -33.98
CA SER Q 264 38.62 -17.57 -33.11
C SER Q 264 39.37 -18.14 -31.92
N GLU Q 265 38.87 -19.22 -31.31
CA GLU Q 265 39.61 -19.86 -30.22
C GLU Q 265 40.87 -20.52 -30.71
N GLY Q 266 40.89 -21.06 -31.93
CA GLY Q 266 42.11 -21.68 -32.44
C GLY Q 266 43.19 -20.66 -32.74
N VAL Q 267 42.82 -19.50 -33.25
CA VAL Q 267 43.78 -18.41 -33.41
C VAL Q 267 44.23 -17.88 -32.06
N ARG Q 268 43.37 -17.89 -31.05
CA ARG Q 268 43.82 -17.55 -29.70
C ARG Q 268 44.82 -18.55 -29.14
N VAL Q 269 44.66 -19.84 -29.44
CA VAL Q 269 45.54 -20.90 -28.94
C VAL Q 269 46.94 -20.83 -29.55
N ASN Q 270 47.15 -19.98 -30.56
CA ASN Q 270 48.50 -19.67 -31.04
C ASN Q 270 49.39 -19.04 -29.97
N VAL Q 271 48.82 -18.36 -28.96
CA VAL Q 271 49.67 -17.72 -27.96
C VAL Q 271 50.32 -18.77 -27.03
N VAL Q 272 49.62 -19.87 -26.78
CA VAL Q 272 50.24 -20.95 -26.01
C VAL Q 272 51.23 -21.75 -26.85
N GLN Q 273 50.89 -22.00 -28.11
CA GLN Q 273 51.78 -22.72 -29.02
C GLN Q 273 51.87 -21.95 -30.33
N ASN Q 274 53.03 -21.34 -30.58
CA ASN Q 274 53.20 -20.50 -31.78
C ASN Q 274 53.36 -21.39 -33.01
N ASN Q 275 52.24 -21.97 -33.44
CA ASN Q 275 52.20 -22.86 -34.59
C ASN Q 275 51.81 -22.04 -35.82
N LEU Q 276 52.75 -21.88 -36.74
CA LEU Q 276 52.47 -21.18 -37.99
C LEU Q 276 51.54 -22.00 -38.88
N ALA Q 277 51.70 -23.32 -38.87
CA ALA Q 277 50.97 -24.17 -39.81
C ALA Q 277 49.49 -24.19 -39.51
N LEU Q 278 49.12 -24.36 -38.23
CA LEU Q 278 47.72 -24.36 -37.85
C LEU Q 278 47.07 -23.00 -38.05
N LEU Q 279 47.84 -21.91 -37.99
CA LEU Q 279 47.29 -20.60 -38.32
C LEU Q 279 47.06 -20.44 -39.81
N ILE Q 280 47.94 -21.01 -40.63
CA ILE Q 280 47.70 -21.02 -42.08
C ILE Q 280 46.46 -21.84 -42.40
N TYR Q 281 46.25 -22.94 -41.67
CA TYR Q 281 45.07 -23.76 -41.90
C TYR Q 281 43.79 -23.05 -41.48
N LEU Q 282 43.84 -22.31 -40.37
CA LEU Q 282 42.66 -21.55 -39.95
C LEU Q 282 42.37 -20.37 -40.87
N MET Q 283 43.41 -19.75 -41.43
CA MET Q 283 43.16 -18.67 -42.38
C MET Q 283 42.63 -19.20 -43.71
N ARG Q 284 42.97 -20.42 -44.09
CA ARG Q 284 42.39 -21.02 -45.29
C ARG Q 284 40.99 -21.48 -44.95
N MET Q 285 40.67 -21.77 -43.69
CA MET Q 285 39.30 -22.06 -43.29
C MET Q 285 38.41 -20.82 -43.38
N VAL Q 286 38.95 -19.66 -42.98
CA VAL Q 286 38.21 -18.40 -43.11
C VAL Q 286 38.02 -18.04 -44.57
N LYS Q 287 39.08 -18.19 -45.39
CA LYS Q 287 38.99 -17.91 -46.81
C LYS Q 287 38.01 -18.84 -47.51
N ALA Q 288 37.86 -20.07 -47.04
CA ALA Q 288 36.83 -20.95 -47.58
C ALA Q 288 35.45 -20.59 -47.09
N LEU Q 289 35.33 -20.07 -45.87
CA LEU Q 289 34.02 -19.64 -45.36
C LEU Q 289 33.51 -18.41 -46.10
N MET Q 290 34.43 -17.56 -46.58
CA MET Q 290 34.00 -16.37 -47.29
C MET Q 290 33.48 -16.66 -48.69
N ASP Q 291 33.96 -17.73 -49.32
CA ASP Q 291 33.57 -18.05 -50.69
C ASP Q 291 32.25 -18.78 -50.80
N ASN Q 292 31.57 -19.03 -49.69
CA ASN Q 292 30.29 -19.72 -49.72
C ASN Q 292 29.20 -18.75 -50.11
N PRO Q 293 28.47 -18.98 -51.20
CA PRO Q 293 27.42 -18.02 -51.59
C PRO Q 293 26.20 -18.07 -50.71
N THR Q 294 25.92 -19.21 -50.07
CA THR Q 294 24.65 -19.38 -49.38
C THR Q 294 24.65 -18.78 -47.99
N LEU Q 295 25.76 -18.88 -47.26
CA LEU Q 295 25.78 -18.40 -45.89
C LEU Q 295 26.27 -16.96 -45.83
N TYR Q 296 25.61 -16.18 -44.97
CA TYR Q 296 25.90 -14.76 -44.80
C TYR Q 296 26.64 -14.57 -43.50
N LEU Q 297 27.87 -14.08 -43.59
CA LEU Q 297 28.74 -13.92 -42.43
C LEU Q 297 28.60 -12.57 -41.76
N GLU Q 298 27.50 -11.86 -42.01
CA GLU Q 298 27.33 -10.52 -41.45
C GLU Q 298 27.15 -10.56 -39.94
N LYS Q 299 26.45 -11.58 -39.42
CA LYS Q 299 26.20 -11.67 -38.00
C LYS Q 299 27.39 -12.21 -37.22
N TYR Q 300 28.37 -12.79 -37.89
CA TYR Q 300 29.50 -13.43 -37.22
C TYR Q 300 30.84 -12.82 -37.62
N VAL Q 301 30.84 -11.66 -38.28
CA VAL Q 301 32.09 -11.09 -38.77
C VAL Q 301 32.86 -10.43 -37.65
N HIS Q 302 32.19 -10.10 -36.53
CA HIS Q 302 32.85 -9.49 -35.39
C HIS Q 302 33.78 -10.44 -34.67
N GLU Q 303 33.65 -11.74 -34.91
CA GLU Q 303 34.55 -12.76 -34.41
C GLU Q 303 35.69 -13.07 -35.35
N LEU Q 304 35.44 -13.03 -36.66
CA LEU Q 304 36.46 -13.38 -37.63
C LEU Q 304 37.39 -12.22 -37.95
N ILE Q 305 36.94 -10.97 -37.75
CA ILE Q 305 37.82 -9.83 -37.95
C ILE Q 305 39.01 -9.81 -36.99
N PRO Q 306 38.85 -9.96 -35.65
CA PRO Q 306 40.06 -9.92 -34.81
C PRO Q 306 40.92 -11.17 -34.90
N ALA Q 307 40.39 -12.29 -35.42
CA ALA Q 307 41.24 -13.46 -35.63
C ALA Q 307 42.21 -13.23 -36.78
N VAL Q 308 41.72 -12.71 -37.90
CA VAL Q 308 42.58 -12.36 -39.02
C VAL Q 308 43.49 -11.19 -38.65
N MET Q 309 43.00 -10.27 -37.82
CA MET Q 309 43.84 -9.18 -37.34
C MET Q 309 44.97 -9.69 -36.45
N THR Q 310 44.69 -10.68 -35.61
CA THR Q 310 45.71 -11.34 -34.81
C THR Q 310 46.73 -12.04 -35.68
N CYS Q 311 46.29 -12.67 -36.78
CA CYS Q 311 47.24 -13.23 -37.73
C CYS Q 311 48.03 -12.18 -38.49
N ILE Q 312 47.56 -10.93 -38.53
CA ILE Q 312 48.32 -9.89 -39.22
C ILE Q 312 49.32 -9.19 -38.30
N VAL Q 313 48.84 -8.57 -37.21
CA VAL Q 313 49.65 -7.61 -36.47
C VAL Q 313 50.23 -8.18 -35.18
N SER Q 314 50.22 -9.50 -35.00
CA SER Q 314 50.95 -10.01 -33.85
C SER Q 314 52.43 -10.12 -34.19
N ARG Q 315 53.29 -10.22 -33.17
CA ARG Q 315 54.74 -10.13 -33.45
C ARG Q 315 55.42 -11.49 -33.56
N GLN Q 316 55.07 -12.43 -32.70
CA GLN Q 316 55.61 -13.78 -32.82
C GLN Q 316 54.56 -14.65 -33.49
N LEU Q 317 54.73 -14.88 -34.79
CA LEU Q 317 53.87 -15.79 -35.54
C LEU Q 317 54.54 -17.14 -35.75
N CYS Q 318 55.77 -17.30 -35.27
CA CYS Q 318 56.64 -18.42 -35.61
C CYS Q 318 57.07 -19.12 -34.32
N LEU Q 319 57.59 -20.35 -34.49
CA LEU Q 319 58.20 -21.03 -33.31
C LEU Q 319 59.69 -20.72 -33.43
N ARG Q 320 60.26 -20.92 -34.61
CA ARG Q 320 61.65 -20.47 -34.83
C ARG Q 320 61.51 -19.19 -35.63
N PRO Q 321 61.71 -17.98 -35.04
CA PRO Q 321 61.42 -16.75 -35.76
C PRO Q 321 62.21 -16.59 -37.06
N ASP Q 322 63.48 -16.99 -37.06
CA ASP Q 322 64.33 -16.73 -38.25
C ASP Q 322 63.95 -17.51 -39.51
N VAL Q 323 63.57 -18.78 -39.41
CA VAL Q 323 63.35 -19.58 -40.66
C VAL Q 323 61.87 -19.67 -41.06
N ASP Q 324 60.93 -19.53 -40.12
CA ASP Q 324 59.49 -19.68 -40.45
C ASP Q 324 59.04 -18.47 -41.27
N ASN Q 325 58.37 -18.71 -42.40
CA ASN Q 325 57.89 -17.61 -43.26
C ASN Q 325 56.57 -17.11 -42.69
N HIS Q 326 56.62 -16.42 -41.55
CA HIS Q 326 55.39 -15.81 -40.99
C HIS Q 326 54.98 -14.79 -42.02
N TRP Q 327 55.92 -14.38 -42.84
CA TRP Q 327 55.63 -13.32 -43.82
C TRP Q 327 54.44 -13.72 -44.69
N ALA Q 328 54.30 -14.96 -45.15
CA ALA Q 328 53.15 -15.26 -46.03
C ALA Q 328 51.83 -15.26 -45.27
N LEU Q 329 51.78 -15.84 -44.09
CA LEU Q 329 50.52 -15.72 -43.32
C LEU Q 329 50.28 -14.24 -43.11
N ARG Q 330 51.25 -13.38 -43.40
CA ARG Q 330 50.94 -11.96 -43.25
C ARG Q 330 50.20 -11.42 -44.47
N ASP Q 331 50.75 -11.63 -45.66
CA ASP Q 331 50.07 -11.08 -46.85
C ASP Q 331 48.81 -11.86 -47.23
N PHE Q 332 48.73 -13.14 -46.86
CA PHE Q 332 47.50 -13.90 -47.06
C PHE Q 332 46.37 -13.36 -46.18
N ALA Q 333 46.66 -13.14 -44.90
CA ALA Q 333 45.65 -12.60 -44.00
C ALA Q 333 45.35 -11.13 -44.31
N ALA Q 334 46.31 -10.40 -44.90
CA ALA Q 334 46.04 -9.03 -45.31
C ALA Q 334 45.10 -8.98 -46.50
N ARG Q 335 45.31 -9.87 -47.47
CA ARG Q 335 44.36 -10.01 -48.58
C ARG Q 335 42.99 -10.44 -48.08
N LEU Q 336 42.98 -11.30 -47.06
CA LEU Q 336 41.73 -11.76 -46.47
C LEU Q 336 40.97 -10.62 -45.79
N VAL Q 337 41.68 -9.73 -45.10
CA VAL Q 337 40.97 -8.66 -44.40
C VAL Q 337 40.56 -7.57 -45.38
N ALA Q 338 41.27 -7.41 -46.50
CA ALA Q 338 40.82 -6.50 -47.55
C ALA Q 338 39.54 -7.02 -48.18
N GLN Q 339 39.44 -8.35 -48.34
CA GLN Q 339 38.19 -8.92 -48.83
C GLN Q 339 37.07 -8.82 -47.81
N ILE Q 340 37.40 -8.98 -46.52
CA ILE Q 340 36.36 -8.96 -45.49
C ILE Q 340 35.84 -7.55 -45.23
N CYS Q 341 36.61 -6.52 -45.60
CA CYS Q 341 36.09 -5.16 -45.53
C CYS Q 341 35.72 -4.61 -46.90
N LYS Q 342 35.85 -5.40 -47.96
CA LYS Q 342 35.20 -5.02 -49.21
C LYS Q 342 33.77 -5.51 -49.26
N HIS Q 343 33.54 -6.75 -48.79
CA HIS Q 343 32.23 -7.36 -48.88
C HIS Q 343 31.27 -6.91 -47.80
N PHE Q 344 31.77 -6.41 -46.67
CA PHE Q 344 30.95 -6.21 -45.49
C PHE Q 344 30.94 -4.81 -44.94
N SER Q 345 31.81 -3.92 -45.41
CA SER Q 345 31.84 -2.57 -44.88
C SER Q 345 30.64 -1.78 -45.35
N THR Q 346 29.84 -1.30 -44.40
CA THR Q 346 28.70 -0.45 -44.65
C THR Q 346 28.90 0.76 -43.75
N THR Q 347 28.20 1.86 -44.04
CA THR Q 347 28.40 3.08 -43.27
C THR Q 347 27.84 2.95 -41.85
N THR Q 348 26.95 1.98 -41.62
CA THR Q 348 26.57 1.64 -40.25
C THR Q 348 27.62 0.77 -39.57
N ASN Q 349 28.35 -0.02 -40.35
CA ASN Q 349 29.36 -0.91 -39.78
C ASN Q 349 30.60 -0.16 -39.35
N ASN Q 350 31.13 0.69 -40.25
CA ASN Q 350 32.44 1.35 -40.12
C ASN Q 350 33.55 0.33 -39.90
N ILE Q 351 33.51 -0.74 -40.69
CA ILE Q 351 34.52 -1.79 -40.58
C ILE Q 351 35.86 -1.29 -41.13
N GLN Q 352 35.85 -0.72 -42.33
CA GLN Q 352 37.08 -0.36 -43.02
C GLN Q 352 37.77 0.81 -42.34
N SER Q 353 37.00 1.78 -41.83
CA SER Q 353 37.60 2.93 -41.17
C SER Q 353 38.23 2.54 -39.85
N ARG Q 354 37.57 1.61 -39.15
CA ARG Q 354 38.07 1.10 -37.86
C ARG Q 354 39.24 0.15 -38.04
N ILE Q 355 39.39 -0.53 -39.18
CA ILE Q 355 40.54 -1.37 -39.51
C ILE Q 355 41.73 -0.53 -39.94
N THR Q 356 41.50 0.46 -40.82
CA THR Q 356 42.53 1.45 -41.14
C THR Q 356 43.02 2.23 -39.93
N LYS Q 357 42.15 2.52 -38.96
CA LYS Q 357 42.64 3.27 -37.80
C LYS Q 357 43.53 2.42 -36.92
N THR Q 358 43.21 1.13 -36.76
CA THR Q 358 44.08 0.24 -35.99
C THR Q 358 45.42 0.04 -36.69
N PHE Q 359 45.39 -0.20 -38.02
CA PHE Q 359 46.63 -0.33 -38.78
C PHE Q 359 47.46 0.94 -38.74
N THR Q 360 46.81 2.10 -38.80
CA THR Q 360 47.53 3.37 -38.85
C THR Q 360 48.18 3.69 -37.51
N LYS Q 361 47.44 3.56 -36.41
CA LYS Q 361 48.08 3.83 -35.13
C LYS Q 361 49.03 2.72 -34.70
N SER Q 362 48.99 1.56 -35.34
CA SER Q 362 50.07 0.61 -35.13
C SER Q 362 51.30 0.92 -35.98
N TRP Q 363 51.11 1.59 -37.11
CA TRP Q 363 52.27 1.88 -37.96
C TRP Q 363 52.98 3.17 -37.59
N VAL Q 364 52.23 4.24 -37.35
CA VAL Q 364 52.84 5.54 -37.06
C VAL Q 364 53.53 5.52 -35.71
N ASP Q 365 53.02 4.74 -34.76
CA ASP Q 365 53.59 4.67 -33.42
C ASP Q 365 54.90 3.90 -33.45
N GLU Q 366 55.93 4.51 -32.85
CA GLU Q 366 57.23 3.91 -32.74
C GLU Q 366 57.16 2.85 -31.64
N LYS Q 367 58.26 2.12 -31.42
CA LYS Q 367 58.46 0.94 -30.53
C LYS Q 367 57.81 -0.31 -31.11
N THR Q 368 57.15 -0.23 -32.26
CA THR Q 368 56.51 -1.43 -32.79
C THR Q 368 57.53 -2.29 -33.52
N PRO Q 369 57.46 -3.61 -33.35
CA PRO Q 369 58.42 -4.50 -33.99
C PRO Q 369 58.25 -4.51 -35.49
N TRP Q 370 59.30 -4.98 -36.19
CA TRP Q 370 59.30 -5.01 -37.65
C TRP Q 370 58.29 -5.99 -38.21
N THR Q 371 57.94 -7.03 -37.45
CA THR Q 371 56.89 -7.94 -37.88
C THR Q 371 55.53 -7.26 -37.88
N THR Q 372 55.18 -6.57 -36.79
CA THR Q 372 53.88 -5.92 -36.73
C THR Q 372 53.81 -4.71 -37.65
N ARG Q 373 54.94 -4.01 -37.86
CA ARG Q 373 54.96 -2.97 -38.89
C ARG Q 373 54.81 -3.56 -40.28
N TYR Q 374 55.38 -4.75 -40.51
CA TYR Q 374 55.17 -5.43 -41.79
C TYR Q 374 53.70 -5.78 -41.99
N GLY Q 375 53.04 -6.26 -40.93
CA GLY Q 375 51.63 -6.57 -41.04
C GLY Q 375 50.77 -5.35 -41.28
N SER Q 376 51.08 -4.24 -40.61
CA SER Q 376 50.35 -3.00 -40.81
C SER Q 376 50.51 -2.48 -42.22
N ILE Q 377 51.73 -2.45 -42.74
CA ILE Q 377 51.98 -1.98 -44.10
C ILE Q 377 51.33 -2.92 -45.12
N ALA Q 378 51.31 -4.23 -44.83
CA ALA Q 378 50.72 -5.19 -45.75
C ALA Q 378 49.21 -5.04 -45.86
N GLY Q 379 48.53 -4.87 -44.71
CA GLY Q 379 47.09 -4.65 -44.74
C GLY Q 379 46.71 -3.33 -45.38
N LEU Q 380 47.40 -2.25 -44.99
CA LEU Q 380 47.16 -0.92 -45.57
C LEU Q 380 47.41 -0.91 -47.06
N ALA Q 381 48.39 -1.67 -47.53
CA ALA Q 381 48.66 -1.68 -48.95
C ALA Q 381 47.77 -2.64 -49.72
N GLU Q 382 47.12 -3.59 -49.04
CA GLU Q 382 46.12 -4.39 -49.73
C GLU Q 382 44.74 -3.73 -49.72
N LEU Q 383 44.54 -2.67 -48.95
CA LEU Q 383 43.25 -1.98 -48.99
C LEU Q 383 43.01 -1.26 -50.30
N GLY Q 384 44.02 -0.60 -50.85
CA GLY Q 384 43.87 0.02 -52.15
C GLY Q 384 44.87 1.11 -52.39
N HIS Q 385 44.63 1.86 -53.47
CA HIS Q 385 45.56 2.86 -53.97
C HIS Q 385 45.45 4.17 -53.19
N ASP Q 386 44.24 4.59 -52.84
CA ASP Q 386 44.08 5.86 -52.16
C ASP Q 386 44.54 5.79 -50.71
N VAL Q 387 44.42 4.62 -50.09
CA VAL Q 387 44.96 4.40 -48.75
C VAL Q 387 46.47 4.54 -48.74
N ILE Q 388 47.17 3.94 -49.71
CA ILE Q 388 48.63 4.13 -49.72
C ILE Q 388 49.02 5.51 -50.18
N LYS Q 389 48.13 6.23 -50.87
CA LYS Q 389 48.38 7.64 -51.13
C LYS Q 389 48.34 8.45 -49.84
N THR Q 390 47.32 8.25 -49.01
CA THR Q 390 47.14 9.12 -47.86
C THR Q 390 47.58 8.52 -46.53
N LEU Q 391 48.09 7.29 -46.50
CA LEU Q 391 48.68 6.76 -45.28
C LEU Q 391 50.15 6.42 -45.43
N ILE Q 392 50.54 5.72 -46.49
CA ILE Q 392 51.92 5.23 -46.59
C ILE Q 392 52.87 6.35 -46.98
N LEU Q 393 52.53 7.09 -48.04
CA LEU Q 393 53.36 8.15 -48.60
C LEU Q 393 53.77 9.33 -47.70
N PRO Q 394 53.00 9.74 -46.68
CA PRO Q 394 53.57 10.72 -45.73
C PRO Q 394 54.75 10.21 -44.93
N ARG Q 395 54.78 8.91 -44.57
CA ARG Q 395 55.84 8.38 -43.72
C ARG Q 395 56.93 7.66 -44.51
N LEU Q 396 57.14 8.06 -45.77
CA LEU Q 396 58.23 7.50 -46.57
C LEU Q 396 59.59 7.86 -46.01
N GLN Q 397 59.71 8.97 -45.28
CA GLN Q 397 60.92 9.31 -44.55
C GLN Q 397 61.29 8.27 -43.50
N GLN Q 398 60.31 7.50 -43.02
CA GLN Q 398 60.58 6.39 -42.11
C GLN Q 398 61.51 5.34 -42.72
N GLU Q 399 61.53 5.25 -44.06
CA GLU Q 399 62.50 4.38 -44.75
C GLU Q 399 63.94 4.72 -44.38
N GLY Q 400 64.23 6.02 -44.19
CA GLY Q 400 65.54 6.41 -43.70
C GLY Q 400 65.84 5.85 -42.33
N GLU Q 401 64.84 5.92 -41.43
CA GLU Q 401 64.96 5.29 -40.11
C GLU Q 401 65.12 3.78 -40.23
N ARG Q 402 64.56 3.19 -41.28
CA ARG Q 402 64.79 1.77 -41.52
C ARG Q 402 66.21 1.53 -42.02
N ILE Q 403 66.70 2.39 -42.93
CA ILE Q 403 68.00 2.12 -43.55
C ILE Q 403 69.14 2.53 -42.64
N ARG Q 404 68.82 3.25 -41.55
CA ARG Q 404 69.69 3.40 -40.39
C ARG Q 404 70.15 2.06 -39.85
N SER Q 405 69.28 1.06 -39.83
CA SER Q 405 69.58 -0.24 -39.24
C SER Q 405 69.82 -1.32 -40.28
N VAL Q 406 70.05 -0.95 -41.54
CA VAL Q 406 70.25 -1.94 -42.61
C VAL Q 406 71.61 -1.74 -43.25
N LEU Q 407 71.85 -0.55 -43.83
CA LEU Q 407 73.15 -0.27 -44.41
C LEU Q 407 74.25 -0.12 -43.38
N ASP Q 408 73.88 0.16 -42.12
CA ASP Q 408 74.90 0.38 -41.06
C ASP Q 408 74.36 -0.05 -39.70
N GLY Q 409 74.52 -1.33 -39.36
CA GLY Q 409 74.05 -1.83 -38.06
C GLY Q 409 75.21 -2.32 -37.21
N PRO Q 410 75.33 -1.88 -35.93
CA PRO Q 410 76.39 -2.37 -35.05
C PRO Q 410 76.22 -3.89 -34.84
N VAL Q 411 74.98 -4.36 -34.69
CA VAL Q 411 74.72 -5.82 -34.56
C VAL Q 411 74.17 -6.31 -35.90
N LEU Q 412 74.96 -7.08 -36.65
CA LEU Q 412 74.50 -7.62 -37.93
C LEU Q 412 73.78 -8.95 -37.77
N SER Q 413 74.23 -9.79 -36.82
CA SER Q 413 73.71 -11.15 -36.67
C SER Q 413 72.39 -11.22 -35.88
N ASN Q 414 71.71 -10.11 -35.63
CA ASN Q 414 70.41 -10.15 -34.98
C ASN Q 414 69.33 -10.50 -36.02
N ILE Q 415 68.06 -10.48 -35.57
CA ILE Q 415 66.94 -10.89 -36.49
C ILE Q 415 66.22 -9.66 -37.04
N ASP Q 416 66.68 -8.45 -36.70
CA ASP Q 416 66.06 -7.24 -37.21
C ASP Q 416 66.34 -6.98 -38.68
N ARG Q 417 67.42 -7.54 -39.23
CA ARG Q 417 67.82 -7.19 -40.60
C ARG Q 417 66.93 -7.86 -41.64
N ILE Q 418 66.58 -9.13 -41.45
CA ILE Q 418 65.70 -9.83 -42.38
C ILE Q 418 64.30 -9.23 -42.37
N GLY Q 419 63.79 -8.86 -41.19
CA GLY Q 419 62.50 -8.22 -41.10
C GLY Q 419 62.51 -6.81 -41.66
N ALA Q 420 63.62 -6.09 -41.47
CA ALA Q 420 63.74 -4.74 -42.01
C ALA Q 420 63.81 -4.74 -43.53
N ASP Q 421 64.52 -5.69 -44.15
CA ASP Q 421 64.58 -5.58 -45.60
C ASP Q 421 63.38 -6.26 -46.24
N HIS Q 422 62.66 -7.10 -45.47
CA HIS Q 422 61.33 -7.54 -45.91
C HIS Q 422 60.34 -6.38 -45.92
N VAL Q 423 60.35 -5.57 -44.85
CA VAL Q 423 59.55 -4.35 -44.80
C VAL Q 423 59.90 -3.40 -45.94
N GLN Q 424 61.20 -3.28 -46.23
CA GLN Q 424 61.68 -2.44 -47.32
C GLN Q 424 61.18 -2.92 -48.67
N SER Q 425 61.27 -4.24 -48.92
CA SER Q 425 60.85 -4.81 -50.19
C SER Q 425 59.36 -4.66 -50.42
N LEU Q 426 58.56 -4.92 -49.37
CA LEU Q 426 57.11 -4.71 -49.46
C LEU Q 426 56.77 -3.25 -49.69
N LEU Q 427 57.48 -2.34 -49.02
CA LEU Q 427 57.22 -0.91 -49.12
C LEU Q 427 57.49 -0.41 -50.53
N LEU Q 428 58.63 -0.79 -51.11
CA LEU Q 428 58.94 -0.27 -52.43
C LEU Q 428 58.16 -0.99 -53.52
N LYS Q 429 57.77 -2.26 -53.30
CA LYS Q 429 56.88 -2.94 -54.25
C LYS Q 429 55.50 -2.28 -54.29
N HIS Q 430 54.97 -1.89 -53.13
CA HIS Q 430 53.64 -1.28 -53.13
C HIS Q 430 53.67 0.21 -53.47
N CYS Q 431 54.78 0.89 -53.22
CA CYS Q 431 54.87 2.31 -53.54
C CYS Q 431 55.40 2.56 -54.95
N ALA Q 432 55.82 1.53 -55.68
CA ALA Q 432 56.16 1.75 -57.07
C ALA Q 432 54.97 2.12 -57.98
N PRO Q 433 53.78 1.47 -57.92
CA PRO Q 433 52.68 1.99 -58.74
C PRO Q 433 52.11 3.30 -58.24
N VAL Q 434 52.21 3.59 -56.94
CA VAL Q 434 51.79 4.89 -56.43
C VAL Q 434 52.71 5.99 -56.93
N LEU Q 435 54.01 5.69 -57.05
CA LEU Q 435 54.92 6.64 -57.68
C LEU Q 435 54.68 6.72 -59.18
N ALA Q 436 54.22 5.63 -59.80
CA ALA Q 436 53.90 5.66 -61.22
C ALA Q 436 52.61 6.43 -61.49
N LYS Q 437 51.76 6.62 -60.49
CA LYS Q 437 50.50 7.32 -60.70
C LYS Q 437 50.62 8.82 -60.55
N LEU Q 438 51.46 9.30 -59.63
CA LEU Q 438 51.49 10.71 -59.25
C LEU Q 438 52.86 11.34 -59.49
N ARG Q 439 53.45 11.08 -60.66
CA ARG Q 439 54.74 11.69 -60.98
C ARG Q 439 54.87 11.91 -62.48
N PRO Q 440 55.97 12.48 -62.94
CA PRO Q 440 56.17 12.67 -64.39
C PRO Q 440 56.51 11.35 -65.06
N PRO Q 441 56.46 11.31 -66.39
CA PRO Q 441 56.75 10.07 -67.10
C PRO Q 441 58.24 9.84 -67.21
N PRO Q 442 59.05 10.92 -67.18
CA PRO Q 442 60.51 10.76 -67.30
C PRO Q 442 61.15 10.03 -66.14
N ASP Q 443 60.97 10.57 -64.93
CA ASP Q 443 61.53 10.06 -63.67
C ASP Q 443 63.05 9.88 -63.76
N ASN Q 444 63.74 11.01 -63.95
CA ASN Q 444 65.17 10.96 -64.22
C ASN Q 444 65.98 10.71 -62.96
N GLN Q 445 65.81 11.61 -61.96
CA GLN Q 445 66.43 11.44 -60.61
C GLN Q 445 65.36 11.43 -59.51
N ASP Q 446 64.20 10.83 -59.78
CA ASP Q 446 63.13 10.68 -58.75
C ASP Q 446 63.66 9.81 -57.61
N ALA Q 447 64.48 8.81 -57.95
CA ALA Q 447 65.08 7.93 -56.93
C ALA Q 447 65.95 8.78 -56.00
N TYR Q 448 66.77 9.67 -56.57
CA TYR Q 448 67.63 10.55 -55.76
C TYR Q 448 66.72 11.43 -54.89
N ARG Q 449 65.64 11.93 -55.49
CA ARG Q 449 64.65 12.75 -54.73
C ARG Q 449 63.92 11.87 -53.72
N ALA Q 450 63.80 10.56 -54.03
CA ALA Q 450 63.16 9.61 -53.10
C ALA Q 450 64.08 9.31 -51.92
N GLU Q 451 63.63 8.47 -50.98
CA GLU Q 451 64.45 8.19 -49.77
C GLU Q 451 65.37 7.01 -50.05
N PHE Q 452 66.69 7.21 -49.96
CA PHE Q 452 67.67 6.11 -50.12
C PHE Q 452 67.94 5.82 -51.60
N GLY Q 453 67.19 6.44 -52.51
CA GLY Q 453 67.44 6.28 -53.95
C GLY Q 453 67.07 4.91 -54.47
N SER Q 454 66.38 4.10 -53.65
CA SER Q 454 66.04 2.71 -54.05
C SER Q 454 64.57 2.67 -54.48
N LEU Q 455 63.70 3.23 -53.64
CA LEU Q 455 62.26 3.38 -53.99
C LEU Q 455 62.14 3.97 -55.39
N GLY Q 456 62.97 4.96 -55.74
CA GLY Q 456 62.96 5.55 -57.09
C GLY Q 456 63.37 4.54 -58.15
N PRO Q 457 64.38 3.69 -57.90
CA PRO Q 457 64.72 2.66 -58.88
C PRO Q 457 63.54 1.70 -59.07
N LEU Q 458 62.88 1.35 -57.95
CA LEU Q 458 61.71 0.44 -58.02
C LEU Q 458 60.61 1.11 -58.84
N LEU Q 459 60.42 2.41 -58.69
CA LEU Q 459 59.39 3.19 -59.44
C LEU Q 459 59.72 3.16 -60.93
N CYS Q 460 61.00 3.30 -61.27
CA CYS Q 460 61.42 3.22 -62.69
C CYS Q 460 61.07 1.81 -63.22
N SER Q 461 61.37 0.79 -62.41
CA SER Q 461 61.06 -0.60 -62.83
C SER Q 461 59.55 -0.73 -63.03
N GLN Q 462 58.75 -0.13 -62.14
CA GLN Q 462 57.26 -0.20 -62.22
C GLN Q 462 56.76 0.49 -63.49
N VAL Q 463 57.34 1.64 -63.84
CA VAL Q 463 56.95 2.36 -65.08
C VAL Q 463 57.26 1.44 -66.26
N VAL Q 464 58.43 0.78 -66.22
CA VAL Q 464 58.83 -0.14 -67.32
C VAL Q 464 57.80 -1.27 -67.40
N LYS Q 465 57.38 -1.81 -66.25
CA LYS Q 465 56.40 -2.94 -66.21
C LYS Q 465 55.06 -2.46 -66.79
N ALA Q 466 54.66 -1.24 -66.46
CA ALA Q 466 53.39 -0.67 -66.97
C ALA Q 466 53.47 -0.54 -68.49
N ARG Q 467 54.62 -0.09 -68.99
CA ARG Q 467 54.81 0.04 -70.47
C ARG Q 467 54.70 -1.35 -71.08
N ALA Q 468 55.30 -2.37 -70.45
CA ALA Q 468 55.24 -3.75 -70.97
C ALA Q 468 53.78 -4.22 -70.99
N GLN Q 469 53.02 -3.92 -69.95
CA GLN Q 469 51.59 -4.32 -69.87
C GLN Q 469 50.81 -3.63 -70.99
N ALA Q 470 51.10 -2.35 -71.26
CA ALA Q 470 50.42 -1.61 -72.33
C ALA Q 470 50.76 -2.26 -73.68
N ALA Q 471 52.02 -2.67 -73.87
CA ALA Q 471 52.43 -3.34 -75.13
C ALA Q 471 51.67 -4.65 -75.27
N LEU Q 472 51.53 -5.40 -74.17
CA LEU Q 472 50.79 -6.69 -74.19
C LEU Q 472 49.33 -6.43 -74.58
N GLN Q 473 48.73 -5.37 -74.04
CA GLN Q 473 47.33 -5.00 -74.37
C GLN Q 473 47.24 -4.65 -75.85
N MET R 12 -6.13 9.26 24.32
CA MET R 12 -5.16 9.54 25.36
C MET R 12 -4.50 10.90 25.17
N PRO R 13 -4.85 11.87 26.03
CA PRO R 13 -4.15 13.15 26.01
C PRO R 13 -2.76 13.04 26.63
N LYS R 14 -2.02 14.13 26.55
CA LYS R 14 -0.63 14.13 26.99
C LYS R 14 -0.48 14.05 28.50
N ASP R 15 -1.55 14.32 29.25
CA ASP R 15 -1.50 14.21 30.70
C ASP R 15 -2.10 12.90 31.22
N ALA R 16 -2.80 12.15 30.37
CA ALA R 16 -3.14 10.78 30.68
C ALA R 16 -2.06 9.81 30.21
N GLN R 17 -1.27 10.19 29.22
CA GLN R 17 -0.08 9.45 28.84
C GLN R 17 1.02 9.61 29.88
N MET R 18 1.01 10.70 30.64
CA MET R 18 1.96 10.93 31.70
C MET R 18 1.47 10.40 33.05
N MET R 19 0.17 10.19 33.19
CA MET R 19 -0.35 9.61 34.43
C MET R 19 -0.08 8.12 34.53
N ALA R 20 0.01 7.44 33.38
CA ALA R 20 0.41 6.03 33.40
C ALA R 20 1.90 5.89 33.70
N GLN R 21 2.70 6.88 33.32
CA GLN R 21 4.13 6.86 33.62
C GLN R 21 4.38 7.04 35.11
N ILE R 22 3.54 7.82 35.80
CA ILE R 22 3.71 8.04 37.22
C ILE R 22 3.39 6.77 38.01
N LEU R 23 2.31 6.09 37.64
CA LEU R 23 1.95 4.85 38.32
C LEU R 23 2.92 3.72 37.99
N LYS R 24 3.49 3.72 36.78
CA LYS R 24 4.48 2.73 36.43
C LYS R 24 5.80 2.97 37.18
N ASP R 25 6.11 4.24 37.45
CA ASP R 25 7.30 4.58 38.23
C ASP R 25 7.16 4.15 39.69
N MET R 26 5.93 4.01 40.18
CA MET R 26 5.67 3.43 41.49
C MET R 26 5.64 1.91 41.36
N GLY R 27 5.15 1.22 42.38
CA GLY R 27 5.03 -0.22 42.28
C GLY R 27 3.70 -0.69 41.73
N ILE R 28 3.13 0.08 40.80
CA ILE R 28 1.82 -0.20 40.24
C ILE R 28 2.03 -0.60 38.78
N THR R 29 2.00 -1.91 38.53
CA THR R 29 2.08 -2.43 37.17
C THR R 29 0.72 -2.85 36.61
N GLU R 30 -0.18 -3.30 37.47
CA GLU R 30 -1.50 -3.76 37.07
C GLU R 30 -2.54 -2.90 37.79
N TYR R 31 -3.20 -2.01 37.06
CA TYR R 31 -4.25 -1.17 37.61
C TYR R 31 -5.51 -1.29 36.75
N GLU R 32 -6.63 -0.88 37.33
CA GLU R 32 -7.85 -0.74 36.57
C GLU R 32 -7.73 0.42 35.60
N PRO R 33 -8.40 0.35 34.44
CA PRO R 33 -8.35 1.49 33.51
C PRO R 33 -9.18 2.67 33.96
N ARG R 34 -10.03 2.52 34.97
CA ARG R 34 -10.78 3.64 35.53
C ARG R 34 -9.90 4.54 36.40
N VAL R 35 -8.73 4.06 36.79
CA VAL R 35 -7.85 4.79 37.70
C VAL R 35 -7.31 6.05 37.05
N ILE R 36 -6.97 5.97 35.76
CA ILE R 36 -6.41 7.11 35.05
C ILE R 36 -7.45 8.20 34.86
N ASN R 37 -8.72 7.83 34.70
CA ASN R 37 -9.78 8.83 34.71
C ASN R 37 -10.02 9.41 36.11
N GLN R 38 -9.64 8.69 37.15
CA GLN R 38 -9.82 9.21 38.51
C GLN R 38 -8.65 10.10 38.91
N MET R 39 -7.43 9.74 38.52
CA MET R 39 -6.26 10.54 38.87
C MET R 39 -6.13 11.81 38.04
N LEU R 40 -6.96 11.97 37.00
CA LEU R 40 -7.04 13.23 36.27
C LEU R 40 -8.12 14.15 36.82
N GLU R 41 -9.14 13.59 37.48
CA GLU R 41 -10.12 14.42 38.15
C GLU R 41 -9.59 14.95 39.47
N PHE R 42 -8.75 14.18 40.15
CA PHE R 42 -8.08 14.68 41.34
C PHE R 42 -7.07 15.77 40.99
N ALA R 43 -6.35 15.59 39.89
CA ALA R 43 -5.35 16.57 39.47
C ALA R 43 -5.98 17.81 38.88
N PHE R 44 -7.23 17.75 38.43
CA PHE R 44 -7.94 18.95 38.02
C PHE R 44 -8.57 19.65 39.22
N ARG R 45 -9.02 18.90 40.21
CA ARG R 45 -9.63 19.51 41.37
C ARG R 45 -8.60 20.17 42.27
N TYR R 46 -7.35 19.70 42.22
CA TYR R 46 -6.31 20.25 43.09
C TYR R 46 -5.80 21.58 42.59
N VAL R 47 -5.49 21.67 41.28
CA VAL R 47 -4.96 22.91 40.73
C VAL R 47 -6.03 24.00 40.69
N THR R 48 -7.30 23.62 40.52
CA THR R 48 -8.37 24.60 40.58
C THR R 48 -8.86 24.87 41.99
N THR R 49 -8.23 24.27 43.01
CA THR R 49 -8.43 24.69 44.40
C THR R 49 -7.27 25.54 44.89
N ILE R 50 -6.06 25.25 44.41
CA ILE R 50 -4.91 26.11 44.70
C ILE R 50 -5.09 27.46 44.03
N LEU R 51 -5.49 27.46 42.75
CA LEU R 51 -5.73 28.71 42.05
C LEU R 51 -7.00 29.41 42.51
N ASP R 52 -7.91 28.69 43.17
CA ASP R 52 -8.99 29.35 43.91
C ASP R 52 -8.41 30.22 45.02
N ASP R 53 -7.59 29.61 45.89
CA ASP R 53 -7.02 30.33 47.02
C ASP R 53 -5.97 31.33 46.58
N ALA R 54 -5.32 31.10 45.44
CA ALA R 54 -4.34 32.05 44.95
C ALA R 54 -4.97 33.30 44.35
N LYS R 55 -6.26 33.27 44.04
CA LYS R 55 -6.98 34.46 43.64
C LYS R 55 -7.57 35.21 44.82
N ILE R 56 -7.84 34.50 45.93
CA ILE R 56 -8.28 35.16 47.15
C ILE R 56 -7.13 35.94 47.77
N TYR R 57 -5.91 35.40 47.66
CA TYR R 57 -4.76 36.04 48.29
C TYR R 57 -4.18 37.15 47.42
N SER R 58 -4.42 37.12 46.11
CA SER R 58 -3.99 38.23 45.27
C SER R 58 -4.84 39.47 45.50
N SER R 59 -6.13 39.28 45.73
CA SER R 59 -7.01 40.40 46.03
C SER R 59 -6.85 40.90 47.45
N HIS R 60 -6.35 40.06 48.36
CA HIS R 60 -6.12 40.48 49.73
C HIS R 60 -4.89 41.36 49.86
N ALA R 61 -3.87 41.11 49.05
CA ALA R 61 -2.71 42.00 48.94
C ALA R 61 -2.94 43.11 47.92
N LYS R 62 -4.09 43.09 47.23
CA LYS R 62 -4.55 44.13 46.31
C LYS R 62 -3.57 44.32 45.15
N LYS R 63 -3.36 43.24 44.40
CA LYS R 63 -2.58 43.27 43.17
C LYS R 63 -3.47 42.85 42.00
N ALA R 64 -2.94 43.01 40.80
CA ALA R 64 -3.74 42.85 39.59
C ALA R 64 -3.82 41.39 39.14
N THR R 65 -2.67 40.76 38.92
CA THR R 65 -2.60 39.41 38.43
C THR R 65 -2.43 38.43 39.58
N VAL R 66 -2.17 37.17 39.26
CA VAL R 66 -1.81 36.15 40.23
C VAL R 66 -0.34 35.85 40.03
N ASP R 67 0.49 36.33 40.94
CA ASP R 67 1.92 36.13 40.86
C ASP R 67 2.30 34.79 41.45
N ALA R 68 3.59 34.47 41.38
CA ALA R 68 4.06 33.16 41.85
C ALA R 68 4.11 33.10 43.37
N ASP R 69 4.26 34.23 44.05
CA ASP R 69 4.25 34.22 45.50
C ASP R 69 2.86 34.03 46.08
N ASP R 70 1.81 34.24 45.27
CA ASP R 70 0.46 33.92 45.70
C ASP R 70 0.19 32.43 45.61
N VAL R 71 0.65 31.80 44.54
CA VAL R 71 0.49 30.35 44.38
C VAL R 71 1.38 29.62 45.37
N ARG R 72 2.54 30.19 45.71
CA ARG R 72 3.42 29.59 46.71
C ARG R 72 2.79 29.62 48.10
N LEU R 73 2.03 30.67 48.41
CA LEU R 73 1.33 30.70 49.68
C LEU R 73 0.12 29.77 49.66
N ALA R 74 -0.58 29.71 48.51
CA ALA R 74 -1.78 28.88 48.41
C ALA R 74 -1.45 27.40 48.46
N ILE R 75 -0.24 27.01 48.07
CA ILE R 75 0.21 25.64 48.25
C ILE R 75 0.45 25.36 49.73
N GLN R 76 1.16 26.26 50.42
CA GLN R 76 1.59 26.01 51.78
C GLN R 76 0.48 26.21 52.80
N CYS R 77 -0.52 27.04 52.49
CA CYS R 77 -1.59 27.31 53.44
C CYS R 77 -2.77 26.35 53.27
N ARG R 78 -2.63 25.33 52.44
CA ARG R 78 -3.60 24.24 52.37
C ARG R 78 -2.88 22.91 52.30
N ALA R 79 -1.77 22.79 53.02
CA ALA R 79 -1.13 21.52 53.31
C ALA R 79 -1.38 21.08 54.74
N ASP R 80 -2.28 21.77 55.44
CA ASP R 80 -2.62 21.47 56.83
C ASP R 80 -4.04 20.97 57.02
N GLN R 81 -4.97 21.37 56.15
CA GLN R 81 -6.36 20.95 56.20
C GLN R 81 -6.75 20.01 55.09
N SER R 82 -6.27 20.25 53.87
CA SER R 82 -6.62 19.39 52.75
C SER R 82 -5.79 18.12 52.71
N PHE R 83 -4.54 18.19 53.15
CA PHE R 83 -3.61 17.06 53.11
C PHE R 83 -2.84 16.96 54.42
N THR R 84 -3.55 16.92 55.54
CA THR R 84 -2.91 16.76 56.84
C THR R 84 -2.19 15.42 56.93
N SER R 85 -1.12 15.40 57.70
CA SER R 85 -0.13 14.34 57.69
C SER R 85 -0.31 13.42 58.89
N PRO R 86 0.19 12.19 58.81
CA PRO R 86 0.40 11.39 60.03
C PRO R 86 1.47 12.03 60.88
N PRO R 87 1.46 11.78 62.20
CA PRO R 87 2.32 12.56 63.10
C PRO R 87 3.79 12.29 62.86
N PRO R 88 4.66 13.28 63.08
CA PRO R 88 6.07 13.15 62.69
C PRO R 88 6.83 12.23 63.64
N ARG R 89 8.04 11.87 63.20
CA ARG R 89 8.84 10.90 63.95
C ARG R 89 9.40 11.50 65.24
N ASP R 90 9.61 12.81 65.27
CA ASP R 90 10.11 13.45 66.48
C ASP R 90 9.05 13.60 67.56
N PHE R 91 7.77 13.48 67.19
CA PHE R 91 6.67 13.57 68.13
C PHE R 91 6.25 12.20 68.65
N LEU R 92 6.31 11.18 67.80
CA LEU R 92 5.96 9.83 68.21
C LEU R 92 7.01 9.21 69.12
N LEU R 93 8.26 9.68 69.05
CA LEU R 93 9.30 9.21 69.95
C LEU R 93 9.13 9.79 71.35
N ASP R 94 8.72 11.05 71.45
CA ASP R 94 8.56 11.67 72.75
C ASP R 94 7.29 11.21 73.45
N ILE R 95 6.25 10.89 72.70
CA ILE R 95 5.02 10.35 73.28
C ILE R 95 5.25 8.94 73.79
N ALA R 96 6.07 8.17 73.06
CA ALA R 96 6.31 6.78 73.45
C ALA R 96 7.24 6.69 74.66
N ARG R 97 8.30 7.47 74.69
CA ARG R 97 9.34 7.29 75.70
C ARG R 97 8.95 7.81 77.08
N GLN R 98 7.81 8.48 77.22
CA GLN R 98 7.22 8.68 78.53
C GLN R 98 6.15 7.65 78.86
N ARG R 99 5.53 7.05 77.83
CA ARG R 99 4.63 5.93 78.03
C ARG R 99 5.40 4.65 78.32
N ASN R 100 6.60 4.49 77.75
CA ASN R 100 7.42 3.30 77.91
C ASN R 100 8.25 3.31 79.19
N GLN R 101 7.98 4.23 80.12
CA GLN R 101 8.77 4.28 81.35
C GLN R 101 7.99 3.86 82.58
N THR R 102 6.67 3.94 82.57
CA THR R 102 5.90 3.37 83.66
C THR R 102 5.97 1.85 83.59
N PRO R 103 6.09 1.16 84.73
CA PRO R 103 6.25 -0.29 84.70
C PRO R 103 4.95 -0.98 84.33
N LEU R 104 5.08 -2.23 83.92
CA LEU R 104 3.91 -3.06 83.67
C LEU R 104 3.29 -3.45 85.00
N PRO R 105 1.98 -3.34 85.15
CA PRO R 105 1.34 -3.72 86.42
C PRO R 105 1.28 -5.23 86.57
N LEU R 106 0.96 -5.66 87.78
CA LEU R 106 0.80 -7.07 88.08
C LEU R 106 -0.64 -7.49 87.87
N ILE R 107 -0.86 -8.80 87.84
CA ILE R 107 -2.15 -9.39 87.48
C ILE R 107 -2.72 -10.07 88.71
N LYS R 108 -4.00 -9.81 88.99
CA LYS R 108 -4.73 -10.55 90.00
C LYS R 108 -4.89 -12.00 89.56
N PRO R 109 -4.88 -12.95 90.50
CA PRO R 109 -4.88 -14.37 90.11
C PRO R 109 -6.17 -14.87 89.46
N TYR R 110 -7.32 -14.54 90.05
CA TYR R 110 -8.61 -15.03 89.56
C TYR R 110 -9.58 -13.87 89.46
N SER R 111 -9.68 -13.29 88.26
CA SER R 111 -10.59 -12.18 88.00
C SER R 111 -11.56 -12.50 86.87
N GLY R 112 -11.64 -13.76 86.43
CA GLY R 112 -12.56 -14.16 85.39
C GLY R 112 -12.25 -13.53 84.06
N PRO R 113 -13.27 -12.96 83.41
CA PRO R 113 -13.03 -12.12 82.23
C PRO R 113 -12.33 -10.83 82.63
N ARG R 114 -11.15 -10.59 82.05
CA ARG R 114 -10.39 -9.39 82.32
C ARG R 114 -10.78 -8.33 81.31
N LEU R 115 -11.30 -7.21 81.78
CA LEU R 115 -11.89 -6.18 80.94
C LEU R 115 -11.62 -4.82 81.56
N PRO R 116 -11.70 -3.75 80.78
CA PRO R 116 -11.63 -2.39 81.34
C PRO R 116 -12.81 -2.07 82.25
N PRO R 117 -12.82 -0.90 82.91
CA PRO R 117 -14.03 -0.48 83.60
C PRO R 117 -15.20 -0.26 82.66
N ASP R 118 -16.41 -0.27 83.24
CA ASP R 118 -17.64 -0.43 82.49
C ASP R 118 -17.97 0.75 81.57
N ARG R 119 -17.34 1.90 81.77
CA ARG R 119 -17.57 3.04 80.90
C ARG R 119 -16.65 3.04 79.68
N TYR R 120 -15.75 2.08 79.56
CA TYR R 120 -14.90 1.96 78.38
C TYR R 120 -15.19 0.72 77.56
N CYS R 121 -15.94 -0.24 78.09
CA CYS R 121 -16.31 -1.43 77.34
C CYS R 121 -17.59 -1.19 76.56
N LEU R 122 -18.02 -2.19 75.80
CA LEU R 122 -19.27 -2.13 75.06
C LEU R 122 -20.36 -3.00 75.67
N THR R 123 -20.15 -3.48 76.90
CA THR R 123 -21.18 -4.23 77.60
C THR R 123 -22.17 -3.27 78.24
N ALA R 124 -23.43 -3.36 77.82
CA ALA R 124 -24.47 -2.44 78.24
C ALA R 124 -25.81 -3.13 78.05
N PRO R 125 -26.85 -2.71 78.78
CA PRO R 125 -28.14 -3.43 78.71
C PRO R 125 -28.84 -3.41 77.36
N ASN R 126 -28.55 -2.44 76.48
CA ASN R 126 -28.81 -2.52 75.03
C ASN R 126 -30.31 -2.68 74.71
N TYR R 127 -31.06 -1.63 75.01
CA TYR R 127 -32.51 -1.68 74.96
C TYR R 127 -33.04 -1.62 73.52
N ARG R 128 -34.35 -1.72 73.38
CA ARG R 128 -35.03 -1.58 72.10
C ARG R 128 -36.48 -1.19 72.36
N LEU R 129 -37.12 -0.66 71.31
CA LEU R 129 -38.47 -0.14 71.43
C LEU R 129 -39.50 -1.24 71.53
N LYS R 130 -40.53 -1.00 72.34
CA LYS R 130 -41.68 -1.89 72.40
C LYS R 130 -42.47 -1.74 71.11
N SER R 131 -42.51 -2.80 70.30
CA SER R 131 -43.24 -2.76 69.03
C SER R 131 -44.74 -2.86 69.34
N LEU R 132 -45.32 -1.71 69.65
CA LEU R 132 -46.73 -1.65 70.00
C LEU R 132 -47.59 -1.53 68.75
N THR S 114 -42.37 13.03 72.55
CA THR S 114 -41.08 12.70 71.87
C THR S 114 -41.21 12.92 70.37
N PRO S 115 -40.48 13.89 69.78
CA PRO S 115 -40.63 14.20 68.37
C PRO S 115 -40.29 12.99 67.50
N LEU S 116 -39.21 12.29 67.83
CA LEU S 116 -38.77 11.14 66.99
C LEU S 116 -39.88 10.08 67.03
N VAL S 117 -40.45 9.82 68.21
CA VAL S 117 -41.53 8.80 68.34
C VAL S 117 -42.74 9.23 67.51
N ASP S 118 -43.09 10.52 67.57
CA ASP S 118 -44.27 11.01 66.80
C ASP S 118 -43.99 10.83 65.30
N PHE S 119 -42.76 11.12 64.87
CA PHE S 119 -42.41 10.98 63.44
C PHE S 119 -42.50 9.51 63.05
N LEU S 120 -42.06 8.59 63.91
CA LEU S 120 -42.15 7.14 63.63
C LEU S 120 -43.63 6.73 63.51
N MET S 121 -44.48 7.30 64.36
CA MET S 121 -45.93 7.01 64.24
C MET S 121 -46.46 7.50 62.90
N GLN S 122 -46.06 8.70 62.46
CA GLN S 122 -46.49 9.18 61.12
C GLN S 122 -45.95 8.24 60.03
N LEU S 123 -44.71 7.78 60.17
CA LEU S 123 -44.06 6.88 59.18
C LEU S 123 -44.84 5.57 59.08
N GLU S 124 -45.42 5.10 60.17
CA GLU S 124 -46.27 3.86 60.14
C GLU S 124 -47.22 3.82 58.93
N ASP S 125 -47.10 4.73 57.96
CA ASP S 125 -47.87 4.74 56.69
C ASP S 125 -46.95 4.92 55.47
N TYR S 126 -45.94 5.80 55.56
CA TYR S 126 -45.08 6.08 54.38
C TYR S 126 -44.17 4.90 54.09
N THR S 127 -44.03 4.53 52.81
CA THR S 127 -43.08 3.46 52.43
C THR S 127 -41.99 4.11 51.58
N PRO S 128 -40.69 4.02 51.95
CA PRO S 128 -39.64 4.72 51.21
C PRO S 128 -39.26 4.05 49.88
N THR S 129 -38.73 4.81 48.92
CA THR S 129 -38.32 4.25 47.64
C THR S 129 -37.14 3.29 47.83
N ILE S 130 -36.19 3.66 48.68
CA ILE S 130 -35.02 2.83 48.95
C ILE S 130 -35.49 1.60 49.75
N PRO S 131 -35.24 0.39 49.26
CA PRO S 131 -35.74 -0.80 49.96
C PRO S 131 -34.98 -1.05 51.25
N ASP S 132 -35.56 -1.92 52.08
CA ASP S 132 -34.98 -2.19 53.39
C ASP S 132 -33.75 -3.06 53.31
N ALA S 133 -33.61 -3.88 52.26
CA ALA S 133 -32.41 -4.68 52.12
C ALA S 133 -31.22 -3.83 51.66
N VAL S 134 -31.48 -2.79 50.87
CA VAL S 134 -30.40 -1.89 50.45
C VAL S 134 -29.91 -1.06 51.63
N THR S 135 -30.84 -0.45 52.37
CA THR S 135 -30.47 0.32 53.54
C THR S 135 -29.90 -0.56 54.64
N GLY S 136 -30.51 -1.73 54.85
CA GLY S 136 -30.04 -2.66 55.87
C GLY S 136 -28.69 -3.28 55.58
N TYR S 137 -28.20 -3.16 54.35
CA TYR S 137 -26.84 -3.56 54.00
C TYR S 137 -25.85 -2.43 54.26
N TYR S 138 -26.23 -1.18 53.97
CA TYR S 138 -25.31 -0.07 54.18
C TYR S 138 -25.17 0.31 55.65
N LEU S 139 -26.10 -0.13 56.50
CA LEU S 139 -25.87 -0.07 57.93
C LEU S 139 -24.96 -1.19 58.41
N ASN S 140 -24.90 -2.30 57.67
CA ASN S 140 -24.02 -3.41 58.06
C ASN S 140 -22.56 -3.07 57.79
N ARG S 141 -22.28 -2.36 56.71
CA ARG S 141 -20.94 -1.85 56.48
C ARG S 141 -20.59 -0.71 57.42
N ALA S 142 -21.59 -0.03 57.97
CA ALA S 142 -21.35 1.06 58.89
C ALA S 142 -21.16 0.59 60.33
N GLY S 143 -21.60 -0.62 60.67
CA GLY S 143 -21.22 -1.17 61.95
C GLY S 143 -22.28 -1.84 62.80
N PHE S 144 -23.49 -2.02 62.29
CA PHE S 144 -24.51 -2.70 63.09
C PHE S 144 -25.51 -3.40 62.21
N GLU S 145 -26.12 -4.44 62.75
CA GLU S 145 -27.24 -5.12 62.10
C GLU S 145 -28.52 -4.54 62.65
N ALA S 146 -29.30 -3.89 61.79
CA ALA S 146 -30.52 -3.21 62.21
C ALA S 146 -31.59 -4.23 62.54
N SER S 147 -31.91 -4.36 63.82
CA SER S 147 -32.91 -5.34 64.26
C SER S 147 -34.33 -4.80 64.07
N ASP S 148 -34.58 -3.60 64.55
CA ASP S 148 -35.91 -3.00 64.43
C ASP S 148 -36.09 -2.46 63.02
N PRO S 149 -37.10 -2.92 62.26
CA PRO S 149 -37.29 -2.44 60.90
C PRO S 149 -37.94 -1.08 60.78
N ARG S 150 -37.97 -0.30 61.86
CA ARG S 150 -38.48 1.10 61.75
C ARG S 150 -37.29 2.06 61.68
N ILE S 151 -36.18 1.69 62.32
CA ILE S 151 -34.94 2.52 62.25
C ILE S 151 -34.46 2.54 60.80
N ILE S 152 -34.53 1.38 60.13
CA ILE S 152 -34.11 1.29 58.71
C ILE S 152 -35.01 2.25 57.94
N ARG S 153 -36.32 2.23 58.23
CA ARG S 153 -37.27 3.08 57.47
C ARG S 153 -36.90 4.56 57.69
N LEU S 154 -36.63 4.97 58.94
CA LEU S 154 -36.34 6.40 59.18
C LEU S 154 -35.07 6.77 58.41
N ILE S 155 -34.03 5.93 58.46
CA ILE S 155 -32.78 6.35 57.78
C ILE S 155 -33.03 6.44 56.26
N SER S 156 -33.78 5.48 55.73
CA SER S 156 -34.04 5.48 54.26
C SER S 156 -34.81 6.73 53.89
N LEU S 157 -35.81 7.12 54.69
CA LEU S 157 -36.62 8.33 54.41
C LEU S 157 -35.75 9.58 54.48
N ALA S 158 -34.84 9.67 55.45
CA ALA S 158 -33.92 10.84 55.50
C ALA S 158 -33.08 10.89 54.21
N ALA S 159 -32.54 9.75 53.79
CA ALA S 159 -31.71 9.74 52.56
C ALA S 159 -32.54 10.15 51.35
N GLN S 160 -33.79 9.67 51.30
CA GLN S 160 -34.68 9.97 50.15
C GLN S 160 -34.94 11.47 50.13
N LYS S 161 -35.19 12.07 51.29
CA LYS S 161 -35.43 13.54 51.37
C LYS S 161 -34.18 14.25 50.85
N PHE S 162 -32.99 13.82 51.26
CA PHE S 162 -31.79 14.57 50.79
C PHE S 162 -31.71 14.49 49.26
N ILE S 163 -31.88 13.28 48.71
CA ILE S 163 -31.70 13.19 47.22
C ILE S 163 -32.78 14.03 46.53
N SER S 164 -34.01 14.00 47.06
CA SER S 164 -35.14 14.73 46.44
C SER S 164 -34.85 16.23 46.47
N ASP S 165 -34.34 16.74 47.59
CA ASP S 165 -34.02 18.19 47.70
C ASP S 165 -32.94 18.52 46.67
N ILE S 166 -31.88 17.71 46.56
CA ILE S 166 -30.85 18.13 45.55
C ILE S 166 -31.50 18.16 44.16
N ALA S 167 -32.28 17.13 43.84
CA ALA S 167 -32.85 17.06 42.47
C ALA S 167 -33.79 18.24 42.22
N ASN S 168 -34.61 18.60 43.20
CA ASN S 168 -35.60 19.71 43.06
C ASN S 168 -34.88 21.03 42.90
N ASP S 169 -33.77 21.24 43.64
CA ASP S 169 -32.99 22.49 43.44
C ASP S 169 -32.44 22.52 42.01
N ALA S 170 -31.96 21.37 41.52
CA ALA S 170 -31.48 21.34 40.13
C ALA S 170 -32.61 21.69 39.16
N LEU S 171 -33.81 21.14 39.39
CA LEU S 171 -34.95 21.38 38.48
C LEU S 171 -35.29 22.86 38.52
N GLN S 172 -35.24 23.48 39.70
CA GLN S 172 -35.54 24.93 39.84
C GLN S 172 -34.51 25.75 39.07
N HIS S 173 -33.22 25.43 39.15
CA HIS S 173 -32.25 26.19 38.32
C HIS S 173 -32.61 26.01 36.83
N CYS S 174 -32.94 24.77 36.45
CA CYS S 174 -33.22 24.52 35.01
C CYS S 174 -34.44 25.35 34.58
N LYS S 175 -35.50 25.38 35.38
CA LYS S 175 -36.74 26.12 35.02
C LYS S 175 -36.42 27.61 34.95
N MET S 176 -35.60 28.10 35.88
CA MET S 176 -35.20 29.53 35.93
C MET S 176 -34.48 29.91 34.63
N LYS S 177 -33.63 29.04 34.06
CA LYS S 177 -32.98 29.52 32.79
C LYS S 177 -33.95 29.81 31.62
N GLY S 178 -35.02 30.61 31.79
CA GLY S 178 -36.04 30.86 30.78
C GLY S 178 -37.38 31.21 31.38
N LYS S 189 -37.43 24.73 25.36
CA LYS S 189 -36.66 24.53 26.57
C LYS S 189 -37.55 24.11 27.73
N ASP S 190 -38.84 24.40 27.61
CA ASP S 190 -39.81 24.12 28.65
C ASP S 190 -40.55 22.80 28.46
N ARG S 191 -40.04 21.89 27.63
CA ARG S 191 -40.74 20.65 27.35
C ARG S 191 -40.19 19.49 28.17
N LYS S 192 -38.91 19.19 28.02
CA LYS S 192 -38.28 18.06 28.69
C LYS S 192 -37.02 18.53 29.39
N TYR S 193 -36.96 18.29 30.70
CA TYR S 193 -35.86 18.76 31.54
C TYR S 193 -34.84 17.65 31.69
N THR S 194 -33.63 17.88 31.20
CA THR S 194 -32.54 16.92 31.27
C THR S 194 -31.66 17.22 32.48
N LEU S 195 -31.36 16.19 33.27
CA LEU S 195 -30.50 16.35 34.45
C LEU S 195 -29.04 16.42 34.00
N THR S 196 -28.68 17.56 33.44
CA THR S 196 -27.33 17.81 32.97
C THR S 196 -26.47 18.21 34.18
N MET S 197 -25.16 18.01 34.07
CA MET S 197 -24.23 18.42 35.11
C MET S 197 -24.22 19.93 35.36
N GLU S 198 -24.64 20.74 34.39
CA GLU S 198 -24.70 22.19 34.59
C GLU S 198 -25.78 22.60 35.58
N ASP S 199 -26.77 21.75 35.84
CA ASP S 199 -27.79 22.05 36.83
C ASP S 199 -27.57 21.34 38.14
N LEU S 200 -26.83 20.22 38.15
CA LEU S 200 -26.58 19.47 39.36
C LEU S 200 -25.39 20.00 40.15
N THR S 201 -24.37 20.50 39.46
CA THR S 201 -23.15 20.96 40.12
C THR S 201 -23.36 22.24 40.96
N PRO S 202 -24.12 23.26 40.53
CA PRO S 202 -24.46 24.31 41.49
C PRO S 202 -25.47 23.88 42.53
N ALA S 203 -26.31 22.89 42.24
CA ALA S 203 -27.29 22.43 43.21
C ALA S 203 -26.69 21.56 44.30
N LEU S 204 -25.51 20.98 44.06
CA LEU S 204 -24.86 20.17 45.08
C LEU S 204 -24.04 21.03 46.03
N SER S 205 -23.58 22.19 45.58
CA SER S 205 -22.71 23.04 46.40
C SER S 205 -23.45 23.68 47.57
N GLU S 206 -24.79 23.71 47.54
CA GLU S 206 -25.55 24.21 48.68
C GLU S 206 -25.46 23.26 49.86
N TYR S 207 -25.23 21.99 49.59
CA TYR S 207 -24.88 21.00 50.58
C TYR S 207 -23.38 20.75 50.48
N GLY S 208 -22.88 19.79 51.23
CA GLY S 208 -21.44 19.60 51.27
C GLY S 208 -20.90 18.66 50.22
N ILE S 209 -21.30 18.85 48.97
CA ILE S 209 -20.79 18.06 47.85
C ILE S 209 -20.24 19.04 46.83
N ASN S 210 -18.92 19.04 46.67
CA ASN S 210 -18.23 19.98 45.79
C ASN S 210 -17.56 19.19 44.69
N VAL S 211 -18.29 18.92 43.62
CA VAL S 211 -17.68 18.26 42.47
C VAL S 211 -17.01 19.32 41.60
N LYS S 212 -16.00 18.89 40.84
CA LYS S 212 -15.30 19.78 39.92
C LYS S 212 -14.85 18.90 38.75
N LYS S 213 -15.68 18.86 37.71
CA LYS S 213 -15.36 17.96 36.61
C LYS S 213 -14.55 18.70 35.55
N PRO S 214 -13.55 18.06 34.95
CA PRO S 214 -12.77 18.71 33.91
C PRO S 214 -13.48 18.64 32.57
N HIS S 215 -13.04 19.52 31.68
CA HIS S 215 -13.35 19.40 30.26
C HIS S 215 -12.06 19.65 29.49
N TYR S 216 -12.11 19.34 28.20
CA TYR S 216 -11.10 19.62 27.17
C TYR S 216 -9.67 19.28 27.63
N PHE S 217 -9.46 17.98 27.86
CA PHE S 217 -8.12 17.49 28.18
C PHE S 217 -7.18 17.73 27.02
N THR S 218 -6.14 18.52 27.25
CA THR S 218 -5.24 18.89 26.16
C THR S 218 -4.25 17.79 25.81
N SER T 114 -51.82 47.64 76.40
CA SER T 114 -51.56 48.68 77.39
C SER T 114 -51.11 49.97 76.71
N GLU T 115 -50.23 50.72 77.40
CA GLU T 115 -49.71 51.97 76.86
C GLU T 115 -48.28 51.86 76.38
N GLU T 116 -47.57 50.78 76.72
CA GLU T 116 -46.26 50.50 76.14
C GLU T 116 -46.35 49.52 74.98
N GLN T 117 -47.30 48.57 75.04
CA GLN T 117 -47.50 47.63 73.94
C GLN T 117 -48.00 48.33 72.69
N LEU T 118 -48.79 49.41 72.85
CA LEU T 118 -49.23 50.16 71.69
C LEU T 118 -48.10 51.02 71.10
N ASN T 119 -47.19 51.49 71.94
CA ASN T 119 -46.02 52.20 71.42
C ASN T 119 -45.02 51.24 70.80
N ARG T 120 -44.89 50.04 71.35
CA ARG T 120 -43.95 49.06 70.80
C ARG T 120 -44.46 48.50 69.49
N TYR T 121 -45.78 48.28 69.37
CA TYR T 121 -46.36 47.84 68.11
C TYR T 121 -46.27 48.91 67.03
N GLU T 122 -46.22 50.18 67.44
CA GLU T 122 -46.04 51.26 66.47
C GLU T 122 -44.64 51.23 65.88
N MET T 123 -43.63 50.97 66.71
CA MET T 123 -42.26 50.90 66.21
C MET T 123 -41.95 49.60 65.48
N TYR T 124 -42.71 48.54 65.76
CA TYR T 124 -42.50 47.27 65.07
C TYR T 124 -42.92 47.37 63.61
N ARG T 125 -43.88 48.22 63.29
CA ARG T 125 -44.40 48.35 61.94
C ARG T 125 -43.83 49.52 61.17
N ARG T 126 -43.67 50.68 61.82
CA ARG T 126 -43.30 51.89 61.11
C ARG T 126 -41.81 51.96 60.78
N SER T 127 -40.98 51.17 61.45
CA SER T 127 -39.53 51.24 61.26
C SER T 127 -39.10 50.49 60.01
N ALA T 128 -38.17 51.08 59.27
CA ALA T 128 -37.66 50.47 58.05
C ALA T 128 -36.30 51.08 57.71
N PHE T 129 -35.50 50.30 57.00
CA PHE T 129 -34.30 50.85 56.40
C PHE T 129 -34.69 51.72 55.21
N PRO T 130 -33.99 52.84 54.99
CA PRO T 130 -34.37 53.74 53.89
C PRO T 130 -34.00 53.16 52.54
N LYS T 131 -34.93 53.29 51.58
CA LYS T 131 -34.70 52.79 50.23
C LYS T 131 -33.66 53.61 49.48
N ALA T 132 -33.41 54.85 49.89
CA ALA T 132 -32.42 55.68 49.22
C ALA T 132 -30.99 55.27 49.54
N ALA T 133 -30.77 54.45 50.56
CA ALA T 133 -29.43 54.01 50.93
C ALA T 133 -29.14 52.57 50.55
N ILE T 134 -30.14 51.69 50.59
CA ILE T 134 -29.91 50.30 50.21
C ILE T 134 -29.76 50.18 48.69
N LYS T 135 -30.49 51.00 47.93
CA LYS T 135 -30.27 51.09 46.49
C LYS T 135 -28.88 51.63 46.17
N ARG T 136 -28.33 52.48 47.05
CA ARG T 136 -26.94 52.88 46.94
C ARG T 136 -26.01 51.75 47.38
N LEU T 137 -26.46 50.93 48.33
CA LEU T 137 -25.61 49.87 48.88
C LEU T 137 -25.55 48.66 47.97
N ILE T 138 -26.67 48.26 47.36
CA ILE T 138 -26.66 47.10 46.48
C ILE T 138 -25.93 47.41 45.19
N GLN T 139 -26.14 48.60 44.64
CA GLN T 139 -25.51 48.99 43.37
C GLN T 139 -23.99 49.14 43.49
N SER T 140 -23.47 49.32 44.70
CA SER T 140 -22.03 49.26 44.91
C SER T 140 -21.50 47.82 44.90
N ILE T 141 -22.37 46.83 44.87
CA ILE T 141 -21.96 45.43 44.81
C ILE T 141 -22.17 44.85 43.43
N THR T 142 -23.28 45.22 42.76
CA THR T 142 -23.52 44.72 41.42
C THR T 142 -22.61 45.39 40.40
N GLY T 143 -22.64 46.70 40.35
CA GLY T 143 -21.83 47.43 39.41
C GLY T 143 -22.62 48.36 38.52
N THR T 144 -23.81 47.94 38.08
CA THR T 144 -24.57 48.77 37.14
C THR T 144 -25.88 49.31 37.70
N SER T 145 -26.84 48.48 38.10
CA SER T 145 -28.20 48.94 38.39
C SER T 145 -29.03 47.79 38.94
N VAL T 146 -30.01 48.12 39.78
CA VAL T 146 -31.04 47.20 40.23
C VAL T 146 -32.40 47.83 39.96
N SER T 147 -33.45 47.13 40.37
CA SER T 147 -34.81 47.59 40.16
C SER T 147 -35.48 47.91 41.49
N GLN T 148 -36.62 48.58 41.41
CA GLN T 148 -37.34 49.00 42.61
C GLN T 148 -37.94 47.82 43.36
N ASN T 149 -38.32 46.77 42.66
CA ASN T 149 -38.90 45.62 43.33
C ASN T 149 -37.85 44.72 43.96
N VAL T 150 -36.57 44.95 43.65
CA VAL T 150 -35.48 44.29 44.35
C VAL T 150 -35.22 44.98 45.70
N VAL T 151 -35.17 46.31 45.68
CA VAL T 151 -34.90 47.12 46.86
C VAL T 151 -36.06 47.01 47.85
N ILE T 152 -37.28 46.84 47.36
CA ILE T 152 -38.44 46.66 48.23
C ILE T 152 -38.35 45.33 48.97
N ALA T 153 -37.91 44.28 48.28
CA ALA T 153 -37.76 42.98 48.92
C ALA T 153 -36.54 42.93 49.82
N MET T 154 -35.40 43.48 49.36
CA MET T 154 -34.17 43.42 50.14
C MET T 154 -34.23 44.29 51.39
N SER T 155 -35.03 45.35 51.37
CA SER T 155 -35.27 46.11 52.59
C SER T 155 -36.22 45.39 53.53
N GLY T 156 -36.95 44.39 53.04
CA GLY T 156 -37.91 43.68 53.85
C GLY T 156 -37.35 42.43 54.47
N ILE T 157 -36.43 41.77 53.78
CA ILE T 157 -35.79 40.58 54.32
C ILE T 157 -34.86 40.96 55.47
N SER T 158 -34.20 42.11 55.35
CA SER T 158 -33.27 42.55 56.37
C SER T 158 -33.97 43.00 57.64
N LYS T 159 -35.25 43.35 57.56
CA LYS T 159 -36.02 43.60 58.77
C LYS T 159 -36.41 42.30 59.45
N VAL T 160 -36.68 41.24 58.68
CA VAL T 160 -36.91 39.92 59.27
C VAL T 160 -35.63 39.38 59.89
N PHE T 161 -34.48 39.67 59.27
CA PHE T 161 -33.22 39.16 59.78
C PHE T 161 -32.81 39.86 61.07
N VAL T 162 -33.10 41.15 61.19
CA VAL T 162 -32.90 41.85 62.46
C VAL T 162 -33.87 41.30 63.51
N GLY T 163 -35.11 41.06 63.12
CA GLY T 163 -36.06 40.39 64.00
C GLY T 163 -35.76 38.93 64.26
N GLU T 164 -34.89 38.31 63.46
CA GLU T 164 -34.41 36.98 63.78
C GLU T 164 -33.34 37.01 64.86
N VAL T 165 -32.57 38.09 64.94
CA VAL T 165 -31.49 38.20 65.91
C VAL T 165 -31.99 38.73 67.24
N VAL T 166 -32.76 39.82 67.23
CA VAL T 166 -33.18 40.46 68.48
C VAL T 166 -34.17 39.58 69.24
N GLU T 167 -35.06 38.89 68.52
CA GLU T 167 -35.96 37.95 69.18
C GLU T 167 -35.22 36.74 69.73
N GLU T 168 -34.05 36.44 69.19
CA GLU T 168 -33.21 35.35 69.69
C GLU T 168 -32.12 35.84 70.63
N ALA T 169 -31.69 37.10 70.53
CA ALA T 169 -30.79 37.66 71.53
C ALA T 169 -31.50 37.98 72.83
N LEU T 170 -32.84 38.14 72.79
CA LEU T 170 -33.60 38.24 74.03
C LEU T 170 -33.94 36.88 74.61
N ASP T 171 -33.67 35.80 73.87
CA ASP T 171 -33.74 34.46 74.44
C ASP T 171 -32.43 34.11 75.14
N VAL T 172 -31.32 34.66 74.66
CA VAL T 172 -30.04 34.50 75.35
C VAL T 172 -30.06 35.25 76.68
N CYS T 173 -30.62 36.46 76.68
CA CYS T 173 -30.66 37.27 77.90
C CYS T 173 -31.65 36.71 78.91
N GLU T 174 -32.75 36.10 78.45
CA GLU T 174 -33.69 35.49 79.38
C GLU T 174 -33.16 34.17 79.91
N LYS T 175 -32.31 33.48 79.15
CA LYS T 175 -31.70 32.25 79.62
C LYS T 175 -30.69 32.53 80.73
N TRP T 176 -29.82 33.51 80.52
CA TRP T 176 -28.90 33.94 81.56
C TRP T 176 -29.63 34.84 82.55
N GLY T 177 -28.91 35.27 83.59
CA GLY T 177 -29.54 36.08 84.62
C GLY T 177 -29.39 37.58 84.46
N GLU T 178 -29.81 38.12 83.32
CA GLU T 178 -29.65 39.55 83.04
C GLU T 178 -30.98 40.19 82.71
N MET T 179 -30.96 41.50 82.47
CA MET T 179 -32.22 42.27 82.27
C MET T 179 -32.42 42.62 80.79
N PRO T 180 -33.49 43.37 80.41
CA PRO T 180 -33.71 43.76 79.01
C PRO T 180 -32.63 44.58 78.28
N PRO T 181 -31.87 45.52 78.90
CA PRO T 181 -30.82 46.22 78.16
C PRO T 181 -29.92 45.15 77.52
N LEU T 182 -29.64 45.28 76.23
CA LEU T 182 -28.89 44.20 75.53
C LEU T 182 -27.40 44.50 75.42
N GLN T 183 -26.57 43.81 76.21
CA GLN T 183 -25.14 43.91 76.09
C GLN T 183 -24.68 43.15 74.84
N PRO T 184 -23.47 43.46 74.32
CA PRO T 184 -22.93 42.66 73.21
C PRO T 184 -22.66 41.20 73.53
N LYS T 185 -22.64 40.80 74.81
CA LYS T 185 -22.52 39.38 75.15
C LYS T 185 -23.70 38.58 74.63
N HIS T 186 -24.89 39.16 74.69
CA HIS T 186 -26.07 38.51 74.15
C HIS T 186 -26.17 38.62 72.64
N MET T 187 -25.33 39.44 72.01
CA MET T 187 -25.38 39.63 70.56
C MET T 187 -24.36 38.78 69.82
N ARG T 188 -23.16 38.57 70.38
CA ARG T 188 -22.25 37.59 69.78
C ARG T 188 -22.76 36.17 69.98
N GLU T 189 -23.44 35.93 71.10
CA GLU T 189 -24.07 34.62 71.34
C GLU T 189 -25.28 34.42 70.44
N ALA T 190 -25.91 35.52 70.03
CA ALA T 190 -27.06 35.40 69.12
C ALA T 190 -26.63 34.97 67.73
N VAL T 191 -25.51 35.52 67.23
CA VAL T 191 -25.00 35.10 65.94
C VAL T 191 -24.39 33.70 66.00
N ARG T 192 -23.91 33.28 67.18
CA ARG T 192 -23.34 31.94 67.31
C ARG T 192 -24.43 30.88 67.24
N ARG T 193 -25.55 31.09 67.94
CA ARG T 193 -26.63 30.11 67.93
C ARG T 193 -27.37 30.10 66.60
N LEU T 194 -27.45 31.25 65.92
CA LEU T 194 -28.10 31.28 64.62
C LEU T 194 -27.26 30.60 63.55
N LYS T 195 -25.93 30.69 63.66
CA LYS T 195 -25.07 30.08 62.64
C LYS T 195 -25.02 28.57 62.78
N SER T 196 -25.21 28.05 63.99
CA SER T 196 -25.21 26.61 64.19
C SER T 196 -26.48 25.96 63.68
N LYS T 197 -27.54 26.74 63.45
CA LYS T 197 -28.76 26.25 62.80
C LYS T 197 -28.82 26.68 61.34
N GLY T 198 -27.70 27.09 60.76
CA GLY T 198 -27.63 27.42 59.35
C GLY T 198 -28.33 28.69 58.93
N GLN T 199 -28.78 29.51 59.87
CA GLN T 199 -29.56 30.70 59.52
C GLN T 199 -28.70 31.82 58.95
N ILE T 200 -27.44 31.88 59.31
CA ILE T 200 -26.57 32.96 58.87
C ILE T 200 -25.69 32.48 57.73
N PRO T 201 -25.94 32.91 56.49
CA PRO T 201 -25.19 32.32 55.37
C PRO T 201 -23.83 32.97 55.13
N ASN T 202 -22.80 32.14 54.97
CA ASN T 202 -21.46 32.58 54.64
C ASN T 202 -21.03 31.90 53.35
N SER T 203 -20.82 32.69 52.30
CA SER T 203 -20.44 32.16 51.00
C SER T 203 -18.94 32.15 50.79
N LYS T 204 -18.16 32.13 51.87
CA LYS T 204 -16.70 32.06 51.78
C LYS T 204 -16.14 30.83 52.49
N HIS T 205 -17.00 29.96 53.01
CA HIS T 205 -16.58 28.72 53.66
C HIS T 205 -17.12 27.55 52.85
N LYS T 206 -16.25 26.93 52.07
CA LYS T 206 -16.61 25.76 51.28
C LYS T 206 -16.75 24.56 52.22
N LYS T 207 -17.99 24.22 52.57
CA LYS T 207 -18.22 23.16 53.54
C LYS T 207 -18.19 21.79 52.86
N ILE T 208 -17.97 20.77 53.68
CA ILE T 208 -17.83 19.39 53.23
C ILE T 208 -18.52 18.50 54.26
N ILE T 209 -19.51 17.72 53.83
CA ILE T 209 -20.25 16.87 54.76
C ILE T 209 -19.71 15.46 54.84
N PHE T 210 -19.01 14.98 53.82
CA PHE T 210 -18.51 13.60 53.79
C PHE T 210 -17.07 13.58 54.25
N PHE T 211 -16.80 12.87 55.34
CA PHE T 211 -15.43 12.69 55.81
C PHE T 211 -15.24 11.30 56.40
N ASN U 55 1.86 34.26 82.35
CA ASN U 55 1.55 34.55 80.95
C ASN U 55 0.65 33.48 80.35
N GLN U 56 -0.53 33.29 80.95
CA GLN U 56 -1.56 32.45 80.39
C GLN U 56 -2.77 33.31 80.08
N VAL U 57 -3.52 32.91 79.05
CA VAL U 57 -4.59 33.73 78.52
C VAL U 57 -5.95 33.32 79.06
N LEU U 58 -6.11 32.05 79.45
CA LEU U 58 -7.35 31.57 80.02
C LEU U 58 -7.08 30.99 81.41
N THR U 59 -7.95 31.30 82.37
CA THR U 59 -7.58 31.24 83.78
C THR U 59 -8.53 30.41 84.63
N LYS U 60 -9.28 29.49 84.03
CA LYS U 60 -10.08 28.46 84.70
C LYS U 60 -11.23 29.00 85.57
N LYS U 61 -11.43 30.32 85.57
CA LYS U 61 -12.63 30.95 86.08
C LYS U 61 -13.48 31.53 84.94
N LYS U 62 -12.82 32.05 83.92
CA LYS U 62 -13.53 32.41 82.69
C LYS U 62 -14.01 31.16 81.96
N LEU U 63 -13.29 30.05 82.11
CA LEU U 63 -13.73 28.79 81.50
C LEU U 63 -14.91 28.21 82.27
N GLN U 64 -14.91 28.35 83.60
CA GLN U 64 -15.99 27.80 84.41
C GLN U 64 -17.30 28.54 84.17
N ASP U 65 -17.24 29.85 83.97
CA ASP U 65 -18.43 30.61 83.62
C ASP U 65 -18.89 30.31 82.20
N LEU U 66 -17.99 29.85 81.33
CA LEU U 66 -18.38 29.43 79.99
C LEU U 66 -19.17 28.13 80.02
N VAL U 67 -18.98 27.32 81.05
CA VAL U 67 -19.79 26.12 81.24
C VAL U 67 -21.06 26.44 82.00
N ARG U 68 -21.00 27.41 82.93
CA ARG U 68 -22.17 27.79 83.72
C ARG U 68 -23.21 28.51 82.89
N GLU U 69 -22.82 29.15 81.79
CA GLU U 69 -23.78 29.81 80.92
C GLU U 69 -24.52 28.84 80.01
N VAL U 70 -24.02 27.60 79.88
CA VAL U 70 -24.67 26.61 79.01
C VAL U 70 -25.67 25.82 79.83
N ASP U 71 -25.19 25.12 80.85
CA ASP U 71 -26.04 24.39 81.78
C ASP U 71 -25.44 24.57 83.16
N PRO U 72 -26.12 25.28 84.07
CA PRO U 72 -25.49 25.63 85.36
C PRO U 72 -25.32 24.47 86.33
N ASN U 73 -25.88 23.30 86.04
CA ASN U 73 -25.70 22.12 86.88
C ASN U 73 -24.73 21.12 86.26
N GLU U 74 -23.68 21.61 85.62
CA GLU U 74 -22.74 20.77 84.89
C GLU U 74 -21.32 21.08 85.33
N GLN U 75 -20.54 20.04 85.59
CA GLN U 75 -19.14 20.14 85.94
C GLN U 75 -18.26 19.56 84.84
N LEU U 76 -17.04 20.06 84.74
CA LEU U 76 -16.00 19.42 83.94
C LEU U 76 -15.02 18.70 84.85
N ASP U 77 -14.36 17.69 84.30
CA ASP U 77 -13.32 16.97 85.07
C ASP U 77 -11.98 17.65 84.83
N GLU U 78 -10.96 17.29 85.60
CA GLU U 78 -9.64 17.96 85.45
C GLU U 78 -9.14 17.69 84.03
N ASP U 79 -9.30 16.45 83.55
CA ASP U 79 -8.78 16.09 82.22
C ASP U 79 -9.49 16.96 81.16
N VAL U 80 -10.82 17.08 81.26
CA VAL U 80 -11.58 17.86 80.25
C VAL U 80 -11.11 19.31 80.31
N GLU U 81 -10.93 19.86 81.51
CA GLU U 81 -10.56 21.30 81.61
C GLU U 81 -9.18 21.49 80.95
N GLU U 82 -8.24 20.59 81.23
CA GLU U 82 -6.87 20.76 80.67
C GLU U 82 -6.98 20.67 79.14
N MET U 83 -7.75 19.71 78.64
CA MET U 83 -7.84 19.52 77.18
C MET U 83 -8.47 20.75 76.53
N LEU U 84 -9.49 21.35 77.15
CA LEU U 84 -10.16 22.56 76.61
C LEU U 84 -9.16 23.72 76.60
N LEU U 85 -8.36 23.86 77.65
CA LEU U 85 -7.34 24.94 77.64
C LEU U 85 -6.36 24.69 76.49
N GLN U 86 -5.96 23.43 76.29
CA GLN U 86 -4.99 23.10 75.21
C GLN U 86 -5.62 23.43 73.86
N ILE U 87 -6.90 23.11 73.67
CA ILE U 87 -7.60 23.38 72.38
C ILE U 87 -7.63 24.89 72.13
N ALA U 88 -7.92 25.67 73.18
CA ALA U 88 -7.94 27.14 73.02
C ALA U 88 -6.56 27.62 72.60
N ASP U 89 -5.51 27.12 73.26
CA ASP U 89 -4.14 27.59 72.94
C ASP U 89 -3.82 27.25 71.49
N ASP U 90 -4.18 26.04 71.05
CA ASP U 90 -3.85 25.59 69.67
C ASP U 90 -4.60 26.47 68.66
N PHE U 91 -5.87 26.78 68.94
CA PHE U 91 -6.65 27.62 68.00
C PHE U 91 -5.97 28.98 67.91
N ILE U 92 -5.57 29.54 69.06
CA ILE U 92 -4.97 30.90 69.01
C ILE U 92 -3.72 30.80 68.14
N GLU U 93 -2.88 29.78 68.38
CA GLU U 93 -1.60 29.72 67.64
C GLU U 93 -1.87 29.61 66.14
N SER U 94 -2.77 28.73 65.73
CA SER U 94 -2.99 28.53 64.27
C SER U 94 -3.51 29.83 63.64
N VAL U 95 -4.48 30.45 64.29
CA VAL U 95 -5.08 31.67 63.68
C VAL U 95 -3.97 32.71 63.56
N VAL U 96 -3.19 32.88 64.63
CA VAL U 96 -2.16 33.96 64.60
C VAL U 96 -1.16 33.65 63.49
N THR U 97 -0.68 32.42 63.35
CA THR U 97 0.36 32.13 62.33
C THR U 97 -0.25 32.44 60.94
N ALA U 98 -1.48 31.99 60.69
CA ALA U 98 -2.00 32.20 59.32
C ALA U 98 -2.19 33.70 59.04
N ALA U 99 -2.69 34.43 60.03
CA ALA U 99 -2.92 35.87 59.85
C ALA U 99 -1.58 36.55 59.59
N CYS U 100 -0.54 36.15 60.31
CA CYS U 100 0.81 36.75 60.16
C CYS U 100 1.33 36.46 58.75
N GLN U 101 1.12 35.24 58.24
CA GLN U 101 1.53 34.95 56.85
C GLN U 101 0.79 35.85 55.86
N LEU U 102 -0.52 36.05 56.04
CA LEU U 102 -1.25 36.99 55.15
C LEU U 102 -0.70 38.42 55.27
N ALA U 103 -0.37 38.86 56.48
CA ALA U 103 0.20 40.20 56.70
C ALA U 103 1.55 40.33 56.00
N ARG U 104 2.38 39.30 56.07
CA ARG U 104 3.70 39.30 55.41
C ARG U 104 3.45 39.41 53.90
N HIS U 105 2.41 38.73 53.43
CA HIS U 105 2.05 38.80 52.00
C HIS U 105 1.63 40.21 51.57
N ARG U 106 0.86 40.94 52.39
CA ARG U 106 0.49 42.35 52.03
C ARG U 106 1.70 43.30 52.07
N LYS U 107 2.94 42.79 52.11
CA LYS U 107 4.19 43.53 52.30
C LYS U 107 4.07 44.56 53.42
N SER U 108 3.38 44.20 54.49
CA SER U 108 3.24 45.04 55.66
C SER U 108 3.80 44.33 56.88
N SER U 109 3.98 45.08 57.96
CA SER U 109 4.58 44.51 59.20
C SER U 109 3.61 44.70 60.38
N THR U 110 2.36 45.05 60.08
CA THR U 110 1.33 45.24 61.15
C THR U 110 0.20 44.24 60.90
N LEU U 111 -0.22 43.51 61.94
CA LEU U 111 -1.36 42.58 61.79
C LEU U 111 -2.65 43.39 61.93
N GLU U 112 -3.37 43.62 60.84
CA GLU U 112 -4.64 44.35 60.93
C GLU U 112 -5.76 43.36 61.27
N VAL U 113 -7.01 43.83 61.33
CA VAL U 113 -8.13 42.89 61.58
C VAL U 113 -8.65 42.35 60.25
N LYS U 114 -8.11 42.79 59.09
CA LYS U 114 -8.67 42.35 57.79
C LYS U 114 -8.15 40.96 57.41
N ASP U 115 -7.08 40.50 58.07
CA ASP U 115 -6.53 39.19 57.75
C ASP U 115 -6.66 38.18 58.88
N VAL U 116 -7.13 38.58 60.05
CA VAL U 116 -7.70 37.62 60.99
C VAL U 116 -9.14 37.32 60.59
N GLN U 117 -9.77 38.21 59.82
CA GLN U 117 -11.08 37.92 59.26
C GLN U 117 -11.01 36.83 58.20
N LEU U 118 -10.06 36.95 57.26
CA LEU U 118 -10.02 36.05 56.11
C LEU U 118 -9.62 34.63 56.47
N HIS U 119 -8.94 34.44 57.60
CA HIS U 119 -8.62 33.06 57.96
C HIS U 119 -9.77 32.38 58.68
N LEU U 120 -10.50 33.11 59.53
CA LEU U 120 -11.61 32.51 60.26
C LEU U 120 -12.80 32.25 59.36
N GLU U 121 -13.05 33.13 58.39
CA GLU U 121 -14.17 32.94 57.49
C GLU U 121 -13.93 31.76 56.55
N ARG U 122 -12.74 31.68 55.96
CA ARG U 122 -12.47 30.68 54.94
C ARG U 122 -12.30 29.29 55.53
N GLN U 123 -11.75 29.18 56.72
CA GLN U 123 -11.45 27.88 57.30
C GLN U 123 -12.35 27.52 58.48
N TRP U 124 -12.52 28.42 59.43
CA TRP U 124 -13.16 28.08 60.69
C TRP U 124 -14.65 28.42 60.73
N ASN U 125 -15.17 29.09 59.69
CA ASN U 125 -16.59 29.45 59.56
C ASN U 125 -17.04 30.34 60.73
N MET U 126 -16.32 31.44 60.92
CA MET U 126 -16.59 32.37 62.00
C MET U 126 -16.62 33.78 61.45
N TRP U 127 -17.74 34.47 61.64
CA TRP U 127 -17.87 35.88 61.35
C TRP U 127 -18.09 36.59 62.67
N ILE U 128 -17.10 37.37 63.11
CA ILE U 128 -17.19 38.13 64.35
C ILE U 128 -17.78 39.49 64.02
N PRO U 129 -19.01 39.80 64.47
CA PRO U 129 -19.77 40.91 63.89
C PRO U 129 -19.26 42.32 64.17
N GLY U 130 -19.06 42.65 65.44
CA GLY U 130 -18.98 44.05 65.83
C GLY U 130 -17.70 44.81 65.55
N PHE U 131 -17.16 44.69 64.34
CA PHE U 131 -15.91 45.38 64.00
C PHE U 131 -16.01 46.22 62.74
N GLY U 132 -16.72 45.77 61.72
CA GLY U 132 -16.93 46.56 60.53
C GLY U 132 -15.75 46.56 59.57
N SER U 133 -16.03 46.53 58.28
CA SER U 133 -15.00 46.54 57.25
C SER U 133 -15.21 47.73 56.32
N GLU U 134 -14.34 47.84 55.33
CA GLU U 134 -14.54 48.79 54.26
C GLU U 134 -15.58 48.26 53.28
N GLU U 135 -16.08 49.15 52.43
CA GLU U 135 -17.10 48.77 51.46
C GLU U 135 -16.50 47.84 50.41
N ILE U 136 -17.13 46.67 50.25
CA ILE U 136 -16.63 45.67 49.33
C ILE U 136 -16.78 46.16 47.89
N ARG U 137 -15.71 46.00 47.10
CA ARG U 137 -15.66 46.43 45.71
C ARG U 137 -16.70 45.67 44.89
N PRO U 138 -17.10 46.24 43.73
CA PRO U 138 -18.06 45.54 42.86
C PRO U 138 -17.55 44.18 42.41
N TYR U 139 -18.37 43.16 42.68
CA TYR U 139 -17.98 41.76 42.59
C TYR U 139 -17.75 41.37 41.13
N LYS U 140 -16.50 41.04 40.80
CA LYS U 140 -16.21 40.52 39.48
C LYS U 140 -16.68 39.08 39.38
N LYS U 141 -17.48 38.81 38.34
CA LYS U 141 -18.23 37.57 38.24
C LYS U 141 -17.47 36.49 37.47
N ALA U 142 -17.12 36.76 36.22
CA ALA U 142 -16.48 35.77 35.36
C ALA U 142 -15.45 36.45 34.47
N CYS U 143 -14.18 36.15 34.73
CA CYS U 143 -13.11 36.70 33.85
C CYS U 143 -12.74 35.58 32.89
N THR U 144 -13.74 34.89 32.33
CA THR U 144 -13.45 33.73 31.46
C THR U 144 -12.56 34.23 30.32
N THR U 145 -11.47 33.54 30.04
CA THR U 145 -10.51 34.04 29.03
C THR U 145 -10.94 33.64 27.62
N GLU U 146 -10.29 34.19 26.61
CA GLU U 146 -10.59 33.88 25.21
C GLU U 146 -10.25 32.44 24.85
N ALA U 147 -9.19 31.89 25.46
CA ALA U 147 -8.79 30.52 25.19
C ALA U 147 -9.81 29.51 25.69
N HIS U 148 -10.52 29.84 26.77
CA HIS U 148 -11.61 28.99 27.22
C HIS U 148 -12.87 29.21 26.38
N LYS U 149 -13.07 30.43 25.88
CA LYS U 149 -14.22 30.71 25.03
C LYS U 149 -14.13 30.04 23.67
N GLN U 150 -12.92 29.64 23.26
CA GLN U 150 -12.72 29.01 21.96
C GLN U 150 -12.51 27.50 22.07
N ARG U 151 -12.05 27.01 23.22
CA ARG U 151 -11.95 25.57 23.40
C ARG U 151 -13.29 24.96 23.79
N MET U 152 -14.08 25.66 24.60
CA MET U 152 -15.41 25.20 24.93
C MET U 152 -16.39 25.36 23.77
N ALA U 153 -16.07 26.23 22.81
CA ALA U 153 -16.80 26.32 21.55
C ALA U 153 -16.36 25.27 20.53
N LEU U 154 -15.56 24.28 20.97
CA LEU U 154 -15.24 23.10 20.20
C LEU U 154 -15.88 21.84 20.77
N ILE U 155 -16.23 21.84 22.06
CA ILE U 155 -16.98 20.74 22.63
C ILE U 155 -18.39 20.69 22.06
N ARG U 156 -18.99 21.86 21.86
CA ARG U 156 -20.34 21.91 21.29
C ARG U 156 -20.31 21.69 19.77
N LYS U 157 -19.21 22.04 19.11
CA LYS U 157 -19.13 21.91 17.66
C LYS U 157 -19.07 20.45 17.23
N THR U 158 -18.47 19.59 18.04
CA THR U 158 -18.44 18.17 17.75
C THR U 158 -19.74 17.49 18.20
N THR U 159 -20.38 18.04 19.24
CA THR U 159 -21.52 17.36 19.86
C THR U 159 -22.78 17.47 19.00
N LYS U 160 -23.11 18.67 18.52
CA LYS U 160 -24.30 18.84 17.69
C LYS U 160 -24.01 18.89 16.20
N LYS U 161 -22.76 19.16 15.81
CA LYS U 161 -22.41 19.22 14.39
C LYS U 161 -21.21 18.32 14.09
N ARG V 28 -15.55 53.34 57.01
CA ARG V 28 -16.99 53.40 56.85
C ARG V 28 -17.67 54.10 58.02
N LYS V 29 -18.70 54.90 57.72
CA LYS V 29 -19.50 55.52 58.80
C LYS V 29 -20.65 54.54 59.12
N ARG V 30 -21.58 54.93 59.99
CA ARG V 30 -22.76 54.05 60.23
C ARG V 30 -23.95 54.62 59.45
N LEU V 31 -24.46 53.85 58.47
CA LEU V 31 -25.61 54.31 57.65
C LEU V 31 -26.92 53.83 58.29
N PHE V 32 -26.84 52.94 59.29
CA PHE V 32 -28.06 52.46 60.00
C PHE V 32 -27.83 52.61 61.50
N SER V 33 -27.81 53.85 61.99
CA SER V 33 -27.58 54.10 63.44
C SER V 33 -28.92 54.47 64.08
N LYS V 34 -29.70 55.34 63.44
CA LYS V 34 -30.96 55.79 64.02
C LYS V 34 -32.11 54.88 63.61
N GLU V 35 -32.01 54.25 62.44
CA GLU V 35 -33.08 53.37 61.97
C GLU V 35 -33.11 52.08 62.77
N LEU V 36 -31.94 51.55 63.11
CA LEU V 36 -31.86 50.28 63.82
C LEU V 36 -32.27 50.38 65.28
N ARG V 37 -32.22 51.58 65.86
CA ARG V 37 -32.67 51.74 67.24
C ARG V 37 -34.20 51.69 67.34
N CYS V 38 -34.89 52.12 66.29
CA CYS V 38 -36.35 51.95 66.25
C CYS V 38 -36.72 50.49 66.07
N MET V 39 -35.90 49.72 65.36
CA MET V 39 -36.24 48.34 65.07
C MET V 39 -36.02 47.44 66.27
N MET V 40 -34.96 47.69 67.05
CA MET V 40 -34.71 46.89 68.25
C MET V 40 -35.80 47.14 69.29
N TYR V 41 -36.25 48.39 69.42
CA TYR V 41 -37.43 48.68 70.23
C TYR V 41 -38.67 47.98 69.70
N GLY V 42 -38.75 47.77 68.39
CA GLY V 42 -39.88 47.06 67.81
C GLY V 42 -39.91 45.58 68.11
N PHE V 43 -38.78 45.00 68.54
CA PHE V 43 -38.72 43.58 68.86
C PHE V 43 -38.41 43.33 70.33
N GLY V 44 -38.55 44.34 71.18
CA GLY V 44 -38.55 44.13 72.61
C GLY V 44 -37.29 44.50 73.38
N ASP V 45 -36.38 45.26 72.77
CA ASP V 45 -35.08 45.49 73.42
C ASP V 45 -35.18 46.51 74.55
N ASP V 46 -35.42 47.77 74.20
CA ASP V 46 -35.46 48.96 75.07
C ASP V 46 -35.81 50.16 74.21
N GLN V 47 -36.13 51.27 74.88
CA GLN V 47 -36.18 52.54 74.20
C GLN V 47 -34.80 53.13 73.97
N ASN V 48 -33.80 52.72 74.76
CA ASN V 48 -32.44 53.25 74.65
C ASN V 48 -31.45 52.09 74.65
N PRO V 49 -31.20 51.49 73.50
CA PRO V 49 -30.20 50.42 73.42
C PRO V 49 -28.78 50.96 73.52
N TYR V 50 -27.83 50.02 73.64
CA TYR V 50 -26.39 50.39 73.71
C TYR V 50 -25.81 50.61 72.31
N THR V 51 -24.88 51.56 72.21
CA THR V 51 -24.26 51.90 70.91
C THR V 51 -23.54 50.68 70.34
N GLU V 52 -22.82 49.93 71.18
CA GLU V 52 -22.06 48.75 70.70
C GLU V 52 -23.01 47.70 70.12
N SER V 53 -24.15 47.46 70.78
CA SER V 53 -25.16 46.50 70.26
C SER V 53 -25.71 46.99 68.92
N VAL V 54 -25.99 48.29 68.83
CA VAL V 54 -26.49 48.84 67.53
C VAL V 54 -25.43 48.60 66.46
N ASP V 55 -24.15 48.79 66.80
CA ASP V 55 -23.03 48.60 65.84
C ASP V 55 -22.96 47.14 65.39
N ILE V 56 -23.10 46.19 66.32
CA ILE V 56 -23.07 44.75 65.94
C ILE V 56 -24.23 44.52 64.97
N LEU V 57 -25.42 45.05 65.28
CA LEU V 57 -26.57 44.77 64.38
C LEU V 57 -26.31 45.35 63.00
N GLU V 58 -25.76 46.56 62.92
CA GLU V 58 -25.52 47.22 61.61
C GLU V 58 -24.52 46.40 60.80
N ASP V 59 -23.46 45.92 61.45
CA ASP V 59 -22.45 45.09 60.73
C ASP V 59 -23.13 43.82 60.21
N LEU V 60 -23.96 43.21 61.05
CA LEU V 60 -24.65 41.95 60.63
C LEU V 60 -25.52 42.25 59.40
N VAL V 61 -26.27 43.35 59.42
CA VAL V 61 -27.19 43.67 58.28
C VAL V 61 -26.33 43.86 57.03
N ILE V 62 -25.23 44.60 57.13
CA ILE V 62 -24.45 44.86 55.88
C ILE V 62 -23.93 43.51 55.36
N GLU V 63 -23.42 42.65 56.24
CA GLU V 63 -22.85 41.35 55.78
C GLU V 63 -23.95 40.53 55.12
N PHE V 64 -25.15 40.50 55.71
CA PHE V 64 -26.28 39.69 55.16
C PHE V 64 -26.61 40.22 53.77
N ILE V 65 -26.71 41.54 53.62
CA ILE V 65 -27.08 42.10 52.30
C ILE V 65 -26.00 41.70 51.29
N THR V 66 -24.73 41.83 51.66
CA THR V 66 -23.64 41.53 50.71
C THR V 66 -23.70 40.06 50.29
N GLU V 67 -23.90 39.15 51.24
CA GLU V 67 -23.91 37.71 50.91
C GLU V 67 -25.08 37.44 49.97
N MET V 68 -26.24 38.00 50.28
CA MET V 68 -27.42 37.71 49.43
C MET V 68 -27.13 38.23 48.02
N THR V 69 -26.55 39.43 47.92
CA THR V 69 -26.30 40.02 46.58
C THR V 69 -25.30 39.15 45.80
N HIS V 70 -24.22 38.68 46.42
CA HIS V 70 -23.30 37.80 45.64
C HIS V 70 -24.02 36.52 45.19
N LYS V 71 -24.77 35.89 46.10
CA LYS V 71 -25.39 34.62 45.63
C LYS V 71 -26.36 34.92 44.49
N ALA V 72 -27.10 36.02 44.57
CA ALA V 72 -28.08 36.40 43.54
C ALA V 72 -27.39 36.66 42.21
N MET V 73 -26.24 37.33 42.24
CA MET V 73 -25.47 37.57 40.99
C MET V 73 -25.06 36.22 40.41
N SER V 74 -24.57 35.27 41.20
CA SER V 74 -24.23 33.92 40.67
C SER V 74 -25.47 33.20 40.10
N ILE V 75 -26.54 33.05 40.89
CA ILE V 75 -27.75 32.29 40.44
C ILE V 75 -28.50 33.09 39.38
N GLY V 76 -29.32 32.44 38.55
CA GLY V 76 -30.11 33.12 37.51
C GLY V 76 -29.24 33.88 36.53
N ARG V 77 -29.65 35.11 36.18
CA ARG V 77 -28.90 35.89 35.16
C ARG V 77 -27.59 36.37 35.78
N GLN V 78 -26.46 35.96 35.20
CA GLN V 78 -25.15 36.33 35.81
C GLN V 78 -25.00 37.85 35.75
N GLY V 79 -24.59 38.47 36.87
CA GLY V 79 -24.33 39.92 36.88
C GLY V 79 -25.58 40.75 37.08
N ARG V 80 -26.74 40.12 37.25
CA ARG V 80 -27.98 40.87 37.53
C ARG V 80 -28.66 40.29 38.77
N VAL V 81 -29.08 41.15 39.70
CA VAL V 81 -29.81 40.66 40.90
C VAL V 81 -31.29 40.95 40.67
N GLN V 82 -32.13 39.90 40.61
CA GLN V 82 -33.57 40.10 40.32
C GLN V 82 -34.39 39.62 41.50
N VAL V 83 -35.70 39.92 41.51
CA VAL V 83 -36.62 39.50 42.59
C VAL V 83 -36.72 37.98 42.55
N GLU V 84 -36.74 37.39 41.36
CA GLU V 84 -36.88 35.91 41.23
C GLU V 84 -35.70 35.22 41.91
N ASP V 85 -34.49 35.71 41.66
CA ASP V 85 -33.27 35.12 42.27
C ASP V 85 -33.37 35.28 43.79
N ILE V 86 -33.78 36.46 44.24
CA ILE V 86 -33.84 36.69 45.71
C ILE V 86 -34.84 35.70 46.31
N VAL V 87 -35.97 35.48 45.65
CA VAL V 87 -37.03 34.54 46.14
C VAL V 87 -36.50 33.11 46.16
N PHE V 88 -35.76 32.67 45.13
CA PHE V 88 -35.20 31.30 45.21
C PHE V 88 -34.26 31.22 46.41
N LEU V 89 -33.43 32.25 46.60
CA LEU V 89 -32.44 32.19 47.71
C LEU V 89 -33.17 32.10 49.05
N ILE V 90 -34.28 32.82 49.22
CA ILE V 90 -34.93 32.85 50.56
C ILE V 90 -35.98 31.74 50.72
N ARG V 91 -36.15 30.88 49.70
CA ARG V 91 -37.24 29.85 49.71
C ARG V 91 -37.16 28.96 50.96
N LYS V 92 -35.97 28.54 51.37
CA LYS V 92 -35.85 27.58 52.50
C LYS V 92 -36.39 28.18 53.80
N ASP V 93 -36.11 29.45 54.09
CA ASP V 93 -36.48 30.02 55.41
C ASP V 93 -37.93 30.51 55.34
N PRO V 94 -38.87 29.95 56.15
CA PRO V 94 -40.28 30.31 56.04
C PRO V 94 -40.65 31.76 56.38
N ARG V 95 -40.08 32.30 57.46
CA ARG V 95 -40.47 33.67 57.92
C ARG V 95 -40.12 34.70 56.86
N LYS V 96 -38.93 34.59 56.28
CA LYS V 96 -38.46 35.63 55.32
C LYS V 96 -39.22 35.47 54.00
N PHE V 97 -39.50 34.25 53.55
CA PHE V 97 -40.19 34.00 52.26
C PHE V 97 -41.61 34.57 52.34
N ALA V 98 -42.26 34.36 53.47
CA ALA V 98 -43.65 34.85 53.63
C ALA V 98 -43.63 36.37 53.54
N ARG V 99 -42.68 37.02 54.20
CA ARG V 99 -42.62 38.50 54.18
C ARG V 99 -42.39 38.97 52.74
N VAL V 100 -41.48 38.34 52.00
CA VAL V 100 -41.23 38.85 50.62
C VAL V 100 -42.53 38.72 49.84
N LYS V 101 -43.20 37.57 49.94
CA LYS V 101 -44.41 37.40 49.11
C LYS V 101 -45.44 38.46 49.50
N ASP V 102 -45.62 38.67 50.80
CA ASP V 102 -46.67 39.63 51.26
C ASP V 102 -46.32 41.02 50.74
N LEU V 103 -45.06 41.44 50.85
CA LEU V 103 -44.71 42.81 50.42
C LEU V 103 -44.98 42.91 48.92
N LEU V 104 -44.56 41.92 48.13
CA LEU V 104 -44.76 42.10 46.66
C LEU V 104 -46.26 42.19 46.35
N THR V 105 -47.07 41.33 46.98
CA THR V 105 -48.52 41.32 46.66
C THR V 105 -49.13 42.65 47.06
N MET V 106 -48.76 43.16 48.24
CA MET V 106 -49.33 44.43 48.73
C MET V 106 -48.91 45.57 47.79
N ASN V 107 -47.68 45.54 47.29
CA ASN V 107 -47.18 46.59 46.36
C ASN V 107 -48.03 46.55 45.09
N GLU V 108 -48.28 45.35 44.57
CA GLU V 108 -49.12 45.25 43.35
C GLU V 108 -50.50 45.82 43.66
N GLU V 109 -51.07 45.49 44.82
CA GLU V 109 -52.42 45.97 45.18
C GLU V 109 -52.45 47.50 45.27
N LEU V 110 -51.42 48.11 45.89
CA LEU V 110 -51.35 49.58 46.05
C LEU V 110 -51.23 50.23 44.67
N LYS V 111 -50.44 49.64 43.78
CA LYS V 111 -50.32 50.19 42.41
C LYS V 111 -51.70 50.14 41.74
N ARG V 112 -52.42 49.03 41.93
CA ARG V 112 -53.77 48.88 41.31
C ARG V 112 -54.70 49.97 41.88
N ALA V 113 -54.64 50.21 43.19
CA ALA V 113 -55.51 51.21 43.85
C ALA V 113 -55.18 52.60 43.29
N ARG V 114 -53.90 52.90 43.09
CA ARG V 114 -53.50 54.22 42.52
C ARG V 114 -54.05 54.33 41.09
#